data_8KG6
#
_entry.id   8KG6
#
_cell.length_a   1.00
_cell.length_b   1.00
_cell.length_c   1.00
_cell.angle_alpha   90.00
_cell.angle_beta   90.00
_cell.angle_gamma   90.00
#
_symmetry.space_group_name_H-M   'P 1'
#
loop_
_entity.id
_entity.type
_entity.pdbx_description
1 polymer 'DNA replication licensing factor MCM2'
2 polymer 'DNA replication licensing factor MCM3'
3 polymer 'DNA replication licensing factor MCM4'
4 polymer 'Minichromosome maintenance protein 5'
5 polymer 'DNA replication licensing factor MCM6'
6 polymer 'DNA replication licensing factor MCM7'
7 polymer 'DNA replication complex GINS protein PSF1'
8 polymer 'DNA replication complex GINS protein PSF2'
9 polymer 'DNA replication complex GINS protein PSF3'
10 polymer 'DNA replication complex GINS protein SLD5'
11 polymer 'Cell division control protein 45'
12 polymer 'DNA polymerase alpha-binding protein'
13 polymer 'DNA (71-mer)'
14 polymer 'DNA (61-mer)'
15 polymer 'Topoisomerase 1-associated factor 1'
16 polymer 'Chromosome segregation in meiosis protein 3'
17 polymer 'DNA polymerase epsilon catalytic subunit A'
18 polymer 'DNA polymerase epsilon subunit B'
19 non-polymer 'ZINC ION'
20 non-polymer "ADENOSINE-5'-DIPHOSPHATE"
21 non-polymer 'MAGNESIUM ION'
22 non-polymer 'PHOSPHOTHIOPHOSPHORIC ACID-ADENYLATE ESTER'
#
loop_
_entity_poly.entity_id
_entity_poly.type
_entity_poly.pdbx_seq_one_letter_code
_entity_poly.pdbx_strand_id
1 'polypeptide(L)'
;MSDNRRRRREEDDSDSENELPPSSPQQHFRGGMNPVSSPIGSPDMINPEGDDNEVDDVPDIDEVEEQMNEVDLMDDNMYE
DYAADHNRDRYDPDQVDDREQQELSLSERRRIDAQLNERDRLLRNVAYIDDEDEEQEGAAQLDEMGLPVQRRRRRRQYED
LENSDDDLLSDMDIDPLREELTLESLSNVKANSYSEWITQPNVSRTIARELKSFLLEYTDETGRSVYGARIRTLGEMNSE
SLEVNYRHLAESKAILALFLAKCPEEMLKIFDLVAMEATELHYPDYARIHSEIHVRISDFPTIYSLRELRESNLSSLVRV
TGVVTRRTGVFPQLKYVKFNCLKCGSILGPFFQDSNEEIRISFCTNCKSKGPFRVNGEKTVYRNYQRVTLQEAPGTVPPG
RLPRHREVILLADLVDVSKPGEEVEVTGIYKNNYDGNLNAKNGFPVFATIIEANSIKRREGNTANEGEEGLDVFSWTEEE
EREFRKISRDRGIIDKIISSMAPSIYGHRDIKTAVACSLFGGVPKNVNGKHSIRGDINVLLLGDPGTAKSQILKYVEKTA
HRAVFATGQGASAVGLTASVRKDPITKEWTLEGGALVLADKGVCLIDEFDKMNDQDRTSIHEAMEQQSISISKAGIVTTL
QARCSIIAAANPNGGRYNSTLPLAQNVSLTEPILSRFDILCVVRDLVDEEADERLATFVVDSHVRSHPENDEDREGEELK
NNGESAIEQGEDEINEQLNARQRRLQRQRKKEEEISPIPQELLMKYIHYARTKIYPKLHQMDMDKVSRVYADLRRESIST
GSFPITVRHLESILRIAESFAKMRLSEFVSSYDLDRAIKVVVDSFVDAQKVSVRRQLRRSFAIYTLGH
;
2
2 'polypeptide(L)'
;MEGSTGFDGDATTFFAPDAVFGDRVRRFQEFLDTFTSYRDSVRSIQVYNSNNAANYNDDQDDADERDLLGDDDGDDLEKE
KKAASSTSLNILPHRIIISLDDLREFDRSFWSGILVEPAYFIPPAEKALTDLADSMDDVPHPNASAVSSRHPWKLSFKGS
FGAHALSPRTLTAQHLNKLVSVEGIVTKTSLVRPKLIRSVHYAAKTGRFHYRDYTDATTTLTTRIPTPAIYPTEDTEGNK
LTTEYGYSTFIDHQRITVQEMPEMAPAGQLPRSIDVILDDDLVDKTKPGDRVNVVGVFKSLGAGGMNQSNSNTLIGFKTL
ILGNTVYPLHARSTGVAARQMLTDFDIRNINKLSKKKDIFDILSQSLAPSIYGHDHIKKAILLMLMGGVEKNLENGSHLR
GDINILMVGDPSTAKSQLLRFVLNTASLAIATTGRGSSGVGLTAAVTTDRETGERRLEAGAMVLADRGVVCIDEFDKMTD
VDRVAIHEVMEQQTVTIAKAGIHTTLNARCSVIAAANPVFGQYDVNRDPHQNIALPDSLLSRFDLLFVVTDDINEIRDRS
ISEHVLRTHRYLPPGYLEGEPVRERLNLSLAVGEDADINPEEHSNSGAGVENEGEDDEDHVFEKFNPLLQAGAKLAKNKG
NYNGTEIPKLVTIPFLRKYVQYAKERVIPQLTQEAINVIVKNYTDLRNDDNTKKSPITARTLETLIRLATAHAKVRLSKT
VNKVDAKVAANLLRFALLGEDIGNDIDEEESEYEEALSKRSPQKSPKKRQRVRQPASNSGSPIKSTPRRSTASSVNATPS
SARRILRFQDDEQNAGEDDNDIMSPLPADEEAELQRRLQLGLRVSPRRREHLHAPEEGSSGPLTEVGTPRLPNVSSAGQD
DEQQQSVISFDNVEPGTISTGRLSLISGIIARLMQTEIFEEESYPVASLFERINEELPEEEKFSAQEYLAGLKIMSDRNN
LMVADDKVWRV
;
3
3 'polypeptide(L)'
;MSQQSSSPTKEDNNSSSPVVPNPDSVPPQLSSPALFYSSSSSQGDIYGRNNSQNLSQGEGNIRAAIGSSPLNFPSSSQRQ
NSDVFQSQGRQGRIRSSASASGRSRYHSDLRSDRALPTSSSSLGRNGQNRVHMRRNDIHTSDLSSPRRIVDFDTRSGVNT
LDTSSSSAPPSEASEPLRIIWGTNVSIQECTTNFRNFLMSFKYKFRKILDEREEFINNTTDEELYYIKQLNEMRELGTSN
LNLDARNLLAYKQTEDLYHQLLNYPQEVISIMDQTIKDCMVSLIVDNNLDYDLDEIETKFYKVRPYNVGSCKGMRELNPN
DIDKLINLKGLVLRSTPVIPDMKVAFFKCNVCDHTMAVEIDRGVIQEPARCERIDCNEPNSMSLIHNRCSFADKQVIKLQ
ETPDFVPDGQTPHSISLCVYDELVDSCRAGDRIEVTGTFRSIPIRANSRQRVLKSLYKTYVDVVHVKKVSDKRLDVDTST
IEQELMQNKVDHNEVEEVRQITDQDLAKIREVAAREDLYSLLARSIAPSIYELEDVKKGILLQLFGGTNKTFTKGGRYRG
DINILLCGDPSTSKSQILQYVHKITPRGVYTSGKGSSAVGLTAYITRDVDTKQLVLESGALVLSDGGVCCIDEFDKMSDS
TRSVLHEVMEQQTISIAKAGIITTLNARSSILASANPIGSRYNPNLPVTENIDLPPPLLSRFDLVYLVLDKVDEKNDREL
AKHLTNLYLEDKPEHISQDDVLPVEFLTMYISYAKEHIHPIITEAAKTELVRAYVGMRKMGDDSRSDEKRITATTRQLES
MIRLAEAHAKMKLKNVVELEDVQEAVRLIRSAIKDYATDPKTGKIDMNLVQTGKSVIQRKLQEDLSREIMNVLKDQASDS
MSFNELIKQINEHSQDRVESSDIQEALSRLQQEDKVIVLGEGVRRSVRLNNRV
;
4
4 'polypeptide(L)'
;MSFDRPEIYSAPVLQGESPNDDDNTEIIKSFKNFILEFRLDSQFIYRDQLRNNILVKNYSLTVNMEHLIGYNEDIYKKLS
DEPSDIIPLFETAITQVAKRISILSRAQSANNNDKDPENTSMDTDSLLLNSLPTFQLILNSNANQIPLRDLDSEHVSKIV
RLSGIIISTSVLSSRATYLSIMCRNCRHTTSITINNFNSITGNTVSLPRSCLSTIESESSMANESNIGDESTKKNCGPDP
YIIIHESSKFIDQQFLKLQEIPELVPVGEMPRNLTMTCDRYLTNKVIPGTRVTIVGIYSIYNSKNGAGSGRSGGGNGGSG
VAIRTPYIKILGIQSDVETSSIWNSVTMFTEEEEEEFLQLSRNPKLYEILTNSIAPSIFGNEDIKKAIVCLLMGGSKKIL
PDGMRLRGDINVLLLGDPGTAKSQLLKFVEKVSPIAVYTSGKGSSAAGLTASVQRDPMTREFYLEGGAMVLADGGVVCID
EFDKMRDEDRVAIHEAMEQQTISIAKAGITTVLNSRTSVLAAANPIYGRYDDLKSPGDNIDFQTTILSRFDMIFIVKDDH
NEERDISIANHVINIHTGNANAMQNQQEENGSEISIEKMKRYITYCRLKCAPRLSPQAAEKLSSNFVTIRKQLLINELES
TERSSIPITIRQLEAIIRITESLAKLELSPIAQERHVDEAIRLFQASTMDAASQDPIGGLNQASGTSLSEIRRFEQELKR
RLPIGWSTSYQTLRREFVDTHRFSQLALDKALYALEKHETIQLRHQGQNIYRSGV
;
5
5 'polypeptide(L)'
;MSSPFPADTPSSNRPSNSSPPPSSIGAGFGSSSGLDSQIGSRLHFPSSSQPHVSNSQTGPFVNDSTQFSSQRLQTDGSAT
NDMEGNEPARSFKSRALNHVKKVDDVTGEKVREAFEQFLEDFSVQSTDTGEVEKVYRAQIEFMKIYDLNTIYIDYQHLSM
RENGALAMAISEQYYRFLPFLQKGLRRVVRKYAPELLNTSDSLKRSEGDEGQADEDEQQDDDMNGSSLPRDSGSSAAPGN
GTSAMATRSITTSTSPEQTERVFQISFFNLPTVHRIRDIRSEKIGSLLSISGTVTRTSEVRPELYKASFTCDMCRAIVDN
VEQSFKYTEPTFCPNPSCENRAFWTLNVTRSRFLDWQKVRIQENANEIPTGSMPRTLDVILRGDSVERAKPGDRCKFTGV
EIVVPDVTQLGLPGVKPSSTLDTRGISKTTEGLNSGVTGLRSLGVRDLTYKISFLACHVISIGSNIGASSPDANSNNRET
ELQMAANLQANNVYQDNERDQEVFLNSLSSDEINELKEMVKDEHIYDKLVRSIAPAVFGHEAVKKGILLQMLGGVHKSTV
EGIKLRGDINICVVGDPSTSKSQFLKYVVGFAPRSVYTSGKASSAAGLTAAVVRDEEGGDYTIEAGALMLADNGICCIDE
FDKMDISDQVAIHEAMEQQTISIAKAGIHATLNARTSILAAANPVGGRYNRKLSLRGNLNMTAPIMSRFDLFFVILDDCN
EKIDTELASHIVDLHMKRDEAIEPPFSAEQLRRYIKYARTFKPILTKEARSYLVEKYKELRKDDAQGFSRSSYRITVRQL
ESMIRLSEAIARANCVDEITPSFIAEAYDLLRQSIIRVDVDDVEMDEEFDNIESQSHAASGNNDDNDDGTGSGVITSEPP
ADIEEGQSEATARPGTSEKKKTTVTYDKYVSMMNMIVRKIAEVDREGAEELTAVDIVDWYLLQKENDLGSLAEYWEERRL
AFKVIKRLVKDRILMEIHGTRHNLRDLENEENENNKTVYVIHPNCEVLDQLEPQDSS
;
6
6 'polypeptide(L)'
;MSAALPSIQLPVDYNNLFNEITDFLVTFKQDTLSSDATRNENEDENLDAENIEQHLLEKGPKYMAMLQKVANRELNSVII
DLDDILQYQNEKFLQGTQADDLVSAIQQNANHFTELFCRAIDNNMPLPTKEIDYKDDVLDVILNQRRLRNERMLSDRTNE
IRSENLMDTTMDPPSSMNDALREVVEDETELFPPNLTRRYFLYFKPLSQNCARRYRKKAISSKPLSVRQIKGDFLGQLIT
VRGIITRVSDVKPAVEVIAYTCDQCGYEVFQEVNSRTFTPLSECTSEECSQNQTKGQLFMSTRASKFSAFQECKIQELSQ
QVPVGHIPRSLNIHVNGTLVRSLSPGDIVDVTGIFLPAPYTGFKALKAGLLTETYLEAQFVRQHKKKFASFSLTSDVEER
VMELITSGDVYNRLAKSIAPEIYGNLDVKKALLLLLVGGVDKRVGDGMKIRGDINVCLMGDPGVAKSQLLKAICKISPRG
VYTTGKGSSGVGLTAAVMKDPVTDEMILEGGALVLADNGICCIDEFDKMDESDRTAIHEVMEQQTISISKAGINTTLNAR
TSILAAANPLYGRYNPRLSPLDNINLPAALLSRFDILFLMLDIPSRDDDEKLAEHVTYVHMHNKQPDLDFTPVEPSKMRE
YIAYAKTKRPVMSEAVNDYVVQAYIRLRQDSKREMDSKFSFGQATPRTLLGIIRLSQALAKLRLADMVDIDDVEEALRLV
RVSKESLYQETNKSKEDESPTTKIFTIIKKMLQETGKNTLSYENIVKTVRLRGFTMLQLSNCIQEYSYLNVWHLINEGNT
LKFVDDGTMDTDQEDSLVSTPKLAPQTTASANVSAQDSDIDLQDA
;
7
7 'polypeptide(L)'
;MYGDLGNKLVLEAKRTKQLYARSNQDVNLPMYHEDIIRNILKEVSNLRKNTEYLKEQQQLGMLDDKVAKCQYFVTLLCME
RNKRCLLAYQRLRTDILDSMAWNNNGLDLMSSITFSQQDTNNLSHQEQEYLKEYCDLITDLKSGDLVDIDLSGSLVPPSD
VFIDVRVLKDAGEIQTEYGVFNLIKDSQFFVRQSDVERLIQQGYLQKI
;
A
8 'polypeptide(L)'
;MSLPAHLQQTFSPEEIQFIVENEPIKIFPRITTRQKIRGDDRGTGNHTRWQLITTDDKALNNMVAMRSTEVVLWIALLLK
QQSKCSIVAPQWLTTKELDRKIQYEKTHPDRFSELPWNWLVLARILFNKAKDDFHDPIHELRGKIQDLREIRQIKVLKGL
KYLNESHLQLDNLSLLEINELRPFITEIMDKLREIHTASLTAGTENDEEEFNI
;
B
9 'polypeptide(L)'
;MGYYDIDDVLADGTEFPCKFQYDIPGLGYLENNPGRPITKNTKLSLPLWLARILAIVGGDEALVDEEPVPFVELLPPDMF
STKVMNAIKTDPVALDLHSINSHFFSLAIKWIMLFSEKELANVVSELLLQRAQELNHHASSLSIDLNADSTGKNSANTNI
ATSTFLLKLEEMEKEIYKKSHESYKDTKRWMFKK
;
C
10 'polypeptide(L)'
;MDINIDDILAELDKETTAVDSTKITQGSSSTTHRDANTIVGSSLDLNDKTQIYVSPQQDFSDLMKSWKNERCSPELLPYP
HQLMKRLLNRISMQSQLIENISMGFLDMQNASNANPPMPNESKLPLLCMETELERLKFVIRSYIRCRLSKIDKFSLYLRQ
LNEDENSLISLTDLLSKDEIKYHDTHSLIWLKLVNDSILKYMPEELQAINDTEGSVNMIDEPDWNKFVFIHVNGPPDGKW
NEDPLLQENEFGKPCYTVTIPDLKEEVELTIGSIYVMRYEVIRDLLRDDKVALI
;
D
11 'polypeptide(L)'
;MYYGISQFSEAYNKILRNSSSHSSCQLVIFVSCLNIDALCATKMLSLLFKKQLVQSQIVPIFGYSELRRHYSQLDDNINS
LLLVGFGGVIDLEAFLEIDPQEYVIDTDEKSGEQSFRRDIYVLDAHRPWNLDNIFGSQIIQCFDDGTVDDTLGEQKEAYY
KLLELDEESGDDELSGDENDNNGGDDEATDADEVTDEDEEDEDETISNKRGNSSIGPNDLSKRKQRKKQIHEYEGVLEEY
YSQGTTVVNSISAQIYSLLSAIGETNLSNLWLNILGTTSLDIAYAQVYNRLYPLLQDEVKRLTPSSRNSVKTPDTLTLNI
QPDYYLFLLRHSSLYDSFYYSNYVNAKLSLWNENGKKRLHKMFARMGIPLSTAQETWLYMDHSIKRELGIIFDKNLDRYG
LQDIIRDGFVRTLGYRGSISASEFVEALTALLEVGNSTDKDSVKINNDNNDDTDGEEEEDNSAQKLTNLRKRWVSNFWLS
WDALDDRKVELLNRGIQLAQDLQRAIFNTGVAILEKKLIKHLRIYRLCVLQDGPDLDLYRNPLTLLRLGNWLIECCAESE
DKQLLPMVLASIDENTDTYLVAGLTPRYPRGLDTIHTKKPILNNFSMAFQQITAETDAKVRIDNFESSIIEIRREDLSPF
LEKLTLSGLL
;
E
12 'polypeptide(L)'
;MVSVIDKLVFDFGGKTLVSLAPDNNTLCVANKNGLTKILKTNNPEEEPETLDSSKLVSSIKCYSNSHFLMTTMQGDALRY
NIDSSQEELLARFALPLRDCCVIHSGKMAVFGGDDLELILLELDDETHKKHAIKIDEQVSQISYNSQMNILAVSMINGKV
QIFSLTSTIPNKVHELNDYIVANSYDDTHRDKILSNMMDDIDKDNDNDLSETADPDENNVADPEFCAANRICTRVAWHPK
GLHFALPCADDTVKIFSIKGYSLQKTLSTNLSSTKAHFIDLQFDPLRGTYIAAVDLNNKLTVWNWETSEIHYTREFKRKI
TNIAWKIQADSKTLDLVLGTWSGSIAIVQNLAESVVSNIPDQSVAESSTKHGLFVDSESDLENLEGNDDINKSDKLFSDI
TQEANAEDVFTQTHDGPSGLSEKRKYNFEDEEDFIDDDDGAGYISGKKPHNEHSYSRVHKTHSFPISLANTGKFRYMPFS
PAGTPFGFTDRRYLTMNEVGYVSTVKNSEQYSITVSFFDVGRFREYHFEDLFGYDLCFLNEKGTLFGQSKTGQIQYRPHD
SIHSNWTKIIPLQAGERITSVAATPVRVIVGTSLGYFRSFNQFGVPFAVEKTSPIVALTAQNYRVFSVHYSQFHGLSYSL
SELGTSSKRYYKRECPLPMSLPNINSDMKKDANLDYYNFNPMGIKSLFFSSYGDPCIFGSDNTLLLLSKWRSPEESKWLP
ILDSNMEIWKMSGGKETTDIHVWPLALAYDTLNCILVKGKHIWPEFPLPLPSEMEIRMPVFVKSKLLEENKAILNKKNEI
GADTEAEEGEEDKEIQIPVSMAAEEEYLRSKVLSELLTDTLENDGEMYGNENEVLAALNGAYDKALLRLFASACSDQNVE
KALSLAHELKQDRALTAAVKISERAELPSLVKKINNIREARYEQQLK
;
F,G,H
13 'polydeoxyribonucleotide'
;(DT)(DA)(DG)(DA)(DG)(DT)(DA)(DG)(DG)(DA)(DA)(DG)(DT)(DG)(DA)(DT)(DG)(DG)(DT)(DA)
(DA)(DG)(DT)(DG)(DA)(DT)(DT)(DA)(DG)(DA)(DG)(DA)(DA)(DT)(DT)(DG)(DG)(DA)(DG)(DA)
(DG)(DT)(DG)(DT)(DG)(DT)(DT)(DT)(DT)(DT)(DT)(DT)(DT)(DT)(DT)(DT)(DT)(DT)(DT)(DT)
(DT)(DT)(DT)(DT)(DT)(DT)(DT)(DT)(DT)(DT)(DT)
;
I
14 'polydeoxyribonucleotide'
;(DG)(DG)(DC)(DA)(DG)(DG)(DC)(DA)(DG)(DG)(DC)(DA)(DG)(DG)(DC)(DA)(DC)(DA)(DC)(DA)
(DC)(DT)(DC)(DT)(DC)(DC)(DA)(DA)(DT)(DT)(DC)(DT)(DC)(DT)(DA)(DA)(DT)(DC)(DA)(DC)
(DT)(DT)(DA)(DC)(DC)(DA)(DT)(DC)(DA)(DC)(DT)(DT)(DC)(DC)(DT)(DA)(DC)(DT)(DC)(DT)
(DA)
;
J
15 'polypeptide(L)'
;MSADLQQGTTNAADFSLTVLRARIALLATAIGGPDYTSQIDPPPYKLGDDCLACLKDLKRWFKLVDDQQKRWDVAMAVAE
YRILTDDLLPILIDWENKCSLAAKLAKNNPDHEEFRNKAYYDKIALNCLQLLVLMTWPLIVTEQSSSNQITLYGELKKHQ
LVYKKTILSMESGKVLRAAIRLALDVIKIDRLSRTPRDNMVLKLVLNFFRNVIAIEPGEFTINTKKSMPKKGITSIDTLP
PNVSMDDISLNTVISSFHKNKVFGFLLTLTSSLSKEFDQDFINIPLLEIMFYFTKDVNQELLFPRQFETGTHSKVVNKNE
SSSANNIVTSAGFELSKLLQKEHQMRKNVIKHTSARHSRFGGLLSIQTPDKTRLTVSGSQALVDEKIALQKLDDSKKWNK
RIIKKHQSVAAEGLPNSLLNSQTGKAIFFTESNGKHFKEFINNFIDSGFNILLHSVTNYFTTEQDRMVTLEQVEYLLFFA
WFVKYQLLRSKIDNSADIKQVSEALKEVTFILVSSLLRSAYDLKNWTVTHAGMIAFNELLNLVSRTKAAQEEDSTDIEFI
VSRLFSDERIQLLSNLPKIGSKYSLQFMKSCIELTHSVLKVLEQYSDDKTLVIEGKSRRQKKFNISEGDITKLIEEENVD
RDEALDILTSSLRSIEVNFQKVQANYMTEPVIETYINFLERFRELEDDSIKKVFSFFHRVFVQAKEQALLFRFDLIILLR
EMLSPDGLDRMSRSRKYVSQFSDYFLARLKKRLKKSPAWFVGLLFPPLHNSEVGFYQRYGEYNVLNNESMYAAPASQFKP
IPDEEALPPSILLDMKYGVLVSTLLDDGKTELLDQLLKHITHTLDIFKSWLTVNVNAGKETVNPPNEYFTLTGVLNNDPI
FKDKDYRALLLLIGYSIPRKINEPCFLPGTVEVSDLTVSCELVKKYLSTPFETPNGLPSSSYLLRVRSEKDSFSHNEQDG
WEGDDDYDYNDPYIVPDDQILSKSDAAYFKDLDNNASDKLKGTKFSKGIARSKKKDKRKRRKGEAKTNLPMFGDQDDERP
QTVRERHGVFSKEFISDSEDDEDLMNPIFFENETYMRWLLDKNNGQLTEDRYIQFAKFAAERMNNGGVVTGDYTSLFGGS
IPSIESIRATESSSFAPDKSLISLASHVASEMSIFDVNNNNNNQLSDDDVNSESRNSLGSSQPSNSQNMFQSEVYSRKES
TKRSLEASAADESDEDEEAIRLFGKKSRVVLSQGDSDD
;
K
16 'polypeptide(L)'
;MDQDFDSLLLGFNDSDSVQKDPTVPNGLDGSVVDPTIADPTAITARKRRPQVKLTAEKLLSDKGLPYVLKNAHKRIRISS
KKNSYDNLSNIIQFYQLWAHELFPKAKFKDFMKICQTVGKTDPVLREYRVSLFRDEMGMSFDVGTRETGQDLERQSPMVE
EHVTSAEERPIVADSFAQDKRNVNNVDYDNDEDDDIYHLSYRNRRGRVLDERGNNETVLNNVVPPKEDLDALLKTFRVQG
PVGLEENEKKLLLGWLDAHRKMEKGSMTEEDVQLIQSLEEWEMNDIEGQHTHYDLLPGGDEFGVDQDELDAMKEMGF
;
L
17 'polypeptide(L)'
;MMFGKKKNNGGSSTARYSAGNKYNTLSNNYALSAQQLLNASKIDDIDSMMGFERYVPPQYNGRFDAKDIDQIPGRVGWLT
NMHATLVSQETLSSGSNGGGNSNDGERVTTNQGISGVDFYFLDEEGGSFKSTVVYDPYFFIACNDESRVNDVEELVKKYL
ESCLKSLQIIRKEDLTMDNHLLGLQKTLIKLSFVNSNQLFEARKLLRPILQDNANNNVQRNIYNVAANGSEKVDAKHLIE
DIREYDVPYHVRVSIDKDIRVGKWYKVTQQGFIEDTRKIAFADPVVMAFDIETTKPPLKFPDSAVDQIMMISYMIDGEGF
LITNREIISEDIEDFEYTPKPEYPGFFTIFNENDEVALLQRFFEHIRDVRPTVISTFNGDFFDWPFIHNRSKIHGLDMFD
EIGFAPDAEGEYKSSYCSHMDCFRWVKRDSYLPQGSQGLKAVTQSKLGYNPIELDPELMTPYAFEKPQHLSEYSVSDAVA
TYYLYMKYVHPFIFSLCTIIPLNPDETLRKGTGTLCEMLLMVQAYQHNILLPNKHTDPIERFYDGHLLESETYVGGHVES
LEAGVFRSDLKNEFKIDPSAIDELLQELPEALKFSVEVENKSSVDKVTNFEEIKNQITQKLLELKENNIRNELPLIYHVD
VASMYPNIMTTNRLQPDSIKAERDCASCDFNRPGKTCARKLKWAWRGEFFPSKMDEYNMIKRALQNETFPNKNKFSKKKV
LTFDELSYADQVIHIKKRLTEYSRKVYHRVKVSEIVEREAIVCQRENPFYVDTVKSFRDRRYEFKGLAKTWKGNLSKIDP
SDKHARDEAKKMIVLYDSLQLAHKVILNSFYGYVMRKGSRWYSMEMAGITCLTGATIIQMARALVERVGRPLELDTDGIW
CILPKSFPETYFFTLENGKKLYLSYPCSMLNYRVHQKFTNHQYQELKDPLNYIYETHSENTIFFEVDGPYKAMILPSSKE
EGKGIKKRYAVFNEDGSLAELKGFELKRRGELQLIKNFQSDIFKVFLEGDTLEGCYSAVASVCNRWLDVLDSHGLMLEDE
DLVSLICENRSMSKTLKEYEGQKSTSITTARRLGDFLGEDMVKDKGLQCKYIISSKPFNAPVTERAIPVAIFSADIPIKR
SFLRRWTLDPSLEDLDIRTIIDWGYYRERLGSAIQKIITIPAALQGVSNPVPRVEHPDWLKRKIATKEDKFKQTSLTKFF
SKTKNVPTMGKIKDIEDLFEPTVEEDNAKIKIARTTKKKAVSKRKRNQLTNEEDPLVLPSEIPSMDEDYVGWLNYQKIKW
KIQARDRKRRDQLFGNTNSSRERSALGSMIRKQAESYANSTWEVLQYKDSGEPGVLEVFVTINGKVQNITFHIPKTIYMK
FKSQTMPLQKIKNCLIEKSSASLPNNPKTSNPAGGQLFKITLPESVFLEEKENCTSIFNDENVLGVFEGTITPHQRAIMD
LGASVTFRSKAMGALGKGIQQGFEMKDLSMAENERYLSGFSMDIGYLLHFPTSIGYEFFSLFKSWGDTITILVLKPSNQA
QEINASSLGQIYKQMFEKKKGKIETYSYLVDIKEDINFEFVYFTDISKLYRRLSQETTKLKEERGLQFLLLLQSPFITKL
LGTIRLLNQMPIVKLSLNEVLLPQLNWQPTLLKKLVNHVLSSGSWISHLIKLSQYSNIPICNLRLDSMDYIIDVLYARKL
KKENIVLWWNEKAPLPDHGGIQNDFDLNTSWIMNDSEFPKINNSGVYDNVVLDVGVDNLTVNTILTSALINDAEGSDLVN
NNMGIDDKDAVINSPSEFVHDAFSNDALNVLRGMLKEWWDEALKENSTADLLVNSLASWVQNPNAKLFDGLLRYHVHNLT
KKALLQLVNEFSALGSTIVYADRNQILIKTNKYSPENCYAYSQYMMKAVRTNPMFSYLDLNIKRYWDLLIWMDKFNFSGL
ACIEIEEKENQDYTAVSQWQLKKFLSPIYQPEFEDWMMIILDSMLKTKQSYLKLNSGTQRPTQIVNVKKQDKEDSVENSL
NGFSHLFSKPLMKRVKKLFKNQQEFILDPQYEADYVIPVLPGSHLNVKNPLLELVKSLCHVMLLSKSTILEIRTLRKELL
KIFELREFAKVAEFKDPSLSLVVPDFLCEYCFFISDIDFCKAAPESIFSCVRCHKAFNQVLLQEHLIQKLRSDIESYLIQ
DLRCSRCHKVKRDYMSAHCPCAGAWEGTLPRESIVQKLNVFKQVAKYYGFDILLSCIADLTI
;
M
18 'polypeptide(L)'
;MFGSGNVLPVKIQPPLLRPLAYRVLSRKYGLSIKSDGLSALAEFVGTNIGANWRQGPATIKFLEQFAAVWKQQERGLFID
QSGVKEVIQEMKEREKVEWSHEHPIQHEENILGRTDDDENNSDDEMPIAADSSLQNVSLSSPMRQPTERDEYKQPFKPES
SKALDWRDYFKVINASQQQRFSYNPHKMQFIFVPNKKQNGLGGIAGFLPDIEDKVQMFLTRYYLTNDRVMRNENFQNSDM
FNPLSSMVSLQNELSNTNRQQQSSSMSITPIKNLLGRDAQNFLLLGLLNKNFKGNWSLEDPSGSVEIDISQTIPTQGHYY
VPGCMVLVEGIYYSVGNKFHVTSMTLPPGERREITLETIGNLDLLGIHGISNNNFIARLDKDLKIRLHLLEKELTDHKFV
ILGANLFLDDLKIMTALSKILQKLNDDPPTLLIWQGSFTSVPVFASMSSRNISSSTQFKNNFDALATLLSRFDNLTENTT
MIFIPGPNDLWGSMVSLGASGTLPQDPIPSAFTKKINKVCKNVVWSSNPTRIAYLSQEIVIFRDDLSGRFKRHRLEFPFN
ESEDVYTENDNMMSKDTDIVPIDELVKEPDQLPQKVQETRKLVKTILDQGHLSPFLDSLRPISWDLDHTLTLCPIPSTMV
LCDTTSAQFDLTYNGCKVINPGSFIHNRRARYMEYVPSSKKTIQEEIYI
;
N
#
loop_
_chem_comp.id
_chem_comp.type
_chem_comp.name
_chem_comp.formula
ADP non-polymer ADENOSINE-5'-DIPHOSPHATE 'C10 H15 N5 O10 P2'
AGS non-polymer 'PHOSPHOTHIOPHOSPHORIC ACID-ADENYLATE ESTER' 'C10 H16 N5 O12 P3 S'
DA DNA linking 2'-DEOXYADENOSINE-5'-MONOPHOSPHATE 'C10 H14 N5 O6 P'
DC DNA linking 2'-DEOXYCYTIDINE-5'-MONOPHOSPHATE 'C9 H14 N3 O7 P'
DG DNA linking 2'-DEOXYGUANOSINE-5'-MONOPHOSPHATE 'C10 H14 N5 O7 P'
DT DNA linking THYMIDINE-5'-MONOPHOSPHATE 'C10 H15 N2 O8 P'
MG non-polymer 'MAGNESIUM ION' 'Mg 2'
ZN non-polymer 'ZINC ION' 'Zn 2'
#
# COMPACT_ATOMS: atom_id res chain seq x y z
N GLU A 180 -33.04 -0.41 -49.43
CA GLU A 180 -32.66 -1.34 -50.48
C GLU A 180 -31.80 -0.66 -51.54
N LEU A 181 -31.33 0.55 -51.21
CA LEU A 181 -30.50 1.30 -52.13
C LEU A 181 -29.21 0.54 -52.43
N THR A 182 -28.77 0.60 -53.67
CA THR A 182 -27.54 -0.06 -54.07
C THR A 182 -26.34 0.78 -53.66
N LEU A 183 -25.13 0.25 -53.81
CA LEU A 183 -23.95 1.12 -53.50
C LEU A 183 -24.01 2.36 -54.42
N GLU A 184 -24.59 2.22 -55.62
CA GLU A 184 -24.61 3.33 -56.59
C GLU A 184 -25.41 4.53 -56.07
N SER A 185 -26.53 4.27 -55.39
CA SER A 185 -27.35 5.37 -54.85
C SER A 185 -26.55 6.14 -53.81
N LEU A 186 -25.81 5.41 -52.97
CA LEU A 186 -25.00 6.05 -51.92
C LEU A 186 -24.11 7.13 -52.57
N SER A 187 -23.70 6.90 -53.82
CA SER A 187 -22.78 7.85 -54.49
C SER A 187 -23.54 9.07 -55.04
N ASN A 188 -24.84 8.88 -55.28
CA ASN A 188 -25.70 9.97 -55.82
C ASN A 188 -26.38 10.62 -54.62
N VAL A 189 -25.71 11.61 -54.02
CA VAL A 189 -26.27 12.29 -52.83
C VAL A 189 -27.64 12.85 -53.20
N LYS A 190 -28.64 12.67 -52.33
CA LYS A 190 -29.95 13.34 -52.58
C LYS A 190 -30.00 14.53 -51.64
N ALA A 191 -29.84 14.30 -50.33
CA ALA A 191 -29.78 15.45 -49.41
C ALA A 191 -28.60 16.33 -49.86
N ASN A 192 -28.78 17.65 -49.88
CA ASN A 192 -27.71 18.54 -50.40
C ASN A 192 -26.41 18.27 -49.64
N SER A 193 -26.47 18.21 -48.31
CA SER A 193 -25.24 18.04 -47.50
C SER A 193 -24.93 16.55 -47.27
N TYR A 194 -23.64 16.21 -47.13
CA TYR A 194 -23.27 14.81 -46.82
C TYR A 194 -23.78 14.44 -45.43
N SER A 195 -23.42 15.21 -44.38
CA SER A 195 -23.95 14.75 -43.10
C SER A 195 -25.45 14.50 -43.19
N GLU A 196 -26.18 15.41 -43.84
CA GLU A 196 -27.61 15.20 -44.00
C GLU A 196 -27.90 13.97 -44.84
N TRP A 197 -27.07 13.74 -45.87
CA TRP A 197 -27.24 12.55 -46.69
C TRP A 197 -27.03 11.27 -45.89
N ILE A 198 -26.03 11.26 -45.01
CA ILE A 198 -25.77 10.07 -44.20
C ILE A 198 -26.88 9.87 -43.17
N THR A 199 -27.41 10.95 -42.61
CA THR A 199 -28.41 10.83 -41.55
C THR A 199 -29.75 10.30 -42.05
N GLN A 200 -29.96 10.21 -43.36
CA GLN A 200 -31.21 9.67 -43.88
C GLN A 200 -31.34 8.21 -43.48
N PRO A 201 -32.49 7.80 -42.93
CA PRO A 201 -32.60 6.40 -42.45
C PRO A 201 -32.35 5.36 -43.53
N ASN A 202 -32.81 5.58 -44.76
CA ASN A 202 -32.54 4.63 -45.82
C ASN A 202 -31.05 4.57 -46.14
N VAL A 203 -30.42 5.74 -46.26
CA VAL A 203 -28.99 5.78 -46.54
C VAL A 203 -28.20 5.19 -45.38
N SER A 204 -28.63 5.46 -44.15
CA SER A 204 -27.95 4.88 -42.99
C SER A 204 -28.05 3.37 -42.99
N ARG A 205 -29.23 2.83 -43.30
CA ARG A 205 -29.38 1.37 -43.35
C ARG A 205 -28.52 0.78 -44.45
N THR A 206 -28.49 1.43 -45.62
CA THR A 206 -27.68 0.92 -46.72
C THR A 206 -26.20 0.93 -46.36
N ILE A 207 -25.73 2.01 -45.74
CA ILE A 207 -24.33 2.11 -45.35
C ILE A 207 -23.99 1.07 -44.31
N ALA A 208 -24.87 0.86 -43.32
CA ALA A 208 -24.63 -0.15 -42.31
C ALA A 208 -24.55 -1.54 -42.91
N ARG A 209 -25.47 -1.86 -43.83
CA ARG A 209 -25.43 -3.17 -44.48
C ARG A 209 -24.14 -3.34 -45.28
N GLU A 210 -23.75 -2.31 -46.02
CA GLU A 210 -22.53 -2.40 -46.82
C GLU A 210 -21.30 -2.58 -45.93
N LEU A 211 -21.24 -1.87 -44.81
CA LEU A 211 -20.10 -1.99 -43.91
C LEU A 211 -20.06 -3.36 -43.27
N LYS A 212 -21.22 -3.91 -42.89
CA LYS A 212 -21.25 -5.26 -42.34
C LYS A 212 -20.79 -6.27 -43.38
N SER A 213 -21.22 -6.11 -44.62
CA SER A 213 -20.75 -7.00 -45.68
C SER A 213 -19.25 -6.88 -45.88
N PHE A 214 -18.72 -5.65 -45.78
CA PHE A 214 -17.28 -5.45 -45.91
C PHE A 214 -16.53 -6.15 -44.79
N LEU A 215 -17.01 -6.01 -43.55
CA LEU A 215 -16.34 -6.63 -42.42
C LEU A 215 -16.38 -8.16 -42.54
N LEU A 216 -17.52 -8.71 -42.93
CA LEU A 216 -17.67 -10.16 -42.95
C LEU A 216 -17.00 -10.80 -44.16
N GLU A 217 -16.87 -10.07 -45.27
CA GLU A 217 -16.50 -10.68 -46.54
C GLU A 217 -15.21 -10.17 -47.14
N TYR A 218 -14.56 -9.17 -46.55
CA TYR A 218 -13.32 -8.68 -47.12
C TYR A 218 -12.23 -9.72 -46.96
N THR A 219 -11.53 -10.01 -48.05
CA THR A 219 -10.41 -10.94 -48.05
C THR A 219 -9.25 -10.31 -48.81
N ASP A 220 -8.04 -10.52 -48.29
CA ASP A 220 -6.85 -9.92 -48.86
C ASP A 220 -6.22 -10.88 -49.88
N GLU A 221 -4.98 -10.59 -50.28
CA GLU A 221 -4.32 -11.40 -51.30
C GLU A 221 -4.12 -12.83 -50.85
N THR A 222 -3.72 -13.03 -49.60
CA THR A 222 -3.48 -14.39 -49.10
C THR A 222 -4.77 -15.20 -48.95
N GLY A 223 -5.93 -14.57 -49.02
CA GLY A 223 -7.19 -15.28 -49.08
C GLY A 223 -7.93 -15.41 -47.76
N ARG A 224 -7.27 -15.16 -46.63
CA ARG A 224 -7.95 -15.27 -45.35
C ARG A 224 -8.71 -13.98 -45.04
N SER A 225 -9.80 -14.13 -44.30
CA SER A 225 -10.61 -12.97 -43.89
C SER A 225 -9.86 -12.20 -42.81
N VAL A 226 -9.48 -10.97 -43.13
CA VAL A 226 -8.70 -10.17 -42.20
C VAL A 226 -9.51 -9.81 -40.96
N TYR A 227 -10.71 -9.29 -41.18
CA TYR A 227 -11.50 -8.76 -40.07
C TYR A 227 -12.18 -9.82 -39.24
N GLY A 228 -12.39 -11.02 -39.79
CA GLY A 228 -12.83 -12.11 -38.94
C GLY A 228 -11.79 -12.45 -37.87
N ALA A 229 -10.53 -12.56 -38.29
CA ALA A 229 -9.46 -12.79 -37.34
C ALA A 229 -9.30 -11.62 -36.38
N ARG A 230 -9.43 -10.39 -36.89
CA ARG A 230 -9.32 -9.22 -36.03
C ARG A 230 -10.41 -9.22 -34.97
N ILE A 231 -11.63 -9.59 -35.34
CA ILE A 231 -12.73 -9.62 -34.38
C ILE A 231 -12.53 -10.75 -33.38
N ARG A 232 -12.02 -11.90 -33.84
CA ARG A 232 -11.71 -12.99 -32.91
C ARG A 232 -10.71 -12.52 -31.87
N THR A 233 -9.64 -11.86 -32.30
CA THR A 233 -8.66 -11.34 -31.36
C THR A 233 -9.26 -10.27 -30.45
N LEU A 234 -10.12 -9.42 -31.01
CA LEU A 234 -10.76 -8.37 -30.23
C LEU A 234 -11.55 -8.95 -29.08
N GLY A 235 -12.42 -9.91 -29.38
CA GLY A 235 -13.22 -10.52 -28.32
C GLY A 235 -12.36 -11.32 -27.35
N GLU A 236 -11.33 -11.98 -27.86
CA GLU A 236 -10.50 -12.84 -27.01
C GLU A 236 -9.84 -12.05 -25.89
N MET A 237 -9.36 -10.83 -26.19
CA MET A 237 -8.68 -10.01 -25.21
C MET A 237 -9.56 -8.90 -24.66
N ASN A 238 -10.86 -8.91 -24.95
CA ASN A 238 -11.78 -7.88 -24.50
C ASN A 238 -11.29 -6.49 -24.94
N SER A 239 -10.91 -6.40 -26.21
CA SER A 239 -10.12 -5.26 -26.67
C SER A 239 -10.92 -3.96 -26.66
N GLU A 240 -12.20 -4.02 -27.06
CA GLU A 240 -13.12 -2.88 -27.18
C GLU A 240 -12.81 -2.01 -28.40
N SER A 241 -11.71 -2.25 -29.10
CA SER A 241 -11.33 -1.43 -30.23
C SER A 241 -11.03 -2.32 -31.43
N LEU A 242 -11.63 -1.99 -32.58
CA LEU A 242 -11.40 -2.72 -33.81
C LEU A 242 -10.55 -1.85 -34.73
N GLU A 243 -9.37 -2.35 -35.09
CA GLU A 243 -8.44 -1.63 -35.96
C GLU A 243 -8.82 -1.92 -37.40
N VAL A 244 -9.40 -0.94 -38.07
CA VAL A 244 -9.87 -1.09 -39.44
C VAL A 244 -8.97 -0.28 -40.35
N ASN A 245 -8.27 -0.95 -41.25
CA ASN A 245 -7.37 -0.27 -42.17
C ASN A 245 -8.17 0.56 -43.17
N TYR A 246 -7.68 1.77 -43.42
CA TYR A 246 -8.37 2.63 -44.37
C TYR A 246 -8.12 2.21 -45.81
N ARG A 247 -6.98 1.59 -46.09
CA ARG A 247 -6.70 1.13 -47.44
C ARG A 247 -7.68 0.05 -47.86
N HIS A 248 -8.02 -0.86 -46.95
CA HIS A 248 -9.04 -1.87 -47.26
C HIS A 248 -10.38 -1.23 -47.56
N LEU A 249 -10.77 -0.23 -46.76
CA LEU A 249 -12.05 0.43 -46.98
C LEU A 249 -12.05 1.22 -48.29
N ALA A 250 -10.88 1.72 -48.71
CA ALA A 250 -10.81 2.45 -49.97
C ALA A 250 -10.83 1.52 -51.17
N GLU A 251 -10.15 0.36 -51.06
CA GLU A 251 -10.06 -0.55 -52.20
C GLU A 251 -11.44 -1.12 -52.55
N SER A 252 -12.19 -1.53 -51.55
CA SER A 252 -13.54 -2.07 -51.74
C SER A 252 -14.54 -1.11 -51.11
N LYS A 253 -15.55 -0.72 -51.90
CA LYS A 253 -16.53 0.27 -51.48
C LYS A 253 -15.85 1.60 -51.16
N ALA A 254 -15.25 2.19 -52.19
CA ALA A 254 -14.53 3.45 -52.04
C ALA A 254 -15.46 4.61 -51.67
N ILE A 255 -16.74 4.52 -52.01
CA ILE A 255 -17.66 5.58 -51.64
C ILE A 255 -17.79 5.67 -50.12
N LEU A 256 -17.78 4.51 -49.44
CA LEU A 256 -17.83 4.53 -47.98
C LEU A 256 -16.57 5.13 -47.40
N ALA A 257 -15.41 4.86 -48.00
CA ALA A 257 -14.17 5.48 -47.54
C ALA A 257 -14.23 6.99 -47.72
N LEU A 258 -14.76 7.46 -48.85
CA LEU A 258 -14.90 8.89 -49.06
C LEU A 258 -15.85 9.51 -48.03
N PHE A 259 -16.97 8.83 -47.75
CA PHE A 259 -17.89 9.32 -46.73
C PHE A 259 -17.22 9.41 -45.37
N LEU A 260 -16.45 8.39 -45.01
CA LEU A 260 -15.77 8.39 -43.72
C LEU A 260 -14.74 9.50 -43.65
N ALA A 261 -14.01 9.73 -44.74
CA ALA A 261 -13.00 10.79 -44.75
C ALA A 261 -13.61 12.18 -44.85
N LYS A 262 -14.89 12.29 -45.20
CA LYS A 262 -15.51 13.59 -45.33
C LYS A 262 -16.43 13.95 -44.16
N CYS A 263 -17.24 13.01 -43.69
CA CYS A 263 -18.11 13.24 -42.54
C CYS A 263 -17.95 12.09 -41.55
N PRO A 264 -16.81 12.02 -40.87
CA PRO A 264 -16.55 10.89 -39.97
C PRO A 264 -17.45 10.85 -38.75
N GLU A 265 -18.10 11.96 -38.40
CA GLU A 265 -18.85 12.01 -37.15
C GLU A 265 -19.96 10.98 -37.10
N GLU A 266 -20.69 10.82 -38.21
CA GLU A 266 -21.78 9.84 -38.25
C GLU A 266 -21.35 8.50 -38.83
N MET A 267 -20.40 8.51 -39.77
CA MET A 267 -19.91 7.26 -40.31
C MET A 267 -19.23 6.42 -39.24
N LEU A 268 -18.55 7.07 -38.30
CA LEU A 268 -17.94 6.32 -37.20
C LEU A 268 -19.00 5.69 -36.31
N LYS A 269 -20.10 6.39 -36.05
CA LYS A 269 -21.17 5.81 -35.25
C LYS A 269 -21.77 4.60 -35.96
N ILE A 270 -22.06 4.74 -37.26
CA ILE A 270 -22.62 3.63 -38.02
C ILE A 270 -21.67 2.44 -38.01
N PHE A 271 -20.39 2.70 -38.23
CA PHE A 271 -19.42 1.62 -38.35
C PHE A 271 -19.13 1.00 -36.98
N ASP A 272 -19.29 1.78 -35.90
CA ASP A 272 -19.20 1.20 -34.57
C ASP A 272 -20.36 0.25 -34.30
N LEU A 273 -21.58 0.64 -34.68
CA LEU A 273 -22.71 -0.27 -34.53
C LEU A 273 -22.51 -1.53 -35.34
N VAL A 274 -22.00 -1.38 -36.56
CA VAL A 274 -21.74 -2.53 -37.42
C VAL A 274 -20.68 -3.45 -36.80
N ALA A 275 -19.62 -2.85 -36.24
CA ALA A 275 -18.59 -3.65 -35.60
C ALA A 275 -19.13 -4.40 -34.39
N MET A 276 -20.01 -3.75 -33.62
CA MET A 276 -20.63 -4.44 -32.49
C MET A 276 -21.48 -5.61 -32.97
N GLU A 277 -22.22 -5.42 -34.06
CA GLU A 277 -23.02 -6.52 -34.61
C GLU A 277 -22.14 -7.68 -35.05
N ALA A 278 -21.03 -7.38 -35.73
CA ALA A 278 -20.14 -8.45 -36.18
C ALA A 278 -19.51 -9.19 -35.00
N THR A 279 -19.09 -8.46 -33.98
CA THR A 279 -18.52 -9.10 -32.80
C THR A 279 -19.56 -9.98 -32.11
N GLU A 280 -20.79 -9.49 -31.99
CA GLU A 280 -21.85 -10.31 -31.42
C GLU A 280 -22.11 -11.54 -32.28
N LEU A 281 -21.86 -11.44 -33.58
CA LEU A 281 -21.95 -12.63 -34.44
C LEU A 281 -20.88 -13.64 -34.07
N HIS A 282 -19.62 -13.18 -33.93
CA HIS A 282 -18.56 -14.11 -33.53
C HIS A 282 -18.66 -14.47 -32.05
N TYR A 283 -18.94 -13.49 -31.19
CA TYR A 283 -19.01 -13.70 -29.74
C TYR A 283 -20.40 -13.26 -29.27
N PRO A 284 -21.37 -14.16 -29.28
CA PRO A 284 -22.71 -13.79 -28.79
C PRO A 284 -22.65 -13.39 -27.33
N ASP A 285 -23.55 -12.49 -26.95
CA ASP A 285 -23.61 -11.96 -25.59
C ASP A 285 -22.30 -11.29 -25.20
N TYR A 286 -21.64 -10.63 -26.15
CA TYR A 286 -20.47 -9.83 -25.84
C TYR A 286 -20.83 -8.49 -25.22
N ALA A 287 -22.10 -8.09 -25.28
CA ALA A 287 -22.50 -6.84 -24.64
C ALA A 287 -22.30 -6.87 -23.13
N ARG A 288 -22.18 -8.06 -22.55
CA ARG A 288 -21.88 -8.16 -21.13
C ARG A 288 -20.46 -7.71 -20.82
N ILE A 289 -19.52 -7.99 -21.73
CA ILE A 289 -18.14 -7.60 -21.50
C ILE A 289 -17.93 -6.13 -21.80
N HIS A 290 -18.29 -5.70 -23.00
CA HIS A 290 -18.16 -4.31 -23.40
C HIS A 290 -19.44 -3.89 -24.12
N SER A 291 -20.07 -2.82 -23.64
CA SER A 291 -21.34 -2.39 -24.23
C SER A 291 -21.14 -1.89 -25.66
N GLU A 292 -20.07 -1.16 -25.92
CA GLU A 292 -19.84 -0.55 -27.21
C GLU A 292 -18.46 -0.94 -27.74
N ILE A 293 -18.35 -1.03 -29.06
CA ILE A 293 -17.10 -1.34 -29.74
C ILE A 293 -16.74 -0.14 -30.59
N HIS A 294 -15.56 0.42 -30.35
CA HIS A 294 -15.08 1.55 -31.14
C HIS A 294 -14.23 1.05 -32.29
N VAL A 295 -14.14 1.85 -33.33
CA VAL A 295 -13.38 1.51 -34.53
C VAL A 295 -12.23 2.50 -34.65
N ARG A 296 -11.01 1.97 -34.75
CA ARG A 296 -9.80 2.78 -34.87
C ARG A 296 -9.35 2.71 -36.33
N ILE A 297 -9.64 3.77 -37.09
CA ILE A 297 -9.21 3.82 -38.48
C ILE A 297 -7.71 4.04 -38.53
N SER A 298 -7.02 3.24 -39.34
CA SER A 298 -5.58 3.31 -39.45
C SER A 298 -5.19 3.47 -40.91
N ASP A 299 -3.97 3.97 -41.12
CA ASP A 299 -3.40 4.16 -42.46
C ASP A 299 -4.22 5.15 -43.28
N PHE A 300 -4.53 6.28 -42.69
CA PHE A 300 -5.16 7.36 -43.44
C PHE A 300 -4.16 7.93 -44.44
N PRO A 301 -4.53 8.09 -45.70
CA PRO A 301 -3.56 8.51 -46.72
C PRO A 301 -3.03 9.93 -46.53
N THR A 302 -3.93 10.90 -46.40
CA THR A 302 -3.53 12.31 -46.37
C THR A 302 -3.05 12.65 -44.97
N ILE A 303 -1.74 12.73 -44.81
CA ILE A 303 -1.12 13.10 -43.55
C ILE A 303 -0.81 14.59 -43.57
N TYR A 304 -1.23 15.30 -42.53
CA TYR A 304 -1.04 16.73 -42.40
C TYR A 304 0.00 17.00 -41.33
N SER A 305 0.18 18.28 -41.03
CA SER A 305 0.95 18.72 -39.88
C SER A 305 0.21 19.87 -39.23
N LEU A 306 0.48 20.09 -37.94
CA LEU A 306 -0.24 21.11 -37.20
C LEU A 306 -0.09 22.50 -37.77
N ARG A 307 0.73 22.67 -38.80
CA ARG A 307 0.89 23.94 -39.49
C ARG A 307 0.02 24.06 -40.73
N GLU A 308 -0.33 22.95 -41.36
CA GLU A 308 -1.06 22.96 -42.61
C GLU A 308 -2.57 22.82 -42.43
N LEU A 309 -3.05 22.69 -41.20
CA LEU A 309 -4.49 22.59 -40.98
C LEU A 309 -5.15 23.93 -41.27
N ARG A 310 -6.32 23.88 -41.91
CA ARG A 310 -7.06 25.08 -42.26
C ARG A 310 -8.53 24.86 -41.94
N GLU A 311 -9.35 25.86 -42.26
CA GLU A 311 -10.78 25.75 -42.01
C GLU A 311 -11.46 24.72 -42.90
N SER A 312 -10.85 24.36 -44.02
CA SER A 312 -11.46 23.36 -44.90
C SER A 312 -11.46 21.98 -44.29
N ASN A 313 -10.63 21.73 -43.28
CA ASN A 313 -10.53 20.43 -42.63
C ASN A 313 -11.50 20.28 -41.47
N LEU A 314 -12.33 21.28 -41.19
CA LEU A 314 -13.20 21.22 -40.03
C LEU A 314 -14.22 20.10 -40.19
N SER A 315 -14.42 19.35 -39.10
CA SER A 315 -15.37 18.24 -39.05
C SER A 315 -15.05 17.19 -40.12
N SER A 316 -13.75 16.95 -40.34
CA SER A 316 -13.31 15.93 -41.27
C SER A 316 -12.11 15.21 -40.68
N LEU A 317 -11.90 13.98 -41.11
CA LEU A 317 -10.83 13.16 -40.55
C LEU A 317 -9.47 13.69 -40.99
N VAL A 318 -8.56 13.84 -40.03
CA VAL A 318 -7.21 14.31 -40.28
C VAL A 318 -6.24 13.34 -39.63
N ARG A 319 -4.98 13.43 -40.04
CA ARG A 319 -3.94 12.52 -39.56
C ARG A 319 -2.69 13.29 -39.19
N VAL A 320 -2.86 14.34 -38.37
CA VAL A 320 -1.72 15.17 -37.99
C VAL A 320 -0.69 14.34 -37.25
N THR A 321 0.55 14.86 -37.24
CA THR A 321 1.67 14.20 -36.59
C THR A 321 2.39 15.21 -35.71
N GLY A 322 2.68 14.82 -34.48
CA GLY A 322 3.38 15.71 -33.58
C GLY A 322 3.85 14.98 -32.35
N VAL A 323 4.59 15.71 -31.52
CA VAL A 323 5.15 15.17 -30.28
C VAL A 323 4.25 15.59 -29.12
N VAL A 324 3.94 14.64 -28.25
CA VAL A 324 3.09 14.91 -27.10
C VAL A 324 3.84 15.79 -26.11
N THR A 325 3.20 16.84 -25.63
CA THR A 325 3.83 17.78 -24.72
C THR A 325 3.26 17.68 -23.30
N ARG A 326 1.95 17.81 -23.15
CA ARG A 326 1.29 17.71 -21.86
C ARG A 326 0.29 16.56 -21.90
N ARG A 327 -0.16 16.14 -20.72
CA ARG A 327 -1.12 15.04 -20.63
C ARG A 327 -1.79 15.11 -19.26
N THR A 328 -3.08 15.43 -19.25
CA THR A 328 -3.82 15.47 -18.00
C THR A 328 -4.13 14.05 -17.51
N GLY A 329 -4.62 13.96 -16.29
CA GLY A 329 -5.03 12.69 -15.76
C GLY A 329 -6.30 12.19 -16.42
N VAL A 330 -6.57 10.90 -16.22
CA VAL A 330 -7.74 10.27 -16.82
C VAL A 330 -8.97 10.58 -15.98
N PHE A 331 -9.64 11.67 -16.29
CA PHE A 331 -10.83 12.09 -15.56
C PHE A 331 -12.06 11.42 -16.14
N PRO A 332 -12.89 10.78 -15.32
CA PRO A 332 -14.18 10.30 -15.83
C PRO A 332 -15.01 11.46 -16.35
N GLN A 333 -15.72 11.22 -17.44
CA GLN A 333 -16.52 12.24 -18.09
C GLN A 333 -17.94 11.75 -18.25
N LEU A 334 -18.89 12.68 -18.16
CA LEU A 334 -20.29 12.33 -18.29
C LEU A 334 -20.60 11.89 -19.71
N LYS A 335 -21.16 10.70 -19.86
CA LYS A 335 -21.53 10.19 -21.18
C LYS A 335 -22.99 10.50 -21.50
N TYR A 336 -23.91 10.00 -20.66
CA TYR A 336 -25.34 10.25 -20.82
C TYR A 336 -25.80 11.05 -19.61
N VAL A 337 -25.85 12.37 -19.75
CA VAL A 337 -26.36 13.22 -18.68
C VAL A 337 -27.88 13.11 -18.64
N LYS A 338 -28.42 12.82 -17.46
CA LYS A 338 -29.86 12.72 -17.23
C LYS A 338 -30.19 13.68 -16.09
N PHE A 339 -30.46 14.93 -16.44
CA PHE A 339 -30.74 15.95 -15.43
C PHE A 339 -32.10 15.70 -14.79
N ASN A 340 -32.30 16.28 -13.62
CA ASN A 340 -33.59 16.32 -12.96
C ASN A 340 -34.00 17.78 -12.75
N CYS A 341 -35.19 18.13 -13.22
CA CYS A 341 -35.69 19.48 -13.00
C CYS A 341 -35.86 19.74 -11.52
N LEU A 342 -35.50 20.95 -11.09
CA LEU A 342 -35.67 21.30 -9.68
C LEU A 342 -37.03 21.91 -9.41
N LYS A 343 -37.54 22.73 -10.31
CA LYS A 343 -38.83 23.38 -10.15
C LYS A 343 -39.96 22.37 -10.11
N CYS A 344 -40.20 21.69 -11.23
CA CYS A 344 -41.37 20.84 -11.41
C CYS A 344 -41.02 19.39 -11.67
N GLY A 345 -40.21 19.10 -12.68
CA GLY A 345 -40.00 17.74 -13.13
C GLY A 345 -38.97 17.00 -12.29
N SER A 346 -38.66 15.78 -12.75
CA SER A 346 -37.61 14.99 -12.11
C SER A 346 -36.74 14.22 -13.11
N ILE A 347 -37.03 14.28 -14.41
CA ILE A 347 -36.28 13.53 -15.41
C ILE A 347 -36.06 14.42 -16.62
N LEU A 348 -34.82 14.44 -17.10
CA LEU A 348 -34.47 15.08 -18.36
C LEU A 348 -33.85 14.06 -19.30
N GLY A 349 -33.93 14.34 -20.59
CA GLY A 349 -33.48 13.43 -21.61
C GLY A 349 -32.00 13.09 -21.50
N PRO A 350 -31.65 11.84 -21.82
CA PRO A 350 -30.25 11.44 -21.75
C PRO A 350 -29.41 12.09 -22.85
N PHE A 351 -29.09 13.37 -22.67
CA PHE A 351 -28.34 14.09 -23.68
C PHE A 351 -26.95 13.52 -23.84
N PHE A 352 -26.48 13.49 -25.08
CA PHE A 352 -25.12 13.03 -25.38
C PHE A 352 -24.15 14.18 -25.19
N GLN A 353 -23.15 13.97 -24.34
CA GLN A 353 -22.07 14.93 -24.16
C GLN A 353 -21.11 14.85 -25.34
N ASP A 354 -20.83 15.98 -25.96
CA ASP A 354 -19.99 16.01 -27.15
C ASP A 354 -18.50 16.06 -26.85
N SER A 355 -18.12 16.06 -25.58
CA SER A 355 -16.73 16.08 -25.10
C SER A 355 -16.02 17.38 -25.43
N ASN A 356 -16.71 18.36 -25.98
CA ASN A 356 -16.07 19.61 -26.35
C ASN A 356 -16.77 20.83 -25.76
N GLU A 357 -18.09 20.80 -25.65
CA GLU A 357 -18.86 21.93 -25.12
C GLU A 357 -19.82 21.44 -24.05
N GLU A 358 -20.10 22.32 -23.08
CA GLU A 358 -20.97 21.95 -21.97
C GLU A 358 -22.40 21.72 -22.47
N ILE A 359 -23.06 20.71 -21.89
CA ILE A 359 -24.44 20.41 -22.26
C ILE A 359 -25.33 21.57 -21.85
N ARG A 360 -26.17 22.01 -22.77
CA ARG A 360 -27.09 23.12 -22.54
C ARG A 360 -28.50 22.58 -22.37
N ILE A 361 -29.17 22.99 -21.29
CA ILE A 361 -30.53 22.55 -20.99
C ILE A 361 -31.56 23.56 -21.47
N SER A 362 -31.35 24.83 -21.14
CA SER A 362 -32.25 25.94 -21.50
C SER A 362 -33.61 25.65 -20.88
N PHE A 363 -34.71 26.00 -21.54
CA PHE A 363 -36.03 25.82 -20.98
C PHE A 363 -36.35 24.35 -20.74
N CYS A 364 -36.90 24.05 -19.58
CA CYS A 364 -37.29 22.69 -19.25
C CYS A 364 -38.52 22.27 -20.06
N THR A 365 -38.66 20.96 -20.25
CA THR A 365 -39.82 20.43 -20.95
C THR A 365 -41.05 20.38 -20.05
N ASN A 366 -40.87 20.07 -18.77
CA ASN A 366 -42.00 20.03 -17.85
C ASN A 366 -42.64 21.40 -17.69
N CYS A 367 -41.81 22.44 -17.57
CA CYS A 367 -42.28 23.82 -17.57
C CYS A 367 -41.27 24.68 -18.30
N LYS A 368 -41.77 25.71 -18.99
CA LYS A 368 -40.90 26.58 -19.77
C LYS A 368 -40.00 27.42 -18.87
N SER A 369 -40.36 27.60 -17.60
CA SER A 369 -39.57 28.44 -16.71
C SER A 369 -38.17 27.86 -16.52
N LYS A 370 -37.19 28.76 -16.44
CA LYS A 370 -35.78 28.40 -16.34
C LYS A 370 -35.34 28.44 -14.87
N GLY A 371 -34.44 27.51 -14.53
CA GLY A 371 -33.90 27.44 -13.20
C GLY A 371 -32.66 26.56 -13.15
N PRO A 372 -32.13 26.34 -11.95
CA PRO A 372 -30.93 25.50 -11.83
C PRO A 372 -31.22 24.04 -12.17
N PHE A 373 -30.18 23.37 -12.67
CA PHE A 373 -30.26 21.97 -13.04
C PHE A 373 -29.03 21.25 -12.52
N ARG A 374 -29.17 19.95 -12.26
CA ARG A 374 -28.04 19.13 -11.88
C ARG A 374 -28.31 17.69 -12.28
N VAL A 375 -27.24 16.91 -12.36
CA VAL A 375 -27.30 15.56 -12.89
C VAL A 375 -27.93 14.59 -11.89
N ASN A 376 -28.25 13.39 -12.36
CA ASN A 376 -28.83 12.34 -11.52
C ASN A 376 -27.81 11.23 -11.36
N GLY A 377 -27.59 10.81 -10.12
CA GLY A 377 -26.67 9.72 -9.83
C GLY A 377 -27.29 8.34 -9.90
N GLU A 378 -28.56 8.24 -10.28
CA GLU A 378 -29.24 6.94 -10.32
C GLU A 378 -28.84 6.15 -11.56
N LYS A 379 -29.14 6.70 -12.74
CA LYS A 379 -28.85 6.04 -14.01
C LYS A 379 -27.94 6.96 -14.82
N THR A 380 -26.63 6.81 -14.59
CA THR A 380 -25.63 7.61 -15.29
C THR A 380 -24.41 6.75 -15.57
N VAL A 381 -23.84 6.91 -16.76
CA VAL A 381 -22.66 6.16 -17.16
C VAL A 381 -21.55 7.16 -17.50
N TYR A 382 -20.31 6.74 -17.23
CA TYR A 382 -19.15 7.59 -17.42
C TYR A 382 -18.23 6.97 -18.48
N ARG A 383 -17.43 7.84 -19.09
CA ARG A 383 -16.39 7.42 -20.01
C ARG A 383 -15.09 8.14 -19.67
N ASN A 384 -13.98 7.48 -19.95
CA ASN A 384 -12.69 8.08 -19.67
C ASN A 384 -12.46 9.30 -20.55
N TYR A 385 -11.64 10.21 -20.06
CA TYR A 385 -11.37 11.45 -20.79
C TYR A 385 -9.98 11.92 -20.46
N GLN A 386 -9.18 12.14 -21.50
CA GLN A 386 -7.82 12.67 -21.35
C GLN A 386 -7.56 13.65 -22.48
N ARG A 387 -6.97 14.80 -22.13
CA ARG A 387 -6.72 15.86 -23.09
C ARG A 387 -5.21 16.02 -23.25
N VAL A 388 -4.67 15.35 -24.23
CA VAL A 388 -3.24 15.43 -24.55
C VAL A 388 -3.03 16.62 -25.47
N THR A 389 -1.86 17.25 -25.36
CA THR A 389 -1.56 18.47 -26.11
C THR A 389 -0.45 18.17 -27.12
N LEU A 390 -0.83 17.90 -28.36
CA LEU A 390 0.13 17.67 -29.42
C LEU A 390 0.92 18.94 -29.71
N GLN A 391 2.19 18.76 -30.03
CA GLN A 391 3.05 19.85 -30.49
C GLN A 391 3.80 19.37 -31.71
N GLU A 392 4.02 20.28 -32.66
CA GLU A 392 4.72 19.93 -33.89
C GLU A 392 6.09 19.35 -33.59
N ALA A 393 6.40 18.23 -34.24
CA ALA A 393 7.64 17.53 -33.93
C ALA A 393 8.85 18.37 -34.36
N PRO A 394 9.92 18.39 -33.57
CA PRO A 394 11.10 19.16 -33.97
C PRO A 394 11.71 18.69 -35.28
N GLY A 395 11.48 17.45 -35.67
CA GLY A 395 11.93 17.00 -36.97
C GLY A 395 11.21 17.68 -38.10
N THR A 396 9.89 17.83 -38.00
CA THR A 396 9.10 18.41 -39.07
C THR A 396 8.92 19.92 -38.95
N VAL A 397 9.34 20.52 -37.85
CA VAL A 397 9.26 21.98 -37.73
C VAL A 397 10.31 22.60 -38.65
N PRO A 398 9.96 23.62 -39.45
CA PRO A 398 10.96 24.29 -40.26
C PRO A 398 12.04 24.88 -39.38
N PRO A 399 13.31 24.82 -39.81
CA PRO A 399 14.41 25.18 -38.91
C PRO A 399 14.32 26.64 -38.49
N GLY A 400 14.37 26.85 -37.18
CA GLY A 400 14.36 28.19 -36.62
C GLY A 400 12.99 28.77 -36.35
N ARG A 401 11.91 28.08 -36.73
CA ARG A 401 10.56 28.58 -36.56
C ARG A 401 9.93 28.00 -35.30
N LEU A 402 8.97 28.74 -34.76
CA LEU A 402 8.25 28.28 -33.58
C LEU A 402 7.30 27.15 -33.96
N PRO A 403 7.10 26.19 -33.07
CA PRO A 403 6.22 25.05 -33.37
C PRO A 403 4.78 25.31 -32.98
N ARG A 404 3.87 24.95 -33.87
CA ARG A 404 2.45 25.05 -33.59
C ARG A 404 1.99 23.86 -32.74
N HIS A 405 0.82 24.00 -32.14
CA HIS A 405 0.31 22.94 -31.27
C HIS A 405 -1.21 23.01 -31.21
N ARG A 406 -1.83 21.83 -31.16
CA ARG A 406 -3.27 21.70 -30.98
C ARG A 406 -3.56 20.71 -29.87
N GLU A 407 -4.61 20.98 -29.11
CA GLU A 407 -5.03 20.07 -28.06
C GLU A 407 -5.80 18.90 -28.66
N VAL A 408 -5.58 17.71 -28.12
CA VAL A 408 -6.20 16.50 -28.61
C VAL A 408 -6.96 15.83 -27.47
N ILE A 409 -8.21 15.47 -27.73
CA ILE A 409 -9.05 14.81 -26.74
C ILE A 409 -8.97 13.31 -26.96
N LEU A 410 -8.53 12.58 -25.95
CA LEU A 410 -8.51 11.13 -25.98
C LEU A 410 -9.67 10.64 -25.13
N LEU A 411 -10.63 9.98 -25.76
CA LEU A 411 -11.79 9.46 -25.07
C LEU A 411 -11.49 8.05 -24.57
N ALA A 412 -12.54 7.33 -24.19
CA ALA A 412 -12.36 6.01 -23.58
C ALA A 412 -11.53 5.11 -24.46
N ASP A 413 -10.74 4.25 -23.82
CA ASP A 413 -9.94 3.20 -24.44
C ASP A 413 -8.73 3.78 -25.16
N LEU A 414 -8.66 5.11 -25.25
CA LEU A 414 -7.51 5.78 -25.84
C LEU A 414 -6.68 6.52 -24.81
N VAL A 415 -7.09 6.52 -23.54
CA VAL A 415 -6.35 7.24 -22.52
C VAL A 415 -5.09 6.46 -22.16
N ASP A 416 -4.06 7.19 -21.75
CA ASP A 416 -2.79 6.63 -21.30
C ASP A 416 -2.10 5.81 -22.38
N VAL A 417 -2.39 6.07 -23.65
CA VAL A 417 -1.73 5.35 -24.73
C VAL A 417 -0.55 6.12 -25.30
N SER A 418 -0.46 7.42 -25.01
CA SER A 418 0.62 8.27 -25.51
C SER A 418 1.31 8.93 -24.33
N LYS A 419 2.51 8.45 -24.00
CA LYS A 419 3.26 9.03 -22.90
C LYS A 419 3.77 10.42 -23.27
N PRO A 420 3.94 11.32 -22.30
CA PRO A 420 4.48 12.64 -22.62
C PRO A 420 5.89 12.54 -23.19
N GLY A 421 6.18 13.41 -24.15
CA GLY A 421 7.47 13.43 -24.80
C GLY A 421 7.60 12.48 -25.97
N GLU A 422 6.69 11.53 -26.12
CA GLU A 422 6.74 10.62 -27.25
C GLU A 422 6.19 11.30 -28.49
N GLU A 423 6.56 10.77 -29.65
CA GLU A 423 6.08 11.27 -30.94
C GLU A 423 5.04 10.31 -31.49
N VAL A 424 3.86 10.85 -31.84
CA VAL A 424 2.73 10.03 -32.23
C VAL A 424 2.09 10.61 -33.49
N GLU A 425 1.32 9.75 -34.17
CA GLU A 425 0.49 10.17 -35.30
C GLU A 425 -0.96 9.97 -34.91
N VAL A 426 -1.73 11.05 -34.91
CA VAL A 426 -3.08 11.07 -34.37
C VAL A 426 -4.06 11.20 -35.52
N THR A 427 -4.95 10.22 -35.66
CA THR A 427 -6.06 10.28 -36.59
C THR A 427 -7.33 10.63 -35.81
N GLY A 428 -8.05 11.64 -36.27
CA GLY A 428 -9.26 12.02 -35.56
C GLY A 428 -9.97 13.14 -36.26
N ILE A 429 -11.17 13.43 -35.77
CA ILE A 429 -12.00 14.49 -36.32
C ILE A 429 -11.45 15.83 -35.85
N TYR A 430 -11.37 16.79 -36.77
CA TYR A 430 -10.83 18.11 -36.48
C TYR A 430 -12.00 19.07 -36.26
N LYS A 431 -12.47 19.14 -35.02
CA LYS A 431 -13.64 19.94 -34.69
C LYS A 431 -13.22 21.27 -34.09
N ASN A 432 -14.19 22.19 -34.04
CA ASN A 432 -13.98 23.51 -33.48
C ASN A 432 -15.14 23.86 -32.57
N ASN A 433 -14.83 24.52 -31.46
CA ASN A 433 -15.84 24.97 -30.51
C ASN A 433 -15.61 26.43 -30.17
N TYR A 434 -16.70 27.13 -29.88
CA TYR A 434 -16.62 28.54 -29.57
C TYR A 434 -16.28 28.75 -28.10
N ASP A 435 -15.35 29.65 -27.83
CA ASP A 435 -15.03 30.06 -26.47
C ASP A 435 -14.95 31.58 -26.41
N GLY A 436 -15.55 32.15 -25.36
CA GLY A 436 -15.57 33.59 -25.24
C GLY A 436 -14.21 34.20 -24.93
N ASN A 437 -13.35 33.44 -24.25
CA ASN A 437 -12.03 33.96 -23.90
C ASN A 437 -11.22 34.29 -25.15
N LEU A 438 -11.22 33.36 -26.13
CA LEU A 438 -10.46 33.59 -27.35
C LEU A 438 -11.03 34.76 -28.15
N ASN A 439 -12.35 34.85 -28.22
CA ASN A 439 -12.97 35.96 -28.93
C ASN A 439 -12.64 37.29 -28.27
N ALA A 440 -12.65 37.33 -26.94
CA ALA A 440 -12.28 38.55 -26.23
C ALA A 440 -10.82 38.91 -26.45
N LYS A 441 -9.94 37.90 -26.43
CA LYS A 441 -8.51 38.18 -26.57
C LYS A 441 -8.17 38.69 -27.97
N ASN A 442 -8.67 38.00 -29.01
CA ASN A 442 -8.32 38.36 -30.37
C ASN A 442 -9.22 39.45 -30.95
N GLY A 443 -10.38 39.70 -30.35
CA GLY A 443 -11.25 40.75 -30.84
C GLY A 443 -12.00 40.43 -32.12
N PHE A 444 -11.98 39.18 -32.56
CA PHE A 444 -12.67 38.75 -33.77
C PHE A 444 -13.49 37.51 -33.47
N PRO A 445 -14.58 37.27 -34.21
CA PRO A 445 -15.42 36.11 -33.91
C PRO A 445 -14.72 34.81 -34.28
N VAL A 446 -13.58 34.56 -33.64
CA VAL A 446 -12.71 33.46 -34.00
C VAL A 446 -12.95 32.30 -33.05
N PHE A 447 -12.88 31.09 -33.58
CA PHE A 447 -13.19 29.88 -32.84
C PHE A 447 -11.92 29.14 -32.47
N ALA A 448 -12.06 28.21 -31.52
CA ALA A 448 -10.95 27.39 -31.07
C ALA A 448 -11.13 25.98 -31.61
N THR A 449 -10.09 25.44 -32.23
CA THR A 449 -10.13 24.12 -32.82
C THR A 449 -9.48 23.10 -31.90
N ILE A 450 -9.86 21.83 -32.11
CA ILE A 450 -9.40 20.75 -31.25
C ILE A 450 -9.63 19.45 -32.02
N ILE A 451 -8.79 18.46 -31.74
CA ILE A 451 -8.81 17.19 -32.46
C ILE A 451 -9.35 16.12 -31.53
N GLU A 452 -10.46 15.50 -31.90
CA GLU A 452 -11.01 14.37 -31.16
C GLU A 452 -10.39 13.11 -31.73
N ALA A 453 -9.38 12.58 -31.03
CA ALA A 453 -8.59 11.49 -31.58
C ALA A 453 -9.43 10.25 -31.81
N ASN A 454 -9.23 9.63 -32.98
CA ASN A 454 -9.87 8.36 -33.30
C ASN A 454 -8.90 7.19 -33.28
N SER A 455 -7.61 7.43 -33.48
CA SER A 455 -6.60 6.41 -33.30
C SER A 455 -5.27 7.09 -33.05
N ILE A 456 -4.35 6.35 -32.43
CA ILE A 456 -3.02 6.87 -32.15
C ILE A 456 -1.99 5.79 -32.48
N LYS A 457 -1.01 6.15 -33.31
CA LYS A 457 0.15 5.32 -33.58
C LYS A 457 1.39 6.09 -33.17
N ARG A 458 2.23 5.47 -32.35
CA ARG A 458 3.46 6.11 -31.92
C ARG A 458 4.55 5.89 -32.96
N ARG A 459 5.23 6.98 -33.34
CA ARG A 459 6.31 6.90 -34.30
C ARG A 459 7.64 7.31 -33.67
N GLU A 460 7.75 7.25 -32.35
CA GLU A 460 8.97 7.59 -31.65
C GLU A 460 9.84 6.35 -31.52
N GLY A 461 11.08 6.43 -32.01
CA GLY A 461 11.96 5.29 -32.01
C GLY A 461 11.81 4.35 -33.18
N ASN A 462 10.93 4.66 -34.13
CA ASN A 462 10.84 3.93 -35.39
C ASN A 462 10.63 4.89 -36.54
N THR A 463 11.36 6.01 -36.54
CA THR A 463 11.18 7.02 -37.58
C THR A 463 11.70 6.56 -38.94
N ALA A 464 12.43 5.46 -38.99
CA ALA A 464 12.87 4.90 -40.26
C ALA A 464 11.95 3.80 -40.77
N ASN A 465 10.79 3.61 -40.13
CA ASN A 465 9.88 2.52 -40.45
C ASN A 465 8.71 2.95 -41.32
N GLU A 466 8.92 3.90 -42.23
CA GLU A 466 7.84 4.29 -43.13
C GLU A 466 7.56 3.21 -44.16
N GLY A 467 6.37 3.26 -44.74
CA GLY A 467 5.91 2.27 -45.67
C GLY A 467 5.21 1.08 -45.04
N GLU A 468 5.16 1.01 -43.72
CA GLU A 468 4.49 -0.08 -43.02
C GLU A 468 3.02 0.28 -42.76
N GLU A 469 2.23 -0.75 -42.48
CA GLU A 469 0.80 -0.60 -42.32
C GLU A 469 0.38 -1.02 -40.92
N GLY A 470 -0.70 -0.40 -40.43
CA GLY A 470 -1.26 -0.74 -39.15
C GLY A 470 -0.88 0.25 -38.06
N LEU A 471 -1.63 0.21 -36.96
CA LEU A 471 -1.35 1.06 -35.82
C LEU A 471 -0.18 0.55 -34.98
N ASP A 472 0.25 -0.69 -35.19
CA ASP A 472 1.38 -1.25 -34.47
C ASP A 472 2.21 -2.05 -35.47
N VAL A 473 3.40 -1.54 -35.78
CA VAL A 473 4.29 -2.24 -36.71
C VAL A 473 4.72 -3.58 -36.14
N PHE A 474 4.80 -3.67 -34.82
CA PHE A 474 5.32 -4.87 -34.15
C PHE A 474 4.23 -5.84 -33.75
N SER A 475 2.98 -5.58 -34.12
CA SER A 475 1.91 -6.51 -33.84
C SER A 475 1.87 -7.60 -34.91
N TRP A 476 1.67 -8.84 -34.47
CA TRP A 476 1.70 -10.00 -35.35
C TRP A 476 0.33 -10.65 -35.41
N THR A 477 -0.06 -11.10 -36.60
CA THR A 477 -1.28 -11.85 -36.77
C THR A 477 -1.04 -13.32 -36.45
N GLU A 478 -2.11 -14.11 -36.47
CA GLU A 478 -1.98 -15.53 -36.18
C GLU A 478 -1.10 -16.23 -37.20
N GLU A 479 -1.26 -15.89 -38.48
CA GLU A 479 -0.41 -16.47 -39.51
C GLU A 479 1.06 -16.09 -39.29
N GLU A 480 1.30 -14.85 -38.86
CA GLU A 480 2.66 -14.44 -38.57
C GLU A 480 3.26 -15.24 -37.42
N GLU A 481 2.45 -15.51 -36.38
CA GLU A 481 2.94 -16.31 -35.27
C GLU A 481 3.24 -17.73 -35.71
N ARG A 482 2.38 -18.30 -36.56
CA ARG A 482 2.65 -19.63 -37.09
C ARG A 482 3.94 -19.65 -37.90
N GLU A 483 4.18 -18.60 -38.69
CA GLU A 483 5.41 -18.52 -39.46
C GLU A 483 6.63 -18.41 -38.54
N PHE A 484 6.51 -17.64 -37.46
CA PHE A 484 7.59 -17.57 -36.48
C PHE A 484 7.91 -18.95 -35.94
N ARG A 485 6.88 -19.68 -35.51
CA ARG A 485 7.09 -21.01 -34.94
C ARG A 485 7.65 -21.97 -35.98
N LYS A 486 7.30 -21.77 -37.26
CA LYS A 486 7.80 -22.66 -38.30
C LYS A 486 9.26 -22.40 -38.59
N ILE A 487 9.67 -21.13 -38.68
CA ILE A 487 11.06 -20.84 -38.97
C ILE A 487 11.97 -21.04 -37.77
N SER A 488 11.43 -20.96 -36.55
CA SER A 488 12.27 -21.15 -35.37
C SER A 488 12.76 -22.58 -35.24
N ARG A 489 11.94 -23.55 -35.67
CA ARG A 489 12.34 -24.95 -35.59
C ARG A 489 13.51 -25.27 -36.51
N ASP A 490 13.85 -24.38 -37.44
CA ASP A 490 14.95 -24.63 -38.35
C ASP A 490 16.27 -24.72 -37.59
N ARG A 491 17.13 -25.63 -38.02
CA ARG A 491 18.48 -25.69 -37.49
C ARG A 491 19.29 -24.55 -38.08
N GLY A 492 20.00 -23.82 -37.22
CA GLY A 492 20.75 -22.67 -37.69
C GLY A 492 19.91 -21.41 -37.87
N ILE A 493 18.80 -21.30 -37.14
CA ILE A 493 18.04 -20.05 -37.15
C ILE A 493 18.83 -18.93 -36.50
N ILE A 494 19.63 -19.26 -35.48
CA ILE A 494 20.43 -18.23 -34.81
C ILE A 494 21.39 -17.59 -35.80
N ASP A 495 22.01 -18.41 -36.65
CA ASP A 495 22.93 -17.86 -37.64
C ASP A 495 22.21 -16.97 -38.65
N LYS A 496 21.00 -17.36 -39.07
CA LYS A 496 20.25 -16.51 -39.99
C LYS A 496 19.91 -15.17 -39.33
N ILE A 497 19.46 -15.22 -38.08
CA ILE A 497 19.09 -13.99 -37.38
C ILE A 497 20.31 -13.09 -37.21
N ILE A 498 21.46 -13.68 -36.85
CA ILE A 498 22.68 -12.89 -36.69
C ILE A 498 23.10 -12.28 -38.02
N SER A 499 23.06 -13.09 -39.09
CA SER A 499 23.46 -12.61 -40.39
C SER A 499 22.48 -11.58 -40.96
N SER A 500 21.29 -11.47 -40.38
CA SER A 500 20.30 -10.53 -40.86
C SER A 500 20.19 -9.26 -40.02
N MET A 501 21.16 -9.01 -39.13
CA MET A 501 21.10 -7.78 -38.35
C MET A 501 21.47 -6.56 -39.20
N ALA A 502 22.70 -6.48 -39.62
CA ALA A 502 23.02 -5.34 -40.47
C ALA A 502 23.29 -5.85 -41.88
N PRO A 503 22.24 -6.12 -42.66
CA PRO A 503 22.47 -6.74 -43.98
C PRO A 503 23.31 -5.90 -44.90
N SER A 504 23.17 -4.57 -44.83
CA SER A 504 23.93 -3.66 -45.68
C SER A 504 25.24 -3.21 -45.05
N ILE A 505 25.74 -3.96 -44.07
CA ILE A 505 27.02 -3.68 -43.44
C ILE A 505 27.84 -4.95 -43.46
N TYR A 506 28.99 -4.91 -44.14
CA TYR A 506 29.77 -6.11 -44.39
C TYR A 506 30.61 -6.50 -43.19
N GLY A 507 30.76 -7.80 -42.97
CA GLY A 507 31.60 -8.28 -41.90
C GLY A 507 30.99 -7.98 -40.54
N HIS A 508 31.86 -7.83 -39.55
CA HIS A 508 31.45 -7.49 -38.18
C HIS A 508 30.46 -8.50 -37.64
N ARG A 509 30.80 -9.79 -37.74
CA ARG A 509 29.89 -10.81 -37.24
C ARG A 509 29.85 -10.83 -35.72
N ASP A 510 30.96 -10.49 -35.06
CA ASP A 510 30.93 -10.40 -33.61
C ASP A 510 30.02 -9.27 -33.14
N ILE A 511 30.09 -8.11 -33.80
CA ILE A 511 29.21 -7.01 -33.45
C ILE A 511 27.77 -7.38 -33.72
N LYS A 512 27.51 -8.04 -34.85
CA LYS A 512 26.13 -8.45 -35.16
C LYS A 512 25.61 -9.44 -34.13
N THR A 513 26.45 -10.38 -33.70
CA THR A 513 26.05 -11.32 -32.66
C THR A 513 25.72 -10.60 -31.36
N ALA A 514 26.57 -9.65 -30.96
CA ALA A 514 26.32 -8.91 -29.73
C ALA A 514 25.04 -8.10 -29.82
N VAL A 515 24.81 -7.46 -30.95
CA VAL A 515 23.60 -6.66 -31.14
C VAL A 515 22.36 -7.55 -31.12
N ALA A 516 22.43 -8.72 -31.76
CA ALA A 516 21.30 -9.62 -31.74
C ALA A 516 20.99 -10.10 -30.32
N CYS A 517 22.04 -10.45 -29.56
CA CYS A 517 21.83 -10.86 -28.19
C CYS A 517 21.22 -9.74 -27.36
N SER A 518 21.68 -8.50 -27.58
CA SER A 518 21.09 -7.39 -26.86
C SER A 518 19.64 -7.15 -27.25
N LEU A 519 19.34 -7.31 -28.54
CA LEU A 519 17.98 -7.06 -29.03
C LEU A 519 17.01 -8.07 -28.44
N PHE A 520 17.40 -9.33 -28.36
CA PHE A 520 16.52 -10.32 -27.75
C PHE A 520 16.50 -10.22 -26.23
N GLY A 521 17.64 -9.93 -25.61
CA GLY A 521 17.70 -9.75 -24.17
C GLY A 521 17.64 -11.06 -23.42
N GLY A 522 17.77 -10.96 -22.11
CA GLY A 522 17.69 -12.11 -21.22
C GLY A 522 16.43 -12.06 -20.37
N VAL A 523 16.34 -13.02 -19.46
CA VAL A 523 15.19 -13.15 -18.57
C VAL A 523 15.52 -12.42 -17.27
N PRO A 524 14.70 -11.47 -16.84
CA PRO A 524 14.94 -10.79 -15.56
C PRO A 524 14.47 -11.64 -14.39
N LYS A 525 15.41 -12.13 -13.59
CA LYS A 525 15.08 -12.97 -12.46
C LYS A 525 14.65 -12.11 -11.27
N ASN A 526 14.01 -12.77 -10.31
CA ASN A 526 13.64 -12.13 -9.04
C ASN A 526 13.50 -13.24 -8.01
N VAL A 527 14.52 -13.39 -7.16
CA VAL A 527 14.57 -14.51 -6.24
C VAL A 527 13.73 -14.17 -5.01
N ASN A 528 12.65 -14.91 -4.81
CA ASN A 528 11.78 -14.81 -3.65
C ASN A 528 11.22 -13.42 -3.43
N GLY A 529 11.33 -12.53 -4.42
CA GLY A 529 10.89 -11.17 -4.26
C GLY A 529 11.87 -10.25 -3.57
N LYS A 530 13.01 -10.77 -3.11
CA LYS A 530 14.03 -9.96 -2.46
C LYS A 530 15.18 -9.65 -3.40
N HIS A 531 15.82 -10.66 -3.94
CA HIS A 531 16.97 -10.50 -4.83
C HIS A 531 16.48 -10.30 -6.25
N SER A 532 17.03 -9.32 -6.94
CA SER A 532 16.64 -9.01 -8.31
C SER A 532 17.88 -9.02 -9.19
N ILE A 533 17.80 -9.73 -10.31
CA ILE A 533 18.90 -9.83 -11.27
C ILE A 533 18.50 -9.12 -12.55
N ARG A 534 19.39 -8.29 -13.07
CA ARG A 534 19.16 -7.63 -14.34
C ARG A 534 18.96 -8.64 -15.45
N GLY A 535 18.06 -8.35 -16.38
CA GLY A 535 17.78 -9.27 -17.46
C GLY A 535 18.01 -8.70 -18.84
N ASP A 536 18.75 -7.61 -18.94
CA ASP A 536 19.03 -6.97 -20.21
C ASP A 536 20.52 -6.91 -20.45
N ILE A 537 20.93 -7.06 -21.71
CA ILE A 537 22.34 -7.18 -22.08
C ILE A 537 22.80 -5.83 -22.63
N ASN A 538 23.92 -5.34 -22.11
CA ASN A 538 24.53 -4.10 -22.56
C ASN A 538 25.71 -4.40 -23.46
N VAL A 539 25.85 -3.62 -24.53
CA VAL A 539 26.89 -3.80 -25.52
C VAL A 539 27.66 -2.51 -25.69
N LEU A 540 28.98 -2.61 -25.78
CA LEU A 540 29.83 -1.45 -26.03
C LEU A 540 30.62 -1.69 -27.31
N LEU A 541 30.39 -0.87 -28.32
CA LEU A 541 31.12 -0.96 -29.58
C LEU A 541 32.26 0.05 -29.54
N LEU A 542 33.49 -0.46 -29.46
CA LEU A 542 34.67 0.39 -29.38
C LEU A 542 35.56 0.09 -30.56
N GLY A 543 35.90 1.10 -31.34
CA GLY A 543 36.70 0.82 -32.51
C GLY A 543 37.08 2.08 -33.27
N ASP A 544 37.87 1.87 -34.32
CA ASP A 544 38.41 2.93 -35.13
C ASP A 544 37.29 3.60 -35.95
N PRO A 545 37.52 4.83 -36.41
CA PRO A 545 36.49 5.53 -37.16
C PRO A 545 36.21 4.87 -38.51
N GLY A 546 35.01 5.10 -39.00
CA GLY A 546 34.59 4.55 -40.28
C GLY A 546 34.45 3.05 -40.29
N THR A 547 34.00 2.46 -39.18
CA THR A 547 33.77 1.01 -39.11
C THR A 547 32.31 0.69 -38.90
N ALA A 548 31.41 1.63 -39.19
CA ALA A 548 29.97 1.42 -39.07
C ALA A 548 29.56 1.05 -37.64
N LYS A 549 29.99 1.88 -36.70
CA LYS A 549 29.48 1.77 -35.33
C LYS A 549 28.21 2.59 -35.16
N SER A 550 28.16 3.79 -35.73
CA SER A 550 26.96 4.60 -35.65
C SER A 550 25.85 4.06 -36.55
N GLN A 551 26.22 3.46 -37.68
CA GLN A 551 25.20 2.90 -38.57
C GLN A 551 24.51 1.70 -37.93
N ILE A 552 25.27 0.87 -37.22
CA ILE A 552 24.67 -0.25 -36.50
C ILE A 552 23.71 0.28 -35.44
N LEU A 553 24.10 1.35 -34.74
CA LEU A 553 23.20 1.95 -33.76
C LEU A 553 21.94 2.48 -34.41
N LYS A 554 22.06 3.12 -35.57
CA LYS A 554 20.87 3.60 -36.27
C LYS A 554 19.98 2.44 -36.68
N TYR A 555 20.57 1.33 -37.13
CA TYR A 555 19.77 0.16 -37.44
C TYR A 555 19.04 -0.36 -36.22
N VAL A 556 19.72 -0.42 -35.08
CA VAL A 556 19.08 -0.92 -33.87
C VAL A 556 17.94 -0.01 -33.47
N GLU A 557 18.11 1.30 -33.63
CA GLU A 557 17.02 2.22 -33.39
C GLU A 557 15.85 1.91 -34.31
N LYS A 558 16.13 1.61 -35.57
CA LYS A 558 15.07 1.28 -36.52
C LYS A 558 14.34 0.00 -36.12
N THR A 559 15.08 -1.00 -35.63
CA THR A 559 14.53 -2.34 -35.42
C THR A 559 13.84 -2.49 -34.07
N ALA A 560 14.48 -2.04 -32.99
CA ALA A 560 13.97 -2.32 -31.66
C ALA A 560 12.61 -1.66 -31.43
N HIS A 561 11.83 -2.25 -30.54
CA HIS A 561 10.49 -1.75 -30.27
C HIS A 561 10.52 -0.35 -29.70
N ARG A 562 11.09 -0.19 -28.52
CA ARG A 562 11.23 1.11 -27.87
C ARG A 562 12.71 1.45 -27.85
N ALA A 563 13.11 2.33 -28.75
CA ALA A 563 14.51 2.74 -28.89
C ALA A 563 14.63 4.25 -28.76
N VAL A 564 15.69 4.69 -28.10
CA VAL A 564 15.98 6.11 -27.93
C VAL A 564 17.43 6.34 -28.30
N PHE A 565 17.67 7.39 -29.09
CA PHE A 565 19.02 7.73 -29.54
C PHE A 565 19.47 9.01 -28.87
N ALA A 566 20.60 8.95 -28.17
CA ALA A 566 21.22 10.11 -27.57
C ALA A 566 22.70 10.06 -27.86
N THR A 567 23.33 11.21 -28.09
CA THR A 567 24.70 11.26 -28.54
C THR A 567 25.54 12.14 -27.63
N GLY A 568 26.75 11.68 -27.31
CA GLY A 568 27.82 12.48 -26.77
C GLY A 568 27.44 13.59 -25.83
N GLN A 569 27.91 14.80 -26.11
CA GLN A 569 27.63 15.94 -25.25
C GLN A 569 26.17 16.37 -25.30
N GLY A 570 25.42 15.90 -26.29
CA GLY A 570 24.04 16.28 -26.42
C GLY A 570 23.11 15.43 -25.57
N ALA A 571 23.56 15.03 -24.39
CA ALA A 571 22.75 14.22 -23.49
C ALA A 571 23.23 14.50 -22.06
N SER A 572 22.43 15.24 -21.30
CA SER A 572 22.82 15.59 -19.96
C SER A 572 22.44 14.50 -18.97
N ALA A 573 22.86 14.69 -17.73
CA ALA A 573 22.63 13.67 -16.71
C ALA A 573 21.15 13.48 -16.42
N VAL A 574 20.40 14.58 -16.30
CA VAL A 574 18.98 14.46 -15.96
C VAL A 574 18.13 14.17 -17.17
N GLY A 575 18.61 14.48 -18.38
CA GLY A 575 17.89 14.10 -19.57
C GLY A 575 18.03 12.64 -19.93
N LEU A 576 19.09 12.00 -19.44
CA LEU A 576 19.25 10.57 -19.67
C LEU A 576 18.34 9.75 -18.77
N THR A 577 18.14 10.19 -17.52
CA THR A 577 17.42 9.38 -16.55
C THR A 577 16.09 9.98 -16.13
N ALA A 578 16.10 11.17 -15.52
CA ALA A 578 14.88 11.77 -15.01
C ALA A 578 15.15 13.17 -14.46
N SER A 579 14.16 14.05 -14.57
CA SER A 579 14.32 15.43 -14.13
C SER A 579 13.02 15.90 -13.49
N VAL A 580 13.14 16.85 -12.58
CA VAL A 580 11.98 17.46 -11.94
C VAL A 580 11.83 18.88 -12.47
N ARG A 581 10.59 19.35 -12.54
CA ARG A 581 10.34 20.68 -13.04
C ARG A 581 9.15 21.28 -12.29
N LYS A 582 9.13 22.60 -12.21
CA LYS A 582 7.99 23.30 -11.63
C LYS A 582 6.93 23.48 -12.70
N ASP A 583 5.77 22.85 -12.50
CA ASP A 583 4.71 22.88 -13.49
C ASP A 583 4.24 24.32 -13.69
N PRO A 584 4.31 24.86 -14.91
CA PRO A 584 3.95 26.27 -15.10
C PRO A 584 2.49 26.59 -14.81
N ILE A 585 1.61 25.60 -14.85
CA ILE A 585 0.18 25.86 -14.64
C ILE A 585 -0.22 25.66 -13.19
N THR A 586 0.23 24.57 -12.56
CA THR A 586 -0.16 24.26 -11.19
C THR A 586 0.89 24.67 -10.17
N LYS A 587 2.12 24.96 -10.61
CA LYS A 587 3.16 25.54 -9.75
C LYS A 587 3.53 24.60 -8.61
N GLU A 588 3.91 23.38 -8.97
CA GLU A 588 4.51 22.46 -8.01
C GLU A 588 5.45 21.53 -8.75
N TRP A 589 6.38 20.94 -8.01
CA TRP A 589 7.40 20.11 -8.61
C TRP A 589 6.81 18.80 -9.11
N THR A 590 7.12 18.46 -10.36
CA THR A 590 6.67 17.22 -10.97
C THR A 590 7.84 16.55 -11.66
N LEU A 591 7.78 15.23 -11.73
CA LEU A 591 8.88 14.42 -12.22
C LEU A 591 8.59 13.93 -13.63
N GLU A 592 9.53 14.15 -14.54
CA GLU A 592 9.39 13.72 -15.92
C GLU A 592 10.61 12.89 -16.31
N GLY A 593 10.37 11.81 -17.05
CA GLY A 593 11.43 10.89 -17.39
C GLY A 593 12.28 11.36 -18.54
N GLY A 594 13.41 10.69 -18.71
CA GLY A 594 14.33 11.03 -19.77
C GLY A 594 14.52 9.90 -20.77
N ALA A 595 15.71 9.80 -21.34
CA ALA A 595 15.96 8.78 -22.35
C ALA A 595 15.80 7.38 -21.79
N LEU A 596 16.31 7.14 -20.59
CA LEU A 596 16.24 5.79 -20.03
C LEU A 596 14.85 5.41 -19.56
N VAL A 597 13.93 6.37 -19.42
CA VAL A 597 12.55 6.03 -19.11
C VAL A 597 11.71 5.89 -20.39
N LEU A 598 11.94 6.77 -21.36
CA LEU A 598 11.26 6.63 -22.65
C LEU A 598 11.65 5.34 -23.36
N ALA A 599 12.78 4.74 -22.99
CA ALA A 599 13.23 3.48 -23.57
C ALA A 599 13.03 2.32 -22.62
N ASP A 600 12.12 2.45 -21.66
CA ASP A 600 11.87 1.38 -20.70
C ASP A 600 11.44 0.11 -21.41
N LYS A 601 12.02 -1.02 -20.99
CA LYS A 601 11.79 -2.31 -21.63
C LYS A 601 12.08 -2.23 -23.13
N GLY A 602 13.14 -1.53 -23.47
CA GLY A 602 13.57 -1.39 -24.85
C GLY A 602 15.06 -1.30 -24.92
N VAL A 603 15.57 -0.40 -25.75
CA VAL A 603 17.00 -0.20 -25.92
C VAL A 603 17.29 1.29 -25.91
N CYS A 604 18.41 1.67 -25.29
CA CYS A 604 18.87 3.05 -25.31
C CYS A 604 20.23 3.08 -25.98
N LEU A 605 20.37 3.93 -26.99
CA LEU A 605 21.55 3.94 -27.85
C LEU A 605 22.32 5.23 -27.58
N ILE A 606 23.57 5.09 -27.20
CA ILE A 606 24.39 6.23 -26.80
C ILE A 606 25.60 6.28 -27.73
N ASP A 607 25.48 7.07 -28.79
CA ASP A 607 26.60 7.26 -29.70
C ASP A 607 27.63 8.20 -29.08
N GLU A 608 28.90 7.94 -29.39
CA GLU A 608 30.02 8.70 -28.86
C GLU A 608 30.00 8.68 -27.33
N PHE A 609 30.09 7.47 -26.78
CA PHE A 609 29.99 7.30 -25.34
C PHE A 609 31.13 8.00 -24.62
N ASP A 610 32.35 7.92 -25.15
CA ASP A 610 33.51 8.45 -24.45
C ASP A 610 33.58 9.96 -24.47
N LYS A 611 32.73 10.64 -25.25
CA LYS A 611 32.77 12.09 -25.34
C LYS A 611 31.75 12.78 -24.45
N MET A 612 30.93 12.04 -23.72
CA MET A 612 30.04 12.68 -22.76
C MET A 612 30.82 13.12 -21.54
N ASN A 613 30.30 14.13 -20.86
CA ASN A 613 30.91 14.59 -19.62
C ASN A 613 30.87 13.47 -18.59
N ASP A 614 31.91 13.40 -17.76
CA ASP A 614 31.97 12.35 -16.74
C ASP A 614 30.79 12.46 -15.79
N GLN A 615 30.45 13.68 -15.37
CA GLN A 615 29.32 13.86 -14.47
C GLN A 615 27.98 13.68 -15.17
N ASP A 616 27.96 13.52 -16.49
CA ASP A 616 26.78 13.07 -17.20
C ASP A 616 26.80 11.58 -17.49
N ARG A 617 27.99 11.00 -17.68
CA ARG A 617 28.10 9.58 -17.94
C ARG A 617 27.88 8.74 -16.69
N THR A 618 28.22 9.28 -15.52
CA THR A 618 28.02 8.54 -14.28
C THR A 618 26.56 8.45 -13.88
N SER A 619 25.67 9.18 -14.54
CA SER A 619 24.26 9.18 -14.17
C SER A 619 23.52 7.93 -14.62
N ILE A 620 24.12 7.11 -15.47
CA ILE A 620 23.48 5.89 -15.93
C ILE A 620 24.05 4.65 -15.24
N HIS A 621 24.74 4.84 -14.11
CA HIS A 621 25.29 3.69 -13.41
C HIS A 621 24.20 2.86 -12.75
N GLU A 622 23.23 3.51 -12.10
CA GLU A 622 22.18 2.77 -11.44
C GLU A 622 21.20 2.17 -12.43
N ALA A 623 20.80 2.95 -13.44
CA ALA A 623 19.79 2.47 -14.39
C ALA A 623 20.32 1.40 -15.31
N MET A 624 21.63 1.17 -15.34
CA MET A 624 22.21 0.16 -16.21
C MET A 624 22.50 -1.14 -15.48
N GLU A 625 22.55 -1.13 -14.15
CA GLU A 625 22.72 -2.34 -13.37
C GLU A 625 21.51 -2.67 -12.52
N GLN A 626 21.04 -1.74 -11.69
CA GLN A 626 19.84 -1.98 -10.92
C GLN A 626 18.57 -1.83 -11.75
N GLN A 627 18.66 -1.13 -12.88
CA GLN A 627 17.50 -0.88 -13.74
C GLN A 627 16.39 -0.17 -12.98
N SER A 628 16.76 0.91 -12.31
CA SER A 628 15.80 1.73 -11.57
C SER A 628 16.44 3.08 -11.29
N ILE A 629 15.75 4.15 -11.66
CA ILE A 629 16.25 5.50 -11.44
C ILE A 629 15.68 6.01 -10.13
N SER A 630 16.57 6.41 -9.21
CA SER A 630 16.17 6.89 -7.89
C SER A 630 16.34 8.40 -7.85
N ILE A 631 15.23 9.11 -7.67
CA ILE A 631 15.22 10.57 -7.65
C ILE A 631 14.71 11.01 -6.28
N SER A 632 15.45 11.89 -5.63
CA SER A 632 15.05 12.44 -4.34
C SER A 632 15.30 13.94 -4.32
N LYS A 633 14.82 14.63 -5.34
CA LYS A 633 15.05 16.06 -5.51
C LYS A 633 13.75 16.83 -5.30
N ALA A 634 13.86 18.02 -4.71
CA ALA A 634 12.74 18.95 -4.56
C ALA A 634 11.57 18.30 -3.82
N GLY A 635 11.87 17.49 -2.81
CA GLY A 635 10.83 16.86 -2.04
C GLY A 635 10.14 15.71 -2.75
N ILE A 636 10.64 15.28 -3.89
CA ILE A 636 10.06 14.17 -4.64
C ILE A 636 10.95 12.95 -4.45
N VAL A 637 10.64 12.12 -3.46
CA VAL A 637 11.40 10.92 -3.19
C VAL A 637 10.68 9.75 -3.86
N THR A 638 11.23 9.26 -4.96
CA THR A 638 10.64 8.15 -5.69
C THR A 638 11.73 7.42 -6.45
N THR A 639 11.43 6.18 -6.83
CA THR A 639 12.35 5.34 -7.59
C THR A 639 11.63 4.90 -8.85
N LEU A 640 11.97 5.51 -9.98
CA LEU A 640 11.42 5.10 -11.26
C LEU A 640 11.98 3.75 -11.67
N GLN A 641 11.42 3.20 -12.73
CA GLN A 641 11.85 1.92 -13.27
C GLN A 641 12.32 2.13 -14.71
N ALA A 642 13.53 1.67 -15.00
CA ALA A 642 14.12 1.83 -16.33
C ALA A 642 14.80 0.51 -16.69
N ARG A 643 14.07 -0.37 -17.34
CA ARG A 643 14.61 -1.67 -17.74
C ARG A 643 15.20 -1.59 -19.15
N CYS A 644 16.14 -0.66 -19.30
CA CYS A 644 16.77 -0.41 -20.59
C CYS A 644 17.87 -1.42 -20.87
N SER A 645 18.46 -1.30 -22.05
CA SER A 645 19.57 -2.15 -22.48
C SER A 645 20.51 -1.26 -23.30
N ILE A 646 21.51 -0.70 -22.62
CA ILE A 646 22.36 0.30 -23.25
C ILE A 646 23.22 -0.34 -24.33
N ILE A 647 23.21 0.26 -25.52
CA ILE A 647 24.15 -0.07 -26.59
C ILE A 647 24.90 1.21 -26.91
N ALA A 648 26.19 1.26 -26.58
CA ALA A 648 26.97 2.48 -26.70
C ALA A 648 28.13 2.26 -27.65
N ALA A 649 28.39 3.25 -28.50
CA ALA A 649 29.52 3.24 -29.41
C ALA A 649 30.56 4.22 -28.89
N ALA A 650 31.78 3.73 -28.67
CA ALA A 650 32.85 4.53 -28.10
C ALA A 650 33.89 4.81 -29.17
N ASN A 651 34.98 5.43 -28.77
CA ASN A 651 36.06 5.78 -29.67
C ASN A 651 37.37 5.80 -28.88
N PRO A 652 38.37 5.03 -29.27
CA PRO A 652 39.56 4.90 -28.44
C PRO A 652 40.32 6.21 -28.32
N ASN A 653 41.15 6.29 -27.29
CA ASN A 653 41.98 7.47 -27.09
C ASN A 653 42.91 7.66 -28.27
N GLY A 654 42.94 8.88 -28.80
CA GLY A 654 43.74 9.18 -29.96
C GLY A 654 43.11 8.85 -31.29
N GLY A 655 41.91 8.26 -31.30
CA GLY A 655 41.22 7.94 -32.51
C GLY A 655 41.52 6.58 -33.09
N ARG A 656 42.60 5.94 -32.67
CA ARG A 656 42.97 4.62 -33.17
C ARG A 656 43.16 3.67 -32.00
N TYR A 657 42.66 2.45 -32.15
CA TYR A 657 42.81 1.45 -31.10
C TYR A 657 44.21 0.86 -31.17
N ASN A 658 45.00 1.10 -30.13
CA ASN A 658 46.37 0.59 -30.06
C ASN A 658 46.34 -0.84 -29.55
N SER A 659 46.55 -1.80 -30.44
CA SER A 659 46.46 -3.21 -30.06
C SER A 659 47.56 -3.62 -29.10
N THR A 660 48.66 -2.86 -29.02
CA THR A 660 49.77 -3.22 -28.14
C THR A 660 49.53 -2.83 -26.69
N LEU A 661 48.46 -2.11 -26.39
CA LEU A 661 48.13 -1.69 -25.04
C LEU A 661 46.89 -2.43 -24.55
N PRO A 662 46.72 -2.59 -23.24
CA PRO A 662 45.50 -3.20 -22.73
C PRO A 662 44.29 -2.32 -23.00
N LEU A 663 43.11 -2.88 -22.75
CA LEU A 663 41.88 -2.15 -23.02
C LEU A 663 41.78 -0.90 -22.15
N ALA A 664 42.16 -1.02 -20.88
CA ALA A 664 42.00 0.12 -19.96
C ALA A 664 42.82 1.31 -20.40
N GLN A 665 43.91 1.09 -21.14
CA GLN A 665 44.77 2.17 -21.59
C GLN A 665 44.32 2.76 -22.92
N ASN A 666 43.33 2.16 -23.58
CA ASN A 666 42.83 2.67 -24.84
C ASN A 666 41.57 3.51 -24.69
N VAL A 667 40.91 3.45 -23.54
CA VAL A 667 39.68 4.21 -23.31
C VAL A 667 39.83 5.02 -22.04
N SER A 668 39.03 6.08 -21.94
CA SER A 668 38.98 6.88 -20.74
C SER A 668 37.97 6.39 -19.72
N LEU A 669 37.19 5.38 -20.06
CA LEU A 669 36.21 4.83 -19.14
C LEU A 669 36.90 4.05 -18.03
N THR A 670 36.24 3.95 -16.89
CA THR A 670 36.79 3.30 -15.71
C THR A 670 36.15 1.92 -15.52
N GLU A 671 36.63 1.20 -14.51
CA GLU A 671 36.09 -0.12 -14.22
C GLU A 671 34.60 -0.13 -13.87
N PRO A 672 34.07 0.77 -13.05
CA PRO A 672 32.64 0.66 -12.71
C PRO A 672 31.72 0.77 -13.91
N ILE A 673 32.11 1.53 -14.94
CA ILE A 673 31.28 1.61 -16.14
C ILE A 673 31.67 0.56 -17.18
N LEU A 674 32.91 0.07 -17.16
CA LEU A 674 33.28 -0.99 -18.08
C LEU A 674 32.74 -2.34 -17.66
N SER A 675 32.51 -2.54 -16.35
CA SER A 675 31.99 -3.82 -15.89
C SER A 675 30.51 -4.00 -16.20
N ARG A 676 29.77 -2.91 -16.40
CA ARG A 676 28.35 -3.03 -16.69
C ARG A 676 28.11 -3.71 -18.03
N PHE A 677 28.93 -3.37 -19.03
CA PHE A 677 28.71 -3.87 -20.38
C PHE A 677 29.01 -5.37 -20.45
N ASP A 678 28.00 -6.16 -20.81
CA ASP A 678 28.18 -7.60 -20.89
C ASP A 678 29.13 -7.98 -22.02
N ILE A 679 28.94 -7.38 -23.19
CA ILE A 679 29.75 -7.66 -24.36
C ILE A 679 30.46 -6.37 -24.77
N LEU A 680 31.77 -6.43 -24.90
CA LEU A 680 32.57 -5.28 -25.29
C LEU A 680 33.27 -5.66 -26.58
N CYS A 681 32.77 -5.15 -27.71
CA CYS A 681 33.28 -5.50 -29.02
C CYS A 681 34.31 -4.47 -29.46
N VAL A 682 35.53 -4.93 -29.70
CA VAL A 682 36.61 -4.07 -30.14
C VAL A 682 36.71 -4.18 -31.66
N VAL A 683 36.63 -3.05 -32.35
CA VAL A 683 36.63 -3.00 -33.80
C VAL A 683 37.97 -2.43 -34.24
N ARG A 684 38.66 -3.15 -35.12
CA ARG A 684 39.95 -2.71 -35.62
C ARG A 684 39.87 -2.49 -37.12
N ASP A 685 40.48 -1.40 -37.58
CA ASP A 685 40.49 -1.02 -38.99
C ASP A 685 41.89 -1.33 -39.52
N LEU A 686 42.07 -2.57 -39.97
CA LEU A 686 43.36 -3.02 -40.49
C LEU A 686 43.36 -2.96 -42.02
N VAL A 687 44.54 -3.15 -42.58
CA VAL A 687 44.74 -3.10 -44.03
C VAL A 687 45.06 -4.51 -44.50
N ASP A 688 44.06 -5.18 -45.07
CA ASP A 688 44.25 -6.45 -45.75
C ASP A 688 43.69 -6.31 -47.16
N GLU A 689 44.52 -6.62 -48.16
CA GLU A 689 44.10 -6.40 -49.54
C GLU A 689 42.88 -7.23 -49.90
N GLU A 690 42.83 -8.48 -49.44
CA GLU A 690 41.64 -9.30 -49.67
C GLU A 690 40.44 -8.71 -48.92
N ALA A 691 40.64 -8.33 -47.67
CA ALA A 691 39.54 -7.74 -46.90
C ALA A 691 39.11 -6.40 -47.48
N ASP A 692 40.07 -5.58 -47.90
CA ASP A 692 39.72 -4.30 -48.52
C ASP A 692 38.96 -4.52 -49.82
N GLU A 693 39.38 -5.48 -50.63
CA GLU A 693 38.68 -5.77 -51.87
C GLU A 693 37.25 -6.22 -51.60
N ARG A 694 37.08 -7.14 -50.64
CA ARG A 694 35.73 -7.64 -50.36
C ARG A 694 34.85 -6.53 -49.79
N LEU A 695 35.38 -5.73 -48.87
CA LEU A 695 34.59 -4.64 -48.29
C LEU A 695 34.22 -3.60 -49.34
N ALA A 696 35.16 -3.24 -50.21
CA ALA A 696 34.86 -2.27 -51.25
C ALA A 696 33.82 -2.81 -52.21
N THR A 697 33.93 -4.08 -52.57
CA THR A 697 32.92 -4.69 -53.44
C THR A 697 31.55 -4.64 -52.79
N PHE A 698 31.48 -5.00 -51.50
CA PHE A 698 30.19 -4.96 -50.82
C PHE A 698 29.62 -3.56 -50.75
N VAL A 699 30.47 -2.57 -50.43
CA VAL A 699 29.98 -1.20 -50.30
C VAL A 699 29.50 -0.67 -51.64
N VAL A 700 30.24 -0.93 -52.71
CA VAL A 700 29.82 -0.46 -54.03
C VAL A 700 28.53 -1.16 -54.45
N ASP A 701 28.41 -2.45 -54.18
CA ASP A 701 27.18 -3.16 -54.51
C ASP A 701 26.00 -2.60 -53.72
N SER A 702 26.21 -2.27 -52.45
CA SER A 702 25.15 -1.68 -51.64
C SER A 702 24.76 -0.31 -52.15
N HIS A 703 25.74 0.48 -52.59
CA HIS A 703 25.42 1.80 -53.12
C HIS A 703 24.65 1.69 -54.43
N VAL A 704 24.99 0.72 -55.27
CA VAL A 704 24.22 0.49 -56.49
C VAL A 704 22.80 0.03 -56.15
N ARG A 705 22.68 -0.88 -55.19
CA ARG A 705 21.37 -1.45 -54.85
C ARG A 705 20.43 -0.39 -54.30
N SER A 706 20.94 0.49 -53.46
CA SER A 706 20.11 1.48 -52.79
C SER A 706 19.76 2.66 -53.67
N HIS A 707 20.16 2.65 -54.94
CA HIS A 707 19.91 3.78 -55.81
C HIS A 707 18.40 3.98 -55.98
N PRO A 708 17.90 5.22 -55.86
CA PRO A 708 16.46 5.44 -56.03
C PRO A 708 15.94 5.07 -57.41
N GLU A 709 16.79 5.09 -58.44
CA GLU A 709 16.42 4.67 -59.79
C GLU A 709 16.68 3.20 -60.04
N ASN A 710 16.68 2.38 -59.00
CA ASN A 710 16.94 0.96 -59.16
C ASN A 710 15.80 0.13 -58.58
N LEU A 738 -1.32 -6.06 -59.13
CA LEU A 738 -0.25 -5.71 -60.04
C LEU A 738 -0.06 -4.20 -60.13
N ASN A 739 -0.72 -3.46 -59.24
CA ASN A 739 -0.66 -2.01 -59.29
C ASN A 739 0.65 -1.53 -58.66
N ALA A 740 0.75 -0.23 -58.39
CA ALA A 740 1.99 0.33 -57.87
C ALA A 740 2.38 -0.23 -56.51
N ARG A 741 1.42 -0.44 -55.62
CA ARG A 741 1.75 -0.81 -54.24
C ARG A 741 2.43 -2.17 -54.17
N GLN A 742 1.75 -3.23 -54.63
CA GLN A 742 2.36 -4.55 -54.51
C GLN A 742 3.52 -4.76 -55.48
N ARG A 743 3.56 -4.05 -56.62
CA ARG A 743 4.77 -4.11 -57.44
C ARG A 743 5.97 -3.50 -56.71
N ARG A 744 5.77 -2.36 -56.04
CA ARG A 744 6.83 -1.77 -55.24
C ARG A 744 7.23 -2.70 -54.10
N LEU A 745 6.26 -3.35 -53.46
CA LEU A 745 6.56 -4.29 -52.40
C LEU A 745 7.37 -5.48 -52.93
N GLN A 746 7.01 -5.97 -54.12
CA GLN A 746 7.77 -7.05 -54.73
C GLN A 746 9.20 -6.63 -55.02
N ARG A 747 9.38 -5.42 -55.52
CA ARG A 747 10.74 -4.93 -55.76
C ARG A 747 11.53 -4.82 -54.45
N GLN A 748 10.88 -4.34 -53.38
CA GLN A 748 11.55 -4.24 -52.10
C GLN A 748 11.97 -5.61 -51.58
N ARG A 749 11.08 -6.59 -51.70
CA ARG A 749 11.44 -7.95 -51.27
C ARG A 749 12.56 -8.52 -52.13
N LYS A 750 12.55 -8.24 -53.44
CA LYS A 750 13.62 -8.71 -54.31
C LYS A 750 14.96 -8.13 -53.88
N LYS A 751 14.99 -6.83 -53.55
CA LYS A 751 16.23 -6.24 -53.08
C LYS A 751 16.64 -6.79 -51.72
N GLU A 752 15.68 -6.99 -50.82
CA GLU A 752 16.02 -7.47 -49.47
C GLU A 752 16.59 -8.88 -49.51
N GLU A 753 16.03 -9.75 -50.34
CA GLU A 753 16.44 -11.15 -50.32
C GLU A 753 17.89 -11.34 -50.73
N GLU A 754 18.50 -10.32 -51.35
CA GLU A 754 19.91 -10.45 -51.76
C GLU A 754 20.82 -10.54 -50.54
N ILE A 755 20.56 -9.76 -49.50
CA ILE A 755 21.48 -9.59 -48.39
C ILE A 755 20.93 -10.15 -47.09
N SER A 756 19.65 -9.93 -46.79
CA SER A 756 19.09 -10.34 -45.52
C SER A 756 18.34 -11.65 -45.68
N PRO A 757 18.80 -12.74 -45.07
CA PRO A 757 18.09 -14.02 -45.23
C PRO A 757 16.64 -13.98 -44.76
N ILE A 758 16.34 -13.19 -43.73
CA ILE A 758 15.00 -13.07 -43.19
C ILE A 758 14.55 -11.63 -43.41
N PRO A 759 13.31 -11.39 -43.84
CA PRO A 759 12.88 -10.02 -44.09
C PRO A 759 12.88 -9.18 -42.83
N GLN A 760 13.16 -7.88 -43.00
CA GLN A 760 13.23 -6.99 -41.86
C GLN A 760 11.85 -6.75 -41.25
N GLU A 761 10.83 -6.55 -42.09
CA GLU A 761 9.49 -6.31 -41.56
C GLU A 761 8.98 -7.50 -40.78
N LEU A 762 9.47 -8.70 -41.08
CA LEU A 762 9.16 -9.87 -40.26
C LEU A 762 10.15 -10.04 -39.13
N LEU A 763 11.39 -9.57 -39.29
CA LEU A 763 12.35 -9.67 -38.21
C LEU A 763 11.94 -8.83 -37.01
N MET A 764 11.40 -7.64 -37.25
CA MET A 764 10.95 -6.81 -36.15
C MET A 764 9.85 -7.50 -35.34
N LYS A 765 8.87 -8.06 -36.04
CA LYS A 765 7.79 -8.78 -35.36
C LYS A 765 8.33 -10.01 -34.65
N TYR A 766 9.29 -10.71 -35.26
CA TYR A 766 9.87 -11.88 -34.61
C TYR A 766 10.55 -11.50 -33.31
N ILE A 767 11.33 -10.41 -33.34
CA ILE A 767 12.03 -9.97 -32.14
C ILE A 767 11.04 -9.57 -31.06
N HIS A 768 9.99 -8.83 -31.44
CA HIS A 768 9.00 -8.41 -30.45
C HIS A 768 8.27 -9.62 -29.87
N TYR A 769 7.91 -10.59 -30.71
CA TYR A 769 7.23 -11.78 -30.22
C TYR A 769 8.11 -12.57 -29.27
N ALA A 770 9.39 -12.74 -29.62
CA ALA A 770 10.29 -13.46 -28.73
C ALA A 770 10.47 -12.72 -27.42
N ARG A 771 10.54 -11.39 -27.47
CA ARG A 771 10.76 -10.63 -26.24
C ARG A 771 9.54 -10.70 -25.33
N THR A 772 8.33 -10.55 -25.88
CA THR A 772 7.14 -10.45 -25.05
C THR A 772 6.48 -11.78 -24.74
N LYS A 773 6.93 -12.89 -25.34
CA LYS A 773 6.23 -14.14 -25.15
C LYS A 773 7.15 -15.33 -24.92
N ILE A 774 8.43 -15.11 -24.64
CA ILE A 774 9.37 -16.21 -24.39
C ILE A 774 10.21 -15.86 -23.16
N TYR A 775 10.39 -16.84 -22.28
CA TYR A 775 11.22 -16.68 -21.09
C TYR A 775 11.94 -18.00 -20.84
N PRO A 776 13.06 -18.23 -21.51
CA PRO A 776 13.76 -19.51 -21.37
C PRO A 776 14.28 -19.70 -19.96
N LYS A 777 14.41 -20.98 -19.58
CA LYS A 777 14.89 -21.35 -18.25
C LYS A 777 16.18 -22.15 -18.39
N LEU A 778 17.00 -22.09 -17.34
CA LEU A 778 18.33 -22.68 -17.34
C LEU A 778 18.35 -24.03 -16.64
N HIS A 779 17.29 -24.82 -16.76
CA HIS A 779 17.21 -26.08 -16.04
C HIS A 779 18.32 -27.03 -16.44
N GLN A 780 18.33 -27.44 -17.71
CA GLN A 780 19.33 -28.37 -18.20
C GLN A 780 20.60 -27.60 -18.56
N MET A 781 21.63 -27.75 -17.74
CA MET A 781 22.90 -27.07 -17.97
C MET A 781 23.97 -27.79 -17.17
N ASP A 782 25.22 -27.51 -17.52
CA ASP A 782 26.38 -27.99 -16.77
C ASP A 782 26.98 -26.78 -16.06
N MET A 783 26.56 -26.57 -14.81
CA MET A 783 27.09 -25.45 -14.05
C MET A 783 28.58 -25.56 -13.81
N ASP A 784 29.13 -26.77 -13.89
CA ASP A 784 30.57 -26.94 -13.71
C ASP A 784 31.34 -26.25 -14.82
N LYS A 785 30.86 -26.35 -16.06
CA LYS A 785 31.56 -25.70 -17.16
C LYS A 785 31.55 -24.18 -17.01
N VAL A 786 30.40 -23.62 -16.63
CA VAL A 786 30.32 -22.18 -16.45
C VAL A 786 31.19 -21.73 -15.29
N SER A 787 31.19 -22.49 -14.19
CA SER A 787 32.04 -22.14 -13.05
C SER A 787 33.51 -22.19 -13.43
N ARG A 788 33.93 -23.22 -14.16
CA ARG A 788 35.31 -23.31 -14.60
C ARG A 788 35.67 -22.16 -15.52
N VAL A 789 34.77 -21.79 -16.43
CA VAL A 789 35.04 -20.69 -17.34
C VAL A 789 35.20 -19.39 -16.56
N TYR A 790 34.33 -19.18 -15.57
CA TYR A 790 34.41 -17.95 -14.77
C TYR A 790 35.70 -17.90 -13.97
N ALA A 791 36.08 -19.03 -13.36
CA ALA A 791 37.32 -19.07 -12.60
C ALA A 791 38.52 -18.78 -13.49
N ASP A 792 38.55 -19.38 -14.68
CA ASP A 792 39.64 -19.12 -15.61
C ASP A 792 39.65 -17.65 -16.05
N LEU A 793 38.47 -17.10 -16.31
CA LEU A 793 38.39 -15.70 -16.72
C LEU A 793 38.95 -14.79 -15.65
N ARG A 794 38.60 -15.03 -14.39
CA ARG A 794 39.12 -14.19 -13.32
C ARG A 794 40.62 -14.37 -13.15
N ARG A 795 41.10 -15.62 -13.23
CA ARG A 795 42.53 -15.87 -13.06
C ARG A 795 43.34 -15.18 -14.14
N GLU A 796 42.87 -15.23 -15.39
CA GLU A 796 43.59 -14.53 -16.45
C GLU A 796 43.33 -13.04 -16.46
N SER A 797 42.28 -12.56 -15.79
CA SER A 797 42.05 -11.14 -15.69
C SER A 797 43.01 -10.50 -14.70
N ILE A 798 43.23 -11.15 -13.56
CA ILE A 798 44.08 -10.55 -12.53
C ILE A 798 45.52 -10.47 -13.00
N SER A 799 45.99 -11.48 -13.73
CA SER A 799 47.36 -11.56 -14.19
C SER A 799 47.37 -11.46 -15.72
N THR A 800 48.13 -10.51 -16.25
CA THR A 800 48.21 -10.25 -17.68
C THR A 800 46.83 -9.94 -18.27
N GLY A 801 46.27 -8.83 -17.80
CA GLY A 801 44.99 -8.38 -18.31
C GLY A 801 44.56 -7.10 -17.62
N SER A 802 43.56 -6.46 -18.21
CA SER A 802 42.98 -5.26 -17.62
C SER A 802 41.46 -5.22 -17.66
N PHE A 803 40.80 -6.08 -18.43
CA PHE A 803 39.34 -6.09 -18.46
C PHE A 803 38.82 -6.60 -17.13
N PRO A 804 37.97 -5.83 -16.44
CA PRO A 804 37.47 -6.28 -15.12
C PRO A 804 36.50 -7.43 -15.28
N ILE A 805 36.79 -8.54 -14.60
CA ILE A 805 35.94 -9.72 -14.61
C ILE A 805 35.36 -9.88 -13.22
N THR A 806 34.15 -9.39 -13.02
CA THR A 806 33.43 -9.51 -11.78
C THR A 806 32.35 -10.58 -11.92
N VAL A 807 31.49 -10.70 -10.90
CA VAL A 807 30.37 -11.63 -11.00
C VAL A 807 29.39 -11.20 -12.08
N ARG A 808 29.38 -9.91 -12.43
CA ARG A 808 28.54 -9.46 -13.54
C ARG A 808 28.89 -10.18 -14.82
N HIS A 809 30.16 -10.47 -15.04
CA HIS A 809 30.54 -11.23 -16.24
C HIS A 809 30.23 -12.71 -16.11
N LEU A 810 29.97 -13.21 -14.90
CA LEU A 810 29.41 -14.55 -14.78
C LEU A 810 27.93 -14.55 -15.14
N GLU A 811 27.19 -13.55 -14.68
CA GLU A 811 25.78 -13.47 -15.04
C GLU A 811 25.58 -13.11 -16.50
N SER A 812 26.56 -12.47 -17.13
CA SER A 812 26.45 -12.15 -18.55
C SER A 812 26.39 -13.42 -19.39
N ILE A 813 27.13 -14.45 -18.99
CA ILE A 813 27.08 -15.72 -19.72
C ILE A 813 25.66 -16.28 -19.68
N LEU A 814 25.03 -16.28 -18.51
CA LEU A 814 23.67 -16.80 -18.40
C LEU A 814 22.68 -15.94 -19.19
N ARG A 815 22.83 -14.62 -19.13
CA ARG A 815 21.92 -13.75 -19.87
C ARG A 815 22.07 -13.93 -21.37
N ILE A 816 23.29 -14.07 -21.86
CA ILE A 816 23.51 -14.27 -23.29
C ILE A 816 23.00 -15.64 -23.72
N ALA A 817 23.15 -16.65 -22.86
CA ALA A 817 22.58 -17.95 -23.16
C ALA A 817 21.06 -17.88 -23.25
N GLU A 818 20.43 -17.13 -22.36
CA GLU A 818 18.99 -16.95 -22.44
C GLU A 818 18.57 -16.19 -23.69
N SER A 819 19.35 -15.20 -24.12
CA SER A 819 19.02 -14.52 -25.37
C SER A 819 19.13 -15.48 -26.56
N PHE A 820 20.17 -16.30 -26.59
CA PHE A 820 20.31 -17.28 -27.66
C PHE A 820 19.16 -18.27 -27.66
N ALA A 821 18.72 -18.69 -26.48
CA ALA A 821 17.53 -19.53 -26.41
C ALA A 821 16.29 -18.80 -26.87
N LYS A 822 16.20 -17.50 -26.63
CA LYS A 822 15.08 -16.73 -27.16
C LYS A 822 15.08 -16.70 -28.68
N MET A 823 16.28 -16.66 -29.29
CA MET A 823 16.34 -16.56 -30.74
C MET A 823 15.66 -17.75 -31.41
N ARG A 824 15.86 -18.94 -30.86
CA ARG A 824 15.18 -20.13 -31.36
C ARG A 824 13.77 -20.27 -30.81
N LEU A 825 13.25 -19.23 -30.15
CA LEU A 825 11.94 -19.27 -29.52
C LEU A 825 11.80 -20.42 -28.53
N SER A 826 12.93 -20.99 -28.12
CA SER A 826 12.91 -22.10 -27.18
C SER A 826 12.55 -21.62 -25.79
N GLU A 827 11.93 -22.51 -25.01
CA GLU A 827 11.58 -22.23 -23.64
C GLU A 827 12.56 -22.85 -22.65
N PHE A 828 13.63 -23.46 -23.15
CA PHE A 828 14.66 -24.04 -22.30
C PHE A 828 16.01 -23.85 -22.97
N VAL A 829 16.99 -23.41 -22.19
CA VAL A 829 18.32 -23.13 -22.72
C VAL A 829 19.04 -24.44 -22.97
N SER A 830 19.39 -24.70 -24.23
CA SER A 830 20.07 -25.93 -24.57
C SER A 830 21.57 -25.80 -24.31
N SER A 831 22.29 -26.91 -24.48
CA SER A 831 23.72 -26.89 -24.28
C SER A 831 24.41 -26.07 -25.36
N TYR A 832 23.90 -26.11 -26.58
CA TYR A 832 24.47 -25.28 -27.65
C TYR A 832 24.31 -23.80 -27.34
N ASP A 833 23.15 -23.41 -26.81
CA ASP A 833 22.90 -22.02 -26.48
C ASP A 833 23.77 -21.55 -25.32
N LEU A 834 24.32 -22.47 -24.53
CA LEU A 834 25.23 -22.11 -23.46
C LEU A 834 26.67 -22.07 -23.95
N ASP A 835 27.05 -23.05 -24.78
CA ASP A 835 28.39 -23.03 -25.35
C ASP A 835 28.60 -21.81 -26.24
N ARG A 836 27.59 -21.40 -26.99
CA ARG A 836 27.70 -20.20 -27.80
C ARG A 836 27.84 -18.94 -26.96
N ALA A 837 27.11 -18.83 -25.85
CA ALA A 837 27.29 -17.69 -24.95
C ALA A 837 28.67 -17.68 -24.33
N ILE A 838 29.17 -18.85 -23.92
CA ILE A 838 30.52 -18.92 -23.37
C ILE A 838 31.54 -18.49 -24.41
N LYS A 839 31.36 -18.94 -25.65
CA LYS A 839 32.27 -18.53 -26.72
C LYS A 839 32.22 -17.04 -26.94
N VAL A 840 31.03 -16.45 -26.94
CA VAL A 840 30.91 -15.01 -27.13
C VAL A 840 31.64 -14.26 -26.03
N VAL A 841 31.43 -14.67 -24.78
CA VAL A 841 32.04 -13.94 -23.66
C VAL A 841 33.55 -14.08 -23.67
N VAL A 842 34.06 -15.31 -23.86
CA VAL A 842 35.50 -15.48 -23.85
C VAL A 842 36.13 -14.80 -25.05
N ASP A 843 35.45 -14.75 -26.20
CA ASP A 843 35.98 -14.05 -27.35
C ASP A 843 36.05 -12.56 -27.10
N SER A 844 35.00 -11.99 -26.51
CA SER A 844 35.02 -10.56 -26.22
C SER A 844 36.10 -10.23 -25.19
N PHE A 845 36.34 -11.13 -24.25
CA PHE A 845 37.41 -10.90 -23.28
C PHE A 845 38.78 -10.99 -23.94
N VAL A 846 38.98 -12.00 -24.79
CA VAL A 846 40.30 -12.24 -25.36
C VAL A 846 40.67 -11.15 -26.35
N ASP A 847 39.73 -10.78 -27.23
CA ASP A 847 40.04 -9.82 -28.28
C ASP A 847 40.35 -8.42 -27.76
N ALA A 848 40.06 -8.14 -26.50
CA ALA A 848 40.39 -6.85 -25.91
C ALA A 848 41.72 -6.84 -25.20
N GLN A 849 42.47 -7.94 -25.23
CA GLN A 849 43.76 -8.02 -24.59
C GLN A 849 44.86 -7.59 -25.55
N LYS A 850 46.02 -7.28 -24.98
CA LYS A 850 47.16 -6.86 -25.80
C LYS A 850 47.62 -8.01 -26.68
N VAL A 851 48.19 -7.65 -27.84
CA VAL A 851 48.55 -8.65 -28.83
C VAL A 851 49.64 -9.59 -28.32
N SER A 852 50.40 -9.18 -27.31
CA SER A 852 51.46 -10.04 -26.79
C SER A 852 50.89 -11.29 -26.15
N VAL A 853 49.79 -11.16 -25.41
CA VAL A 853 49.25 -12.26 -24.62
C VAL A 853 48.01 -12.88 -25.25
N ARG A 854 47.55 -12.35 -26.39
CA ARG A 854 46.31 -12.82 -26.98
C ARG A 854 46.42 -14.27 -27.44
N ARG A 855 47.54 -14.65 -28.03
CA ARG A 855 47.70 -16.03 -28.49
C ARG A 855 47.67 -17.00 -27.33
N GLN A 856 48.38 -16.67 -26.24
CA GLN A 856 48.38 -17.54 -25.06
C GLN A 856 46.99 -17.65 -24.46
N LEU A 857 46.27 -16.53 -24.38
CA LEU A 857 44.92 -16.57 -23.81
C LEU A 857 43.99 -17.40 -24.68
N ARG A 858 44.08 -17.25 -26.00
CA ARG A 858 43.24 -18.04 -26.89
C ARG A 858 43.54 -19.53 -26.75
N ARG A 859 44.83 -19.88 -26.65
CA ARG A 859 45.20 -21.27 -26.47
C ARG A 859 44.67 -21.80 -25.14
N SER A 860 44.73 -20.99 -24.08
CA SER A 860 44.23 -21.44 -22.79
C SER A 860 42.73 -21.66 -22.81
N PHE A 861 41.99 -20.78 -23.47
CA PHE A 861 40.53 -20.85 -23.47
C PHE A 861 39.97 -21.73 -24.58
N ALA A 862 40.82 -22.27 -25.46
CA ALA A 862 40.32 -23.08 -26.55
C ALA A 862 39.53 -24.30 -26.07
N ILE A 863 39.85 -24.81 -24.88
CA ILE A 863 39.22 -26.04 -24.41
C ILE A 863 37.75 -25.87 -24.05
N TYR A 864 37.26 -24.64 -23.95
CA TYR A 864 35.86 -24.40 -23.63
C TYR A 864 34.99 -24.19 -24.86
N THR A 865 35.62 -23.76 -25.95
CA THR A 865 34.87 -23.50 -27.20
C THR A 865 35.03 -24.69 -28.16
N LEU A 866 35.37 -25.86 -27.62
CA LEU A 866 35.53 -27.06 -28.47
C LEU A 866 34.29 -27.19 -29.35
N GLY A 867 34.48 -27.43 -30.65
CA GLY A 867 33.33 -27.59 -31.57
C GLY A 867 33.18 -26.41 -32.52
N HIS A 868 33.95 -25.34 -32.31
CA HIS A 868 33.80 -24.13 -33.16
C HIS A 868 34.79 -23.04 -32.73
N ASP B 18 -34.09 34.25 29.33
CA ASP B 18 -32.68 34.03 29.69
C ASP B 18 -32.55 33.77 31.18
N ALA B 19 -33.36 32.85 31.70
CA ALA B 19 -33.24 32.49 33.11
C ALA B 19 -31.90 31.83 33.40
N VAL B 20 -31.43 30.99 32.49
CA VAL B 20 -30.15 30.32 32.69
C VAL B 20 -29.00 31.33 32.70
N PHE B 21 -29.07 32.34 31.83
CA PHE B 21 -28.04 33.37 31.81
C PHE B 21 -27.97 34.08 33.15
N GLY B 22 -29.13 34.48 33.69
CA GLY B 22 -29.15 35.13 34.98
C GLY B 22 -28.67 34.23 36.10
N ASP B 23 -29.01 32.94 36.03
CA ASP B 23 -28.56 32.00 37.05
C ASP B 23 -27.04 31.88 37.03
N ARG B 24 -26.45 31.76 35.83
CA ARG B 24 -25.00 31.70 35.73
C ARG B 24 -24.36 32.98 36.25
N VAL B 25 -24.96 34.14 35.91
CA VAL B 25 -24.40 35.41 36.35
C VAL B 25 -24.39 35.49 37.87
N ARG B 26 -25.50 35.12 38.50
CA ARG B 26 -25.56 35.21 39.96
C ARG B 26 -24.67 34.17 40.62
N ARG B 27 -24.53 32.98 40.01
CA ARG B 27 -23.63 31.99 40.57
C ARG B 27 -22.19 32.47 40.52
N PHE B 28 -21.79 33.11 39.42
CA PHE B 28 -20.43 33.62 39.35
C PHE B 28 -20.23 34.81 40.27
N GLN B 29 -21.27 35.63 40.47
CA GLN B 29 -21.16 36.70 41.46
C GLN B 29 -20.95 36.12 42.86
N GLU B 30 -21.66 35.04 43.18
CA GLU B 30 -21.44 34.36 44.46
C GLU B 30 -20.01 33.83 44.55
N PHE B 31 -19.50 33.27 43.45
CA PHE B 31 -18.13 32.76 43.46
C PHE B 31 -17.13 33.88 43.69
N LEU B 32 -17.33 35.04 43.05
CA LEU B 32 -16.42 36.16 43.22
C LEU B 32 -16.50 36.71 44.64
N ASP B 33 -17.70 36.71 45.23
CA ASP B 33 -17.83 37.12 46.63
C ASP B 33 -17.13 36.15 47.57
N THR B 34 -17.19 34.85 47.27
CA THR B 34 -16.56 33.86 48.14
C THR B 34 -15.05 34.02 48.17
N PHE B 35 -14.42 34.07 47.00
CA PHE B 35 -12.98 34.26 46.90
C PHE B 35 -12.71 35.74 46.72
N THR B 36 -12.36 36.42 47.80
CA THR B 36 -12.19 37.87 47.78
C THR B 36 -10.90 38.31 47.11
N SER B 37 -10.01 37.37 46.76
CA SER B 37 -8.77 37.76 46.10
C SER B 37 -9.03 38.42 44.76
N TYR B 38 -10.02 37.92 44.02
CA TYR B 38 -10.35 38.53 42.73
C TYR B 38 -10.93 39.93 42.91
N ARG B 39 -11.75 40.13 43.94
CA ARG B 39 -12.24 41.47 44.24
C ARG B 39 -11.09 42.40 44.61
N ASP B 40 -10.12 41.90 45.37
CA ASP B 40 -8.95 42.70 45.70
C ASP B 40 -8.16 43.08 44.46
N SER B 41 -8.02 42.13 43.52
CA SER B 41 -7.31 42.42 42.28
C SER B 41 -8.06 43.46 41.45
N VAL B 42 -9.38 43.36 41.39
CA VAL B 42 -10.17 44.36 40.67
C VAL B 42 -9.99 45.73 41.30
N ARG B 43 -10.03 45.79 42.64
CA ARG B 43 -9.80 47.05 43.33
C ARG B 43 -8.42 47.61 43.02
N SER B 44 -7.41 46.75 43.02
CA SER B 44 -6.05 47.20 42.73
C SER B 44 -5.95 47.77 41.33
N ILE B 45 -6.55 47.09 40.35
CA ILE B 45 -6.52 47.59 38.98
C ILE B 45 -7.23 48.93 38.89
N GLN B 46 -8.39 49.05 39.54
CA GLN B 46 -9.15 50.29 39.46
C GLN B 46 -8.40 51.45 40.10
N VAL B 47 -7.79 51.24 41.27
CA VAL B 47 -7.06 52.33 41.91
C VAL B 47 -5.80 52.67 41.13
N TYR B 48 -5.14 51.67 40.52
CA TYR B 48 -3.99 51.95 39.69
C TYR B 48 -4.37 52.82 38.50
N ASN B 49 -5.47 52.48 37.84
CA ASN B 49 -5.93 53.28 36.70
C ASN B 49 -6.31 54.69 37.14
N SER B 50 -6.99 54.81 38.28
CA SER B 50 -7.39 56.13 38.76
C SER B 50 -6.16 56.98 39.12
N ASN B 51 -5.18 56.39 39.79
CA ASN B 51 -3.97 57.13 40.15
C ASN B 51 -3.20 57.55 38.91
N ASN B 52 -3.11 56.67 37.91
CA ASN B 52 -2.43 57.03 36.67
C ASN B 52 -3.18 58.15 35.94
N ALA B 53 -4.51 58.12 35.96
CA ALA B 53 -5.30 59.18 35.35
C ALA B 53 -5.10 60.50 36.08
N ALA B 54 -4.98 60.46 37.41
CA ALA B 54 -4.77 61.67 38.19
C ALA B 54 -3.32 62.15 38.19
N ASN B 55 -2.39 61.32 37.73
CA ASN B 55 -0.98 61.70 37.70
C ASN B 55 -0.44 61.71 36.28
N SER B 86 2.25 64.46 31.82
CA SER B 86 3.31 63.55 32.21
C SER B 86 3.46 62.43 31.20
N THR B 87 4.71 61.97 31.01
CA THR B 87 5.04 60.96 30.01
C THR B 87 4.71 59.57 30.57
N SER B 88 3.42 59.33 30.78
CA SER B 88 2.93 58.08 31.34
C SER B 88 1.93 57.44 30.39
N LEU B 89 2.09 56.13 30.17
CA LEU B 89 1.15 55.38 29.35
C LEU B 89 0.83 54.01 29.91
N ASN B 90 1.35 53.65 31.09
CA ASN B 90 1.11 52.33 31.67
C ASN B 90 -0.27 52.33 32.32
N ILE B 91 -1.25 51.78 31.61
CA ILE B 91 -2.61 51.63 32.12
C ILE B 91 -2.92 50.14 32.18
N LEU B 92 -3.37 49.68 33.34
CA LEU B 92 -3.63 48.27 33.51
C LEU B 92 -4.87 47.86 32.72
N PRO B 93 -4.87 46.66 32.13
CA PRO B 93 -6.02 46.22 31.36
C PRO B 93 -7.14 45.70 32.25
N HIS B 94 -8.33 45.64 31.66
CA HIS B 94 -9.52 45.13 32.36
C HIS B 94 -9.59 43.60 32.19
N ARG B 95 -8.65 42.93 32.84
CA ARG B 95 -8.54 41.48 32.72
C ARG B 95 -8.20 40.89 34.08
N ILE B 96 -8.89 39.80 34.44
CA ILE B 96 -8.69 39.11 35.70
C ILE B 96 -8.36 37.65 35.41
N ILE B 97 -7.29 37.16 36.01
CA ILE B 97 -6.88 35.77 35.87
C ILE B 97 -7.45 35.01 37.05
N ILE B 98 -8.47 34.18 36.79
CA ILE B 98 -9.09 33.36 37.83
C ILE B 98 -8.52 31.95 37.75
N SER B 99 -8.28 31.35 38.90
CA SER B 99 -7.78 29.99 38.93
C SER B 99 -8.93 29.02 38.72
N LEU B 100 -8.74 28.07 37.81
CA LEU B 100 -9.78 27.07 37.59
C LEU B 100 -9.92 26.13 38.77
N ASP B 101 -8.87 25.96 39.57
CA ASP B 101 -8.98 25.11 40.75
C ASP B 101 -9.96 25.69 41.77
N ASP B 102 -9.91 27.01 41.98
CA ASP B 102 -10.86 27.63 42.90
C ASP B 102 -12.29 27.48 42.39
N LEU B 103 -12.49 27.65 41.08
CA LEU B 103 -13.82 27.49 40.51
C LEU B 103 -14.31 26.06 40.66
N ARG B 104 -13.42 25.08 40.48
CA ARG B 104 -13.81 23.68 40.64
C ARG B 104 -14.18 23.39 42.09
N GLU B 105 -13.39 23.88 43.04
CA GLU B 105 -13.68 23.62 44.45
C GLU B 105 -14.96 24.32 44.89
N PHE B 106 -15.26 25.49 44.32
CA PHE B 106 -16.46 26.21 44.71
C PHE B 106 -17.71 25.56 44.12
N ASP B 107 -17.81 25.54 42.79
CA ASP B 107 -18.97 24.98 42.10
C ASP B 107 -18.46 24.12 40.95
N ARG B 108 -18.45 22.80 41.16
CA ARG B 108 -17.91 21.91 40.13
C ARG B 108 -18.73 21.94 38.86
N SER B 109 -20.04 22.17 38.97
CA SER B 109 -20.88 22.26 37.78
C SER B 109 -20.46 23.43 36.90
N PHE B 110 -20.24 24.60 37.51
CA PHE B 110 -19.80 25.76 36.75
C PHE B 110 -18.42 25.55 36.16
N TRP B 111 -17.53 24.89 36.90
CA TRP B 111 -16.18 24.65 36.39
C TRP B 111 -16.21 23.72 35.18
N SER B 112 -16.99 22.64 35.26
CA SER B 112 -17.11 21.75 34.11
C SER B 112 -17.80 22.45 32.95
N GLY B 113 -18.76 23.33 33.23
CA GLY B 113 -19.39 24.08 32.15
C GLY B 113 -18.40 25.02 31.47
N ILE B 114 -17.52 25.64 32.25
CA ILE B 114 -16.49 26.50 31.67
C ILE B 114 -15.56 25.67 30.79
N LEU B 115 -15.13 24.51 31.30
CA LEU B 115 -14.13 23.72 30.59
C LEU B 115 -14.69 22.93 29.41
N VAL B 116 -16.01 22.74 29.34
CA VAL B 116 -16.61 21.88 28.34
C VAL B 116 -17.44 22.67 27.34
N GLU B 117 -18.25 23.61 27.80
CA GLU B 117 -19.06 24.47 26.93
C GLU B 117 -18.88 25.92 27.34
N PRO B 118 -17.70 26.49 27.11
CA PRO B 118 -17.45 27.88 27.53
C PRO B 118 -18.30 28.90 26.79
N ALA B 119 -18.81 28.58 25.61
CA ALA B 119 -19.62 29.54 24.87
C ALA B 119 -20.86 29.96 25.65
N TYR B 120 -21.30 29.15 26.61
CA TYR B 120 -22.47 29.46 27.42
C TYR B 120 -22.13 29.82 28.86
N PHE B 121 -20.89 29.59 29.30
CA PHE B 121 -20.51 29.86 30.68
C PHE B 121 -19.56 31.02 30.85
N ILE B 122 -18.80 31.39 29.81
CA ILE B 122 -17.83 32.47 29.90
C ILE B 122 -18.51 33.84 29.76
N PRO B 123 -19.44 34.05 28.81
CA PRO B 123 -20.12 35.34 28.75
C PRO B 123 -20.85 35.70 30.03
N PRO B 124 -21.56 34.76 30.68
CA PRO B 124 -22.16 35.12 31.98
C PRO B 124 -21.14 35.47 33.04
N ALA B 125 -20.03 34.75 33.09
CA ALA B 125 -19.00 35.07 34.07
C ALA B 125 -18.39 36.43 33.81
N GLU B 126 -18.17 36.77 32.54
CA GLU B 126 -17.63 38.09 32.20
C GLU B 126 -18.62 39.19 32.56
N LYS B 127 -19.92 38.96 32.33
CA LYS B 127 -20.91 39.94 32.72
C LYS B 127 -20.95 40.10 34.24
N ALA B 128 -20.82 39.00 34.97
CA ALA B 128 -20.77 39.08 36.43
C ALA B 128 -19.55 39.88 36.89
N LEU B 129 -18.40 39.65 36.26
CA LEU B 129 -17.21 40.41 36.60
C LEU B 129 -17.38 41.89 36.29
N THR B 130 -18.00 42.21 35.15
CA THR B 130 -18.24 43.60 34.80
C THR B 130 -19.17 44.27 35.81
N ASP B 131 -20.23 43.57 36.21
CA ASP B 131 -21.15 44.13 37.20
C ASP B 131 -20.44 44.32 38.55
N LEU B 132 -19.60 43.35 38.94
CA LEU B 132 -18.82 43.50 40.16
C LEU B 132 -17.94 44.73 40.11
N ALA B 133 -17.23 44.93 39.00
CA ALA B 133 -16.34 46.08 38.89
C ALA B 133 -17.12 47.38 38.89
N ASP B 134 -18.28 47.41 38.23
CA ASP B 134 -19.08 48.62 38.19
C ASP B 134 -19.64 48.96 39.56
N SER B 135 -20.13 47.95 40.29
CA SER B 135 -20.72 48.22 41.61
C SER B 135 -19.69 48.76 42.58
N MET B 136 -18.50 48.18 42.59
CA MET B 136 -17.44 48.60 43.50
C MET B 136 -16.57 49.69 42.92
N ASP B 137 -16.92 50.21 41.75
CA ASP B 137 -16.17 51.30 41.14
C ASP B 137 -16.27 52.56 41.99
N ASP B 138 -15.22 53.37 41.96
CA ASP B 138 -15.15 54.61 42.74
C ASP B 138 -16.06 55.72 42.19
N VAL B 139 -16.92 55.39 41.24
CA VAL B 139 -17.86 56.29 40.59
C VAL B 139 -17.30 57.70 40.43
N PRO B 140 -16.23 57.88 39.67
CA PRO B 140 -15.64 59.22 39.50
C PRO B 140 -16.40 59.98 38.42
N HIS B 141 -15.89 61.17 38.11
CA HIS B 141 -16.50 61.99 37.08
C HIS B 141 -16.26 61.38 35.70
N PRO B 142 -17.27 61.35 34.85
CA PRO B 142 -17.08 60.78 33.50
C PRO B 142 -16.15 61.63 32.66
N ASN B 143 -15.48 60.97 31.72
CA ASN B 143 -14.57 61.62 30.79
C ASN B 143 -15.20 61.84 29.42
N ALA B 144 -16.52 61.69 29.31
CA ALA B 144 -17.31 61.85 28.09
C ALA B 144 -17.02 60.79 27.05
N SER B 145 -16.10 59.87 27.32
CA SER B 145 -15.79 58.77 26.41
C SER B 145 -16.02 57.41 27.03
N ALA B 146 -15.64 57.22 28.29
CA ALA B 146 -15.85 55.93 28.96
C ALA B 146 -17.33 55.59 29.09
N VAL B 147 -18.20 56.60 29.11
CA VAL B 147 -19.64 56.33 29.15
C VAL B 147 -20.08 55.60 27.89
N SER B 148 -19.61 56.05 26.73
CA SER B 148 -19.98 55.44 25.46
C SER B 148 -19.07 54.27 25.11
N SER B 149 -17.76 54.43 25.26
CA SER B 149 -16.81 53.38 24.94
C SER B 149 -16.97 52.23 25.92
N ARG B 150 -17.39 51.08 25.42
CA ARG B 150 -17.53 49.90 26.26
C ARG B 150 -16.16 49.43 26.73
N HIS B 151 -16.08 49.05 28.01
CA HIS B 151 -14.87 48.46 28.57
C HIS B 151 -15.25 47.27 29.43
N PRO B 152 -15.79 46.21 28.81
CA PRO B 152 -16.17 45.03 29.60
C PRO B 152 -14.93 44.38 30.20
N TRP B 153 -15.12 43.76 31.36
CA TRP B 153 -14.03 43.11 32.05
C TRP B 153 -13.87 41.70 31.52
N LYS B 154 -12.82 41.48 30.71
CA LYS B 154 -12.58 40.17 30.17
C LYS B 154 -12.04 39.24 31.24
N LEU B 155 -12.05 37.95 30.94
CA LEU B 155 -11.63 36.92 31.87
C LEU B 155 -10.45 36.14 31.30
N SER B 156 -9.58 35.71 32.19
CA SER B 156 -8.46 34.84 31.85
C SER B 156 -8.38 33.73 32.88
N PHE B 157 -7.88 32.57 32.47
CA PHE B 157 -7.89 31.38 33.30
C PHE B 157 -6.48 30.84 33.49
N LYS B 158 -6.31 30.13 34.60
CA LYS B 158 -5.06 29.46 34.91
C LYS B 158 -5.38 28.18 35.67
N GLY B 159 -4.34 27.49 36.12
CA GLY B 159 -4.55 26.29 36.92
C GLY B 159 -4.33 25.02 36.14
N SER B 160 -5.04 23.97 36.49
CA SER B 160 -4.87 22.67 35.86
C SER B 160 -6.01 22.43 34.88
N PHE B 161 -5.68 21.81 33.75
CA PHE B 161 -6.65 21.53 32.70
C PHE B 161 -6.93 20.05 32.51
N GLY B 162 -5.94 19.19 32.70
CA GLY B 162 -6.15 17.77 32.58
C GLY B 162 -6.12 17.27 31.16
N ALA B 163 -7.28 16.90 30.63
CA ALA B 163 -7.37 16.41 29.26
C ALA B 163 -7.38 17.53 28.23
N HIS B 164 -7.49 18.78 28.67
CA HIS B 164 -7.48 19.92 27.75
C HIS B 164 -6.11 20.51 27.54
N ALA B 165 -5.10 20.07 28.30
CA ALA B 165 -3.74 20.53 28.09
C ALA B 165 -3.19 19.83 26.87
N LEU B 166 -3.40 20.45 25.71
CA LEU B 166 -3.15 19.84 24.42
C LEU B 166 -1.99 20.51 23.71
N SER B 167 -1.74 20.07 22.49
CA SER B 167 -0.74 20.62 21.60
C SER B 167 -1.38 20.73 20.22
N PRO B 168 -0.85 21.58 19.34
CA PRO B 168 -1.50 21.78 18.04
C PRO B 168 -1.64 20.51 17.22
N ARG B 169 -0.80 19.50 17.45
CA ARG B 169 -0.96 18.24 16.75
C ARG B 169 -2.12 17.43 17.31
N THR B 170 -2.25 17.37 18.64
CA THR B 170 -3.28 16.57 19.29
C THR B 170 -4.58 17.33 19.48
N LEU B 171 -4.80 18.39 18.69
CA LEU B 171 -6.00 19.20 18.79
C LEU B 171 -6.97 18.74 17.70
N THR B 172 -7.70 17.67 17.99
CA THR B 172 -8.61 17.09 17.01
C THR B 172 -9.93 17.84 17.01
N ALA B 173 -10.90 17.35 16.26
CA ALA B 173 -12.19 18.01 16.14
C ALA B 173 -13.14 17.66 17.28
N GLN B 174 -12.78 16.72 18.15
CA GLN B 174 -13.58 16.46 19.34
C GLN B 174 -13.39 17.52 20.41
N HIS B 175 -12.40 18.39 20.25
CA HIS B 175 -12.17 19.48 21.20
C HIS B 175 -12.83 20.78 20.79
N LEU B 176 -13.57 20.80 19.69
CA LEU B 176 -14.18 22.03 19.24
C LEU B 176 -15.19 22.54 20.27
N ASN B 177 -15.29 23.86 20.36
CA ASN B 177 -16.18 24.56 21.29
C ASN B 177 -15.83 24.32 22.75
N LYS B 178 -14.70 23.68 23.03
CA LYS B 178 -14.23 23.47 24.38
C LYS B 178 -13.05 24.38 24.67
N LEU B 179 -12.85 24.69 25.95
CA LEU B 179 -11.77 25.55 26.38
C LEU B 179 -10.51 24.71 26.53
N VAL B 180 -9.54 24.93 25.64
CA VAL B 180 -8.33 24.13 25.59
C VAL B 180 -7.13 25.06 25.69
N SER B 181 -6.01 24.49 26.14
CA SER B 181 -4.74 25.20 26.18
C SER B 181 -3.73 24.48 25.29
N VAL B 182 -3.16 25.19 24.34
CA VAL B 182 -2.19 24.62 23.42
C VAL B 182 -0.83 25.27 23.67
N GLU B 183 0.22 24.45 23.64
CA GLU B 183 1.57 24.92 23.82
C GLU B 183 2.36 24.70 22.53
N GLY B 184 3.21 25.65 22.19
CA GLY B 184 3.97 25.56 20.97
C GLY B 184 4.83 26.78 20.76
N ILE B 185 5.28 26.96 19.53
CA ILE B 185 6.16 28.05 19.15
C ILE B 185 5.40 28.95 18.18
N VAL B 186 5.36 30.24 18.48
CA VAL B 186 4.74 31.20 17.57
C VAL B 186 5.62 31.35 16.34
N THR B 187 5.03 31.17 15.17
CA THR B 187 5.77 31.27 13.91
C THR B 187 5.39 32.48 13.08
N LYS B 188 4.12 32.86 13.06
CA LYS B 188 3.68 34.04 12.33
C LYS B 188 2.80 34.88 13.23
N THR B 189 2.85 36.19 13.05
CA THR B 189 2.00 37.11 13.77
C THR B 189 1.47 38.15 12.79
N SER B 190 0.16 38.24 12.68
CA SER B 190 -0.44 39.23 11.81
C SER B 190 -0.21 40.63 12.34
N LEU B 191 -0.41 41.62 11.47
CA LEU B 191 -0.33 43.00 11.89
C LEU B 191 -1.52 43.35 12.77
N VAL B 192 -1.27 44.11 13.83
CA VAL B 192 -2.36 44.57 14.68
C VAL B 192 -3.21 45.55 13.89
N ARG B 193 -4.48 45.24 13.72
CA ARG B 193 -5.40 46.03 12.92
C ARG B 193 -6.67 46.25 13.72
N PRO B 194 -7.05 47.49 14.03
CA PRO B 194 -8.23 47.72 14.84
C PRO B 194 -9.49 47.28 14.12
N LYS B 195 -10.45 46.79 14.90
CA LYS B 195 -11.73 46.36 14.36
C LYS B 195 -12.86 47.01 15.13
N LEU B 196 -13.96 47.25 14.43
CA LEU B 196 -15.09 48.00 14.95
C LEU B 196 -16.03 47.08 15.73
N ILE B 197 -16.47 47.53 16.89
CA ILE B 197 -17.43 46.74 17.67
C ILE B 197 -18.60 47.59 18.10
N ARG B 198 -18.48 48.91 17.99
CA ARG B 198 -19.57 49.81 18.32
C ARG B 198 -19.30 51.17 17.71
N SER B 199 -20.29 51.70 17.00
CA SER B 199 -20.19 53.02 16.40
C SER B 199 -21.21 53.95 17.03
N VAL B 200 -20.74 55.08 17.55
CA VAL B 200 -21.59 56.06 18.20
C VAL B 200 -21.81 57.22 17.23
N HIS B 201 -23.07 57.57 17.01
CA HIS B 201 -23.43 58.60 16.04
C HIS B 201 -24.18 59.72 16.71
N TYR B 202 -23.98 60.93 16.20
CA TYR B 202 -24.65 62.13 16.67
C TYR B 202 -25.53 62.68 15.57
N ALA B 203 -26.81 62.88 15.86
CA ALA B 203 -27.76 63.41 14.90
C ALA B 203 -27.94 64.89 15.21
N ALA B 204 -27.45 65.75 14.31
CA ALA B 204 -27.51 67.19 14.54
C ALA B 204 -28.87 67.74 14.16
N LYS B 205 -29.93 67.09 14.63
CA LYS B 205 -31.29 67.63 14.50
C LYS B 205 -32.13 67.41 15.74
N THR B 206 -31.72 66.53 16.66
CA THR B 206 -32.41 66.31 17.91
C THR B 206 -31.51 66.39 19.13
N GLY B 207 -30.21 66.56 18.95
CA GLY B 207 -29.28 66.60 20.07
C GLY B 207 -29.22 65.29 20.83
N ARG B 208 -29.31 64.17 20.13
CA ARG B 208 -29.31 62.86 20.76
C ARG B 208 -28.27 61.98 20.09
N PHE B 209 -27.74 61.03 20.85
CA PHE B 209 -26.68 60.14 20.41
C PHE B 209 -27.24 58.74 20.20
N HIS B 210 -26.98 58.16 19.03
CA HIS B 210 -27.42 56.81 18.70
C HIS B 210 -26.20 55.96 18.41
N TYR B 211 -26.13 54.81 19.06
CA TYR B 211 -25.03 53.87 18.85
C TYR B 211 -25.53 52.65 18.10
N ARG B 212 -24.61 51.72 17.85
CA ARG B 212 -24.94 50.47 17.18
C ARG B 212 -23.81 49.49 17.43
N ASP B 213 -24.15 48.30 17.94
CA ASP B 213 -23.16 47.29 18.26
C ASP B 213 -22.90 46.41 17.06
N TYR B 214 -21.64 46.00 16.89
CA TYR B 214 -21.22 45.13 15.81
C TYR B 214 -20.63 43.86 16.40
N THR B 215 -20.93 42.73 15.78
CA THR B 215 -20.43 41.44 16.20
C THR B 215 -19.90 40.66 15.01
N ASP B 216 -18.85 39.89 15.25
CA ASP B 216 -18.24 39.06 14.23
C ASP B 216 -18.02 37.66 14.79
N ALA B 217 -17.71 36.72 13.90
CA ALA B 217 -17.47 35.35 14.33
C ALA B 217 -16.26 35.26 15.25
N THR B 218 -15.28 36.14 15.08
CA THR B 218 -14.03 36.09 15.83
C THR B 218 -14.03 36.97 17.07
N THR B 219 -15.13 37.65 17.37
CA THR B 219 -15.20 38.52 18.55
C THR B 219 -16.00 37.91 19.68
N THR B 220 -17.23 37.50 19.43
CA THR B 220 -18.11 36.97 20.45
C THR B 220 -18.19 35.45 20.35
N LEU B 221 -18.27 34.79 21.50
CA LEU B 221 -18.30 33.33 21.52
C LEU B 221 -19.62 32.80 20.95
N THR B 222 -20.74 33.34 21.42
CA THR B 222 -22.03 32.90 20.91
C THR B 222 -22.24 33.40 19.49
N THR B 223 -22.85 32.55 18.66
CA THR B 223 -23.10 32.90 17.28
C THR B 223 -24.27 33.86 17.17
N ARG B 224 -24.07 34.95 16.42
CA ARG B 224 -25.11 35.93 16.20
C ARG B 224 -25.08 36.36 14.74
N ILE B 225 -26.16 37.02 14.31
CA ILE B 225 -26.27 37.46 12.92
C ILE B 225 -25.16 38.46 12.64
N PRO B 226 -24.31 38.23 11.65
CA PRO B 226 -23.23 39.17 11.36
C PRO B 226 -23.77 40.49 10.85
N THR B 227 -23.04 41.55 11.17
CA THR B 227 -23.43 42.89 10.75
C THR B 227 -22.56 43.33 9.59
N PRO B 228 -23.14 43.90 8.53
CA PRO B 228 -22.34 44.27 7.35
C PRO B 228 -21.32 45.37 7.59
N ALA B 229 -21.19 45.88 8.82
CA ALA B 229 -20.17 46.86 9.17
C ALA B 229 -20.30 48.15 8.37
N ILE B 230 -21.54 48.57 8.12
CA ILE B 230 -21.83 49.82 7.45
C ILE B 230 -22.46 50.77 8.46
N TYR B 231 -21.92 51.98 8.55
CA TYR B 231 -22.44 52.96 9.49
C TYR B 231 -23.83 53.41 9.07
N PRO B 232 -24.78 53.48 9.99
CA PRO B 232 -26.10 54.00 9.64
C PRO B 232 -26.06 55.49 9.36
N THR B 233 -26.21 55.87 8.09
CA THR B 233 -26.11 57.26 7.70
C THR B 233 -27.41 58.04 7.90
N GLU B 234 -28.53 57.36 8.13
CA GLU B 234 -29.81 58.02 8.32
C GLU B 234 -30.54 57.41 9.50
N ASP B 235 -31.22 58.26 10.27
CA ASP B 235 -31.97 57.81 11.42
C ASP B 235 -33.27 57.15 10.99
N THR B 236 -34.02 56.65 11.97
CA THR B 236 -35.34 56.13 11.69
C THR B 236 -36.26 57.23 11.18
N GLU B 237 -36.20 58.41 11.80
CA GLU B 237 -37.05 59.53 11.41
C GLU B 237 -36.34 60.45 10.40
N GLY B 238 -35.76 59.86 9.36
CA GLY B 238 -35.21 60.61 8.24
C GLY B 238 -34.19 61.66 8.62
N ASN B 239 -33.43 61.42 9.68
CA ASN B 239 -32.44 62.38 10.17
C ASN B 239 -31.05 61.96 9.72
N LYS B 240 -30.24 62.95 9.34
CA LYS B 240 -28.87 62.68 8.96
C LYS B 240 -28.00 62.52 10.19
N LEU B 241 -27.08 61.56 10.14
CA LEU B 241 -26.19 61.25 11.25
C LEU B 241 -24.74 61.43 10.83
N THR B 242 -23.93 61.94 11.75
CA THR B 242 -22.49 62.03 11.57
C THR B 242 -21.82 61.10 12.57
N THR B 243 -20.94 60.24 12.08
CA THR B 243 -20.26 59.29 12.95
C THR B 243 -19.34 60.02 13.91
N GLU B 244 -19.32 59.57 15.16
CA GLU B 244 -18.53 60.19 16.21
C GLU B 244 -17.36 59.27 16.53
N TYR B 245 -16.28 59.40 15.77
CA TYR B 245 -15.05 58.74 16.15
C TYR B 245 -14.53 59.34 17.45
N GLY B 246 -13.89 58.51 18.26
CA GLY B 246 -13.49 58.91 19.59
C GLY B 246 -14.53 58.66 20.65
N TYR B 247 -15.80 58.53 20.26
CA TYR B 247 -16.84 57.99 21.11
C TYR B 247 -17.26 56.58 20.69
N SER B 248 -16.87 56.15 19.50
CA SER B 248 -17.04 54.77 19.08
C SER B 248 -16.09 53.88 19.87
N THR B 249 -16.12 52.58 19.59
CA THR B 249 -15.26 51.63 20.26
C THR B 249 -14.61 50.73 19.25
N PHE B 250 -13.29 50.77 19.17
CA PHE B 250 -12.49 49.88 18.35
C PHE B 250 -11.58 49.07 19.23
N ILE B 251 -11.33 47.82 18.86
CA ILE B 251 -10.43 46.95 19.59
C ILE B 251 -9.39 46.39 18.63
N ASP B 252 -8.16 46.28 19.12
CA ASP B 252 -7.09 45.72 18.31
C ASP B 252 -7.35 44.24 18.06
N HIS B 253 -6.82 43.75 16.94
CA HIS B 253 -7.08 42.38 16.52
C HIS B 253 -5.82 41.82 15.87
N GLN B 254 -5.33 40.70 16.41
CA GLN B 254 -4.15 40.04 15.87
C GLN B 254 -4.43 38.56 15.72
N ARG B 255 -3.73 37.93 14.79
CA ARG B 255 -3.91 36.50 14.48
C ARG B 255 -2.53 35.85 14.42
N ILE B 256 -2.09 35.30 15.53
CA ILE B 256 -0.81 34.62 15.57
C ILE B 256 -1.00 33.18 15.13
N THR B 257 0.11 32.51 14.84
CA THR B 257 0.11 31.12 14.44
C THR B 257 1.03 30.34 15.36
N VAL B 258 0.48 29.31 16.00
CA VAL B 258 1.21 28.50 16.96
C VAL B 258 1.38 27.11 16.37
N GLN B 259 2.62 26.63 16.29
CA GLN B 259 2.88 25.28 15.84
C GLN B 259 3.53 24.50 16.96
N GLU B 260 3.36 23.19 16.94
CA GLU B 260 3.94 22.35 17.98
C GLU B 260 5.46 22.41 17.94
N MET B 261 6.06 22.18 19.09
CA MET B 261 7.51 22.23 19.18
C MET B 261 8.12 21.16 18.28
N PRO B 262 9.17 21.49 17.52
CA PRO B 262 9.71 20.51 16.57
C PRO B 262 10.17 19.22 17.22
N GLU B 263 10.67 19.26 18.45
CA GLU B 263 11.11 18.04 19.10
C GLU B 263 9.94 17.17 19.56
N MET B 264 8.75 17.74 19.68
CA MET B 264 7.57 16.98 20.04
C MET B 264 6.94 16.23 18.88
N ALA B 265 7.33 16.55 17.65
CA ALA B 265 6.70 15.94 16.49
C ALA B 265 6.99 14.45 16.45
N PRO B 266 6.03 13.63 16.02
CA PRO B 266 6.30 12.20 15.89
C PRO B 266 7.26 11.92 14.76
N ALA B 267 7.93 10.77 14.87
CA ALA B 267 8.97 10.42 13.90
C ALA B 267 8.40 10.34 12.50
N GLY B 268 8.90 11.19 11.62
CA GLY B 268 8.52 11.17 10.23
C GLY B 268 7.51 12.21 9.79
N GLN B 269 7.11 13.13 10.66
CA GLN B 269 6.11 14.12 10.33
C GLN B 269 6.60 15.51 10.71
N LEU B 270 6.21 16.49 9.91
CA LEU B 270 6.53 17.87 10.18
C LEU B 270 5.57 18.47 11.19
N PRO B 271 5.98 19.50 11.92
CA PRO B 271 5.09 20.09 12.93
C PRO B 271 3.82 20.65 12.32
N ARG B 272 2.72 20.49 13.04
CA ARG B 272 1.43 21.06 12.67
C ARG B 272 1.20 22.35 13.44
N SER B 273 0.37 23.22 12.86
CA SER B 273 0.16 24.54 13.42
C SER B 273 -1.33 24.83 13.55
N ILE B 274 -1.66 25.73 14.47
CA ILE B 274 -3.02 26.20 14.67
C ILE B 274 -2.99 27.72 14.66
N ASP B 275 -4.13 28.36 14.45
CA ASP B 275 -4.17 29.84 14.37
C ASP B 275 -4.94 30.41 15.56
N VAL B 276 -4.27 31.18 16.41
CA VAL B 276 -4.92 31.80 17.59
C VAL B 276 -5.30 33.23 17.21
N ILE B 277 -6.40 33.76 17.74
CA ILE B 277 -6.89 35.12 17.36
C ILE B 277 -6.89 36.00 18.60
N LEU B 278 -5.74 36.53 18.99
CA LEU B 278 -5.63 37.40 20.18
C LEU B 278 -6.27 38.76 19.88
N ASP B 279 -6.91 39.38 20.86
CA ASP B 279 -7.59 40.68 20.67
C ASP B 279 -7.41 41.56 21.91
N ASP B 280 -7.41 42.88 21.75
CA ASP B 280 -7.30 43.81 22.91
C ASP B 280 -6.00 43.61 23.67
N ASP B 281 -6.06 43.51 25.00
CA ASP B 281 -4.83 43.45 25.83
C ASP B 281 -3.86 42.38 25.37
N LEU B 282 -4.32 41.37 24.63
CA LEU B 282 -3.42 40.23 24.29
C LEU B 282 -2.74 40.46 22.94
N VAL B 283 -2.92 41.62 22.31
CA VAL B 283 -2.20 41.92 21.04
C VAL B 283 -0.74 42.26 21.35
N ASP B 284 0.19 41.83 20.50
CA ASP B 284 1.62 42.12 20.67
C ASP B 284 2.21 41.51 21.93
N LYS B 285 1.48 40.62 22.60
CA LYS B 285 2.07 39.90 23.73
C LYS B 285 3.07 38.86 23.27
N THR B 286 3.04 38.48 22.00
CA THR B 286 3.91 37.44 21.47
C THR B 286 4.58 37.92 20.19
N LYS B 287 5.78 37.40 19.95
CA LYS B 287 6.55 37.63 18.75
C LYS B 287 6.99 36.29 18.20
N PRO B 288 7.26 36.20 16.90
CA PRO B 288 7.67 34.91 16.33
C PRO B 288 8.92 34.36 17.01
N GLY B 289 8.95 33.04 17.16
CA GLY B 289 10.02 32.39 17.86
C GLY B 289 9.79 32.20 19.34
N ASP B 290 8.72 32.76 19.89
CA ASP B 290 8.43 32.63 21.31
C ASP B 290 7.74 31.31 21.59
N ARG B 291 8.29 30.55 22.53
CA ARG B 291 7.54 29.42 23.08
C ARG B 291 6.39 29.99 23.90
N VAL B 292 5.19 29.42 23.73
CA VAL B 292 3.98 30.02 24.27
C VAL B 292 3.05 28.92 24.73
N ASN B 293 2.08 29.29 25.57
CA ASN B 293 1.05 28.39 26.08
C ASN B 293 -0.27 29.15 26.06
N VAL B 294 -1.00 29.03 24.96
CA VAL B 294 -2.20 29.83 24.73
C VAL B 294 -3.42 29.09 25.26
N VAL B 295 -4.24 29.78 26.04
CA VAL B 295 -5.49 29.25 26.56
C VAL B 295 -6.63 29.94 25.83
N GLY B 296 -7.54 29.16 25.26
CA GLY B 296 -8.64 29.77 24.55
C GLY B 296 -9.67 28.75 24.16
N VAL B 297 -10.72 29.23 23.51
CA VAL B 297 -11.84 28.40 23.09
C VAL B 297 -11.59 27.94 21.66
N PHE B 298 -11.51 26.63 21.46
CA PHE B 298 -11.27 26.07 20.13
C PHE B 298 -12.56 26.16 19.33
N LYS B 299 -12.66 27.17 18.48
CA LYS B 299 -13.89 27.48 17.75
C LYS B 299 -13.75 27.12 16.29
N SER B 300 -14.90 26.97 15.62
CA SER B 300 -14.97 26.72 14.19
C SER B 300 -15.79 27.82 13.53
N LEU B 301 -15.56 28.08 12.25
CA LEU B 301 -16.43 29.07 11.57
C LEU B 301 -16.74 28.60 10.15
N GLY B 302 -17.75 29.21 9.52
CA GLY B 302 -18.02 28.91 8.10
C GLY B 302 -19.22 28.00 7.88
N ALA B 303 -19.54 27.74 6.61
CA ALA B 303 -20.61 26.78 6.28
C ALA B 303 -19.95 25.54 5.67
N GLY B 304 -18.65 25.61 5.39
CA GLY B 304 -17.91 24.45 4.87
C GLY B 304 -18.73 23.73 3.82
N GLY B 305 -18.75 24.24 2.60
CA GLY B 305 -19.65 23.65 1.59
C GLY B 305 -21.07 23.93 2.02
N MET B 306 -21.95 22.93 1.99
CA MET B 306 -23.34 23.12 2.47
C MET B 306 -23.82 24.50 2.02
N ASN B 307 -23.36 24.95 0.85
CA ASN B 307 -23.75 26.30 0.34
C ASN B 307 -24.13 26.18 -1.13
N GLN B 308 -24.54 24.98 -1.57
CA GLN B 308 -24.91 24.75 -2.99
C GLN B 308 -23.66 24.80 -3.86
N SER B 309 -22.86 25.86 -3.72
CA SER B 309 -21.61 26.00 -4.52
C SER B 309 -20.79 24.72 -4.36
N ASN B 310 -20.90 24.07 -3.20
CA ASN B 310 -20.15 22.82 -2.96
C ASN B 310 -21.14 21.70 -2.58
N SER B 311 -21.29 20.69 -3.44
CA SER B 311 -22.21 19.57 -3.16
C SER B 311 -21.40 18.33 -2.80
N ASN B 312 -20.45 17.94 -3.66
CA ASN B 312 -19.56 16.79 -3.37
C ASN B 312 -18.22 17.33 -2.88
N THR B 313 -17.92 18.61 -3.16
CA THR B 313 -16.67 19.18 -2.63
C THR B 313 -16.55 18.75 -1.18
N LEU B 314 -15.39 18.23 -0.76
CA LEU B 314 -15.25 17.69 0.61
C LEU B 314 -14.28 18.55 1.44
N ILE B 315 -14.39 19.88 1.40
CA ILE B 315 -13.52 20.70 2.29
C ILE B 315 -14.17 20.75 3.68
N GLY B 316 -13.41 21.13 4.71
CA GLY B 316 -13.98 21.23 6.04
C GLY B 316 -14.24 22.66 6.45
N PHE B 317 -14.33 22.86 7.76
CA PHE B 317 -14.57 24.16 8.35
C PHE B 317 -13.27 24.80 8.79
N LYS B 318 -13.28 26.13 8.89
CA LYS B 318 -12.11 26.87 9.36
C LYS B 318 -12.13 26.91 10.88
N THR B 319 -11.14 26.29 11.50
CA THR B 319 -11.07 26.17 12.95
C THR B 319 -9.91 26.98 13.50
N LEU B 320 -10.15 27.68 14.60
CA LEU B 320 -9.13 28.52 15.21
C LEU B 320 -9.46 28.72 16.68
N ILE B 321 -8.46 29.16 17.43
CA ILE B 321 -8.57 29.34 18.88
C ILE B 321 -8.76 30.82 19.17
N LEU B 322 -9.78 31.14 19.95
CA LEU B 322 -9.98 32.50 20.44
C LEU B 322 -9.23 32.65 21.75
N GLY B 323 -8.01 33.16 21.68
CA GLY B 323 -7.15 33.26 22.85
C GLY B 323 -7.73 34.08 23.98
N ASN B 324 -7.73 33.50 25.19
CA ASN B 324 -8.08 34.21 26.40
C ASN B 324 -6.87 34.57 27.25
N THR B 325 -5.79 33.80 27.16
CA THR B 325 -4.60 34.03 27.94
C THR B 325 -3.39 33.57 27.16
N VAL B 326 -2.27 34.27 27.35
CA VAL B 326 -1.00 33.90 26.77
C VAL B 326 0.01 33.76 27.90
N TYR B 327 0.51 32.54 28.10
CA TYR B 327 1.47 32.26 29.14
C TYR B 327 2.82 31.95 28.52
N PRO B 328 3.82 32.78 28.68
CA PRO B 328 5.08 32.59 27.94
C PRO B 328 6.07 31.69 28.67
N LEU B 329 5.82 30.39 28.65
CA LEU B 329 6.87 29.44 29.02
C LEU B 329 7.95 29.48 27.96
N HIS B 330 9.21 29.42 28.39
CA HIS B 330 10.31 29.59 27.46
C HIS B 330 11.58 28.97 28.06
N ALA B 331 12.72 29.31 27.47
CA ALA B 331 14.06 28.91 27.92
C ALA B 331 14.28 27.40 27.79
N ARG B 332 13.45 26.72 26.99
CA ARG B 332 13.54 25.29 26.74
C ARG B 332 13.40 24.44 27.99
N SER B 333 12.96 25.04 29.10
CA SER B 333 12.79 24.31 30.35
C SER B 333 11.39 23.74 30.53
N THR B 334 10.49 24.00 29.58
CA THR B 334 9.15 23.39 29.55
C THR B 334 8.37 23.67 30.83
N GLY B 335 8.07 24.95 31.04
CA GLY B 335 7.22 25.32 32.17
C GLY B 335 7.56 26.64 32.83
N VAL B 336 8.73 27.20 32.54
CA VAL B 336 9.12 28.47 33.13
C VAL B 336 9.36 29.47 32.00
N ALA B 337 9.25 30.75 32.34
CA ALA B 337 9.45 31.80 31.36
C ALA B 337 10.93 31.98 31.06
N ALA B 338 11.21 32.71 29.97
CA ALA B 338 12.59 33.08 29.67
C ALA B 338 13.17 33.94 30.77
N ARG B 339 12.40 34.91 31.25
CA ARG B 339 12.79 35.72 32.41
C ARG B 339 12.33 34.99 33.67
N GLN B 340 13.15 34.02 34.09
CA GLN B 340 12.83 33.21 35.24
C GLN B 340 12.70 34.08 36.49
N MET B 341 11.65 33.84 37.27
CA MET B 341 11.44 34.59 38.50
C MET B 341 12.56 34.30 39.49
N LEU B 342 13.01 35.35 40.17
CA LEU B 342 14.12 35.25 41.11
C LEU B 342 13.58 35.47 42.51
N THR B 343 13.56 34.40 43.31
CA THR B 343 13.18 34.52 44.70
C THR B 343 14.29 35.19 45.49
N ASP B 344 13.92 35.80 46.62
CA ASP B 344 14.90 36.47 47.46
C ASP B 344 15.95 35.49 47.96
N PHE B 345 15.55 34.25 48.23
CA PHE B 345 16.54 33.23 48.59
C PHE B 345 17.52 32.98 47.45
N ASP B 346 17.01 32.94 46.22
CA ASP B 346 17.88 32.72 45.07
C ASP B 346 18.86 33.88 44.90
N ILE B 347 18.39 35.11 45.06
CA ILE B 347 19.27 36.26 44.92
C ILE B 347 20.30 36.28 46.04
N ARG B 348 19.90 35.90 47.25
CA ARG B 348 20.86 35.80 48.35
C ARG B 348 21.93 34.77 48.05
N ASN B 349 21.52 33.61 47.52
CA ASN B 349 22.48 32.57 47.17
C ASN B 349 23.42 33.02 46.06
N ILE B 350 22.88 33.74 45.07
CA ILE B 350 23.70 34.24 43.98
C ILE B 350 24.75 35.22 44.51
N ASN B 351 24.32 36.14 45.37
CA ASN B 351 25.27 37.09 45.94
C ASN B 351 26.31 36.39 46.80
N LYS B 352 25.90 35.35 47.54
CA LYS B 352 26.85 34.59 48.33
C LYS B 352 27.90 33.92 47.45
N LEU B 353 27.47 33.32 46.33
CA LEU B 353 28.43 32.66 45.45
C LEU B 353 29.31 33.65 44.71
N SER B 354 28.82 34.85 44.47
CA SER B 354 29.63 35.84 43.77
C SER B 354 30.88 36.22 44.56
N LYS B 355 30.89 35.95 45.87
CA LYS B 355 32.03 36.28 46.70
C LYS B 355 33.16 35.26 46.64
N LYS B 356 32.93 34.11 46.01
CA LYS B 356 33.96 33.07 45.96
C LYS B 356 35.17 33.56 45.18
N LYS B 357 36.35 33.09 45.60
CA LYS B 357 37.58 33.51 44.93
C LYS B 357 37.65 32.99 43.50
N ASP B 358 37.03 31.85 43.23
CA ASP B 358 37.09 31.20 41.92
C ASP B 358 35.67 30.96 41.40
N ILE B 359 34.83 31.98 41.46
CA ILE B 359 33.47 31.85 40.94
C ILE B 359 33.50 31.63 39.44
N PHE B 360 34.44 32.27 38.75
CA PHE B 360 34.55 32.11 37.31
C PHE B 360 34.83 30.66 36.94
N ASP B 361 35.77 30.03 37.65
CA ASP B 361 36.10 28.64 37.37
C ASP B 361 34.92 27.73 37.64
N ILE B 362 34.20 27.96 38.73
CA ILE B 362 33.06 27.12 39.06
C ILE B 362 31.99 27.23 37.98
N LEU B 363 31.63 28.46 37.62
CA LEU B 363 30.59 28.66 36.61
C LEU B 363 31.01 28.09 35.26
N SER B 364 32.28 28.29 34.87
CA SER B 364 32.73 27.78 33.58
C SER B 364 32.72 26.25 33.56
N GLN B 365 33.33 25.62 34.56
CA GLN B 365 33.38 24.17 34.60
C GLN B 365 32.00 23.55 34.76
N SER B 366 31.03 24.31 35.25
CA SER B 366 29.68 23.80 35.42
C SER B 366 28.82 23.95 34.17
N LEU B 367 29.35 24.59 33.12
CA LEU B 367 28.54 24.81 31.91
C LEU B 367 28.13 23.50 31.26
N ALA B 368 29.10 22.77 30.70
CA ALA B 368 28.83 21.55 29.95
C ALA B 368 29.62 20.44 30.60
N PRO B 369 29.09 19.87 31.70
CA PRO B 369 29.85 18.84 32.42
C PRO B 369 30.12 17.60 31.59
N SER B 370 29.34 17.34 30.55
CA SER B 370 29.52 16.16 29.73
C SER B 370 30.62 16.32 28.71
N ILE B 371 31.14 17.53 28.50
CA ILE B 371 32.19 17.78 27.52
C ILE B 371 33.50 17.86 28.28
N TYR B 372 34.31 16.81 28.17
CA TYR B 372 35.61 16.81 28.84
C TYR B 372 36.54 17.80 28.17
N GLY B 373 37.33 18.49 29.00
CA GLY B 373 38.26 19.45 28.47
C GLY B 373 37.57 20.72 28.00
N HIS B 374 38.27 21.43 27.12
CA HIS B 374 37.76 22.69 26.56
C HIS B 374 37.41 23.69 27.66
N ASP B 375 38.26 23.79 28.66
CA ASP B 375 37.99 24.71 29.77
C ASP B 375 37.99 26.16 29.29
N HIS B 376 38.95 26.54 28.45
CA HIS B 376 39.02 27.92 27.99
C HIS B 376 37.86 28.26 27.08
N ILE B 377 37.43 27.31 26.25
CA ILE B 377 36.27 27.56 25.41
C ILE B 377 35.02 27.72 26.26
N LYS B 378 34.91 26.94 27.35
CA LYS B 378 33.78 27.11 28.25
C LYS B 378 33.81 28.47 28.94
N LYS B 379 35.01 28.92 29.35
CA LYS B 379 35.11 30.24 29.94
C LYS B 379 34.69 31.32 28.95
N ALA B 380 35.13 31.19 27.70
CA ALA B 380 34.75 32.17 26.69
C ALA B 380 33.25 32.14 26.43
N ILE B 381 32.65 30.95 26.42
CA ILE B 381 31.22 30.84 26.21
C ILE B 381 30.47 31.52 27.35
N LEU B 382 30.91 31.29 28.58
CA LEU B 382 30.26 31.94 29.72
C LEU B 382 30.41 33.46 29.63
N LEU B 383 31.58 33.94 29.25
CA LEU B 383 31.76 35.38 29.08
C LEU B 383 30.84 35.91 27.99
N MET B 384 30.62 35.11 26.94
CA MET B 384 29.71 35.51 25.87
C MET B 384 28.27 35.53 26.34
N LEU B 385 27.91 34.66 27.28
CA LEU B 385 26.52 34.60 27.76
C LEU B 385 26.12 35.91 28.44
N MET B 386 27.01 36.50 29.22
CA MET B 386 26.81 37.82 29.80
C MET B 386 27.78 38.76 29.09
N GLY B 387 27.36 39.31 27.96
CA GLY B 387 28.25 40.11 27.15
C GLY B 387 28.59 41.43 27.81
N GLY B 388 29.59 42.09 27.24
CA GLY B 388 30.02 43.37 27.76
C GLY B 388 28.96 44.44 27.59
N VAL B 389 29.17 45.55 28.30
CA VAL B 389 28.21 46.65 28.24
C VAL B 389 28.28 47.31 26.87
N GLU B 390 27.13 47.70 26.35
CA GLU B 390 27.01 48.31 25.04
C GLU B 390 26.99 49.83 25.17
N LYS B 391 27.84 50.50 24.40
CA LYS B 391 28.00 51.93 24.48
C LYS B 391 27.28 52.60 23.32
N ASN B 392 26.23 53.35 23.62
CA ASN B 392 25.52 54.15 22.63
C ASN B 392 26.07 55.56 22.67
N LEU B 393 27.23 55.73 22.04
CA LEU B 393 27.90 57.02 22.06
C LEU B 393 27.12 58.04 21.25
N GLU B 394 27.57 59.29 21.33
CA GLU B 394 26.95 60.39 20.60
C GLU B 394 27.36 60.30 19.14
N ASN B 395 26.98 61.31 18.35
CA ASN B 395 27.30 61.42 16.92
C ASN B 395 27.03 60.12 16.16
N GLY B 396 26.08 59.33 16.67
CA GLY B 396 25.71 58.08 16.03
C GLY B 396 26.62 56.91 16.30
N SER B 397 27.70 57.10 17.04
CA SER B 397 28.63 56.02 17.32
C SER B 397 27.96 54.98 18.21
N HIS B 398 28.31 53.71 17.99
CA HIS B 398 27.68 52.61 18.70
C HIS B 398 28.71 51.50 18.87
N LEU B 399 29.16 51.30 20.10
CA LEU B 399 30.14 50.27 20.42
C LEU B 399 29.39 49.04 20.93
N ARG B 400 29.43 47.96 20.16
CA ARG B 400 28.69 46.76 20.51
C ARG B 400 29.30 46.10 21.74
N GLY B 401 28.43 45.56 22.60
CA GLY B 401 28.85 44.84 23.79
C GLY B 401 28.73 43.35 23.71
N ASP B 402 28.50 42.79 22.53
CA ASP B 402 28.31 41.36 22.37
C ASP B 402 29.60 40.71 21.88
N ILE B 403 29.91 39.54 22.45
CA ILE B 403 31.14 38.82 22.14
C ILE B 403 30.82 37.73 21.13
N ASN B 404 31.62 37.66 20.08
CA ASN B 404 31.49 36.63 19.05
C ASN B 404 32.64 35.64 19.17
N ILE B 405 32.32 34.36 19.11
CA ILE B 405 33.30 33.29 19.25
C ILE B 405 33.24 32.42 18.01
N LEU B 406 34.39 32.11 17.43
CA LEU B 406 34.48 31.18 16.32
C LEU B 406 35.33 30.00 16.76
N MET B 407 34.84 28.79 16.50
CA MET B 407 35.55 27.57 16.87
C MET B 407 35.83 26.80 15.59
N VAL B 408 37.11 26.71 15.22
CA VAL B 408 37.54 25.96 14.05
C VAL B 408 38.49 24.88 14.51
N GLY B 409 38.26 23.65 14.08
CA GLY B 409 39.09 22.57 14.55
C GLY B 409 38.75 21.25 13.90
N ASP B 410 39.46 20.22 14.33
CA ASP B 410 39.35 18.89 13.77
C ASP B 410 37.98 18.30 14.04
N PRO B 411 37.56 17.31 13.24
CA PRO B 411 36.24 16.71 13.45
C PRO B 411 36.13 16.03 14.80
N SER B 412 34.92 16.04 15.35
CA SER B 412 34.60 15.37 16.61
C SER B 412 35.45 15.88 17.76
N THR B 413 35.44 17.20 17.93
CA THR B 413 36.04 17.84 19.10
C THR B 413 35.01 18.62 19.88
N ALA B 414 33.77 18.14 19.87
CA ALA B 414 32.66 18.78 20.58
C ALA B 414 32.45 20.22 20.15
N LYS B 415 32.76 20.51 18.89
CA LYS B 415 32.49 21.86 18.38
C LYS B 415 31.00 22.12 18.27
N SER B 416 30.23 21.10 17.90
CA SER B 416 28.79 21.27 17.73
C SER B 416 28.02 20.94 19.00
N GLN B 417 28.56 20.08 19.87
CA GLN B 417 27.89 19.85 21.14
C GLN B 417 27.93 21.10 22.02
N LEU B 418 29.00 21.89 21.95
CA LEU B 418 29.03 23.16 22.66
C LEU B 418 27.98 24.11 22.12
N LEU B 419 27.80 24.15 20.81
CA LEU B 419 26.75 24.98 20.22
C LEU B 419 25.37 24.52 20.67
N ARG B 420 25.14 23.21 20.69
CA ARG B 420 23.87 22.69 21.16
C ARG B 420 23.63 23.05 22.62
N PHE B 421 24.69 22.99 23.44
CA PHE B 421 24.55 23.39 24.82
C PHE B 421 24.20 24.86 24.96
N VAL B 422 24.85 25.72 24.16
CA VAL B 422 24.52 27.14 24.20
C VAL B 422 23.08 27.35 23.80
N LEU B 423 22.59 26.56 22.83
CA LEU B 423 21.18 26.61 22.47
C LEU B 423 20.30 26.26 23.66
N ASN B 424 20.64 25.19 24.37
CA ASN B 424 19.83 24.71 25.48
C ASN B 424 19.96 25.55 26.73
N THR B 425 20.94 26.46 26.80
CA THR B 425 21.19 27.23 28.01
C THR B 425 20.87 28.71 27.87
N ALA B 426 21.27 29.34 26.77
CA ALA B 426 21.02 30.77 26.62
C ALA B 426 19.54 31.06 26.64
N SER B 427 19.19 32.24 27.15
CA SER B 427 17.78 32.60 27.28
C SER B 427 17.10 32.67 25.91
N LEU B 428 17.80 33.20 24.91
CA LEU B 428 17.27 33.33 23.56
C LEU B 428 18.36 32.93 22.58
N ALA B 429 18.28 31.71 22.06
CA ALA B 429 19.25 31.18 21.12
C ALA B 429 18.52 30.65 19.89
N ILE B 430 19.07 30.90 18.71
CA ILE B 430 18.50 30.45 17.45
C ILE B 430 19.52 29.56 16.76
N ALA B 431 19.10 28.36 16.38
CA ALA B 431 19.99 27.42 15.72
C ALA B 431 20.03 27.69 14.23
N THR B 432 21.24 27.67 13.67
CA THR B 432 21.44 27.86 12.25
C THR B 432 22.54 26.92 11.78
N THR B 433 22.50 26.57 10.51
CA THR B 433 23.50 25.72 9.89
C THR B 433 23.95 26.37 8.59
N GLY B 434 25.18 26.09 8.19
CA GLY B 434 25.71 26.69 6.98
C GLY B 434 24.93 26.32 5.74
N ARG B 435 24.62 25.03 5.58
CA ARG B 435 23.94 24.57 4.38
C ARG B 435 22.48 25.01 4.37
N GLY B 436 21.79 24.83 5.49
CA GLY B 436 20.37 25.08 5.55
C GLY B 436 20.01 26.48 6.00
N SER B 437 20.55 27.50 5.32
CA SER B 437 20.20 28.88 5.64
C SER B 437 20.65 29.82 4.54
N SER B 438 19.75 30.69 4.09
CA SER B 438 20.04 31.68 3.07
C SER B 438 20.00 33.07 3.67
N GLY B 439 20.57 34.04 2.95
CA GLY B 439 20.62 35.40 3.46
C GLY B 439 19.25 35.97 3.74
N VAL B 440 18.29 35.68 2.87
CA VAL B 440 16.91 36.09 3.13
C VAL B 440 16.39 35.39 4.38
N GLY B 441 16.72 34.11 4.55
CA GLY B 441 16.30 33.39 5.73
C GLY B 441 17.06 33.77 6.99
N LEU B 442 18.16 34.51 6.84
CA LEU B 442 18.93 34.96 7.99
C LEU B 442 18.66 36.41 8.38
N THR B 443 18.15 37.23 7.46
CA THR B 443 17.88 38.62 7.77
C THR B 443 16.40 38.95 7.78
N ALA B 444 15.71 38.77 6.66
CA ALA B 444 14.29 39.13 6.56
C ALA B 444 13.75 38.66 5.23
N ALA B 445 12.52 38.17 5.24
CA ALA B 445 11.85 37.71 4.03
C ALA B 445 10.62 38.57 3.77
N VAL B 446 10.48 39.04 2.53
CA VAL B 446 9.35 39.89 2.17
C VAL B 446 8.22 38.97 1.74
N THR B 447 7.37 38.61 2.70
CA THR B 447 6.20 37.82 2.41
C THR B 447 4.96 38.71 2.42
N THR B 448 3.80 38.12 2.19
CA THR B 448 2.55 38.84 2.17
C THR B 448 1.67 38.42 3.34
N ASP B 449 1.11 39.40 4.03
CA ASP B 449 0.21 39.11 5.12
C ASP B 449 -1.09 38.55 4.58
N ARG B 450 -1.67 37.59 5.30
CA ARG B 450 -2.90 36.95 4.88
C ARG B 450 -4.13 37.51 5.59
N GLU B 451 -4.00 37.91 6.85
CA GLU B 451 -5.13 38.50 7.57
C GLU B 451 -5.51 39.86 6.99
N THR B 452 -4.51 40.66 6.61
CA THR B 452 -4.75 41.98 6.07
C THR B 452 -4.58 42.05 4.55
N GLY B 453 -3.69 41.22 3.99
CA GLY B 453 -3.47 41.22 2.56
C GLY B 453 -2.59 42.36 2.10
N GLU B 454 -1.34 42.38 2.57
CA GLU B 454 -0.40 43.41 2.17
C GLU B 454 1.01 42.89 2.36
N ARG B 455 1.97 43.56 1.72
CA ARG B 455 3.36 43.18 1.85
C ARG B 455 3.84 43.42 3.28
N ARG B 456 4.72 42.53 3.74
CA ARG B 456 5.20 42.59 5.12
C ARG B 456 6.56 41.92 5.19
N LEU B 457 7.33 42.30 6.19
CA LEU B 457 8.62 41.70 6.46
C LEU B 457 8.47 40.62 7.52
N GLU B 458 9.16 39.51 7.33
CA GLU B 458 9.21 38.43 8.31
C GLU B 458 10.63 38.32 8.83
N ALA B 459 10.79 38.41 10.15
CA ALA B 459 12.12 38.40 10.72
C ALA B 459 12.84 37.09 10.43
N GLY B 460 14.11 37.21 10.08
CA GLY B 460 14.92 36.04 9.79
C GLY B 460 15.49 35.40 11.03
N ALA B 461 16.29 34.38 10.81
CA ALA B 461 16.85 33.60 11.91
C ALA B 461 17.84 34.38 12.74
N MET B 462 18.26 35.55 12.30
CA MET B 462 19.30 36.30 13.01
C MET B 462 18.82 37.69 13.39
N VAL B 463 17.54 37.99 13.15
CA VAL B 463 16.86 39.16 13.72
C VAL B 463 15.97 38.68 14.85
N LEU B 464 15.43 37.46 14.71
CA LEU B 464 14.69 36.85 15.81
C LEU B 464 15.56 36.71 17.05
N ALA B 465 16.85 36.48 16.87
CA ALA B 465 17.79 36.34 17.97
C ALA B 465 18.29 37.66 18.48
N ASP B 466 17.57 38.75 18.25
CA ASP B 466 17.96 40.05 18.78
C ASP B 466 18.10 39.98 20.29
N ARG B 467 19.19 40.55 20.80
CA ARG B 467 19.56 40.50 22.21
C ARG B 467 19.80 39.07 22.69
N GLY B 468 20.06 38.15 21.77
CA GLY B 468 20.33 36.77 22.09
C GLY B 468 21.62 36.31 21.44
N VAL B 469 21.68 35.01 21.15
CA VAL B 469 22.84 34.42 20.49
C VAL B 469 22.36 33.64 19.27
N VAL B 470 23.27 33.47 18.31
CA VAL B 470 23.01 32.68 17.11
C VAL B 470 24.10 31.63 17.03
N CYS B 471 23.69 30.37 16.97
CA CYS B 471 24.63 29.25 16.93
C CYS B 471 24.71 28.75 15.50
N ILE B 472 25.66 29.28 14.74
CA ILE B 472 25.83 28.92 13.34
C ILE B 472 26.79 27.74 13.27
N ASP B 473 26.23 26.54 13.10
CA ASP B 473 27.04 25.35 12.93
C ASP B 473 27.43 25.21 11.46
N GLU B 474 28.57 24.57 11.24
CA GLU B 474 29.12 24.40 9.89
C GLU B 474 29.22 25.75 9.19
N PHE B 475 29.99 26.64 9.80
CA PHE B 475 30.03 28.04 9.38
C PHE B 475 30.61 28.18 7.98
N ASP B 476 31.67 27.43 7.68
CA ASP B 476 32.38 27.62 6.41
C ASP B 476 31.58 27.14 5.21
N LYS B 477 30.54 26.34 5.42
CA LYS B 477 29.75 25.83 4.31
C LYS B 477 28.77 26.86 3.76
N MET B 478 28.64 28.01 4.41
CA MET B 478 27.73 29.04 3.89
C MET B 478 28.20 29.54 2.54
N THR B 479 27.27 29.69 1.61
CA THR B 479 27.60 30.25 0.32
C THR B 479 27.96 31.72 0.46
N ASP B 480 28.80 32.20 -0.46
CA ASP B 480 29.29 33.57 -0.37
C ASP B 480 28.15 34.59 -0.46
N VAL B 481 27.16 34.32 -1.31
CA VAL B 481 26.02 35.22 -1.42
C VAL B 481 25.24 35.27 -0.12
N ASP B 482 25.27 34.20 0.66
CA ASP B 482 24.57 34.16 1.95
C ASP B 482 25.47 34.54 3.11
N ARG B 483 26.74 34.87 2.85
CA ARG B 483 27.66 35.25 3.92
C ARG B 483 27.81 36.74 4.09
N VAL B 484 27.41 37.54 3.09
CA VAL B 484 27.50 38.98 3.22
C VAL B 484 26.55 39.49 4.30
N ALA B 485 25.41 38.81 4.48
CA ALA B 485 24.43 39.26 5.45
C ALA B 485 24.98 39.18 6.88
N ILE B 486 25.55 38.04 7.24
CA ILE B 486 26.11 37.90 8.58
C ILE B 486 27.31 38.82 8.75
N HIS B 487 28.04 39.09 7.67
CA HIS B 487 29.13 40.06 7.74
C HIS B 487 28.58 41.43 8.14
N GLU B 488 27.50 41.86 7.49
CA GLU B 488 26.90 43.15 7.82
C GLU B 488 26.40 43.17 9.26
N VAL B 489 25.77 42.08 9.70
CA VAL B 489 25.21 42.06 11.05
C VAL B 489 26.32 42.12 12.09
N MET B 490 27.35 41.28 11.95
CA MET B 490 28.44 41.36 12.91
C MET B 490 29.19 42.68 12.80
N GLU B 491 29.10 43.37 11.67
CA GLU B 491 29.74 44.68 11.55
C GLU B 491 28.98 45.75 12.32
N GLN B 492 27.72 45.99 11.94
CA GLN B 492 26.97 47.12 12.49
C GLN B 492 25.72 46.71 13.24
N GLN B 493 25.43 45.42 13.36
CA GLN B 493 24.36 44.88 14.20
C GLN B 493 22.97 45.34 13.77
N THR B 494 22.82 45.79 12.53
CA THR B 494 21.51 46.06 11.96
C THR B 494 21.48 45.56 10.52
N VAL B 495 20.41 44.90 10.15
CA VAL B 495 20.20 44.51 8.77
C VAL B 495 19.42 45.63 8.09
N THR B 496 19.64 45.79 6.79
CA THR B 496 18.91 46.77 6.00
C THR B 496 18.23 46.06 4.84
N ILE B 497 17.00 46.47 4.56
CA ILE B 497 16.17 45.84 3.54
C ILE B 497 15.82 46.89 2.49
N ALA B 498 16.04 46.58 1.23
CA ALA B 498 15.77 47.51 0.14
C ALA B 498 15.11 46.79 -1.03
N LYS B 499 14.13 45.95 -0.75
CA LYS B 499 13.45 45.19 -1.79
C LYS B 499 11.94 45.36 -1.65
N ALA B 500 11.25 45.16 -2.77
CA ALA B 500 9.79 45.24 -2.83
C ALA B 500 9.27 46.57 -2.30
N GLY B 501 9.98 47.65 -2.60
CA GLY B 501 9.57 48.96 -2.15
C GLY B 501 9.53 49.10 -0.65
N ILE B 502 10.43 48.43 0.06
CA ILE B 502 10.50 48.49 1.52
C ILE B 502 11.90 48.96 1.91
N HIS B 503 11.96 49.99 2.74
CA HIS B 503 13.24 50.57 3.18
C HIS B 503 13.18 50.67 4.71
N THR B 504 13.58 49.59 5.38
CA THR B 504 13.63 49.56 6.82
C THR B 504 15.05 49.20 7.28
N THR B 505 15.25 49.20 8.59
CA THR B 505 16.52 48.83 9.19
C THR B 505 16.20 48.04 10.46
N LEU B 506 16.10 46.72 10.33
CA LEU B 506 15.81 45.89 11.48
C LEU B 506 17.02 45.82 12.39
N ASN B 507 16.77 45.60 13.68
CA ASN B 507 17.81 45.52 14.68
C ASN B 507 18.18 44.07 14.91
N ALA B 508 19.45 43.74 14.76
CA ALA B 508 19.96 42.40 15.06
C ALA B 508 21.18 42.58 15.96
N ARG B 509 20.93 42.72 17.26
CA ARG B 509 21.99 42.88 18.25
C ARG B 509 22.31 41.53 18.89
N CYS B 510 22.70 40.58 18.06
CA CYS B 510 22.95 39.21 18.48
C CYS B 510 24.46 38.95 18.54
N SER B 511 24.84 38.05 19.43
CA SER B 511 26.22 37.61 19.54
C SER B 511 26.34 36.23 18.91
N VAL B 512 27.19 36.11 17.89
CA VAL B 512 27.27 34.89 17.09
C VAL B 512 28.36 33.99 17.64
N ILE B 513 28.01 32.74 17.90
CA ILE B 513 29.00 31.69 18.15
C ILE B 513 28.89 30.69 17.00
N ALA B 514 30.01 30.48 16.31
CA ALA B 514 30.01 29.68 15.10
C ALA B 514 31.06 28.59 15.20
N ALA B 515 30.76 27.44 14.61
CA ALA B 515 31.69 26.33 14.51
C ALA B 515 32.04 26.11 13.05
N ALA B 516 33.32 26.01 12.76
CA ALA B 516 33.78 25.86 11.39
C ALA B 516 34.77 24.70 11.31
N ASN B 517 35.00 24.23 10.10
CA ASN B 517 35.98 23.20 9.86
C ASN B 517 37.13 23.76 9.04
N PRO B 518 38.34 23.19 9.16
CA PRO B 518 39.44 23.63 8.33
C PRO B 518 39.16 23.38 6.86
N VAL B 519 39.97 24.01 6.00
CA VAL B 519 39.78 23.86 4.56
C VAL B 519 39.93 22.40 4.16
N PHE B 520 40.96 21.75 4.67
CA PHE B 520 41.13 20.31 4.46
C PHE B 520 40.29 19.57 5.48
N GLY B 521 40.46 18.26 5.57
CA GLY B 521 39.70 17.49 6.55
C GLY B 521 40.01 17.90 7.98
N GLN B 522 41.29 18.03 8.29
CA GLN B 522 41.74 18.34 9.64
C GLN B 522 42.72 19.50 9.60
N TYR B 523 42.86 20.15 10.75
CA TYR B 523 43.75 21.30 10.84
C TYR B 523 45.19 20.89 10.56
N ASP B 524 45.88 21.72 9.79
CA ASP B 524 47.26 21.47 9.39
C ASP B 524 48.15 22.48 10.10
N VAL B 525 48.97 21.99 11.04
CA VAL B 525 49.86 22.87 11.79
C VAL B 525 51.04 23.36 10.96
N ASN B 526 51.26 22.79 9.78
CA ASN B 526 52.35 23.20 8.91
C ASN B 526 52.01 24.41 8.06
N ARG B 527 50.80 24.95 8.18
CA ARG B 527 50.37 26.11 7.42
C ARG B 527 49.87 27.19 8.37
N ASP B 528 49.90 28.43 7.89
CA ASP B 528 49.46 29.54 8.69
C ASP B 528 47.95 29.45 8.92
N PRO B 529 47.45 30.03 10.02
CA PRO B 529 46.01 29.97 10.29
C PRO B 529 45.21 30.93 9.43
N HIS B 530 45.54 30.97 8.14
CA HIS B 530 44.75 31.69 7.15
C HIS B 530 44.28 30.77 6.04
N GLN B 531 45.17 29.95 5.48
CA GLN B 531 44.79 28.98 4.47
C GLN B 531 44.13 27.74 5.07
N ASN B 532 44.15 27.58 6.40
CA ASN B 532 43.40 26.51 7.03
C ASN B 532 41.91 26.82 7.11
N ILE B 533 41.56 28.10 7.24
CA ILE B 533 40.16 28.51 7.36
C ILE B 533 39.70 29.09 6.03
N ALA B 534 38.55 28.63 5.55
CA ALA B 534 38.03 29.01 4.24
C ALA B 534 37.18 30.28 4.29
N LEU B 535 37.41 31.15 5.28
CA LEU B 535 36.63 32.35 5.42
C LEU B 535 37.50 33.59 5.21
N PRO B 536 36.94 34.66 4.66
CA PRO B 536 37.73 35.87 4.44
C PRO B 536 38.18 36.48 5.76
N ASP B 537 39.35 37.11 5.74
CA ASP B 537 39.83 37.76 6.95
C ASP B 537 38.93 38.92 7.35
N SER B 538 38.28 39.55 6.37
CA SER B 538 37.32 40.60 6.66
C SER B 538 36.12 40.09 7.45
N LEU B 539 35.92 38.77 7.49
CA LEU B 539 34.89 38.16 8.34
C LEU B 539 35.44 37.60 9.63
N LEU B 540 36.64 37.02 9.60
CA LEU B 540 37.26 36.54 10.83
C LEU B 540 37.62 37.69 11.76
N SER B 541 37.76 38.91 11.25
CA SER B 541 38.09 40.03 12.10
C SER B 541 36.95 40.44 13.01
N ARG B 542 35.73 40.03 12.70
CA ARG B 542 34.57 40.37 13.52
C ARG B 542 34.34 39.41 14.67
N PHE B 543 35.15 38.37 14.80
CA PHE B 543 35.03 37.40 15.87
C PHE B 543 35.99 37.77 16.99
N ASP B 544 35.46 37.96 18.19
CA ASP B 544 36.31 38.36 19.32
C ASP B 544 37.35 37.31 19.62
N LEU B 545 36.95 36.04 19.65
CA LEU B 545 37.87 34.95 19.94
C LEU B 545 37.75 33.88 18.86
N LEU B 546 38.88 33.48 18.30
CA LEU B 546 38.95 32.44 17.28
C LEU B 546 39.71 31.28 17.89
N PHE B 547 38.97 30.31 18.43
CA PHE B 547 39.56 29.17 19.09
C PHE B 547 39.86 28.08 18.07
N VAL B 548 41.10 27.62 18.05
CA VAL B 548 41.53 26.53 17.18
C VAL B 548 41.66 25.27 18.04
N VAL B 549 40.90 24.24 17.70
CA VAL B 549 40.86 23.00 18.44
C VAL B 549 41.57 21.94 17.62
N THR B 550 42.43 21.16 18.26
CA THR B 550 43.17 20.11 17.57
C THR B 550 42.95 18.79 18.27
N ASP B 551 42.61 17.76 17.50
CA ASP B 551 42.42 16.41 18.05
C ASP B 551 43.73 15.64 18.06
N ASP B 552 44.69 16.16 18.83
CA ASP B 552 45.99 15.52 18.93
C ASP B 552 45.85 14.16 19.58
N ILE B 553 46.54 13.17 19.02
CA ILE B 553 46.45 11.79 19.49
C ILE B 553 47.47 11.60 20.60
N ASN B 554 47.00 11.54 21.84
CA ASN B 554 47.82 11.27 22.99
C ASN B 554 47.44 9.89 23.55
N GLU B 555 48.03 9.54 24.68
CA GLU B 555 47.70 8.30 25.35
C GLU B 555 47.03 8.51 26.70
N ILE B 556 47.56 9.42 27.52
CA ILE B 556 46.91 9.74 28.79
C ILE B 556 45.60 10.48 28.54
N ARG B 557 45.64 11.47 27.65
CA ARG B 557 44.43 12.24 27.36
C ARG B 557 43.37 11.36 26.72
N ASP B 558 43.79 10.44 25.85
CA ASP B 558 42.82 9.52 25.24
C ASP B 558 42.16 8.65 26.29
N ARG B 559 42.92 8.16 27.26
CA ARG B 559 42.34 7.38 28.34
C ARG B 559 41.35 8.21 29.16
N SER B 560 41.71 9.44 29.47
CA SER B 560 40.82 10.30 30.25
C SER B 560 39.52 10.56 29.50
N ILE B 561 39.63 10.90 28.20
CA ILE B 561 38.44 11.18 27.41
C ILE B 561 37.58 9.94 27.28
N SER B 562 38.19 8.78 27.04
CA SER B 562 37.42 7.56 26.90
C SER B 562 36.68 7.22 28.19
N GLU B 563 37.36 7.36 29.33
CA GLU B 563 36.69 7.10 30.61
C GLU B 563 35.54 8.07 30.81
N HIS B 564 35.73 9.35 30.51
CA HIS B 564 34.67 10.32 30.69
C HIS B 564 33.48 10.02 29.79
N VAL B 565 33.74 9.69 28.53
CA VAL B 565 32.66 9.43 27.59
C VAL B 565 31.90 8.17 27.99
N LEU B 566 32.62 7.15 28.46
CA LEU B 566 31.94 5.93 28.90
C LEU B 566 31.14 6.17 30.16
N ARG B 567 31.62 7.04 31.06
CA ARG B 567 30.81 7.41 32.22
C ARG B 567 29.55 8.13 31.78
N THR B 568 29.67 9.00 30.79
CA THR B 568 28.50 9.70 30.27
C THR B 568 27.50 8.75 29.66
N HIS B 569 27.97 7.76 28.90
CA HIS B 569 27.08 6.84 28.20
C HIS B 569 26.41 5.84 29.12
N ARG B 570 26.86 5.74 30.37
CA ARG B 570 26.23 4.85 31.34
C ARG B 570 25.20 5.57 32.19
N TYR B 571 24.95 6.84 31.93
CA TYR B 571 24.00 7.60 32.74
C TYR B 571 22.60 7.05 32.57
N LEU B 572 21.90 6.93 33.70
CA LEU B 572 20.53 6.44 33.73
C LEU B 572 19.63 7.49 34.36
N PRO B 573 18.52 7.83 33.74
CA PRO B 573 17.63 8.84 34.31
C PRO B 573 17.03 8.36 35.61
N PRO B 574 16.61 9.27 36.49
CA PRO B 574 16.10 8.86 37.80
C PRO B 574 14.95 7.89 37.73
N GLY B 575 13.89 8.26 37.02
CA GLY B 575 12.72 7.41 36.94
C GLY B 575 12.74 6.43 35.78
N TYR B 576 13.75 5.58 35.73
CA TYR B 576 13.87 4.62 34.65
C TYR B 576 14.64 3.40 35.13
N LEU B 577 14.24 2.23 34.61
CA LEU B 577 14.94 1.00 34.92
C LEU B 577 16.10 0.79 33.94
N GLU B 578 17.01 -0.09 34.32
CA GLU B 578 18.11 -0.43 33.43
C GLU B 578 17.58 -1.16 32.21
N GLY B 579 18.14 -0.85 31.05
CA GLY B 579 17.71 -1.49 29.81
C GLY B 579 16.28 -1.16 29.43
N GLU B 580 15.83 0.06 29.72
CA GLU B 580 14.51 0.51 29.34
C GLU B 580 14.64 1.75 28.46
N PRO B 581 14.01 1.77 27.28
CA PRO B 581 14.19 2.90 26.38
C PRO B 581 13.72 4.19 27.02
N VAL B 582 14.42 5.28 26.70
CA VAL B 582 14.10 6.57 27.31
C VAL B 582 12.98 7.22 26.51
N ARG B 583 11.75 6.83 26.81
CA ARG B 583 10.60 7.45 26.17
C ARG B 583 10.42 8.86 26.73
N GLU B 584 9.91 9.74 25.88
CA GLU B 584 9.65 11.12 26.26
C GLU B 584 8.17 11.43 26.05
N ARG B 585 7.55 11.97 27.10
CA ARG B 585 6.17 12.44 27.03
C ARG B 585 6.05 13.94 27.20
N LEU B 586 6.93 14.53 28.00
CA LEU B 586 6.96 15.98 28.24
C LEU B 586 5.64 16.50 28.77
N ASN B 587 4.80 15.64 29.33
CA ASN B 587 3.53 16.05 29.90
C ASN B 587 3.73 16.58 31.31
N LEU B 588 4.66 17.53 31.45
CA LEU B 588 4.90 18.19 32.72
C LEU B 588 3.85 19.25 33.03
N SER B 589 2.92 19.48 32.10
CA SER B 589 1.89 20.50 32.25
C SER B 589 0.82 20.01 33.22
N LEU B 590 1.22 19.86 34.49
CA LEU B 590 0.26 19.60 35.54
C LEU B 590 -0.57 20.84 35.85
N ALA B 591 -0.10 22.01 35.44
CA ALA B 591 -0.81 23.26 35.69
C ALA B 591 -0.41 24.27 34.64
N VAL B 592 -1.39 25.03 34.15
CA VAL B 592 -1.16 26.10 33.18
C VAL B 592 -1.17 27.43 33.93
N GLY B 593 -0.12 28.20 33.75
CA GLY B 593 0.04 29.46 34.45
C GLY B 593 1.18 29.37 35.45
N GLU B 594 1.20 30.35 36.36
CA GLU B 594 2.25 30.42 37.35
C GLU B 594 2.15 29.33 38.41
N ASP B 595 1.05 28.58 38.42
CA ASP B 595 0.87 27.49 39.38
C ASP B 595 1.82 26.34 39.09
N THR B 645 31.99 31.72 50.97
CA THR B 645 31.13 30.93 51.84
C THR B 645 30.84 29.57 51.23
N GLU B 646 29.65 29.42 50.66
CA GLU B 646 29.26 28.16 50.04
C GLU B 646 30.20 27.84 48.88
N ILE B 647 30.69 26.60 48.83
CA ILE B 647 31.67 26.21 47.82
C ILE B 647 31.20 24.93 47.14
N PRO B 648 30.30 25.00 46.17
CA PRO B 648 29.95 23.81 45.39
C PRO B 648 30.82 23.68 44.15
N LYS B 649 31.21 22.45 43.84
CA LYS B 649 32.07 22.21 42.69
C LYS B 649 31.34 22.51 41.38
N LEU B 650 30.15 21.96 41.21
CA LEU B 650 29.36 22.16 40.00
C LEU B 650 27.98 22.68 40.39
N VAL B 651 27.60 23.81 39.82
CA VAL B 651 26.27 24.38 40.06
C VAL B 651 25.33 23.84 39.00
N THR B 652 24.06 23.68 39.38
CA THR B 652 23.08 23.12 38.46
C THR B 652 22.79 24.09 37.31
N ILE B 653 22.40 23.53 36.18
CA ILE B 653 22.13 24.36 34.99
C ILE B 653 21.01 25.36 35.23
N PRO B 654 19.88 25.00 35.84
CA PRO B 654 18.87 26.03 36.12
C PRO B 654 19.39 27.15 36.99
N PHE B 655 20.21 26.83 38.00
CA PHE B 655 20.77 27.89 38.82
C PHE B 655 21.76 28.73 38.03
N LEU B 656 22.52 28.10 37.12
CA LEU B 656 23.43 28.85 36.28
C LEU B 656 22.66 29.82 35.39
N ARG B 657 21.54 29.38 34.84
CA ARG B 657 20.72 30.27 34.02
C ARG B 657 20.15 31.41 34.85
N LYS B 658 19.72 31.12 36.08
CA LYS B 658 19.27 32.20 36.97
C LYS B 658 20.39 33.19 37.23
N TYR B 659 21.60 32.69 37.48
CA TYR B 659 22.74 33.58 37.74
C TYR B 659 23.03 34.44 36.53
N VAL B 660 23.00 33.85 35.33
CA VAL B 660 23.29 34.63 34.13
C VAL B 660 22.24 35.71 33.92
N GLN B 661 20.97 35.36 34.12
CA GLN B 661 19.91 36.35 33.97
C GLN B 661 20.06 37.48 34.98
N TYR B 662 20.35 37.14 36.23
CA TYR B 662 20.53 38.16 37.26
C TYR B 662 21.71 39.07 36.95
N ALA B 663 22.84 38.49 36.51
CA ALA B 663 24.00 39.29 36.19
C ALA B 663 23.73 40.22 35.01
N LYS B 664 23.05 39.71 33.97
CA LYS B 664 22.75 40.56 32.82
C LYS B 664 21.81 41.70 33.22
N GLU B 665 20.78 41.40 34.01
CA GLU B 665 19.79 42.43 34.32
C GLU B 665 20.33 43.47 35.29
N ARG B 666 21.00 43.02 36.35
CA ARG B 666 21.29 43.92 37.48
C ARG B 666 22.53 44.77 37.24
N VAL B 667 23.69 44.12 37.12
CA VAL B 667 24.96 44.83 37.19
C VAL B 667 25.34 45.36 35.81
N ILE B 668 25.79 46.61 35.77
CA ILE B 668 26.29 47.25 34.55
C ILE B 668 27.69 47.77 34.84
N PRO B 669 28.73 46.97 34.61
CA PRO B 669 30.08 47.37 35.03
C PRO B 669 30.56 48.63 34.34
N GLN B 670 31.38 49.40 35.04
CA GLN B 670 31.99 50.62 34.52
C GLN B 670 33.51 50.45 34.54
N LEU B 671 34.16 50.88 33.47
CA LEU B 671 35.59 50.68 33.34
C LEU B 671 36.36 51.54 34.34
N THR B 672 37.56 51.09 34.70
CA THR B 672 38.36 51.73 35.73
C THR B 672 39.80 51.86 35.26
N GLN B 673 40.46 52.91 35.74
CA GLN B 673 41.82 53.21 35.31
C GLN B 673 42.79 52.07 35.65
N GLU B 674 42.63 51.48 36.84
CA GLU B 674 43.53 50.39 37.23
C GLU B 674 43.43 49.21 36.28
N ALA B 675 42.24 48.94 35.74
CA ALA B 675 42.08 47.90 34.74
C ALA B 675 42.59 48.36 33.38
N ILE B 676 42.46 49.65 33.08
CA ILE B 676 42.94 50.16 31.80
C ILE B 676 44.45 50.06 31.70
N ASN B 677 45.15 50.26 32.81
CA ASN B 677 46.60 50.06 32.76
C ASN B 677 46.95 48.64 32.29
N VAL B 678 46.31 47.63 32.87
CA VAL B 678 46.54 46.26 32.46
C VAL B 678 46.15 46.05 31.01
N ILE B 679 45.00 46.61 30.60
CA ILE B 679 44.50 46.41 29.25
C ILE B 679 45.47 46.99 28.23
N VAL B 680 45.93 48.23 28.45
CA VAL B 680 46.82 48.86 27.49
C VAL B 680 48.18 48.19 27.49
N LYS B 681 48.67 47.78 28.66
CA LYS B 681 49.94 47.06 28.69
C LYS B 681 49.86 45.77 27.90
N ASN B 682 48.79 44.99 28.10
CA ASN B 682 48.65 43.73 27.39
C ASN B 682 48.45 43.95 25.89
N TYR B 683 47.68 44.97 25.52
CA TYR B 683 47.47 45.23 24.10
C TYR B 683 48.76 45.64 23.42
N THR B 684 49.55 46.50 24.07
CA THR B 684 50.85 46.89 23.51
C THR B 684 51.77 45.68 23.39
N ASP B 685 51.80 44.84 24.43
CA ASP B 685 52.65 43.65 24.38
C ASP B 685 52.24 42.71 23.27
N LEU B 686 50.93 42.49 23.10
CA LEU B 686 50.45 41.60 22.05
C LEU B 686 50.75 42.16 20.67
N ARG B 687 50.60 43.48 20.50
CA ARG B 687 50.73 44.08 19.18
C ARG B 687 52.14 43.95 18.65
N ASN B 688 53.12 44.55 19.34
CA ASN B 688 54.48 44.63 18.84
C ASN B 688 55.36 43.56 19.48
N ASP B 689 55.02 42.31 19.20
CA ASP B 689 55.80 41.17 19.67
C ASP B 689 56.14 40.27 18.49
N ASP B 690 57.34 39.68 18.55
CA ASP B 690 57.82 38.84 17.45
C ASP B 690 56.93 37.62 17.25
N ASN B 691 56.56 36.95 18.35
CA ASN B 691 55.75 35.74 18.24
C ASN B 691 54.36 36.02 17.69
N THR B 692 53.89 37.25 17.80
CA THR B 692 52.56 37.63 17.34
C THR B 692 52.55 38.14 15.90
N LYS B 693 53.66 37.95 15.17
CA LYS B 693 53.69 38.38 13.77
C LYS B 693 52.68 37.62 12.94
N LYS B 694 52.55 36.31 13.19
CA LYS B 694 51.54 35.52 12.48
C LYS B 694 50.12 35.92 12.88
N SER B 695 49.96 36.49 14.07
CA SER B 695 48.64 36.85 14.56
C SER B 695 48.09 38.05 13.79
N PRO B 696 46.76 38.14 13.65
CA PRO B 696 46.17 39.26 12.91
C PRO B 696 45.90 40.49 13.77
N ILE B 697 46.58 40.59 14.92
CA ILE B 697 46.31 41.62 15.92
C ILE B 697 46.14 42.99 15.29
N THR B 698 45.02 43.64 15.60
CA THR B 698 44.73 44.99 15.14
C THR B 698 44.09 45.75 16.31
N ALA B 699 43.53 46.92 16.02
CA ALA B 699 42.89 47.71 17.05
C ALA B 699 41.60 47.08 17.56
N ARG B 700 41.10 46.04 16.90
CA ARG B 700 39.88 45.39 17.36
C ARG B 700 40.14 44.54 18.60
N THR B 701 41.37 44.05 18.75
CA THR B 701 41.68 43.26 19.94
C THR B 701 41.60 44.08 21.21
N LEU B 702 41.82 45.39 21.11
CA LEU B 702 41.64 46.24 22.28
C LEU B 702 40.17 46.29 22.71
N GLU B 703 39.26 46.43 21.75
CA GLU B 703 37.84 46.40 22.06
C GLU B 703 37.44 45.03 22.59
N THR B 704 38.03 43.97 22.04
CA THR B 704 37.77 42.63 22.56
C THR B 704 38.22 42.51 24.01
N LEU B 705 39.38 43.06 24.33
CA LEU B 705 39.86 43.04 25.71
C LEU B 705 38.90 43.77 26.64
N ILE B 706 38.44 44.95 26.21
CA ILE B 706 37.50 45.70 27.04
C ILE B 706 36.21 44.91 27.24
N ARG B 707 35.69 44.30 26.18
CA ARG B 707 34.45 43.55 26.29
C ARG B 707 34.59 42.34 27.19
N LEU B 708 35.70 41.61 27.05
CA LEU B 708 35.93 40.45 27.90
C LEU B 708 36.09 40.85 29.36
N ALA B 709 36.80 41.95 29.61
CA ALA B 709 36.95 42.42 30.98
C ALA B 709 35.60 42.82 31.57
N THR B 710 34.77 43.50 30.81
CA THR B 710 33.46 43.88 31.31
C THR B 710 32.59 42.66 31.57
N ALA B 711 32.68 41.65 30.70
CA ALA B 711 31.93 40.42 30.93
C ALA B 711 32.39 39.74 32.20
N HIS B 712 33.70 39.68 32.44
CA HIS B 712 34.18 39.06 33.67
C HIS B 712 33.77 39.87 34.89
N ALA B 713 33.70 41.20 34.76
CA ALA B 713 33.16 42.01 35.84
C ALA B 713 31.72 41.65 36.12
N LYS B 714 30.93 41.42 35.07
CA LYS B 714 29.58 40.93 35.26
C LYS B 714 29.56 39.58 35.98
N VAL B 715 30.54 38.72 35.71
CA VAL B 715 30.60 37.43 36.40
C VAL B 715 30.78 37.62 37.89
N ARG B 716 31.69 38.50 38.29
CA ARG B 716 31.94 38.78 39.70
C ARG B 716 30.83 39.59 40.35
N LEU B 717 29.85 40.05 39.56
CA LEU B 717 28.77 40.93 40.01
C LEU B 717 29.29 42.28 40.50
N SER B 718 30.56 42.57 40.26
CA SER B 718 31.11 43.87 40.61
C SER B 718 30.57 44.94 39.67
N LYS B 719 30.21 46.09 40.23
CA LYS B 719 29.72 47.20 39.44
C LYS B 719 30.85 47.98 38.77
N THR B 720 32.10 47.55 38.91
CA THR B 720 33.22 48.20 38.27
C THR B 720 34.25 47.15 37.89
N VAL B 721 35.03 47.45 36.87
CA VAL B 721 36.09 46.56 36.41
C VAL B 721 37.34 46.78 37.26
N ASN B 722 38.07 45.70 37.52
CA ASN B 722 39.23 45.74 38.38
C ASN B 722 40.44 45.19 37.63
N LYS B 723 41.56 45.10 38.36
CA LYS B 723 42.78 44.57 37.76
C LYS B 723 42.64 43.10 37.42
N VAL B 724 41.95 42.33 38.27
CA VAL B 724 41.81 40.90 38.04
C VAL B 724 40.98 40.64 36.79
N ASP B 725 39.95 41.45 36.55
CA ASP B 725 39.12 41.27 35.37
C ASP B 725 39.92 41.46 34.10
N ALA B 726 40.68 42.55 34.02
CA ALA B 726 41.52 42.79 32.86
C ALA B 726 42.59 41.72 32.71
N LYS B 727 43.16 41.25 33.82
CA LYS B 727 44.17 40.19 33.73
C LYS B 727 43.57 38.92 33.17
N VAL B 728 42.38 38.54 33.63
CA VAL B 728 41.75 37.32 33.13
C VAL B 728 41.37 37.47 31.66
N ALA B 729 40.85 38.64 31.27
CA ALA B 729 40.52 38.85 29.86
C ALA B 729 41.76 38.76 29.00
N ALA B 730 42.87 39.36 29.43
CA ALA B 730 44.10 39.29 28.67
C ALA B 730 44.62 37.88 28.57
N ASN B 731 44.55 37.12 29.68
CA ASN B 731 44.99 35.73 29.64
C ASN B 731 44.15 34.90 28.67
N LEU B 732 42.84 35.11 28.69
CA LEU B 732 41.96 34.35 27.79
C LEU B 732 42.24 34.71 26.33
N LEU B 733 42.39 36.00 26.02
CA LEU B 733 42.69 36.39 24.65
C LEU B 733 44.04 35.87 24.21
N ARG B 734 45.03 35.89 25.11
CA ARG B 734 46.35 35.36 24.79
C ARG B 734 46.29 33.87 24.49
N PHE B 735 45.49 33.12 25.27
CA PHE B 735 45.31 31.71 24.97
C PHE B 735 44.62 31.52 23.62
N ALA B 736 43.64 32.37 23.31
CA ALA B 736 42.96 32.24 22.03
C ALA B 736 43.91 32.48 20.87
N LEU B 737 44.82 33.45 21.01
CA LEU B 737 45.75 33.75 19.94
C LEU B 737 46.92 32.78 19.90
N LEU B 738 47.68 32.71 21.00
CA LEU B 738 48.87 31.88 21.05
C LEU B 738 48.55 30.46 21.48
N GLY B 739 47.95 30.30 22.66
CA GLY B 739 47.56 28.99 23.14
C GLY B 739 48.56 28.29 24.03
N GLU B 740 49.59 28.98 24.51
CA GLU B 740 50.60 28.32 25.33
C GLU B 740 50.01 27.89 26.67
N ASP B 741 49.14 28.71 27.27
CA ASP B 741 48.48 28.37 28.52
C ASP B 741 47.35 29.34 28.82
N ILE C 180 -19.69 83.46 -22.04
CA ILE C 180 -19.01 82.32 -21.43
C ILE C 180 -19.59 82.04 -20.06
N TRP C 181 -19.98 80.78 -19.83
CA TRP C 181 -20.58 80.41 -18.56
C TRP C 181 -19.56 80.51 -17.42
N GLY C 182 -20.01 81.03 -16.28
CA GLY C 182 -19.15 81.14 -15.13
C GLY C 182 -18.11 82.22 -15.20
N THR C 183 -18.21 83.13 -16.17
CA THR C 183 -17.24 84.20 -16.33
C THR C 183 -17.85 85.59 -16.45
N ASN C 184 -19.13 85.71 -16.77
CA ASN C 184 -19.77 87.01 -17.04
C ASN C 184 -19.02 87.76 -18.14
N VAL C 185 -18.61 87.03 -19.17
CA VAL C 185 -17.87 87.59 -20.29
C VAL C 185 -18.63 87.28 -21.57
N SER C 186 -18.89 88.31 -22.37
CA SER C 186 -19.58 88.15 -23.64
C SER C 186 -18.63 87.65 -24.71
N ILE C 187 -19.08 86.69 -25.50
CA ILE C 187 -18.26 86.18 -26.59
C ILE C 187 -18.12 87.21 -27.70
N GLN C 188 -19.13 88.05 -27.90
CA GLN C 188 -19.10 89.00 -29.00
C GLN C 188 -17.98 90.02 -28.82
N GLU C 189 -17.83 90.55 -27.60
CA GLU C 189 -16.78 91.55 -27.37
C GLU C 189 -15.40 90.93 -27.50
N CYS C 190 -15.24 89.69 -27.06
CA CYS C 190 -13.97 89.00 -27.23
C CYS C 190 -13.65 88.78 -28.70
N THR C 191 -14.65 88.37 -29.49
CA THR C 191 -14.45 88.17 -30.92
C THR C 191 -14.07 89.48 -31.60
N THR C 192 -14.74 90.57 -31.23
CA THR C 192 -14.40 91.88 -31.81
C THR C 192 -12.99 92.30 -31.42
N ASN C 193 -12.60 92.07 -30.16
CA ASN C 193 -11.26 92.42 -29.71
C ASN C 193 -10.21 91.66 -30.50
N PHE C 194 -10.39 90.34 -30.64
CA PHE C 194 -9.43 89.57 -31.40
C PHE C 194 -9.44 89.93 -32.88
N ARG C 195 -10.62 90.28 -33.42
CA ARG C 195 -10.71 90.68 -34.81
C ARG C 195 -9.90 91.95 -35.07
N ASN C 196 -10.15 92.99 -34.28
CA ASN C 196 -9.39 94.22 -34.46
C ASN C 196 -7.93 94.06 -34.07
N PHE C 197 -7.60 93.03 -33.29
CA PHE C 197 -6.21 92.71 -33.03
C PHE C 197 -5.55 92.02 -34.21
N LEU C 198 -6.32 91.28 -35.03
CA LEU C 198 -5.73 90.53 -36.13
C LEU C 198 -5.08 91.47 -37.15
N MET C 199 -5.87 92.30 -37.80
CA MET C 199 -5.28 93.30 -38.68
C MET C 199 -5.07 94.60 -37.90
N SER C 200 -4.41 95.56 -38.56
CA SER C 200 -4.02 96.86 -38.00
C SER C 200 -3.02 96.71 -36.87
N PHE C 201 -2.57 95.51 -36.53
CA PHE C 201 -1.57 95.29 -35.50
C PHE C 201 -0.20 95.11 -36.15
N LYS C 202 0.81 95.72 -35.55
CA LYS C 202 2.16 95.68 -36.07
C LYS C 202 3.11 95.19 -34.98
N TYR C 203 4.22 94.60 -35.41
CA TYR C 203 5.23 94.11 -34.48
C TYR C 203 5.90 95.25 -33.71
N LYS C 204 5.71 96.50 -34.15
CA LYS C 204 6.25 97.63 -33.40
C LYS C 204 5.61 97.73 -32.01
N PHE C 205 4.35 97.34 -31.89
CA PHE C 205 3.71 97.31 -30.58
C PHE C 205 4.42 96.36 -29.65
N ARG C 206 4.78 95.17 -30.14
CA ARG C 206 5.56 94.24 -29.34
C ARG C 206 6.96 94.77 -29.05
N LYS C 207 7.56 95.44 -30.04
CA LYS C 207 8.91 95.99 -29.85
C LYS C 207 8.94 97.07 -28.78
N ILE C 208 7.86 97.83 -28.65
CA ILE C 208 7.79 98.85 -27.60
C ILE C 208 7.22 98.30 -26.29
N LEU C 209 6.53 97.15 -26.34
CA LEU C 209 5.99 96.57 -25.12
C LEU C 209 7.09 96.15 -24.16
N ASP C 210 8.14 95.50 -24.67
CA ASP C 210 9.22 94.99 -23.86
C ASP C 210 10.34 96.01 -23.66
N GLU C 211 10.10 97.28 -24.01
CA GLU C 211 11.10 98.34 -23.88
C GLU C 211 12.36 98.00 -24.66
N ARG C 212 12.19 97.44 -25.85
CA ARG C 212 13.34 97.10 -26.68
C ARG C 212 13.96 98.38 -27.25
N GLU C 213 15.26 98.53 -27.06
CA GLU C 213 15.96 99.72 -27.52
C GLU C 213 15.99 99.78 -29.04
N GLU C 214 16.17 98.64 -29.71
CA GLU C 214 16.31 98.59 -31.16
C GLU C 214 14.94 98.45 -31.81
N PHE C 215 14.15 99.52 -31.67
CA PHE C 215 12.85 99.64 -32.32
C PHE C 215 12.92 100.47 -33.59
N ILE C 216 14.12 100.81 -34.05
CA ILE C 216 14.28 101.60 -35.27
C ILE C 216 13.77 100.87 -36.50
N ASN C 217 13.82 99.53 -36.49
CA ASN C 217 13.43 98.76 -37.65
C ASN C 217 11.99 99.07 -38.06
N ASN C 218 11.77 99.21 -39.38
CA ASN C 218 10.48 99.56 -39.93
C ASN C 218 9.75 98.37 -40.53
N THR C 219 10.40 97.65 -41.45
CA THR C 219 9.74 96.55 -42.14
C THR C 219 9.36 95.43 -41.16
N THR C 220 10.26 95.11 -40.23
CA THR C 220 10.01 94.01 -39.30
C THR C 220 9.14 94.41 -38.12
N ASP C 221 8.90 95.71 -37.91
CA ASP C 221 8.11 96.18 -36.77
C ASP C 221 6.81 96.84 -37.19
N GLU C 222 6.86 97.85 -38.05
CA GLU C 222 5.67 98.61 -38.41
C GLU C 222 4.76 97.88 -39.38
N GLU C 223 5.23 96.84 -40.05
CA GLU C 223 4.37 96.10 -40.96
C GLU C 223 3.33 95.29 -40.18
N LEU C 224 2.21 95.02 -40.83
CA LEU C 224 1.14 94.22 -40.22
C LEU C 224 1.60 92.77 -40.16
N TYR C 225 2.13 92.36 -39.01
CA TYR C 225 2.70 91.04 -38.86
C TYR C 225 1.65 89.95 -39.07
N TYR C 226 0.47 90.12 -38.46
CA TYR C 226 -0.55 89.09 -38.54
C TYR C 226 -1.18 89.02 -39.92
N ILE C 227 -1.30 90.17 -40.60
CA ILE C 227 -1.78 90.16 -41.97
C ILE C 227 -0.81 89.41 -42.87
N LYS C 228 0.50 89.65 -42.68
CA LYS C 228 1.50 88.89 -43.43
C LYS C 228 1.41 87.40 -43.13
N GLN C 229 1.18 87.05 -41.87
CA GLN C 229 1.03 85.65 -41.51
C GLN C 229 -0.19 85.03 -42.20
N LEU C 230 -1.30 85.76 -42.23
CA LEU C 230 -2.49 85.25 -42.91
C LEU C 230 -2.26 85.09 -44.39
N ASN C 231 -1.52 86.02 -45.01
CA ASN C 231 -1.17 85.87 -46.42
C ASN C 231 -0.29 84.65 -46.64
N GLU C 232 0.64 84.41 -45.71
CA GLU C 232 1.48 83.22 -45.81
C GLU C 232 0.64 81.94 -45.71
N MET C 233 -0.34 81.92 -44.81
CA MET C 233 -1.24 80.77 -44.73
C MET C 233 -2.03 80.60 -46.02
N ARG C 234 -2.51 81.70 -46.61
CA ARG C 234 -3.25 81.60 -47.85
C ARG C 234 -2.39 81.04 -48.97
N GLU C 235 -1.14 81.49 -49.08
CA GLU C 235 -0.27 81.05 -50.15
C GLU C 235 0.40 79.70 -49.86
N LEU C 236 0.30 79.20 -48.64
CA LEU C 236 0.82 77.87 -48.30
C LEU C 236 -0.26 76.88 -47.91
N GLY C 237 -1.48 77.33 -47.65
CA GLY C 237 -2.55 76.42 -47.27
C GLY C 237 -2.36 75.74 -45.93
N THR C 238 -1.82 76.45 -44.95
CA THR C 238 -1.63 75.89 -43.62
C THR C 238 -2.80 76.24 -42.71
N SER C 239 -2.83 75.60 -41.54
CA SER C 239 -3.93 75.74 -40.60
C SER C 239 -3.50 76.36 -39.29
N ASN C 240 -2.47 75.83 -38.65
CA ASN C 240 -2.08 76.30 -37.33
C ASN C 240 -1.47 77.70 -37.39
N LEU C 241 -1.56 78.41 -36.28
CA LEU C 241 -0.98 79.73 -36.12
C LEU C 241 -0.12 79.76 -34.87
N ASN C 242 1.13 80.17 -35.01
CA ASN C 242 2.06 80.26 -33.88
C ASN C 242 1.92 81.61 -33.19
N LEU C 243 0.72 81.89 -32.70
CA LEU C 243 0.44 83.14 -32.01
C LEU C 243 1.22 83.20 -30.70
N ASP C 244 1.74 84.38 -30.40
CA ASP C 244 2.46 84.63 -29.16
C ASP C 244 1.58 85.36 -28.16
N ALA C 245 1.83 85.10 -26.87
CA ALA C 245 1.00 85.68 -25.82
C ALA C 245 1.30 87.15 -25.59
N ARG C 246 2.58 87.54 -25.69
CA ARG C 246 2.94 88.92 -25.42
C ARG C 246 2.30 89.89 -26.40
N ASN C 247 1.99 89.42 -27.61
CA ASN C 247 1.34 90.28 -28.60
C ASN C 247 -0.03 90.75 -28.15
N LEU C 248 -0.68 90.02 -27.24
CA LEU C 248 -1.94 90.50 -26.68
C LEU C 248 -1.72 91.64 -25.71
N LEU C 249 -0.62 91.59 -24.93
CA LEU C 249 -0.29 92.71 -24.06
C LEU C 249 0.17 93.93 -24.85
N ALA C 250 0.82 93.70 -26.00
CA ALA C 250 1.29 94.82 -26.81
C ALA C 250 0.13 95.69 -27.27
N TYR C 251 -0.97 95.08 -27.71
CA TYR C 251 -2.13 95.83 -28.12
C TYR C 251 -2.92 96.25 -26.87
N LYS C 252 -3.81 97.24 -27.05
CA LYS C 252 -4.46 97.88 -25.92
C LYS C 252 -5.74 97.17 -25.49
N GLN C 253 -6.61 96.83 -26.42
CA GLN C 253 -7.93 96.29 -26.09
C GLN C 253 -7.89 94.80 -25.74
N THR C 254 -6.77 94.12 -25.96
CA THR C 254 -6.66 92.68 -25.76
C THR C 254 -5.83 92.35 -24.53
N GLU C 255 -5.98 93.12 -23.46
CA GLU C 255 -5.39 92.74 -22.18
C GLU C 255 -6.34 91.85 -21.37
N ASP C 256 -7.61 92.23 -21.29
CA ASP C 256 -8.61 91.35 -20.71
C ASP C 256 -8.70 90.05 -21.51
N LEU C 257 -8.52 90.13 -22.83
CA LEU C 257 -8.50 88.93 -23.66
C LEU C 257 -7.35 88.02 -23.25
N TYR C 258 -6.16 88.59 -23.03
CA TYR C 258 -5.03 87.79 -22.60
C TYR C 258 -5.28 87.15 -21.23
N HIS C 259 -5.84 87.92 -20.31
CA HIS C 259 -6.11 87.37 -18.97
C HIS C 259 -7.14 86.25 -19.04
N GLN C 260 -8.17 86.41 -19.87
CA GLN C 260 -9.15 85.34 -20.03
C GLN C 260 -8.56 84.13 -20.74
N LEU C 261 -7.63 84.35 -21.67
CA LEU C 261 -6.92 83.23 -22.28
C LEU C 261 -6.16 82.45 -21.24
N LEU C 262 -5.49 83.15 -20.32
CA LEU C 262 -4.79 82.46 -19.23
C LEU C 262 -5.76 81.79 -18.28
N ASN C 263 -6.97 82.33 -18.14
CA ASN C 263 -7.94 81.82 -17.18
C ASN C 263 -8.97 80.89 -17.80
N TYR C 264 -9.40 81.15 -19.03
CA TYR C 264 -10.43 80.36 -19.69
C TYR C 264 -9.95 79.93 -21.07
N PRO C 265 -8.93 79.07 -21.13
CA PRO C 265 -8.28 78.78 -22.42
C PRO C 265 -9.19 78.12 -23.44
N GLN C 266 -10.15 77.30 -23.01
CA GLN C 266 -10.93 76.53 -23.97
C GLN C 266 -11.81 77.43 -24.84
N GLU C 267 -12.71 78.18 -24.21
CA GLU C 267 -13.59 79.07 -24.96
C GLU C 267 -12.80 80.12 -25.72
N VAL C 268 -11.74 80.65 -25.10
CA VAL C 268 -10.93 81.66 -25.75
C VAL C 268 -10.29 81.10 -27.02
N ILE C 269 -9.73 79.90 -26.94
CA ILE C 269 -9.08 79.32 -28.11
C ILE C 269 -10.11 79.01 -29.19
N SER C 270 -11.29 78.52 -28.81
CA SER C 270 -12.32 78.23 -29.79
C SER C 270 -12.75 79.50 -30.54
N ILE C 271 -12.98 80.58 -29.80
CA ILE C 271 -13.40 81.82 -30.46
C ILE C 271 -12.26 82.41 -31.27
N MET C 272 -11.01 82.25 -30.82
CA MET C 272 -9.88 82.70 -31.62
C MET C 272 -9.80 81.95 -32.94
N ASP C 273 -10.03 80.63 -32.92
CA ASP C 273 -10.02 79.86 -34.16
C ASP C 273 -11.13 80.28 -35.10
N GLN C 274 -12.35 80.47 -34.55
CA GLN C 274 -13.44 80.93 -35.38
C GLN C 274 -13.16 82.31 -35.97
N THR C 275 -12.58 83.20 -35.17
CA THR C 275 -12.21 84.52 -35.66
C THR C 275 -11.14 84.44 -36.74
N ILE C 276 -10.19 83.52 -36.59
CA ILE C 276 -9.16 83.35 -37.62
C ILE C 276 -9.80 82.93 -38.94
N LYS C 277 -10.70 81.94 -38.88
CA LYS C 277 -11.36 81.47 -40.10
C LYS C 277 -12.18 82.59 -40.75
N ASP C 278 -12.96 83.30 -39.94
CA ASP C 278 -13.79 84.38 -40.49
C ASP C 278 -12.95 85.51 -41.05
N CYS C 279 -11.85 85.86 -40.37
CA CYS C 279 -10.97 86.91 -40.86
C CYS C 279 -10.32 86.50 -42.17
N MET C 280 -9.91 85.24 -42.29
CA MET C 280 -9.29 84.81 -43.54
C MET C 280 -10.29 84.81 -44.69
N VAL C 281 -11.51 84.35 -44.46
CA VAL C 281 -12.50 84.37 -45.55
C VAL C 281 -12.88 85.81 -45.90
N SER C 282 -12.95 86.70 -44.90
CA SER C 282 -13.21 88.10 -45.18
C SER C 282 -12.08 88.74 -45.96
N LEU C 283 -10.83 88.37 -45.64
CA LEU C 283 -9.69 88.88 -46.39
C LEU C 283 -9.72 88.40 -47.83
N ILE C 284 -10.10 87.15 -48.03
CA ILE C 284 -10.27 86.62 -49.40
C ILE C 284 -11.34 87.40 -50.14
N VAL C 285 -12.46 87.69 -49.47
CA VAL C 285 -13.53 88.44 -50.10
C VAL C 285 -13.07 89.84 -50.47
N ASP C 286 -12.33 90.50 -49.56
CA ASP C 286 -11.99 91.90 -49.74
C ASP C 286 -10.88 92.10 -50.76
N ASN C 287 -9.77 91.37 -50.63
CA ASN C 287 -8.63 91.58 -51.52
C ASN C 287 -8.86 91.05 -52.93
N ASN C 288 -9.97 90.35 -53.16
CA ASN C 288 -10.33 89.82 -54.48
C ASN C 288 -9.33 88.78 -54.98
N LEU C 289 -8.52 88.23 -54.08
CA LEU C 289 -7.64 87.12 -54.43
C LEU C 289 -8.49 85.86 -54.56
N ASP C 290 -8.83 85.51 -55.80
CA ASP C 290 -9.80 84.46 -56.05
C ASP C 290 -9.32 83.12 -55.49
N TYR C 291 -10.20 82.47 -54.74
CA TYR C 291 -9.91 81.18 -54.13
C TYR C 291 -11.22 80.48 -53.81
N ASP C 292 -11.15 79.17 -53.62
CA ASP C 292 -12.33 78.39 -53.29
C ASP C 292 -12.74 78.69 -51.85
N LEU C 293 -13.89 79.37 -51.70
CA LEU C 293 -14.39 79.69 -50.37
C LEU C 293 -14.75 78.43 -49.59
N ASP C 294 -15.35 77.44 -50.26
CA ASP C 294 -15.71 76.19 -49.60
C ASP C 294 -14.47 75.46 -49.09
N GLU C 295 -13.39 75.47 -49.88
CA GLU C 295 -12.17 74.80 -49.44
C GLU C 295 -11.60 75.44 -48.19
N ILE C 296 -11.59 76.78 -48.14
CA ILE C 296 -11.10 77.47 -46.95
C ILE C 296 -12.02 77.20 -45.76
N GLU C 297 -13.33 77.24 -45.98
CA GLU C 297 -14.27 77.04 -44.87
C GLU C 297 -14.16 75.64 -44.29
N THR C 298 -13.97 74.64 -45.16
CA THR C 298 -13.89 73.26 -44.68
C THR C 298 -12.66 73.04 -43.79
N LYS C 299 -11.53 73.64 -44.16
CA LYS C 299 -10.31 73.43 -43.41
C LYS C 299 -10.42 74.04 -42.02
N PHE C 300 -10.02 73.27 -41.00
CA PHE C 300 -10.04 73.72 -39.63
C PHE C 300 -8.73 74.46 -39.34
N TYR C 301 -8.85 75.71 -38.90
CA TYR C 301 -7.70 76.56 -38.65
C TYR C 301 -7.49 76.70 -37.15
N LYS C 302 -6.26 76.48 -36.71
CA LYS C 302 -5.93 76.42 -35.29
C LYS C 302 -5.02 77.57 -34.90
N VAL C 303 -4.98 77.83 -33.60
CA VAL C 303 -4.10 78.84 -33.01
C VAL C 303 -3.29 78.15 -31.91
N ARG C 304 -2.02 78.50 -31.80
CA ARG C 304 -1.09 77.86 -30.87
C ARG C 304 -0.44 78.92 -30.01
N PRO C 305 -1.13 79.38 -28.96
CA PRO C 305 -0.55 80.41 -28.10
C PRO C 305 0.61 79.89 -27.25
N TYR C 306 1.83 80.27 -27.60
CA TYR C 306 3.00 79.89 -26.84
C TYR C 306 3.49 81.08 -26.02
N ASN C 307 4.50 80.83 -25.19
CA ASN C 307 5.04 81.83 -24.29
C ASN C 307 3.94 82.46 -23.43
N VAL C 308 3.07 81.60 -22.91
CA VAL C 308 1.91 82.07 -22.15
C VAL C 308 2.34 82.78 -20.87
N GLY C 309 3.42 82.30 -20.25
CA GLY C 309 3.87 82.92 -19.02
C GLY C 309 5.21 82.37 -18.60
N SER C 310 5.53 82.59 -17.32
CA SER C 310 6.78 82.09 -16.78
C SER C 310 6.79 80.57 -16.78
N CYS C 311 8.00 80.01 -16.78
CA CYS C 311 8.16 78.57 -16.85
C CYS C 311 7.72 77.93 -15.53
N LYS C 312 6.46 77.53 -15.47
CA LYS C 312 5.91 76.95 -14.25
C LYS C 312 6.59 75.61 -13.95
N GLY C 313 6.81 75.35 -12.66
CA GLY C 313 7.41 74.09 -12.26
C GLY C 313 6.38 72.99 -12.16
N MET C 314 6.82 71.77 -12.52
CA MET C 314 5.93 70.62 -12.43
C MET C 314 5.55 70.33 -10.98
N ARG C 315 6.50 70.49 -10.06
CA ARG C 315 6.24 70.20 -8.66
C ARG C 315 5.33 71.22 -8.00
N GLU C 316 5.06 72.36 -8.64
CA GLU C 316 4.27 73.43 -8.06
C GLU C 316 2.91 73.55 -8.75
N LEU C 317 2.30 72.42 -9.10
CA LEU C 317 1.01 72.41 -9.77
C LEU C 317 -0.09 72.17 -8.73
N ASN C 318 -0.37 73.22 -7.97
CA ASN C 318 -1.47 73.16 -7.02
C ASN C 318 -2.81 73.11 -7.76
N PRO C 319 -3.84 72.54 -7.13
CA PRO C 319 -5.06 72.20 -7.85
C PRO C 319 -5.99 73.37 -8.16
N ASN C 320 -5.55 74.62 -8.01
CA ASN C 320 -6.34 75.74 -8.50
C ASN C 320 -5.98 76.12 -9.91
N ASP C 321 -5.03 75.41 -10.53
CA ASP C 321 -4.65 75.61 -11.92
C ASP C 321 -5.48 74.76 -12.87
N ILE C 322 -6.51 74.09 -12.36
CA ILE C 322 -7.37 73.27 -13.21
C ILE C 322 -8.02 74.16 -14.26
N ASP C 323 -8.02 73.68 -15.51
CA ASP C 323 -8.61 74.40 -16.64
C ASP C 323 -7.96 75.77 -16.84
N LYS C 324 -6.66 75.87 -16.58
CA LYS C 324 -5.91 77.10 -16.75
C LYS C 324 -4.68 76.84 -17.60
N LEU C 325 -4.36 77.77 -18.49
CA LEU C 325 -3.23 77.59 -19.39
C LEU C 325 -1.93 77.53 -18.61
N ILE C 326 -1.10 76.53 -18.94
CA ILE C 326 0.11 76.24 -18.20
C ILE C 326 1.25 76.06 -19.18
N ASN C 327 2.40 76.65 -18.87
CA ASN C 327 3.62 76.44 -19.63
C ASN C 327 4.53 75.49 -18.84
N LEU C 328 5.04 74.47 -19.51
CA LEU C 328 5.87 73.46 -18.88
C LEU C 328 7.11 73.20 -19.71
N LYS C 329 8.18 72.81 -19.04
CA LYS C 329 9.44 72.44 -19.68
C LYS C 329 9.86 71.06 -19.19
N GLY C 330 10.36 70.24 -20.10
CA GLY C 330 10.80 68.92 -19.71
C GLY C 330 11.28 68.13 -20.91
N LEU C 331 11.72 66.90 -20.62
CA LEU C 331 12.21 65.99 -21.63
C LEU C 331 11.29 64.76 -21.66
N VAL C 332 10.80 64.42 -22.85
CA VAL C 332 9.81 63.36 -22.96
C VAL C 332 10.48 62.01 -22.75
N LEU C 333 9.85 61.15 -21.95
CA LEU C 333 10.38 59.81 -21.73
C LEU C 333 9.97 58.88 -22.86
N ARG C 334 8.67 58.69 -23.05
CA ARG C 334 8.16 57.81 -24.09
C ARG C 334 6.92 58.46 -24.71
N SER C 335 6.34 57.78 -25.69
CA SER C 335 5.16 58.28 -26.37
C SER C 335 4.33 57.10 -26.85
N THR C 336 3.09 57.02 -26.41
CA THR C 336 2.21 55.94 -26.83
C THR C 336 1.88 56.09 -28.31
N PRO C 337 1.56 54.99 -28.98
CA PRO C 337 1.11 55.08 -30.38
C PRO C 337 -0.17 55.89 -30.50
N VAL C 338 -0.58 56.13 -31.74
CA VAL C 338 -1.77 56.93 -31.99
C VAL C 338 -2.98 56.21 -31.41
N ILE C 339 -3.75 56.93 -30.60
CA ILE C 339 -4.94 56.42 -29.95
C ILE C 339 -6.14 57.04 -30.65
N PRO C 340 -6.93 56.28 -31.41
CA PRO C 340 -8.09 56.86 -32.10
C PRO C 340 -9.22 57.13 -31.11
N ASP C 341 -9.69 58.37 -31.10
CA ASP C 341 -10.83 58.76 -30.28
C ASP C 341 -11.97 59.18 -31.20
N MET C 342 -13.16 58.64 -30.97
CA MET C 342 -14.27 58.88 -31.85
C MET C 342 -14.72 60.33 -31.77
N LYS C 343 -14.95 60.93 -32.94
CA LYS C 343 -15.47 62.29 -33.04
C LYS C 343 -16.87 62.35 -33.62
N VAL C 344 -17.16 61.59 -34.67
CA VAL C 344 -18.47 61.53 -35.28
C VAL C 344 -18.91 60.07 -35.32
N ALA C 345 -20.02 59.76 -34.65
CA ALA C 345 -20.54 58.41 -34.67
C ALA C 345 -21.20 58.14 -36.02
N PHE C 346 -21.49 56.85 -36.26
CA PHE C 346 -22.11 56.43 -37.50
C PHE C 346 -22.98 55.21 -37.21
N PHE C 347 -24.29 55.42 -37.20
CA PHE C 347 -25.25 54.34 -36.95
C PHE C 347 -25.88 53.88 -38.26
N LYS C 348 -26.36 52.65 -38.24
CA LYS C 348 -27.06 52.08 -39.38
C LYS C 348 -28.36 51.45 -38.91
N CYS C 349 -29.45 51.70 -39.63
CA CYS C 349 -30.74 51.10 -39.32
C CYS C 349 -30.73 49.66 -39.85
N ASN C 350 -30.71 48.69 -38.95
CA ASN C 350 -30.60 47.30 -39.32
C ASN C 350 -31.89 46.71 -39.88
N VAL C 351 -32.89 47.55 -40.16
CA VAL C 351 -34.12 47.09 -40.80
C VAL C 351 -34.42 47.81 -42.10
N CYS C 352 -33.83 48.98 -42.36
CA CYS C 352 -34.06 49.68 -43.62
C CYS C 352 -32.77 50.26 -44.21
N ASP C 353 -31.62 49.96 -43.62
CA ASP C 353 -30.31 50.39 -44.13
C ASP C 353 -30.23 51.91 -44.26
N HIS C 354 -30.76 52.62 -43.27
CA HIS C 354 -30.64 54.06 -43.18
C HIS C 354 -29.49 54.42 -42.25
N THR C 355 -28.57 55.26 -42.72
CA THR C 355 -27.38 55.61 -41.98
C THR C 355 -27.32 57.12 -41.77
N MET C 356 -27.08 57.53 -40.53
CA MET C 356 -26.88 58.93 -40.20
C MET C 356 -25.79 59.05 -39.16
N ALA C 357 -25.11 60.20 -39.17
CA ALA C 357 -23.96 60.43 -38.32
C ALA C 357 -24.35 61.35 -37.17
N VAL C 358 -24.06 60.92 -35.95
CA VAL C 358 -24.35 61.68 -34.73
C VAL C 358 -23.03 62.19 -34.17
N GLU C 359 -22.93 63.51 -34.03
CA GLU C 359 -21.71 64.09 -33.48
C GLU C 359 -21.55 63.71 -32.02
N ILE C 360 -20.30 63.46 -31.62
CA ILE C 360 -19.99 63.05 -30.26
C ILE C 360 -19.42 64.24 -29.51
N ASP C 361 -20.02 64.56 -28.37
CA ASP C 361 -19.59 65.68 -27.53
C ASP C 361 -19.24 65.16 -26.15
N ARG C 362 -18.04 65.49 -25.68
CA ARG C 362 -17.56 65.10 -24.35
C ARG C 362 -17.59 63.58 -24.15
N GLY C 363 -17.37 62.84 -25.22
CA GLY C 363 -17.28 61.38 -25.12
C GLY C 363 -18.56 60.72 -24.65
N VAL C 364 -19.70 61.15 -25.17
CA VAL C 364 -20.99 60.52 -24.88
C VAL C 364 -21.66 60.16 -26.20
N ILE C 365 -22.34 59.02 -26.22
CA ILE C 365 -23.01 58.53 -27.42
C ILE C 365 -24.48 58.93 -27.31
N GLN C 366 -24.91 59.87 -28.13
CA GLN C 366 -26.31 60.27 -28.20
C GLN C 366 -26.98 59.53 -29.36
N GLU C 367 -27.13 58.24 -29.18
CA GLU C 367 -27.69 57.40 -30.23
C GLU C 367 -29.14 57.81 -30.50
N PRO C 368 -29.59 57.75 -31.75
CA PRO C 368 -30.98 58.10 -32.04
C PRO C 368 -31.94 57.11 -31.40
N ALA C 369 -33.08 57.63 -30.92
CA ALA C 369 -34.08 56.78 -30.31
C ALA C 369 -34.75 55.87 -31.33
N ARG C 370 -34.92 56.35 -32.57
CA ARG C 370 -35.56 55.58 -33.61
C ARG C 370 -34.97 56.00 -34.96
N CYS C 371 -35.39 55.29 -36.01
CA CYS C 371 -34.91 55.60 -37.35
C CYS C 371 -35.35 57.01 -37.75
N GLU C 372 -34.43 57.77 -38.33
CA GLU C 372 -34.75 59.13 -38.75
C GLU C 372 -35.79 59.12 -39.87
N ARG C 373 -35.72 58.14 -40.76
CA ARG C 373 -36.69 58.06 -41.84
C ARG C 373 -38.07 57.78 -41.28
N ILE C 374 -39.04 58.60 -41.69
CA ILE C 374 -40.40 58.48 -41.15
C ILE C 374 -41.08 57.21 -41.67
N ASP C 375 -40.76 56.77 -42.88
CA ASP C 375 -41.38 55.57 -43.42
C ASP C 375 -40.96 54.31 -42.67
N CYS C 376 -39.89 54.37 -41.87
CA CYS C 376 -39.45 53.25 -41.06
C CYS C 376 -39.59 53.53 -39.58
N ASN C 377 -38.96 54.59 -39.09
CA ASN C 377 -39.07 55.08 -37.70
C ASN C 377 -39.10 53.94 -36.68
N GLU C 378 -38.25 52.94 -36.91
CA GLU C 378 -38.15 51.81 -36.00
C GLU C 378 -37.22 52.15 -34.84
N PRO C 379 -37.70 52.13 -33.60
CA PRO C 379 -36.81 52.36 -32.46
C PRO C 379 -35.85 51.19 -32.27
N ASN C 380 -34.72 51.48 -31.62
CA ASN C 380 -33.75 50.47 -31.22
C ASN C 380 -33.22 49.67 -32.41
N SER C 381 -33.30 50.24 -33.62
CA SER C 381 -32.83 49.58 -34.82
C SER C 381 -31.48 50.09 -35.29
N MET C 382 -30.77 50.81 -34.43
CA MET C 382 -29.49 51.42 -34.80
C MET C 382 -28.35 50.64 -34.15
N SER C 383 -27.39 50.23 -34.97
CA SER C 383 -26.18 49.55 -34.52
C SER C 383 -24.98 50.34 -35.00
N LEU C 384 -24.03 50.60 -34.09
CA LEU C 384 -22.87 51.39 -34.44
C LEU C 384 -21.99 50.64 -35.42
N ILE C 385 -21.56 51.34 -36.48
CA ILE C 385 -20.63 50.79 -37.45
C ILE C 385 -19.27 51.42 -37.14
N HIS C 386 -18.44 50.68 -36.40
CA HIS C 386 -17.24 51.26 -35.83
C HIS C 386 -16.30 51.80 -36.90
N ASN C 387 -16.06 51.00 -37.94
CA ASN C 387 -15.09 51.37 -38.97
C ASN C 387 -15.60 52.45 -39.90
N ARG C 388 -16.89 52.75 -39.90
CA ARG C 388 -17.43 53.82 -40.72
C ARG C 388 -17.55 55.14 -39.96
N CYS C 389 -17.13 55.18 -38.70
CA CYS C 389 -17.17 56.41 -37.93
C CYS C 389 -16.02 57.33 -38.35
N SER C 390 -15.90 58.46 -37.67
CA SER C 390 -14.82 59.40 -37.88
C SER C 390 -14.01 59.50 -36.60
N PHE C 391 -12.69 59.40 -36.72
CA PHE C 391 -11.80 59.35 -35.56
C PHE C 391 -10.78 60.48 -35.63
N ALA C 392 -10.32 60.90 -34.46
CA ALA C 392 -9.24 61.86 -34.32
C ALA C 392 -8.01 61.17 -33.78
N ASP C 393 -6.92 61.92 -33.67
CA ASP C 393 -5.64 61.39 -33.21
C ASP C 393 -5.34 61.88 -31.82
N LYS C 394 -5.07 60.96 -30.90
CA LYS C 394 -4.65 61.27 -29.55
C LYS C 394 -3.36 60.52 -29.26
N GLN C 395 -2.38 61.20 -28.71
CA GLN C 395 -1.07 60.61 -28.44
C GLN C 395 -0.62 61.05 -27.06
N VAL C 396 -0.84 60.20 -26.05
CA VAL C 396 -0.43 60.51 -24.70
C VAL C 396 1.09 60.46 -24.60
N ILE C 397 1.69 61.51 -24.06
CA ILE C 397 3.14 61.63 -23.95
C ILE C 397 3.48 61.79 -22.47
N LYS C 398 4.42 60.98 -22.00
CA LYS C 398 4.83 61.00 -20.59
C LYS C 398 5.99 61.97 -20.45
N LEU C 399 5.69 63.22 -20.13
CA LEU C 399 6.72 64.22 -19.91
C LEU C 399 7.44 63.98 -18.59
N GLN C 400 8.71 64.33 -18.56
CA GLN C 400 9.55 64.16 -17.38
C GLN C 400 10.18 65.49 -17.00
N GLU C 401 10.23 65.77 -15.71
CA GLU C 401 10.84 66.99 -15.21
C GLU C 401 12.30 67.06 -15.62
N THR C 402 12.72 68.22 -16.12
CA THR C 402 14.09 68.37 -16.58
C THR C 402 15.07 68.27 -15.41
N PRO C 403 16.20 67.59 -15.60
CA PRO C 403 17.13 67.38 -14.47
C PRO C 403 17.69 68.66 -13.88
N ASP C 404 17.91 69.70 -14.69
CA ASP C 404 18.55 70.90 -14.18
C ASP C 404 17.65 71.72 -13.27
N PHE C 405 16.36 71.38 -13.18
CA PHE C 405 15.43 72.11 -12.32
C PHE C 405 14.87 71.29 -11.17
N VAL C 406 14.98 69.96 -11.21
CA VAL C 406 14.48 69.14 -10.11
C VAL C 406 15.35 69.35 -8.88
N PRO C 407 14.80 69.34 -7.67
CA PRO C 407 15.65 69.36 -6.47
C PRO C 407 16.59 68.17 -6.47
N ASP C 408 17.80 68.40 -5.95
CA ASP C 408 18.84 67.37 -5.99
C ASP C 408 18.49 66.14 -5.17
N GLY C 409 17.59 66.28 -4.19
CA GLY C 409 17.24 65.15 -3.35
C GLY C 409 16.43 64.09 -4.05
N GLN C 410 15.19 64.42 -4.42
CA GLN C 410 14.25 63.45 -4.94
C GLN C 410 14.36 63.31 -6.46
N THR C 411 13.88 62.18 -6.96
CA THR C 411 13.87 61.93 -8.39
C THR C 411 12.87 62.85 -9.08
N PRO C 412 13.13 63.24 -10.33
CA PRO C 412 12.18 64.10 -11.05
C PRO C 412 10.83 63.42 -11.22
N HIS C 413 9.77 64.22 -11.14
CA HIS C 413 8.41 63.74 -11.29
C HIS C 413 8.06 63.66 -12.77
N SER C 414 6.84 63.21 -13.05
CA SER C 414 6.38 63.06 -14.42
C SER C 414 4.91 63.48 -14.53
N ILE C 415 4.55 63.96 -15.71
CA ILE C 415 3.17 64.31 -16.04
C ILE C 415 2.85 63.75 -17.41
N SER C 416 1.56 63.58 -17.69
CA SER C 416 1.09 62.96 -18.91
C SER C 416 0.51 64.04 -19.84
N LEU C 417 1.09 64.16 -21.02
CA LEU C 417 0.62 65.08 -22.03
C LEU C 417 -0.55 64.47 -22.80
N CYS C 418 -1.17 65.29 -23.65
CA CYS C 418 -2.21 64.82 -24.55
C CYS C 418 -2.17 65.67 -25.80
N VAL C 419 -2.05 65.02 -26.96
CA VAL C 419 -1.81 65.71 -28.22
C VAL C 419 -2.87 65.28 -29.21
N TYR C 420 -3.55 66.24 -29.83
CA TYR C 420 -4.74 65.97 -30.63
C TYR C 420 -4.62 66.52 -32.03
N ASP C 421 -4.95 65.70 -33.03
CA ASP C 421 -5.29 66.13 -34.38
C ASP C 421 -4.12 66.75 -35.14
N GLU C 422 -2.99 66.92 -34.46
CA GLU C 422 -1.80 67.58 -34.97
C GLU C 422 -0.78 67.49 -33.86
N LEU C 423 0.47 67.81 -34.18
CA LEU C 423 1.60 67.68 -33.26
C LEU C 423 1.86 66.23 -32.87
N VAL C 424 1.10 65.29 -33.42
CA VAL C 424 1.34 63.88 -33.16
C VAL C 424 2.65 63.49 -33.81
N ASP C 425 3.50 62.80 -33.07
CA ASP C 425 4.84 62.42 -33.50
C ASP C 425 5.71 63.64 -33.80
N SER C 426 5.35 64.80 -33.26
CA SER C 426 6.16 66.00 -33.40
C SER C 426 7.22 66.12 -32.34
N CYS C 427 7.31 65.15 -31.42
CA CYS C 427 8.34 65.17 -30.40
C CYS C 427 8.64 63.71 -30.02
N ARG C 428 9.69 63.16 -30.61
CA ARG C 428 10.08 61.79 -30.32
C ARG C 428 10.72 61.71 -28.93
N ALA C 429 10.81 60.49 -28.42
CA ALA C 429 11.39 60.27 -27.11
C ALA C 429 12.83 60.76 -27.06
N GLY C 430 13.18 61.42 -25.95
CA GLY C 430 14.49 61.98 -25.75
C GLY C 430 14.59 63.47 -26.03
N ASP C 431 13.62 64.04 -26.75
CA ASP C 431 13.64 65.47 -27.02
C ASP C 431 13.30 66.26 -25.78
N ARG C 432 13.81 67.49 -25.74
CA ARG C 432 13.47 68.45 -24.69
C ARG C 432 12.64 69.56 -25.29
N ILE C 433 11.45 69.78 -24.75
CA ILE C 433 10.47 70.70 -25.33
C ILE C 433 9.89 71.60 -24.25
N GLU C 434 9.34 72.73 -24.70
CA GLU C 434 8.59 73.65 -23.85
C GLU C 434 7.13 73.58 -24.31
N VAL C 435 6.30 72.95 -23.50
CA VAL C 435 4.93 72.62 -23.89
C VAL C 435 3.96 73.58 -23.23
N THR C 436 2.98 74.04 -24.00
CA THR C 436 1.91 74.90 -23.50
C THR C 436 0.59 74.17 -23.64
N GLY C 437 -0.20 74.16 -22.57
CA GLY C 437 -1.48 73.49 -22.62
C GLY C 437 -2.31 73.82 -21.40
N THR C 438 -3.54 73.34 -21.42
CA THR C 438 -4.48 73.56 -20.31
C THR C 438 -4.34 72.41 -19.32
N PHE C 439 -4.04 72.74 -18.06
CA PHE C 439 -3.92 71.73 -17.03
C PHE C 439 -5.31 71.28 -16.63
N ARG C 440 -5.66 70.05 -16.96
CA ARG C 440 -7.01 69.53 -16.75
C ARG C 440 -6.96 68.23 -15.98
N SER C 441 -8.02 67.96 -15.22
CA SER C 441 -8.14 66.74 -14.45
C SER C 441 -9.49 66.09 -14.73
N ILE C 442 -9.50 64.76 -14.75
CA ILE C 442 -10.70 63.99 -15.03
C ILE C 442 -10.85 62.88 -14.00
N PRO C 443 -12.08 62.45 -13.69
CA PRO C 443 -12.25 61.32 -12.78
C PRO C 443 -11.88 60.01 -13.45
N ILE C 444 -11.55 59.03 -12.63
CA ILE C 444 -11.21 57.68 -13.09
C ILE C 444 -12.15 56.69 -12.42
N ARG C 445 -12.63 55.72 -13.20
CA ARG C 445 -13.60 54.76 -12.68
C ARG C 445 -12.89 53.75 -11.79
N ALA C 446 -13.35 53.65 -10.54
CA ALA C 446 -12.80 52.65 -9.62
C ALA C 446 -13.11 51.24 -10.11
N ASN C 447 -14.35 51.01 -10.55
CA ASN C 447 -14.77 49.73 -11.09
C ASN C 447 -15.25 49.92 -12.52
N SER C 448 -14.73 49.12 -13.44
CA SER C 448 -15.07 49.27 -14.84
C SER C 448 -16.55 48.99 -15.09
N ARG C 449 -17.09 47.95 -14.45
CA ARG C 449 -18.48 47.59 -14.66
C ARG C 449 -19.43 48.66 -14.13
N GLN C 450 -19.12 49.20 -12.95
CA GLN C 450 -20.00 50.17 -12.31
C GLN C 450 -19.62 51.59 -12.73
N ARG C 451 -20.38 52.57 -12.23
CA ARG C 451 -20.10 53.98 -12.47
C ARG C 451 -19.39 54.64 -11.30
N VAL C 452 -18.95 53.86 -10.31
CA VAL C 452 -18.26 54.44 -9.17
C VAL C 452 -16.96 55.10 -9.64
N LEU C 453 -16.74 56.33 -9.19
CA LEU C 453 -15.60 57.12 -9.63
C LEU C 453 -14.68 57.40 -8.45
N LYS C 454 -13.38 57.15 -8.64
CA LYS C 454 -12.41 57.48 -7.62
C LYS C 454 -12.37 58.99 -7.42
N SER C 455 -12.12 59.40 -6.18
CA SER C 455 -12.11 60.81 -5.81
C SER C 455 -10.71 61.42 -5.86
N LEU C 456 -9.84 60.91 -6.74
CA LEU C 456 -8.48 61.41 -6.85
C LEU C 456 -8.21 62.22 -8.10
N TYR C 457 -8.97 62.01 -9.19
CA TYR C 457 -8.96 62.90 -10.34
C TYR C 457 -7.57 63.02 -10.97
N LYS C 458 -7.14 61.91 -11.56
CA LYS C 458 -5.89 61.89 -12.33
C LYS C 458 -5.80 63.09 -13.25
N THR C 459 -4.63 63.70 -13.32
CA THR C 459 -4.42 64.95 -14.04
C THR C 459 -3.54 64.74 -15.26
N TYR C 460 -3.86 65.47 -16.33
CA TYR C 460 -3.04 65.52 -17.53
C TYR C 460 -3.06 66.98 -18.00
N VAL C 461 -2.53 67.21 -19.19
CA VAL C 461 -2.56 68.54 -19.80
C VAL C 461 -2.87 68.40 -21.28
N ASP C 462 -3.78 69.23 -21.77
CA ASP C 462 -4.19 69.22 -23.17
C ASP C 462 -3.26 70.15 -23.95
N VAL C 463 -2.31 69.56 -24.66
CA VAL C 463 -1.30 70.35 -25.35
C VAL C 463 -1.95 71.16 -26.46
N VAL C 464 -1.59 72.44 -26.55
CA VAL C 464 -2.01 73.29 -27.65
C VAL C 464 -0.83 73.82 -28.46
N HIS C 465 0.39 73.68 -27.98
CA HIS C 465 1.57 74.07 -28.74
C HIS C 465 2.80 73.43 -28.13
N VAL C 466 3.71 72.95 -28.98
CA VAL C 466 4.98 72.38 -28.55
C VAL C 466 6.09 73.09 -29.30
N LYS C 467 7.06 73.62 -28.55
CA LYS C 467 8.25 74.23 -29.13
C LYS C 467 9.47 73.46 -28.63
N LYS C 468 10.32 73.03 -29.56
CA LYS C 468 11.50 72.25 -29.22
C LYS C 468 12.59 73.20 -28.70
N VAL C 469 12.63 73.34 -27.37
CA VAL C 469 13.67 74.15 -26.75
C VAL C 469 15.04 73.53 -26.95
N SER C 470 15.14 72.19 -26.88
CA SER C 470 16.39 71.46 -27.06
C SER C 470 17.50 71.98 -26.14
N ILE C 501 22.20 72.05 -49.44
CA ILE C 501 20.86 72.43 -49.01
C ILE C 501 20.62 73.89 -49.38
N THR C 502 21.69 74.66 -49.54
CA THR C 502 21.62 76.07 -49.90
C THR C 502 22.65 76.34 -50.99
N ASP C 503 22.28 77.21 -51.94
CA ASP C 503 23.23 77.62 -52.98
C ASP C 503 24.43 78.34 -52.38
N GLN C 504 24.18 79.18 -51.36
CA GLN C 504 25.29 79.77 -50.62
C GLN C 504 26.13 78.70 -49.93
N ASP C 505 25.48 77.63 -49.45
CA ASP C 505 26.23 76.51 -48.88
C ASP C 505 27.12 75.87 -49.95
N LEU C 506 26.60 75.71 -51.16
CA LEU C 506 27.42 75.18 -52.26
C LEU C 506 28.60 76.10 -52.54
N ALA C 507 28.37 77.40 -52.53
CA ALA C 507 29.46 78.35 -52.73
C ALA C 507 30.51 78.21 -51.64
N LYS C 508 30.08 78.02 -50.40
CA LYS C 508 31.02 77.81 -49.30
C LYS C 508 31.81 76.51 -49.50
N ILE C 509 31.15 75.46 -49.98
CA ILE C 509 31.84 74.20 -50.25
C ILE C 509 32.91 74.41 -51.32
N ARG C 510 32.57 75.15 -52.37
CA ARG C 510 33.57 75.42 -53.41
C ARG C 510 34.72 76.26 -52.86
N GLU C 511 34.42 77.23 -51.99
CA GLU C 511 35.46 78.06 -51.40
C GLU C 511 36.42 77.24 -50.55
N VAL C 512 35.89 76.36 -49.71
CA VAL C 512 36.75 75.55 -48.86
C VAL C 512 37.48 74.49 -49.67
N ALA C 513 36.85 73.97 -50.73
CA ALA C 513 37.47 72.92 -51.53
C ALA C 513 38.62 73.46 -52.37
N ALA C 514 38.50 74.69 -52.86
CA ALA C 514 39.55 75.29 -53.67
C ALA C 514 40.79 75.63 -52.85
N ARG C 515 40.70 75.62 -51.52
CA ARG C 515 41.85 75.95 -50.70
C ARG C 515 42.93 74.88 -50.82
N GLU C 516 44.18 75.33 -50.96
CA GLU C 516 45.30 74.38 -51.06
C GLU C 516 45.49 73.61 -49.76
N ASP C 517 45.29 74.28 -48.62
CA ASP C 517 45.48 73.67 -47.31
C ASP C 517 44.21 73.03 -46.77
N LEU C 518 43.31 72.58 -47.66
CA LEU C 518 42.05 71.99 -47.22
C LEU C 518 42.28 70.78 -46.34
N TYR C 519 43.23 69.93 -46.71
CA TYR C 519 43.45 68.69 -45.99
C TYR C 519 43.90 68.97 -44.56
N SER C 520 44.90 69.83 -44.40
CA SER C 520 45.36 70.21 -43.07
C SER C 520 44.28 70.96 -42.28
N LEU C 521 43.50 71.81 -42.97
CA LEU C 521 42.44 72.53 -42.29
C LEU C 521 41.40 71.58 -41.71
N LEU C 522 40.98 70.58 -42.50
CA LEU C 522 40.05 69.59 -42.00
C LEU C 522 40.66 68.79 -40.86
N ALA C 523 41.95 68.43 -40.97
CA ALA C 523 42.60 67.70 -39.90
C ALA C 523 42.57 68.51 -38.60
N ARG C 524 42.85 69.81 -38.68
CA ARG C 524 42.78 70.65 -37.50
C ARG C 524 41.36 70.73 -36.95
N SER C 525 40.36 70.88 -37.84
CA SER C 525 38.99 71.06 -37.40
C SER C 525 38.40 69.78 -36.81
N ILE C 526 38.98 68.63 -37.10
CA ILE C 526 38.46 67.38 -36.54
C ILE C 526 38.58 67.40 -35.02
N ALA C 527 39.76 67.72 -34.50
CA ALA C 527 40.01 67.79 -33.06
C ALA C 527 40.75 69.09 -32.73
N PRO C 528 40.06 70.22 -32.75
CA PRO C 528 40.74 71.49 -32.46
C PRO C 528 41.35 71.56 -31.07
N SER C 529 40.73 70.91 -30.08
CA SER C 529 41.21 71.01 -28.71
C SER C 529 42.34 70.05 -28.39
N ILE C 530 42.72 69.18 -29.32
CA ILE C 530 43.77 68.19 -29.09
C ILE C 530 45.00 68.57 -29.91
N TYR C 531 46.14 68.65 -29.25
CA TYR C 531 47.40 69.01 -29.89
C TYR C 531 48.10 67.77 -30.44
N GLU C 532 49.00 68.01 -31.38
CA GLU C 532 49.73 66.95 -32.10
C GLU C 532 48.68 66.06 -32.77
N LEU C 533 48.89 64.74 -32.82
CA LEU C 533 47.93 63.80 -33.40
C LEU C 533 47.57 64.19 -34.84
N GLU C 534 48.59 64.61 -35.60
CA GLU C 534 48.35 65.08 -36.96
C GLU C 534 47.83 63.95 -37.85
N ASP C 535 48.51 62.81 -37.84
CA ASP C 535 48.12 61.71 -38.72
C ASP C 535 46.84 61.03 -38.26
N VAL C 536 46.59 61.00 -36.94
CA VAL C 536 45.37 60.38 -36.44
C VAL C 536 44.15 61.16 -36.95
N LYS C 537 44.21 62.48 -36.89
CA LYS C 537 43.12 63.29 -37.41
C LYS C 537 42.97 63.10 -38.92
N LYS C 538 44.08 62.92 -39.62
CA LYS C 538 44.02 62.64 -41.04
C LYS C 538 43.27 61.34 -41.34
N GLY C 539 43.63 60.28 -40.61
CA GLY C 539 42.94 59.01 -40.80
C GLY C 539 41.47 59.08 -40.44
N ILE C 540 41.14 59.77 -39.35
CA ILE C 540 39.74 59.93 -38.99
C ILE C 540 38.98 60.71 -40.05
N LEU C 541 39.60 61.76 -40.59
CA LEU C 541 38.97 62.52 -41.66
C LEU C 541 38.68 61.63 -42.86
N LEU C 542 39.65 60.81 -43.25
CA LEU C 542 39.40 59.89 -44.37
C LEU C 542 38.33 58.87 -44.04
N GLN C 543 38.24 58.45 -42.77
CA GLN C 543 37.17 57.53 -42.36
C GLN C 543 35.81 58.18 -42.53
N LEU C 544 35.69 59.47 -42.19
CA LEU C 544 34.42 60.16 -42.33
C LEU C 544 33.88 60.12 -43.75
N PHE C 545 34.76 60.19 -44.75
CA PHE C 545 34.33 60.14 -46.14
C PHE C 545 34.12 58.70 -46.60
N GLY C 546 35.16 57.88 -46.51
CA GLY C 546 35.08 56.49 -46.91
C GLY C 546 35.13 56.30 -48.41
N GLY C 547 35.34 55.06 -48.82
CA GLY C 547 35.46 54.74 -50.22
C GLY C 547 34.11 54.71 -50.93
N THR C 548 34.17 54.57 -52.24
CA THR C 548 32.95 54.47 -53.05
C THR C 548 32.23 53.17 -52.75
N ASN C 549 30.90 53.25 -52.65
CA ASN C 549 30.07 52.09 -52.38
C ASN C 549 29.80 51.36 -53.70
N LYS C 550 30.84 50.66 -54.17
CA LYS C 550 30.75 49.91 -55.41
C LYS C 550 29.78 48.74 -55.25
N THR C 551 28.95 48.53 -56.27
CA THR C 551 27.98 47.45 -56.29
C THR C 551 28.11 46.67 -57.59
N PHE C 552 27.41 45.55 -57.65
CA PHE C 552 27.45 44.68 -58.83
C PHE C 552 26.06 44.32 -59.30
N ARG C 557 30.06 41.31 -51.84
CA ARG C 557 29.90 42.76 -51.71
C ARG C 557 31.18 43.39 -51.17
N TYR C 558 31.50 44.57 -51.68
CA TYR C 558 32.71 45.30 -51.27
C TYR C 558 32.37 46.31 -50.19
N ARG C 559 33.18 46.32 -49.13
CA ARG C 559 32.86 47.14 -47.97
C ARG C 559 32.82 48.62 -48.31
N GLY C 560 33.88 49.13 -48.93
CA GLY C 560 33.96 50.54 -49.23
C GLY C 560 33.89 51.42 -48.01
N ASP C 561 34.59 51.05 -46.94
CA ASP C 561 34.53 51.78 -45.68
C ASP C 561 35.85 51.61 -44.94
N ILE C 562 36.11 52.53 -44.01
CA ILE C 562 37.36 52.59 -43.28
C ILE C 562 37.09 52.21 -41.83
N ASN C 563 37.85 51.24 -41.32
CA ASN C 563 37.78 50.83 -39.93
C ASN C 563 39.09 51.18 -39.24
N ILE C 564 39.01 51.96 -38.17
CA ILE C 564 40.20 52.51 -37.50
C ILE C 564 40.15 52.14 -36.02
N LEU C 565 41.26 51.62 -35.52
CA LEU C 565 41.41 51.29 -34.11
C LEU C 565 42.48 52.19 -33.51
N LEU C 566 42.20 52.75 -32.33
CA LEU C 566 43.11 53.64 -31.64
C LEU C 566 43.67 52.91 -30.42
N CYS C 567 44.92 52.46 -30.51
CA CYS C 567 45.47 51.65 -29.38
C CYS C 567 46.33 52.54 -28.47
N GLY C 568 47.54 52.07 -28.14
CA GLY C 568 48.46 52.85 -27.28
C GLY C 568 48.07 52.78 -25.81
N ASP C 569 48.83 53.46 -24.94
CA ASP C 569 48.48 53.50 -23.50
C ASP C 569 47.17 54.26 -23.35
N PRO C 570 46.44 54.15 -22.21
CA PRO C 570 45.14 54.81 -22.07
C PRO C 570 45.30 56.29 -22.41
N SER C 571 44.44 56.81 -23.28
CA SER C 571 44.56 58.23 -23.69
C SER C 571 43.23 58.96 -23.44
N THR C 572 43.29 60.13 -22.81
CA THR C 572 42.06 60.94 -22.62
C THR C 572 41.51 61.25 -24.01
N SER C 573 42.39 61.58 -24.96
CA SER C 573 41.95 61.83 -26.35
C SER C 573 41.29 60.56 -26.87
N LYS C 574 41.91 59.41 -26.59
CA LYS C 574 41.28 58.13 -26.99
C LYS C 574 39.80 58.22 -26.66
N SER C 575 39.42 59.21 -25.84
CA SER C 575 38.00 59.42 -25.60
C SER C 575 37.54 60.77 -26.11
N GLN C 576 38.34 61.81 -25.90
CA GLN C 576 37.95 63.15 -26.33
C GLN C 576 37.74 63.21 -27.83
N ILE C 577 38.69 62.69 -28.60
CA ILE C 577 38.54 62.70 -30.04
C ILE C 577 37.41 61.78 -30.47
N LEU C 578 37.10 60.76 -29.66
CA LEU C 578 35.93 59.94 -29.95
C LEU C 578 34.65 60.76 -29.86
N GLN C 579 34.48 61.53 -28.78
CA GLN C 579 33.29 62.37 -28.70
C GLN C 579 33.28 63.42 -29.81
N TYR C 580 34.45 63.97 -30.14
CA TYR C 580 34.52 64.95 -31.22
C TYR C 580 34.04 64.37 -32.55
N VAL C 581 34.55 63.19 -32.91
CA VAL C 581 34.16 62.58 -34.18
C VAL C 581 32.69 62.16 -34.14
N HIS C 582 32.21 61.73 -32.97
CA HIS C 582 30.78 61.39 -32.85
C HIS C 582 29.91 62.61 -33.11
N LYS C 583 30.30 63.76 -32.56
CA LYS C 583 29.56 64.98 -32.83
C LYS C 583 29.67 65.37 -34.30
N ILE C 584 30.83 65.12 -34.91
CA ILE C 584 31.04 65.49 -36.31
C ILE C 584 30.22 64.61 -37.24
N THR C 585 30.22 63.29 -37.02
CA THR C 585 29.56 62.41 -37.97
C THR C 585 28.05 62.59 -37.92
N PRO C 586 27.37 62.55 -39.07
CA PRO C 586 25.90 62.72 -39.08
C PRO C 586 25.19 61.58 -38.37
N ARG C 587 25.43 60.36 -38.83
CA ARG C 587 24.83 59.17 -38.25
C ARG C 587 25.80 58.53 -37.26
N GLY C 588 25.48 57.34 -36.79
CA GLY C 588 26.32 56.65 -35.84
C GLY C 588 26.03 57.06 -34.41
N VAL C 589 26.62 56.32 -33.48
CA VAL C 589 26.37 56.54 -32.06
C VAL C 589 27.61 56.15 -31.27
N TYR C 590 27.97 56.98 -30.30
CA TYR C 590 29.03 56.64 -29.37
C TYR C 590 28.58 55.50 -28.47
N THR C 591 29.43 54.49 -28.31
CA THR C 591 29.08 53.33 -27.51
C THR C 591 30.33 52.79 -26.83
N SER C 592 30.14 52.25 -25.62
CA SER C 592 31.22 51.64 -24.86
C SER C 592 31.11 50.12 -24.99
N GLY C 593 32.20 49.49 -25.43
CA GLY C 593 32.19 48.04 -25.60
C GLY C 593 32.07 47.31 -24.28
N LYS C 594 32.81 47.75 -23.26
CA LYS C 594 32.80 47.06 -21.97
C LYS C 594 31.45 47.20 -21.28
N GLY C 595 30.91 48.42 -21.24
CA GLY C 595 29.67 48.66 -20.53
C GLY C 595 28.44 48.37 -21.36
N SER C 596 28.33 49.01 -22.52
CA SER C 596 27.17 48.87 -23.41
C SER C 596 25.86 49.22 -22.70
N SER C 597 25.93 50.16 -21.74
CA SER C 597 24.75 50.52 -20.97
C SER C 597 23.76 51.32 -21.83
N ALA C 598 24.25 52.30 -22.58
CA ALA C 598 23.37 53.12 -23.40
C ALA C 598 22.72 52.32 -24.51
N VAL C 599 23.53 51.59 -25.28
CA VAL C 599 23.06 50.75 -26.36
C VAL C 599 23.75 49.40 -26.24
N GLY C 600 23.00 48.32 -26.50
CA GLY C 600 23.50 46.98 -26.33
C GLY C 600 24.60 46.57 -27.28
N LEU C 601 24.88 47.37 -28.30
CA LEU C 601 25.93 47.16 -29.31
C LEU C 601 25.62 46.00 -30.24
N THR C 602 24.53 45.27 -30.01
CA THR C 602 24.15 44.16 -30.88
C THR C 602 22.64 44.04 -30.86
N ALA C 603 22.08 43.55 -31.96
CA ALA C 603 20.64 43.43 -32.08
C ALA C 603 20.16 42.15 -31.41
N TYR C 604 19.32 42.29 -30.40
CA TYR C 604 18.77 41.15 -29.69
C TYR C 604 17.31 41.42 -29.33
N ILE C 605 16.53 40.34 -29.26
CA ILE C 605 15.11 40.40 -29.01
C ILE C 605 14.86 40.67 -27.53
N THR C 606 13.94 41.60 -27.24
CA THR C 606 13.57 41.95 -25.88
C THR C 606 12.07 41.79 -25.70
N ARG C 607 11.66 41.40 -24.51
CA ARG C 607 10.26 41.45 -24.11
C ARG C 607 10.02 42.80 -23.46
N ASP C 608 9.29 43.68 -24.15
CA ASP C 608 9.17 45.07 -23.74
C ASP C 608 8.34 45.25 -22.47
N VAL C 609 7.91 44.16 -21.83
CA VAL C 609 7.10 44.19 -20.60
C VAL C 609 5.71 44.73 -20.89
N ASP C 610 5.62 45.99 -21.33
CA ASP C 610 4.33 46.55 -21.67
C ASP C 610 3.74 45.80 -22.87
N THR C 611 2.65 45.08 -22.64
CA THR C 611 2.03 44.08 -23.51
C THR C 611 2.90 42.82 -23.61
N LYS C 612 4.09 42.81 -23.00
CA LYS C 612 4.97 41.65 -22.97
C LYS C 612 5.18 41.06 -24.36
N GLN C 613 5.40 41.92 -25.35
CA GLN C 613 5.49 41.49 -26.74
C GLN C 613 6.94 41.25 -27.13
N LEU C 614 7.11 40.47 -28.20
CA LEU C 614 8.43 40.08 -28.68
C LEU C 614 8.98 41.12 -29.67
N VAL C 615 9.34 42.27 -29.12
CA VAL C 615 9.85 43.37 -29.94
C VAL C 615 11.33 43.15 -30.22
N LEU C 616 11.73 43.39 -31.45
CA LEU C 616 13.13 43.29 -31.86
C LEU C 616 13.74 44.68 -31.89
N GLU C 617 14.73 44.90 -31.03
CA GLU C 617 15.41 46.18 -30.94
C GLU C 617 16.79 46.06 -31.57
N SER C 618 17.11 47.00 -32.47
CA SER C 618 18.36 46.97 -33.20
C SER C 618 19.50 47.50 -32.33
N GLY C 619 20.69 46.96 -32.56
CA GLY C 619 21.85 47.31 -31.76
C GLY C 619 22.48 48.62 -32.21
N ALA C 620 23.70 48.84 -31.72
CA ALA C 620 24.43 50.05 -32.09
C ALA C 620 25.02 49.95 -33.49
N LEU C 621 25.47 48.75 -33.89
CA LEU C 621 26.07 48.57 -35.20
C LEU C 621 25.08 48.96 -36.30
N VAL C 622 23.97 48.22 -36.38
CA VAL C 622 22.86 48.68 -37.21
C VAL C 622 22.32 49.98 -36.62
N LEU C 623 21.63 50.76 -37.46
CA LEU C 623 21.21 52.14 -37.28
C LEU C 623 22.37 53.10 -37.53
N SER C 624 23.58 52.60 -37.78
CA SER C 624 24.73 53.45 -38.07
C SER C 624 25.27 53.21 -39.47
N ASP C 625 24.44 52.72 -40.38
CA ASP C 625 24.86 52.56 -41.77
C ASP C 625 25.19 53.91 -42.38
N GLY C 626 26.36 54.00 -43.02
CA GLY C 626 26.83 55.27 -43.53
C GLY C 626 27.55 56.08 -42.47
N GLY C 627 27.05 56.04 -41.24
CA GLY C 627 27.68 56.71 -40.14
C GLY C 627 28.84 55.92 -39.57
N VAL C 628 29.40 56.44 -38.50
CA VAL C 628 30.55 55.84 -37.83
C VAL C 628 30.12 55.45 -36.42
N CYS C 629 30.23 54.16 -36.11
CA CYS C 629 29.87 53.65 -34.79
C CYS C 629 31.11 53.65 -33.94
N CYS C 630 31.36 54.78 -33.26
CA CYS C 630 32.57 54.94 -32.45
C CYS C 630 32.47 54.05 -31.21
N ILE C 631 33.29 53.02 -31.16
CA ILE C 631 33.35 52.11 -30.03
C ILE C 631 34.33 52.67 -29.01
N ASP C 632 34.10 52.36 -27.74
CA ASP C 632 35.02 52.70 -26.67
C ASP C 632 35.22 51.48 -25.78
N GLU C 633 36.39 51.43 -25.14
CA GLU C 633 36.79 50.29 -24.31
C GLU C 633 36.68 48.99 -25.12
N PHE C 634 37.21 49.03 -26.34
CA PHE C 634 37.08 47.91 -27.27
C PHE C 634 37.77 46.66 -26.73
N ASP C 635 38.75 46.82 -25.85
CA ASP C 635 39.47 45.66 -25.34
C ASP C 635 38.63 44.86 -24.35
N LYS C 636 37.83 45.55 -23.53
CA LYS C 636 37.12 44.92 -22.43
C LYS C 636 35.73 44.41 -22.82
N MET C 637 35.37 44.50 -24.10
CA MET C 637 34.09 43.99 -24.54
C MET C 637 34.05 42.46 -24.46
N SER C 638 32.85 41.93 -24.31
CA SER C 638 32.68 40.49 -24.12
C SER C 638 33.02 39.73 -25.40
N ASP C 639 33.26 38.43 -25.23
CA ASP C 639 33.56 37.57 -26.37
C ASP C 639 32.35 37.43 -27.28
N SER C 640 31.15 37.36 -26.69
CA SER C 640 29.94 37.21 -27.49
C SER C 640 29.75 38.37 -28.44
N THR C 641 29.96 39.60 -27.97
CA THR C 641 29.89 40.75 -28.86
C THR C 641 31.13 40.88 -29.73
N ARG C 642 32.25 40.28 -29.34
CA ARG C 642 33.41 40.23 -30.23
C ARG C 642 33.11 39.40 -31.46
N SER C 643 32.37 38.29 -31.30
CA SER C 643 31.92 37.53 -32.45
C SER C 643 30.99 38.36 -33.33
N VAL C 644 30.12 39.16 -32.73
CA VAL C 644 29.24 40.04 -33.51
C VAL C 644 30.07 41.04 -34.30
N LEU C 645 31.14 41.56 -33.69
CA LEU C 645 32.03 42.46 -34.41
C LEU C 645 32.72 41.76 -35.58
N HIS C 646 33.17 40.52 -35.36
CA HIS C 646 33.69 39.72 -36.47
C HIS C 646 32.68 39.65 -37.61
N GLU C 647 31.43 39.32 -37.27
CA GLU C 647 30.41 39.15 -38.31
C GLU C 647 30.14 40.47 -39.04
N VAL C 648 30.05 41.58 -38.31
CA VAL C 648 29.68 42.84 -38.95
C VAL C 648 30.82 43.36 -39.81
N MET C 649 32.06 43.22 -39.37
CA MET C 649 33.16 43.68 -40.20
C MET C 649 33.44 42.76 -41.37
N GLU C 650 33.14 41.46 -41.24
CA GLU C 650 33.36 40.55 -42.35
C GLU C 650 32.15 40.49 -43.28
N GLN C 651 30.99 40.11 -42.75
CA GLN C 651 29.82 39.86 -43.58
C GLN C 651 29.02 41.12 -43.89
N GLN C 652 29.24 42.21 -43.16
CA GLN C 652 28.54 43.48 -43.26
C GLN C 652 27.09 43.41 -42.81
N THR C 653 26.60 42.25 -42.38
CA THR C 653 25.24 42.11 -41.89
C THR C 653 25.24 41.33 -40.58
N ILE C 654 24.22 41.58 -39.77
CA ILE C 654 24.02 40.86 -38.52
C ILE C 654 22.79 39.97 -38.69
N SER C 655 22.98 38.67 -38.49
CA SER C 655 21.92 37.69 -38.65
C SER C 655 21.48 37.19 -37.29
N ILE C 656 20.17 37.16 -37.07
CA ILE C 656 19.59 36.75 -35.80
C ILE C 656 18.68 35.55 -36.04
N ALA C 657 18.76 34.56 -35.14
CA ALA C 657 17.86 33.42 -35.15
C ALA C 657 17.49 33.14 -33.70
N LYS C 658 16.43 33.80 -33.23
CA LYS C 658 16.03 33.69 -31.83
C LYS C 658 14.52 33.88 -31.72
N ALA C 659 13.89 33.04 -30.90
CA ALA C 659 12.46 33.15 -30.61
C ALA C 659 11.62 33.14 -31.89
N GLY C 660 12.01 32.28 -32.83
CA GLY C 660 11.25 32.12 -34.05
C GLY C 660 11.46 33.21 -35.07
N ILE C 661 12.38 34.14 -34.82
CA ILE C 661 12.67 35.23 -35.74
C ILE C 661 14.02 34.94 -36.37
N ILE C 662 14.04 34.69 -37.68
CA ILE C 662 15.29 34.54 -38.41
C ILE C 662 15.34 35.62 -39.48
N THR C 663 16.37 36.45 -39.43
CA THR C 663 16.50 37.59 -40.32
C THR C 663 17.95 38.05 -40.34
N THR C 664 18.29 38.83 -41.36
CA THR C 664 19.60 39.44 -41.49
C THR C 664 19.42 40.95 -41.56
N LEU C 665 20.13 41.67 -40.70
CA LEU C 665 20.03 43.12 -40.63
C LEU C 665 21.25 43.75 -41.29
N ASN C 666 21.00 44.67 -42.23
CA ASN C 666 22.08 45.34 -42.92
C ASN C 666 22.74 46.35 -41.97
N ALA C 667 24.04 46.15 -41.71
CA ALA C 667 24.75 47.04 -40.80
C ALA C 667 25.46 48.17 -41.57
N ARG C 668 26.39 47.81 -42.45
CA ARG C 668 27.08 48.77 -43.32
C ARG C 668 27.67 49.94 -42.52
N SER C 669 28.21 49.63 -41.35
CA SER C 669 28.66 50.66 -40.42
C SER C 669 30.15 50.89 -40.55
N SER C 670 30.62 51.96 -39.90
CA SER C 670 32.02 52.30 -39.82
C SER C 670 32.47 52.16 -38.37
N ILE C 671 33.59 51.46 -38.15
CA ILE C 671 34.09 51.18 -36.81
C ILE C 671 35.25 52.11 -36.52
N LEU C 672 35.16 52.85 -35.41
CA LEU C 672 36.25 53.68 -34.91
C LEU C 672 36.39 53.34 -33.42
N ALA C 673 37.20 52.33 -33.13
CA ALA C 673 37.35 51.83 -31.77
C ALA C 673 38.58 52.43 -31.11
N SER C 674 38.58 52.42 -29.78
CA SER C 674 39.70 52.93 -29.00
C SER C 674 39.79 52.08 -27.74
N ALA C 675 40.82 51.24 -27.67
CA ALA C 675 40.99 50.28 -26.59
C ALA C 675 42.24 50.61 -25.78
N ASN C 676 42.09 50.65 -24.46
CA ASN C 676 43.22 50.81 -23.56
C ASN C 676 43.97 49.49 -23.44
N PRO C 677 45.25 49.53 -23.09
CA PRO C 677 46.04 48.30 -23.03
C PRO C 677 45.92 47.64 -21.66
N ILE C 678 46.57 46.48 -21.54
CA ILE C 678 46.71 45.84 -20.24
C ILE C 678 47.86 46.48 -19.48
N GLY C 679 47.82 46.36 -18.16
CA GLY C 679 48.82 46.97 -17.33
C GLY C 679 48.60 48.46 -17.15
N SER C 680 49.58 49.10 -16.52
CA SER C 680 49.47 50.52 -16.23
C SER C 680 49.44 51.36 -17.51
N ARG C 681 50.30 51.03 -18.47
CA ARG C 681 50.41 51.82 -19.69
C ARG C 681 50.96 50.93 -20.79
N TYR C 682 50.82 51.40 -22.03
CA TYR C 682 51.31 50.66 -23.18
C TYR C 682 52.83 50.55 -23.13
N ASN C 683 53.34 49.39 -23.52
CA ASN C 683 54.77 49.16 -23.60
C ASN C 683 55.20 49.13 -25.06
N PRO C 684 55.90 50.15 -25.54
CA PRO C 684 56.28 50.18 -26.97
C PRO C 684 57.15 49.01 -27.40
N ASN C 685 57.99 48.50 -26.51
CA ASN C 685 58.85 47.36 -26.86
C ASN C 685 58.01 46.12 -27.17
N LEU C 686 56.98 45.87 -26.35
CA LEU C 686 56.14 44.70 -26.57
C LEU C 686 55.24 44.91 -27.78
N PRO C 687 54.93 43.84 -28.51
CA PRO C 687 54.05 43.98 -29.67
C PRO C 687 52.63 44.38 -29.25
N VAL C 688 51.89 44.87 -30.24
CA VAL C 688 50.56 45.43 -29.98
C VAL C 688 49.61 44.33 -29.48
N THR C 689 49.75 43.11 -30.00
CA THR C 689 48.87 42.03 -29.58
C THR C 689 49.07 41.71 -28.11
N GLU C 690 50.32 41.66 -27.66
CA GLU C 690 50.62 41.33 -26.26
C GLU C 690 50.22 42.45 -25.31
N ASN C 691 49.87 43.62 -25.81
CA ASN C 691 49.53 44.76 -24.96
C ASN C 691 48.05 45.13 -24.98
N ILE C 692 47.36 44.89 -26.10
CA ILE C 692 45.98 45.36 -26.22
C ILE C 692 44.96 44.33 -25.77
N ASP C 693 45.33 43.05 -25.66
CA ASP C 693 44.41 41.97 -25.29
C ASP C 693 43.24 41.91 -26.27
N LEU C 694 43.57 41.62 -27.53
CA LEU C 694 42.58 41.55 -28.59
C LEU C 694 43.01 40.44 -29.54
N PRO C 695 42.09 39.58 -29.96
CA PRO C 695 42.45 38.48 -30.86
C PRO C 695 43.04 39.00 -32.16
N PRO C 696 44.07 38.34 -32.68
CA PRO C 696 44.74 38.80 -33.90
C PRO C 696 43.78 38.92 -35.08
N PRO C 697 42.85 37.97 -35.28
CA PRO C 697 41.90 38.16 -36.38
C PRO C 697 41.05 39.41 -36.24
N LEU C 698 40.70 39.79 -35.01
CA LEU C 698 39.94 41.01 -34.82
C LEU C 698 40.79 42.24 -35.09
N LEU C 699 42.08 42.19 -34.76
CA LEU C 699 42.95 43.34 -34.96
C LEU C 699 43.30 43.53 -36.43
N SER C 700 43.41 42.43 -37.18
CA SER C 700 43.78 42.54 -38.59
C SER C 700 42.67 43.10 -39.45
N ARG C 701 41.45 43.21 -38.94
CA ARG C 701 40.33 43.71 -39.74
C ARG C 701 40.34 45.22 -39.89
N PHE C 702 41.19 45.93 -39.16
CA PHE C 702 41.21 47.39 -39.20
C PHE C 702 42.16 47.86 -40.28
N ASP C 703 41.70 48.81 -41.09
CA ASP C 703 42.55 49.35 -42.16
C ASP C 703 43.73 50.12 -41.59
N LEU C 704 43.45 51.05 -40.67
CA LEU C 704 44.49 51.88 -40.06
C LEU C 704 44.35 51.77 -38.55
N VAL C 705 45.41 51.30 -37.89
CA VAL C 705 45.41 51.17 -36.41
C VAL C 705 46.51 52.07 -35.84
N TYR C 706 46.15 53.23 -35.30
CA TYR C 706 47.16 54.19 -34.80
C TYR C 706 47.53 53.87 -33.35
N LEU C 707 48.82 53.71 -33.08
CA LEU C 707 49.28 53.43 -31.69
C LEU C 707 49.54 54.76 -30.98
N VAL C 708 48.48 55.39 -30.46
CA VAL C 708 48.62 56.71 -29.77
C VAL C 708 49.34 56.48 -28.44
N LEU C 709 50.57 56.96 -28.32
CA LEU C 709 51.35 56.76 -27.09
C LEU C 709 51.68 58.12 -26.46
N ASP C 710 51.97 58.15 -25.16
CA ASP C 710 52.36 59.41 -24.48
C ASP C 710 53.70 59.13 -23.78
N LYS C 711 54.74 58.80 -24.56
CA LYS C 711 56.05 58.44 -23.94
C LYS C 711 56.67 59.69 -23.32
N VAL C 712 57.36 59.53 -22.18
CA VAL C 712 58.00 60.66 -21.50
C VAL C 712 59.23 61.21 -22.20
N ASP C 713 59.28 62.52 -22.35
CA ASP C 713 60.46 63.26 -22.77
C ASP C 713 60.20 64.73 -22.52
N GLU C 714 61.18 65.41 -21.93
CA GLU C 714 60.96 66.78 -21.49
C GLU C 714 60.74 67.74 -22.65
N LYS C 715 61.37 67.48 -23.79
CA LYS C 715 61.22 68.37 -24.94
C LYS C 715 59.77 68.42 -25.40
N ASN C 716 59.15 67.26 -25.63
CA ASN C 716 57.75 67.24 -26.03
C ASN C 716 56.83 67.62 -24.88
N ASP C 717 57.18 67.20 -23.66
CA ASP C 717 56.30 67.44 -22.52
C ASP C 717 56.19 68.92 -22.21
N ARG C 718 57.26 69.69 -22.41
CA ARG C 718 57.20 71.12 -22.17
C ARG C 718 56.15 71.77 -23.07
N GLU C 719 56.22 71.49 -24.37
CA GLU C 719 55.25 72.05 -25.31
C GLU C 719 53.83 71.56 -25.01
N LEU C 720 53.69 70.27 -24.73
CA LEU C 720 52.36 69.72 -24.47
C LEU C 720 51.74 70.35 -23.23
N ALA C 721 52.53 70.51 -22.16
CA ALA C 721 52.01 71.07 -20.93
C ALA C 721 51.75 72.57 -21.07
N LYS C 722 52.56 73.27 -21.86
CA LYS C 722 52.27 74.67 -22.14
C LYS C 722 50.95 74.81 -22.89
N HIS C 723 50.74 73.95 -23.88
CA HIS C 723 49.47 73.97 -24.61
C HIS C 723 48.30 73.62 -23.69
N LEU C 724 48.52 72.70 -22.75
CA LEU C 724 47.48 72.38 -21.78
C LEU C 724 47.17 73.57 -20.87
N THR C 725 48.21 74.25 -20.38
CA THR C 725 48.00 75.44 -19.57
C THR C 725 47.28 76.53 -20.34
N ASN C 726 47.48 76.58 -21.66
CA ASN C 726 46.66 77.47 -22.48
C ASN C 726 45.18 77.14 -22.32
N LEU C 727 44.84 75.84 -22.26
CA LEU C 727 43.45 75.46 -22.03
C LEU C 727 42.97 75.89 -20.65
N TYR C 728 43.81 75.75 -19.62
CA TYR C 728 43.42 76.20 -18.29
C TYR C 728 43.13 77.69 -18.27
N LEU C 729 44.00 78.47 -18.91
CA LEU C 729 43.80 79.91 -18.99
C LEU C 729 42.66 80.30 -19.92
N GLU C 730 42.22 79.39 -20.80
CA GLU C 730 41.18 79.74 -21.76
C GLU C 730 39.81 79.86 -21.10
N ASP C 731 39.47 78.93 -20.21
CA ASP C 731 38.15 78.89 -19.61
C ASP C 731 38.24 79.13 -18.10
N LYS C 732 37.21 79.78 -17.57
CA LYS C 732 37.14 80.10 -16.15
C LYS C 732 35.69 80.16 -15.67
N VAL C 741 41.35 80.03 -38.71
CA VAL C 741 40.00 79.77 -39.19
C VAL C 741 39.74 78.27 -39.19
N LEU C 742 38.54 77.87 -38.73
CA LEU C 742 38.17 76.48 -38.66
C LEU C 742 36.67 76.35 -38.91
N PRO C 743 36.23 75.48 -39.81
CA PRO C 743 34.80 75.23 -39.97
C PRO C 743 34.27 74.36 -38.83
N VAL C 744 33.92 75.01 -37.72
CA VAL C 744 33.59 74.27 -36.49
C VAL C 744 32.39 73.37 -36.71
N GLU C 745 31.41 73.82 -37.49
CA GLU C 745 30.19 73.04 -37.73
C GLU C 745 29.90 72.80 -39.20
N PHE C 746 30.48 73.58 -40.11
CA PHE C 746 30.21 73.39 -41.53
C PHE C 746 30.67 72.03 -42.02
N LEU C 747 31.64 71.42 -41.34
CA LEU C 747 32.20 70.17 -41.83
C LEU C 747 31.22 69.01 -41.67
N THR C 748 30.37 69.02 -40.65
CA THR C 748 29.46 67.90 -40.44
C THR C 748 28.44 67.76 -41.55
N MET C 749 28.18 68.83 -42.31
CA MET C 749 27.37 68.75 -43.51
C MET C 749 28.20 68.72 -44.79
N TYR C 750 29.40 69.29 -44.77
CA TYR C 750 30.30 69.16 -45.91
C TYR C 750 30.64 67.69 -46.18
N ILE C 751 30.82 66.92 -45.11
CA ILE C 751 31.08 65.49 -45.26
C ILE C 751 29.91 64.80 -45.95
N SER C 752 28.68 65.14 -45.56
CA SER C 752 27.51 64.54 -46.20
C SER C 752 27.43 64.95 -47.67
N TYR C 753 27.71 66.23 -47.97
CA TYR C 753 27.67 66.68 -49.36
C TYR C 753 28.70 65.94 -50.21
N ALA C 754 29.90 65.73 -49.67
CA ALA C 754 30.91 64.98 -50.40
C ALA C 754 30.52 63.51 -50.52
N LYS C 755 29.82 62.97 -49.52
CA LYS C 755 29.42 61.57 -49.55
C LYS C 755 28.32 61.33 -50.57
N GLU C 756 27.45 62.31 -50.80
CA GLU C 756 26.33 62.16 -51.74
C GLU C 756 26.70 62.59 -53.15
N HIS C 757 27.19 63.82 -53.31
CA HIS C 757 27.46 64.34 -54.66
C HIS C 757 28.61 63.60 -55.33
N ILE C 758 29.67 63.30 -54.58
CA ILE C 758 30.91 62.80 -55.16
C ILE C 758 30.89 61.28 -55.17
N HIS C 759 31.22 60.70 -56.32
CA HIS C 759 31.38 59.25 -56.48
C HIS C 759 32.73 59.00 -57.15
N PRO C 760 33.79 58.87 -56.36
CA PRO C 760 35.13 58.74 -56.95
C PRO C 760 35.26 57.51 -57.84
N ILE C 761 36.01 57.66 -58.92
CA ILE C 761 36.29 56.58 -59.86
C ILE C 761 37.79 56.51 -60.06
N ILE C 762 38.35 55.32 -59.93
CA ILE C 762 39.79 55.12 -60.00
C ILE C 762 40.21 54.88 -61.45
N THR C 763 41.35 55.45 -61.83
CA THR C 763 41.81 55.44 -63.21
C THR C 763 43.03 54.54 -63.37
N GLU C 764 43.51 54.44 -64.62
CA GLU C 764 44.56 53.49 -64.96
C GLU C 764 45.91 53.88 -64.36
N ALA C 765 46.25 55.18 -64.37
CA ALA C 765 47.49 55.60 -63.73
C ALA C 765 47.48 55.27 -62.25
N ALA C 766 46.35 55.52 -61.59
CA ALA C 766 46.20 55.10 -60.20
C ALA C 766 46.30 53.60 -60.05
N LYS C 767 45.78 52.84 -61.02
CA LYS C 767 45.88 51.39 -60.97
C LYS C 767 47.34 50.94 -60.99
N THR C 768 48.12 51.48 -61.93
CA THR C 768 49.53 51.12 -62.02
C THR C 768 50.28 51.53 -60.76
N GLU C 769 49.98 52.73 -60.24
CA GLU C 769 50.64 53.19 -59.03
C GLU C 769 50.33 52.29 -57.85
N LEU C 770 49.06 51.89 -57.70
CA LEU C 770 48.69 50.99 -56.61
C LEU C 770 49.36 49.64 -56.75
N VAL C 771 49.26 49.01 -57.91
CA VAL C 771 49.81 47.65 -58.03
C VAL C 771 51.27 47.75 -57.61
N ARG C 772 51.95 48.77 -58.14
CA ARG C 772 53.38 48.96 -57.81
C ARG C 772 53.52 49.08 -56.30
N ALA C 773 52.68 49.89 -55.68
CA ALA C 773 52.84 50.12 -54.23
C ALA C 773 52.79 48.78 -53.49
N TYR C 774 51.77 47.97 -53.78
CA TYR C 774 51.60 46.68 -53.08
C TYR C 774 52.81 45.79 -53.32
N VAL C 775 53.23 45.67 -54.58
CA VAL C 775 54.36 44.73 -54.85
C VAL C 775 55.55 45.21 -54.04
N GLY C 776 55.79 46.52 -54.04
CA GLY C 776 56.93 47.10 -53.32
C GLY C 776 56.86 46.78 -51.84
N MET C 777 55.71 47.02 -51.21
CA MET C 777 55.54 46.72 -49.77
C MET C 777 55.92 45.25 -49.53
N ARG C 778 55.33 44.36 -50.33
CA ARG C 778 55.61 42.91 -50.08
C ARG C 778 57.11 42.65 -50.19
N LYS C 779 57.75 43.12 -51.26
CA LYS C 779 59.19 42.81 -51.48
C LYS C 779 60.02 43.39 -50.33
N MET C 780 59.54 44.47 -49.72
CA MET C 780 60.24 44.98 -48.52
C MET C 780 60.24 43.86 -47.49
N GLY C 781 61.19 42.91 -47.61
CA GLY C 781 61.24 41.76 -46.68
C GLY C 781 61.18 40.43 -47.42
N ASP C 782 60.84 40.44 -48.71
CA ASP C 782 60.89 39.22 -49.56
C ASP C 782 61.78 39.47 -50.78
N LYS C 789 60.83 35.48 -47.15
CA LYS C 789 60.76 34.60 -45.95
C LYS C 789 59.67 35.13 -45.01
N ARG C 790 59.71 36.41 -44.65
CA ARG C 790 58.65 37.00 -43.81
C ARG C 790 57.50 37.44 -44.72
N ILE C 791 56.43 38.00 -44.15
CA ILE C 791 55.25 38.34 -44.98
C ILE C 791 54.78 39.73 -44.57
N THR C 792 55.08 40.75 -45.37
CA THR C 792 54.77 42.12 -44.94
C THR C 792 53.28 42.48 -45.06
N ALA C 793 52.80 42.80 -46.25
CA ALA C 793 51.43 43.31 -46.42
C ALA C 793 50.55 42.17 -46.93
N THR C 794 49.24 42.41 -46.97
CA THR C 794 48.31 41.37 -47.41
C THR C 794 47.23 42.01 -48.28
N THR C 795 46.54 41.22 -49.04
CA THR C 795 45.54 41.70 -50.04
C THR C 795 44.41 42.47 -49.34
N ARG C 796 44.15 42.17 -48.07
CA ARG C 796 43.14 42.95 -47.32
C ARG C 796 43.65 44.39 -47.26
N GLN C 797 44.95 44.55 -46.95
CA GLN C 797 45.57 45.90 -46.90
C GLN C 797 45.51 46.52 -48.30
N LEU C 798 45.76 45.73 -49.35
CA LEU C 798 45.62 46.29 -50.73
C LEU C 798 44.21 46.87 -50.93
N GLU C 799 43.18 46.10 -50.57
CA GLU C 799 41.79 46.56 -50.79
C GLU C 799 41.50 47.78 -49.92
N SER C 800 42.10 47.84 -48.72
CA SER C 800 41.91 49.02 -47.83
C SER C 800 42.52 50.24 -48.49
N MET C 801 43.72 50.11 -49.07
CA MET C 801 44.33 51.24 -49.80
C MET C 801 43.38 51.64 -50.92
N ILE C 802 42.82 50.66 -51.64
CA ILE C 802 41.80 51.03 -52.67
C ILE C 802 40.72 51.90 -52.00
N ARG C 803 40.59 51.82 -50.67
CA ARG C 803 39.53 52.53 -49.97
C ARG C 803 39.99 53.91 -49.54
N LEU C 804 41.22 54.02 -49.05
CA LEU C 804 41.73 55.33 -48.62
C LEU C 804 41.92 56.26 -49.81
N ALA C 805 42.38 55.75 -50.94
CA ALA C 805 42.48 56.58 -52.13
C ALA C 805 41.10 57.08 -52.57
N GLU C 806 40.10 56.20 -52.53
CA GLU C 806 38.75 56.61 -52.88
C GLU C 806 38.23 57.67 -51.92
N ALA C 807 38.52 57.52 -50.62
CA ALA C 807 38.09 58.51 -49.64
C ALA C 807 38.78 59.84 -49.86
N HIS C 808 40.08 59.82 -50.18
CA HIS C 808 40.81 61.05 -50.43
C HIS C 808 40.32 61.74 -51.69
N ALA C 809 39.90 60.98 -52.69
CA ALA C 809 39.28 61.58 -53.86
C ALA C 809 37.89 62.12 -53.55
N LYS C 810 37.15 61.43 -52.69
CA LYS C 810 35.83 61.92 -52.27
C LYS C 810 35.96 63.26 -51.56
N MET C 811 36.89 63.36 -50.64
CA MET C 811 37.26 64.65 -50.08
C MET C 811 37.96 65.47 -51.16
N LYS C 812 37.84 66.80 -51.05
CA LYS C 812 38.28 67.80 -52.03
C LYS C 812 37.36 67.87 -53.25
N LEU C 813 36.37 66.98 -53.35
CA LEU C 813 35.35 67.04 -54.39
C LEU C 813 35.96 67.01 -55.79
N LYS C 814 36.61 65.89 -56.10
CA LYS C 814 37.15 65.67 -57.43
C LYS C 814 36.61 64.43 -58.13
N ASN C 815 35.97 63.52 -57.40
CA ASN C 815 35.25 62.35 -57.94
C ASN C 815 36.10 61.52 -58.91
N VAL C 816 37.42 61.72 -58.88
CA VAL C 816 38.36 60.92 -59.67
C VAL C 816 39.57 60.62 -58.81
N VAL C 817 39.95 59.35 -58.71
CA VAL C 817 41.10 58.97 -57.92
C VAL C 817 42.36 59.23 -58.74
N GLU C 818 42.93 60.42 -58.60
CA GLU C 818 44.14 60.77 -59.32
C GLU C 818 45.34 60.07 -58.69
N LEU C 819 46.50 60.26 -59.32
CA LEU C 819 47.71 59.58 -58.86
C LEU C 819 48.10 60.01 -57.45
N GLU C 820 48.00 61.31 -57.15
CA GLU C 820 48.53 61.83 -55.89
C GLU C 820 47.89 61.16 -54.68
N ASP C 821 46.57 60.99 -54.73
CA ASP C 821 45.88 60.31 -53.63
C ASP C 821 46.44 58.92 -53.38
N VAL C 822 46.93 58.25 -54.42
CA VAL C 822 47.43 56.89 -54.25
C VAL C 822 48.64 56.87 -53.33
N GLN C 823 49.63 57.72 -53.60
CA GLN C 823 50.80 57.70 -52.71
C GLN C 823 50.51 58.39 -51.40
N GLU C 824 49.51 59.28 -51.33
CA GLU C 824 49.10 59.78 -50.02
C GLU C 824 48.59 58.65 -49.15
N ALA C 825 47.69 57.82 -49.69
CA ALA C 825 47.18 56.68 -48.95
C ALA C 825 48.28 55.67 -48.66
N VAL C 826 49.20 55.47 -49.59
CA VAL C 826 50.31 54.55 -49.36
C VAL C 826 51.18 55.05 -48.22
N ARG C 827 51.44 56.35 -48.15
CA ARG C 827 52.19 56.90 -47.03
C ARG C 827 51.47 56.68 -45.72
N LEU C 828 50.16 56.91 -45.69
CA LEU C 828 49.40 56.67 -44.47
C LEU C 828 49.48 55.21 -44.05
N ILE C 829 49.29 54.29 -45.00
CA ILE C 829 49.31 52.87 -44.68
C ILE C 829 50.69 52.44 -44.21
N ARG C 830 51.73 52.92 -44.87
CA ARG C 830 53.09 52.55 -44.50
C ARG C 830 53.45 53.07 -43.11
N SER C 831 53.05 54.31 -42.81
CA SER C 831 53.30 54.84 -41.47
C SER C 831 52.55 54.04 -40.42
N ALA C 832 51.29 53.69 -40.71
CA ALA C 832 50.52 52.90 -39.75
C ALA C 832 51.17 51.54 -39.51
N ILE C 833 51.61 50.87 -40.58
CA ILE C 833 52.27 49.58 -40.43
C ILE C 833 53.55 49.72 -39.63
N LYS C 834 54.34 50.76 -39.93
CA LYS C 834 55.56 51.01 -39.17
C LYS C 834 55.28 51.28 -37.70
N ASP C 835 54.08 51.78 -37.38
CA ASP C 835 53.70 52.03 -36.00
C ASP C 835 53.31 50.75 -35.27
N TYR C 836 52.27 50.08 -35.75
CA TYR C 836 51.66 49.00 -34.99
C TYR C 836 52.31 47.64 -35.19
N ALA C 837 53.35 47.54 -36.02
CA ALA C 837 54.14 46.34 -36.11
C ALA C 837 55.47 46.52 -35.37
N THR C 838 56.13 45.41 -35.12
CA THR C 838 57.40 45.44 -34.40
C THR C 838 58.47 46.15 -35.24
N ASP C 839 59.63 46.36 -34.62
CA ASP C 839 60.70 47.10 -35.31
C ASP C 839 61.11 46.43 -36.61
N PRO C 840 61.38 45.10 -36.66
CA PRO C 840 61.43 44.45 -37.99
C PRO C 840 60.02 44.08 -38.44
N LYS C 841 59.34 45.06 -39.03
CA LYS C 841 57.91 44.99 -39.33
C LYS C 841 57.53 43.65 -39.96
N THR C 842 56.65 42.92 -39.27
CA THR C 842 56.27 41.56 -39.64
C THR C 842 54.98 41.48 -40.42
N GLY C 843 53.93 42.17 -39.99
CA GLY C 843 52.66 42.04 -40.67
C GLY C 843 51.98 40.71 -40.48
N LYS C 844 52.51 39.86 -39.60
CA LYS C 844 51.90 38.58 -39.25
C LYS C 844 51.60 38.45 -37.77
N ILE C 845 52.34 39.15 -36.90
CA ILE C 845 52.03 39.15 -35.48
C ILE C 845 50.65 39.75 -35.25
N ASP C 846 50.28 40.76 -36.03
CA ASP C 846 48.92 41.31 -35.94
C ASP C 846 47.89 40.28 -36.38
N MET C 847 48.24 39.43 -37.34
CA MET C 847 47.34 38.39 -37.83
C MET C 847 47.47 37.08 -37.09
N ASN C 848 48.43 36.96 -36.17
CA ASN C 848 48.66 35.71 -35.46
C ASN C 848 49.52 36.00 -34.24
N LEU C 849 49.06 35.53 -33.07
CA LEU C 849 49.84 35.70 -31.86
C LEU C 849 51.19 35.00 -31.97
N VAL C 850 51.24 33.87 -32.66
CA VAL C 850 52.46 33.08 -32.80
C VAL C 850 53.34 33.79 -33.84
N GLN C 851 54.30 34.58 -33.38
CA GLN C 851 55.24 35.23 -34.26
C GLN C 851 56.40 34.28 -34.56
N THR C 852 57.17 34.59 -35.62
CA THR C 852 58.27 33.71 -36.02
C THR C 852 59.29 33.55 -34.90
N GLY C 853 59.65 34.65 -34.24
CA GLY C 853 60.53 34.56 -33.09
C GLY C 853 59.90 33.77 -31.95
N LYS C 854 58.58 33.65 -31.94
CA LYS C 854 57.91 32.73 -31.02
C LYS C 854 57.77 31.34 -31.63
N SER C 855 57.48 31.25 -32.93
CA SER C 855 57.21 29.95 -33.55
C SER C 855 58.44 29.07 -33.53
N VAL C 856 59.63 29.67 -33.59
CA VAL C 856 60.85 28.89 -33.48
C VAL C 856 60.91 28.18 -32.13
N ILE C 857 60.32 28.79 -31.09
CA ILE C 857 60.34 28.17 -29.76
C ILE C 857 59.56 26.86 -29.77
N GLN C 858 58.32 26.88 -30.29
CA GLN C 858 57.57 25.64 -30.36
C GLN C 858 58.22 24.63 -31.28
N ARG C 859 58.76 25.07 -32.43
CA ARG C 859 59.37 24.09 -33.32
C ARG C 859 60.64 23.49 -32.73
N LYS C 860 61.33 24.20 -31.86
CA LYS C 860 62.47 23.61 -31.15
C LYS C 860 62.00 22.67 -30.04
N LEU C 861 60.98 23.08 -29.28
CA LEU C 861 60.51 22.26 -28.17
C LEU C 861 59.93 20.93 -28.64
N GLN C 862 59.22 20.92 -29.77
CA GLN C 862 58.63 19.67 -30.22
C GLN C 862 59.72 18.64 -30.55
N GLU C 863 60.76 19.05 -31.26
CA GLU C 863 61.83 18.11 -31.61
C GLU C 863 62.65 17.74 -30.38
N ASP C 864 62.87 18.70 -29.47
CA ASP C 864 63.57 18.39 -28.24
C ASP C 864 62.81 17.33 -27.45
N LEU C 865 61.48 17.47 -27.38
CA LEU C 865 60.64 16.47 -26.73
C LEU C 865 60.73 15.13 -27.44
N SER C 866 60.66 15.13 -28.77
CA SER C 866 60.80 13.87 -29.52
C SER C 866 62.13 13.21 -29.15
N ARG C 867 63.24 13.89 -29.41
CA ARG C 867 64.58 13.32 -29.13
C ARG C 867 64.69 12.92 -27.65
N GLU C 868 64.17 13.77 -26.75
CA GLU C 868 64.29 13.48 -25.31
C GLU C 868 63.62 12.14 -25.01
N ILE C 869 62.35 12.00 -25.41
CA ILE C 869 61.58 10.75 -25.12
C ILE C 869 62.34 9.58 -25.77
N MET C 870 62.87 9.78 -26.97
CA MET C 870 63.61 8.69 -27.67
C MET C 870 64.77 8.22 -26.79
N ASN C 871 65.65 9.14 -26.39
CA ASN C 871 66.86 8.76 -25.60
C ASN C 871 66.43 8.15 -24.26
N VAL C 872 65.28 8.60 -23.73
CA VAL C 872 64.75 8.04 -22.46
C VAL C 872 64.42 6.55 -22.69
N LEU C 873 63.55 6.26 -23.66
CA LEU C 873 63.22 4.85 -23.97
C LEU C 873 64.54 4.10 -24.17
N LYS C 874 65.54 4.80 -24.71
CA LYS C 874 66.87 4.19 -24.99
C LYS C 874 67.57 3.70 -23.71
N ASP C 879 61.78 5.27 -20.67
CA ASP C 879 60.81 4.98 -21.77
C ASP C 879 59.82 6.16 -21.89
N SER C 880 58.98 6.35 -20.87
CA SER C 880 57.95 7.42 -20.91
C SER C 880 57.81 8.04 -19.52
N MET C 881 57.01 9.11 -19.42
CA MET C 881 56.79 9.78 -18.11
C MET C 881 55.59 10.74 -18.23
N SER C 882 55.09 11.23 -17.09
CA SER C 882 53.97 12.21 -17.11
C SER C 882 54.54 13.59 -17.48
N PHE C 883 53.93 14.67 -17.00
CA PHE C 883 54.40 16.00 -17.37
C PHE C 883 55.54 16.46 -16.49
N ASN C 884 55.47 16.17 -15.18
CA ASN C 884 56.46 16.71 -14.25
C ASN C 884 57.86 16.22 -14.59
N GLU C 885 58.00 14.91 -14.87
CA GLU C 885 59.31 14.38 -15.25
C GLU C 885 59.82 15.01 -16.54
N LEU C 886 58.93 15.21 -17.51
CA LEU C 886 59.33 15.88 -18.75
C LEU C 886 59.84 17.28 -18.47
N ILE C 887 59.17 18.01 -17.57
CA ILE C 887 59.65 19.33 -17.17
C ILE C 887 61.03 19.22 -16.54
N LYS C 888 61.26 18.15 -15.78
CA LYS C 888 62.53 18.01 -15.06
C LYS C 888 63.73 18.00 -16.00
N GLN C 889 63.60 17.40 -17.19
CA GLN C 889 64.71 17.31 -18.12
C GLN C 889 64.61 18.31 -19.28
N ILE C 890 63.75 19.32 -19.18
CA ILE C 890 63.64 20.32 -20.23
C ILE C 890 64.03 21.69 -19.69
N ASN C 891 63.33 22.15 -18.65
CA ASN C 891 63.58 23.47 -18.10
C ASN C 891 64.86 23.55 -17.27
N GLU C 892 65.40 22.40 -16.85
CA GLU C 892 66.56 22.42 -15.96
C GLU C 892 67.86 22.60 -16.75
N HIS C 893 68.18 21.66 -17.62
CA HIS C 893 69.46 21.65 -18.32
C HIS C 893 69.36 21.69 -19.83
N SER C 894 68.22 21.27 -20.41
CA SER C 894 68.09 21.29 -21.86
C SER C 894 68.18 22.71 -22.41
N GLN C 895 67.56 23.66 -21.73
CA GLN C 895 67.58 25.06 -22.12
C GLN C 895 67.32 25.91 -20.88
N ASP C 896 67.02 27.19 -21.09
CA ASP C 896 66.71 28.08 -19.99
C ASP C 896 65.34 27.77 -19.41
N ARG C 897 64.93 28.55 -18.42
CA ARG C 897 63.65 28.35 -17.74
C ARG C 897 62.53 28.81 -18.66
N VAL C 898 62.16 27.93 -19.60
CA VAL C 898 61.12 28.22 -20.57
C VAL C 898 59.75 28.01 -19.92
N GLU C 899 58.71 28.52 -20.56
CA GLU C 899 57.36 28.39 -20.01
C GLU C 899 56.88 26.94 -20.12
N SER C 900 56.09 26.53 -19.13
CA SER C 900 55.71 25.12 -19.02
C SER C 900 54.69 24.72 -20.08
N SER C 901 53.68 25.56 -20.31
CA SER C 901 52.60 25.19 -21.22
C SER C 901 53.06 25.05 -22.67
N ASP C 902 54.18 25.65 -23.03
CA ASP C 902 54.70 25.49 -24.39
C ASP C 902 55.08 24.05 -24.68
N ILE C 903 55.57 23.33 -23.67
CA ILE C 903 55.94 21.93 -23.85
C ILE C 903 54.71 21.09 -24.18
N GLN C 904 53.63 21.24 -23.41
CA GLN C 904 52.43 20.48 -23.71
C GLN C 904 51.76 20.98 -24.99
N GLU C 905 51.99 22.24 -25.36
CA GLU C 905 51.47 22.74 -26.64
C GLU C 905 52.16 22.05 -27.81
N ALA C 906 53.50 21.95 -27.74
CA ALA C 906 54.23 21.19 -28.76
C ALA C 906 53.88 19.71 -28.70
N LEU C 907 53.47 19.21 -27.54
CA LEU C 907 52.96 17.85 -27.45
C LEU C 907 51.72 17.66 -28.32
N SER C 908 50.91 18.71 -28.48
CA SER C 908 49.76 18.60 -29.37
C SER C 908 50.20 18.42 -30.82
N ARG C 909 51.20 19.18 -31.26
CA ARG C 909 51.71 19.01 -32.61
C ARG C 909 52.31 17.63 -32.80
N LEU C 910 53.02 17.14 -31.77
CA LEU C 910 53.57 15.78 -31.84
C LEU C 910 52.48 14.73 -31.92
N GLN C 911 51.39 14.91 -31.18
CA GLN C 911 50.25 14.01 -31.28
C GLN C 911 49.65 14.03 -32.68
N GLN C 912 49.52 15.23 -33.25
CA GLN C 912 49.01 15.34 -34.62
C GLN C 912 49.92 14.62 -35.60
N GLU C 913 51.23 14.75 -35.43
CA GLU C 913 52.19 14.00 -36.23
C GLU C 913 52.27 12.53 -35.84
N ASP C 914 51.59 12.15 -34.75
CA ASP C 914 51.56 10.78 -34.25
C ASP C 914 52.92 10.29 -33.76
N LYS C 915 53.84 11.20 -33.48
CA LYS C 915 55.16 10.79 -33.01
C LYS C 915 55.12 10.27 -31.59
N VAL C 916 54.31 10.87 -30.72
CA VAL C 916 54.20 10.45 -29.33
C VAL C 916 52.72 10.30 -28.97
N ILE C 917 52.46 9.55 -27.91
CA ILE C 917 51.12 9.32 -27.41
C ILE C 917 51.06 9.75 -25.95
N VAL C 918 49.98 10.43 -25.59
CA VAL C 918 49.76 10.89 -24.23
C VAL C 918 48.68 10.01 -23.60
N LEU C 919 49.03 9.39 -22.46
CA LEU C 919 48.14 8.44 -21.79
C LEU C 919 47.41 9.16 -20.67
N GLY C 920 46.39 9.93 -21.06
CA GLY C 920 45.60 10.65 -20.09
C GLY C 920 46.40 11.73 -19.39
N GLU C 921 46.06 11.97 -18.12
CA GLU C 921 46.73 13.00 -17.34
C GLU C 921 48.17 12.63 -16.99
N GLY C 922 48.48 11.34 -16.94
CA GLY C 922 49.77 10.91 -16.46
C GLY C 922 50.84 10.75 -17.53
N VAL C 923 51.32 9.51 -17.70
CA VAL C 923 52.50 9.26 -18.53
C VAL C 923 52.19 9.55 -20.00
N ARG C 924 53.26 9.64 -20.79
CA ARG C 924 53.14 9.91 -22.22
C ARG C 924 54.36 9.30 -22.90
N ARG C 925 54.12 8.43 -23.88
CA ARG C 925 55.17 7.69 -24.58
C ARG C 925 55.07 7.96 -26.08
N SER C 926 55.92 7.26 -26.84
CA SER C 926 55.95 7.35 -28.29
C SER C 926 55.56 6.00 -28.89
N VAL C 927 54.84 6.04 -30.00
CA VAL C 927 54.39 4.82 -30.67
C VAL C 927 55.58 4.04 -31.21
N ASN D 20 -39.43 5.51 0.75
CA ASN D 20 -38.07 5.05 0.93
C ASN D 20 -37.79 4.71 2.39
N ASP D 21 -38.69 5.15 3.28
CA ASP D 21 -38.53 4.87 4.70
C ASP D 21 -38.61 3.37 4.98
N ASP D 22 -39.53 2.67 4.32
CA ASP D 22 -39.70 1.25 4.58
C ASP D 22 -38.47 0.46 4.16
N ASP D 23 -37.92 0.75 2.97
CA ASP D 23 -36.74 0.04 2.51
C ASP D 23 -35.53 0.35 3.39
N ASN D 24 -35.37 1.61 3.79
CA ASN D 24 -34.27 1.97 4.67
C ASN D 24 -34.37 1.26 6.00
N THR D 25 -35.58 1.21 6.58
CA THR D 25 -35.76 0.52 7.84
C THR D 25 -35.51 -0.97 7.69
N GLU D 26 -35.91 -1.56 6.56
CA GLU D 26 -35.66 -2.97 6.35
C GLU D 26 -34.17 -3.26 6.25
N ILE D 27 -33.42 -2.42 5.53
CA ILE D 27 -31.98 -2.62 5.43
C ILE D 27 -31.33 -2.46 6.80
N ILE D 28 -31.74 -1.46 7.56
CA ILE D 28 -31.19 -1.24 8.89
C ILE D 28 -31.45 -2.44 9.78
N LYS D 29 -32.68 -2.96 9.76
CA LYS D 29 -33.01 -4.11 10.58
C LYS D 29 -32.24 -5.34 10.15
N SER D 30 -32.05 -5.53 8.84
CA SER D 30 -31.30 -6.68 8.37
C SER D 30 -29.86 -6.64 8.86
N PHE D 31 -29.21 -5.49 8.77
CA PHE D 31 -27.81 -5.44 9.19
C PHE D 31 -27.71 -5.46 10.71
N LYS D 32 -28.73 -4.94 11.40
CA LYS D 32 -28.81 -5.10 12.85
C LYS D 32 -28.86 -6.57 13.23
N ASN D 33 -29.69 -7.35 12.54
CA ASN D 33 -29.73 -8.77 12.82
C ASN D 33 -28.43 -9.45 12.46
N PHE D 34 -27.73 -8.95 11.44
CA PHE D 34 -26.41 -9.49 11.14
C PHE D 34 -25.46 -9.26 12.31
N ILE D 35 -25.49 -8.07 12.90
CA ILE D 35 -24.64 -7.78 14.06
C ILE D 35 -25.02 -8.68 15.22
N LEU D 36 -26.31 -8.83 15.48
CA LEU D 36 -26.75 -9.53 16.69
C LEU D 36 -26.58 -11.03 16.59
N GLU D 37 -26.89 -11.62 15.43
CA GLU D 37 -27.00 -13.07 15.32
C GLU D 37 -25.76 -13.77 14.81
N PHE D 38 -24.84 -13.06 14.16
CA PHE D 38 -23.71 -13.73 13.54
C PHE D 38 -22.78 -14.29 14.59
N ARG D 39 -22.46 -15.58 14.47
CA ARG D 39 -21.44 -16.22 15.27
C ARG D 39 -20.90 -17.40 14.49
N LEU D 40 -19.60 -17.65 14.64
CA LEU D 40 -18.96 -18.74 13.90
C LEU D 40 -18.99 -20.04 14.69
N ASP D 41 -18.49 -20.01 15.91
CA ASP D 41 -18.52 -21.20 16.78
C ASP D 41 -18.60 -20.74 18.23
N SER D 42 -19.82 -20.65 18.75
CA SER D 42 -20.14 -20.38 20.15
C SER D 42 -19.84 -18.96 20.59
N GLN D 43 -19.29 -18.10 19.73
CA GLN D 43 -18.96 -16.74 20.12
C GLN D 43 -19.53 -15.77 19.10
N PHE D 44 -20.40 -14.88 19.55
CA PHE D 44 -20.95 -13.82 18.70
C PHE D 44 -19.85 -12.81 18.44
N ILE D 45 -19.22 -12.91 17.27
CA ILE D 45 -18.01 -12.15 17.00
C ILE D 45 -18.28 -10.65 17.07
N TYR D 46 -19.35 -10.21 16.43
CA TYR D 46 -19.53 -8.77 16.29
C TYR D 46 -20.19 -8.15 17.51
N ARG D 47 -21.02 -8.90 18.24
CA ARG D 47 -21.49 -8.40 19.53
C ARG D 47 -20.33 -8.18 20.48
N ASP D 48 -19.44 -9.17 20.60
CA ASP D 48 -18.29 -9.04 21.47
C ASP D 48 -17.38 -7.91 21.02
N GLN D 49 -17.13 -7.81 19.71
CA GLN D 49 -16.27 -6.76 19.22
C GLN D 49 -16.87 -5.39 19.48
N LEU D 50 -18.18 -5.24 19.29
CA LEU D 50 -18.82 -3.97 19.52
C LEU D 50 -18.74 -3.58 20.99
N ARG D 51 -18.99 -4.53 21.89
CA ARG D 51 -18.91 -4.20 23.32
C ARG D 51 -17.49 -3.85 23.72
N ASN D 52 -16.49 -4.60 23.25
CA ASN D 52 -15.12 -4.29 23.60
C ASN D 52 -14.69 -2.94 23.04
N ASN D 53 -15.16 -2.60 21.84
CA ASN D 53 -14.85 -1.30 21.26
C ASN D 53 -15.48 -0.18 22.07
N ILE D 54 -16.73 -0.38 22.52
CA ILE D 54 -17.38 0.66 23.31
C ILE D 54 -16.66 0.86 24.62
N LEU D 55 -16.16 -0.24 25.22
CA LEU D 55 -15.54 -0.14 26.53
C LEU D 55 -14.33 0.78 26.51
N VAL D 56 -13.51 0.70 25.46
CA VAL D 56 -12.31 1.51 25.36
C VAL D 56 -12.57 2.79 24.55
N LYS D 57 -13.83 3.18 24.41
CA LYS D 57 -14.22 4.41 23.70
C LYS D 57 -13.70 4.40 22.27
N ASN D 58 -13.89 3.27 21.60
CA ASN D 58 -13.57 3.10 20.20
C ASN D 58 -14.88 2.90 19.46
N TYR D 59 -15.53 4.01 19.10
CA TYR D 59 -16.84 3.96 18.47
C TYR D 59 -16.69 3.60 17.00
N SER D 60 -16.45 2.31 16.74
CA SER D 60 -16.33 1.80 15.39
C SER D 60 -16.64 0.31 15.43
N LEU D 61 -16.55 -0.33 14.27
CA LEU D 61 -16.76 -1.77 14.17
C LEU D 61 -16.10 -2.25 12.89
N THR D 62 -15.07 -3.08 13.03
CA THR D 62 -14.34 -3.60 11.87
C THR D 62 -15.06 -4.85 11.39
N VAL D 63 -15.80 -4.72 10.30
CA VAL D 63 -16.63 -5.79 9.79
C VAL D 63 -15.91 -6.47 8.64
N ASN D 64 -15.64 -7.76 8.77
CA ASN D 64 -15.10 -8.53 7.67
C ASN D 64 -16.16 -8.76 6.61
N MET D 65 -15.72 -8.92 5.37
CA MET D 65 -16.64 -9.05 4.24
C MET D 65 -16.98 -10.49 3.91
N GLU D 66 -16.07 -11.43 4.17
CA GLU D 66 -16.42 -12.83 4.03
C GLU D 66 -17.55 -13.21 4.97
N HIS D 67 -17.52 -12.70 6.19
CA HIS D 67 -18.58 -12.98 7.14
C HIS D 67 -19.91 -12.41 6.66
N LEU D 68 -19.90 -11.19 6.12
CA LEU D 68 -21.12 -10.61 5.61
C LEU D 68 -21.66 -11.37 4.41
N ILE D 69 -20.77 -11.90 3.56
CA ILE D 69 -21.21 -12.71 2.44
C ILE D 69 -21.82 -14.02 2.94
N GLY D 70 -21.15 -14.66 3.89
CA GLY D 70 -21.62 -15.96 4.37
C GLY D 70 -22.93 -15.87 5.13
N TYR D 71 -23.13 -14.78 5.87
CA TYR D 71 -24.36 -14.63 6.63
C TYR D 71 -25.58 -14.56 5.71
N ASN D 72 -25.59 -13.57 4.81
CA ASN D 72 -26.70 -13.40 3.88
C ASN D 72 -26.15 -12.67 2.66
N GLU D 73 -25.99 -13.39 1.56
CA GLU D 73 -25.37 -12.81 0.38
C GLU D 73 -26.19 -11.68 -0.22
N ASP D 74 -27.50 -11.64 0.06
CA ASP D 74 -28.32 -10.53 -0.42
C ASP D 74 -27.88 -9.21 0.19
N ILE D 75 -27.52 -9.22 1.47
CA ILE D 75 -27.02 -7.99 2.10
C ILE D 75 -25.73 -7.54 1.43
N TYR D 76 -24.83 -8.47 1.14
CA TYR D 76 -23.60 -8.10 0.48
C TYR D 76 -23.86 -7.56 -0.93
N LYS D 77 -24.83 -8.15 -1.64
CA LYS D 77 -25.18 -7.64 -2.95
C LYS D 77 -25.70 -6.21 -2.86
N LYS D 78 -26.57 -5.96 -1.89
CA LYS D 78 -27.10 -4.60 -1.70
C LYS D 78 -25.98 -3.62 -1.37
N LEU D 79 -25.05 -4.03 -0.51
CA LEU D 79 -23.94 -3.16 -0.13
C LEU D 79 -23.04 -2.87 -1.32
N SER D 80 -22.66 -3.90 -2.07
CA SER D 80 -21.74 -3.72 -3.18
C SER D 80 -22.39 -3.04 -4.38
N ASP D 81 -23.72 -3.02 -4.43
CA ASP D 81 -24.39 -2.32 -5.52
C ASP D 81 -24.25 -0.81 -5.36
N GLU D 82 -24.74 -0.26 -4.26
CA GLU D 82 -24.72 1.18 -4.00
C GLU D 82 -24.14 1.43 -2.62
N PRO D 83 -22.81 1.33 -2.48
CA PRO D 83 -22.20 1.48 -1.14
C PRO D 83 -22.48 2.82 -0.48
N SER D 84 -22.46 3.91 -1.24
CA SER D 84 -22.60 5.23 -0.63
C SER D 84 -23.98 5.47 -0.07
N ASP D 85 -24.97 4.65 -0.42
CA ASP D 85 -26.31 4.78 0.13
C ASP D 85 -26.62 3.75 1.19
N ILE D 86 -25.93 2.61 1.18
CA ILE D 86 -26.20 1.53 2.12
C ILE D 86 -25.33 1.67 3.36
N ILE D 87 -24.08 2.09 3.21
CA ILE D 87 -23.16 2.15 4.36
C ILE D 87 -23.67 3.05 5.47
N PRO D 88 -24.22 4.23 5.21
CA PRO D 88 -24.83 4.99 6.33
C PRO D 88 -25.91 4.23 7.06
N LEU D 89 -26.71 3.43 6.35
CA LEU D 89 -27.70 2.60 7.03
C LEU D 89 -27.03 1.59 7.93
N PHE D 90 -25.91 1.03 7.49
CA PHE D 90 -25.22 0.04 8.32
C PHE D 90 -24.61 0.70 9.54
N GLU D 91 -24.12 1.93 9.40
CA GLU D 91 -23.63 2.68 10.55
C GLU D 91 -24.76 2.97 11.53
N THR D 92 -25.95 3.28 11.01
CA THR D 92 -27.10 3.49 11.89
C THR D 92 -27.46 2.21 12.63
N ALA D 93 -27.41 1.06 11.95
CA ALA D 93 -27.68 -0.22 12.60
C ALA D 93 -26.64 -0.50 13.69
N ILE D 94 -25.38 -0.20 13.42
CA ILE D 94 -24.34 -0.38 14.43
C ILE D 94 -24.61 0.49 15.64
N THR D 95 -25.01 1.75 15.41
CA THR D 95 -25.31 2.64 16.52
C THR D 95 -26.48 2.12 17.35
N GLN D 96 -27.51 1.62 16.69
CA GLN D 96 -28.66 1.09 17.41
C GLN D 96 -28.28 -0.14 18.24
N VAL D 97 -27.48 -1.03 17.67
CA VAL D 97 -27.03 -2.19 18.44
C VAL D 97 -26.18 -1.76 19.62
N ALA D 98 -25.35 -0.74 19.43
CA ALA D 98 -24.52 -0.24 20.52
C ALA D 98 -25.37 0.30 21.66
N LYS D 99 -26.42 1.05 21.32
CA LYS D 99 -27.33 1.53 22.36
C LYS D 99 -28.02 0.37 23.06
N ARG D 100 -28.39 -0.67 22.30
CA ARG D 100 -29.08 -1.81 22.90
C ARG D 100 -28.17 -2.55 23.87
N ILE D 101 -26.90 -2.74 23.53
CA ILE D 101 -26.03 -3.62 24.29
C ILE D 101 -25.06 -2.86 25.18
N SER D 102 -25.19 -1.54 25.29
CA SER D 102 -24.33 -0.81 26.20
C SER D 102 -25.05 0.28 26.99
N ILE D 103 -26.36 0.41 26.87
CA ILE D 103 -27.14 1.41 27.60
C ILE D 103 -28.35 0.72 28.20
N LEU D 104 -28.59 0.98 29.49
CA LEU D 104 -29.73 0.39 30.18
C LEU D 104 -31.00 1.15 29.82
N SER D 105 -31.98 0.43 29.26
CA SER D 105 -33.22 1.06 28.84
C SER D 105 -33.95 1.64 30.03
N ARG D 106 -34.42 2.87 29.88
CA ARG D 106 -35.16 3.59 30.93
C ARG D 106 -34.39 3.64 32.24
N ASN D 130 -28.44 8.68 26.35
CA ASN D 130 -28.02 8.47 24.96
C ASN D 130 -26.77 9.28 24.64
N SER D 131 -26.91 10.20 23.69
CA SER D 131 -25.80 11.05 23.23
C SER D 131 -24.60 10.20 22.83
N LEU D 132 -24.87 9.20 21.99
CA LEU D 132 -23.86 8.26 21.55
C LEU D 132 -23.53 8.52 20.08
N PRO D 133 -22.27 8.74 19.73
CA PRO D 133 -21.94 9.14 18.36
C PRO D 133 -22.27 8.05 17.36
N THR D 134 -22.57 8.48 16.14
CA THR D 134 -22.82 7.54 15.05
C THR D 134 -21.56 6.73 14.78
N PHE D 135 -21.67 5.41 14.95
CA PHE D 135 -20.51 4.55 14.84
C PHE D 135 -19.99 4.52 13.41
N GLN D 136 -18.72 4.20 13.28
CA GLN D 136 -18.05 4.15 11.98
C GLN D 136 -17.88 2.69 11.56
N LEU D 137 -18.17 2.40 10.31
CA LEU D 137 -18.02 1.06 9.76
C LEU D 137 -16.69 0.96 9.04
N ILE D 138 -15.85 0.03 9.47
CA ILE D 138 -14.55 -0.21 8.87
C ILE D 138 -14.58 -1.59 8.22
N LEU D 139 -14.38 -1.64 6.91
CA LEU D 139 -14.52 -2.88 6.17
C LEU D 139 -13.17 -3.55 5.95
N ASN D 140 -13.18 -4.87 5.95
CA ASN D 140 -12.02 -5.67 5.62
C ASN D 140 -12.41 -6.61 4.49
N SER D 141 -11.66 -6.58 3.39
CA SER D 141 -12.00 -7.37 2.22
C SER D 141 -10.77 -8.12 1.75
N ASN D 142 -11.02 -9.23 1.05
CA ASN D 142 -9.96 -10.00 0.41
C ASN D 142 -10.17 -10.10 -1.09
N ALA D 143 -10.96 -9.19 -1.67
CA ALA D 143 -11.19 -9.21 -3.10
C ALA D 143 -9.89 -8.93 -3.86
N ASN D 144 -9.89 -9.28 -5.13
CA ASN D 144 -8.70 -9.06 -5.95
C ASN D 144 -8.37 -7.58 -6.03
N GLN D 145 -7.10 -7.26 -5.84
CA GLN D 145 -6.68 -5.87 -5.85
C GLN D 145 -6.68 -5.33 -7.26
N ILE D 146 -7.32 -4.18 -7.45
CA ILE D 146 -7.35 -3.49 -8.74
C ILE D 146 -6.14 -2.56 -8.81
N PRO D 147 -5.31 -2.66 -9.85
CA PRO D 147 -4.17 -1.74 -9.94
C PRO D 147 -4.64 -0.30 -9.99
N LEU D 148 -3.86 0.59 -9.38
CA LEU D 148 -4.29 1.98 -9.23
C LEU D 148 -4.52 2.64 -10.57
N ARG D 149 -3.79 2.22 -11.61
CA ARG D 149 -4.00 2.78 -12.94
C ARG D 149 -5.19 2.14 -13.66
N ASP D 150 -5.70 1.03 -13.16
CA ASP D 150 -6.84 0.37 -13.78
C ASP D 150 -8.18 0.93 -13.31
N LEU D 151 -8.18 1.86 -12.37
CA LEU D 151 -9.41 2.49 -11.91
C LEU D 151 -9.84 3.51 -12.95
N ASP D 152 -10.91 3.19 -13.67
CA ASP D 152 -11.34 3.99 -14.83
C ASP D 152 -12.81 4.34 -14.63
N SER D 153 -13.48 4.72 -15.73
CA SER D 153 -14.89 5.09 -15.66
C SER D 153 -15.73 4.04 -14.95
N GLU D 154 -15.55 2.77 -15.27
CA GLU D 154 -16.17 1.77 -14.41
C GLU D 154 -15.34 1.65 -13.14
N HIS D 155 -15.97 1.11 -12.09
CA HIS D 155 -15.58 1.15 -10.69
C HIS D 155 -16.00 2.47 -10.04
N VAL D 156 -16.59 3.40 -10.77
CA VAL D 156 -17.08 4.61 -10.14
C VAL D 156 -18.27 4.26 -9.26
N SER D 157 -18.22 4.68 -8.00
CA SER D 157 -19.19 4.38 -6.94
C SER D 157 -19.17 2.92 -6.51
N LYS D 158 -18.25 2.11 -7.03
CA LYS D 158 -18.10 0.74 -6.58
C LYS D 158 -17.09 0.70 -5.43
N ILE D 159 -17.03 -0.44 -4.75
CA ILE D 159 -16.02 -0.68 -3.72
C ILE D 159 -14.82 -1.33 -4.39
N VAL D 160 -13.66 -0.70 -4.26
CA VAL D 160 -12.44 -1.18 -4.87
C VAL D 160 -11.39 -1.37 -3.79
N ARG D 161 -10.63 -2.45 -3.89
CA ARG D 161 -9.51 -2.71 -3.01
C ARG D 161 -8.23 -2.57 -3.81
N LEU D 162 -7.33 -1.72 -3.36
CA LEU D 162 -6.13 -1.39 -4.12
C LEU D 162 -4.97 -1.12 -3.18
N SER D 163 -3.77 -1.16 -3.73
CA SER D 163 -2.55 -0.99 -2.95
C SER D 163 -1.72 0.14 -3.52
N GLY D 164 -0.91 0.75 -2.65
CA GLY D 164 -0.05 1.83 -3.07
C GLY D 164 0.84 2.25 -1.93
N ILE D 165 1.55 3.35 -2.12
CA ILE D 165 2.40 3.92 -1.08
C ILE D 165 1.96 5.36 -0.85
N ILE D 166 1.72 5.71 0.42
CA ILE D 166 1.30 7.06 0.74
C ILE D 166 2.46 8.01 0.53
N ILE D 167 2.20 9.13 -0.13
CA ILE D 167 3.22 10.15 -0.35
C ILE D 167 2.89 11.47 0.33
N SER D 168 1.67 11.65 0.84
CA SER D 168 1.31 12.90 1.51
C SER D 168 0.13 12.64 2.42
N THR D 169 0.09 13.35 3.54
CA THR D 169 -1.02 13.30 4.48
C THR D 169 -1.37 14.71 4.90
N SER D 170 -2.59 15.13 4.61
CA SER D 170 -3.00 16.48 4.97
C SER D 170 -3.22 16.59 6.48
N VAL D 171 -3.31 17.84 6.95
CA VAL D 171 -3.71 18.07 8.32
C VAL D 171 -5.20 17.79 8.47
N LEU D 172 -5.61 17.54 9.70
CA LEU D 172 -7.00 17.17 9.96
C LEU D 172 -7.92 18.36 9.69
N SER D 173 -8.97 18.11 8.92
CA SER D 173 -10.02 19.09 8.69
C SER D 173 -11.12 18.85 9.72
N SER D 174 -12.28 19.48 9.51
CA SER D 174 -13.42 19.29 10.40
C SER D 174 -14.68 19.24 9.56
N ARG D 175 -15.25 18.05 9.40
CA ARG D 175 -16.51 17.87 8.70
C ARG D 175 -17.63 17.81 9.72
N ALA D 176 -18.69 18.57 9.48
CA ALA D 176 -19.81 18.62 10.40
C ALA D 176 -20.68 17.39 10.24
N THR D 177 -21.19 16.89 11.37
CA THR D 177 -22.18 15.82 11.36
C THR D 177 -23.52 16.29 11.90
N TYR D 178 -23.54 16.84 13.11
CA TYR D 178 -24.71 17.50 13.65
C TYR D 178 -24.52 18.99 13.41
N LEU D 179 -25.44 19.60 12.66
CA LEU D 179 -25.31 20.99 12.24
C LEU D 179 -26.49 21.77 12.80
N SER D 180 -26.35 22.25 14.03
CA SER D 180 -27.38 23.09 14.61
C SER D 180 -27.50 24.37 13.80
N ILE D 181 -28.72 24.73 13.45
CA ILE D 181 -28.96 25.77 12.46
C ILE D 181 -30.13 26.62 12.92
N MET D 182 -30.09 27.92 12.60
CA MET D 182 -31.11 28.85 13.06
C MET D 182 -31.49 29.79 11.92
N CYS D 183 -32.78 30.04 11.78
CA CYS D 183 -33.27 30.95 10.76
C CYS D 183 -32.86 32.38 11.08
N ARG D 184 -32.44 33.12 10.05
CA ARG D 184 -31.88 34.45 10.27
C ARG D 184 -32.94 35.43 10.79
N ASN D 185 -34.15 35.38 10.23
CA ASN D 185 -35.16 36.38 10.56
C ASN D 185 -36.10 35.92 11.68
N CYS D 186 -36.77 34.79 11.47
CA CYS D 186 -37.76 34.33 12.45
C CYS D 186 -37.16 33.44 13.53
N ARG D 187 -35.84 33.24 13.52
CA ARG D 187 -35.14 32.50 14.58
C ARG D 187 -35.73 31.10 14.79
N HIS D 188 -36.03 30.42 13.68
CA HIS D 188 -36.56 29.06 13.73
C HIS D 188 -35.38 28.10 13.78
N THR D 189 -34.98 27.74 14.99
CA THR D 189 -33.85 26.84 15.17
C THR D 189 -34.26 25.40 14.87
N THR D 190 -33.45 24.71 14.07
CA THR D 190 -33.64 23.31 13.76
C THR D 190 -32.28 22.63 13.78
N SER D 191 -32.22 21.41 13.25
CA SER D 191 -30.97 20.66 13.19
C SER D 191 -30.88 19.91 11.87
N ILE D 192 -29.66 19.66 11.45
CA ILE D 192 -29.37 18.85 10.26
C ILE D 192 -28.34 17.80 10.64
N THR D 193 -28.56 16.58 10.16
CA THR D 193 -27.63 15.47 10.39
C THR D 193 -26.97 15.11 9.08
N ILE D 194 -25.64 14.99 9.10
CA ILE D 194 -24.86 14.73 7.89
C ILE D 194 -24.32 13.32 7.94
N ASN D 195 -24.37 12.64 6.80
CA ASN D 195 -23.88 11.27 6.69
C ASN D 195 -22.45 11.18 6.20
N ASN D 196 -21.94 12.23 5.55
CA ASN D 196 -20.60 12.39 5.04
C ASN D 196 -20.29 11.43 3.89
N PHE D 197 -21.24 10.62 3.45
CA PHE D 197 -21.05 9.79 2.24
C PHE D 197 -21.71 10.52 1.08
N ASN D 198 -20.91 11.33 0.40
CA ASN D 198 -21.39 12.10 -0.74
C ASN D 198 -21.95 11.17 -1.81
N SER D 199 -23.14 11.51 -2.30
CA SER D 199 -23.81 10.64 -3.28
C SER D 199 -22.99 10.50 -4.55
N ILE D 200 -22.78 11.61 -5.26
CA ILE D 200 -22.00 11.60 -6.48
C ILE D 200 -21.51 13.01 -6.79
N VAL D 205 -25.07 17.34 0.87
CA VAL D 205 -26.27 18.11 1.31
C VAL D 205 -25.85 19.56 1.57
N SER D 206 -26.79 20.49 1.50
CA SER D 206 -26.48 21.93 1.73
C SER D 206 -27.51 22.51 2.69
N LEU D 207 -27.32 23.76 3.15
CA LEU D 207 -28.37 24.27 4.00
C LEU D 207 -29.66 24.45 3.19
N PRO D 208 -30.82 24.29 3.82
CA PRO D 208 -32.08 24.44 3.08
C PRO D 208 -32.21 25.83 2.47
N ARG D 209 -32.81 25.88 1.28
CA ARG D 209 -33.02 27.20 0.61
C ARG D 209 -34.41 27.72 0.96
N SER D 210 -34.88 27.43 2.18
CA SER D 210 -36.25 27.85 2.60
C SER D 210 -36.26 28.20 4.08
N CYS D 211 -37.15 29.12 4.47
CA CYS D 211 -37.28 29.46 5.91
C CYS D 211 -37.72 28.20 6.67
N LEU D 212 -38.32 27.25 5.96
CA LEU D 212 -38.76 25.97 6.57
C LEU D 212 -39.39 26.28 7.93
N SER D 213 -40.29 27.28 7.98
CA SER D 213 -41.00 27.62 9.24
C SER D 213 -40.01 28.16 10.27
N LYS D 234 -41.77 37.61 6.84
CA LYS D 234 -42.28 36.26 6.99
C LYS D 234 -41.64 35.33 5.95
N ASN D 235 -41.35 35.88 4.78
CA ASN D 235 -40.70 35.10 3.73
C ASN D 235 -39.31 34.64 4.17
N CYS D 236 -38.61 35.48 4.92
CA CYS D 236 -37.29 35.22 5.49
C CYS D 236 -36.18 35.12 4.44
N GLY D 237 -36.49 35.27 3.16
CA GLY D 237 -35.49 35.26 2.12
C GLY D 237 -35.21 33.87 1.58
N PRO D 238 -34.29 33.79 0.61
CA PRO D 238 -33.99 32.50 -0.02
C PRO D 238 -33.05 31.63 0.80
N ASP D 239 -32.10 32.25 1.50
CA ASP D 239 -31.11 31.53 2.32
C ASP D 239 -31.13 32.12 3.72
N PRO D 240 -32.13 31.77 4.52
CA PRO D 240 -32.31 32.38 5.85
C PRO D 240 -31.59 31.66 6.98
N TYR D 241 -30.67 30.76 6.71
CA TYR D 241 -30.08 29.90 7.72
C TYR D 241 -28.62 30.24 7.97
N ILE D 242 -28.27 30.40 9.24
CA ILE D 242 -26.89 30.58 9.68
C ILE D 242 -26.56 29.47 10.67
N ILE D 243 -25.37 28.90 10.53
CA ILE D 243 -24.97 27.76 11.34
C ILE D 243 -24.64 28.24 12.74
N ILE D 244 -25.18 27.54 13.75
CA ILE D 244 -24.83 27.78 15.14
C ILE D 244 -23.64 26.91 15.47
N HIS D 245 -22.46 27.52 15.61
CA HIS D 245 -21.23 26.76 15.76
C HIS D 245 -20.97 26.29 17.18
N GLU D 246 -21.68 26.83 18.17
CA GLU D 246 -21.49 26.39 19.55
C GLU D 246 -22.35 25.19 19.91
N SER D 247 -23.25 24.77 19.02
CA SER D 247 -24.08 23.60 19.26
C SER D 247 -23.87 22.51 18.23
N SER D 248 -23.07 22.74 17.19
CA SER D 248 -22.81 21.72 16.20
C SER D 248 -21.81 20.70 16.71
N LYS D 249 -21.78 19.54 16.06
CA LYS D 249 -20.82 18.49 16.38
C LYS D 249 -20.07 18.12 15.11
N PHE D 250 -18.74 18.07 15.21
CA PHE D 250 -17.89 17.87 14.06
C PHE D 250 -17.07 16.59 14.21
N ILE D 251 -16.53 16.12 13.09
CA ILE D 251 -15.61 15.00 13.07
C ILE D 251 -14.40 15.40 12.22
N ASP D 252 -13.27 14.77 12.51
CA ASP D 252 -12.03 15.10 11.83
C ASP D 252 -11.85 14.25 10.59
N GLN D 253 -11.36 14.89 9.52
CA GLN D 253 -11.19 14.26 8.22
C GLN D 253 -9.82 14.60 7.67
N GLN D 254 -9.19 13.63 7.03
CA GLN D 254 -7.82 13.78 6.54
C GLN D 254 -7.74 13.36 5.08
N PHE D 255 -6.98 14.12 4.30
CA PHE D 255 -6.77 13.82 2.89
C PHE D 255 -5.42 13.14 2.70
N LEU D 256 -5.42 12.00 2.05
CA LEU D 256 -4.20 11.28 1.76
C LEU D 256 -3.82 11.50 0.30
N LYS D 257 -2.80 10.78 -0.16
CA LYS D 257 -2.40 10.83 -1.56
C LYS D 257 -1.64 9.54 -1.86
N LEU D 258 -2.25 8.65 -2.63
CA LEU D 258 -1.71 7.33 -2.88
C LEU D 258 -0.97 7.32 -4.21
N GLN D 259 0.24 6.79 -4.21
CA GLN D 259 1.03 6.60 -5.41
C GLN D 259 1.18 5.12 -5.65
N GLU D 260 1.05 4.70 -6.91
CA GLU D 260 1.05 3.28 -7.19
C GLU D 260 2.41 2.66 -6.93
N ILE D 261 2.41 1.34 -6.75
CA ILE D 261 3.64 0.61 -6.43
C ILE D 261 4.62 0.79 -7.58
N PRO D 262 5.91 1.04 -7.31
CA PRO D 262 6.86 1.20 -8.41
C PRO D 262 6.97 -0.01 -9.31
N GLU D 263 6.66 -1.21 -8.80
CA GLU D 263 6.72 -2.42 -9.60
C GLU D 263 5.46 -2.66 -10.41
N LEU D 264 4.45 -1.79 -10.31
CA LEU D 264 3.20 -1.96 -11.02
C LEU D 264 2.96 -0.92 -12.10
N VAL D 265 3.81 0.11 -12.19
CA VAL D 265 3.63 1.13 -13.21
C VAL D 265 3.87 0.50 -14.58
N PRO D 266 3.13 0.91 -15.61
CA PRO D 266 3.37 0.34 -16.94
C PRO D 266 4.71 0.76 -17.52
N VAL D 267 5.01 0.31 -18.73
CA VAL D 267 6.32 0.59 -19.32
C VAL D 267 6.44 2.05 -19.67
N GLY D 268 7.53 2.67 -19.24
CA GLY D 268 7.81 4.06 -19.59
C GLY D 268 6.76 5.04 -19.11
N GLU D 269 6.19 4.80 -17.94
CA GLU D 269 5.14 5.65 -17.39
C GLU D 269 5.52 6.14 -16.00
N MET D 270 5.11 7.36 -15.70
CA MET D 270 5.30 7.92 -14.38
C MET D 270 4.25 7.38 -13.42
N PRO D 271 4.59 7.24 -12.13
CA PRO D 271 3.59 6.81 -11.16
C PRO D 271 2.47 7.83 -11.04
N ARG D 272 1.27 7.33 -10.78
CA ARG D 272 0.05 8.14 -10.77
C ARG D 272 -0.46 8.28 -9.34
N ASN D 273 -0.80 9.50 -8.96
CA ASN D 273 -1.34 9.78 -7.64
C ASN D 273 -2.85 9.64 -7.63
N LEU D 274 -3.42 9.59 -6.42
CA LEU D 274 -4.86 9.49 -6.26
C LEU D 274 -5.24 10.10 -4.92
N THR D 275 -6.08 11.13 -4.94
CA THR D 275 -6.54 11.76 -3.72
C THR D 275 -7.44 10.80 -2.96
N MET D 276 -7.30 10.78 -1.64
CA MET D 276 -8.03 9.85 -0.79
C MET D 276 -8.46 10.58 0.48
N THR D 277 -9.55 10.13 1.07
CA THR D 277 -10.08 10.77 2.26
C THR D 277 -10.28 9.74 3.36
N CYS D 278 -9.75 10.02 4.55
CA CYS D 278 -10.03 9.23 5.73
C CYS D 278 -11.18 9.87 6.49
N ASP D 279 -11.52 9.31 7.65
CA ASP D 279 -12.61 9.87 8.44
C ASP D 279 -12.56 9.27 9.84
N ARG D 280 -12.73 10.11 10.84
CA ARG D 280 -12.83 9.63 12.23
C ARG D 280 -11.70 8.67 12.59
N TYR D 281 -12.02 7.41 12.89
CA TYR D 281 -11.00 6.48 13.44
C TYR D 281 -10.05 5.93 12.38
N LEU D 282 -10.14 6.37 11.13
CA LEU D 282 -9.16 5.92 10.13
C LEU D 282 -8.17 7.04 9.83
N THR D 283 -8.22 8.14 10.59
CA THR D 283 -7.29 9.27 10.39
C THR D 283 -5.97 9.00 11.11
N ASN D 284 -4.95 9.83 10.90
CA ASN D 284 -3.68 9.70 11.62
C ASN D 284 -3.29 8.23 11.74
N LYS D 285 -3.58 7.46 10.70
CA LYS D 285 -3.29 6.04 10.70
C LYS D 285 -2.08 5.67 9.87
N VAL D 286 -1.66 6.51 8.93
CA VAL D 286 -0.53 6.24 8.06
C VAL D 286 0.36 7.47 7.98
N ILE D 287 1.61 7.23 7.61
CA ILE D 287 2.60 8.29 7.45
C ILE D 287 3.17 8.17 6.05
N PRO D 288 3.66 9.26 5.48
CA PRO D 288 4.17 9.22 4.11
C PRO D 288 5.28 8.20 3.95
N GLY D 289 5.27 7.50 2.82
CA GLY D 289 6.26 6.50 2.51
C GLY D 289 5.85 5.08 2.81
N THR D 290 4.76 4.89 3.56
CA THR D 290 4.33 3.55 3.93
C THR D 290 3.49 2.93 2.82
N ARG D 291 3.63 1.63 2.64
CA ARG D 291 2.87 0.88 1.65
C ARG D 291 1.62 0.31 2.31
N VAL D 292 0.45 0.60 1.72
CA VAL D 292 -0.82 0.25 2.31
C VAL D 292 -1.71 -0.40 1.26
N THR D 293 -2.71 -1.13 1.74
CA THR D 293 -3.79 -1.65 0.89
C THR D 293 -5.10 -1.08 1.41
N ILE D 294 -5.88 -0.47 0.52
CA ILE D 294 -7.06 0.28 0.90
C ILE D 294 -8.29 -0.40 0.36
N VAL D 295 -9.34 -0.45 1.18
CA VAL D 295 -10.67 -0.84 0.73
C VAL D 295 -11.51 0.42 0.76
N GLY D 296 -11.83 0.97 -0.41
CA GLY D 296 -12.53 2.23 -0.48
C GLY D 296 -13.58 2.25 -1.56
N ILE D 297 -14.29 3.36 -1.64
CA ILE D 297 -15.30 3.60 -2.66
C ILE D 297 -14.70 4.54 -3.68
N TYR D 298 -14.50 4.07 -4.90
CA TYR D 298 -13.96 4.93 -5.95
C TYR D 298 -15.00 5.95 -6.37
N SER D 299 -14.97 7.12 -5.76
CA SER D 299 -16.03 8.10 -5.91
C SER D 299 -15.58 9.24 -6.82
N ILE D 300 -16.46 10.22 -6.95
CA ILE D 300 -16.32 11.32 -7.90
C ILE D 300 -16.70 12.62 -7.21
N TYR D 301 -15.88 13.66 -7.38
CA TYR D 301 -16.24 14.98 -6.92
C TYR D 301 -15.73 16.00 -7.93
N ASN D 302 -16.51 17.06 -8.12
CA ASN D 302 -16.19 18.08 -9.14
C ASN D 302 -15.54 19.27 -8.45
N SER D 303 -14.23 19.18 -8.27
CA SER D 303 -13.47 20.31 -7.77
C SER D 303 -13.48 21.44 -8.79
N LYS D 304 -13.62 22.67 -8.30
CA LYS D 304 -13.67 23.84 -9.16
C LYS D 304 -12.27 24.44 -9.33
N ASN D 305 -11.38 23.62 -9.88
CA ASN D 305 -10.00 24.03 -10.11
C ASN D 305 -9.42 23.31 -11.33
N SER D 319 -9.09 20.66 -17.29
CA SER D 319 -9.79 21.87 -17.67
C SER D 319 -10.65 21.65 -18.92
N GLY D 320 -11.31 20.50 -18.96
CA GLY D 320 -12.20 20.16 -20.07
C GLY D 320 -13.63 20.56 -19.80
N VAL D 321 -14.55 19.78 -20.35
CA VAL D 321 -15.98 20.00 -20.18
C VAL D 321 -16.58 18.77 -19.50
N ALA D 322 -17.38 19.02 -18.46
CA ALA D 322 -18.05 17.96 -17.69
C ALA D 322 -17.06 16.95 -17.13
N ILE D 323 -15.85 17.40 -16.81
CA ILE D 323 -14.84 16.53 -16.21
C ILE D 323 -15.07 16.49 -14.70
N ARG D 324 -14.64 15.39 -14.09
CA ARG D 324 -14.87 15.14 -12.67
C ARG D 324 -13.61 14.56 -12.07
N THR D 325 -13.13 15.16 -11.00
CA THR D 325 -11.91 14.69 -10.36
C THR D 325 -12.20 13.45 -9.54
N PRO D 326 -11.54 12.33 -9.80
CA PRO D 326 -11.82 11.10 -9.04
C PRO D 326 -11.00 11.00 -7.77
N TYR D 327 -11.57 10.29 -6.80
CA TYR D 327 -10.93 10.09 -5.50
C TYR D 327 -11.53 8.85 -4.87
N ILE D 328 -10.87 8.35 -3.83
CA ILE D 328 -11.30 7.16 -3.11
C ILE D 328 -11.64 7.54 -1.69
N LYS D 329 -12.82 7.13 -1.24
CA LYS D 329 -13.22 7.31 0.16
C LYS D 329 -12.85 6.05 0.92
N ILE D 330 -11.90 6.17 1.86
CA ILE D 330 -11.37 5.00 2.54
C ILE D 330 -12.40 4.40 3.47
N LEU D 331 -12.49 3.07 3.46
CA LEU D 331 -13.27 2.33 4.44
C LEU D 331 -12.43 1.32 5.21
N GLY D 332 -11.12 1.29 5.00
CA GLY D 332 -10.26 0.37 5.72
C GLY D 332 -8.83 0.45 5.23
N ILE D 333 -7.87 0.56 6.14
CA ILE D 333 -6.45 0.71 5.72
C ILE D 333 -5.67 -0.42 6.37
N GLN D 334 -4.81 -1.11 5.63
CA GLN D 334 -4.10 -2.27 6.22
C GLN D 334 -2.61 -2.11 5.97
N SER D 335 -1.99 -1.17 6.68
CA SER D 335 -0.53 -0.93 6.54
C SER D 335 0.23 -2.18 6.95
N ASP D 336 1.56 -2.17 6.80
CA ASP D 336 2.38 -3.30 7.29
C ASP D 336 3.49 -2.78 8.21
N VAL D 337 3.46 -1.49 8.57
CA VAL D 337 4.58 -0.91 9.36
C VAL D 337 4.03 -0.19 10.59
N GLU D 338 2.76 -0.43 10.93
CA GLU D 338 2.14 0.16 12.15
C GLU D 338 1.57 1.55 11.83
N THR D 339 1.06 2.26 12.84
CA THR D 339 0.40 3.56 12.61
C THR D 339 1.39 4.72 12.74
N SER D 340 0.87 5.95 12.88
CA SER D 340 1.75 7.13 13.05
C SER D 340 2.79 6.77 14.11
N SER D 341 3.99 7.37 14.05
CA SER D 341 5.05 6.93 14.99
C SER D 341 5.36 5.47 14.66
N ILE D 342 6.00 4.74 15.57
CA ILE D 342 6.20 3.28 15.31
C ILE D 342 5.31 2.55 16.31
N TRP D 343 4.41 1.69 15.83
CA TRP D 343 3.43 1.07 16.77
C TRP D 343 2.82 2.22 17.58
N ASN D 344 2.61 3.37 16.94
CA ASN D 344 2.01 4.56 17.61
C ASN D 344 2.84 4.97 18.83
N SER D 345 4.18 4.97 18.71
CA SER D 345 5.07 5.39 19.82
C SER D 345 4.81 4.53 21.06
N VAL D 346 4.72 3.21 20.89
CA VAL D 346 4.40 2.29 22.01
C VAL D 346 4.34 0.87 21.45
N THR D 347 3.80 -0.09 22.19
CA THR D 347 3.82 -1.49 21.71
C THR D 347 2.41 -1.95 21.34
N MET D 348 2.17 -2.25 20.07
CA MET D 348 0.85 -2.79 19.65
C MET D 348 1.07 -4.21 19.17
N PHE D 349 1.85 -4.99 19.93
CA PHE D 349 2.18 -6.37 19.51
C PHE D 349 1.28 -7.38 20.20
N THR D 350 0.55 -8.18 19.43
CA THR D 350 -0.30 -9.23 19.99
C THR D 350 0.50 -10.09 20.95
N GLU D 351 -0.20 -10.65 21.94
CA GLU D 351 0.49 -11.39 23.00
C GLU D 351 1.19 -12.62 22.45
N GLU D 352 0.58 -13.31 21.49
CA GLU D 352 1.20 -14.51 20.93
C GLU D 352 2.49 -14.17 20.20
N GLU D 353 2.49 -13.08 19.42
CA GLU D 353 3.71 -12.72 18.70
C GLU D 353 4.76 -12.13 19.64
N GLU D 354 4.34 -11.46 20.71
CA GLU D 354 5.30 -11.01 21.71
C GLU D 354 5.97 -12.20 22.38
N GLU D 355 5.19 -13.23 22.72
CA GLU D 355 5.78 -14.44 23.26
C GLU D 355 6.70 -15.11 22.25
N GLU D 356 6.34 -15.06 20.97
CA GLU D 356 7.21 -15.61 19.93
C GLU D 356 8.54 -14.86 19.89
N PHE D 357 8.50 -13.53 19.99
CA PHE D 357 9.74 -12.76 20.01
C PHE D 357 10.57 -13.08 21.24
N LEU D 358 9.93 -13.24 22.40
CA LEU D 358 10.68 -13.62 23.60
C LEU D 358 11.32 -14.98 23.44
N GLN D 359 10.61 -15.94 22.84
CA GLN D 359 11.19 -17.24 22.58
C GLN D 359 12.36 -17.13 21.61
N LEU D 360 12.23 -16.26 20.61
CA LEU D 360 13.31 -16.07 19.64
C LEU D 360 14.55 -15.50 20.27
N SER D 361 14.38 -14.52 21.18
CA SER D 361 15.53 -13.85 21.78
C SER D 361 16.37 -14.78 22.63
N ARG D 362 15.79 -15.86 23.14
CA ARG D 362 16.55 -16.81 23.96
C ARG D 362 17.31 -17.83 23.13
N ASN D 363 17.18 -17.80 21.82
CA ASN D 363 17.90 -18.72 20.96
C ASN D 363 19.39 -18.47 21.08
N PRO D 364 20.21 -19.47 21.43
CA PRO D 364 21.64 -19.23 21.58
C PRO D 364 22.32 -18.82 20.29
N LYS D 365 21.75 -19.16 19.13
CA LYS D 365 22.32 -18.81 17.84
C LYS D 365 21.53 -17.71 17.15
N LEU D 366 20.92 -16.82 17.92
CA LEU D 366 20.10 -15.76 17.33
C LEU D 366 20.93 -14.86 16.44
N TYR D 367 22.18 -14.60 16.82
CA TYR D 367 23.04 -13.77 16.00
C TYR D 367 23.28 -14.41 14.64
N GLU D 368 23.54 -15.72 14.62
CA GLU D 368 23.75 -16.41 13.36
C GLU D 368 22.47 -16.49 12.54
N ILE D 369 21.32 -16.64 13.20
CA ILE D 369 20.05 -16.65 12.47
C ILE D 369 19.81 -15.31 11.80
N LEU D 370 20.05 -14.23 12.52
CA LEU D 370 19.85 -12.90 11.95
C LEU D 370 20.85 -12.61 10.84
N THR D 371 22.11 -13.01 11.03
CA THR D 371 23.11 -12.78 10.00
C THR D 371 22.81 -13.58 8.74
N ASN D 372 22.46 -14.86 8.89
CA ASN D 372 22.21 -15.71 7.74
C ASN D 372 20.97 -15.30 6.96
N SER D 373 20.10 -14.48 7.54
CA SER D 373 18.86 -14.08 6.88
C SER D 373 18.92 -12.67 6.31
N ILE D 374 20.10 -12.05 6.28
CA ILE D 374 20.27 -10.74 5.66
C ILE D 374 20.77 -10.96 4.25
N ALA D 375 19.91 -10.75 3.26
CA ALA D 375 20.22 -10.98 1.86
C ALA D 375 20.77 -12.38 1.69
N PRO D 376 19.94 -13.42 1.79
CA PRO D 376 20.46 -14.79 1.72
C PRO D 376 21.12 -15.12 0.39
N SER D 377 20.81 -14.38 -0.67
CA SER D 377 21.34 -14.64 -1.99
C SER D 377 22.75 -14.07 -2.18
N ILE D 378 23.22 -13.24 -1.27
CA ILE D 378 24.56 -12.66 -1.36
C ILE D 378 25.53 -13.62 -0.68
N PHE D 379 26.37 -14.28 -1.47
CA PHE D 379 27.34 -15.20 -0.92
C PHE D 379 28.41 -14.44 -0.14
N GLY D 380 28.87 -15.05 0.96
CA GLY D 380 29.91 -14.44 1.76
C GLY D 380 29.43 -13.16 2.42
N ASN D 381 30.36 -12.21 2.58
CA ASN D 381 30.07 -10.92 3.18
C ASN D 381 29.46 -11.08 4.57
N GLU D 382 30.02 -12.00 5.35
CA GLU D 382 29.47 -12.25 6.69
C GLU D 382 29.62 -11.03 7.58
N ASP D 383 30.78 -10.37 7.54
CA ASP D 383 31.01 -9.21 8.39
C ASP D 383 30.06 -8.08 8.04
N ILE D 384 29.81 -7.86 6.75
CA ILE D 384 28.90 -6.79 6.35
C ILE D 384 27.48 -7.12 6.79
N LYS D 385 27.09 -8.38 6.72
CA LYS D 385 25.77 -8.76 7.20
C LYS D 385 25.64 -8.55 8.70
N LYS D 386 26.68 -8.87 9.46
CA LYS D 386 26.65 -8.62 10.90
C LYS D 386 26.52 -7.12 11.18
N ALA D 387 27.30 -6.30 10.46
CA ALA D 387 27.20 -4.87 10.65
C ALA D 387 25.84 -4.33 10.23
N ILE D 388 25.21 -4.94 9.23
CA ILE D 388 23.88 -4.53 8.82
C ILE D 388 22.87 -4.88 9.89
N VAL D 389 23.02 -6.03 10.54
CA VAL D 389 22.14 -6.37 11.65
C VAL D 389 22.29 -5.34 12.78
N CYS D 390 23.53 -4.99 13.11
CA CYS D 390 23.76 -3.98 14.15
C CYS D 390 23.15 -2.64 13.74
N LEU D 391 23.28 -2.27 12.47
CA LEU D 391 22.69 -1.03 11.98
C LEU D 391 21.18 -1.05 12.11
N LEU D 392 20.56 -2.17 11.76
CA LEU D 392 19.10 -2.27 11.81
C LEU D 392 18.60 -2.16 13.25
N MET D 393 19.27 -2.84 14.18
CA MET D 393 18.86 -2.72 15.58
C MET D 393 19.16 -1.34 16.14
N GLY D 394 20.36 -0.82 15.89
CA GLY D 394 20.74 0.48 16.36
C GLY D 394 21.15 0.47 17.82
N GLY D 395 21.79 1.56 18.23
CA GLY D 395 22.23 1.70 19.60
C GLY D 395 21.11 2.17 20.50
N SER D 396 21.48 2.71 21.65
CA SER D 396 20.53 3.24 22.61
C SER D 396 20.72 4.74 22.75
N LYS D 397 19.64 5.49 22.55
CA LYS D 397 19.71 6.94 22.65
C LYS D 397 19.79 7.38 24.11
N LYS D 398 20.60 8.40 24.37
CA LYS D 398 20.77 8.94 25.71
C LYS D 398 20.48 10.44 25.69
N ILE D 399 19.85 10.94 26.74
CA ILE D 399 19.60 12.36 26.92
C ILE D 399 20.07 12.75 28.31
N LEU D 400 21.21 13.42 28.39
CA LEU D 400 21.83 13.78 29.65
C LEU D 400 21.09 14.93 30.33
N PRO D 401 21.24 15.08 31.64
CA PRO D 401 20.54 16.16 32.34
C PRO D 401 20.91 17.54 31.85
N ASP D 402 22.17 17.77 31.48
CA ASP D 402 22.59 19.10 31.07
C ASP D 402 22.02 19.50 29.71
N GLY D 403 21.41 18.57 28.98
CA GLY D 403 20.69 18.92 27.78
C GLY D 403 21.19 18.22 26.53
N MET D 404 22.50 18.07 26.40
CA MET D 404 23.05 17.45 25.20
C MET D 404 22.68 15.98 25.15
N ARG D 405 22.38 15.50 23.95
CA ARG D 405 21.93 14.14 23.74
C ARG D 405 22.96 13.37 22.93
N LEU D 406 22.98 12.06 23.11
CA LEU D 406 23.90 11.17 22.42
C LEU D 406 23.10 10.29 21.48
N ARG D 407 23.45 10.32 20.20
CA ARG D 407 22.68 9.58 19.22
C ARG D 407 22.93 8.08 19.37
N GLY D 408 21.94 7.29 18.97
CA GLY D 408 22.03 5.86 19.09
C GLY D 408 21.78 5.13 17.78
N ASP D 409 22.25 5.71 16.69
CA ASP D 409 22.09 5.14 15.36
C ASP D 409 23.45 4.91 14.74
N ILE D 410 23.57 3.85 13.96
CA ILE D 410 24.84 3.41 13.40
C ILE D 410 24.85 3.71 11.92
N ASN D 411 25.89 4.41 11.46
CA ASN D 411 26.10 4.68 10.04
C ASN D 411 27.19 3.76 9.51
N VAL D 412 26.94 3.14 8.37
CA VAL D 412 27.86 2.19 7.77
C VAL D 412 28.16 2.62 6.35
N LEU D 413 29.43 2.63 5.98
CA LEU D 413 29.86 2.95 4.64
C LEU D 413 30.50 1.72 4.01
N LEU D 414 30.15 1.44 2.76
CA LEU D 414 30.62 0.26 2.05
C LEU D 414 31.43 0.70 0.84
N LEU D 415 32.72 0.89 1.03
CA LEU D 415 33.62 1.11 -0.10
C LEU D 415 34.07 -0.24 -0.65
N GLY D 416 34.49 -0.24 -1.89
CA GLY D 416 35.08 -1.44 -2.45
C GLY D 416 34.95 -1.49 -3.96
N ASP D 417 35.51 -2.56 -4.52
CA ASP D 417 35.54 -2.74 -5.96
C ASP D 417 34.15 -2.98 -6.51
N PRO D 418 33.92 -2.68 -7.78
CA PRO D 418 32.60 -2.92 -8.37
C PRO D 418 32.32 -4.41 -8.49
N GLY D 419 31.03 -4.74 -8.47
CA GLY D 419 30.60 -6.12 -8.57
C GLY D 419 30.64 -6.91 -7.29
N THR D 420 30.74 -6.24 -6.14
CA THR D 420 30.82 -6.91 -4.85
C THR D 420 29.50 -6.90 -4.11
N ALA D 421 28.39 -6.64 -4.80
CA ALA D 421 27.04 -6.73 -4.25
C ALA D 421 26.79 -5.73 -3.14
N LYS D 422 27.36 -4.53 -3.23
CA LYS D 422 27.01 -3.49 -2.27
C LYS D 422 25.60 -2.97 -2.50
N SER D 423 25.26 -2.68 -3.75
CA SER D 423 23.93 -2.17 -4.06
C SER D 423 22.83 -3.17 -3.77
N GLN D 424 23.09 -4.47 -3.96
CA GLN D 424 22.12 -5.47 -3.58
C GLN D 424 21.89 -5.50 -2.08
N LEU D 425 22.95 -5.36 -1.29
CA LEU D 425 22.79 -5.27 0.16
C LEU D 425 21.98 -4.04 0.53
N LEU D 426 22.24 -2.90 -0.10
CA LEU D 426 21.46 -1.70 0.19
C LEU D 426 20.00 -1.89 -0.17
N LYS D 427 19.72 -2.51 -1.32
CA LYS D 427 18.33 -2.73 -1.72
C LYS D 427 17.63 -3.69 -0.78
N PHE D 428 18.33 -4.71 -0.27
CA PHE D 428 17.71 -5.60 0.71
C PHE D 428 17.43 -4.88 2.01
N VAL D 429 18.37 -4.05 2.47
CA VAL D 429 18.15 -3.30 3.71
C VAL D 429 16.97 -2.38 3.56
N GLU D 430 16.78 -1.83 2.36
CA GLU D 430 15.58 -1.02 2.11
C GLU D 430 14.30 -1.81 2.25
N LYS D 431 14.36 -3.15 2.15
CA LYS D 431 13.17 -3.97 2.30
C LYS D 431 12.98 -4.43 3.76
N VAL D 432 14.04 -4.95 4.37
CA VAL D 432 13.90 -5.56 5.70
C VAL D 432 13.58 -4.51 6.75
N SER D 433 14.14 -3.32 6.63
CA SER D 433 13.94 -2.29 7.64
C SER D 433 12.50 -1.81 7.65
N PRO D 434 11.90 -1.63 8.82
CA PRO D 434 10.50 -1.17 8.86
C PRO D 434 10.27 0.16 8.19
N ILE D 435 11.19 1.11 8.35
CA ILE D 435 11.14 2.40 7.68
C ILE D 435 12.45 2.59 6.95
N ALA D 436 12.40 2.73 5.63
CA ALA D 436 13.62 2.87 4.86
C ALA D 436 13.34 3.68 3.60
N VAL D 437 14.36 4.40 3.16
CA VAL D 437 14.33 5.16 1.91
C VAL D 437 15.58 4.83 1.12
N TYR D 438 15.41 4.44 -0.13
CA TYR D 438 16.53 4.15 -1.01
C TYR D 438 16.72 5.33 -1.97
N THR D 439 17.90 5.91 -1.96
CA THR D 439 18.23 7.01 -2.83
C THR D 439 19.61 6.76 -3.46
N SER D 440 19.79 7.28 -4.66
CA SER D 440 21.09 7.21 -5.31
C SER D 440 21.82 8.53 -5.11
N GLY D 441 23.14 8.45 -5.03
CA GLY D 441 23.93 9.66 -4.81
C GLY D 441 23.84 10.63 -5.95
N LYS D 442 23.82 10.13 -7.19
CA LYS D 442 23.77 10.99 -8.35
C LYS D 442 22.50 11.82 -8.37
N GLY D 443 21.35 11.16 -8.50
CA GLY D 443 20.09 11.86 -8.58
C GLY D 443 19.53 12.22 -7.22
N SER D 444 20.17 13.17 -6.54
CA SER D 444 19.76 13.56 -5.21
C SER D 444 20.39 14.89 -4.82
N SER D 445 19.58 15.85 -4.41
CA SER D 445 20.05 17.19 -4.09
C SER D 445 19.95 17.45 -2.60
N ALA D 446 20.68 18.46 -2.14
CA ALA D 446 20.71 18.78 -0.72
C ALA D 446 19.33 19.15 -0.20
N ALA D 447 18.61 19.99 -0.93
CA ALA D 447 17.27 20.38 -0.52
C ALA D 447 16.26 19.25 -0.69
N GLY D 448 16.62 18.18 -1.39
CA GLY D 448 15.72 17.07 -1.55
C GLY D 448 16.06 15.91 -0.64
N LEU D 449 17.21 16.00 0.03
CA LEU D 449 17.60 15.00 1.00
C LEU D 449 17.14 15.34 2.41
N THR D 450 17.10 16.61 2.78
CA THR D 450 16.78 17.01 4.13
C THR D 450 15.42 17.69 4.22
N ALA D 451 15.22 18.81 3.54
CA ALA D 451 13.97 19.54 3.61
C ALA D 451 13.92 20.61 2.53
N SER D 452 12.79 20.70 1.83
CA SER D 452 12.65 21.61 0.70
C SER D 452 11.60 22.66 1.05
N VAL D 453 11.98 23.92 0.98
CA VAL D 453 11.04 25.01 1.21
C VAL D 453 10.24 25.23 -0.08
N GLN D 454 8.93 25.08 0.01
CA GLN D 454 8.07 25.17 -1.16
C GLN D 454 7.00 26.23 -0.94
N ARG D 455 6.52 26.81 -2.02
CA ARG D 455 5.51 27.86 -1.97
C ARG D 455 4.15 27.27 -2.27
N ASP D 456 3.21 27.48 -1.37
CA ASP D 456 1.86 26.96 -1.55
C ASP D 456 1.21 27.65 -2.72
N PRO D 457 0.74 26.92 -3.75
CA PRO D 457 0.15 27.59 -4.91
C PRO D 457 -1.05 28.44 -4.58
N MET D 458 -1.85 28.04 -3.59
CA MET D 458 -3.06 28.78 -3.26
C MET D 458 -2.77 29.98 -2.36
N THR D 459 -2.16 29.74 -1.20
CA THR D 459 -2.03 30.74 -0.16
C THR D 459 -0.78 31.60 -0.29
N ARG D 460 0.09 31.33 -1.27
CA ARG D 460 1.30 32.10 -1.49
C ARG D 460 2.26 32.04 -0.30
N GLU D 461 2.12 31.06 0.57
CA GLU D 461 2.91 30.98 1.80
C GLU D 461 3.90 29.82 1.72
N PHE D 462 5.13 30.08 2.13
CA PHE D 462 6.17 29.07 2.11
C PHE D 462 5.92 28.02 3.20
N TYR D 463 6.32 26.79 2.90
CA TYR D 463 6.20 25.70 3.85
C TYR D 463 7.24 24.64 3.48
N LEU D 464 7.55 23.77 4.44
CA LEU D 464 8.53 22.72 4.21
C LEU D 464 7.88 21.44 3.73
N GLU D 465 8.63 20.71 2.91
CA GLU D 465 8.29 19.36 2.51
C GLU D 465 9.47 18.47 2.84
N GLY D 466 9.21 17.39 3.57
CA GLY D 466 10.30 16.54 4.02
C GLY D 466 10.99 15.84 2.87
N GLY D 467 12.29 15.61 3.04
CA GLY D 467 13.08 14.91 2.07
C GLY D 467 13.32 13.46 2.45
N ALA D 468 14.39 12.89 1.89
CA ALA D 468 14.70 11.49 2.17
C ALA D 468 15.06 11.29 3.63
N MET D 469 15.79 12.23 4.22
CA MET D 469 16.23 12.09 5.60
C MET D 469 15.12 12.38 6.60
N VAL D 470 13.98 12.90 6.15
CA VAL D 470 12.83 13.07 7.01
C VAL D 470 11.82 11.94 6.83
N LEU D 471 11.65 11.46 5.60
CA LEU D 471 10.81 10.29 5.37
C LEU D 471 11.35 9.08 6.10
N ALA D 472 12.67 8.90 6.08
CA ALA D 472 13.30 7.77 6.73
C ALA D 472 13.52 7.98 8.21
N ASP D 473 12.88 8.98 8.80
CA ASP D 473 13.02 9.23 10.23
C ASP D 473 12.61 8.01 11.03
N GLY D 474 13.43 7.65 12.02
CA GLY D 474 13.19 6.45 12.77
C GLY D 474 13.58 5.17 12.07
N GLY D 475 14.26 5.25 10.94
CA GLY D 475 14.63 4.07 10.19
C GLY D 475 16.05 4.16 9.64
N VAL D 476 16.21 3.81 8.36
CA VAL D 476 17.50 3.84 7.70
C VAL D 476 17.32 4.40 6.31
N VAL D 477 18.24 5.26 5.88
CA VAL D 477 18.27 5.77 4.52
C VAL D 477 19.49 5.20 3.82
N CYS D 478 19.28 4.58 2.67
CA CYS D 478 20.34 3.91 1.92
C CYS D 478 20.74 4.81 0.77
N ILE D 479 21.93 5.40 0.86
CA ILE D 479 22.42 6.31 -0.17
C ILE D 479 23.39 5.53 -1.03
N ASP D 480 22.89 4.97 -2.11
CA ASP D 480 23.75 4.28 -3.07
C ASP D 480 24.49 5.30 -3.93
N GLU D 481 25.61 4.86 -4.50
CA GLU D 481 26.47 5.70 -5.31
C GLU D 481 26.85 6.97 -4.54
N PHE D 482 27.37 6.77 -3.34
CA PHE D 482 27.61 7.89 -2.44
C PHE D 482 28.63 8.87 -3.01
N ASP D 483 29.69 8.36 -3.64
CA ASP D 483 30.76 9.24 -4.10
C ASP D 483 30.36 10.09 -5.28
N LYS D 484 29.22 9.82 -5.93
CA LYS D 484 28.78 10.61 -7.06
C LYS D 484 28.01 11.87 -6.64
N MET D 485 27.74 12.04 -5.36
CA MET D 485 27.01 13.23 -4.92
C MET D 485 27.85 14.46 -5.17
N ARG D 486 27.18 15.56 -5.51
CA ARG D 486 27.86 16.83 -5.63
C ARG D 486 28.42 17.24 -4.27
N ASP D 487 29.54 17.96 -4.30
CA ASP D 487 30.21 18.32 -3.06
C ASP D 487 29.32 19.17 -2.16
N GLU D 488 28.45 19.98 -2.76
CA GLU D 488 27.57 20.84 -1.97
C GLU D 488 26.29 20.14 -1.54
N ASP D 489 26.05 18.91 -2.00
CA ASP D 489 24.90 18.13 -1.57
C ASP D 489 25.26 17.17 -0.44
N ARG D 490 26.47 16.61 -0.46
CA ARG D 490 26.89 15.70 0.58
C ARG D 490 27.08 16.40 1.92
N VAL D 491 27.33 17.71 1.90
CA VAL D 491 27.53 18.45 3.14
C VAL D 491 26.24 18.52 3.95
N ALA D 492 25.10 18.60 3.27
CA ALA D 492 23.82 18.72 3.98
C ALA D 492 23.54 17.54 4.89
N ILE D 493 24.19 16.40 4.67
CA ILE D 493 24.01 15.24 5.53
C ILE D 493 24.83 15.31 6.81
N HIS D 494 25.75 16.27 6.91
CA HIS D 494 26.67 16.30 8.03
C HIS D 494 25.94 16.48 9.36
N GLU D 495 24.99 17.42 9.41
CA GLU D 495 24.27 17.63 10.65
C GLU D 495 23.26 16.52 10.91
N ALA D 496 22.54 16.11 9.86
CA ALA D 496 21.51 15.09 10.03
C ALA D 496 22.08 13.71 10.34
N MET D 497 23.38 13.51 10.16
CA MET D 497 23.95 12.22 10.53
C MET D 497 24.40 12.18 11.98
N GLU D 498 25.04 13.23 12.47
CA GLU D 498 25.55 13.23 13.84
C GLU D 498 24.57 13.87 14.82
N GLN D 499 24.23 15.14 14.60
CA GLN D 499 23.29 15.80 15.51
C GLN D 499 21.88 15.28 15.37
N GLN D 500 21.55 14.66 14.24
CA GLN D 500 20.24 14.08 14.00
C GLN D 500 19.13 15.12 14.03
N THR D 501 19.46 16.37 13.69
CA THR D 501 18.49 17.42 13.51
C THR D 501 18.80 18.18 12.24
N ILE D 502 17.76 18.67 11.58
CA ILE D 502 17.88 19.42 10.34
C ILE D 502 17.48 20.86 10.63
N SER D 503 18.42 21.79 10.46
CA SER D 503 18.18 23.20 10.74
C SER D 503 17.92 23.94 9.44
N ILE D 504 16.78 24.63 9.38
CA ILE D 504 16.36 25.34 8.18
C ILE D 504 16.11 26.79 8.54
N ALA D 505 16.74 27.70 7.80
CA ALA D 505 16.48 29.14 7.93
C ALA D 505 16.34 29.70 6.52
N LYS D 506 15.12 29.61 5.98
CA LYS D 506 14.88 30.02 4.60
C LYS D 506 13.49 30.63 4.50
N ALA D 507 13.39 31.72 3.75
CA ALA D 507 12.11 32.33 3.40
C ALA D 507 11.28 32.65 4.62
N GLY D 508 11.93 33.09 5.69
CA GLY D 508 11.22 33.43 6.91
C GLY D 508 10.86 32.26 7.78
N ILE D 509 11.31 31.06 7.46
CA ILE D 509 11.12 29.88 8.30
C ILE D 509 12.36 29.67 9.14
N THR D 510 12.17 29.25 10.40
CA THR D 510 13.29 28.93 11.28
C THR D 510 12.86 27.78 12.17
N THR D 511 13.21 26.56 11.75
CA THR D 511 12.84 25.37 12.49
C THR D 511 14.05 24.44 12.56
N VAL D 512 14.03 23.54 13.53
CA VAL D 512 15.04 22.50 13.69
C VAL D 512 14.29 21.18 13.73
N LEU D 513 14.12 20.56 12.56
CA LEU D 513 13.39 19.30 12.48
C LEU D 513 14.22 18.17 13.10
N ASN D 514 13.66 16.97 13.10
CA ASN D 514 14.31 15.79 13.63
C ASN D 514 14.48 14.76 12.53
N SER D 515 15.67 14.16 12.46
CA SER D 515 15.94 13.06 11.54
C SER D 515 16.80 12.06 12.30
N ARG D 516 16.15 11.11 12.96
CA ARG D 516 16.87 10.06 13.69
C ARG D 516 17.03 8.83 12.79
N THR D 517 17.81 9.03 11.73
CA THR D 517 17.99 8.02 10.70
C THR D 517 19.42 7.48 10.71
N SER D 518 19.53 6.19 10.44
CA SER D 518 20.82 5.55 10.19
C SER D 518 21.10 5.62 8.70
N VAL D 519 22.34 5.91 8.34
CA VAL D 519 22.73 6.07 6.94
C VAL D 519 23.59 4.88 6.55
N LEU D 520 23.13 4.10 5.59
CA LEU D 520 23.89 3.01 5.02
C LEU D 520 24.26 3.44 3.60
N ALA D 521 25.50 3.88 3.43
CA ALA D 521 25.95 4.46 2.17
C ALA D 521 26.95 3.53 1.51
N ALA D 522 26.77 3.30 0.22
CA ALA D 522 27.70 2.51 -0.58
C ALA D 522 28.43 3.43 -1.54
N ALA D 523 29.76 3.33 -1.55
CA ALA D 523 30.56 4.22 -2.37
C ALA D 523 31.49 3.45 -3.28
N ASN D 524 32.41 4.15 -3.94
CA ASN D 524 33.32 3.53 -4.86
C ASN D 524 34.63 4.32 -4.80
N PRO D 525 35.75 3.68 -4.53
CA PRO D 525 37.03 4.41 -4.55
C PRO D 525 37.33 4.90 -5.95
N ILE D 526 38.12 5.98 -6.02
CA ILE D 526 38.50 6.50 -7.33
C ILE D 526 39.24 5.42 -8.11
N TYR D 527 39.17 5.51 -9.44
CA TYR D 527 39.71 4.55 -10.39
C TYR D 527 38.95 3.23 -10.40
N GLY D 528 37.81 3.17 -9.72
CA GLY D 528 37.00 1.97 -9.72
C GLY D 528 37.53 0.89 -8.80
N ARG D 529 38.61 0.24 -9.19
CA ARG D 529 39.28 -0.69 -8.31
C ARG D 529 39.98 0.06 -7.19
N TYR D 530 40.34 -0.68 -6.13
CA TYR D 530 41.00 -0.02 -5.01
C TYR D 530 42.37 0.52 -5.42
N ASP D 531 43.12 -0.23 -6.22
CA ASP D 531 44.47 0.16 -6.66
C ASP D 531 45.37 0.39 -5.46
N ASP D 532 45.65 -0.70 -4.75
CA ASP D 532 46.43 -0.64 -3.53
C ASP D 532 47.85 -0.16 -3.76
N LEU D 533 48.32 -0.14 -5.01
CA LEU D 533 49.62 0.48 -5.30
C LEU D 533 49.62 1.95 -4.90
N LYS D 534 48.52 2.65 -5.18
CA LYS D 534 48.40 4.04 -4.76
C LYS D 534 48.19 4.13 -3.25
N SER D 535 48.40 5.32 -2.72
CA SER D 535 48.24 5.55 -1.29
C SER D 535 46.79 5.36 -0.87
N PRO D 536 46.55 4.93 0.37
CA PRO D 536 45.16 4.79 0.82
C PRO D 536 44.37 6.08 0.80
N GLY D 537 45.04 7.22 0.99
CA GLY D 537 44.35 8.50 0.92
C GLY D 537 44.00 8.93 -0.49
N ASP D 538 44.69 8.39 -1.49
CA ASP D 538 44.40 8.73 -2.88
C ASP D 538 43.15 8.03 -3.40
N ASN D 539 42.88 6.81 -2.92
CA ASN D 539 41.72 6.08 -3.41
C ASN D 539 40.42 6.69 -2.90
N ILE D 540 40.42 7.20 -1.68
CA ILE D 540 39.21 7.73 -1.05
C ILE D 540 39.21 9.24 -1.23
N ASP D 541 38.20 9.76 -1.91
CA ASP D 541 38.07 11.20 -2.13
C ASP D 541 37.21 11.87 -1.08
N PHE D 542 36.66 11.10 -0.14
CA PHE D 542 35.85 11.70 0.92
C PHE D 542 36.74 12.44 1.91
N GLN D 543 36.23 13.56 2.41
CA GLN D 543 36.97 14.31 3.41
C GLN D 543 37.02 13.53 4.72
N THR D 544 37.88 13.97 5.63
CA THR D 544 37.94 13.36 6.94
C THR D 544 36.68 13.63 7.73
N THR D 545 36.09 14.82 7.55
CA THR D 545 34.88 15.17 8.29
C THR D 545 33.74 14.22 7.98
N ILE D 546 33.49 13.95 6.70
CA ILE D 546 32.40 13.06 6.33
C ILE D 546 32.73 11.62 6.74
N LEU D 547 34.00 11.22 6.59
CA LEU D 547 34.38 9.87 6.95
C LEU D 547 34.33 9.61 8.44
N SER D 548 34.38 10.65 9.26
CA SER D 548 34.35 10.45 10.71
C SER D 548 32.97 10.08 11.21
N ARG D 549 31.91 10.53 10.54
CA ARG D 549 30.55 10.19 10.99
C ARG D 549 30.31 8.69 10.95
N PHE D 550 30.79 8.02 9.91
CA PHE D 550 30.45 6.62 9.72
C PHE D 550 31.07 5.75 10.80
N ASP D 551 30.25 4.90 11.40
CA ASP D 551 30.73 4.04 12.48
C ASP D 551 31.63 2.93 11.95
N MET D 552 31.22 2.28 10.87
CA MET D 552 31.99 1.21 10.27
C MET D 552 32.18 1.53 8.79
N ILE D 553 33.43 1.54 8.36
CA ILE D 553 33.78 1.88 6.98
C ILE D 553 34.38 0.62 6.37
N PHE D 554 33.55 -0.17 5.70
CA PHE D 554 34.02 -1.40 5.09
C PHE D 554 34.69 -1.11 3.76
N ILE D 555 35.86 -1.69 3.54
CA ILE D 555 36.52 -1.66 2.25
C ILE D 555 36.62 -3.11 1.79
N VAL D 556 35.74 -3.50 0.88
CA VAL D 556 35.75 -4.84 0.33
C VAL D 556 36.66 -4.85 -0.90
N LYS D 557 37.18 -6.04 -1.22
CA LYS D 557 38.09 -6.19 -2.34
C LYS D 557 37.78 -7.48 -3.07
N ASP D 558 38.07 -7.49 -4.37
CA ASP D 558 37.91 -8.69 -5.18
C ASP D 558 39.16 -9.55 -4.98
N ASP D 559 38.99 -10.68 -4.29
CA ASP D 559 40.13 -11.51 -3.94
C ASP D 559 40.76 -12.17 -5.15
N HIS D 560 39.95 -12.51 -6.16
CA HIS D 560 40.42 -13.27 -7.32
C HIS D 560 41.02 -14.60 -6.89
N ASN D 561 40.37 -15.26 -5.93
CA ASN D 561 40.79 -16.55 -5.42
C ASN D 561 39.99 -17.64 -6.11
N GLU D 562 40.70 -18.63 -6.68
CA GLU D 562 40.03 -19.65 -7.49
C GLU D 562 39.05 -20.46 -6.67
N GLU D 563 39.46 -20.89 -5.47
CA GLU D 563 38.57 -21.71 -4.65
C GLU D 563 37.34 -20.93 -4.21
N ARG D 564 37.48 -19.63 -3.96
CA ARG D 564 36.32 -18.81 -3.65
C ARG D 564 35.51 -18.46 -4.90
N ASP D 565 36.18 -18.29 -6.03
CA ASP D 565 35.47 -17.98 -7.27
C ASP D 565 34.56 -19.13 -7.67
N ILE D 566 35.03 -20.37 -7.51
CA ILE D 566 34.18 -21.51 -7.82
C ILE D 566 32.95 -21.53 -6.93
N SER D 567 33.12 -21.24 -5.64
CA SER D 567 31.98 -21.21 -4.72
C SER D 567 31.00 -20.12 -5.11
N ILE D 568 31.49 -18.93 -5.43
CA ILE D 568 30.61 -17.84 -5.82
C ILE D 568 29.85 -18.19 -7.09
N ALA D 569 30.55 -18.77 -8.07
CA ALA D 569 29.91 -19.13 -9.33
C ALA D 569 28.83 -20.18 -9.09
N ASN D 570 29.14 -21.21 -8.30
CA ASN D 570 28.15 -22.24 -8.02
C ASN D 570 26.96 -21.70 -7.25
N HIS D 571 27.17 -20.69 -6.41
CA HIS D 571 26.06 -20.07 -5.71
C HIS D 571 25.20 -19.22 -6.64
N VAL D 572 25.83 -18.43 -7.51
CA VAL D 572 25.07 -17.57 -8.41
C VAL D 572 24.28 -18.40 -9.41
N ILE D 573 24.88 -19.48 -9.92
CA ILE D 573 24.16 -20.34 -10.86
C ILE D 573 22.95 -20.96 -10.19
N ASN D 574 23.10 -21.41 -8.95
CA ASN D 574 21.95 -21.90 -8.20
C ASN D 574 20.91 -20.82 -8.02
N ILE D 575 21.33 -19.58 -7.83
CA ILE D 575 20.38 -18.48 -7.74
C ILE D 575 19.59 -18.37 -9.04
N HIS D 576 20.27 -18.46 -10.18
CA HIS D 576 19.61 -18.27 -11.46
C HIS D 576 18.70 -19.44 -11.82
N THR D 577 19.18 -20.68 -11.64
CA THR D 577 18.43 -21.83 -12.10
C THR D 577 17.39 -22.28 -11.08
N GLY D 578 16.58 -21.33 -10.59
CA GLY D 578 15.42 -21.66 -9.79
C GLY D 578 15.69 -22.36 -8.46
N ASN D 579 16.94 -22.72 -8.20
CA ASN D 579 17.25 -23.47 -6.99
C ASN D 579 17.12 -22.62 -5.74
N ALA D 580 17.19 -21.29 -5.86
CA ALA D 580 17.05 -20.42 -4.70
C ALA D 580 15.65 -20.52 -4.12
N ASN D 581 14.62 -20.51 -4.96
CA ASN D 581 13.24 -20.52 -4.48
C ASN D 581 12.94 -21.76 -3.64
N ALA D 582 13.71 -22.83 -3.82
CA ALA D 582 13.56 -24.04 -3.00
C ALA D 582 14.52 -24.04 -1.81
N MET D 583 15.79 -23.72 -2.03
CA MET D 583 16.78 -23.81 -0.96
C MET D 583 16.51 -22.79 0.13
N GLN D 584 16.20 -21.54 -0.24
CA GLN D 584 15.91 -20.52 0.77
C GLN D 584 14.66 -20.86 1.56
N ASN D 585 13.62 -21.34 0.88
CA ASN D 585 12.40 -21.74 1.57
C ASN D 585 12.66 -22.88 2.53
N GLN D 586 13.45 -23.88 2.10
CA GLN D 586 13.77 -25.00 2.98
C GLN D 586 14.58 -24.53 4.18
N GLN D 587 15.53 -23.63 3.98
CA GLN D 587 16.32 -23.11 5.10
C GLN D 587 15.44 -22.31 6.06
N GLU D 588 14.53 -21.50 5.52
CA GLU D 588 13.66 -20.71 6.37
C GLU D 588 12.73 -21.58 7.20
N GLU D 589 12.15 -22.62 6.57
CA GLU D 589 11.30 -23.54 7.32
C GLU D 589 12.10 -24.41 8.28
N ASN D 590 13.39 -24.61 8.01
CA ASN D 590 14.25 -25.36 8.91
C ASN D 590 14.49 -24.62 10.22
N GLY D 591 14.36 -23.29 10.22
CA GLY D 591 14.61 -22.50 11.40
C GLY D 591 15.95 -21.81 11.43
N SER D 592 16.75 -21.92 10.37
CA SER D 592 18.04 -21.26 10.28
C SER D 592 17.96 -19.90 9.59
N GLU D 593 16.75 -19.46 9.25
CA GLU D 593 16.55 -18.16 8.61
C GLU D 593 15.24 -17.57 9.10
N ILE D 594 15.07 -16.28 8.87
CA ILE D 594 13.87 -15.55 9.25
C ILE D 594 13.35 -14.83 8.01
N SER D 595 12.05 -14.94 7.77
CA SER D 595 11.47 -14.22 6.64
C SER D 595 11.51 -12.72 6.91
N ILE D 596 11.41 -11.95 5.82
CA ILE D 596 11.49 -10.50 5.93
C ILE D 596 10.36 -9.97 6.81
N GLU D 597 9.15 -10.47 6.61
CA GLU D 597 8.01 -9.98 7.37
C GLU D 597 8.13 -10.30 8.86
N LYS D 598 8.94 -11.28 9.22
CA LYS D 598 9.15 -11.61 10.63
C LYS D 598 10.33 -10.85 11.22
N MET D 599 11.42 -10.73 10.47
CA MET D 599 12.56 -9.95 10.95
C MET D 599 12.19 -8.49 11.12
N LYS D 600 11.33 -7.96 10.25
CA LYS D 600 10.90 -6.57 10.40
C LYS D 600 10.16 -6.36 11.72
N ARG D 601 9.22 -7.25 12.04
CA ARG D 601 8.51 -7.15 13.31
C ARG D 601 9.45 -7.31 14.49
N TYR D 602 10.39 -8.26 14.40
CA TYR D 602 11.32 -8.45 15.49
C TYR D 602 12.20 -7.23 15.70
N ILE D 603 12.64 -6.60 14.62
CA ILE D 603 13.45 -5.40 14.71
C ILE D 603 12.66 -4.28 15.38
N THR D 604 11.40 -4.10 14.98
CA THR D 604 10.59 -3.07 15.60
C THR D 604 10.41 -3.35 17.09
N TYR D 605 10.15 -4.61 17.44
CA TYR D 605 9.95 -4.96 18.85
C TYR D 605 11.21 -4.68 19.66
N CYS D 606 12.37 -5.10 19.16
CA CYS D 606 13.61 -4.87 19.88
C CYS D 606 13.89 -3.39 20.03
N ARG D 607 13.66 -2.60 18.98
CA ARG D 607 13.93 -1.18 19.08
C ARG D 607 12.99 -0.47 20.05
N LEU D 608 11.75 -0.94 20.19
CA LEU D 608 10.81 -0.31 21.12
C LEU D 608 10.76 -0.98 22.48
N LYS D 609 11.59 -1.99 22.74
CA LYS D 609 11.55 -2.64 24.04
C LYS D 609 12.84 -2.51 24.84
N CYS D 610 14.00 -2.64 24.20
CA CYS D 610 15.27 -2.73 24.91
C CYS D 610 16.19 -1.60 24.50
N ALA D 611 16.83 -0.97 25.48
CA ALA D 611 17.87 0.03 25.26
C ALA D 611 19.01 -0.26 26.21
N PRO D 612 19.87 -1.22 25.89
CA PRO D 612 20.89 -1.67 26.84
C PRO D 612 21.88 -0.57 27.19
N ARG D 613 22.42 -0.65 28.40
CA ARG D 613 23.48 0.23 28.85
C ARG D 613 24.66 -0.60 29.33
N LEU D 614 25.86 -0.04 29.17
CA LEU D 614 27.08 -0.81 29.39
C LEU D 614 27.28 -1.12 30.86
N SER D 615 27.82 -2.32 31.12
CA SER D 615 28.28 -2.64 32.46
C SER D 615 29.67 -2.05 32.69
N PRO D 616 30.05 -1.82 33.96
CA PRO D 616 31.37 -1.22 34.20
C PRO D 616 32.53 -2.03 33.65
N GLN D 617 32.45 -3.36 33.71
CA GLN D 617 33.49 -4.19 33.11
C GLN D 617 33.54 -3.99 31.61
N ALA D 618 32.38 -3.82 30.98
CA ALA D 618 32.34 -3.52 29.55
C ALA D 618 32.97 -2.17 29.25
N ALA D 619 32.68 -1.17 30.07
CA ALA D 619 33.25 0.15 29.86
C ALA D 619 34.76 0.15 29.99
N GLU D 620 35.31 -0.60 30.95
CA GLU D 620 36.75 -0.68 31.06
C GLU D 620 37.38 -1.27 29.80
N LYS D 621 36.78 -2.34 29.26
CA LYS D 621 37.28 -2.92 28.02
C LYS D 621 37.21 -1.94 26.87
N LEU D 622 36.10 -1.20 26.77
CA LEU D 622 35.96 -0.25 25.67
C LEU D 622 37.00 0.85 25.75
N SER D 623 37.25 1.38 26.96
CA SER D 623 38.25 2.42 27.11
C SER D 623 39.64 1.90 26.77
N SER D 624 40.00 0.74 27.32
CA SER D 624 41.33 0.19 27.07
C SER D 624 41.53 -0.23 25.64
N ASN D 625 40.45 -0.50 24.90
CA ASN D 625 40.58 -0.79 23.48
C ASN D 625 40.66 0.48 22.64
N PHE D 626 39.91 1.52 23.01
CA PHE D 626 40.01 2.79 22.30
C PHE D 626 41.42 3.35 22.40
N VAL D 627 42.05 3.24 23.57
CA VAL D 627 43.41 3.72 23.71
C VAL D 627 44.35 2.97 22.78
N THR D 628 44.20 1.64 22.70
CA THR D 628 45.04 0.84 21.81
C THR D 628 44.84 1.24 20.36
N ILE D 629 43.59 1.45 19.96
CA ILE D 629 43.29 1.79 18.57
C ILE D 629 43.94 3.12 18.21
N ARG D 630 43.80 4.11 19.10
CA ARG D 630 44.40 5.41 18.82
C ARG D 630 45.92 5.35 18.81
N LYS D 631 46.51 4.53 19.67
CA LYS D 631 47.97 4.37 19.64
C LYS D 631 48.43 3.76 18.32
N GLN D 632 47.72 2.75 17.83
CA GLN D 632 48.07 2.16 16.54
C GLN D 632 47.96 3.18 15.42
N LEU D 633 46.89 3.97 15.42
CA LEU D 633 46.76 5.01 14.41
C LEU D 633 47.88 6.03 14.51
N LEU D 634 48.28 6.40 15.73
CA LEU D 634 49.36 7.35 15.89
C LEU D 634 50.68 6.82 15.34
N ILE D 635 50.98 5.54 15.62
CA ILE D 635 52.25 5.02 15.12
C ILE D 635 52.22 4.89 13.60
N ASN D 636 51.07 4.51 13.03
CA ASN D 636 50.98 4.46 11.57
C ASN D 636 51.17 5.84 10.95
N GLU D 637 50.55 6.87 11.54
CA GLU D 637 50.72 8.23 11.03
C GLU D 637 52.17 8.69 11.15
N LEU D 638 52.81 8.37 12.28
CA LEU D 638 54.20 8.77 12.45
C LEU D 638 55.11 8.07 11.45
N GLU D 639 54.87 6.78 11.20
CA GLU D 639 55.68 6.06 10.21
C GLU D 639 55.47 6.63 8.82
N SER D 640 54.22 6.88 8.43
CA SER D 640 53.93 7.38 7.10
C SER D 640 54.14 8.88 6.95
N THR D 641 54.27 9.61 8.06
CA THR D 641 54.46 11.06 8.04
C THR D 641 53.36 11.75 7.23
N GLU D 642 52.14 11.25 7.37
CA GLU D 642 51.00 11.81 6.67
C GLU D 642 49.73 11.37 7.39
N ARG D 643 48.80 12.31 7.59
CA ARG D 643 47.57 12.00 8.30
C ARG D 643 46.81 10.90 7.59
N SER D 644 46.31 9.94 8.37
CA SER D 644 45.57 8.82 7.80
C SER D 644 44.26 9.29 7.20
N SER D 645 43.92 8.74 6.03
CA SER D 645 42.66 9.10 5.39
C SER D 645 41.47 8.68 6.23
N ILE D 646 41.51 7.48 6.79
CA ILE D 646 40.47 6.98 7.67
C ILE D 646 40.75 7.48 9.09
N PRO D 647 39.89 8.29 9.67
CA PRO D 647 40.17 8.82 11.01
C PRO D 647 39.62 7.94 12.11
N ILE D 648 40.31 8.00 13.25
CA ILE D 648 39.84 7.36 14.48
C ILE D 648 39.72 8.46 15.52
N THR D 649 38.51 8.70 15.99
CA THR D 649 38.21 9.80 16.89
C THR D 649 37.27 9.32 17.99
N ILE D 650 36.88 10.23 18.88
CA ILE D 650 35.98 9.88 19.97
C ILE D 650 34.64 9.42 19.41
N ARG D 651 34.26 9.95 18.25
CA ARG D 651 33.05 9.48 17.58
C ARG D 651 33.14 7.99 17.27
N GLN D 652 34.33 7.47 17.02
CA GLN D 652 34.48 6.02 16.84
C GLN D 652 34.39 5.25 18.15
N LEU D 653 34.80 5.83 19.27
CA LEU D 653 34.52 5.20 20.55
C LEU D 653 33.02 5.10 20.78
N GLU D 654 32.30 6.19 20.50
CA GLU D 654 30.84 6.11 20.57
C GLU D 654 30.28 5.12 19.57
N ALA D 655 30.95 4.95 18.43
CA ALA D 655 30.52 3.94 17.47
C ALA D 655 30.63 2.54 18.06
N ILE D 656 31.75 2.24 18.73
CA ILE D 656 31.88 0.94 19.37
C ILE D 656 30.85 0.76 20.47
N ILE D 657 30.55 1.84 21.21
CA ILE D 657 29.52 1.77 22.25
C ILE D 657 28.18 1.41 21.63
N ARG D 658 27.84 2.07 20.52
CA ARG D 658 26.56 1.81 19.87
C ARG D 658 26.49 0.40 19.31
N ILE D 659 27.59 -0.09 18.76
CA ILE D 659 27.60 -1.46 18.24
C ILE D 659 27.40 -2.45 19.39
N THR D 660 28.06 -2.21 20.52
CA THR D 660 27.87 -3.08 21.69
C THR D 660 26.42 -3.06 22.15
N GLU D 661 25.83 -1.87 22.22
CA GLU D 661 24.45 -1.80 22.69
C GLU D 661 23.49 -2.44 21.70
N SER D 662 23.75 -2.35 20.40
CA SER D 662 22.90 -3.03 19.42
C SER D 662 23.04 -4.55 19.53
N LEU D 663 24.26 -5.04 19.74
CA LEU D 663 24.45 -6.47 19.92
C LEU D 663 23.71 -6.98 21.15
N ALA D 664 23.74 -6.21 22.23
CA ALA D 664 22.94 -6.58 23.39
C ALA D 664 21.45 -6.46 23.11
N LYS D 665 21.06 -5.44 22.34
CA LYS D 665 19.65 -5.20 22.07
C LYS D 665 19.01 -6.34 21.30
N LEU D 666 19.72 -6.89 20.31
CA LEU D 666 19.11 -7.97 19.53
C LEU D 666 18.82 -9.20 20.37
N GLU D 667 19.50 -9.36 21.51
CA GLU D 667 19.19 -10.42 22.47
C GLU D 667 18.23 -9.96 23.55
N LEU D 668 17.75 -8.72 23.48
CA LEU D 668 16.85 -8.15 24.49
C LEU D 668 17.48 -8.16 25.87
N SER D 669 18.81 -8.14 25.93
CA SER D 669 19.49 -8.09 27.21
C SER D 669 19.54 -6.65 27.73
N PRO D 670 19.02 -6.37 28.92
CA PRO D 670 19.00 -4.99 29.41
C PRO D 670 20.38 -4.42 29.68
N ILE D 671 21.39 -5.27 29.85
CA ILE D 671 22.74 -4.82 30.17
C ILE D 671 23.72 -5.54 29.26
N ALA D 672 24.67 -4.78 28.70
CA ALA D 672 25.60 -5.30 27.71
C ALA D 672 26.84 -5.86 28.40
N GLN D 673 27.03 -7.17 28.31
CA GLN D 673 28.13 -7.85 28.98
C GLN D 673 29.42 -7.65 28.20
N GLU D 674 30.47 -8.41 28.56
CA GLU D 674 31.72 -8.34 27.82
C GLU D 674 31.71 -9.17 26.56
N ARG D 675 30.76 -10.09 26.39
CA ARG D 675 30.64 -10.79 25.11
C ARG D 675 30.31 -9.82 24.00
N HIS D 676 29.36 -8.92 24.24
CA HIS D 676 29.00 -7.93 23.24
C HIS D 676 30.15 -6.97 22.99
N VAL D 677 30.90 -6.62 24.03
CA VAL D 677 32.05 -5.74 23.83
C VAL D 677 33.10 -6.42 22.97
N ASP D 678 33.37 -7.70 23.23
CA ASP D 678 34.35 -8.41 22.42
C ASP D 678 33.91 -8.49 20.96
N GLU D 679 32.63 -8.78 20.72
CA GLU D 679 32.16 -8.85 19.34
C GLU D 679 32.14 -7.48 18.66
N ALA D 680 31.77 -6.43 19.38
CA ALA D 680 31.80 -5.10 18.80
C ALA D 680 33.21 -4.67 18.46
N ILE D 681 34.18 -5.00 19.33
CA ILE D 681 35.57 -4.70 19.05
C ILE D 681 36.02 -5.47 17.81
N ARG D 682 35.63 -6.74 17.70
CA ARG D 682 35.99 -7.51 16.52
C ARG D 682 35.41 -6.90 15.26
N LEU D 683 34.15 -6.47 15.31
CA LEU D 683 33.51 -5.86 14.15
C LEU D 683 34.23 -4.57 13.75
N PHE D 684 34.56 -3.73 14.73
CA PHE D 684 35.27 -2.51 14.41
C PHE D 684 36.64 -2.80 13.81
N GLN D 685 37.35 -3.78 14.36
CA GLN D 685 38.65 -4.14 13.80
C GLN D 685 38.52 -4.70 12.39
N ALA D 686 37.44 -5.42 12.12
CA ALA D 686 37.22 -5.98 10.79
C ALA D 686 36.74 -4.96 9.78
N SER D 687 36.21 -3.81 10.21
CA SER D 687 35.73 -2.82 9.26
C SER D 687 36.59 -1.57 9.22
N THR D 688 36.65 -0.81 10.31
CA THR D 688 37.31 0.49 10.22
C THR D 688 38.81 0.38 10.38
N MET D 689 39.28 -0.47 11.29
CA MET D 689 40.71 -0.69 11.40
C MET D 689 41.26 -1.33 10.14
N ASP D 690 40.50 -2.23 9.54
CA ASP D 690 40.90 -2.81 8.26
C ASP D 690 40.97 -1.75 7.18
N ALA D 691 39.99 -0.84 7.14
CA ALA D 691 40.04 0.24 6.17
C ALA D 691 41.25 1.14 6.39
N ALA D 692 41.57 1.42 7.64
CA ALA D 692 42.64 2.36 7.97
C ALA D 692 44.03 1.73 7.90
N SER D 693 44.13 0.41 7.87
CA SER D 693 45.44 -0.24 7.92
C SER D 693 46.06 -0.45 6.55
N GLN D 694 45.42 0.02 5.48
CA GLN D 694 45.95 -0.19 4.14
C GLN D 694 47.25 0.58 3.96
N ASP D 695 48.23 -0.09 3.34
CA ASP D 695 49.54 0.48 3.11
C ASP D 695 49.96 0.25 1.67
N PRO D 696 50.67 1.22 1.06
CA PRO D 696 51.17 1.09 -0.31
C PRO D 696 52.05 -0.13 -0.52
N SER D 707 63.54 3.76 5.47
CA SER D 707 63.16 4.24 4.13
C SER D 707 63.44 3.16 3.08
N LEU D 708 63.27 3.54 1.81
CA LEU D 708 63.49 2.60 0.71
C LEU D 708 64.93 2.12 0.68
N SER D 709 65.88 3.03 0.91
CA SER D 709 67.29 2.63 0.95
C SER D 709 67.56 1.66 2.08
N GLU D 710 66.97 1.90 3.26
CA GLU D 710 67.12 0.97 4.37
C GLU D 710 66.51 -0.38 4.04
N ILE D 711 65.35 -0.40 3.39
CA ILE D 711 64.72 -1.66 3.03
C ILE D 711 65.60 -2.44 2.06
N ARG D 712 66.13 -1.76 1.04
CA ARG D 712 67.00 -2.43 0.09
C ARG D 712 68.27 -2.96 0.74
N ARG D 713 68.88 -2.15 1.61
CA ARG D 713 70.07 -2.59 2.33
C ARG D 713 69.77 -3.81 3.18
N PHE D 714 68.65 -3.79 3.92
CA PHE D 714 68.30 -4.92 4.77
C PHE D 714 68.08 -6.18 3.95
N GLU D 715 67.32 -6.07 2.86
CA GLU D 715 67.07 -7.23 2.02
C GLU D 715 68.38 -7.80 1.47
N GLN D 716 69.25 -6.94 0.94
CA GLN D 716 70.51 -7.42 0.40
C GLN D 716 71.38 -8.07 1.46
N GLU D 717 71.49 -7.45 2.64
CA GLU D 717 72.39 -7.97 3.65
C GLU D 717 71.88 -9.30 4.22
N LEU D 718 70.56 -9.44 4.38
CA LEU D 718 70.06 -10.71 4.89
C LEU D 718 70.08 -11.79 3.81
N LYS D 719 69.93 -11.41 2.54
CA LYS D 719 70.06 -12.38 1.47
C LYS D 719 71.47 -12.92 1.38
N ARG D 720 72.47 -12.04 1.49
CA ARG D 720 73.85 -12.49 1.39
C ARG D 720 74.32 -13.19 2.65
N ARG D 721 73.92 -12.71 3.83
CA ARG D 721 74.41 -13.27 5.08
C ARG D 721 73.65 -14.55 5.44
N LEU D 722 72.34 -14.45 5.62
CA LEU D 722 71.54 -15.62 5.96
C LEU D 722 71.42 -16.52 4.75
N PRO D 723 71.83 -17.78 4.84
CA PRO D 723 71.79 -18.66 3.67
C PRO D 723 70.36 -18.98 3.25
N ILE D 724 70.26 -19.64 2.10
CA ILE D 724 68.96 -19.89 1.49
C ILE D 724 68.15 -20.91 2.27
N GLY D 725 68.80 -21.93 2.83
CA GLY D 725 68.09 -23.02 3.48
C GLY D 725 68.02 -22.98 4.99
N TRP D 726 68.68 -22.04 5.64
CA TRP D 726 68.77 -22.01 7.09
C TRP D 726 67.89 -20.89 7.65
N SER D 727 67.94 -20.74 8.96
CA SER D 727 67.11 -19.77 9.67
C SER D 727 67.94 -19.02 10.70
N THR D 728 67.51 -17.80 11.00
CA THR D 728 68.13 -16.97 12.03
C THR D 728 67.04 -16.40 12.93
N SER D 729 67.37 -16.24 14.21
CA SER D 729 66.40 -15.71 15.15
C SER D 729 66.30 -14.20 15.01
N TYR D 730 65.12 -13.63 15.32
CA TYR D 730 64.87 -12.18 15.07
C TYR D 730 65.58 -11.23 16.03
N GLN D 731 65.84 -11.65 17.27
CA GLN D 731 66.60 -10.81 18.21
C GLN D 731 67.97 -10.53 17.60
N THR D 732 68.55 -11.53 16.93
CA THR D 732 69.90 -11.39 16.31
C THR D 732 69.82 -10.33 15.20
N LEU D 733 68.76 -10.37 14.39
CA LEU D 733 68.58 -9.37 13.30
C LEU D 733 68.41 -7.98 13.93
N ARG D 734 67.71 -7.91 15.07
CA ARG D 734 67.54 -6.61 15.77
C ARG D 734 68.90 -6.09 16.21
N ARG D 735 69.73 -6.98 16.77
CA ARG D 735 71.10 -6.58 17.16
C ARG D 735 71.81 -6.05 15.92
N GLU D 736 71.68 -6.74 14.79
CA GLU D 736 72.35 -6.31 13.52
C GLU D 736 71.91 -4.90 13.16
N PHE D 737 70.59 -4.65 13.17
CA PHE D 737 70.04 -3.30 12.83
C PHE D 737 71.18 -2.37 12.37
N ALA D 747 64.34 -0.53 14.54
CA ALA D 747 63.38 -0.05 13.57
C ALA D 747 62.11 -0.89 13.56
N LEU D 748 61.11 -0.44 12.81
CA LEU D 748 59.89 -1.22 12.66
C LEU D 748 60.13 -2.48 11.85
N ASP D 749 61.09 -2.44 10.92
CA ASP D 749 61.47 -3.59 10.11
C ASP D 749 60.27 -4.18 9.35
N LYS D 750 59.59 -3.34 8.57
CA LYS D 750 58.57 -3.85 7.66
C LYS D 750 59.18 -4.64 6.52
N ALA D 751 60.51 -4.61 6.36
CA ALA D 751 61.16 -5.37 5.31
C ALA D 751 60.94 -6.87 5.49
N LEU D 752 60.95 -7.34 6.74
CA LEU D 752 60.71 -8.77 6.98
C LEU D 752 59.31 -9.17 6.54
N TYR D 753 58.31 -8.34 6.83
CA TYR D 753 56.95 -8.63 6.38
C TYR D 753 56.86 -8.59 4.86
N ALA D 754 57.54 -7.63 4.24
CA ALA D 754 57.54 -7.56 2.79
C ALA D 754 58.16 -8.81 2.18
N LEU D 755 59.27 -9.28 2.76
CA LEU D 755 59.89 -10.51 2.29
C LEU D 755 58.99 -11.71 2.50
N GLU D 756 58.27 -11.73 3.62
CA GLU D 756 57.28 -12.78 3.87
C GLU D 756 56.22 -12.77 2.78
N LYS D 757 55.84 -11.58 2.30
CA LYS D 757 54.95 -11.50 1.15
C LYS D 757 55.57 -12.14 -0.08
N HIS D 758 56.86 -11.90 -0.30
CA HIS D 758 57.55 -12.47 -1.46
C HIS D 758 57.91 -13.94 -1.26
N GLU D 759 57.60 -14.51 -0.10
CA GLU D 759 57.86 -15.92 0.20
C GLU D 759 59.34 -16.27 0.10
N THR D 760 60.21 -15.37 0.55
CA THR D 760 61.63 -15.69 0.66
C THR D 760 62.06 -15.96 2.09
N ILE D 761 61.35 -15.44 3.08
CA ILE D 761 61.55 -15.77 4.48
C ILE D 761 60.22 -16.20 5.06
N GLN D 762 60.26 -16.70 6.30
CA GLN D 762 59.05 -17.20 6.94
C GLN D 762 59.25 -17.21 8.45
N LEU D 763 58.42 -16.45 9.16
CA LEU D 763 58.43 -16.47 10.62
C LEU D 763 57.59 -17.64 11.10
N ARG D 764 58.22 -18.58 11.80
CA ARG D 764 57.55 -19.83 12.15
C ARG D 764 57.39 -20.03 13.64
N HIS D 765 58.47 -19.97 14.42
CA HIS D 765 58.40 -20.34 15.83
C HIS D 765 57.83 -19.17 16.64
N GLN D 766 56.55 -18.90 16.38
CA GLN D 766 55.80 -17.83 17.05
C GLN D 766 56.48 -16.47 16.90
N GLY D 767 57.10 -16.23 15.74
CA GLY D 767 57.76 -14.98 15.49
C GLY D 767 59.17 -14.88 16.04
N GLN D 768 59.64 -15.90 16.76
CA GLN D 768 60.98 -15.89 17.32
C GLN D 768 62.03 -16.45 16.38
N ASN D 769 61.62 -17.01 15.24
CA ASN D 769 62.54 -17.61 14.29
C ASN D 769 62.19 -17.12 12.88
N ILE D 770 63.18 -16.59 12.18
CA ILE D 770 63.01 -16.14 10.81
C ILE D 770 63.72 -17.15 9.92
N TYR D 771 62.95 -17.85 9.10
CA TYR D 771 63.47 -18.94 8.29
C TYR D 771 63.36 -18.59 6.82
N ARG D 772 64.48 -18.67 6.11
CA ARG D 772 64.51 -18.44 4.67
C ARG D 772 63.73 -19.55 3.98
N SER D 773 62.55 -19.24 3.45
CA SER D 773 61.66 -20.27 2.94
C SER D 773 62.19 -20.95 1.68
N GLY D 774 63.15 -20.34 0.99
CA GLY D 774 63.70 -20.98 -0.18
C GLY D 774 63.78 -20.10 -1.42
N VAL D 775 63.60 -18.80 -1.23
CA VAL D 775 63.71 -17.88 -2.35
C VAL D 775 64.77 -16.82 -2.06
N VAL E 100 -40.33 44.68 -47.45
CA VAL E 100 -38.96 45.05 -47.13
C VAL E 100 -38.52 46.24 -47.99
N LYS E 101 -38.45 47.41 -47.37
CA LYS E 101 -38.01 48.63 -48.05
C LYS E 101 -36.58 48.93 -47.63
N LYS E 102 -35.66 48.92 -48.58
CA LYS E 102 -34.25 49.17 -48.33
C LYS E 102 -33.75 50.24 -49.28
N VAL E 103 -33.17 51.30 -48.73
CA VAL E 103 -32.59 52.36 -49.55
C VAL E 103 -31.20 51.94 -50.01
N ASP E 104 -30.88 52.25 -51.25
CA ASP E 104 -29.60 51.88 -51.86
C ASP E 104 -28.78 53.12 -52.16
N ASP E 105 -27.52 53.10 -51.72
CA ASP E 105 -26.60 54.18 -52.01
C ASP E 105 -26.18 54.10 -53.48
N VAL E 106 -26.76 54.97 -54.32
CA VAL E 106 -26.57 54.88 -55.76
C VAL E 106 -25.09 54.95 -56.12
N THR E 107 -24.29 55.66 -55.32
CA THR E 107 -22.85 55.65 -55.54
C THR E 107 -22.29 54.24 -55.42
N GLY E 108 -22.82 53.44 -54.50
CA GLY E 108 -22.34 52.09 -54.34
C GLY E 108 -22.54 51.23 -55.58
N GLU E 109 -23.76 51.26 -56.13
CA GLU E 109 -24.00 50.49 -57.35
C GLU E 109 -23.27 51.08 -58.55
N LYS E 110 -23.06 52.39 -58.58
CA LYS E 110 -22.27 52.97 -59.66
C LYS E 110 -20.83 52.46 -59.60
N VAL E 111 -20.25 52.41 -58.40
CA VAL E 111 -18.90 51.87 -58.24
C VAL E 111 -18.89 50.39 -58.61
N ARG E 112 -19.95 49.67 -58.23
CA ARG E 112 -20.04 48.25 -58.59
C ARG E 112 -20.05 48.06 -60.11
N GLU E 113 -20.83 48.87 -60.81
CA GLU E 113 -20.88 48.76 -62.27
C GLU E 113 -19.55 49.15 -62.90
N ALA E 114 -18.92 50.22 -62.43
CA ALA E 114 -17.63 50.61 -62.98
C ALA E 114 -16.58 49.53 -62.76
N PHE E 115 -16.58 48.93 -61.56
CA PHE E 115 -15.72 47.78 -61.30
C PHE E 115 -16.04 46.63 -62.23
N GLU E 116 -17.33 46.45 -62.55
CA GLU E 116 -17.73 45.39 -63.48
C GLU E 116 -17.10 45.60 -64.86
N GLN E 117 -17.24 46.82 -65.40
CA GLN E 117 -16.65 47.07 -66.72
C GLN E 117 -15.14 46.97 -66.69
N PHE E 118 -14.52 47.45 -65.60
CA PHE E 118 -13.08 47.32 -65.46
C PHE E 118 -12.65 45.86 -65.47
N LEU E 119 -13.42 45.00 -64.79
CA LEU E 119 -13.06 43.60 -64.70
C LEU E 119 -13.28 42.88 -66.03
N GLU E 120 -14.36 43.20 -66.73
CA GLU E 120 -14.75 42.40 -67.89
C GLU E 120 -14.19 42.92 -69.21
N ASP E 121 -13.83 44.20 -69.29
CA ASP E 121 -13.41 44.76 -70.58
C ASP E 121 -12.19 45.64 -70.45
N PHE E 122 -11.27 45.31 -69.54
CA PHE E 122 -10.06 46.14 -69.39
C PHE E 122 -9.21 46.09 -70.65
N SER E 123 -8.87 44.88 -71.10
CA SER E 123 -8.19 44.65 -72.37
C SER E 123 -6.97 45.55 -72.55
N VAL E 124 -5.99 45.38 -71.67
CA VAL E 124 -4.76 46.15 -71.77
C VAL E 124 -3.80 45.47 -72.75
N GLY E 130 3.00 43.68 -75.61
CA GLY E 130 2.01 44.59 -75.05
C GLY E 130 0.72 44.64 -75.85
N GLU E 131 0.37 43.52 -76.46
CA GLU E 131 -0.85 43.46 -77.26
C GLU E 131 -2.09 43.52 -76.36
N VAL E 132 -3.23 43.78 -76.99
CA VAL E 132 -4.48 43.89 -76.25
C VAL E 132 -4.87 42.52 -75.71
N GLU E 133 -5.15 42.46 -74.40
CA GLU E 133 -5.55 41.21 -73.77
C GLU E 133 -6.37 41.53 -72.52
N LYS E 134 -7.51 40.88 -72.39
CA LYS E 134 -8.34 41.01 -71.19
C LYS E 134 -7.68 40.22 -70.08
N VAL E 135 -6.82 40.91 -69.32
CA VAL E 135 -6.03 40.23 -68.29
C VAL E 135 -6.94 39.69 -67.20
N TYR E 136 -7.97 40.46 -66.83
CA TYR E 136 -8.83 40.05 -65.72
C TYR E 136 -9.81 38.95 -66.13
N ARG E 137 -10.28 38.96 -67.37
CA ARG E 137 -11.09 37.84 -67.84
C ARG E 137 -10.28 36.54 -67.81
N ALA E 138 -9.04 36.60 -68.29
CA ALA E 138 -8.14 35.46 -68.17
C ALA E 138 -7.85 35.11 -66.72
N GLN E 139 -7.84 36.10 -65.83
CA GLN E 139 -7.65 35.82 -64.41
C GLN E 139 -8.82 35.02 -63.85
N ILE E 140 -10.05 35.38 -64.25
CA ILE E 140 -11.22 34.65 -63.80
C ILE E 140 -11.22 33.23 -64.37
N GLU E 141 -10.79 33.08 -65.63
CA GLU E 141 -10.65 31.72 -66.18
C GLU E 141 -9.59 30.93 -65.42
N PHE E 142 -8.48 31.59 -65.06
CA PHE E 142 -7.46 30.96 -64.23
C PHE E 142 -8.05 30.49 -62.90
N MET E 143 -8.89 31.32 -62.29
CA MET E 143 -9.55 30.91 -61.06
C MET E 143 -10.44 29.71 -61.27
N LYS E 144 -11.21 29.69 -62.37
CA LYS E 144 -12.05 28.53 -62.64
C LYS E 144 -11.23 27.26 -62.82
N ILE E 145 -10.04 27.39 -63.42
CA ILE E 145 -9.22 26.21 -63.69
C ILE E 145 -8.79 25.53 -62.40
N TYR E 146 -8.32 26.30 -61.42
CA TYR E 146 -7.76 25.74 -60.20
C TYR E 146 -8.61 25.99 -58.97
N ASP E 147 -9.81 26.55 -59.13
CA ASP E 147 -10.78 26.82 -58.07
C ASP E 147 -10.31 27.88 -57.07
N LEU E 148 -9.11 28.44 -57.24
CA LEU E 148 -8.65 29.48 -56.33
C LEU E 148 -9.51 30.73 -56.48
N ASN E 149 -9.65 31.47 -55.38
CA ASN E 149 -10.60 32.59 -55.30
C ASN E 149 -9.91 33.85 -54.82
N THR E 150 -8.76 34.16 -55.39
CA THR E 150 -8.03 35.39 -55.08
C THR E 150 -7.75 36.12 -56.39
N ILE E 151 -8.29 37.33 -56.52
CA ILE E 151 -8.16 38.11 -57.75
C ILE E 151 -7.12 39.19 -57.49
N TYR E 152 -5.91 38.97 -57.98
CA TYR E 152 -4.83 39.93 -57.77
C TYR E 152 -5.01 41.08 -58.74
N ILE E 153 -5.57 42.19 -58.26
CA ILE E 153 -5.88 43.34 -59.09
C ILE E 153 -4.80 44.39 -58.87
N ASP E 154 -4.06 44.71 -59.93
CA ASP E 154 -3.07 45.76 -59.85
C ASP E 154 -3.76 47.12 -59.73
N TYR E 155 -3.26 47.97 -58.84
CA TYR E 155 -3.91 49.25 -58.63
C TYR E 155 -3.64 50.22 -59.77
N GLN E 156 -2.51 50.06 -60.47
CA GLN E 156 -2.23 50.94 -61.61
C GLN E 156 -3.27 50.74 -62.72
N HIS E 157 -3.68 49.49 -62.94
CA HIS E 157 -4.71 49.21 -63.93
C HIS E 157 -6.03 49.89 -63.56
N LEU E 158 -6.38 49.86 -62.27
CA LEU E 158 -7.60 50.53 -61.84
C LEU E 158 -7.48 52.04 -61.95
N SER E 159 -6.28 52.58 -61.71
CA SER E 159 -6.11 54.03 -61.74
C SER E 159 -6.14 54.57 -63.16
N MET E 160 -5.50 53.88 -64.11
CA MET E 160 -5.46 54.38 -65.48
C MET E 160 -6.86 54.44 -66.08
N ARG E 161 -7.68 53.43 -65.83
CA ARG E 161 -9.07 53.47 -66.26
C ARG E 161 -9.86 54.45 -65.41
N GLU E 162 -10.88 55.05 -66.03
CA GLU E 162 -11.77 56.01 -65.36
C GLU E 162 -11.00 57.22 -64.84
N ASN E 163 -9.88 57.54 -65.49
CA ASN E 163 -9.00 58.66 -65.15
C ASN E 163 -8.80 58.82 -63.65
N GLY E 164 -8.74 57.71 -62.93
CA GLY E 164 -8.49 57.73 -61.50
C GLY E 164 -9.70 57.96 -60.62
N ALA E 165 -10.88 58.20 -61.19
CA ALA E 165 -12.05 58.45 -60.37
C ALA E 165 -12.42 57.22 -59.55
N LEU E 166 -12.51 56.06 -60.20
CA LEU E 166 -12.81 54.84 -59.46
C LEU E 166 -11.69 54.48 -58.49
N ALA E 167 -10.44 54.77 -58.88
CA ALA E 167 -9.32 54.51 -57.98
C ALA E 167 -9.44 55.33 -56.70
N MET E 168 -9.78 56.62 -56.82
CA MET E 168 -9.98 57.43 -55.64
C MET E 168 -11.18 56.95 -54.83
N ALA E 169 -12.27 56.58 -55.51
CA ALA E 169 -13.44 56.08 -54.80
C ALA E 169 -13.10 54.85 -53.97
N ILE E 170 -12.27 53.97 -54.52
CA ILE E 170 -11.84 52.80 -53.77
C ILE E 170 -10.92 53.20 -52.62
N SER E 171 -9.93 54.04 -52.91
CA SER E 171 -8.90 54.36 -51.92
C SER E 171 -9.41 55.21 -50.78
N GLU E 172 -10.57 55.85 -50.91
CA GLU E 172 -11.10 56.68 -49.84
C GLU E 172 -12.13 55.98 -48.98
N GLN E 173 -13.02 55.19 -49.58
CA GLN E 173 -14.12 54.54 -48.87
C GLN E 173 -14.13 53.05 -49.17
N TYR E 174 -12.96 52.41 -49.02
CA TYR E 174 -12.84 51.00 -49.35
C TYR E 174 -13.75 50.14 -48.47
N TYR E 175 -13.84 50.46 -47.19
CA TYR E 175 -14.58 49.62 -46.26
C TYR E 175 -16.06 49.54 -46.63
N ARG E 176 -16.67 50.67 -46.99
CA ARG E 176 -18.07 50.66 -47.37
C ARG E 176 -18.27 50.11 -48.77
N PHE E 177 -17.29 50.28 -49.65
CA PHE E 177 -17.45 49.85 -51.05
C PHE E 177 -17.16 48.37 -51.24
N LEU E 178 -16.53 47.71 -50.26
CA LEU E 178 -16.13 46.32 -50.45
C LEU E 178 -17.29 45.37 -50.76
N PRO E 179 -18.43 45.39 -50.06
CA PRO E 179 -19.53 44.49 -50.44
C PRO E 179 -20.02 44.71 -51.86
N PHE E 180 -20.09 45.95 -52.31
CA PHE E 180 -20.50 46.22 -53.68
C PHE E 180 -19.48 45.70 -54.67
N LEU E 181 -18.19 45.80 -54.34
CA LEU E 181 -17.17 45.19 -55.18
C LEU E 181 -17.33 43.69 -55.25
N GLN E 182 -17.65 43.05 -54.12
CA GLN E 182 -17.88 41.60 -54.13
C GLN E 182 -19.07 41.24 -55.01
N LYS E 183 -20.15 42.02 -54.94
CA LYS E 183 -21.30 41.74 -55.78
C LYS E 183 -20.98 41.91 -57.26
N GLY E 184 -20.24 42.97 -57.60
CA GLY E 184 -19.80 43.15 -58.97
C GLY E 184 -18.90 42.02 -59.44
N LEU E 185 -18.03 41.53 -58.56
CA LEU E 185 -17.22 40.37 -58.88
C LEU E 185 -18.07 39.13 -59.13
N ARG E 186 -19.10 38.93 -58.31
CA ARG E 186 -19.99 37.79 -58.50
C ARG E 186 -20.68 37.87 -59.85
N ARG E 187 -21.11 39.08 -60.25
CA ARG E 187 -21.74 39.26 -61.55
C ARG E 187 -20.84 38.77 -62.68
N VAL E 188 -19.60 39.24 -62.71
CA VAL E 188 -18.71 38.91 -63.82
C VAL E 188 -18.35 37.43 -63.78
N VAL E 189 -18.06 36.89 -62.59
CA VAL E 189 -17.62 35.49 -62.52
C VAL E 189 -18.75 34.56 -62.92
N ARG E 190 -20.00 34.92 -62.57
CA ARG E 190 -21.13 34.11 -63.00
C ARG E 190 -21.37 34.25 -64.50
N LYS E 191 -21.20 35.47 -65.03
CA LYS E 191 -21.45 35.69 -66.45
C LYS E 191 -20.47 34.91 -67.32
N TYR E 192 -19.18 34.92 -66.96
CA TYR E 192 -18.19 34.23 -67.77
C TYR E 192 -18.36 32.72 -67.68
N ALA E 193 -18.50 32.19 -66.46
CA ALA E 193 -18.75 30.76 -66.30
C ALA E 193 -19.38 30.49 -64.95
N PRO E 194 -20.55 29.86 -64.92
CA PRO E 194 -21.24 29.63 -63.63
C PRO E 194 -20.62 28.51 -62.83
N GLU E 195 -19.41 28.07 -63.20
CA GLU E 195 -18.74 26.99 -62.47
C GLU E 195 -18.16 27.54 -61.17
N LEU E 196 -19.08 27.92 -60.28
CA LEU E 196 -18.75 28.32 -58.92
C LEU E 196 -19.87 27.83 -58.02
N LEU E 197 -19.85 28.27 -56.76
CA LEU E 197 -20.94 28.00 -55.83
C LEU E 197 -21.20 26.50 -55.67
N GLU E 257 -24.36 18.70 -53.31
CA GLU E 257 -23.29 19.11 -52.42
C GLU E 257 -22.72 20.47 -52.81
N GLN E 258 -23.63 21.42 -53.10
CA GLN E 258 -23.21 22.75 -53.51
C GLN E 258 -22.39 23.42 -52.42
N THR E 259 -21.27 24.01 -52.81
CA THR E 259 -20.32 24.65 -51.90
C THR E 259 -20.21 26.12 -52.28
N GLU E 260 -20.87 26.99 -51.51
CA GLU E 260 -20.83 28.42 -51.80
C GLU E 260 -19.40 28.94 -51.77
N ARG E 261 -19.05 29.72 -52.78
CA ARG E 261 -17.69 30.24 -52.92
C ARG E 261 -17.65 31.68 -52.44
N VAL E 262 -16.78 31.96 -51.49
CA VAL E 262 -16.56 33.31 -50.98
C VAL E 262 -15.30 33.86 -51.65
N PHE E 263 -15.42 35.04 -52.24
CA PHE E 263 -14.34 35.65 -52.99
C PHE E 263 -13.59 36.66 -52.13
N GLN E 264 -12.36 36.95 -52.54
CA GLN E 264 -11.49 37.86 -51.81
C GLN E 264 -10.75 38.72 -52.82
N ILE E 265 -11.18 39.96 -52.98
CA ILE E 265 -10.53 40.85 -53.92
C ILE E 265 -9.22 41.34 -53.32
N SER E 266 -8.13 41.17 -54.05
CA SER E 266 -6.80 41.55 -53.60
C SER E 266 -6.31 42.71 -54.44
N PHE E 267 -5.96 43.81 -53.78
CA PHE E 267 -5.40 44.99 -54.45
C PHE E 267 -3.93 45.10 -54.09
N PHE E 268 -3.09 45.30 -55.10
CA PHE E 268 -1.65 45.40 -54.87
C PHE E 268 -1.07 46.47 -55.78
N ASN E 269 0.24 46.70 -55.63
CA ASN E 269 0.97 47.69 -56.43
C ASN E 269 0.36 49.08 -56.29
N LEU E 270 0.16 49.49 -55.05
CA LEU E 270 -0.35 50.83 -54.79
C LEU E 270 0.72 51.87 -55.13
N PRO E 271 0.31 53.09 -55.52
CA PRO E 271 1.30 54.12 -55.86
C PRO E 271 2.22 54.49 -54.73
N THR E 272 1.75 54.46 -53.48
CA THR E 272 2.55 54.91 -52.35
C THR E 272 2.51 53.86 -51.24
N VAL E 273 3.58 53.83 -50.46
CA VAL E 273 3.73 52.89 -49.35
C VAL E 273 3.88 53.68 -48.07
N HIS E 274 3.01 53.44 -47.10
CA HIS E 274 3.06 54.11 -45.82
C HIS E 274 3.97 53.34 -44.88
N ARG E 275 3.94 53.67 -43.59
CA ARG E 275 4.70 52.95 -42.59
C ARG E 275 3.97 53.03 -41.26
N ILE E 276 4.52 52.34 -40.26
CA ILE E 276 3.87 52.29 -38.95
C ILE E 276 3.81 53.67 -38.32
N ARG E 277 4.87 54.46 -38.49
CA ARG E 277 4.87 55.81 -37.95
C ARG E 277 3.82 56.69 -38.62
N ASP E 278 3.59 56.48 -39.92
CA ASP E 278 2.66 57.30 -40.69
C ASP E 278 1.22 56.84 -40.56
N ILE E 279 0.89 56.05 -39.54
CA ILE E 279 -0.51 55.71 -39.27
C ILE E 279 -1.21 56.90 -38.67
N ARG E 280 -2.35 57.26 -39.25
CA ARG E 280 -3.23 58.28 -38.70
C ARG E 280 -4.65 57.73 -38.70
N SER E 281 -5.44 58.14 -37.71
CA SER E 281 -6.81 57.67 -37.63
C SER E 281 -7.69 58.26 -38.72
N GLU E 282 -7.20 59.25 -39.47
CA GLU E 282 -7.96 59.82 -40.56
C GLU E 282 -7.89 58.99 -41.84
N LYS E 283 -7.09 57.93 -41.85
CA LYS E 283 -7.03 57.00 -42.97
C LYS E 283 -7.85 55.74 -42.72
N ILE E 284 -8.66 55.71 -41.66
CA ILE E 284 -9.46 54.54 -41.36
C ILE E 284 -10.43 54.27 -42.49
N GLY E 285 -10.59 52.99 -42.82
CA GLY E 285 -11.42 52.61 -43.96
C GLY E 285 -10.86 53.03 -45.29
N SER E 286 -9.56 52.84 -45.50
CA SER E 286 -8.92 53.21 -46.75
C SER E 286 -7.80 52.23 -47.04
N LEU E 287 -7.41 52.16 -48.31
CA LEU E 287 -6.35 51.25 -48.74
C LEU E 287 -4.99 51.83 -48.43
N LEU E 288 -4.13 51.03 -47.83
CA LEU E 288 -2.76 51.41 -47.51
C LEU E 288 -1.81 50.33 -48.03
N SER E 289 -0.52 50.59 -47.88
CA SER E 289 0.53 49.65 -48.28
C SER E 289 1.59 49.54 -47.19
N ILE E 290 1.13 49.31 -45.95
CA ILE E 290 2.03 49.27 -44.81
C ILE E 290 3.12 48.23 -45.02
N SER E 291 4.35 48.60 -44.68
CA SER E 291 5.49 47.70 -44.78
C SER E 291 6.23 47.68 -43.45
N GLY E 292 6.55 46.49 -42.97
CA GLY E 292 7.28 46.36 -41.73
C GLY E 292 7.81 44.95 -41.59
N THR E 293 8.60 44.74 -40.53
CA THR E 293 9.21 43.45 -40.28
C THR E 293 8.34 42.67 -39.31
N VAL E 294 7.89 41.49 -39.74
CA VAL E 294 7.03 40.65 -38.90
C VAL E 294 7.86 40.04 -37.78
N THR E 295 7.35 40.14 -36.55
CA THR E 295 8.04 39.58 -35.39
C THR E 295 7.30 38.44 -34.72
N ARG E 296 6.01 38.28 -34.98
CA ARG E 296 5.23 37.23 -34.35
C ARG E 296 4.00 36.95 -35.18
N THR E 297 3.67 35.68 -35.34
CA THR E 297 2.46 35.26 -36.06
C THR E 297 1.71 34.24 -35.22
N SER E 298 0.40 34.42 -35.12
CA SER E 298 -0.44 33.52 -34.36
C SER E 298 -0.79 32.29 -35.19
N GLU E 299 -1.60 31.41 -34.62
CA GLU E 299 -2.04 30.22 -35.32
C GLU E 299 -3.10 30.59 -36.36
N VAL E 300 -3.38 29.63 -37.25
CA VAL E 300 -4.39 29.82 -38.29
C VAL E 300 -5.72 29.38 -37.70
N ARG E 301 -6.36 30.28 -37.02
CA ARG E 301 -7.64 29.86 -36.46
C ARG E 301 -8.77 30.17 -37.42
N PRO E 302 -9.85 29.38 -37.39
CA PRO E 302 -11.00 29.70 -38.24
C PRO E 302 -11.94 30.68 -37.57
N GLU E 303 -12.21 31.80 -38.24
CA GLU E 303 -13.10 32.80 -37.71
C GLU E 303 -14.47 32.68 -38.35
N LEU E 304 -15.51 32.95 -37.57
CA LEU E 304 -16.87 32.90 -38.09
C LEU E 304 -17.07 34.02 -39.10
N TYR E 305 -17.61 33.68 -40.26
CA TYR E 305 -17.81 34.65 -41.34
C TYR E 305 -19.27 34.90 -41.63
N LYS E 306 -20.05 33.86 -41.92
CA LYS E 306 -21.47 33.97 -42.21
C LYS E 306 -22.18 32.88 -41.42
N ALA E 307 -22.60 33.20 -40.20
CA ALA E 307 -23.20 32.21 -39.33
C ALA E 307 -24.58 31.81 -39.82
N SER E 308 -25.05 30.66 -39.32
CA SER E 308 -26.37 30.14 -39.66
C SER E 308 -26.92 29.45 -38.42
N PHE E 309 -27.77 30.14 -37.68
CA PHE E 309 -28.29 29.64 -36.42
C PHE E 309 -29.59 28.86 -36.62
N THR E 310 -29.83 27.92 -35.71
CA THR E 310 -31.10 27.20 -35.63
C THR E 310 -31.64 27.38 -34.22
N CYS E 311 -32.83 27.95 -34.12
CA CYS E 311 -33.42 28.21 -32.81
C CYS E 311 -33.77 26.90 -32.11
N ASP E 312 -33.74 26.94 -30.77
CA ASP E 312 -33.88 25.72 -30.00
C ASP E 312 -35.28 25.13 -30.09
N MET E 313 -36.31 25.96 -30.31
CA MET E 313 -37.66 25.45 -30.53
C MET E 313 -38.14 25.86 -31.92
N CYS E 314 -39.04 25.04 -32.46
CA CYS E 314 -39.63 25.13 -33.80
C CYS E 314 -38.59 24.92 -34.88
N ARG E 315 -37.33 24.70 -34.48
CA ARG E 315 -36.25 24.28 -35.37
C ARG E 315 -36.10 25.18 -36.59
N ALA E 316 -36.55 26.43 -36.52
CA ALA E 316 -36.39 27.33 -37.64
C ALA E 316 -34.93 27.71 -37.82
N ILE E 317 -34.52 27.88 -39.07
CA ILE E 317 -33.12 28.15 -39.41
C ILE E 317 -33.00 29.62 -39.75
N VAL E 318 -32.19 30.34 -38.99
CA VAL E 318 -31.81 31.71 -39.29
C VAL E 318 -30.42 31.66 -39.91
N ASP E 319 -30.28 32.18 -41.12
CA ASP E 319 -29.10 31.91 -41.91
C ASP E 319 -28.54 33.20 -42.47
N ASN E 320 -27.25 33.16 -42.85
CA ASN E 320 -26.51 34.31 -43.36
C ASN E 320 -26.49 35.45 -42.35
N VAL E 321 -26.30 35.11 -41.07
CA VAL E 321 -26.18 36.12 -40.02
C VAL E 321 -24.79 36.71 -40.08
N GLU E 322 -24.69 37.96 -40.54
CA GLU E 322 -23.40 38.62 -40.64
C GLU E 322 -22.81 38.83 -39.25
N GLN E 323 -21.49 38.61 -39.14
CA GLN E 323 -20.78 38.67 -37.88
C GLN E 323 -19.93 39.93 -37.80
N SER E 324 -20.03 40.65 -36.70
CA SER E 324 -19.15 41.77 -36.41
C SER E 324 -17.95 41.26 -35.64
N PHE E 325 -17.18 42.18 -35.04
CA PHE E 325 -16.08 41.77 -34.17
C PHE E 325 -16.56 40.94 -33.00
N LYS E 326 -17.82 41.06 -32.63
CA LYS E 326 -18.41 40.30 -31.53
C LYS E 326 -18.87 38.94 -32.05
N TYR E 327 -19.66 38.24 -31.24
CA TYR E 327 -20.30 36.98 -31.61
C TYR E 327 -21.77 37.21 -31.95
N THR E 328 -22.06 38.27 -32.70
CA THR E 328 -23.43 38.68 -32.98
C THR E 328 -24.24 37.53 -33.54
N GLU E 329 -25.42 37.33 -32.97
CA GLU E 329 -26.36 36.29 -33.33
C GLU E 329 -27.72 36.92 -33.57
N PRO E 330 -28.60 36.26 -34.33
CA PRO E 330 -29.91 36.85 -34.59
C PRO E 330 -30.69 37.03 -33.30
N THR E 331 -31.57 38.02 -33.30
CA THR E 331 -32.39 38.33 -32.14
C THR E 331 -33.82 37.80 -32.24
N PHE E 332 -34.33 37.57 -33.45
CA PHE E 332 -35.72 37.18 -33.65
C PHE E 332 -35.79 35.99 -34.60
N CYS E 333 -36.88 35.23 -34.47
CA CYS E 333 -37.12 34.05 -35.29
C CYS E 333 -38.06 34.39 -36.44
N PRO E 334 -37.73 34.01 -37.68
CA PRO E 334 -38.63 34.31 -38.80
C PRO E 334 -40.01 33.68 -38.67
N ASN E 335 -40.10 32.51 -38.08
CA ASN E 335 -41.39 31.86 -37.88
C ASN E 335 -42.13 32.58 -36.77
N PRO E 336 -43.34 33.11 -37.02
CA PRO E 336 -44.04 33.87 -35.98
C PRO E 336 -44.73 32.98 -34.95
N SER E 337 -44.03 31.95 -34.48
CA SER E 337 -44.51 31.13 -33.38
C SER E 337 -43.40 30.71 -32.43
N CYS E 338 -42.17 31.17 -32.64
CA CYS E 338 -41.02 30.80 -31.83
C CYS E 338 -40.66 31.94 -30.90
N GLU E 339 -40.57 31.65 -29.61
CA GLU E 339 -40.14 32.62 -28.60
C GLU E 339 -38.63 32.46 -28.43
N ASN E 340 -37.86 33.38 -29.00
CA ASN E 340 -36.41 33.29 -28.92
C ASN E 340 -35.83 34.70 -29.06
N ARG E 341 -35.25 35.19 -27.96
CA ARG E 341 -34.51 36.44 -27.97
C ARG E 341 -33.05 36.29 -27.62
N ALA E 342 -32.68 35.19 -26.93
CA ALA E 342 -31.28 34.94 -26.61
C ALA E 342 -30.87 33.48 -26.76
N PHE E 343 -31.76 32.60 -27.22
CA PHE E 343 -31.50 31.17 -27.27
C PHE E 343 -31.41 30.70 -28.72
N TRP E 344 -30.23 30.26 -29.14
CA TRP E 344 -30.02 29.63 -30.44
C TRP E 344 -28.89 28.63 -30.34
N THR E 345 -28.86 27.72 -31.31
CA THR E 345 -27.82 26.71 -31.43
C THR E 345 -27.20 26.83 -32.82
N LEU E 346 -25.96 27.30 -32.88
CA LEU E 346 -25.32 27.55 -34.15
C LEU E 346 -25.10 26.25 -34.91
N ASN E 347 -25.37 26.28 -36.21
CA ASN E 347 -25.12 25.14 -37.09
C ASN E 347 -23.72 25.28 -37.65
N VAL E 348 -22.77 24.55 -37.07
CA VAL E 348 -21.37 24.67 -37.49
C VAL E 348 -21.19 24.16 -38.91
N THR E 349 -21.90 23.09 -39.28
CA THR E 349 -21.73 22.53 -40.62
C THR E 349 -22.22 23.51 -41.69
N ARG E 350 -23.34 24.18 -41.45
CA ARG E 350 -23.89 25.10 -42.44
C ARG E 350 -23.14 26.42 -42.48
N SER E 351 -22.55 26.84 -41.36
CA SER E 351 -21.90 28.14 -41.30
C SER E 351 -20.62 28.14 -42.14
N ARG E 352 -20.19 29.34 -42.50
CA ARG E 352 -18.99 29.55 -43.31
C ARG E 352 -17.89 30.14 -42.45
N PHE E 353 -16.71 29.53 -42.49
CA PHE E 353 -15.57 29.98 -41.71
C PHE E 353 -14.47 30.46 -42.64
N LEU E 354 -13.62 31.33 -42.10
CA LEU E 354 -12.51 31.89 -42.86
C LEU E 354 -11.23 31.78 -42.06
N ASP E 355 -10.13 31.47 -42.74
CA ASP E 355 -8.83 31.44 -42.09
C ASP E 355 -8.49 32.82 -41.55
N TRP E 356 -7.94 32.85 -40.34
CA TRP E 356 -7.68 34.10 -39.64
C TRP E 356 -6.33 34.00 -38.95
N GLN E 357 -5.43 34.92 -39.27
CA GLN E 357 -4.11 34.97 -38.64
C GLN E 357 -3.79 36.40 -38.27
N LYS E 358 -3.12 36.56 -37.13
CA LYS E 358 -2.77 37.88 -36.61
C LYS E 358 -1.26 37.97 -36.52
N VAL E 359 -0.65 38.79 -37.37
CA VAL E 359 0.78 39.00 -37.37
C VAL E 359 1.08 40.32 -36.67
N ARG E 360 2.20 40.35 -35.96
CA ARG E 360 2.62 41.51 -35.17
C ARG E 360 3.85 42.10 -35.85
N ILE E 361 3.60 43.06 -36.73
CA ILE E 361 4.68 43.71 -37.46
C ILE E 361 5.16 44.93 -36.68
N GLN E 362 6.37 45.38 -37.02
CA GLN E 362 6.96 46.53 -36.35
C GLN E 362 7.69 47.38 -37.38
N GLU E 363 8.16 48.54 -36.94
CA GLU E 363 8.88 49.45 -37.81
C GLU E 363 10.18 48.84 -38.29
N ASN E 364 10.55 49.15 -39.54
CA ASN E 364 11.82 48.70 -40.07
C ASN E 364 12.96 49.38 -39.34
N ALA E 365 14.12 48.71 -39.33
CA ALA E 365 15.27 49.23 -38.59
C ALA E 365 15.70 50.59 -39.14
N ASN E 366 15.75 50.73 -40.47
CA ASN E 366 16.23 51.98 -41.04
C ASN E 366 15.23 53.12 -40.91
N GLU E 367 13.97 52.82 -40.63
CA GLU E 367 12.96 53.86 -40.46
C GLU E 367 12.77 54.31 -39.02
N ILE E 368 13.44 53.66 -38.07
CA ILE E 368 13.31 53.99 -36.66
C ILE E 368 14.18 55.19 -36.34
N PRO E 369 13.63 56.29 -35.84
CA PRO E 369 14.47 57.38 -35.35
C PRO E 369 15.34 56.93 -34.18
N THR E 370 16.53 57.51 -34.10
CA THR E 370 17.49 57.09 -33.09
C THR E 370 16.93 57.29 -31.70
N GLY E 371 17.09 56.27 -30.85
CA GLY E 371 16.62 56.30 -29.47
C GLY E 371 15.19 55.83 -29.27
N SER E 372 14.29 56.22 -30.17
CA SER E 372 12.89 55.85 -30.04
C SER E 372 12.70 54.35 -30.27
N MET E 373 11.84 53.74 -29.45
CA MET E 373 11.52 52.34 -29.61
C MET E 373 10.67 52.13 -30.87
N PRO E 374 10.79 50.98 -31.52
CA PRO E 374 9.98 50.72 -32.72
C PRO E 374 8.49 50.66 -32.38
N ARG E 375 7.68 51.10 -33.32
CA ARG E 375 6.23 51.09 -33.18
C ARG E 375 5.67 49.84 -33.84
N THR E 376 4.80 49.15 -33.13
CA THR E 376 4.25 47.89 -33.59
C THR E 376 2.82 48.06 -34.09
N LEU E 377 2.34 47.06 -34.82
CA LEU E 377 0.98 47.01 -35.30
C LEU E 377 0.55 45.55 -35.36
N ASP E 378 -0.76 45.33 -35.31
CA ASP E 378 -1.32 43.99 -35.41
C ASP E 378 -2.11 43.91 -36.71
N VAL E 379 -1.63 43.09 -37.64
CA VAL E 379 -2.20 42.98 -38.97
C VAL E 379 -2.94 41.65 -39.07
N ILE E 380 -4.19 41.71 -39.51
CA ILE E 380 -5.03 40.52 -39.62
C ILE E 380 -4.93 39.99 -41.04
N LEU E 381 -4.60 38.71 -41.17
CA LEU E 381 -4.53 38.03 -42.47
C LEU E 381 -5.70 37.07 -42.59
N ARG E 382 -6.40 37.12 -43.71
CA ARG E 382 -7.55 36.26 -43.93
C ARG E 382 -7.46 35.61 -45.30
N GLY E 383 -7.97 34.39 -45.40
CA GLY E 383 -8.05 33.69 -46.66
C GLY E 383 -6.74 33.07 -47.12
N ASP E 384 -6.42 33.24 -48.40
CA ASP E 384 -5.22 32.64 -48.96
C ASP E 384 -3.95 33.34 -48.51
N SER E 385 -4.06 34.55 -47.95
CA SER E 385 -2.89 35.30 -47.52
C SER E 385 -2.43 34.93 -46.11
N VAL E 386 -2.80 33.76 -45.64
CA VAL E 386 -2.41 33.29 -44.31
C VAL E 386 -1.12 32.50 -44.43
N GLU E 387 -0.26 32.64 -43.43
CA GLU E 387 1.05 31.98 -43.36
C GLU E 387 2.00 32.46 -44.43
N ARG E 388 1.69 33.55 -45.12
CA ARG E 388 2.54 34.10 -46.16
C ARG E 388 3.54 35.12 -45.62
N ALA E 389 3.50 35.43 -44.33
CA ALA E 389 4.39 36.40 -43.71
C ALA E 389 5.02 35.75 -42.49
N LYS E 390 6.21 35.18 -42.66
CA LYS E 390 6.88 34.52 -41.56
C LYS E 390 7.62 35.55 -40.71
N PRO E 391 7.85 35.24 -39.42
CA PRO E 391 8.56 36.18 -38.56
C PRO E 391 9.95 36.49 -39.09
N GLY E 392 10.38 37.74 -38.90
CA GLY E 392 11.66 38.21 -39.35
C GLY E 392 11.66 38.76 -40.76
N ASP E 393 10.86 38.18 -41.65
CA ASP E 393 10.81 38.64 -43.03
C ASP E 393 10.14 40.01 -43.12
N ARG E 394 10.77 40.94 -43.82
CA ARG E 394 10.18 42.25 -44.05
C ARG E 394 9.17 42.15 -45.18
N CYS E 395 7.90 42.36 -44.88
CA CYS E 395 6.83 42.23 -45.85
C CYS E 395 6.19 43.58 -46.14
N LYS E 396 5.51 43.65 -47.27
CA LYS E 396 4.82 44.85 -47.71
C LYS E 396 3.33 44.54 -47.76
N PHE E 397 2.66 44.67 -46.63
CA PHE E 397 1.23 44.41 -46.55
C PHE E 397 0.45 45.48 -47.28
N THR E 398 -0.76 45.13 -47.69
CA THR E 398 -1.66 46.11 -48.30
C THR E 398 -3.10 45.68 -48.06
N GLY E 399 -3.94 46.66 -47.71
CA GLY E 399 -5.33 46.36 -47.41
C GLY E 399 -5.97 47.50 -46.66
N VAL E 400 -7.18 47.26 -46.20
CA VAL E 400 -7.95 48.27 -45.48
C VAL E 400 -7.43 48.39 -44.07
N GLU E 401 -7.43 49.61 -43.54
CA GLU E 401 -7.06 49.87 -42.16
C GLU E 401 -8.33 50.08 -41.35
N ILE E 402 -8.55 49.23 -40.35
CA ILE E 402 -9.76 49.30 -39.55
C ILE E 402 -9.38 49.58 -38.11
N VAL E 403 -10.39 49.69 -37.24
CA VAL E 403 -10.19 49.86 -35.82
C VAL E 403 -10.99 48.80 -35.09
N VAL E 404 -10.36 48.09 -34.17
CA VAL E 404 -10.95 46.95 -33.49
C VAL E 404 -11.38 47.38 -32.09
N PRO E 405 -12.66 47.35 -31.77
CA PRO E 405 -13.08 47.75 -30.42
C PRO E 405 -12.72 46.71 -29.38
N ASP E 406 -13.01 47.02 -28.11
CA ASP E 406 -12.81 46.07 -27.02
C ASP E 406 -14.11 45.30 -26.86
N VAL E 407 -14.14 44.07 -27.40
CA VAL E 407 -15.36 43.27 -27.38
C VAL E 407 -15.78 42.84 -25.98
N THR E 408 -14.89 42.96 -25.00
CA THR E 408 -15.28 42.69 -23.61
C THR E 408 -16.36 43.66 -23.16
N GLN E 409 -16.21 44.94 -23.49
CA GLN E 409 -17.21 45.94 -23.12
C GLN E 409 -18.52 45.72 -23.84
N LEU E 410 -18.46 45.26 -25.09
CA LEU E 410 -19.69 45.03 -25.86
C LEU E 410 -20.54 43.91 -25.27
N GLY E 411 -19.97 43.08 -24.41
CA GLY E 411 -20.72 42.00 -23.81
C GLY E 411 -20.64 40.71 -24.61
N LEU E 412 -20.21 39.63 -23.97
CA LEU E 412 -20.06 38.35 -24.64
C LEU E 412 -20.72 37.26 -23.82
N PRO E 413 -21.18 36.19 -24.47
CA PRO E 413 -21.86 35.12 -23.73
C PRO E 413 -20.99 34.41 -22.71
N GLY E 414 -19.67 34.50 -22.81
CA GLY E 414 -18.82 33.71 -21.94
C GLY E 414 -17.86 34.47 -21.05
N VAL E 415 -17.72 35.78 -21.25
CA VAL E 415 -16.79 36.58 -20.48
C VAL E 415 -17.50 37.84 -19.99
N LYS E 416 -16.75 38.67 -19.26
CA LYS E 416 -17.24 39.88 -18.63
C LYS E 416 -16.24 41.01 -18.87
N PRO E 417 -16.71 42.26 -18.89
CA PRO E 417 -15.77 43.38 -19.09
C PRO E 417 -14.70 43.42 -18.02
N SER E 418 -13.48 43.72 -18.43
CA SER E 418 -12.32 43.71 -17.56
C SER E 418 -11.65 45.07 -17.54
N SER E 419 -11.22 45.50 -16.37
CA SER E 419 -10.51 46.77 -16.21
C SER E 419 -9.01 46.59 -16.37
N ASN E 434 -7.12 55.41 -24.45
CA ASN E 434 -7.24 55.60 -23.01
C ASN E 434 -8.55 56.31 -22.67
N SER E 435 -9.05 57.10 -23.60
CA SER E 435 -10.30 57.84 -23.43
C SER E 435 -11.42 57.04 -24.09
N GLY E 436 -12.30 56.46 -23.26
CA GLY E 436 -13.35 55.59 -23.74
C GLY E 436 -14.70 56.26 -23.78
N VAL E 437 -15.30 56.30 -24.96
CA VAL E 437 -16.63 56.86 -25.11
C VAL E 437 -17.67 55.87 -24.57
N THR E 438 -18.86 56.39 -24.29
CA THR E 438 -19.94 55.56 -23.75
C THR E 438 -21.27 56.17 -24.14
N GLY E 439 -22.34 55.46 -23.82
CA GLY E 439 -23.70 55.88 -24.13
C GLY E 439 -24.45 54.95 -25.06
N LEU E 440 -23.83 53.88 -25.56
CA LEU E 440 -24.51 52.96 -26.45
C LEU E 440 -25.58 52.17 -25.71
N ARG E 441 -26.61 51.76 -26.44
CA ARG E 441 -27.69 50.98 -25.84
C ARG E 441 -27.19 49.65 -25.32
N SER E 442 -26.32 48.98 -26.08
CA SER E 442 -25.76 47.71 -25.67
C SER E 442 -24.70 47.85 -24.59
N LEU E 443 -24.19 49.06 -24.35
CA LEU E 443 -23.15 49.28 -23.36
C LEU E 443 -23.73 49.54 -21.97
N GLY E 444 -24.58 50.57 -21.85
CA GLY E 444 -25.15 50.91 -20.57
C GLY E 444 -24.35 51.96 -19.82
N VAL E 445 -23.53 51.51 -18.86
CA VAL E 445 -22.71 52.42 -18.08
C VAL E 445 -21.22 52.27 -18.38
N ARG E 446 -20.79 51.19 -19.03
CA ARG E 446 -19.39 50.99 -19.33
C ARG E 446 -19.01 51.71 -20.62
N ASP E 447 -17.72 52.03 -20.74
CA ASP E 447 -17.19 52.76 -21.86
C ASP E 447 -16.59 51.81 -22.90
N LEU E 448 -16.29 52.36 -24.07
CA LEU E 448 -15.75 51.58 -25.18
C LEU E 448 -14.44 52.22 -25.64
N THR E 449 -13.39 51.41 -25.74
CA THR E 449 -12.09 51.85 -26.21
C THR E 449 -11.76 51.15 -27.51
N TYR E 450 -10.96 51.82 -28.34
CA TYR E 450 -10.71 51.38 -29.70
C TYR E 450 -9.22 51.23 -29.94
N LYS E 451 -8.86 50.30 -30.83
CA LYS E 451 -7.47 49.99 -31.13
C LYS E 451 -7.30 49.86 -32.63
N ILE E 452 -6.31 50.56 -33.19
CA ILE E 452 -6.07 50.49 -34.63
C ILE E 452 -5.40 49.17 -34.97
N SER E 453 -5.93 48.49 -35.98
CA SER E 453 -5.35 47.23 -36.43
C SER E 453 -5.56 47.10 -37.94
N PHE E 454 -4.47 46.87 -38.65
CA PHE E 454 -4.53 46.70 -40.10
C PHE E 454 -5.25 45.39 -40.44
N LEU E 455 -5.90 45.38 -41.61
CA LEU E 455 -6.56 44.19 -42.14
C LEU E 455 -5.99 43.97 -43.54
N ALA E 456 -4.97 43.12 -43.64
CA ALA E 456 -4.28 42.93 -44.91
C ALA E 456 -5.11 42.09 -45.87
N CYS E 457 -5.08 42.48 -47.14
CA CYS E 457 -5.72 41.73 -48.21
C CYS E 457 -4.72 41.13 -49.18
N HIS E 458 -3.43 41.43 -49.02
CA HIS E 458 -2.39 40.92 -49.89
C HIS E 458 -1.03 41.21 -49.28
N VAL E 459 -0.17 40.20 -49.17
CA VAL E 459 1.13 40.35 -48.52
C VAL E 459 2.21 39.74 -49.40
N ILE E 460 3.30 40.47 -49.58
CA ILE E 460 4.47 39.99 -50.29
C ILE E 460 5.71 40.38 -49.51
N SER E 461 6.68 39.46 -49.40
CA SER E 461 7.94 39.77 -48.77
C SER E 461 8.84 40.56 -49.71
N ILE E 462 9.66 41.43 -49.14
CA ILE E 462 10.62 42.20 -49.91
C ILE E 462 12.01 42.01 -49.31
N GLY E 463 12.20 40.91 -48.60
CA GLY E 463 13.47 40.60 -47.98
C GLY E 463 13.50 39.24 -47.31
N ARG E 499 11.54 16.62 -57.66
CA ARG E 499 11.40 17.38 -58.90
C ARG E 499 12.06 16.65 -60.06
N ASP E 500 11.26 16.03 -60.92
CA ASP E 500 11.78 15.34 -62.08
C ASP E 500 12.29 16.36 -63.10
N GLN E 501 13.07 15.87 -64.07
CA GLN E 501 13.61 16.74 -65.10
C GLN E 501 12.48 17.38 -65.90
N GLU E 502 11.45 16.60 -66.26
CA GLU E 502 10.34 17.14 -67.03
C GLU E 502 9.59 18.21 -66.24
N VAL E 503 9.41 17.99 -64.93
CA VAL E 503 8.70 18.97 -64.11
C VAL E 503 9.46 20.29 -64.07
N PHE E 504 10.78 20.22 -63.91
CA PHE E 504 11.59 21.44 -63.92
C PHE E 504 11.56 22.12 -65.29
N LEU E 505 11.68 21.33 -66.35
CA LEU E 505 11.70 21.91 -67.70
C LEU E 505 10.39 22.61 -68.02
N ASN E 506 9.26 22.00 -67.65
CA ASN E 506 7.96 22.59 -67.94
C ASN E 506 7.72 23.89 -67.18
N SER E 507 8.46 24.11 -66.08
CA SER E 507 8.35 25.34 -65.32
C SER E 507 9.29 26.42 -65.81
N LEU E 508 10.05 26.17 -66.86
CA LEU E 508 11.05 27.10 -67.37
C LEU E 508 10.60 27.66 -68.71
N SER E 509 10.80 28.97 -68.89
CA SER E 509 10.42 29.63 -70.14
C SER E 509 11.30 29.14 -71.28
N SER E 510 10.74 29.24 -72.50
CA SER E 510 11.42 28.71 -73.67
C SER E 510 12.76 29.39 -73.93
N ASP E 511 12.83 30.70 -73.66
CA ASP E 511 14.09 31.42 -73.84
C ASP E 511 15.17 30.87 -72.91
N GLU E 512 14.80 30.57 -71.66
CA GLU E 512 15.74 29.92 -70.75
C GLU E 512 16.04 28.49 -71.19
N ILE E 513 15.04 27.81 -71.77
CA ILE E 513 15.26 26.46 -72.27
C ILE E 513 16.33 26.46 -73.35
N ASN E 514 16.35 27.50 -74.19
CA ASN E 514 17.38 27.59 -75.21
C ASN E 514 18.77 27.69 -74.60
N GLU E 515 18.93 28.56 -73.59
CA GLU E 515 20.23 28.71 -72.94
C GLU E 515 20.66 27.40 -72.28
N LEU E 516 19.73 26.72 -71.62
CA LEU E 516 20.06 25.44 -71.00
C LEU E 516 20.43 24.40 -72.05
N LYS E 517 19.75 24.39 -73.19
CA LYS E 517 20.08 23.46 -74.26
C LYS E 517 21.48 23.72 -74.79
N GLU E 518 21.87 24.99 -74.90
CA GLU E 518 23.23 25.30 -75.32
C GLU E 518 24.26 24.78 -74.31
N MET E 519 23.96 24.88 -73.01
CA MET E 519 24.88 24.37 -72.00
C MET E 519 25.02 22.86 -72.08
N VAL E 520 23.89 22.15 -72.08
CA VAL E 520 23.95 20.69 -71.96
C VAL E 520 24.63 20.07 -73.18
N LYS E 521 24.45 20.66 -74.35
CA LYS E 521 25.07 20.14 -75.57
C LYS E 521 26.51 20.61 -75.74
N ASP E 522 27.01 21.46 -74.85
CA ASP E 522 28.38 21.96 -74.99
C ASP E 522 29.39 20.85 -74.79
N GLU E 523 30.58 21.05 -75.37
CA GLU E 523 31.66 20.08 -75.26
C GLU E 523 32.54 20.34 -74.05
N HIS E 524 32.88 21.61 -73.79
CA HIS E 524 33.73 21.99 -72.67
C HIS E 524 32.92 22.58 -71.53
N ILE E 525 31.74 22.03 -71.28
CA ILE E 525 30.85 22.59 -70.27
C ILE E 525 31.48 22.49 -68.87
N TYR E 526 32.19 21.40 -68.60
CA TYR E 526 32.74 21.19 -67.26
C TYR E 526 33.78 22.25 -66.92
N ASP E 527 34.75 22.46 -67.80
CA ASP E 527 35.77 23.46 -67.56
C ASP E 527 35.18 24.86 -67.52
N LYS E 528 34.19 25.14 -68.36
CA LYS E 528 33.55 26.45 -68.34
C LYS E 528 32.85 26.70 -67.00
N LEU E 529 32.16 25.68 -66.48
CA LEU E 529 31.56 25.82 -65.15
C LEU E 529 32.61 26.06 -64.09
N VAL E 530 33.72 25.31 -64.14
CA VAL E 530 34.76 25.48 -63.15
C VAL E 530 35.32 26.90 -63.19
N ARG E 531 35.55 27.43 -64.39
CA ARG E 531 36.06 28.78 -64.52
C ARG E 531 35.02 29.85 -64.18
N SER E 532 33.74 29.50 -64.22
CA SER E 532 32.68 30.46 -63.95
C SER E 532 32.25 30.51 -62.49
N ILE E 533 32.87 29.71 -61.62
CA ILE E 533 32.53 29.69 -60.21
C ILE E 533 33.36 30.75 -59.50
N ALA E 534 32.68 31.64 -58.77
CA ALA E 534 33.31 32.74 -58.05
C ALA E 534 34.24 33.51 -58.97
N PRO E 535 33.70 34.24 -59.95
CA PRO E 535 34.57 34.96 -60.89
C PRO E 535 35.48 35.99 -60.24
N ALA E 536 35.03 36.59 -59.14
CA ALA E 536 35.81 37.63 -58.46
C ALA E 536 37.00 37.09 -57.72
N VAL E 537 37.34 35.80 -57.82
CA VAL E 537 38.50 35.24 -57.14
C VAL E 537 39.49 34.79 -58.20
N PHE E 538 40.72 35.28 -58.11
CA PHE E 538 41.74 34.97 -59.09
C PHE E 538 42.44 33.66 -58.75
N GLY E 539 42.63 32.82 -59.77
CA GLY E 539 43.29 31.55 -59.56
C GLY E 539 42.42 30.57 -58.79
N HIS E 540 43.09 29.60 -58.16
CA HIS E 540 42.43 28.59 -57.34
C HIS E 540 41.38 27.83 -58.15
N GLU E 541 41.84 27.19 -59.23
CA GLU E 541 40.93 26.40 -60.05
C GLU E 541 40.47 25.13 -59.32
N ALA E 542 41.35 24.52 -58.53
CA ALA E 542 40.98 23.32 -57.81
C ALA E 542 39.88 23.61 -56.79
N VAL E 543 40.01 24.71 -56.06
CA VAL E 543 39.00 25.07 -55.07
C VAL E 543 37.69 25.42 -55.76
N LYS E 544 37.76 26.09 -56.91
CA LYS E 544 36.56 26.38 -57.67
C LYS E 544 35.87 25.09 -58.11
N LYS E 545 36.63 24.11 -58.57
CA LYS E 545 36.06 22.83 -58.97
C LYS E 545 35.41 22.14 -57.78
N GLY E 546 36.07 22.15 -56.63
CA GLY E 546 35.49 21.52 -55.45
C GLY E 546 34.20 22.19 -55.02
N ILE E 547 34.17 23.52 -55.05
CA ILE E 547 32.95 24.24 -54.70
C ILE E 547 31.85 23.92 -55.68
N LEU E 548 32.18 23.84 -56.97
CA LEU E 548 31.17 23.49 -57.96
C LEU E 548 30.61 22.10 -57.70
N LEU E 549 31.47 21.13 -57.42
CA LEU E 549 30.99 19.79 -57.11
C LEU E 549 30.17 19.75 -55.84
N GLN E 550 30.44 20.65 -54.90
CA GLN E 550 29.67 20.67 -53.66
C GLN E 550 28.20 20.99 -53.92
N MET E 551 27.93 21.97 -54.78
CA MET E 551 26.55 22.36 -55.03
C MET E 551 25.76 21.24 -55.70
N LEU E 552 26.38 20.52 -56.63
CA LEU E 552 25.70 19.41 -57.28
C LEU E 552 25.42 18.28 -56.29
N GLY E 553 26.41 17.95 -55.46
CA GLY E 553 26.23 16.92 -54.47
C GLY E 553 26.19 15.53 -55.07
N GLY E 554 25.90 14.56 -54.22
CA GLY E 554 25.73 13.17 -54.61
C GLY E 554 24.27 12.78 -54.66
N VAL E 555 24.01 11.49 -54.42
CA VAL E 555 22.65 10.96 -54.36
C VAL E 555 22.42 10.47 -52.94
N HIS E 556 21.39 11.01 -52.29
CA HIS E 556 21.09 10.67 -50.89
C HIS E 556 20.35 9.34 -50.86
N LYS E 557 21.09 8.27 -51.07
CA LYS E 557 20.51 6.93 -51.11
C LYS E 557 20.16 6.45 -49.71
N SER E 558 19.18 5.54 -49.64
CA SER E 558 18.77 4.92 -48.40
C SER E 558 18.61 3.43 -48.63
N THR E 559 19.34 2.62 -47.89
CA THR E 559 19.37 1.19 -48.17
C THR E 559 18.08 0.53 -47.65
N VAL E 560 17.94 -0.76 -47.97
CA VAL E 560 16.73 -1.49 -47.63
C VAL E 560 16.57 -1.61 -46.11
N GLU E 561 17.68 -1.77 -45.38
CA GLU E 561 17.61 -1.92 -43.94
C GLU E 561 17.20 -0.65 -43.22
N GLY E 562 16.99 0.46 -43.94
CA GLY E 562 16.67 1.72 -43.34
C GLY E 562 17.85 2.62 -43.06
N ILE E 563 19.07 2.11 -43.22
CA ILE E 563 20.26 2.93 -43.01
C ILE E 563 20.38 3.95 -44.13
N LYS E 564 20.57 5.21 -43.76
CA LYS E 564 20.68 6.28 -44.74
C LYS E 564 22.14 6.49 -45.11
N LEU E 565 22.41 6.62 -46.41
CA LEU E 565 23.75 6.85 -46.91
C LEU E 565 23.90 8.32 -47.29
N ARG E 566 24.98 8.93 -46.82
CA ARG E 566 25.19 10.36 -47.04
C ARG E 566 25.39 10.64 -48.52
N GLY E 567 24.89 11.79 -48.96
CA GLY E 567 25.05 12.21 -50.34
C GLY E 567 25.63 13.60 -50.48
N ASP E 568 25.86 14.26 -49.34
CA ASP E 568 26.40 15.61 -49.33
C ASP E 568 27.91 15.58 -49.28
N ILE E 569 28.53 16.59 -49.88
CA ILE E 569 29.98 16.67 -49.99
C ILE E 569 30.48 17.80 -49.09
N ASN E 570 31.45 17.49 -48.25
CA ASN E 570 32.02 18.45 -47.30
C ASN E 570 33.42 18.84 -47.76
N ILE E 571 33.67 20.15 -47.78
CA ILE E 571 34.95 20.71 -48.21
C ILE E 571 35.56 21.47 -47.04
N CYS E 572 36.88 21.51 -47.00
CA CYS E 572 37.61 22.27 -45.99
C CYS E 572 38.75 23.01 -46.67
N VAL E 573 38.63 24.33 -46.77
CA VAL E 573 39.63 25.15 -47.46
C VAL E 573 40.57 25.70 -46.40
N VAL E 574 41.66 24.97 -46.16
CA VAL E 574 42.70 25.40 -45.23
C VAL E 574 43.72 26.23 -45.99
N GLY E 575 44.10 27.37 -45.44
CA GLY E 575 45.00 28.25 -46.15
C GLY E 575 45.55 29.35 -45.28
N ASP E 576 46.56 30.04 -45.83
CA ASP E 576 47.24 31.09 -45.10
C ASP E 576 46.30 32.29 -44.88
N PRO E 577 46.56 33.10 -43.85
CA PRO E 577 45.58 34.14 -43.47
C PRO E 577 45.33 35.18 -44.54
N SER E 578 46.23 35.37 -45.48
CA SER E 578 46.04 36.38 -46.52
C SER E 578 45.29 35.86 -47.73
N THR E 579 44.95 34.57 -47.75
CA THR E 579 44.38 33.94 -48.94
C THR E 579 42.91 34.34 -49.07
N SER E 580 42.20 33.67 -49.98
CA SER E 580 40.85 34.05 -50.37
C SER E 580 39.79 33.07 -49.88
N LYS E 581 39.94 32.52 -48.67
CA LYS E 581 38.99 31.54 -48.18
C LYS E 581 37.62 32.16 -47.93
N SER E 582 37.59 33.27 -47.18
CA SER E 582 36.32 33.91 -46.87
C SER E 582 35.62 34.42 -48.12
N GLN E 583 36.38 34.75 -49.17
CA GLN E 583 35.74 35.12 -50.42
C GLN E 583 34.97 33.94 -51.00
N PHE E 584 35.56 32.74 -50.97
CA PHE E 584 34.85 31.55 -51.42
C PHE E 584 33.60 31.32 -50.59
N LEU E 585 33.72 31.41 -49.27
CA LEU E 585 32.57 31.18 -48.41
C LEU E 585 31.47 32.19 -48.66
N LYS E 586 31.84 33.46 -48.83
CA LYS E 586 30.85 34.49 -49.08
C LYS E 586 30.18 34.32 -50.44
N TYR E 587 30.94 33.92 -51.46
CA TYR E 587 30.32 33.65 -52.75
C TYR E 587 29.31 32.51 -52.64
N VAL E 588 29.69 31.44 -51.93
CA VAL E 588 28.79 30.30 -51.81
C VAL E 588 27.52 30.69 -51.06
N VAL E 589 27.67 31.42 -49.95
CA VAL E 589 26.50 31.78 -49.16
C VAL E 589 25.62 32.76 -49.92
N GLY E 590 26.22 33.59 -50.77
CA GLY E 590 25.44 34.51 -51.57
C GLY E 590 24.86 33.95 -52.85
N PHE E 591 25.31 32.77 -53.26
CA PHE E 591 24.82 32.16 -54.49
C PHE E 591 23.95 30.93 -54.25
N ALA E 592 24.44 29.98 -53.47
CA ALA E 592 23.70 28.74 -53.26
C ALA E 592 22.44 29.02 -52.44
N PRO E 593 21.28 28.52 -52.87
CA PRO E 593 20.07 28.70 -52.07
C PRO E 593 20.12 27.89 -50.79
N ARG E 594 19.39 28.37 -49.77
CA ARG E 594 19.30 27.71 -48.47
C ARG E 594 20.67 27.48 -47.86
N SER E 595 21.50 28.51 -47.90
CA SER E 595 22.84 28.46 -47.34
C SER E 595 23.02 29.57 -46.31
N VAL E 596 23.82 29.28 -45.29
CA VAL E 596 24.09 30.23 -44.23
C VAL E 596 25.59 30.39 -44.06
N TYR E 597 25.99 31.53 -43.50
CA TYR E 597 27.37 31.82 -43.20
C TYR E 597 27.52 31.95 -41.69
N THR E 598 28.50 31.25 -41.13
CA THR E 598 28.72 31.27 -39.69
C THR E 598 30.20 31.06 -39.42
N SER E 599 30.62 31.47 -38.23
CA SER E 599 32.00 31.34 -37.81
C SER E 599 32.10 30.37 -36.63
N GLY E 600 33.32 30.00 -36.30
CA GLY E 600 33.55 29.17 -35.14
C GLY E 600 33.54 29.90 -33.82
N LYS E 601 33.42 31.23 -33.85
CA LYS E 601 33.40 32.01 -32.62
C LYS E 601 32.13 31.80 -31.81
N ALA E 602 31.12 31.14 -32.37
CA ALA E 602 29.88 30.81 -31.65
C ALA E 602 29.21 32.06 -31.09
N SER E 603 28.77 32.90 -32.03
CA SER E 603 28.14 34.16 -31.66
C SER E 603 26.91 33.94 -30.77
N SER E 604 25.90 33.27 -31.30
CA SER E 604 24.67 33.08 -30.56
C SER E 604 24.85 32.06 -29.44
N ALA E 605 23.91 32.09 -28.49
CA ALA E 605 23.96 31.13 -27.39
C ALA E 605 23.82 29.70 -27.89
N ALA E 606 22.90 29.48 -28.83
CA ALA E 606 22.83 28.19 -29.51
C ALA E 606 24.12 27.96 -30.29
N GLY E 607 24.68 26.77 -30.15
CA GLY E 607 25.95 26.49 -30.78
C GLY E 607 25.84 26.36 -32.29
N LEU E 608 26.80 25.66 -32.89
CA LEU E 608 26.70 25.36 -34.31
C LEU E 608 25.56 24.41 -34.62
N THR E 609 25.08 23.65 -33.64
CA THR E 609 24.12 22.60 -33.89
C THR E 609 22.74 22.91 -33.31
N ALA E 610 22.62 23.08 -32.00
CA ALA E 610 21.33 23.27 -31.35
C ALA E 610 21.56 23.51 -29.87
N ALA E 611 20.53 24.03 -29.21
CA ALA E 611 20.58 24.24 -27.77
C ALA E 611 19.15 24.34 -27.27
N VAL E 612 19.00 24.13 -25.96
CA VAL E 612 17.71 24.22 -25.29
C VAL E 612 17.75 25.42 -24.35
N VAL E 613 16.69 26.22 -24.38
CA VAL E 613 16.61 27.44 -23.57
C VAL E 613 15.34 27.37 -22.74
N ARG E 614 15.47 27.59 -21.44
CA ARG E 614 14.30 27.58 -20.56
C ARG E 614 13.47 28.84 -20.78
N ASP E 615 12.15 28.66 -20.79
CA ASP E 615 11.21 29.76 -20.96
C ASP E 615 10.62 30.11 -19.60
N GLU E 616 10.75 31.38 -19.22
CA GLU E 616 10.25 31.83 -17.93
C GLU E 616 8.86 32.46 -18.06
N ASP E 620 9.52 25.17 -18.92
CA ASP E 620 9.53 24.40 -20.16
C ASP E 620 10.80 24.68 -20.96
N TYR E 621 11.11 23.78 -21.89
CA TYR E 621 12.31 23.89 -22.70
C TYR E 621 11.94 23.87 -24.18
N THR E 622 12.68 24.64 -24.98
CA THR E 622 12.46 24.67 -26.42
C THR E 622 13.82 24.65 -27.12
N ILE E 623 13.81 24.25 -28.38
CA ILE E 623 15.02 24.05 -29.15
C ILE E 623 15.37 25.33 -29.89
N GLU E 624 16.61 25.79 -29.71
CA GLU E 624 17.14 26.90 -30.50
C GLU E 624 17.90 26.34 -31.69
N ALA E 625 17.56 26.81 -32.88
CA ALA E 625 18.17 26.30 -34.10
C ALA E 625 19.58 26.87 -34.25
N GLY E 626 20.55 25.98 -34.43
CA GLY E 626 21.91 26.39 -34.67
C GLY E 626 22.17 26.64 -36.14
N ALA E 627 23.44 26.92 -36.45
CA ALA E 627 23.81 27.19 -37.83
C ALA E 627 23.67 25.93 -38.69
N LEU E 628 24.03 24.77 -38.15
CA LEU E 628 23.97 23.53 -38.91
C LEU E 628 22.54 23.10 -39.23
N MET E 629 21.54 23.73 -38.63
CA MET E 629 20.15 23.36 -38.88
C MET E 629 19.44 24.35 -39.78
N LEU E 630 19.73 25.64 -39.66
CA LEU E 630 19.13 26.62 -40.54
C LEU E 630 19.50 26.40 -41.99
N ALA E 631 20.62 25.71 -42.25
CA ALA E 631 21.08 25.42 -43.60
C ALA E 631 20.66 24.04 -44.07
N ASP E 632 19.58 23.50 -43.52
CA ASP E 632 19.13 22.16 -43.89
C ASP E 632 18.84 22.08 -45.38
N ASN E 633 19.25 20.96 -45.98
CA ASN E 633 19.15 20.77 -47.43
C ASN E 633 19.90 21.86 -48.19
N GLY E 634 21.00 22.33 -47.64
CA GLY E 634 21.78 23.40 -48.24
C GLY E 634 23.23 23.29 -47.85
N ILE E 635 23.91 24.43 -47.81
CA ILE E 635 25.34 24.50 -47.53
C ILE E 635 25.53 25.37 -46.29
N CYS E 636 26.28 24.86 -45.33
CA CYS E 636 26.59 25.59 -44.10
C CYS E 636 28.03 26.06 -44.19
N CYS E 637 28.22 27.28 -44.68
CA CYS E 637 29.57 27.84 -44.83
C CYS E 637 30.13 28.24 -43.47
N ILE E 638 30.90 27.35 -42.86
CA ILE E 638 31.50 27.61 -41.56
C ILE E 638 32.86 28.27 -41.77
N ASP E 639 33.07 29.40 -41.12
CA ASP E 639 34.33 30.12 -41.17
C ASP E 639 35.08 29.96 -39.86
N GLU E 640 36.39 30.16 -39.92
CA GLU E 640 37.25 30.05 -38.75
C GLU E 640 37.05 28.72 -38.04
N PHE E 641 37.09 27.65 -38.82
CA PHE E 641 36.83 26.32 -38.29
C PHE E 641 37.84 25.91 -37.23
N ASP E 642 39.04 26.51 -37.23
CA ASP E 642 40.00 26.20 -36.18
C ASP E 642 39.67 26.91 -34.88
N LYS E 643 39.06 28.09 -34.94
CA LYS E 643 38.80 28.88 -33.74
C LYS E 643 37.87 28.15 -32.79
N MET E 644 36.83 27.51 -33.32
CA MET E 644 35.90 26.77 -32.48
C MET E 644 36.62 25.60 -31.81
N ASP E 645 36.39 25.44 -30.51
CA ASP E 645 37.22 24.61 -29.66
C ASP E 645 36.94 23.13 -29.89
N ILE E 646 37.84 22.29 -29.36
CA ILE E 646 37.70 20.85 -29.51
C ILE E 646 36.47 20.34 -28.77
N SER E 647 36.13 20.94 -27.62
CA SER E 647 34.88 20.59 -26.95
C SER E 647 33.66 20.99 -27.76
N ASP E 648 33.83 21.82 -28.79
CA ASP E 648 32.77 22.15 -29.71
C ASP E 648 32.77 21.25 -30.94
N GLN E 649 33.92 20.68 -31.30
CA GLN E 649 34.00 19.81 -32.47
C GLN E 649 33.22 18.51 -32.26
N VAL E 650 33.14 18.02 -31.03
CA VAL E 650 32.49 16.75 -30.76
C VAL E 650 30.99 16.83 -31.03
N ALA E 651 30.44 18.03 -31.17
CA ALA E 651 29.02 18.17 -31.41
C ALA E 651 28.65 17.86 -32.86
N ILE E 652 29.57 18.09 -33.79
CA ILE E 652 29.23 18.00 -35.21
C ILE E 652 29.73 16.71 -35.82
N HIS E 653 30.32 15.83 -34.99
CA HIS E 653 30.77 14.55 -35.52
C HIS E 653 29.60 13.76 -36.11
N GLU E 654 28.46 13.76 -35.43
CA GLU E 654 27.28 13.11 -35.97
C GLU E 654 26.62 13.93 -37.07
N ALA E 655 26.52 15.25 -36.88
CA ALA E 655 25.87 16.10 -37.87
C ALA E 655 26.60 16.12 -39.21
N MET E 656 27.87 15.74 -39.24
CA MET E 656 28.63 15.72 -40.47
C MET E 656 28.63 14.37 -41.18
N GLU E 657 28.32 13.29 -40.47
CA GLU E 657 28.27 11.97 -41.07
C GLU E 657 26.86 11.38 -41.06
N GLN E 658 26.22 11.30 -39.90
CA GLN E 658 24.84 10.81 -39.83
C GLN E 658 23.81 11.88 -40.17
N GLN E 659 24.22 13.14 -40.22
CA GLN E 659 23.37 14.24 -40.65
C GLN E 659 22.15 14.43 -39.75
N THR E 660 22.27 14.06 -38.47
CA THR E 660 21.23 14.33 -37.49
C THR E 660 21.87 14.82 -36.21
N ILE E 661 21.13 15.62 -35.46
CA ILE E 661 21.55 16.11 -34.15
C ILE E 661 20.58 15.55 -33.12
N SER E 662 21.10 14.79 -32.16
CA SER E 662 20.28 14.15 -31.14
C SER E 662 20.48 14.86 -29.81
N ILE E 663 19.38 15.35 -29.25
CA ILE E 663 19.39 16.15 -28.04
C ILE E 663 18.47 15.49 -27.03
N ALA E 664 19.00 15.19 -25.84
CA ALA E 664 18.19 14.73 -24.70
C ALA E 664 18.68 15.49 -23.48
N LYS E 665 18.12 16.68 -23.25
CA LYS E 665 18.62 17.54 -22.18
C LYS E 665 17.73 17.53 -20.94
N ALA E 666 16.49 17.98 -21.04
CA ALA E 666 15.62 18.02 -19.88
C ALA E 666 14.18 18.13 -20.35
N GLY E 667 13.42 17.05 -20.24
CA GLY E 667 12.04 17.06 -20.67
C GLY E 667 11.87 17.20 -22.16
N ILE E 668 12.97 17.47 -22.86
CA ILE E 668 12.99 17.58 -24.31
C ILE E 668 13.92 16.50 -24.86
N HIS E 669 13.48 15.85 -25.92
CA HIS E 669 14.26 14.78 -26.54
C HIS E 669 13.83 14.69 -27.99
N ALA E 670 14.72 15.08 -28.90
CA ALA E 670 14.42 15.03 -30.32
C ALA E 670 15.68 14.71 -31.10
N THR E 671 15.48 14.11 -32.27
CA THR E 671 16.56 13.81 -33.21
C THR E 671 16.36 14.75 -34.39
N LEU E 672 17.10 15.86 -34.39
CA LEU E 672 16.86 16.92 -35.33
C LEU E 672 17.62 16.65 -36.62
N ASN E 673 17.15 17.26 -37.70
CA ASN E 673 17.67 16.98 -39.04
C ASN E 673 18.65 18.05 -39.47
N ALA E 674 19.83 17.62 -39.90
CA ALA E 674 20.84 18.52 -40.49
C ALA E 674 21.39 17.84 -41.73
N ARG E 675 20.73 18.05 -42.87
CA ARG E 675 21.17 17.49 -44.14
C ARG E 675 21.94 18.56 -44.91
N THR E 676 23.08 18.96 -44.35
CA THR E 676 23.83 20.10 -44.85
C THR E 676 25.20 19.66 -45.35
N SER E 677 25.72 20.40 -46.32
CA SER E 677 27.09 20.28 -46.78
C SER E 677 27.90 21.39 -46.14
N ILE E 678 28.95 21.03 -45.44
CA ILE E 678 29.78 22.01 -44.74
C ILE E 678 30.95 22.41 -45.61
N LEU E 679 31.16 23.72 -45.75
CA LEU E 679 32.30 24.28 -46.46
C LEU E 679 33.12 25.04 -45.41
N ALA E 680 34.02 24.34 -44.74
CA ALA E 680 34.81 24.95 -43.69
C ALA E 680 35.97 25.73 -44.28
N ALA E 681 36.55 26.60 -43.46
CA ALA E 681 37.71 27.40 -43.86
C ALA E 681 38.55 27.62 -42.60
N ALA E 682 39.54 26.76 -42.41
CA ALA E 682 40.32 26.73 -41.18
C ALA E 682 41.73 27.25 -41.44
N ASN E 683 42.18 28.17 -40.60
CA ASN E 683 43.56 28.62 -40.65
C ASN E 683 44.47 27.56 -40.04
N PRO E 684 45.66 27.35 -40.59
CA PRO E 684 46.57 26.35 -40.01
C PRO E 684 47.05 26.78 -38.64
N VAL E 685 47.42 25.79 -37.83
CA VAL E 685 47.97 26.09 -36.52
C VAL E 685 49.28 26.83 -36.68
N GLY E 686 49.47 27.89 -35.89
CA GLY E 686 50.62 28.74 -36.06
C GLY E 686 50.45 29.84 -37.09
N GLY E 687 49.23 30.10 -37.54
CA GLY E 687 48.99 31.20 -38.46
C GLY E 687 49.30 30.86 -39.89
N ARG E 688 50.57 30.57 -40.18
CA ARG E 688 51.02 30.29 -41.54
C ARG E 688 51.20 28.80 -41.74
N TYR E 689 50.83 28.32 -42.92
CA TYR E 689 50.96 26.91 -43.24
C TYR E 689 52.43 26.50 -43.28
N ASN E 690 52.72 25.33 -42.74
CA ASN E 690 54.08 24.80 -42.67
C ASN E 690 54.13 23.55 -43.55
N ARG E 691 54.72 23.69 -44.74
CA ARG E 691 54.77 22.57 -45.68
C ARG E 691 55.67 21.44 -45.20
N LYS E 692 56.54 21.69 -44.22
CA LYS E 692 57.41 20.64 -43.73
C LYS E 692 56.66 19.55 -42.99
N LEU E 693 55.41 19.77 -42.63
CA LEU E 693 54.59 18.79 -41.93
C LEU E 693 53.42 18.37 -42.80
N SER E 694 52.87 17.21 -42.49
CA SER E 694 51.68 16.74 -43.20
C SER E 694 50.48 17.60 -42.82
N LEU E 695 49.40 17.43 -43.57
CA LEU E 695 48.18 18.20 -43.33
C LEU E 695 47.66 17.99 -41.92
N ARG E 696 47.93 16.81 -41.34
CA ARG E 696 47.49 16.56 -39.97
C ARG E 696 48.18 17.49 -38.99
N GLY E 697 49.47 17.72 -39.17
CA GLY E 697 50.21 18.56 -38.24
C GLY E 697 49.77 20.02 -38.29
N ASN E 698 49.50 20.53 -39.48
CA ASN E 698 49.15 21.94 -39.63
C ASN E 698 47.73 22.25 -39.16
N LEU E 699 46.91 21.24 -38.89
CA LEU E 699 45.53 21.45 -38.49
C LEU E 699 45.29 20.83 -37.12
N ASN E 700 44.53 21.53 -36.28
CA ASN E 700 44.20 21.04 -34.96
C ASN E 700 43.10 19.99 -34.96
N MET E 701 42.46 19.76 -36.11
CA MET E 701 41.40 18.76 -36.19
C MET E 701 41.97 17.36 -35.97
N THR E 702 41.14 16.49 -35.42
CA THR E 702 41.52 15.12 -35.12
C THR E 702 41.08 14.18 -36.24
N ALA E 703 41.52 12.94 -36.15
CA ALA E 703 41.22 11.96 -37.19
C ALA E 703 39.73 11.74 -37.40
N PRO E 704 38.90 11.56 -36.37
CA PRO E 704 37.47 11.34 -36.62
C PRO E 704 36.79 12.46 -37.39
N ILE E 705 37.19 13.70 -37.19
CA ILE E 705 36.56 14.79 -37.93
C ILE E 705 37.31 15.09 -39.22
N MET E 706 38.59 14.75 -39.31
CA MET E 706 39.33 14.95 -40.55
C MET E 706 38.96 13.94 -41.62
N SER E 707 38.43 12.78 -41.23
CA SER E 707 38.03 11.77 -42.19
C SER E 707 36.63 12.00 -42.74
N ARG E 708 35.84 12.88 -42.12
CA ARG E 708 34.50 13.17 -42.60
C ARG E 708 34.49 14.22 -43.70
N PHE E 709 35.62 14.87 -43.96
CA PHE E 709 35.71 15.89 -45.01
C PHE E 709 36.15 15.22 -46.29
N ASP E 710 35.35 15.39 -47.34
CA ASP E 710 35.67 14.75 -48.62
C ASP E 710 36.93 15.36 -49.22
N LEU E 711 36.98 16.67 -49.34
CA LEU E 711 38.09 17.34 -50.00
C LEU E 711 38.77 18.31 -49.05
N PHE E 712 40.10 18.29 -49.05
CA PHE E 712 40.91 19.25 -48.33
C PHE E 712 41.71 20.06 -49.34
N PHE E 713 41.52 21.37 -49.33
CA PHE E 713 42.20 22.26 -50.26
C PHE E 713 43.16 23.13 -49.49
N VAL E 714 44.44 23.07 -49.85
CA VAL E 714 45.48 23.87 -49.22
C VAL E 714 45.87 24.97 -50.19
N ILE E 715 45.71 26.21 -49.78
CA ILE E 715 46.03 27.37 -50.61
C ILE E 715 47.04 28.23 -49.87
N LEU E 716 48.12 28.59 -50.55
CA LEU E 716 49.25 29.28 -49.95
C LEU E 716 49.55 30.57 -50.70
N ASP E 717 50.00 31.58 -49.97
CA ASP E 717 50.41 32.85 -50.55
C ASP E 717 51.93 32.86 -50.68
N ASP E 718 52.43 32.16 -51.68
CA ASP E 718 53.86 32.09 -51.92
C ASP E 718 54.40 33.47 -52.27
N CYS E 719 55.57 33.80 -51.73
CA CYS E 719 56.21 35.09 -51.96
C CYS E 719 56.80 35.10 -53.36
N ASN E 720 55.92 35.31 -54.34
CA ASN E 720 56.31 35.39 -55.74
C ASN E 720 56.13 36.83 -56.20
N GLU E 721 57.19 37.43 -56.74
CA GLU E 721 57.12 38.81 -57.19
C GLU E 721 56.15 38.98 -58.34
N LYS E 722 56.14 38.02 -59.27
CA LYS E 722 55.23 38.13 -60.42
C LYS E 722 53.77 37.93 -60.03
N ILE E 723 53.49 36.91 -59.20
CA ILE E 723 52.11 36.56 -58.89
C ILE E 723 51.38 37.73 -58.25
N ASP E 724 52.07 38.46 -57.36
CA ASP E 724 51.50 39.63 -56.73
C ASP E 724 51.07 40.68 -57.75
N THR E 725 51.77 40.77 -58.88
CA THR E 725 51.39 41.73 -59.90
C THR E 725 50.03 41.40 -60.49
N GLU E 726 49.81 40.13 -60.86
CA GLU E 726 48.50 39.76 -61.37
C GLU E 726 47.42 39.91 -60.31
N LEU E 727 47.74 39.56 -59.06
CA LEU E 727 46.76 39.74 -57.99
C LEU E 727 46.33 41.20 -57.86
N ALA E 728 47.32 42.10 -57.76
CA ALA E 728 46.99 43.52 -57.59
C ALA E 728 46.25 44.06 -58.80
N SER E 729 46.70 43.69 -60.01
CA SER E 729 46.03 44.16 -61.21
C SER E 729 44.59 43.68 -61.26
N HIS E 730 44.38 42.45 -60.77
CA HIS E 730 43.02 41.87 -60.71
C HIS E 730 42.16 42.62 -59.70
N ILE E 731 42.64 42.78 -58.47
CA ILE E 731 41.80 43.41 -57.41
C ILE E 731 41.50 44.85 -57.83
N VAL E 732 42.55 45.58 -58.23
CA VAL E 732 42.36 47.01 -58.62
C VAL E 732 41.46 47.03 -59.85
N ASP E 733 41.61 46.06 -60.75
CA ASP E 733 40.78 46.02 -61.99
C ASP E 733 39.31 45.91 -61.61
N LEU E 734 39.00 45.01 -60.67
CA LEU E 734 37.60 44.85 -60.20
C LEU E 734 37.14 46.16 -59.58
N HIS E 735 37.93 46.75 -58.70
CA HIS E 735 37.44 47.97 -58.01
C HIS E 735 37.21 49.07 -59.05
N MET E 736 37.95 49.03 -60.16
CA MET E 736 37.82 50.04 -61.24
C MET E 736 36.51 49.80 -62.01
N LYS E 737 36.29 48.57 -62.46
CA LYS E 737 35.08 48.27 -63.26
C LYS E 737 33.87 48.91 -62.58
N ILE E 742 35.77 41.21 -64.28
CA ILE E 742 35.70 39.77 -64.41
C ILE E 742 34.64 39.37 -65.43
N GLU E 743 35.04 38.60 -66.44
CA GLU E 743 34.11 38.12 -67.45
C GLU E 743 33.86 36.64 -67.23
N PRO E 744 32.70 36.24 -66.71
CA PRO E 744 32.42 34.83 -66.51
C PRO E 744 31.78 34.22 -67.74
N PRO E 745 32.20 33.02 -68.15
CA PRO E 745 31.54 32.35 -69.27
C PRO E 745 30.07 32.04 -69.00
N PHE E 746 29.66 31.97 -67.74
CA PHE E 746 28.25 31.79 -67.40
C PHE E 746 27.91 32.74 -66.26
N SER E 747 26.89 33.57 -66.45
CA SER E 747 26.49 34.47 -65.40
C SER E 747 25.79 33.71 -64.28
N ALA E 748 25.71 34.35 -63.11
CA ALA E 748 25.20 33.67 -61.93
C ALA E 748 23.78 33.16 -62.13
N GLU E 749 22.89 34.03 -62.61
CA GLU E 749 21.51 33.60 -62.86
C GLU E 749 21.46 32.57 -63.98
N GLN E 750 22.42 32.61 -64.89
CA GLN E 750 22.46 31.65 -65.99
C GLN E 750 22.98 30.30 -65.50
N LEU E 751 23.95 30.32 -64.58
CA LEU E 751 24.52 29.08 -64.05
C LEU E 751 23.59 28.43 -63.04
N ARG E 752 22.77 29.21 -62.34
CA ARG E 752 21.90 28.65 -61.32
C ARG E 752 20.89 27.69 -61.93
N ARG E 753 20.31 28.05 -63.07
CA ARG E 753 19.37 27.15 -63.73
C ARG E 753 20.06 25.88 -64.21
N TYR E 754 21.31 25.96 -64.66
CA TYR E 754 22.03 24.75 -65.04
C TYR E 754 22.25 23.84 -63.83
N ILE E 755 22.63 24.42 -62.70
CA ILE E 755 22.83 23.60 -61.51
C ILE E 755 21.51 22.96 -61.08
N LYS E 756 20.42 23.72 -61.11
CA LYS E 756 19.12 23.16 -60.76
C LYS E 756 18.73 22.03 -61.71
N TYR E 757 19.00 22.20 -63.00
CA TYR E 757 18.70 21.15 -63.97
C TYR E 757 19.56 19.91 -63.72
N ALA E 758 20.84 20.11 -63.42
CA ALA E 758 21.75 18.98 -63.25
C ALA E 758 21.43 18.22 -61.97
N ARG E 759 20.94 18.90 -60.94
CA ARG E 759 20.61 18.24 -59.70
C ARG E 759 19.51 17.20 -59.86
N THR E 760 18.67 17.33 -60.89
CA THR E 760 17.63 16.35 -61.13
C THR E 760 18.20 15.01 -61.58
N PHE E 761 19.42 15.00 -62.09
CA PHE E 761 20.03 13.75 -62.51
C PHE E 761 20.43 12.92 -61.30
N LYS E 762 20.31 11.60 -61.44
CA LYS E 762 20.70 10.64 -60.40
C LYS E 762 21.59 9.59 -61.05
N PRO E 763 22.87 9.88 -61.25
CA PRO E 763 23.74 8.97 -61.99
C PRO E 763 23.89 7.62 -61.29
N ILE E 764 24.08 6.58 -62.08
CA ILE E 764 24.27 5.23 -61.59
C ILE E 764 25.62 4.71 -62.07
N LEU E 765 26.15 3.73 -61.36
CA LEU E 765 27.47 3.19 -61.64
C LEU E 765 27.36 2.06 -62.64
N THR E 766 28.14 2.15 -63.72
CA THR E 766 28.21 1.07 -64.69
C THR E 766 29.01 -0.11 -64.13
N LYS E 767 28.95 -1.24 -64.82
CA LYS E 767 29.60 -2.45 -64.32
C LYS E 767 31.10 -2.27 -64.22
N GLU E 768 31.73 -1.69 -65.24
CA GLU E 768 33.16 -1.43 -65.18
C GLU E 768 33.52 -0.33 -64.20
N ALA E 769 32.59 0.60 -63.96
CA ALA E 769 32.82 1.65 -62.99
C ALA E 769 33.01 1.08 -61.59
N ARG E 770 32.24 0.05 -61.24
CA ARG E 770 32.40 -0.57 -59.93
C ARG E 770 33.78 -1.20 -59.77
N SER E 771 34.24 -1.93 -60.79
CA SER E 771 35.57 -2.53 -60.71
C SER E 771 36.65 -1.46 -60.59
N TYR E 772 36.55 -0.40 -61.39
CA TYR E 772 37.53 0.67 -61.32
C TYR E 772 37.53 1.34 -59.96
N LEU E 773 36.34 1.56 -59.39
CA LEU E 773 36.22 2.16 -58.07
C LEU E 773 36.86 1.29 -57.00
N VAL E 774 36.62 -0.01 -57.03
CA VAL E 774 37.22 -0.91 -56.05
C VAL E 774 38.73 -0.90 -56.19
N GLU E 775 39.25 -0.93 -57.41
CA GLU E 775 40.70 -0.93 -57.59
C GLU E 775 41.31 0.37 -57.08
N LYS E 776 40.66 1.50 -57.35
CA LYS E 776 41.20 2.77 -56.88
C LYS E 776 41.19 2.84 -55.35
N TYR E 777 40.14 2.32 -54.72
CA TYR E 777 40.11 2.28 -53.26
C TYR E 777 41.21 1.38 -52.70
N LYS E 778 41.44 0.24 -53.36
CA LYS E 778 42.54 -0.62 -52.93
C LYS E 778 43.87 0.09 -53.02
N GLU E 779 44.09 0.84 -54.11
CA GLU E 779 45.34 1.59 -54.25
C GLU E 779 45.45 2.65 -53.16
N LEU E 780 44.36 3.34 -52.86
CA LEU E 780 44.39 4.36 -51.81
C LEU E 780 44.77 3.76 -50.47
N ARG E 781 44.14 2.64 -50.11
CA ARG E 781 44.46 2.04 -48.81
C ARG E 781 45.86 1.48 -48.78
N LYS E 782 46.33 0.93 -49.91
CA LYS E 782 47.70 0.42 -49.95
C LYS E 782 48.70 1.55 -49.77
N ASP E 783 48.48 2.69 -50.42
CA ASP E 783 49.38 3.82 -50.29
C ASP E 783 49.22 4.56 -48.97
N ASP E 784 48.14 4.32 -48.24
CA ASP E 784 47.94 4.93 -46.93
C ASP E 784 48.33 4.02 -45.78
N ALA E 785 48.81 2.81 -46.05
CA ALA E 785 49.14 1.89 -44.98
C ALA E 785 50.28 2.44 -44.14
N GLN E 786 50.12 2.37 -42.82
CA GLN E 786 51.13 2.83 -41.88
C GLN E 786 51.18 1.89 -40.68
N GLY E 787 52.35 1.79 -40.08
CA GLY E 787 52.55 0.95 -38.92
C GLY E 787 52.94 -0.48 -39.29
N PHE E 788 53.51 -1.17 -38.31
CA PHE E 788 53.92 -2.55 -38.51
C PHE E 788 52.73 -3.50 -38.65
N SER E 789 51.57 -3.13 -38.09
CA SER E 789 50.37 -3.95 -38.16
C SER E 789 49.50 -3.62 -39.37
N ARG E 790 49.94 -2.71 -40.23
CA ARG E 790 49.17 -2.30 -41.41
C ARG E 790 47.81 -1.76 -40.99
N SER E 791 47.83 -0.66 -40.25
CA SER E 791 46.63 0.01 -39.76
C SER E 791 46.46 1.31 -40.52
N SER E 792 45.44 1.37 -41.37
CA SER E 792 45.16 2.60 -42.11
C SER E 792 44.74 3.70 -41.14
N TYR E 793 45.20 4.92 -41.43
CA TYR E 793 44.88 6.06 -40.57
C TYR E 793 44.07 7.12 -41.29
N ARG E 794 44.50 7.55 -42.47
CA ARG E 794 43.82 8.61 -43.18
C ARG E 794 42.72 8.12 -44.11
N ILE E 795 42.79 6.89 -44.60
CA ILE E 795 41.87 6.39 -45.61
C ILE E 795 41.03 5.30 -44.96
N THR E 796 39.73 5.56 -44.81
CA THR E 796 38.77 4.59 -44.36
C THR E 796 37.76 4.33 -45.47
N VAL E 797 36.74 3.54 -45.18
CA VAL E 797 35.67 3.32 -46.16
C VAL E 797 34.88 4.58 -46.43
N ARG E 798 34.94 5.57 -45.53
CA ARG E 798 34.38 6.87 -45.84
C ARG E 798 35.01 7.47 -47.08
N GLN E 799 36.29 7.15 -47.34
CA GLN E 799 36.92 7.65 -48.56
C GLN E 799 36.35 6.95 -49.79
N LEU E 800 36.01 5.68 -49.69
CA LEU E 800 35.33 5.02 -50.80
C LEU E 800 33.98 5.65 -51.07
N GLU E 801 33.20 5.89 -50.01
CA GLU E 801 31.94 6.60 -50.21
C GLU E 801 32.16 8.00 -50.74
N SER E 802 33.27 8.65 -50.39
CA SER E 802 33.59 9.96 -50.93
C SER E 802 33.90 9.89 -52.41
N MET E 803 34.61 8.84 -52.85
CA MET E 803 34.82 8.65 -54.28
C MET E 803 33.50 8.46 -55.00
N ILE E 804 32.58 7.70 -54.41
CA ILE E 804 31.27 7.52 -55.03
C ILE E 804 30.54 8.87 -55.13
N ARG E 805 30.55 9.64 -54.05
CA ARG E 805 29.86 10.93 -54.05
C ARG E 805 30.46 11.88 -55.08
N LEU E 806 31.78 11.92 -55.16
CA LEU E 806 32.42 12.80 -56.13
C LEU E 806 32.18 12.34 -57.55
N SER E 807 32.12 11.03 -57.78
CA SER E 807 31.78 10.53 -59.11
C SER E 807 30.38 10.96 -59.50
N GLU E 808 29.42 10.86 -58.57
CA GLU E 808 28.07 11.29 -58.88
C GLU E 808 28.01 12.79 -59.15
N ALA E 809 28.73 13.58 -58.35
CA ALA E 809 28.73 15.02 -58.57
C ALA E 809 29.36 15.39 -59.92
N ILE E 810 30.45 14.73 -60.29
CA ILE E 810 31.09 14.99 -61.57
C ILE E 810 30.16 14.61 -62.72
N ALA E 811 29.51 13.45 -62.61
CA ALA E 811 28.56 13.04 -63.64
C ALA E 811 27.40 14.02 -63.74
N ARG E 812 26.96 14.58 -62.61
CA ARG E 812 25.94 15.62 -62.66
C ARG E 812 26.47 16.87 -63.35
N ALA E 813 27.76 17.17 -63.19
CA ALA E 813 28.33 18.33 -63.87
C ALA E 813 28.26 18.18 -65.37
N ASN E 814 28.52 16.99 -65.89
CA ASN E 814 28.44 16.71 -67.32
C ASN E 814 27.02 16.42 -67.77
N CYS E 815 26.06 16.39 -66.85
CA CYS E 815 24.65 16.13 -67.16
C CYS E 815 24.50 14.79 -67.89
N VAL E 816 25.11 13.75 -67.32
CA VAL E 816 25.02 12.40 -67.85
C VAL E 816 24.53 11.48 -66.74
N ASP E 817 23.66 10.55 -67.09
CA ASP E 817 23.01 9.69 -66.10
C ASP E 817 23.80 8.41 -65.82
N GLU E 818 24.94 8.22 -66.46
CA GLU E 818 25.78 7.05 -66.24
C GLU E 818 27.17 7.51 -65.81
N ILE E 819 27.75 6.80 -64.84
CA ILE E 819 29.06 7.13 -64.29
C ILE E 819 30.09 6.26 -64.98
N THR E 820 31.00 6.89 -65.70
CA THR E 820 32.05 6.23 -66.45
C THR E 820 33.33 6.18 -65.62
N PRO E 821 34.22 5.23 -65.91
CA PRO E 821 35.47 5.15 -65.14
C PRO E 821 36.34 6.39 -65.23
N SER E 822 36.15 7.24 -66.25
CA SER E 822 36.85 8.51 -66.30
C SER E 822 36.47 9.39 -65.11
N PHE E 823 35.19 9.42 -64.78
CA PHE E 823 34.75 10.21 -63.63
C PHE E 823 35.36 9.68 -62.34
N ILE E 824 35.44 8.35 -62.20
CA ILE E 824 36.02 7.78 -61.00
C ILE E 824 37.51 8.08 -60.93
N ALA E 825 38.19 8.07 -62.08
CA ALA E 825 39.60 8.45 -62.09
C ALA E 825 39.78 9.89 -61.66
N GLU E 826 38.90 10.78 -62.14
CA GLU E 826 38.99 12.18 -61.73
C GLU E 826 38.72 12.35 -60.24
N ALA E 827 37.73 11.64 -59.71
CA ALA E 827 37.44 11.71 -58.28
C ALA E 827 38.61 11.18 -57.47
N TYR E 828 39.24 10.10 -57.94
CA TYR E 828 40.42 9.56 -57.27
C TYR E 828 41.55 10.58 -57.28
N ASP E 829 41.72 11.30 -58.39
CA ASP E 829 42.72 12.37 -58.42
C ASP E 829 42.39 13.45 -57.41
N LEU E 830 41.11 13.83 -57.33
CA LEU E 830 40.70 14.87 -56.40
C LEU E 830 40.97 14.48 -54.96
N LEU E 831 40.73 13.22 -54.61
CA LEU E 831 41.03 12.78 -53.25
C LEU E 831 42.53 12.65 -53.03
N ARG E 832 43.25 12.12 -54.01
CA ARG E 832 44.68 11.90 -53.83
C ARG E 832 45.43 13.21 -53.64
N GLN E 833 45.04 14.25 -54.38
CA GLN E 833 45.74 15.52 -54.24
C GLN E 833 45.56 16.14 -52.86
N SER E 834 44.56 15.71 -52.09
CA SER E 834 44.31 16.27 -50.77
C SER E 834 45.02 15.50 -49.65
N ILE E 835 45.65 14.38 -49.95
CA ILE E 835 46.31 13.58 -48.92
C ILE E 835 47.79 13.37 -49.18
N ILE E 836 48.30 13.72 -50.36
CA ILE E 836 49.71 13.52 -50.67
C ILE E 836 50.51 14.71 -50.18
N ARG E 837 49.88 15.58 -49.41
CA ARG E 837 50.53 16.78 -48.90
C ARG E 837 51.53 16.41 -47.79
N VAL E 838 52.79 16.20 -48.16
CA VAL E 838 53.82 15.86 -47.20
C VAL E 838 55.01 16.80 -47.35
N ALA F 4 -33.27 48.64 14.60
CA ALA F 4 -33.37 50.05 14.95
C ALA F 4 -32.07 50.56 15.56
N LEU F 5 -31.99 51.86 15.79
CA LEU F 5 -30.81 52.49 16.39
C LEU F 5 -31.13 52.88 17.81
N PRO F 6 -30.44 52.32 18.81
CA PRO F 6 -30.70 52.72 20.20
C PRO F 6 -30.26 54.15 20.48
N SER F 7 -30.39 54.59 21.72
CA SER F 7 -29.98 55.93 22.12
C SER F 7 -29.15 55.84 23.39
N ILE F 8 -28.16 56.73 23.48
CA ILE F 8 -27.26 56.77 24.64
C ILE F 8 -27.15 58.22 25.10
N GLN F 9 -26.75 58.38 26.36
CA GLN F 9 -26.61 59.69 26.98
C GLN F 9 -25.13 60.02 27.11
N LEU F 10 -24.71 61.13 26.53
CA LEU F 10 -23.32 61.56 26.55
C LEU F 10 -23.25 63.00 27.03
N PRO F 11 -22.46 63.29 28.07
CA PRO F 11 -22.36 64.66 28.60
C PRO F 11 -21.33 65.52 27.88
N VAL F 12 -21.68 65.99 26.68
CA VAL F 12 -20.78 66.84 25.92
C VAL F 12 -21.46 68.15 25.56
N ASP F 13 -22.73 68.09 25.14
CA ASP F 13 -23.55 69.27 24.87
C ASP F 13 -22.92 70.16 23.79
N TYR F 14 -22.97 69.64 22.56
CA TYR F 14 -22.32 70.31 21.44
C TYR F 14 -22.78 71.75 21.25
N ASN F 15 -24.02 72.08 21.60
CA ASN F 15 -24.50 73.45 21.38
C ASN F 15 -23.81 74.44 22.30
N ASN F 16 -23.69 74.09 23.59
CA ASN F 16 -22.94 74.94 24.51
C ASN F 16 -21.49 75.07 24.07
N LEU F 17 -20.90 73.98 23.57
CA LEU F 17 -19.53 74.03 23.09
C LEU F 17 -19.41 74.94 21.88
N PHE F 18 -20.39 74.93 20.99
CA PHE F 18 -20.35 75.82 19.84
C PHE F 18 -20.47 77.29 20.27
N ASN F 19 -21.32 77.57 21.24
CA ASN F 19 -21.42 78.94 21.75
C ASN F 19 -20.10 79.36 22.38
N GLU F 20 -19.47 78.48 23.15
CA GLU F 20 -18.17 78.78 23.74
C GLU F 20 -17.11 78.98 22.66
N ILE F 21 -17.20 78.21 21.58
CA ILE F 21 -16.25 78.33 20.47
C ILE F 21 -16.38 79.70 19.82
N THR F 22 -17.62 80.13 19.58
CA THR F 22 -17.84 81.45 19.00
C THR F 22 -17.32 82.54 19.93
N ASP F 23 -17.57 82.40 21.23
CA ASP F 23 -17.05 83.37 22.19
C ASP F 23 -15.53 83.41 22.15
N PHE F 24 -14.89 82.24 22.03
CA PHE F 24 -13.43 82.20 21.98
C PHE F 24 -12.91 82.88 20.72
N LEU F 25 -13.54 82.62 19.57
CA LEU F 25 -13.07 83.25 18.35
C LEU F 25 -13.32 84.75 18.34
N VAL F 26 -14.31 85.21 19.10
CA VAL F 26 -14.60 86.64 19.16
C VAL F 26 -13.80 87.33 20.25
N THR F 27 -13.72 86.72 21.43
CA THR F 27 -13.22 87.39 22.64
C THR F 27 -11.91 86.81 23.14
N PHE F 28 -10.96 86.54 22.24
CA PHE F 28 -9.63 86.12 22.62
C PHE F 28 -8.61 87.10 22.07
N LYS F 29 -7.73 87.58 22.94
CA LYS F 29 -6.63 88.47 22.56
C LYS F 29 -5.40 88.01 23.31
N GLN F 30 -4.41 87.48 22.59
CA GLN F 30 -3.18 87.02 23.22
C GLN F 30 -2.39 88.19 23.78
N ASP F 31 -1.67 87.92 24.86
CA ASP F 31 -0.86 88.94 25.52
C ASP F 31 0.26 89.44 24.62
N LYS F 59 -5.00 95.84 15.84
CA LYS F 59 -4.75 94.40 15.85
C LYS F 59 -5.97 93.62 16.31
N GLY F 60 -6.56 94.04 17.42
CA GLY F 60 -7.74 93.41 17.96
C GLY F 60 -7.50 91.98 18.38
N PRO F 61 -8.54 91.15 18.30
CA PRO F 61 -8.39 89.73 18.59
C PRO F 61 -7.45 89.06 17.60
N LYS F 62 -6.73 88.05 18.09
CA LYS F 62 -5.76 87.36 17.23
C LYS F 62 -6.47 86.64 16.09
N TYR F 63 -7.51 85.88 16.40
CA TYR F 63 -8.19 85.10 15.37
C TYR F 63 -9.06 85.96 14.47
N MET F 64 -9.62 87.06 14.98
CA MET F 64 -10.26 88.02 14.09
C MET F 64 -9.28 88.67 13.14
N ALA F 65 -8.07 88.98 13.61
CA ALA F 65 -7.04 89.48 12.70
C ALA F 65 -6.69 88.44 11.65
N MET F 66 -6.59 87.18 12.07
CA MET F 66 -6.30 86.09 11.12
C MET F 66 -7.42 85.96 10.08
N LEU F 67 -8.67 86.05 10.51
CA LEU F 67 -9.78 86.00 9.57
C LEU F 67 -9.80 87.22 8.65
N GLN F 68 -9.39 88.37 9.15
CA GLN F 68 -9.24 89.54 8.29
C GLN F 68 -8.19 89.30 7.22
N LYS F 69 -7.06 88.69 7.59
CA LYS F 69 -6.05 88.35 6.61
C LYS F 69 -6.58 87.34 5.59
N VAL F 70 -7.40 86.39 6.06
CA VAL F 70 -7.99 85.41 5.15
C VAL F 70 -8.92 86.10 4.16
N ALA F 71 -9.74 87.04 4.64
CA ALA F 71 -10.65 87.76 3.75
C ALA F 71 -9.88 88.57 2.71
N ASN F 72 -8.66 88.98 3.03
CA ASN F 72 -7.81 89.68 2.07
C ASN F 72 -7.11 88.72 1.10
N ARG F 73 -7.36 87.42 1.22
CA ARG F 73 -6.76 86.40 0.37
C ARG F 73 -5.25 86.38 0.47
N GLU F 74 -4.71 86.84 1.60
CA GLU F 74 -3.27 86.80 1.85
C GLU F 74 -2.87 85.64 2.74
N LEU F 75 -3.82 84.77 3.11
CA LEU F 75 -3.55 83.65 4.02
C LEU F 75 -4.73 82.71 3.95
N ASN F 76 -4.44 81.40 3.90
CA ASN F 76 -5.48 80.39 3.79
C ASN F 76 -5.17 79.21 4.71
N SER F 77 -4.77 79.52 5.94
CA SER F 77 -4.44 78.48 6.91
C SER F 77 -4.77 79.00 8.31
N VAL F 78 -5.89 78.54 8.86
CA VAL F 78 -6.31 78.91 10.21
C VAL F 78 -5.73 77.87 11.15
N ILE F 79 -4.57 78.18 11.75
CA ILE F 79 -3.91 77.26 12.68
C ILE F 79 -4.51 77.54 14.05
N ILE F 80 -5.53 76.78 14.42
CA ILE F 80 -6.18 76.93 15.71
C ILE F 80 -5.28 76.34 16.78
N ASP F 81 -4.53 77.18 17.46
CA ASP F 81 -3.63 76.70 18.51
C ASP F 81 -4.43 76.22 19.72
N LEU F 82 -3.92 75.17 20.37
CA LEU F 82 -4.54 74.68 21.59
C LEU F 82 -4.00 75.34 22.85
N ASP F 83 -2.78 75.88 22.79
CA ASP F 83 -2.28 76.69 23.90
C ASP F 83 -3.18 77.90 24.11
N ASP F 84 -3.63 78.52 23.01
CA ASP F 84 -4.52 79.67 23.13
C ASP F 84 -5.84 79.27 23.76
N ILE F 85 -6.40 78.12 23.38
CA ILE F 85 -7.66 77.68 23.96
C ILE F 85 -7.48 77.36 25.45
N LEU F 86 -6.34 76.77 25.81
CA LEU F 86 -6.06 76.51 27.21
C LEU F 86 -5.96 77.80 28.00
N GLN F 87 -5.28 78.81 27.44
CA GLN F 87 -5.18 80.10 28.12
C GLN F 87 -6.55 80.76 28.25
N TYR F 88 -7.38 80.65 27.22
CA TYR F 88 -8.74 81.19 27.27
C TYR F 88 -9.56 80.52 28.36
N GLN F 89 -9.47 79.20 28.46
CA GLN F 89 -10.17 78.47 29.51
C GLN F 89 -9.66 78.87 30.89
N ASN F 90 -8.34 79.02 31.03
CA ASN F 90 -7.78 79.41 32.33
C ASN F 90 -8.22 80.81 32.72
N GLU F 91 -8.25 81.73 31.75
CA GLU F 91 -8.68 83.10 32.02
C GLU F 91 -10.14 83.13 32.44
N LYS F 92 -11.01 82.41 31.74
CA LYS F 92 -12.42 82.43 32.12
C LYS F 92 -12.71 81.54 33.32
N PHE F 93 -11.75 80.71 33.76
CA PHE F 93 -11.94 79.94 34.97
C PHE F 93 -12.01 80.87 36.19
N LEU F 94 -11.19 81.92 36.21
CA LEU F 94 -11.22 82.85 37.32
C LEU F 94 -12.46 83.74 37.31
N GLN F 95 -13.17 83.83 36.18
CA GLN F 95 -14.30 84.74 36.09
C GLN F 95 -15.56 84.04 35.59
N GLY F 96 -15.89 82.88 36.15
CA GLY F 96 -17.15 82.25 35.85
C GLY F 96 -17.07 80.81 35.38
N THR F 97 -15.87 80.36 35.00
CA THR F 97 -15.66 79.00 34.47
C THR F 97 -16.61 78.70 33.32
N GLN F 98 -16.78 79.69 32.43
CA GLN F 98 -17.69 79.55 31.29
C GLN F 98 -17.03 78.74 30.17
N ALA F 99 -16.70 77.50 30.51
CA ALA F 99 -16.09 76.59 29.55
C ALA F 99 -16.36 75.15 29.98
N ASP F 100 -16.23 74.24 29.03
CA ASP F 100 -16.48 72.81 29.26
C ASP F 100 -15.26 71.98 28.86
N ASP F 101 -14.07 72.50 29.15
CA ASP F 101 -12.81 71.83 28.84
C ASP F 101 -12.73 71.48 27.35
N LEU F 102 -12.71 72.53 26.52
CA LEU F 102 -12.70 72.35 25.07
C LEU F 102 -11.45 71.59 24.63
N VAL F 103 -10.29 71.90 25.21
CA VAL F 103 -9.07 71.20 24.82
C VAL F 103 -9.19 69.71 25.11
N SER F 104 -9.83 69.36 26.22
CA SER F 104 -10.09 67.96 26.50
C SER F 104 -11.32 67.42 25.78
N ALA F 105 -12.06 68.28 25.09
CA ALA F 105 -13.24 67.87 24.35
C ALA F 105 -13.00 67.72 22.86
N ILE F 106 -11.89 68.27 22.35
CA ILE F 106 -11.53 68.09 20.95
C ILE F 106 -10.34 67.17 20.77
N GLN F 107 -9.57 66.91 21.82
CA GLN F 107 -8.59 65.84 21.79
C GLN F 107 -9.25 64.46 21.87
N GLN F 108 -10.53 64.41 22.23
CA GLN F 108 -11.27 63.15 22.23
C GLN F 108 -12.01 62.92 20.93
N ASN F 109 -12.43 63.98 20.25
CA ASN F 109 -13.12 63.87 18.97
C ASN F 109 -12.84 65.15 18.20
N ALA F 110 -11.84 65.10 17.32
CA ALA F 110 -11.40 66.30 16.62
C ALA F 110 -12.09 66.52 15.30
N ASN F 111 -12.56 65.44 14.66
CA ASN F 111 -13.14 65.58 13.32
C ASN F 111 -14.40 66.44 13.35
N HIS F 112 -15.27 66.22 14.35
CA HIS F 112 -16.47 67.04 14.45
C HIS F 112 -16.13 68.49 14.77
N PHE F 113 -15.12 68.70 15.61
CA PHE F 113 -14.78 70.07 15.98
C PHE F 113 -14.09 70.82 14.86
N THR F 114 -13.50 70.13 13.87
CA THR F 114 -13.08 70.84 12.67
C THR F 114 -14.28 71.48 11.98
N GLU F 115 -15.37 70.74 11.84
CA GLU F 115 -16.58 71.31 11.25
C GLU F 115 -17.16 72.41 12.12
N LEU F 116 -17.13 72.23 13.45
CA LEU F 116 -17.64 73.26 14.34
C LEU F 116 -16.84 74.56 14.21
N PHE F 117 -15.52 74.46 14.18
CA PHE F 117 -14.69 75.65 13.99
C PHE F 117 -14.92 76.29 12.63
N CYS F 118 -15.07 75.48 11.58
CA CYS F 118 -15.33 76.06 10.27
C CYS F 118 -16.66 76.80 10.25
N ARG F 119 -17.69 76.22 10.87
CA ARG F 119 -18.98 76.88 10.94
C ARG F 119 -18.89 78.18 11.74
N ALA F 120 -18.16 78.17 12.84
CA ALA F 120 -17.99 79.39 13.62
C ALA F 120 -17.21 80.45 12.87
N ILE F 121 -16.25 80.05 12.03
CA ILE F 121 -15.52 81.01 11.22
C ILE F 121 -16.40 81.60 10.13
N ASP F 122 -17.24 80.79 9.50
CA ASP F 122 -18.14 81.32 8.47
C ASP F 122 -19.12 82.32 9.07
N ASN F 123 -19.55 82.09 10.32
CA ASN F 123 -20.47 83.01 10.96
C ASN F 123 -19.81 84.36 11.25
N ASN F 124 -18.54 84.34 11.65
CA ASN F 124 -17.82 85.55 12.06
C ASN F 124 -16.75 85.94 11.04
N MET F 125 -17.06 85.81 9.75
CA MET F 125 -16.08 86.08 8.71
C MET F 125 -16.14 87.56 8.35
N PRO F 126 -15.09 88.34 8.62
CA PRO F 126 -15.15 89.77 8.32
C PRO F 126 -15.10 90.03 6.82
N LEU F 127 -15.66 91.17 6.43
CA LEU F 127 -15.59 91.60 5.04
C LEU F 127 -14.16 92.04 4.69
N PRO F 128 -13.77 91.92 3.43
CA PRO F 128 -12.41 92.32 3.05
C PRO F 128 -12.17 93.80 3.29
N THR F 129 -10.94 94.13 3.68
CA THR F 129 -10.55 95.51 3.92
C THR F 129 -9.37 95.85 3.02
N LYS F 130 -9.46 95.44 1.76
CA LYS F 130 -8.38 95.65 0.80
C LYS F 130 -8.97 95.52 -0.60
N GLU F 131 -8.29 96.15 -1.57
CA GLU F 131 -8.68 96.04 -2.97
C GLU F 131 -8.04 94.79 -3.56
N ILE F 132 -8.68 93.65 -3.28
CA ILE F 132 -8.22 92.38 -3.82
C ILE F 132 -8.70 92.26 -5.26
N ASP F 133 -7.78 91.95 -6.17
CA ASP F 133 -8.14 91.72 -7.56
C ASP F 133 -9.01 90.47 -7.67
N TYR F 134 -10.09 90.58 -8.44
CA TYR F 134 -11.02 89.48 -8.67
C TYR F 134 -11.01 89.05 -10.13
N LYS F 135 -9.81 88.97 -10.71
CA LYS F 135 -9.69 88.54 -12.10
C LYS F 135 -10.17 87.10 -12.27
N ASP F 136 -9.81 86.23 -11.33
CA ASP F 136 -10.28 84.85 -11.31
C ASP F 136 -11.28 84.71 -10.17
N ASP F 137 -12.55 85.00 -10.47
CA ASP F 137 -13.60 84.96 -9.47
C ASP F 137 -14.71 84.00 -9.88
N VAL F 138 -14.33 82.82 -10.36
CA VAL F 138 -15.32 81.86 -10.86
C VAL F 138 -16.31 81.48 -9.76
N LEU F 139 -15.81 81.24 -8.55
CA LEU F 139 -16.70 80.93 -7.43
C LEU F 139 -17.62 82.10 -7.12
N ASP F 140 -17.09 83.32 -7.11
CA ASP F 140 -17.93 84.50 -6.89
C ASP F 140 -18.92 84.69 -8.02
N VAL F 141 -18.51 84.39 -9.25
CA VAL F 141 -19.42 84.50 -10.38
C VAL F 141 -20.59 83.52 -10.22
N ILE F 142 -20.28 82.29 -9.81
CA ILE F 142 -21.35 81.32 -9.56
C ILE F 142 -22.25 81.79 -8.42
N LEU F 143 -21.65 82.30 -7.34
CA LEU F 143 -22.41 82.88 -6.24
C LEU F 143 -23.45 83.87 -6.76
N ASN F 144 -22.99 84.93 -7.43
CA ASN F 144 -23.91 85.99 -7.84
C ASN F 144 -24.89 85.51 -8.90
N GLN F 145 -24.44 84.65 -9.83
CA GLN F 145 -25.33 84.15 -10.88
C GLN F 145 -26.48 83.34 -10.28
N ARG F 146 -26.15 82.36 -9.43
CA ARG F 146 -27.20 81.55 -8.84
C ARG F 146 -28.07 82.37 -7.90
N ARG F 147 -27.49 83.33 -7.19
CA ARG F 147 -28.28 84.19 -6.32
C ARG F 147 -29.28 85.01 -7.13
N LEU F 148 -28.86 85.56 -8.26
CA LEU F 148 -29.77 86.34 -9.10
C LEU F 148 -30.85 85.45 -9.70
N ARG F 149 -30.48 84.25 -10.15
CA ARG F 149 -31.49 83.34 -10.70
C ARG F 149 -32.51 82.94 -9.65
N ASN F 150 -32.07 82.73 -8.41
CA ASN F 150 -33.00 82.40 -7.35
C ASN F 150 -33.84 83.61 -6.95
N GLU F 151 -33.26 84.81 -7.00
CA GLU F 151 -33.95 86.00 -6.53
C GLU F 151 -35.02 86.45 -7.52
N ARG F 152 -34.79 86.23 -8.82
CA ARG F 152 -35.78 86.64 -9.80
C ARG F 152 -37.08 85.85 -9.68
N MET F 153 -37.07 84.74 -8.94
CA MET F 153 -38.27 83.96 -8.69
C MET F 153 -38.64 83.85 -7.22
N LEU F 154 -37.74 84.26 -6.31
CA LEU F 154 -38.04 84.17 -4.88
C LEU F 154 -39.17 85.10 -4.48
N SER F 155 -39.18 86.31 -5.04
CA SER F 155 -40.27 87.24 -4.78
C SER F 155 -41.59 86.77 -5.38
N ASP F 156 -41.54 85.79 -6.28
CA ASP F 156 -42.72 85.22 -6.94
C ASP F 156 -43.52 86.32 -7.65
N ARG F 157 -42.84 86.98 -8.59
CA ARG F 157 -43.44 88.06 -9.36
C ARG F 157 -44.49 87.53 -10.32
N GLU F 190 -29.52 75.26 2.85
CA GLU F 190 -28.81 76.30 2.10
C GLU F 190 -28.56 75.86 0.67
N LEU F 191 -28.66 76.81 -0.26
CA LEU F 191 -28.42 76.51 -1.66
C LEU F 191 -26.97 76.10 -1.91
N PHE F 192 -26.03 76.83 -1.29
CA PHE F 192 -24.61 76.51 -1.46
C PHE F 192 -24.13 75.65 -0.31
N PRO F 193 -23.43 74.55 -0.58
CA PRO F 193 -22.83 73.76 0.50
C PRO F 193 -21.85 74.60 1.28
N PRO F 194 -21.77 74.40 2.60
CA PRO F 194 -20.87 75.23 3.42
C PRO F 194 -19.41 75.13 3.01
N ASN F 195 -18.96 73.95 2.56
CA ASN F 195 -17.56 73.79 2.20
C ASN F 195 -17.21 74.48 0.89
N LEU F 196 -18.19 74.65 0.01
CA LEU F 196 -17.91 75.21 -1.31
C LEU F 196 -17.42 76.65 -1.21
N THR F 197 -18.02 77.45 -0.33
CA THR F 197 -17.66 78.86 -0.23
C THR F 197 -16.32 79.06 0.46
N ARG F 198 -15.88 78.12 1.29
CA ARG F 198 -14.67 78.30 2.07
C ARG F 198 -13.44 78.36 1.19
N ARG F 199 -12.56 79.31 1.47
CA ARG F 199 -11.27 79.43 0.79
C ARG F 199 -10.10 79.23 1.75
N TYR F 200 -10.34 78.57 2.88
CA TYR F 200 -9.34 78.40 3.91
C TYR F 200 -9.35 76.95 4.39
N PHE F 201 -8.22 76.50 4.92
CA PHE F 201 -8.10 75.19 5.53
C PHE F 201 -7.83 75.38 7.01
N LEU F 202 -8.51 74.61 7.84
CA LEU F 202 -8.40 74.75 9.29
C LEU F 202 -7.63 73.58 9.86
N TYR F 203 -6.65 73.88 10.71
CA TYR F 203 -5.80 72.89 11.34
C TYR F 203 -5.78 73.13 12.84
N PHE F 204 -5.21 72.17 13.57
CA PHE F 204 -5.06 72.25 15.01
C PHE F 204 -3.58 72.16 15.36
N LYS F 205 -3.11 73.09 16.18
CA LYS F 205 -1.76 73.01 16.71
C LYS F 205 -1.81 72.38 18.09
N PRO F 206 -1.14 71.26 18.33
CA PRO F 206 -1.29 70.55 19.59
C PRO F 206 -0.72 71.34 20.76
N LEU F 207 -1.14 70.95 21.96
CA LEU F 207 -0.66 71.59 23.18
C LEU F 207 0.85 71.44 23.29
N SER F 208 1.51 72.51 23.75
CA SER F 208 2.93 72.47 24.02
C SER F 208 3.16 71.82 25.38
N GLN F 209 4.39 71.90 25.88
CA GLN F 209 4.69 71.36 27.20
C GLN F 209 3.93 72.16 28.26
N ASN F 210 3.36 71.45 29.23
CA ASN F 210 2.59 72.10 30.28
C ASN F 210 3.42 72.40 31.51
N CYS F 211 4.19 71.42 31.99
CA CYS F 211 4.98 71.55 33.22
C CYS F 211 4.11 71.98 34.38
N ALA F 212 2.90 71.44 34.44
CA ALA F 212 1.93 71.77 35.48
C ALA F 212 1.07 70.55 35.75
N ARG F 213 0.21 70.66 36.77
CA ARG F 213 -0.68 69.56 37.14
C ARG F 213 -1.75 69.29 36.10
N ARG F 214 -1.93 70.20 35.14
CA ARG F 214 -2.90 69.96 34.07
C ARG F 214 -2.53 68.73 33.25
N TYR F 215 -1.23 68.56 32.96
CA TYR F 215 -0.77 67.41 32.19
C TYR F 215 -0.61 66.20 33.09
N ARG F 216 -1.66 65.85 33.83
CA ARG F 216 -1.67 64.66 34.69
C ARG F 216 -2.02 63.43 33.87
N LYS F 217 -1.08 63.06 32.99
CA LYS F 217 -1.21 62.04 31.96
C LYS F 217 -2.17 62.46 30.86
N LYS F 218 -2.81 63.63 30.99
CA LYS F 218 -3.72 64.13 29.96
C LYS F 218 -2.89 64.75 28.84
N ALA F 219 -3.58 65.46 27.93
CA ALA F 219 -2.95 66.07 26.77
C ALA F 219 -2.19 65.02 25.95
N ILE F 220 -2.95 64.07 25.40
CA ILE F 220 -2.37 62.99 24.62
C ILE F 220 -1.65 63.51 23.39
N SER F 221 -2.01 64.71 22.92
CA SER F 221 -1.30 65.34 21.81
C SER F 221 0.04 65.94 22.24
N SER F 222 0.30 66.03 23.54
CA SER F 222 1.58 66.53 24.00
C SER F 222 2.66 65.45 23.93
N LYS F 223 2.29 64.20 24.20
CA LYS F 223 3.26 63.11 24.22
C LYS F 223 3.45 62.58 22.82
N PRO F 224 4.65 62.63 22.26
CA PRO F 224 4.87 62.05 20.93
C PRO F 224 4.92 60.54 20.99
N LEU F 225 3.89 59.89 20.46
CA LEU F 225 3.80 58.44 20.46
C LEU F 225 4.61 57.85 19.32
N SER F 226 4.70 56.53 19.31
CA SER F 226 5.26 55.79 18.19
C SER F 226 4.15 55.02 17.48
N VAL F 227 4.46 54.53 16.29
CA VAL F 227 3.45 53.84 15.49
C VAL F 227 2.93 52.61 16.20
N ARG F 228 3.77 51.96 17.02
CA ARG F 228 3.31 50.79 17.76
C ARG F 228 2.34 51.16 18.87
N GLN F 229 2.52 52.32 19.48
CA GLN F 229 1.69 52.72 20.61
C GLN F 229 0.36 53.32 20.17
N ILE F 230 0.11 53.44 18.87
CA ILE F 230 -1.16 53.95 18.39
C ILE F 230 -2.15 52.79 18.39
N LYS F 231 -2.79 52.56 19.54
CA LYS F 231 -3.73 51.46 19.66
C LYS F 231 -5.01 51.79 18.91
N GLY F 232 -5.93 50.82 18.88
CA GLY F 232 -7.20 51.03 18.21
C GLY F 232 -8.15 51.92 18.96
N ASP F 233 -7.92 52.12 20.26
CA ASP F 233 -8.80 52.95 21.05
C ASP F 233 -8.48 54.43 20.93
N PHE F 234 -7.45 54.79 20.18
CA PHE F 234 -7.12 56.17 19.92
C PHE F 234 -7.83 56.71 18.69
N LEU F 235 -8.60 55.89 18.00
CA LEU F 235 -9.25 56.31 16.76
C LEU F 235 -10.19 57.47 17.03
N GLY F 236 -10.05 58.53 16.24
CA GLY F 236 -10.83 59.73 16.38
C GLY F 236 -10.18 60.80 17.24
N GLN F 237 -9.18 60.44 18.05
CA GLN F 237 -8.51 61.42 18.88
C GLN F 237 -7.51 62.23 18.07
N LEU F 238 -7.07 63.34 18.65
CA LEU F 238 -6.03 64.17 18.04
C LEU F 238 -4.71 63.80 18.72
N ILE F 239 -3.93 62.95 18.07
CA ILE F 239 -2.70 62.44 18.62
C ILE F 239 -1.54 62.97 17.80
N THR F 240 -0.32 62.69 18.28
CA THR F 240 0.88 63.03 17.55
C THR F 240 1.82 61.84 17.58
N VAL F 241 2.51 61.59 16.46
CA VAL F 241 3.41 60.46 16.35
C VAL F 241 4.80 60.99 16.00
N ARG F 242 5.81 60.20 16.31
CA ARG F 242 7.19 60.52 15.97
C ARG F 242 7.76 59.37 15.17
N GLY F 243 8.28 59.67 13.99
CA GLY F 243 8.82 58.63 13.13
C GLY F 243 9.43 59.25 11.90
N ILE F 244 10.02 58.38 11.08
CA ILE F 244 10.72 58.80 9.87
C ILE F 244 9.83 58.53 8.67
N ILE F 245 9.60 59.57 7.86
CA ILE F 245 8.84 59.39 6.63
C ILE F 245 9.64 58.49 5.71
N THR F 246 8.93 57.66 4.92
CA THR F 246 9.63 56.73 4.05
C THR F 246 9.16 56.83 2.61
N ARG F 247 7.91 57.23 2.40
CA ARG F 247 7.34 57.20 1.07
C ARG F 247 6.23 58.23 0.99
N VAL F 248 6.50 59.36 0.35
CA VAL F 248 5.53 60.42 0.14
C VAL F 248 5.11 60.41 -1.33
N SER F 249 3.80 60.41 -1.57
CA SER F 249 3.30 60.32 -2.92
C SER F 249 3.25 61.70 -3.56
N ASP F 250 2.88 61.73 -4.84
CA ASP F 250 2.72 62.98 -5.56
C ASP F 250 1.38 63.63 -5.21
N VAL F 251 1.29 64.93 -5.47
CA VAL F 251 0.10 65.69 -5.13
C VAL F 251 -1.01 65.35 -6.12
N LYS F 252 -2.19 65.05 -5.60
CA LYS F 252 -3.35 64.75 -6.44
C LYS F 252 -4.53 65.60 -5.99
N PRO F 253 -5.33 66.09 -6.92
CA PRO F 253 -6.48 66.92 -6.55
C PRO F 253 -7.65 66.06 -6.08
N ALA F 254 -7.90 66.07 -4.78
CA ALA F 254 -9.02 65.34 -4.21
C ALA F 254 -10.25 66.25 -4.23
N VAL F 255 -11.33 65.75 -4.83
CA VAL F 255 -12.53 66.55 -4.98
C VAL F 255 -13.31 66.54 -3.67
N GLU F 256 -13.77 67.72 -3.24
CA GLU F 256 -14.59 67.85 -2.05
C GLU F 256 -16.07 68.01 -2.38
N VAL F 257 -16.40 68.78 -3.41
CA VAL F 257 -17.78 68.92 -3.86
C VAL F 257 -17.77 69.11 -5.38
N ILE F 258 -18.61 68.38 -6.07
CA ILE F 258 -18.68 68.43 -7.52
C ILE F 258 -19.74 69.48 -7.89
N ALA F 259 -19.65 70.01 -9.11
CA ALA F 259 -20.50 71.11 -9.52
C ALA F 259 -21.29 70.78 -10.77
N TYR F 260 -22.00 69.65 -10.75
CA TYR F 260 -22.74 69.18 -11.90
C TYR F 260 -23.63 70.27 -12.47
N THR F 261 -23.68 70.36 -13.80
CA THR F 261 -24.58 71.28 -14.49
C THR F 261 -25.47 70.48 -15.42
N CYS F 262 -26.75 70.85 -15.48
CA CYS F 262 -27.72 70.13 -16.28
C CYS F 262 -27.83 70.77 -17.67
N ASP F 263 -28.01 69.93 -18.68
CA ASP F 263 -28.11 70.41 -20.06
C ASP F 263 -29.30 71.34 -20.25
N GLN F 264 -30.44 70.99 -19.67
CA GLN F 264 -31.58 71.90 -19.60
C GLN F 264 -31.91 72.19 -18.13
N CYS F 265 -32.94 73.01 -17.93
CA CYS F 265 -33.45 73.42 -16.63
C CYS F 265 -32.51 74.42 -15.97
N GLY F 266 -31.31 74.60 -16.53
CA GLY F 266 -30.39 75.62 -16.06
C GLY F 266 -29.84 75.43 -14.67
N TYR F 267 -30.40 74.52 -13.87
CA TYR F 267 -30.02 74.40 -12.48
C TYR F 267 -28.82 73.47 -12.32
N GLU F 268 -27.86 73.91 -11.51
CA GLU F 268 -26.68 73.13 -11.18
C GLU F 268 -26.79 72.63 -9.74
N VAL F 269 -26.52 71.36 -9.54
CA VAL F 269 -26.65 70.73 -8.23
C VAL F 269 -25.27 70.25 -7.79
N PHE F 270 -24.91 70.59 -6.55
CA PHE F 270 -23.64 70.19 -5.99
C PHE F 270 -23.80 68.93 -5.15
N GLN F 271 -22.70 68.21 -4.97
CA GLN F 271 -22.69 66.97 -4.22
C GLN F 271 -21.42 66.89 -3.40
N GLU F 272 -21.54 67.11 -2.09
CA GLU F 272 -20.41 66.94 -1.20
C GLU F 272 -20.02 65.47 -1.15
N VAL F 273 -18.72 65.21 -1.10
CA VAL F 273 -18.24 63.84 -1.06
C VAL F 273 -16.97 63.75 -0.21
N ASN F 274 -17.00 62.91 0.81
CA ASN F 274 -15.79 62.43 1.48
C ASN F 274 -15.97 60.92 1.64
N SER F 275 -15.66 60.17 0.58
CA SER F 275 -15.78 58.71 0.63
C SER F 275 -14.71 57.98 -0.16
N ARG F 276 -13.75 58.67 -0.76
CA ARG F 276 -12.69 58.07 -1.58
C ARG F 276 -13.26 57.47 -2.86
N THR F 277 -14.58 57.48 -3.01
CA THR F 277 -15.27 56.94 -4.17
C THR F 277 -16.73 57.37 -4.09
N PHE F 278 -17.28 57.81 -5.22
CA PHE F 278 -18.65 58.31 -5.27
C PHE F 278 -19.30 57.88 -6.57
N THR F 279 -20.57 58.22 -6.71
CA THR F 279 -21.34 57.92 -7.92
C THR F 279 -21.92 59.21 -8.47
N PRO F 280 -21.68 59.55 -9.73
CA PRO F 280 -22.26 60.78 -10.28
C PRO F 280 -23.78 60.75 -10.30
N LEU F 281 -24.36 61.92 -10.08
CA LEU F 281 -25.82 62.02 -10.00
C LEU F 281 -26.47 61.71 -11.35
N SER F 282 -26.17 62.52 -12.36
CA SER F 282 -26.64 62.32 -13.74
C SER F 282 -28.17 62.25 -13.80
N GLU F 283 -28.86 62.97 -12.92
CA GLU F 283 -30.31 62.98 -12.91
C GLU F 283 -30.76 64.36 -12.44
N CYS F 284 -31.38 65.14 -13.33
CA CYS F 284 -31.77 66.51 -13.02
C CYS F 284 -32.98 66.48 -12.10
N THR F 285 -32.70 66.27 -10.82
CA THR F 285 -33.74 66.25 -9.80
C THR F 285 -34.17 67.64 -9.35
N SER F 286 -33.73 68.69 -10.05
CA SER F 286 -34.12 70.05 -9.71
C SER F 286 -35.63 70.21 -9.86
N GLU F 287 -36.17 71.22 -9.17
CA GLU F 287 -37.62 71.39 -9.11
C GLU F 287 -38.20 71.63 -10.49
N GLU F 288 -37.57 72.50 -11.28
CA GLU F 288 -38.07 72.77 -12.63
C GLU F 288 -37.96 71.55 -13.52
N CYS F 289 -36.81 70.86 -13.46
CA CYS F 289 -36.62 69.67 -14.29
C CYS F 289 -37.59 68.56 -13.89
N SER F 290 -37.84 68.40 -12.59
CA SER F 290 -38.75 67.36 -12.14
C SER F 290 -40.21 67.70 -12.50
N GLN F 291 -40.61 68.95 -12.30
CA GLN F 291 -41.98 69.33 -12.60
C GLN F 291 -42.25 69.31 -14.11
N ASN F 292 -41.25 69.63 -14.93
CA ASN F 292 -41.40 69.48 -16.37
C ASN F 292 -41.07 68.08 -16.85
N GLN F 293 -40.50 67.24 -15.99
CA GLN F 293 -40.16 65.85 -16.33
C GLN F 293 -39.27 65.79 -17.57
N THR F 294 -38.34 66.76 -17.68
CA THR F 294 -37.39 66.75 -18.78
C THR F 294 -36.37 65.63 -18.65
N LYS F 295 -36.13 65.14 -17.42
CA LYS F 295 -35.20 64.05 -17.18
C LYS F 295 -33.82 64.36 -17.75
N GLY F 296 -33.36 65.58 -17.51
CA GLY F 296 -32.05 65.98 -18.01
C GLY F 296 -30.93 65.26 -17.30
N GLN F 297 -29.80 65.13 -18.01
CA GLN F 297 -28.60 64.54 -17.47
C GLN F 297 -27.65 65.65 -17.00
N LEU F 298 -26.74 65.27 -16.10
CA LEU F 298 -25.83 66.22 -15.48
C LEU F 298 -24.44 66.08 -16.09
N PHE F 299 -23.74 67.21 -16.20
CA PHE F 299 -22.39 67.26 -16.72
C PHE F 299 -21.49 67.90 -15.67
N MET F 300 -20.35 67.27 -15.40
CA MET F 300 -19.41 67.82 -14.43
C MET F 300 -18.82 69.13 -14.94
N SER F 301 -18.56 70.05 -14.02
CA SER F 301 -17.92 71.33 -14.33
C SER F 301 -16.75 71.51 -13.37
N THR F 302 -15.56 71.09 -13.81
CA THR F 302 -14.37 71.25 -12.98
C THR F 302 -14.04 72.71 -12.71
N ARG F 303 -14.54 73.63 -13.54
CA ARG F 303 -14.34 75.04 -13.29
C ARG F 303 -15.03 75.47 -12.00
N ALA F 304 -16.25 75.00 -11.78
CA ALA F 304 -17.04 75.37 -10.61
C ALA F 304 -16.91 74.38 -9.46
N SER F 305 -16.13 73.31 -9.63
CA SER F 305 -15.94 72.35 -8.55
C SER F 305 -14.89 72.86 -7.57
N LYS F 306 -14.84 72.25 -6.40
CA LYS F 306 -13.85 72.57 -5.38
C LYS F 306 -12.88 71.42 -5.21
N PHE F 307 -11.59 71.72 -5.31
CA PHE F 307 -10.54 70.73 -5.20
C PHE F 307 -9.60 71.10 -4.06
N SER F 308 -9.08 70.09 -3.39
CA SER F 308 -8.07 70.26 -2.36
C SER F 308 -6.90 69.35 -2.67
N ALA F 309 -5.69 69.92 -2.66
CA ALA F 309 -4.50 69.13 -2.91
C ALA F 309 -4.38 68.02 -1.88
N PHE F 310 -4.09 66.81 -2.35
CA PHE F 310 -4.04 65.63 -1.49
C PHE F 310 -2.72 64.92 -1.68
N GLN F 311 -2.03 64.65 -0.58
CA GLN F 311 -0.79 63.89 -0.58
C GLN F 311 -0.88 62.82 0.48
N GLU F 312 -0.42 61.62 0.15
CA GLU F 312 -0.52 60.46 1.03
C GLU F 312 0.89 60.03 1.42
N CYS F 313 1.35 60.52 2.56
CA CYS F 313 2.68 60.17 3.05
C CYS F 313 2.63 58.79 3.70
N LYS F 314 3.69 58.42 4.39
CA LYS F 314 3.74 57.14 5.11
C LYS F 314 4.87 57.22 6.12
N ILE F 315 4.54 57.16 7.40
CA ILE F 315 5.52 57.36 8.46
C ILE F 315 5.86 56.02 9.09
N GLN F 316 7.15 55.72 9.15
CA GLN F 316 7.64 54.52 9.83
C GLN F 316 7.95 54.88 11.27
N GLU F 317 8.67 54.00 11.96
CA GLU F 317 9.10 54.29 13.32
C GLU F 317 10.61 54.11 13.42
N LEU F 318 11.22 54.91 14.29
CA LEU F 318 12.67 54.89 14.43
C LEU F 318 13.12 53.57 15.04
N SER F 319 14.36 53.19 14.75
CA SER F 319 14.89 51.92 15.22
C SER F 319 15.02 51.87 16.74
N GLN F 320 14.97 53.01 17.42
CA GLN F 320 15.03 53.03 18.87
C GLN F 320 13.68 52.81 19.52
N GLN F 321 12.59 52.84 18.76
CA GLN F 321 11.25 52.64 19.30
C GLN F 321 10.73 51.23 19.11
N VAL F 322 11.53 50.35 18.51
CA VAL F 322 11.09 49.00 18.17
C VAL F 322 11.55 48.06 19.28
N PRO F 323 10.65 47.35 19.94
CA PRO F 323 11.08 46.38 20.95
C PRO F 323 11.89 45.26 20.32
N VAL F 324 12.76 44.65 21.13
CA VAL F 324 13.69 43.67 20.62
C VAL F 324 12.92 42.51 19.97
N GLY F 325 13.46 42.02 18.86
CA GLY F 325 12.85 40.92 18.14
C GLY F 325 11.68 41.29 17.27
N HIS F 326 11.35 42.57 17.15
CA HIS F 326 10.18 43.02 16.40
C HIS F 326 10.62 43.68 15.11
N ILE F 327 9.63 44.16 14.35
CA ILE F 327 9.85 44.75 13.04
C ILE F 327 9.16 46.10 13.01
N PRO F 328 9.79 47.15 12.45
CA PRO F 328 9.17 48.47 12.47
C PRO F 328 7.83 48.48 11.74
N ARG F 329 6.87 49.18 12.31
CA ARG F 329 5.56 49.30 11.70
C ARG F 329 5.50 50.58 10.87
N SER F 330 4.34 50.86 10.29
CA SER F 330 4.15 52.04 9.47
C SER F 330 2.71 52.50 9.60
N LEU F 331 2.47 53.75 9.20
CA LEU F 331 1.16 54.36 9.40
C LEU F 331 0.94 55.39 8.30
N ASN F 332 -0.12 55.21 7.52
CA ASN F 332 -0.40 56.12 6.42
C ASN F 332 -0.82 57.49 6.93
N ILE F 333 -0.32 58.53 6.27
CA ILE F 333 -0.62 59.91 6.63
C ILE F 333 -1.27 60.57 5.43
N HIS F 334 -2.36 61.29 5.66
CA HIS F 334 -3.11 61.97 4.61
C HIS F 334 -2.99 63.47 4.84
N VAL F 335 -1.95 64.08 4.27
CA VAL F 335 -1.80 65.52 4.33
C VAL F 335 -2.55 66.14 3.16
N ASN F 336 -3.39 67.13 3.46
CA ASN F 336 -4.14 67.82 2.43
C ASN F 336 -4.37 69.26 2.85
N GLY F 337 -4.52 70.12 1.86
CA GLY F 337 -4.69 71.55 2.10
C GLY F 337 -3.38 72.30 1.84
N THR F 338 -2.98 73.11 2.80
CA THR F 338 -1.73 73.85 2.70
C THR F 338 -0.56 73.13 3.32
N LEU F 339 -0.79 71.95 3.91
CA LEU F 339 0.30 71.15 4.46
C LEU F 339 1.00 70.32 3.40
N VAL F 340 0.52 70.34 2.15
CA VAL F 340 1.11 69.52 1.12
C VAL F 340 2.55 69.96 0.85
N ARG F 341 3.38 68.99 0.47
CA ARG F 341 4.79 69.20 0.14
C ARG F 341 5.62 69.67 1.33
N SER F 342 5.10 69.49 2.55
CA SER F 342 5.87 69.79 3.76
C SER F 342 6.54 68.56 4.34
N LEU F 343 6.43 67.41 3.69
CA LEU F 343 7.05 66.17 4.15
C LEU F 343 7.82 65.53 3.01
N SER F 344 9.02 65.05 3.31
CA SER F 344 9.90 64.42 2.35
C SER F 344 10.49 63.16 2.96
N PRO F 345 10.91 62.19 2.14
CA PRO F 345 11.37 60.91 2.68
C PRO F 345 12.55 61.02 3.62
N GLY F 346 13.38 62.05 3.49
CA GLY F 346 14.48 62.21 4.41
C GLY F 346 14.14 63.10 5.58
N ASP F 347 13.07 62.77 6.30
CA ASP F 347 12.60 63.60 7.40
C ASP F 347 12.34 62.75 8.63
N ILE F 348 12.59 63.33 9.79
CA ILE F 348 12.16 62.79 11.07
C ILE F 348 11.28 63.86 11.70
N VAL F 349 9.99 63.55 11.88
CA VAL F 349 9.00 64.56 12.20
C VAL F 349 8.15 64.10 13.37
N ASP F 350 7.45 65.06 13.96
CA ASP F 350 6.43 64.81 14.98
C ASP F 350 5.11 65.26 14.37
N VAL F 351 4.49 64.36 13.59
CA VAL F 351 3.27 64.71 12.88
C VAL F 351 2.09 64.63 13.84
N THR F 352 1.33 65.71 13.93
CA THR F 352 0.12 65.76 14.75
C THR F 352 -1.09 65.66 13.83
N GLY F 353 -1.98 64.73 14.13
CA GLY F 353 -3.14 64.56 13.27
C GLY F 353 -4.26 63.86 14.00
N ILE F 354 -5.35 63.67 13.28
CA ILE F 354 -6.53 62.97 13.78
C ILE F 354 -6.47 61.55 13.24
N PHE F 355 -6.41 60.58 14.15
CA PHE F 355 -6.27 59.18 13.75
C PHE F 355 -7.64 58.61 13.42
N LEU F 356 -7.88 58.35 12.13
CA LEU F 356 -9.21 58.09 11.63
C LEU F 356 -9.31 56.73 10.94
N PRO F 357 -10.45 56.06 11.05
CA PRO F 357 -10.63 54.76 10.40
C PRO F 357 -11.08 54.83 8.95
N ALA F 358 -10.16 54.91 8.00
CA ALA F 358 -10.54 54.87 6.59
C ALA F 358 -11.29 53.59 6.29
N PRO F 359 -12.53 53.66 5.80
CA PRO F 359 -13.32 52.44 5.57
C PRO F 359 -13.10 51.85 4.19
N TYR F 360 -13.23 50.53 4.12
CA TYR F 360 -13.12 49.81 2.86
C TYR F 360 -14.42 49.85 2.08
N THR F 361 -14.99 51.04 1.89
CA THR F 361 -16.32 51.14 1.30
C THR F 361 -16.34 50.57 -0.12
N GLY F 362 -17.35 49.76 -0.41
CA GLY F 362 -17.50 49.18 -1.72
C GLY F 362 -17.99 47.76 -1.91
N PHE F 363 -17.07 46.79 -2.02
CA PHE F 363 -17.48 45.36 -2.11
C PHE F 363 -16.51 44.55 -1.24
N LYS F 364 -15.23 44.92 -1.32
CA LYS F 364 -14.27 44.28 -0.39
C LYS F 364 -14.72 44.68 1.01
N ALA F 365 -15.68 45.61 1.10
CA ALA F 365 -16.24 45.99 2.42
C ALA F 365 -16.88 44.76 3.04
N LEU F 366 -17.95 44.25 2.43
CA LEU F 366 -18.57 43.00 2.91
C LEU F 366 -17.51 41.89 2.85
N LYS F 367 -16.55 42.01 1.93
CA LYS F 367 -15.56 40.90 1.79
C LYS F 367 -14.78 40.74 3.09
N ALA F 368 -14.34 41.84 3.70
CA ALA F 368 -13.49 41.78 4.92
C ALA F 368 -14.36 41.77 6.16
N GLY F 369 -14.99 42.90 6.48
CA GLY F 369 -15.78 42.85 7.69
C GLY F 369 -15.54 44.05 8.57
N LEU F 370 -15.45 43.82 9.88
CA LEU F 370 -15.25 44.92 10.82
C LEU F 370 -13.81 45.42 10.85
N LEU F 371 -12.88 44.72 10.24
CA LEU F 371 -11.46 45.07 10.32
C LEU F 371 -11.21 46.31 9.48
N THR F 372 -11.03 47.45 10.13
CA THR F 372 -10.86 48.71 9.43
C THR F 372 -9.38 48.99 9.17
N GLU F 373 -9.13 49.93 8.26
CA GLU F 373 -7.81 50.43 7.98
C GLU F 373 -7.72 51.88 8.43
N THR F 374 -6.57 52.27 8.98
CA THR F 374 -6.45 53.56 9.63
C THR F 374 -5.43 54.44 8.93
N TYR F 375 -5.62 55.75 9.10
CA TYR F 375 -4.70 56.75 8.58
C TYR F 375 -4.73 57.94 9.52
N LEU F 376 -3.69 58.77 9.43
CA LEU F 376 -3.54 59.92 10.31
C LEU F 376 -3.74 61.19 9.48
N GLU F 377 -4.87 61.85 9.66
CA GLU F 377 -5.13 63.10 8.96
C GLU F 377 -4.28 64.21 9.57
N ALA F 378 -3.10 64.44 8.99
CA ALA F 378 -2.12 65.32 9.62
C ALA F 378 -2.66 66.74 9.73
N GLN F 379 -2.32 67.40 10.84
CA GLN F 379 -2.74 68.76 11.11
C GLN F 379 -1.60 69.74 11.33
N PHE F 380 -0.45 69.27 11.81
CA PHE F 380 0.67 70.16 12.09
C PHE F 380 1.95 69.33 12.13
N VAL F 381 2.92 69.69 11.30
CA VAL F 381 4.16 68.94 11.16
C VAL F 381 5.28 69.74 11.80
N ARG F 382 5.99 69.11 12.74
CA ARG F 382 7.12 69.73 13.43
C ARG F 382 8.36 68.89 13.16
N GLN F 383 9.31 69.46 12.42
CA GLN F 383 10.50 68.73 12.04
C GLN F 383 11.43 68.54 13.24
N HIS F 384 12.31 67.55 13.12
CA HIS F 384 13.31 67.25 14.15
C HIS F 384 14.73 67.34 13.63
N LYS F 385 14.98 66.86 12.40
CA LYS F 385 16.32 66.85 11.81
C LYS F 385 17.32 66.11 12.69
N SER F 395 24.12 86.66 8.55
CA SER F 395 25.53 87.00 8.45
C SER F 395 26.22 86.87 9.80
N ASP F 396 25.44 86.57 10.83
CA ASP F 396 26.00 86.34 12.17
C ASP F 396 26.94 85.14 12.17
N VAL F 397 26.53 84.07 11.48
CA VAL F 397 27.38 82.89 11.36
C VAL F 397 28.65 83.24 10.58
N GLU F 398 28.54 84.14 9.60
CA GLU F 398 29.71 84.57 8.86
C GLU F 398 30.70 85.29 9.76
N GLU F 399 30.19 86.17 10.64
CA GLU F 399 31.06 86.84 11.60
C GLU F 399 31.69 85.83 12.56
N ARG F 400 30.90 84.85 13.01
CA ARG F 400 31.43 83.86 13.95
C ARG F 400 32.55 83.04 13.31
N VAL F 401 32.35 82.59 12.07
CA VAL F 401 33.37 81.80 11.42
C VAL F 401 34.59 82.65 11.06
N MET F 402 34.38 83.93 10.75
CA MET F 402 35.51 84.82 10.52
C MET F 402 36.34 84.97 11.79
N GLU F 403 35.68 85.13 12.93
CA GLU F 403 36.38 85.22 14.21
C GLU F 403 37.11 83.92 14.54
N LEU F 404 36.49 82.77 14.24
CA LEU F 404 37.17 81.49 14.43
C LEU F 404 38.40 81.40 13.55
N ILE F 405 38.31 81.90 12.32
CA ILE F 405 39.47 81.95 11.43
C ILE F 405 40.58 82.77 12.06
N THR F 406 40.22 83.93 12.63
CA THR F 406 41.21 84.75 13.31
C THR F 406 41.85 84.00 14.48
N SER F 407 41.04 83.30 15.27
CA SER F 407 41.54 82.64 16.48
C SER F 407 42.14 81.28 16.16
N GLY F 408 41.34 80.36 15.63
CA GLY F 408 41.79 79.00 15.38
C GLY F 408 42.40 78.85 14.00
N ASP F 409 43.46 78.05 13.94
CA ASP F 409 44.11 77.73 12.66
C ASP F 409 43.31 76.62 11.99
N VAL F 410 42.53 77.00 10.98
CA VAL F 410 41.61 76.06 10.35
C VAL F 410 42.34 74.85 9.79
N TYR F 411 43.52 75.07 9.18
CA TYR F 411 44.24 73.99 8.52
C TYR F 411 44.54 72.84 9.48
N ASN F 412 45.04 73.16 10.67
CA ASN F 412 45.41 72.14 11.64
C ASN F 412 44.31 71.83 12.65
N ARG F 413 43.26 72.64 12.71
CA ARG F 413 42.18 72.42 13.67
C ARG F 413 41.03 71.61 13.09
N LEU F 414 40.55 71.98 11.90
CA LEU F 414 39.46 71.22 11.31
C LEU F 414 39.86 69.78 11.01
N ALA F 415 41.13 69.56 10.68
CA ALA F 415 41.61 68.20 10.42
C ALA F 415 41.41 67.32 11.64
N LYS F 416 41.89 67.76 12.81
CA LYS F 416 41.66 67.01 14.03
C LYS F 416 40.19 67.01 14.44
N SER F 417 39.43 68.01 14.00
CA SER F 417 38.00 68.04 14.32
C SER F 417 37.21 66.99 13.55
N ILE F 418 37.68 66.58 12.37
CA ILE F 418 36.94 65.61 11.58
C ILE F 418 36.81 64.29 12.34
N ALA F 419 37.93 63.77 12.84
CA ALA F 419 37.97 62.50 13.56
C ALA F 419 38.72 62.68 14.87
N PRO F 420 38.11 63.35 15.84
CA PRO F 420 38.78 63.51 17.14
C PRO F 420 39.07 62.19 17.83
N GLU F 421 38.19 61.21 17.68
CA GLU F 421 38.36 59.91 18.33
C GLU F 421 39.25 58.96 17.55
N ILE F 422 39.73 59.36 16.37
CA ILE F 422 40.65 58.57 15.58
C ILE F 422 42.03 59.20 15.71
N TYR F 423 42.97 58.46 16.28
CA TYR F 423 44.31 58.97 16.54
C TYR F 423 45.18 58.83 15.29
N GLY F 424 45.95 59.87 15.02
CA GLY F 424 46.89 59.84 13.92
C GLY F 424 46.23 60.10 12.57
N ASN F 425 47.00 59.82 11.52
CA ASN F 425 46.53 59.97 10.14
C ASN F 425 46.08 61.40 9.86
N LEU F 426 46.84 62.37 10.36
CA LEU F 426 46.43 63.77 10.26
C LEU F 426 46.39 64.24 8.81
N ASP F 427 47.35 63.81 7.99
CA ASP F 427 47.39 64.28 6.61
C ASP F 427 46.21 63.73 5.80
N VAL F 428 45.77 62.52 6.13
CA VAL F 428 44.55 61.98 5.51
C VAL F 428 43.37 62.88 5.85
N LYS F 429 43.28 63.34 7.10
CA LYS F 429 42.23 64.26 7.49
C LYS F 429 42.35 65.57 6.74
N LYS F 430 43.58 66.06 6.53
CA LYS F 430 43.77 67.29 5.77
C LYS F 430 43.26 67.14 4.35
N ALA F 431 43.52 65.99 3.72
CA ALA F 431 42.98 65.73 2.40
C ALA F 431 41.47 65.63 2.41
N LEU F 432 40.92 65.06 3.49
CA LEU F 432 39.47 64.98 3.62
C LEU F 432 38.85 66.38 3.70
N LEU F 433 39.54 67.33 4.33
CA LEU F 433 39.07 68.72 4.29
C LEU F 433 38.99 69.24 2.86
N LEU F 434 40.01 68.97 2.06
CA LEU F 434 39.99 69.42 0.67
C LEU F 434 38.83 68.80 -0.09
N LEU F 435 38.57 67.51 0.16
CA LEU F 435 37.42 66.87 -0.47
C LEU F 435 36.12 67.52 0.01
N LEU F 436 36.02 67.84 1.30
CA LEU F 436 34.82 68.46 1.83
C LEU F 436 34.56 69.82 1.18
N VAL F 437 35.61 70.60 0.99
CA VAL F 437 35.46 71.92 0.38
C VAL F 437 35.40 71.76 -1.14
N GLY F 438 36.50 71.28 -1.72
CA GLY F 438 36.53 71.04 -3.15
C GLY F 438 36.69 72.32 -3.96
N GLY F 439 37.51 72.26 -5.01
CA GLY F 439 37.65 73.41 -5.88
C GLY F 439 36.45 73.59 -6.77
N VAL F 440 36.42 74.73 -7.47
CA VAL F 440 35.34 75.04 -8.39
C VAL F 440 35.95 75.35 -9.76
N ASP F 441 35.68 74.49 -10.72
CA ASP F 441 36.16 74.66 -12.10
C ASP F 441 35.07 74.24 -13.07
N LYS F 442 33.84 74.71 -12.82
CA LYS F 442 32.68 74.24 -13.58
C LYS F 442 32.85 74.47 -15.08
N ARG F 443 33.55 75.55 -15.47
CA ARG F 443 33.79 75.79 -16.89
C ARG F 443 34.54 74.64 -17.52
N VAL F 444 34.07 74.20 -18.69
CA VAL F 444 34.62 73.03 -19.36
C VAL F 444 35.25 73.46 -20.67
N GLY F 445 36.06 72.57 -21.24
CA GLY F 445 36.73 72.83 -22.50
C GLY F 445 37.32 71.57 -23.12
N ILE F 450 36.99 72.20 -15.59
CA ILE F 450 36.26 71.05 -16.07
C ILE F 450 35.27 70.58 -15.00
N ARG F 451 35.79 70.01 -13.92
CA ARG F 451 34.99 69.52 -12.83
C ARG F 451 35.56 70.01 -11.50
N GLY F 452 34.68 70.21 -10.52
CA GLY F 452 35.09 70.70 -9.22
C GLY F 452 34.83 69.72 -8.11
N ASP F 453 34.95 68.42 -8.40
CA ASP F 453 34.74 67.36 -7.43
C ASP F 453 36.07 66.67 -7.14
N ILE F 454 36.40 66.54 -5.86
CA ILE F 454 37.64 65.90 -5.42
C ILE F 454 37.30 64.48 -4.96
N ASN F 455 38.03 63.51 -5.48
CA ASN F 455 37.83 62.11 -5.14
C ASN F 455 39.12 61.52 -4.58
N VAL F 456 39.02 60.87 -3.43
CA VAL F 456 40.17 60.26 -2.77
C VAL F 456 39.80 58.83 -2.40
N CYS F 457 40.78 57.93 -2.52
CA CYS F 457 40.63 56.54 -2.12
C CYS F 457 41.67 56.21 -1.07
N LEU F 458 41.26 55.48 -0.03
CA LEU F 458 42.14 55.11 1.07
C LEU F 458 42.32 53.59 1.02
N MET F 459 43.38 53.14 0.36
CA MET F 459 43.63 51.70 0.26
C MET F 459 43.84 51.08 1.63
N GLY F 460 44.59 51.75 2.50
CA GLY F 460 44.63 51.38 3.90
C GLY F 460 45.08 49.95 4.14
N ASP F 461 44.47 49.32 5.14
CA ASP F 461 44.86 48.01 5.61
C ASP F 461 43.76 47.53 6.54
N PRO F 462 43.43 46.24 6.56
CA PRO F 462 42.46 45.76 7.54
C PRO F 462 42.89 46.09 8.95
N GLY F 463 41.93 46.49 9.79
CA GLY F 463 42.20 46.89 11.15
C GLY F 463 42.45 48.37 11.34
N VAL F 464 42.50 49.14 10.26
CA VAL F 464 42.69 50.57 10.32
C VAL F 464 41.31 51.24 10.22
N ALA F 465 41.15 52.34 10.96
CA ALA F 465 39.85 53.00 11.08
C ALA F 465 39.52 53.83 9.84
N LYS F 466 39.45 53.14 8.70
CA LYS F 466 38.95 53.80 7.49
C LYS F 466 37.44 53.96 7.55
N SER F 467 36.73 52.93 8.03
CA SER F 467 35.29 53.01 8.13
C SER F 467 34.86 54.08 9.13
N GLN F 468 35.59 54.23 10.23
CA GLN F 468 35.28 55.28 11.19
C GLN F 468 35.44 56.66 10.57
N LEU F 469 36.51 56.86 9.78
CA LEU F 469 36.69 58.13 9.09
C LEU F 469 35.57 58.37 8.09
N LEU F 470 35.16 57.33 7.37
CA LEU F 470 34.06 57.47 6.42
C LEU F 470 32.76 57.87 7.13
N LYS F 471 32.46 57.22 8.26
CA LYS F 471 31.26 57.56 9.00
C LYS F 471 31.35 58.97 9.57
N ALA F 472 32.52 59.38 10.05
CA ALA F 472 32.67 60.75 10.55
C ALA F 472 32.44 61.77 9.44
N ILE F 473 32.94 61.48 8.23
CA ILE F 473 32.69 62.36 7.10
C ILE F 473 31.20 62.40 6.78
N CYS F 474 30.54 61.23 6.79
CA CYS F 474 29.13 61.18 6.44
C CYS F 474 28.28 61.96 7.43
N LYS F 475 28.60 61.87 8.73
CA LYS F 475 27.77 62.50 9.74
C LYS F 475 27.95 64.02 9.83
N ILE F 476 28.93 64.58 9.12
CA ILE F 476 29.20 66.02 9.22
C ILE F 476 29.02 66.69 7.86
N SER F 477 29.17 65.93 6.79
CA SER F 477 29.04 66.48 5.45
C SER F 477 27.56 66.59 5.08
N PRO F 478 27.07 67.77 4.70
CA PRO F 478 25.69 67.86 4.23
C PRO F 478 25.50 67.05 2.97
N ARG F 479 24.33 66.42 2.86
CA ARG F 479 23.99 65.55 1.73
C ARG F 479 25.02 64.42 1.59
N GLY F 480 25.50 63.91 2.71
CA GLY F 480 26.47 62.82 2.72
C GLY F 480 25.80 61.50 3.01
N VAL F 481 26.24 60.45 2.32
CA VAL F 481 25.69 59.11 2.48
C VAL F 481 26.83 58.12 2.62
N TYR F 482 26.55 57.03 3.33
CA TYR F 482 27.51 55.95 3.53
C TYR F 482 26.93 54.66 3.01
N THR F 483 27.74 53.90 2.27
CA THR F 483 27.28 52.66 1.67
C THR F 483 28.45 51.71 1.49
N THR F 484 28.13 50.43 1.30
CA THR F 484 29.12 49.39 1.11
C THR F 484 28.98 48.78 -0.28
N GLY F 485 30.05 48.14 -0.73
CA GLY F 485 30.02 47.53 -2.05
C GLY F 485 29.07 46.36 -2.14
N LYS F 486 29.04 45.52 -1.11
CA LYS F 486 28.21 44.32 -1.08
C LYS F 486 27.07 44.49 -0.08
N GLY F 487 25.87 44.11 -0.50
CA GLY F 487 24.70 44.22 0.35
C GLY F 487 23.85 42.98 0.37
N THR F 494 24.14 51.24 -4.75
CA THR F 494 24.19 52.29 -5.80
C THR F 494 23.23 51.92 -6.91
N ALA F 495 23.51 52.36 -8.15
CA ALA F 495 22.64 52.03 -9.31
C ALA F 495 21.23 52.56 -9.09
N ALA F 496 20.22 51.82 -9.53
CA ALA F 496 18.81 52.29 -9.41
C ALA F 496 17.84 51.14 -9.69
N VAL F 497 16.61 51.24 -9.17
CA VAL F 497 15.58 50.24 -9.40
C VAL F 497 14.30 50.94 -9.83
N MET F 498 13.55 50.28 -10.71
CA MET F 498 12.36 50.87 -11.31
C MET F 498 11.11 50.16 -10.84
N LYS F 499 10.09 50.94 -10.50
CA LYS F 499 8.74 50.46 -10.23
C LYS F 499 8.74 49.38 -9.15
N ASP F 500 9.29 49.73 -7.99
CA ASP F 500 9.35 48.78 -6.88
C ASP F 500 7.96 48.37 -6.39
N PRO F 501 7.01 49.27 -6.12
CA PRO F 501 5.68 48.81 -5.73
C PRO F 501 4.81 48.51 -6.94
N VAL F 502 4.10 47.39 -6.86
CA VAL F 502 3.24 46.97 -7.97
C VAL F 502 2.03 47.88 -8.09
N THR F 503 1.40 48.22 -6.96
CA THR F 503 0.12 48.92 -7.00
C THR F 503 0.25 50.30 -7.62
N ASP F 504 1.02 51.20 -6.98
CA ASP F 504 1.12 52.57 -7.45
C ASP F 504 1.87 52.65 -8.78
N GLU F 505 2.83 51.76 -9.00
CA GLU F 505 3.64 51.71 -10.21
C GLU F 505 4.36 53.04 -10.43
N MET F 506 5.25 53.35 -9.50
CA MET F 506 6.04 54.56 -9.59
C MET F 506 7.16 54.38 -10.62
N ILE F 507 7.77 55.50 -11.02
CA ILE F 507 8.74 55.51 -12.10
C ILE F 507 10.05 56.13 -11.60
N LEU F 508 11.16 55.49 -11.94
CA LEU F 508 12.52 56.02 -11.75
C LEU F 508 12.80 56.30 -10.27
N GLU F 509 12.83 55.21 -9.50
CA GLU F 509 13.31 55.29 -8.13
C GLU F 509 14.83 55.40 -8.12
N GLY F 510 15.35 56.19 -7.18
CA GLY F 510 16.77 56.49 -7.13
C GLY F 510 17.60 55.34 -6.57
N GLY F 511 18.76 55.70 -6.04
CA GLY F 511 19.67 54.72 -5.46
C GLY F 511 20.44 55.33 -4.32
N ALA F 512 21.75 55.06 -4.28
CA ALA F 512 22.61 55.60 -3.24
C ALA F 512 23.46 56.76 -3.71
N LEU F 513 23.86 56.79 -4.98
CA LEU F 513 24.68 57.88 -5.49
C LEU F 513 23.87 59.14 -5.73
N VAL F 514 22.61 59.01 -6.15
CA VAL F 514 21.79 60.18 -6.43
C VAL F 514 21.43 60.92 -5.14
N LEU F 515 21.30 60.20 -4.03
CA LEU F 515 20.93 60.85 -2.77
C LEU F 515 21.98 61.87 -2.34
N ALA F 516 23.25 61.51 -2.48
CA ALA F 516 24.35 62.44 -2.19
C ALA F 516 24.68 63.29 -3.41
N ASP F 517 23.66 63.93 -3.99
CA ASP F 517 23.86 64.73 -5.19
C ASP F 517 24.85 65.86 -4.94
N ASN F 518 24.49 66.78 -4.05
CA ASN F 518 25.40 67.84 -3.64
C ASN F 518 26.08 67.47 -2.32
N GLY F 519 26.77 66.34 -2.33
CA GLY F 519 27.41 65.82 -1.14
C GLY F 519 28.49 64.81 -1.48
N ILE F 520 28.67 63.86 -0.56
CA ILE F 520 29.74 62.87 -0.66
C ILE F 520 29.14 61.49 -0.44
N CYS F 521 29.60 60.51 -1.22
CA CYS F 521 29.26 59.11 -1.02
C CYS F 521 30.47 58.41 -0.42
N CYS F 522 30.27 57.76 0.72
CA CYS F 522 31.32 57.05 1.43
C CYS F 522 31.21 55.58 1.09
N ILE F 523 31.88 55.17 0.02
CA ILE F 523 31.77 53.80 -0.49
C ILE F 523 32.80 52.96 0.26
N ASP F 524 32.39 52.40 1.38
CA ASP F 524 33.23 51.42 2.08
C ASP F 524 33.23 50.11 1.31
N GLU F 525 34.26 49.29 1.57
CA GLU F 525 34.45 48.02 0.88
C GLU F 525 34.46 48.22 -0.64
N PHE F 526 35.22 49.23 -1.07
CA PHE F 526 35.22 49.61 -2.48
C PHE F 526 35.72 48.50 -3.38
N ASP F 527 36.69 47.71 -2.92
CA ASP F 527 37.19 46.61 -3.73
C ASP F 527 36.11 45.55 -3.95
N LYS F 528 35.36 45.23 -2.90
CA LYS F 528 34.28 44.23 -2.98
C LYS F 528 33.02 44.91 -3.50
N MET F 529 33.05 45.22 -4.79
CA MET F 529 31.93 45.89 -5.44
C MET F 529 31.92 45.49 -6.91
N ASP F 530 30.78 45.00 -7.38
CA ASP F 530 30.71 44.20 -8.60
C ASP F 530 30.90 45.07 -9.85
N GLU F 531 30.83 44.42 -11.01
CA GLU F 531 31.10 45.09 -12.28
C GLU F 531 30.01 46.07 -12.65
N SER F 532 28.76 45.75 -12.33
CA SER F 532 27.67 46.68 -12.62
C SER F 532 27.87 48.00 -11.87
N ASP F 533 28.14 47.92 -10.57
CA ASP F 533 28.46 49.12 -9.81
C ASP F 533 29.79 49.74 -10.24
N ARG F 534 30.74 48.93 -10.73
CA ARG F 534 31.96 49.48 -11.30
C ARG F 534 31.63 50.42 -12.45
N THR F 535 30.81 49.95 -13.39
CA THR F 535 30.42 50.80 -14.53
C THR F 535 29.60 51.99 -14.06
N ALA F 536 28.72 51.79 -13.08
CA ALA F 536 27.90 52.90 -12.59
C ALA F 536 28.76 54.00 -11.99
N ILE F 537 29.71 53.64 -11.13
CA ILE F 537 30.55 54.66 -10.52
C ILE F 537 31.51 55.24 -11.54
N HIS F 538 31.93 54.47 -12.53
CA HIS F 538 32.73 55.04 -13.60
C HIS F 538 31.95 56.10 -14.35
N GLU F 539 30.69 55.82 -14.67
CA GLU F 539 29.86 56.84 -15.32
C GLU F 539 29.70 58.07 -14.44
N VAL F 540 29.44 57.86 -13.15
CA VAL F 540 29.25 58.98 -12.23
C VAL F 540 30.52 59.82 -12.15
N MET F 541 31.67 59.17 -12.18
CA MET F 541 32.91 59.86 -11.83
C MET F 541 33.35 60.85 -12.92
N GLU F 542 33.24 60.45 -14.19
CA GLU F 542 33.57 61.36 -15.29
C GLU F 542 32.35 61.85 -16.05
N GLN F 543 31.15 61.72 -15.48
CA GLN F 543 29.97 62.33 -16.07
C GLN F 543 29.11 63.10 -15.07
N GLN F 544 29.21 62.83 -13.78
CA GLN F 544 28.43 63.48 -12.73
C GLN F 544 26.92 63.28 -12.93
N THR F 545 26.54 62.25 -13.67
CA THR F 545 25.14 61.99 -13.96
C THR F 545 24.98 60.51 -14.29
N ILE F 546 24.15 59.80 -13.52
CA ILE F 546 23.92 58.39 -13.70
C ILE F 546 22.68 58.19 -14.57
N SER F 547 22.71 57.20 -15.44
CA SER F 547 21.61 56.94 -16.36
C SER F 547 21.24 55.46 -16.33
N ILE F 548 20.02 55.17 -16.78
CA ILE F 548 19.52 53.81 -16.89
C ILE F 548 18.95 53.61 -18.29
N SER F 549 18.82 52.35 -18.67
CA SER F 549 18.28 51.94 -19.97
C SER F 549 17.28 50.81 -19.79
N LYS F 550 16.35 50.99 -18.86
CA LYS F 550 15.41 49.93 -18.52
C LYS F 550 14.59 49.50 -19.73
N ALA F 551 13.80 50.40 -20.29
CA ALA F 551 12.91 50.10 -21.42
C ALA F 551 13.14 51.09 -22.55
N GLY F 552 14.41 51.32 -22.89
CA GLY F 552 14.74 52.26 -23.94
C GLY F 552 14.43 53.70 -23.62
N ILE F 553 14.07 54.01 -22.36
CA ILE F 553 13.77 55.38 -21.98
C ILE F 553 15.03 56.23 -22.00
N ASN F 554 16.17 55.66 -21.61
CA ASN F 554 17.45 56.37 -21.57
C ASN F 554 17.39 57.58 -20.65
N THR F 555 16.57 57.52 -19.60
CA THR F 555 16.52 58.59 -18.63
C THR F 555 17.77 58.57 -17.77
N THR F 556 18.09 59.74 -17.20
CA THR F 556 19.30 59.89 -16.41
C THR F 556 18.99 60.65 -15.13
N LEU F 557 19.80 60.41 -14.10
CA LEU F 557 19.65 61.04 -12.80
C LEU F 557 20.91 61.82 -12.49
N ASN F 558 20.75 63.08 -12.11
CA ASN F 558 21.90 63.92 -11.79
C ASN F 558 22.51 63.48 -10.47
N ALA F 559 23.74 62.98 -10.51
CA ALA F 559 24.48 62.57 -9.31
C ALA F 559 25.87 63.18 -9.40
N ARG F 560 26.01 64.41 -8.94
CA ARG F 560 27.30 65.10 -8.92
C ARG F 560 27.99 64.90 -7.57
N THR F 561 28.18 63.62 -7.22
CA THR F 561 28.63 63.23 -5.90
C THR F 561 30.15 63.13 -5.85
N SER F 562 30.75 63.72 -4.82
CA SER F 562 32.15 63.50 -4.54
C SER F 562 32.35 62.10 -3.98
N ILE F 563 33.33 61.37 -4.51
CA ILE F 563 33.52 59.96 -4.20
C ILE F 563 34.61 59.82 -3.16
N LEU F 564 34.31 59.08 -2.08
CA LEU F 564 35.27 58.78 -1.03
C LEU F 564 35.28 57.28 -0.83
N ALA F 565 36.31 56.62 -1.32
CA ALA F 565 36.40 55.17 -1.29
C ALA F 565 37.30 54.71 -0.15
N ALA F 566 37.00 53.51 0.36
CA ALA F 566 37.75 52.93 1.47
C ALA F 566 38.07 51.47 1.18
N ALA F 567 38.59 51.21 -0.02
CA ALA F 567 38.97 49.86 -0.38
C ALA F 567 40.06 49.34 0.54
N ASN F 568 40.08 48.03 0.74
CA ASN F 568 41.08 47.39 1.58
C ASN F 568 41.77 46.28 0.80
N PRO F 569 43.04 45.99 1.12
CA PRO F 569 43.77 44.99 0.36
C PRO F 569 43.13 43.61 0.44
N LEU F 570 43.21 42.87 -0.66
CA LEU F 570 42.79 41.49 -0.65
C LEU F 570 43.88 40.63 -0.01
N TYR F 571 43.51 39.39 0.32
CA TYR F 571 44.36 38.50 1.12
C TYR F 571 44.71 39.14 2.47
N GLY F 572 43.80 39.91 3.01
CA GLY F 572 43.96 40.47 4.35
C GLY F 572 44.91 41.65 4.34
N ARG F 573 46.01 41.54 5.08
CA ARG F 573 46.91 42.66 5.32
C ARG F 573 47.60 43.09 4.04
N TYR F 574 47.88 44.39 3.95
CA TYR F 574 48.58 44.95 2.80
C TYR F 574 50.02 44.42 2.73
N ASN F 575 50.50 44.22 1.52
CA ASN F 575 51.89 43.80 1.31
C ASN F 575 52.66 44.95 0.70
N PRO F 576 53.51 45.65 1.47
CA PRO F 576 54.28 46.75 0.89
C PRO F 576 55.22 46.31 -0.21
N ARG F 577 55.74 45.08 -0.14
CA ARG F 577 56.63 44.59 -1.19
C ARG F 577 55.92 44.50 -2.52
N LEU F 578 54.68 44.00 -2.53
CA LEU F 578 53.93 43.87 -3.77
C LEU F 578 53.50 45.24 -4.27
N SER F 579 53.27 45.33 -5.57
CA SER F 579 52.88 46.59 -6.18
C SER F 579 51.50 47.02 -5.68
N PRO F 580 51.27 48.31 -5.47
CA PRO F 580 49.99 48.74 -4.86
C PRO F 580 48.76 48.31 -5.63
N LEU F 581 48.79 48.36 -6.96
CA LEU F 581 47.63 47.94 -7.73
C LEU F 581 47.48 46.43 -7.73
N ASP F 582 48.55 45.69 -7.43
CA ASP F 582 48.43 44.24 -7.29
C ASP F 582 47.79 43.85 -5.96
N ASN F 583 47.93 44.70 -4.93
CA ASN F 583 47.39 44.37 -3.62
C ASN F 583 45.87 44.53 -3.56
N ILE F 584 45.30 45.41 -4.37
CA ILE F 584 43.86 45.69 -4.37
C ILE F 584 43.33 45.50 -5.78
N ASN F 585 42.23 44.76 -5.90
CA ASN F 585 41.68 44.38 -7.20
C ASN F 585 40.88 45.53 -7.81
N LEU F 586 41.59 46.62 -8.09
CA LEU F 586 41.01 47.75 -8.80
C LEU F 586 41.80 48.00 -10.07
N PRO F 587 41.15 48.12 -11.23
CA PRO F 587 41.88 48.38 -12.46
C PRO F 587 42.59 49.73 -12.39
N ALA F 588 43.76 49.80 -13.02
CA ALA F 588 44.52 51.04 -13.03
C ALA F 588 43.76 52.17 -13.70
N ALA F 589 42.83 51.86 -14.61
CA ALA F 589 42.05 52.90 -15.26
C ALA F 589 41.19 53.66 -14.25
N LEU F 590 40.57 52.94 -13.31
CA LEU F 590 39.73 53.61 -12.32
C LEU F 590 40.57 54.33 -11.28
N LEU F 591 41.64 53.70 -10.80
CA LEU F 591 42.45 54.33 -9.76
C LEU F 591 43.18 55.55 -10.28
N SER F 592 43.69 55.49 -11.52
CA SER F 592 44.44 56.60 -12.07
C SER F 592 43.61 57.86 -12.20
N ARG F 593 42.29 57.73 -12.28
CA ARG F 593 41.43 58.90 -12.39
C ARG F 593 41.18 59.56 -11.05
N PHE F 594 41.59 58.94 -9.95
CA PHE F 594 41.39 59.53 -8.63
C PHE F 594 42.31 60.73 -8.45
N ASP F 595 41.76 61.84 -7.95
CA ASP F 595 42.53 63.06 -7.83
C ASP F 595 43.69 62.90 -6.86
N ILE F 596 43.46 62.27 -5.72
CA ILE F 596 44.49 62.03 -4.72
C ILE F 596 44.25 60.66 -4.11
N LEU F 597 45.33 59.96 -3.80
CA LEU F 597 45.25 58.61 -3.27
C LEU F 597 46.20 58.47 -2.10
N PHE F 598 45.73 57.87 -1.02
CA PHE F 598 46.52 57.65 0.19
C PHE F 598 46.55 56.16 0.51
N LEU F 599 47.75 55.62 0.69
CA LEU F 599 47.93 54.27 1.22
C LEU F 599 48.33 54.43 2.68
N MET F 600 47.40 54.11 3.57
CA MET F 600 47.54 54.38 5.00
C MET F 600 47.32 53.09 5.77
N LEU F 601 48.41 52.34 5.95
CA LEU F 601 48.39 51.05 6.63
C LEU F 601 49.00 51.18 8.03
N ASP F 602 48.60 50.28 8.92
CA ASP F 602 49.08 50.28 10.29
C ASP F 602 50.36 49.47 10.42
N ILE F 603 51.24 49.92 11.29
CA ILE F 603 52.49 49.24 11.59
C ILE F 603 52.59 49.05 13.09
N PRO F 604 52.89 47.85 13.58
CA PRO F 604 53.04 47.67 15.03
C PRO F 604 54.25 48.42 15.57
N SER F 605 54.00 49.44 16.39
CA SER F 605 55.05 50.24 16.99
C SER F 605 54.98 50.08 18.51
N ARG F 606 55.80 50.86 19.22
CA ARG F 606 55.84 50.81 20.66
C ARG F 606 55.12 51.96 21.34
N ASP F 607 55.01 53.10 20.68
CA ASP F 607 54.43 54.29 21.28
C ASP F 607 53.10 54.70 20.67
N ASP F 608 52.94 54.54 19.35
CA ASP F 608 51.67 54.89 18.71
C ASP F 608 50.55 54.01 19.25
N ASP F 609 50.81 52.72 19.39
CA ASP F 609 49.79 51.80 19.90
C ASP F 609 49.42 52.14 21.34
N GLU F 610 50.40 52.54 22.16
CA GLU F 610 50.10 52.89 23.54
C GLU F 610 49.18 54.11 23.61
N LYS F 611 49.48 55.14 22.83
CA LYS F 611 48.63 56.32 22.81
C LYS F 611 47.25 55.99 22.26
N LEU F 612 47.19 55.13 21.24
CA LEU F 612 45.91 54.69 20.70
C LEU F 612 45.08 53.98 21.75
N ALA F 613 45.70 53.08 22.51
CA ALA F 613 44.98 52.35 23.55
C ALA F 613 44.49 53.30 24.64
N GLU F 614 45.33 54.25 25.04
CA GLU F 614 44.91 55.23 26.03
C GLU F 614 43.71 56.03 25.54
N HIS F 615 43.76 56.47 24.28
CA HIS F 615 42.66 57.22 23.70
C HIS F 615 41.37 56.41 23.72
N VAL F 616 41.42 55.19 23.23
CA VAL F 616 40.22 54.37 23.12
C VAL F 616 39.65 54.08 24.50
N THR F 617 40.50 53.74 25.46
CA THR F 617 40.01 53.43 26.80
C THR F 617 39.44 54.66 27.49
N TYR F 618 40.04 55.84 27.28
CA TYR F 618 39.45 57.05 27.83
C TYR F 618 38.08 57.31 27.23
N VAL F 619 37.91 57.07 25.93
CA VAL F 619 36.60 57.21 25.31
C VAL F 619 35.60 56.27 25.96
N HIS F 620 36.03 55.05 26.27
CA HIS F 620 35.14 54.11 26.93
C HIS F 620 34.76 54.54 28.33
N MET F 621 35.71 55.07 29.11
CA MET F 621 35.33 55.55 30.44
C MET F 621 34.37 56.72 30.36
N HIS F 622 34.80 57.82 29.75
CA HIS F 622 34.11 59.09 29.91
C HIS F 622 33.04 59.36 28.87
N ASN F 623 32.84 58.43 27.92
CA ASN F 623 31.88 58.60 26.83
C ASN F 623 32.14 59.87 26.02
N LYS F 624 33.32 60.47 26.18
CA LYS F 624 33.69 61.69 25.50
C LYS F 624 35.16 61.61 25.13
N GLN F 625 35.54 62.37 24.09
CA GLN F 625 36.89 62.32 23.60
C GLN F 625 37.87 62.87 24.62
N PRO F 626 39.09 62.35 24.67
CA PRO F 626 40.11 62.92 25.57
C PRO F 626 40.59 64.25 25.05
N ASP F 627 39.81 65.31 25.32
CA ASP F 627 40.09 66.64 24.78
C ASP F 627 41.45 67.15 25.20
N LEU F 628 42.36 67.30 24.23
CA LEU F 628 43.70 67.80 24.48
C LEU F 628 44.08 68.96 23.57
N ASP F 629 43.19 69.39 22.68
CA ASP F 629 43.47 70.49 21.76
C ASP F 629 42.14 71.07 21.29
N PHE F 630 42.22 72.07 20.42
CA PHE F 630 41.02 72.67 19.87
C PHE F 630 40.28 71.67 19.01
N THR F 631 38.99 71.51 19.28
CA THR F 631 38.13 70.54 18.58
C THR F 631 36.81 71.21 18.21
N PRO F 632 36.78 71.96 17.11
CA PRO F 632 35.50 72.51 16.65
C PRO F 632 34.55 71.41 16.25
N VAL F 633 33.25 71.66 16.44
CA VAL F 633 32.19 70.68 16.24
C VAL F 633 31.29 71.05 15.07
N GLU F 634 30.86 72.31 15.02
CA GLU F 634 29.89 72.72 14.02
C GLU F 634 30.46 72.57 12.61
N PRO F 635 29.69 72.05 11.67
CA PRO F 635 30.14 71.99 10.26
C PRO F 635 29.72 73.21 9.44
N SER F 636 29.02 74.17 10.03
CA SER F 636 28.53 75.31 9.26
C SER F 636 29.67 76.20 8.78
N LYS F 637 30.85 76.09 9.38
CA LYS F 637 31.97 76.88 8.92
C LYS F 637 32.39 76.46 7.51
N MET F 638 32.43 75.14 7.26
CA MET F 638 32.76 74.66 5.91
C MET F 638 31.69 75.06 4.91
N ARG F 639 30.42 75.02 5.32
CA ARG F 639 29.35 75.47 4.44
C ARG F 639 29.49 76.94 4.10
N GLU F 640 29.83 77.76 5.10
CA GLU F 640 30.07 79.17 4.84
C GLU F 640 31.23 79.37 3.90
N TYR F 641 32.31 78.60 4.09
CA TYR F 641 33.48 78.75 3.22
C TYR F 641 33.15 78.40 1.77
N ILE F 642 32.44 77.27 1.56
CA ILE F 642 32.13 76.87 0.20
C ILE F 642 31.15 77.85 -0.44
N ALA F 643 30.13 78.30 0.30
CA ALA F 643 29.20 79.27 -0.25
C ALA F 643 29.86 80.61 -0.52
N TYR F 644 30.87 80.97 0.29
CA TYR F 644 31.55 82.25 0.12
C TYR F 644 32.44 82.24 -1.11
N ALA F 645 33.34 81.26 -1.20
CA ALA F 645 34.31 81.25 -2.28
C ALA F 645 33.78 80.62 -3.56
N LYS F 646 32.60 80.00 -3.53
CA LYS F 646 32.01 79.49 -4.76
C LYS F 646 31.65 80.62 -5.70
N THR F 647 31.07 81.70 -5.18
CA THR F 647 30.82 82.89 -5.98
C THR F 647 32.12 83.61 -6.31
N LYS F 648 33.09 83.57 -5.40
CA LYS F 648 34.36 84.23 -5.63
C LYS F 648 35.11 83.58 -6.79
N ARG F 649 35.18 82.24 -6.80
CA ARG F 649 35.90 81.48 -7.82
C ARG F 649 37.32 82.00 -7.96
N PRO F 650 38.20 81.70 -6.98
CA PRO F 650 39.57 82.25 -7.01
C PRO F 650 40.28 82.05 -8.34
N VAL F 651 40.62 83.15 -9.01
CA VAL F 651 41.27 83.07 -10.30
C VAL F 651 42.75 82.75 -10.12
N MET F 652 43.24 81.77 -10.87
CA MET F 652 44.64 81.39 -10.80
C MET F 652 45.52 82.46 -11.40
N SER F 653 46.72 82.60 -10.82
CA SER F 653 47.69 83.58 -11.29
C SER F 653 48.50 83.01 -12.45
N GLU F 654 49.01 83.90 -13.31
CA GLU F 654 49.85 83.46 -14.41
C GLU F 654 51.14 82.83 -13.91
N ALA F 655 51.75 83.41 -12.89
CA ALA F 655 52.94 82.82 -12.29
C ALA F 655 52.63 81.45 -11.70
N VAL F 656 51.40 81.28 -11.18
CA VAL F 656 50.96 79.97 -10.72
C VAL F 656 50.97 78.97 -11.87
N ASN F 657 50.42 79.36 -13.02
CA ASN F 657 50.40 78.48 -14.19
C ASN F 657 51.81 78.13 -14.62
N ASP F 658 52.72 79.11 -14.61
CA ASP F 658 54.11 78.79 -14.94
C ASP F 658 54.67 77.77 -13.96
N TYR F 659 54.61 78.06 -12.66
CA TYR F 659 55.24 77.18 -11.69
C TYR F 659 54.67 75.79 -11.79
N VAL F 660 53.38 75.67 -12.12
CA VAL F 660 52.82 74.33 -12.25
C VAL F 660 53.24 73.66 -13.56
N VAL F 661 53.52 74.42 -14.63
CA VAL F 661 53.96 73.74 -15.84
C VAL F 661 55.38 73.18 -15.65
N GLN F 662 56.28 73.96 -15.04
CA GLN F 662 57.57 73.37 -14.68
C GLN F 662 57.43 72.29 -13.62
N ALA F 663 56.43 72.39 -12.75
CA ALA F 663 56.17 71.32 -11.79
C ALA F 663 55.83 70.02 -12.50
N TYR F 664 54.96 70.09 -13.51
CA TYR F 664 54.64 68.90 -14.29
C TYR F 664 55.86 68.38 -15.03
N ILE F 665 56.66 69.29 -15.60
CA ILE F 665 57.85 68.86 -16.33
C ILE F 665 58.77 68.05 -15.43
N ARG F 666 59.09 68.59 -14.26
CA ARG F 666 60.01 67.89 -13.37
C ARG F 666 59.37 66.65 -12.76
N LEU F 667 58.05 66.67 -12.53
CA LEU F 667 57.37 65.49 -12.03
C LEU F 667 57.46 64.34 -13.02
N ARG F 668 57.22 64.62 -14.30
CA ARG F 668 57.32 63.58 -15.32
C ARG F 668 58.75 63.12 -15.47
N GLN F 669 59.71 64.05 -15.37
CA GLN F 669 61.11 63.67 -15.44
C GLN F 669 61.50 62.70 -14.33
N ASP F 670 61.08 63.00 -13.09
CA ASP F 670 61.44 62.11 -11.99
C ASP F 670 60.66 60.80 -12.07
N SER F 671 59.44 60.85 -12.63
CA SER F 671 58.69 59.61 -12.83
C SER F 671 59.43 58.69 -13.78
N LYS F 672 59.99 59.23 -14.85
CA LYS F 672 60.82 58.41 -15.74
C LYS F 672 62.08 57.92 -15.03
N ARG F 673 62.81 58.84 -14.41
CA ARG F 673 64.11 58.46 -13.84
C ARG F 673 63.95 57.43 -12.73
N GLU F 674 62.80 57.41 -12.07
CA GLU F 674 62.53 56.37 -11.08
C GLU F 674 62.31 55.02 -11.75
N MET F 675 61.56 55.01 -12.86
CA MET F 675 61.26 53.78 -13.57
C MET F 675 62.45 53.30 -14.39
N LYS F 678 59.59 53.16 -8.45
CA LYS F 678 59.77 51.94 -9.25
C LYS F 678 58.43 51.46 -9.80
N PHE F 679 57.41 51.48 -8.95
CA PHE F 679 56.08 51.03 -9.36
C PHE F 679 55.52 52.00 -10.41
N SER F 680 54.92 51.43 -11.45
CA SER F 680 54.40 52.24 -12.55
C SER F 680 53.14 53.01 -12.17
N PHE F 681 52.63 52.77 -10.97
CA PHE F 681 51.43 53.51 -10.50
C PHE F 681 51.87 54.91 -10.04
N GLY F 682 52.30 55.74 -10.99
CA GLY F 682 52.76 57.08 -10.64
C GLY F 682 52.85 58.01 -11.83
N GLN F 683 53.45 57.53 -12.94
CA GLN F 683 53.66 58.43 -14.10
C GLN F 683 52.66 59.59 -14.02
N ALA F 684 53.13 60.77 -13.64
CA ALA F 684 52.25 61.95 -13.55
C ALA F 684 51.45 62.10 -14.84
N THR F 685 50.15 62.33 -14.75
CA THR F 685 49.34 62.38 -15.98
C THR F 685 48.48 63.64 -15.98
N PRO F 686 48.04 64.10 -17.16
CA PRO F 686 47.26 65.31 -17.22
C PRO F 686 46.28 65.33 -16.03
N ARG F 687 45.80 64.16 -15.61
CA ARG F 687 44.84 64.10 -14.53
C ARG F 687 45.45 64.54 -13.21
N THR F 688 46.74 64.26 -13.01
CA THR F 688 47.42 64.77 -11.82
C THR F 688 47.48 66.30 -11.84
N LEU F 689 47.68 66.89 -13.03
CA LEU F 689 47.64 68.35 -13.12
C LEU F 689 46.26 68.89 -12.78
N LEU F 690 45.20 68.24 -13.29
CA LEU F 690 43.86 68.69 -12.96
C LEU F 690 43.58 68.56 -11.46
N GLY F 691 44.02 67.47 -10.86
CA GLY F 691 43.87 67.29 -9.42
C GLY F 691 44.63 68.34 -8.64
N ILE F 692 45.85 68.68 -9.09
CA ILE F 692 46.63 69.71 -8.43
C ILE F 692 45.91 71.05 -8.51
N ILE F 693 45.36 71.36 -9.68
CA ILE F 693 44.64 72.62 -9.85
C ILE F 693 43.43 72.67 -8.93
N ARG F 694 42.67 71.57 -8.86
CA ARG F 694 41.48 71.59 -8.02
C ARG F 694 41.81 71.59 -6.54
N LEU F 695 42.91 70.94 -6.13
CA LEU F 695 43.33 71.01 -4.73
C LEU F 695 43.76 72.43 -4.36
N SER F 696 44.50 73.10 -5.24
CA SER F 696 44.87 74.48 -4.98
C SER F 696 43.63 75.38 -4.91
N GLN F 697 42.67 75.14 -5.81
CA GLN F 697 41.43 75.90 -5.79
C GLN F 697 40.70 75.68 -4.48
N ALA F 698 40.65 74.45 -3.99
CA ALA F 698 40.00 74.16 -2.71
C ALA F 698 40.72 74.84 -1.56
N LEU F 699 42.05 74.83 -1.57
CA LEU F 699 42.81 75.46 -0.50
C LEU F 699 42.54 76.96 -0.44
N ALA F 700 42.53 77.62 -1.60
CA ALA F 700 42.19 79.04 -1.62
C ALA F 700 40.72 79.25 -1.25
N LYS F 701 39.86 78.32 -1.65
CA LYS F 701 38.44 78.38 -1.32
C LYS F 701 38.23 78.33 0.19
N LEU F 702 39.14 77.66 0.90
CA LEU F 702 39.11 77.69 2.36
C LEU F 702 39.63 79.00 2.92
N ARG F 703 40.59 79.64 2.24
CA ARG F 703 41.24 80.86 2.72
C ARG F 703 40.83 82.02 1.83
N LEU F 704 39.71 82.66 2.19
CA LEU F 704 39.27 83.93 1.58
C LEU F 704 39.08 83.69 0.07
N ALA F 705 39.46 84.63 -0.77
CA ALA F 705 39.31 84.50 -2.21
C ALA F 705 40.60 84.89 -2.92
N ASP F 706 40.84 84.25 -4.05
CA ASP F 706 42.00 84.55 -4.89
C ASP F 706 43.30 84.45 -4.10
N MET F 707 43.37 83.44 -3.23
CA MET F 707 44.58 83.20 -2.47
C MET F 707 45.53 82.25 -3.21
N VAL F 708 45.12 81.74 -4.37
CA VAL F 708 45.97 80.85 -5.17
C VAL F 708 47.20 81.63 -5.62
N ASP F 709 48.33 81.31 -5.00
CA ASP F 709 49.63 81.86 -5.36
C ASP F 709 50.66 80.76 -5.16
N ILE F 710 51.94 81.14 -5.09
CA ILE F 710 52.99 80.16 -4.83
C ILE F 710 52.73 79.47 -3.50
N ASP F 711 52.22 80.20 -2.51
CA ASP F 711 51.97 79.61 -1.20
C ASP F 711 50.98 78.47 -1.28
N ASP F 712 49.91 78.63 -2.07
CA ASP F 712 48.91 77.58 -2.18
C ASP F 712 49.44 76.39 -2.98
N VAL F 713 50.10 76.65 -4.11
CA VAL F 713 50.53 75.56 -4.97
C VAL F 713 51.66 74.77 -4.33
N GLU F 714 52.49 75.40 -3.50
CA GLU F 714 53.51 74.66 -2.78
C GLU F 714 52.87 73.63 -1.85
N GLU F 715 51.84 74.04 -1.10
CA GLU F 715 51.15 73.11 -0.23
C GLU F 715 50.45 72.02 -1.03
N ALA F 716 49.83 72.40 -2.15
CA ALA F 716 49.13 71.41 -2.97
C ALA F 716 50.08 70.36 -3.52
N LEU F 717 51.22 70.80 -4.08
CA LEU F 717 52.20 69.86 -4.60
C LEU F 717 52.84 69.05 -3.49
N ARG F 718 53.06 69.66 -2.31
CA ARG F 718 53.56 68.90 -1.18
C ARG F 718 52.61 67.79 -0.81
N LEU F 719 51.31 68.10 -0.76
CA LEU F 719 50.32 67.07 -0.45
C LEU F 719 50.30 65.97 -1.51
N VAL F 720 50.37 66.35 -2.78
CA VAL F 720 50.36 65.36 -3.85
C VAL F 720 51.58 64.45 -3.75
N ARG F 721 52.76 65.04 -3.53
CA ARG F 721 53.97 64.25 -3.41
C ARG F 721 53.94 63.35 -2.19
N VAL F 722 53.38 63.84 -1.08
CA VAL F 722 53.27 63.01 0.12
C VAL F 722 52.33 61.85 -0.13
N SER F 723 51.22 62.10 -0.82
CA SER F 723 50.29 61.02 -1.14
C SER F 723 50.94 59.98 -2.04
N LYS F 724 51.72 60.43 -3.04
CA LYS F 724 52.45 59.49 -3.89
C LYS F 724 53.46 58.69 -3.07
N GLU F 725 54.16 59.35 -2.14
CA GLU F 725 55.13 58.66 -1.31
C GLU F 725 54.46 57.67 -0.38
N SER F 726 53.20 57.93 -0.01
CA SER F 726 52.46 57.01 0.85
C SER F 726 52.34 55.65 0.20
N LEU F 727 52.20 55.61 -1.12
CA LEU F 727 52.22 54.34 -1.85
C LEU F 727 53.57 53.65 -1.75
N TYR F 728 54.64 54.38 -1.44
CA TYR F 728 55.97 53.84 -1.30
C TYR F 728 56.45 53.87 0.15
N GLN F 729 55.52 53.77 1.10
CA GLN F 729 55.88 53.82 2.50
C GLN F 729 56.77 52.63 2.87
N GLU F 730 57.73 52.88 3.74
CA GLU F 730 58.69 51.87 4.18
C GLU F 730 59.43 51.24 3.01
N MET G 1 23.13 6.40 49.57
CA MET G 1 23.47 6.09 50.95
C MET G 1 24.18 4.75 51.03
N TYR G 2 23.64 3.84 51.84
CA TYR G 2 24.21 2.51 52.01
C TYR G 2 23.35 1.41 51.40
N GLY G 3 22.09 1.67 51.11
CA GLY G 3 21.19 0.69 50.54
C GLY G 3 21.13 0.69 49.03
N ASP G 4 22.00 1.45 48.35
CA ASP G 4 21.94 1.52 46.89
C ASP G 4 22.22 0.17 46.26
N LEU G 5 23.21 -0.56 46.80
CA LEU G 5 23.45 -1.92 46.32
C LEU G 5 22.23 -2.81 46.60
N GLY G 6 21.65 -2.69 47.79
CA GLY G 6 20.44 -3.44 48.08
C GLY G 6 19.28 -3.04 47.19
N ASN G 7 19.18 -1.75 46.87
CA ASN G 7 18.13 -1.29 45.98
C ASN G 7 18.28 -1.88 44.58
N LYS G 8 19.51 -1.92 44.08
CA LYS G 8 19.75 -2.59 42.80
C LYS G 8 19.42 -4.07 42.89
N LEU G 9 19.75 -4.70 44.03
CA LEU G 9 19.46 -6.11 44.20
C LEU G 9 17.96 -6.38 44.13
N VAL G 10 17.16 -5.58 44.83
CA VAL G 10 15.72 -5.82 44.83
C VAL G 10 15.12 -5.42 43.49
N LEU G 11 15.73 -4.46 42.78
CA LEU G 11 15.27 -4.17 41.43
C LEU G 11 15.48 -5.38 40.51
N GLU G 12 16.64 -6.03 40.62
CA GLU G 12 16.87 -7.24 39.84
C GLU G 12 15.93 -8.35 40.27
N ALA G 13 15.63 -8.44 41.57
CA ALA G 13 14.68 -9.43 42.05
C ALA G 13 13.30 -9.20 41.45
N LYS G 14 12.90 -7.92 41.33
CA LYS G 14 11.59 -7.61 40.70
C LYS G 14 11.61 -8.15 39.27
N ARG G 15 12.73 -7.97 38.58
CA ARG G 15 12.84 -8.42 37.17
C ARG G 15 12.65 -9.92 37.12
N THR G 16 13.35 -10.63 38.01
CA THR G 16 13.18 -12.09 38.09
C THR G 16 11.71 -12.37 38.39
N LYS G 17 11.09 -11.56 39.25
CA LYS G 17 9.68 -11.82 39.63
C LYS G 17 8.84 -11.83 38.36
N GLN G 18 8.71 -10.67 37.72
CA GLN G 18 7.89 -10.56 36.49
C GLN G 18 8.44 -11.54 35.45
N LEU G 19 9.77 -11.67 35.43
CA LEU G 19 10.40 -12.58 34.45
C LEU G 19 9.65 -13.90 34.53
N TYR G 20 9.72 -14.62 35.66
CA TYR G 20 9.10 -15.96 35.82
C TYR G 20 7.58 -15.89 35.77
N ALA G 21 6.98 -14.85 36.30
CA ALA G 21 5.52 -14.75 36.12
C ALA G 21 5.23 -15.10 34.66
N ARG G 22 5.67 -14.24 33.73
CA ARG G 22 5.40 -14.44 32.27
C ARG G 22 4.81 -15.82 31.99
N SER G 23 3.48 -15.91 31.88
CA SER G 23 2.81 -17.20 31.52
C SER G 23 3.46 -18.37 32.27
N ASN G 24 3.96 -19.35 31.52
CA ASN G 24 4.55 -20.56 32.15
C ASN G 24 5.72 -21.06 31.31
N GLN G 25 6.75 -20.22 31.13
CA GLN G 25 7.96 -20.69 30.42
C GLN G 25 8.82 -21.45 31.43
N ASP G 26 8.32 -21.64 32.65
CA ASP G 26 9.10 -22.31 33.71
C ASP G 26 10.56 -21.86 33.53
N VAL G 27 10.80 -20.55 33.59
CA VAL G 27 12.17 -20.04 33.29
C VAL G 27 13.10 -20.49 34.43
N ASN G 28 14.40 -20.61 34.16
CA ASN G 28 15.35 -20.95 35.25
C ASN G 28 15.74 -19.67 35.99
N LEU G 29 15.75 -19.72 37.32
CA LEU G 29 16.13 -18.53 38.12
C LEU G 29 17.39 -17.93 37.50
N PRO G 30 17.42 -16.63 37.15
CA PRO G 30 18.64 -16.02 36.64
C PRO G 30 19.79 -16.39 37.58
N MET G 31 20.95 -16.77 37.03
CA MET G 31 22.10 -17.15 37.88
C MET G 31 22.17 -16.22 39.09
N TYR G 32 22.48 -16.78 40.26
CA TYR G 32 22.55 -15.98 41.51
C TYR G 32 23.37 -14.73 41.25
N HIS G 33 22.93 -13.58 41.76
CA HIS G 33 23.76 -12.34 41.62
C HIS G 33 24.81 -12.35 42.71
N GLU G 34 25.79 -13.25 42.59
CA GLU G 34 26.79 -13.38 43.65
C GLU G 34 27.56 -12.09 43.86
N ASP G 35 27.90 -11.39 42.78
CA ASP G 35 28.73 -10.21 42.89
C ASP G 35 28.06 -9.12 43.72
N ILE G 36 26.77 -8.88 43.49
CA ILE G 36 26.06 -7.88 44.28
C ILE G 36 25.89 -8.34 45.72
N ILE G 37 25.68 -9.65 45.93
CA ILE G 37 25.58 -10.18 47.28
C ILE G 37 26.89 -9.95 48.03
N ARG G 38 28.02 -10.20 47.37
CA ARG G 38 29.31 -10.03 48.04
C ARG G 38 29.55 -8.59 48.43
N ASN G 39 29.19 -7.64 47.56
CA ASN G 39 29.44 -6.24 47.85
C ASN G 39 28.62 -5.76 49.05
N ILE G 40 27.33 -6.11 49.08
CA ILE G 40 26.48 -5.66 50.17
C ILE G 40 26.87 -6.36 51.47
N LEU G 41 27.25 -7.64 51.39
CA LEU G 41 27.77 -8.33 52.57
C LEU G 41 29.04 -7.67 53.07
N LYS G 42 29.93 -7.30 52.14
CA LYS G 42 31.12 -6.52 52.52
C LYS G 42 30.70 -5.15 53.05
N GLU G 43 29.66 -4.56 52.48
CA GLU G 43 29.14 -3.30 52.98
C GLU G 43 28.62 -3.45 54.41
N VAL G 44 28.01 -4.61 54.71
CA VAL G 44 27.56 -4.87 56.07
C VAL G 44 28.75 -4.99 57.02
N SER G 45 29.81 -5.68 56.58
CA SER G 45 30.98 -5.86 57.43
C SER G 45 31.61 -4.52 57.77
N ASN G 46 31.70 -3.61 56.81
CA ASN G 46 32.23 -2.28 57.09
C ASN G 46 31.37 -1.54 58.09
N LEU G 47 30.05 -1.66 57.97
CA LEU G 47 29.16 -1.01 58.94
C LEU G 47 29.32 -1.62 60.32
N ARG G 48 29.46 -2.94 60.41
CA ARG G 48 29.66 -3.58 61.71
C ARG G 48 30.99 -3.17 62.32
N LYS G 49 32.05 -3.09 61.50
CA LYS G 49 33.34 -2.64 62.01
C LYS G 49 33.28 -1.19 62.46
N ASN G 50 32.51 -0.36 61.76
CA ASN G 50 32.34 1.03 62.19
C ASN G 50 31.67 1.10 63.55
N THR G 51 30.67 0.26 63.79
CA THR G 51 30.06 0.20 65.11
C THR G 51 31.06 -0.25 66.16
N GLU G 52 31.84 -1.28 65.85
CA GLU G 52 32.87 -1.74 66.78
C GLU G 52 33.91 -0.65 67.03
N TYR G 53 34.33 0.04 65.96
CA TYR G 53 35.29 1.13 66.12
C TYR G 53 34.71 2.26 66.95
N LEU G 54 33.44 2.60 66.74
CA LEU G 54 32.84 3.69 67.50
C LEU G 54 32.62 3.30 68.96
N LYS G 55 32.22 2.06 69.21
CA LYS G 55 31.93 1.64 70.58
C LYS G 55 33.20 1.66 71.43
N GLU G 56 34.32 1.14 70.90
CA GLU G 56 35.57 1.17 71.64
C GLU G 56 36.08 2.60 71.79
N GLN G 57 35.90 3.43 70.77
CA GLN G 57 36.29 4.82 70.87
C GLN G 57 35.40 5.59 71.84
N GLN G 58 34.14 5.16 72.00
CA GLN G 58 33.27 5.80 72.97
C GLN G 58 33.71 5.52 74.39
N GLN G 59 34.19 4.30 74.65
CA GLN G 59 34.56 3.91 76.02
C GLN G 59 35.79 4.68 76.47
N LEU G 60 36.91 4.54 75.75
CA LEU G 60 38.13 5.23 76.13
C LEU G 60 37.97 6.74 75.99
N GLY G 61 37.29 7.19 74.93
CA GLY G 61 37.12 8.60 74.71
C GLY G 61 35.99 9.20 75.54
N MET G 62 35.87 10.52 75.45
CA MET G 62 34.82 11.26 76.16
C MET G 62 33.75 11.60 75.14
N LEU G 63 32.83 10.67 74.91
CA LEU G 63 31.74 10.83 73.96
C LEU G 63 30.43 10.97 74.71
N ASP G 64 29.69 12.03 74.41
CA ASP G 64 28.38 12.21 75.01
C ASP G 64 27.39 11.21 74.44
N ASP G 65 26.23 11.12 75.09
CA ASP G 65 25.22 10.15 74.67
C ASP G 65 24.69 10.46 73.29
N LYS G 66 24.70 11.73 72.89
CA LYS G 66 24.07 12.13 71.63
C LYS G 66 24.67 11.41 70.43
N VAL G 67 25.96 11.66 70.16
CA VAL G 67 26.57 11.08 68.98
C VAL G 67 26.71 9.58 69.10
N ALA G 68 27.06 9.08 70.29
CA ALA G 68 27.23 7.65 70.49
C ALA G 68 25.93 6.90 70.21
N LYS G 69 24.79 7.45 70.62
CA LYS G 69 23.51 6.84 70.30
C LYS G 69 23.17 7.01 68.82
N CYS G 70 23.37 8.21 68.28
CA CYS G 70 22.83 8.52 66.96
C CYS G 70 23.59 7.80 65.85
N GLN G 71 24.92 7.81 65.90
CA GLN G 71 25.69 7.13 64.86
C GLN G 71 25.41 5.63 64.88
N TYR G 72 25.37 5.03 66.07
CA TYR G 72 25.03 3.62 66.17
C TYR G 72 23.63 3.35 65.66
N PHE G 73 22.67 4.22 65.97
CA PHE G 73 21.30 4.02 65.55
C PHE G 73 21.19 4.06 64.04
N VAL G 74 21.85 5.03 63.40
CA VAL G 74 21.81 5.15 61.95
C VAL G 74 22.49 3.95 61.29
N THR G 75 23.63 3.51 61.83
CA THR G 75 24.30 2.34 61.26
C THR G 75 23.42 1.10 61.40
N LEU G 76 22.74 0.96 62.55
CA LEU G 76 21.82 -0.16 62.73
C LEU G 76 20.69 -0.11 61.72
N LEU G 77 20.15 1.07 61.46
CA LEU G 77 19.08 1.18 60.47
C LEU G 77 19.55 0.80 59.08
N CYS G 78 20.75 1.26 58.70
CA CYS G 78 21.29 0.90 57.39
C CYS G 78 21.51 -0.60 57.29
N MET G 79 22.02 -1.22 58.35
CA MET G 79 22.24 -2.66 58.35
C MET G 79 20.91 -3.41 58.24
N GLU G 80 19.88 -2.93 58.93
CA GLU G 80 18.57 -3.54 58.82
C GLU G 80 18.03 -3.44 57.40
N ARG G 81 18.21 -2.28 56.77
CA ARG G 81 17.74 -2.12 55.39
C ARG G 81 18.45 -3.08 54.44
N ASN G 82 19.76 -3.22 54.60
CA ASN G 82 20.50 -4.17 53.76
C ASN G 82 20.03 -5.59 54.02
N LYS G 83 19.79 -5.93 55.30
CA LYS G 83 19.26 -7.25 55.62
C LYS G 83 17.92 -7.49 54.94
N ARG G 84 17.06 -6.47 54.94
CA ARG G 84 15.75 -6.63 54.33
C ARG G 84 15.86 -6.85 52.82
N CYS G 85 16.74 -6.11 52.16
CA CYS G 85 16.93 -6.31 50.72
C CYS G 85 17.44 -7.71 50.42
N LEU G 86 18.45 -8.16 51.17
CA LEU G 86 18.96 -9.52 50.99
C LEU G 86 17.88 -10.55 51.25
N LEU G 87 17.09 -10.36 52.31
CA LEU G 87 16.05 -11.31 52.66
C LEU G 87 14.97 -11.37 51.59
N ALA G 88 14.57 -10.23 51.05
CA ALA G 88 13.56 -10.22 49.99
C ALA G 88 14.06 -10.95 48.76
N TYR G 89 15.30 -10.68 48.35
CA TYR G 89 15.86 -11.38 47.19
C TYR G 89 15.90 -12.88 47.43
N GLN G 90 16.42 -13.29 48.58
CA GLN G 90 16.53 -14.72 48.87
C GLN G 90 15.16 -15.38 48.96
N ARG G 91 14.18 -14.68 49.53
CA ARG G 91 12.85 -15.24 49.68
C ARG G 91 12.15 -15.40 48.33
N LEU G 92 12.33 -14.44 47.42
CA LEU G 92 11.79 -14.64 46.08
C LEU G 92 12.44 -15.83 45.39
N ARG G 93 13.76 -15.96 45.50
CA ARG G 93 14.41 -17.09 44.87
C ARG G 93 13.92 -18.40 45.48
N THR G 94 13.72 -18.42 46.80
CA THR G 94 13.22 -19.62 47.48
C THR G 94 11.80 -19.96 47.03
N ASP G 95 10.94 -18.94 46.89
CA ASP G 95 9.59 -19.19 46.44
C ASP G 95 9.56 -19.76 45.03
N ILE G 96 10.39 -19.22 44.13
CA ILE G 96 10.45 -19.75 42.79
C ILE G 96 10.99 -21.17 42.80
N LEU G 97 11.97 -21.45 43.66
CA LEU G 97 12.49 -22.81 43.78
C LEU G 97 11.41 -23.77 44.26
N ASP G 98 10.60 -23.35 45.24
CA ASP G 98 9.52 -24.19 45.72
C ASP G 98 8.51 -24.47 44.61
N SER G 99 8.16 -23.44 43.84
CA SER G 99 7.23 -23.64 42.73
C SER G 99 7.80 -24.62 41.72
N MET G 100 9.08 -24.46 41.38
CA MET G 100 9.70 -25.37 40.43
C MET G 100 9.72 -26.80 40.96
N ALA G 101 10.04 -26.98 42.24
CA ALA G 101 10.08 -28.32 42.81
C ALA G 101 8.71 -28.96 42.78
N TRP G 102 7.68 -28.22 43.20
CA TRP G 102 6.33 -28.79 43.22
C TRP G 102 5.86 -29.14 41.83
N ASN G 103 6.12 -28.28 40.85
CA ASN G 103 5.64 -28.54 39.50
C ASN G 103 6.44 -29.62 38.78
N ASN G 104 7.74 -29.75 39.09
CA ASN G 104 8.61 -30.66 38.36
C ASN G 104 8.88 -31.96 39.10
N ASN G 105 8.30 -32.17 40.28
CA ASN G 105 8.41 -33.48 40.90
C ASN G 105 7.83 -34.57 39.99
N GLY G 106 6.88 -34.22 39.15
CA GLY G 106 6.36 -35.10 38.13
C GLY G 106 6.88 -34.82 36.73
N LEU G 107 7.82 -33.88 36.56
CA LEU G 107 8.32 -33.51 35.25
C LEU G 107 9.79 -33.87 35.07
N ASP G 108 10.67 -33.36 35.93
CA ASP G 108 12.10 -33.59 35.80
C ASP G 108 12.79 -33.08 37.06
N LEU G 109 13.99 -33.60 37.28
CA LEU G 109 14.85 -33.18 38.40
C LEU G 109 16.08 -32.52 37.82
N MET G 110 15.99 -31.21 37.58
CA MET G 110 17.09 -30.44 37.01
C MET G 110 17.26 -29.11 37.74
N ASP G 119 19.69 -25.98 33.69
CA ASP G 119 21.04 -25.87 34.26
C ASP G 119 20.98 -25.57 35.76
N THR G 120 21.56 -26.46 36.56
CA THR G 120 21.57 -26.28 38.00
C THR G 120 22.69 -25.35 38.47
N ASN G 121 23.56 -24.91 37.58
CA ASN G 121 24.63 -23.99 37.97
C ASN G 121 24.12 -22.60 38.30
N ASN G 122 22.86 -22.29 37.99
CA ASN G 122 22.28 -21.00 38.34
C ASN G 122 22.04 -20.85 39.84
N LEU G 123 22.20 -21.91 40.61
CA LEU G 123 21.89 -21.92 42.03
C LEU G 123 23.18 -21.98 42.85
N SER G 124 23.20 -21.25 43.95
CA SER G 124 24.33 -21.33 44.86
C SER G 124 24.34 -22.68 45.57
N HIS G 125 25.40 -22.94 46.32
CA HIS G 125 25.49 -24.21 47.05
C HIS G 125 24.36 -24.34 48.06
N GLN G 126 24.08 -23.26 48.80
CA GLN G 126 22.99 -23.30 49.77
C GLN G 126 21.65 -23.59 49.08
N GLU G 127 21.41 -22.92 47.96
CA GLU G 127 20.15 -23.12 47.25
C GLU G 127 20.05 -24.52 46.66
N GLN G 128 21.17 -25.05 46.16
CA GLN G 128 21.16 -26.41 45.64
C GLN G 128 20.85 -27.42 46.75
N GLU G 129 21.48 -27.24 47.92
CA GLU G 129 21.18 -28.12 49.04
C GLU G 129 19.72 -27.99 49.48
N TYR G 130 19.20 -26.76 49.48
CA TYR G 130 17.81 -26.53 49.87
C TYR G 130 16.86 -27.25 48.93
N LEU G 131 17.08 -27.13 47.61
CA LEU G 131 16.22 -27.81 46.66
C LEU G 131 16.34 -29.33 46.80
N LYS G 132 17.57 -29.83 47.00
CA LYS G 132 17.78 -31.26 47.08
C LYS G 132 17.06 -31.85 48.30
N GLU G 133 17.10 -31.15 49.43
CA GLU G 133 16.36 -31.65 50.58
C GLU G 133 14.87 -31.42 50.45
N TYR G 134 14.47 -30.36 49.74
CA TYR G 134 13.05 -30.05 49.61
C TYR G 134 12.34 -31.11 48.78
N CYS G 135 13.02 -31.63 47.75
CA CYS G 135 12.45 -32.75 47.02
C CYS G 135 12.21 -33.94 47.94
N ASP G 136 13.16 -34.22 48.83
CA ASP G 136 12.99 -35.31 49.79
C ASP G 136 11.84 -35.05 50.74
N LEU G 137 11.70 -33.80 51.19
CA LEU G 137 10.59 -33.45 52.08
C LEU G 137 9.25 -33.65 51.37
N ILE G 138 9.16 -33.24 50.10
CA ILE G 138 7.93 -33.44 49.34
C ILE G 138 7.63 -34.91 49.21
N THR G 139 8.65 -35.72 48.92
CA THR G 139 8.41 -37.16 48.81
C THR G 139 7.99 -37.77 50.13
N ASP G 140 8.51 -37.24 51.24
CA ASP G 140 8.06 -37.68 52.56
C ASP G 140 6.59 -37.37 52.78
N LEU G 141 6.16 -36.17 52.38
CA LEU G 141 4.75 -35.82 52.47
C LEU G 141 3.90 -36.75 51.62
N LYS G 142 4.35 -37.04 50.40
CA LYS G 142 3.60 -37.92 49.49
C LYS G 142 3.58 -39.35 49.94
N SER G 143 4.22 -39.70 51.05
CA SER G 143 4.26 -41.08 51.52
C SER G 143 3.81 -41.26 52.96
N GLY G 144 3.75 -40.20 53.76
CA GLY G 144 3.39 -40.37 55.16
C GLY G 144 1.98 -40.89 55.39
N ASP G 145 0.98 -40.07 55.09
CA ASP G 145 -0.41 -40.48 55.27
C ASP G 145 -1.21 -40.23 54.01
N LEU G 146 -0.88 -39.16 53.31
CA LEU G 146 -1.57 -38.78 52.08
C LEU G 146 -0.98 -39.53 50.90
N VAL G 147 -0.89 -40.84 51.01
CA VAL G 147 -0.27 -41.67 49.97
C VAL G 147 -1.35 -42.12 48.99
N ASP G 148 -2.59 -42.21 49.46
CA ASP G 148 -3.68 -42.59 48.59
C ASP G 148 -3.87 -41.57 47.47
N ILE G 149 -3.85 -40.30 47.81
CA ILE G 149 -3.92 -39.23 46.82
C ILE G 149 -2.49 -38.90 46.40
N ASP G 150 -2.33 -38.50 45.14
CA ASP G 150 -1.02 -38.10 44.63
C ASP G 150 -0.86 -36.62 44.91
N LEU G 151 -0.15 -36.30 45.99
CA LEU G 151 -0.03 -34.90 46.41
C LEU G 151 0.71 -34.06 45.40
N SER G 152 1.55 -34.66 44.57
CA SER G 152 2.28 -33.93 43.54
C SER G 152 1.54 -33.88 42.22
N GLY G 153 0.33 -34.41 42.15
CA GLY G 153 -0.41 -34.46 40.91
C GLY G 153 -0.85 -33.09 40.44
N SER G 154 -1.50 -33.09 39.28
CA SER G 154 -1.96 -31.84 38.68
C SER G 154 -3.07 -31.22 39.50
N LEU G 155 -3.09 -29.89 39.53
CA LEU G 155 -4.14 -29.15 40.22
C LEU G 155 -5.31 -28.78 39.33
N VAL G 156 -5.28 -29.15 38.05
CA VAL G 156 -6.43 -28.94 37.18
C VAL G 156 -7.47 -30.02 37.47
N PRO G 157 -8.74 -29.67 37.59
CA PRO G 157 -9.75 -30.68 37.92
C PRO G 157 -9.85 -31.71 36.82
N PRO G 158 -10.15 -32.96 37.16
CA PRO G 158 -10.25 -34.03 36.16
C PRO G 158 -11.60 -34.02 35.43
N SER G 159 -11.69 -33.17 34.41
CA SER G 159 -12.94 -33.02 33.68
C SER G 159 -13.35 -34.32 33.00
N ASP G 160 -12.54 -34.78 32.05
CA ASP G 160 -12.86 -35.93 31.22
C ASP G 160 -12.00 -37.14 31.56
N VAL G 161 -12.65 -38.29 31.70
CA VAL G 161 -11.93 -39.50 32.11
C VAL G 161 -11.11 -40.06 30.96
N PHE G 162 -11.63 -39.99 29.74
CA PHE G 162 -10.99 -40.59 28.57
C PHE G 162 -10.50 -39.49 27.64
N ILE G 163 -9.22 -39.54 27.28
CA ILE G 163 -8.63 -38.57 26.38
C ILE G 163 -7.84 -39.31 25.32
N ASP G 164 -7.54 -38.61 24.23
CA ASP G 164 -6.68 -39.10 23.18
C ASP G 164 -5.39 -38.29 23.13
N VAL G 165 -4.27 -39.00 22.96
CA VAL G 165 -2.95 -38.39 23.06
C VAL G 165 -2.13 -38.79 21.85
N ARG G 166 -1.13 -37.96 21.54
CA ARG G 166 -0.21 -38.20 20.46
C ARG G 166 1.21 -38.25 21.02
N VAL G 167 1.98 -39.26 20.62
CA VAL G 167 3.31 -39.47 21.18
C VAL G 167 4.28 -38.51 20.53
N LEU G 168 4.91 -37.67 21.33
CA LEU G 168 5.87 -36.69 20.81
C LEU G 168 7.24 -37.32 20.61
N LYS G 169 7.85 -37.79 21.69
CA LYS G 169 9.17 -38.41 21.64
C LYS G 169 9.03 -39.91 21.78
N ASP G 170 9.71 -40.65 20.91
CA ASP G 170 9.68 -42.10 20.99
C ASP G 170 10.30 -42.56 22.29
N ALA G 171 9.63 -43.51 22.96
CA ALA G 171 10.12 -44.07 24.21
C ALA G 171 10.05 -45.59 24.21
N GLY G 172 10.01 -46.21 23.04
CA GLY G 172 9.97 -47.66 22.95
C GLY G 172 8.69 -48.24 23.52
N GLU G 173 8.79 -48.88 24.68
CA GLU G 173 7.65 -49.51 25.32
C GLU G 173 7.68 -49.22 26.81
N ILE G 174 6.53 -48.87 27.36
CA ILE G 174 6.39 -48.54 28.77
C ILE G 174 5.22 -49.32 29.35
N GLN G 175 5.46 -49.98 30.49
CA GLN G 175 4.45 -50.80 31.12
C GLN G 175 3.47 -49.95 31.92
N THR G 176 2.19 -50.11 31.65
CA THR G 176 1.14 -49.45 32.42
C THR G 176 0.71 -50.37 33.56
N GLU G 177 -0.40 -50.04 34.22
CA GLU G 177 -0.82 -50.81 35.37
C GLU G 177 -1.22 -52.23 34.99
N TYR G 178 -1.94 -52.40 33.89
CA TYR G 178 -2.45 -53.72 33.50
C TYR G 178 -1.83 -54.21 32.21
N GLY G 179 -1.95 -53.46 31.13
CA GLY G 179 -1.38 -53.85 29.85
C GLY G 179 -0.03 -53.22 29.62
N VAL G 180 0.14 -52.58 28.47
CA VAL G 180 1.40 -51.93 28.14
C VAL G 180 1.13 -50.90 27.05
N PHE G 181 1.96 -49.86 27.02
CA PHE G 181 1.87 -48.81 26.03
C PHE G 181 3.10 -48.86 25.13
N ASN G 182 2.88 -48.94 23.83
CA ASN G 182 3.95 -48.95 22.84
C ASN G 182 4.07 -47.53 22.31
N LEU G 183 4.96 -46.75 22.92
CA LEU G 183 5.09 -45.33 22.60
C LEU G 183 5.83 -45.15 21.28
N ILE G 184 5.16 -45.55 20.20
CA ILE G 184 5.67 -45.31 18.86
C ILE G 184 5.48 -43.83 18.54
N LYS G 185 6.51 -43.20 17.98
CA LYS G 185 6.44 -41.78 17.70
C LYS G 185 5.35 -41.50 16.66
N ASP G 186 4.63 -40.39 16.87
CA ASP G 186 3.56 -39.96 15.99
C ASP G 186 2.49 -41.03 15.83
N SER G 187 2.14 -41.68 16.93
CA SER G 187 1.01 -42.59 17.00
C SER G 187 0.05 -42.09 18.05
N GLN G 188 -1.25 -42.17 17.76
CA GLN G 188 -2.27 -41.60 18.62
C GLN G 188 -2.96 -42.68 19.43
N PHE G 189 -3.12 -42.43 20.72
CA PHE G 189 -3.82 -43.32 21.63
C PHE G 189 -5.22 -42.79 21.93
N PHE G 190 -6.01 -43.63 22.59
CA PHE G 190 -7.26 -43.21 23.21
C PHE G 190 -7.35 -43.97 24.52
N VAL G 191 -6.89 -43.33 25.59
CA VAL G 191 -6.71 -44.00 26.88
C VAL G 191 -7.28 -43.10 27.97
N ARG G 192 -7.42 -43.68 29.16
CA ARG G 192 -7.88 -42.91 30.31
C ARG G 192 -6.84 -41.88 30.71
N GLN G 193 -7.32 -40.69 31.07
CA GLN G 193 -6.41 -39.61 31.44
C GLN G 193 -5.64 -39.91 32.71
N SER G 194 -6.06 -40.92 33.48
CA SER G 194 -5.43 -41.20 34.76
C SER G 194 -4.03 -41.76 34.59
N ASP G 195 -3.83 -42.68 33.66
CA ASP G 195 -2.59 -43.44 33.58
C ASP G 195 -1.56 -42.82 32.62
N VAL G 196 -1.84 -41.65 32.07
CA VAL G 196 -0.90 -40.98 31.18
C VAL G 196 -0.57 -39.56 31.65
N GLU G 197 -1.04 -39.18 32.84
CA GLU G 197 -0.81 -37.82 33.32
C GLU G 197 0.68 -37.54 33.50
N ARG G 198 1.42 -38.49 34.08
CA ARG G 198 2.84 -38.29 34.29
C ARG G 198 3.59 -38.16 32.97
N LEU G 199 3.24 -38.99 31.99
CA LEU G 199 3.91 -38.91 30.68
C LEU G 199 3.60 -37.59 29.99
N ILE G 200 2.35 -37.14 30.07
CA ILE G 200 1.98 -35.87 29.46
C ILE G 200 2.74 -34.73 30.11
N GLN G 201 2.82 -34.74 31.45
CA GLN G 201 3.54 -33.69 32.16
C GLN G 201 5.04 -33.72 31.82
N GLN G 202 5.62 -34.91 31.73
CA GLN G 202 7.04 -35.02 31.43
C GLN G 202 7.37 -34.48 30.05
N GLY G 203 6.52 -34.76 29.06
CA GLY G 203 6.73 -34.27 27.72
C GLY G 203 6.84 -35.33 26.66
N TYR G 204 6.21 -36.49 26.89
CA TYR G 204 6.21 -37.56 25.92
C TYR G 204 4.91 -37.65 25.12
N LEU G 205 3.79 -37.26 25.73
CA LEU G 205 2.50 -37.22 25.05
C LEU G 205 2.01 -35.78 25.02
N GLN G 206 1.21 -35.44 24.01
CA GLN G 206 0.89 -34.05 23.74
C GLN G 206 -0.59 -33.72 23.94
N LYS G 207 -1.48 -34.41 23.24
CA LYS G 207 -2.85 -33.92 23.09
C LYS G 207 -3.58 -33.93 24.43
N ILE G 208 -4.11 -32.77 24.81
CA ILE G 208 -4.96 -32.56 25.99
C ILE G 208 -4.42 -33.24 27.25
N MET H 1 5.54 -21.74 45.12
CA MET H 1 5.12 -22.57 46.24
C MET H 1 4.18 -23.67 45.79
N SER H 2 3.50 -24.31 46.75
CA SER H 2 2.63 -25.43 46.43
C SER H 2 1.48 -25.01 45.54
N LEU H 3 0.90 -23.84 45.80
CA LEU H 3 -0.24 -23.39 45.05
C LEU H 3 0.17 -22.29 44.09
N PRO H 4 -0.07 -22.44 42.79
CA PRO H 4 0.42 -21.46 41.81
C PRO H 4 -0.16 -20.07 42.05
N ALA H 5 0.45 -19.09 41.38
CA ALA H 5 0.08 -17.70 41.59
C ALA H 5 -1.34 -17.42 41.13
N HIS H 6 -1.73 -17.96 39.98
CA HIS H 6 -3.06 -17.68 39.44
C HIS H 6 -4.16 -18.41 40.20
N LEU H 7 -3.82 -19.27 41.14
CA LEU H 7 -4.80 -19.97 41.97
C LEU H 7 -4.76 -19.49 43.41
N GLN H 8 -4.18 -18.33 43.66
CA GLN H 8 -3.94 -17.89 45.03
C GLN H 8 -5.25 -17.70 45.81
N GLN H 9 -6.08 -16.75 45.37
CA GLN H 9 -7.28 -16.40 46.11
C GLN H 9 -8.55 -16.51 45.27
N THR H 10 -8.47 -17.07 44.07
CA THR H 10 -9.61 -17.22 43.19
C THR H 10 -9.72 -18.66 42.75
N PHE H 11 -10.78 -18.96 42.01
CA PHE H 11 -10.99 -20.25 41.39
C PHE H 11 -10.78 -20.13 39.89
N SER H 12 -9.98 -21.02 39.32
CA SER H 12 -9.91 -21.08 37.87
C SER H 12 -11.28 -21.53 37.34
N PRO H 13 -11.66 -21.08 36.14
CA PRO H 13 -12.97 -21.46 35.61
C PRO H 13 -13.16 -22.95 35.51
N GLU H 14 -12.07 -23.71 35.33
CA GLU H 14 -12.19 -25.16 35.36
C GLU H 14 -12.65 -25.65 36.72
N GLU H 15 -12.19 -25.02 37.80
CA GLU H 15 -12.66 -25.39 39.12
C GLU H 15 -14.11 -25.00 39.33
N ILE H 16 -14.55 -23.90 38.73
CA ILE H 16 -15.97 -23.53 38.79
C ILE H 16 -16.82 -24.57 38.07
N GLN H 17 -16.35 -25.02 36.91
CA GLN H 17 -17.06 -26.08 36.19
C GLN H 17 -17.08 -27.36 37.02
N PHE H 18 -15.97 -27.66 37.70
CA PHE H 18 -15.92 -28.82 38.58
C PHE H 18 -16.94 -28.71 39.69
N ILE H 19 -17.06 -27.53 40.30
CA ILE H 19 -18.04 -27.34 41.37
C ILE H 19 -19.46 -27.50 40.82
N VAL H 20 -19.72 -26.94 39.65
CA VAL H 20 -21.06 -27.02 39.08
C VAL H 20 -21.42 -28.47 38.73
N GLU H 21 -20.43 -29.24 38.29
CA GLU H 21 -20.70 -30.61 37.85
C GLU H 21 -21.13 -31.52 38.99
N ASN H 22 -21.06 -31.08 40.23
CA ASN H 22 -21.52 -31.88 41.36
C ASN H 22 -22.99 -31.67 41.68
N GLU H 23 -23.67 -30.78 40.97
CA GLU H 23 -25.07 -30.54 41.24
C GLU H 23 -25.93 -31.58 40.53
N PRO H 24 -27.00 -32.04 41.17
CA PRO H 24 -27.88 -33.03 40.51
C PRO H 24 -28.61 -32.44 39.33
N ILE H 25 -28.83 -33.29 38.32
CA ILE H 25 -29.62 -32.94 37.14
C ILE H 25 -30.54 -34.11 36.81
N LYS H 26 -31.60 -33.81 36.08
CA LYS H 26 -32.60 -34.80 35.70
C LYS H 26 -32.32 -35.32 34.30
N ILE H 27 -32.34 -36.64 34.14
CA ILE H 27 -31.98 -37.28 32.88
C ILE H 27 -33.03 -38.30 32.50
N PHE H 28 -33.08 -38.62 31.21
CA PHE H 28 -33.88 -39.72 30.69
C PHE H 28 -32.95 -40.86 30.30
N PRO H 29 -32.86 -41.94 31.06
CA PRO H 29 -31.90 -42.99 30.76
C PRO H 29 -32.25 -43.71 29.46
N ARG H 30 -31.20 -44.15 28.76
CA ARG H 30 -31.35 -45.03 27.62
C ARG H 30 -30.98 -46.46 27.94
N ILE H 31 -30.65 -46.76 29.20
CA ILE H 31 -30.37 -48.12 29.63
C ILE H 31 -31.34 -48.46 30.75
N THR H 32 -31.21 -49.65 31.32
CA THR H 32 -32.04 -50.05 32.43
C THR H 32 -31.21 -50.94 33.37
N THR H 33 -30.83 -50.39 34.51
CA THR H 33 -30.06 -51.13 35.50
C THR H 33 -30.93 -51.71 36.61
N ARG H 34 -32.25 -51.53 36.53
CA ARG H 34 -33.15 -52.06 37.54
C ARG H 34 -33.21 -53.58 37.41
N GLN H 35 -32.67 -54.28 38.42
CA GLN H 35 -32.67 -55.74 38.40
C GLN H 35 -34.09 -56.26 38.48
N LYS H 36 -34.42 -57.21 37.61
CA LYS H 36 -35.75 -57.80 37.61
C LYS H 36 -35.89 -58.78 38.77
N ILE H 37 -37.15 -59.16 39.04
CA ILE H 37 -37.42 -60.12 40.10
C ILE H 37 -36.80 -61.47 39.76
N ARG H 38 -36.95 -61.91 38.52
CA ARG H 38 -36.45 -63.22 38.10
C ARG H 38 -34.93 -63.20 37.97
N ASN H 46 -23.04 -61.94 37.24
CA ASN H 46 -24.17 -61.08 37.55
C ASN H 46 -23.93 -59.67 37.04
N HIS H 47 -24.29 -58.68 37.87
CA HIS H 47 -24.14 -57.27 37.51
C HIS H 47 -23.44 -56.53 38.64
N THR H 48 -22.72 -55.47 38.28
CA THR H 48 -21.96 -54.68 39.23
C THR H 48 -22.69 -53.36 39.48
N ARG H 49 -22.90 -53.03 40.74
CA ARG H 49 -23.58 -51.80 41.11
C ARG H 49 -22.57 -50.67 41.30
N TRP H 50 -23.09 -49.44 41.25
CA TRP H 50 -22.21 -48.27 41.26
C TRP H 50 -21.48 -48.12 42.59
N GLN H 51 -22.22 -48.18 43.70
CA GLN H 51 -21.70 -48.02 45.07
C GLN H 51 -20.61 -46.94 45.15
N LEU H 52 -20.99 -45.72 44.79
CA LEU H 52 -20.10 -44.58 44.88
C LEU H 52 -20.02 -44.08 46.33
N ILE H 53 -19.09 -43.16 46.57
CA ILE H 53 -18.80 -42.71 47.93
C ILE H 53 -19.03 -41.21 48.11
N THR H 54 -19.15 -40.47 47.02
CA THR H 54 -19.39 -39.04 47.14
C THR H 54 -20.75 -38.61 46.65
N THR H 55 -21.66 -39.55 46.39
CA THR H 55 -23.01 -39.22 45.99
C THR H 55 -23.92 -40.40 46.31
N ASP H 56 -25.15 -40.34 45.82
CA ASP H 56 -26.14 -41.38 46.07
C ASP H 56 -26.23 -42.28 44.85
N ASP H 57 -25.98 -43.57 45.06
CA ASP H 57 -26.05 -44.57 44.00
C ASP H 57 -27.44 -45.16 43.84
N LYS H 58 -28.39 -44.77 44.69
CA LYS H 58 -29.72 -45.38 44.64
C LYS H 58 -30.41 -45.11 43.31
N ALA H 59 -30.33 -43.87 42.81
CA ALA H 59 -30.98 -43.53 41.56
C ALA H 59 -30.26 -44.09 40.35
N LEU H 60 -29.04 -44.61 40.51
CA LEU H 60 -28.31 -45.17 39.39
C LEU H 60 -28.54 -46.66 39.22
N ASN H 61 -28.69 -47.39 40.33
CA ASN H 61 -28.99 -48.82 40.24
C ASN H 61 -30.44 -49.08 39.90
N ASN H 62 -31.29 -48.05 39.85
CA ASN H 62 -32.70 -48.21 39.57
C ASN H 62 -33.13 -47.43 38.33
N MET H 63 -32.23 -47.26 37.37
CA MET H 63 -32.60 -46.58 36.14
C MET H 63 -33.51 -47.47 35.29
N VAL H 64 -34.58 -46.89 34.77
CA VAL H 64 -35.47 -47.56 33.84
C VAL H 64 -35.55 -46.69 32.59
N ALA H 65 -35.40 -47.30 31.43
CA ALA H 65 -35.29 -46.55 30.18
C ALA H 65 -36.49 -45.63 30.00
N MET H 66 -36.20 -44.38 29.63
CA MET H 66 -37.21 -43.35 29.42
C MET H 66 -38.07 -43.14 30.66
N ARG H 67 -37.45 -43.21 31.83
CA ARG H 67 -38.09 -42.87 33.10
C ARG H 67 -37.17 -41.89 33.82
N SER H 68 -37.60 -40.64 33.92
CA SER H 68 -36.72 -39.57 34.38
C SER H 68 -36.29 -39.79 35.83
N THR H 69 -34.99 -39.73 36.06
CA THR H 69 -34.40 -39.77 37.39
C THR H 69 -33.53 -38.54 37.57
N GLU H 70 -32.85 -38.46 38.71
CA GLU H 70 -31.92 -37.37 38.98
C GLU H 70 -30.57 -37.96 39.38
N VAL H 71 -29.54 -37.59 38.63
CA VAL H 71 -28.17 -38.03 38.92
C VAL H 71 -27.28 -36.80 38.95
N VAL H 72 -26.11 -36.97 39.57
CA VAL H 72 -25.15 -35.88 39.64
C VAL H 72 -24.66 -35.57 38.23
N LEU H 73 -24.40 -34.28 37.98
CA LEU H 73 -24.19 -33.82 36.61
C LEU H 73 -22.98 -34.47 35.97
N TRP H 74 -21.90 -34.67 36.71
CA TRP H 74 -20.71 -35.26 36.12
C TRP H 74 -20.91 -36.72 35.71
N ILE H 75 -21.97 -37.36 36.21
CA ILE H 75 -22.33 -38.70 35.77
C ILE H 75 -23.29 -38.65 34.59
N ALA H 76 -24.20 -37.67 34.60
CA ALA H 76 -25.06 -37.47 33.44
C ALA H 76 -24.23 -37.19 32.20
N LEU H 77 -23.20 -36.37 32.32
CA LEU H 77 -22.32 -36.12 31.18
C LEU H 77 -21.58 -37.38 30.77
N LEU H 78 -21.14 -38.18 31.75
CA LEU H 78 -20.42 -39.40 31.43
C LEU H 78 -21.29 -40.37 30.64
N LEU H 79 -22.56 -40.48 31.01
CA LEU H 79 -23.47 -41.32 30.24
C LEU H 79 -23.80 -40.69 28.89
N LYS H 80 -23.94 -39.37 28.85
CA LYS H 80 -24.21 -38.68 27.59
C LYS H 80 -23.03 -38.74 26.64
N GLN H 81 -21.84 -39.11 27.12
CA GLN H 81 -20.72 -39.34 26.21
C GLN H 81 -21.05 -40.46 25.23
N GLN H 82 -21.64 -41.54 25.72
CA GLN H 82 -22.27 -42.52 24.86
C GLN H 82 -23.69 -42.04 24.54
N SER H 83 -24.52 -42.91 23.97
CA SER H 83 -25.93 -42.59 23.77
C SER H 83 -26.80 -43.18 24.87
N LYS H 84 -26.28 -43.25 26.10
CA LYS H 84 -26.90 -44.03 27.16
C LYS H 84 -27.73 -43.18 28.13
N CYS H 85 -27.94 -41.90 27.82
CA CYS H 85 -28.89 -41.09 28.58
C CYS H 85 -29.30 -39.91 27.71
N SER H 86 -30.08 -39.02 28.30
CA SER H 86 -30.51 -37.80 27.61
C SER H 86 -30.78 -36.74 28.67
N ILE H 87 -29.88 -35.76 28.78
CA ILE H 87 -29.99 -34.76 29.83
C ILE H 87 -31.20 -33.88 29.57
N VAL H 88 -32.03 -33.72 30.59
CA VAL H 88 -33.20 -32.85 30.49
C VAL H 88 -32.79 -31.45 30.89
N ALA H 89 -33.03 -30.49 30.00
CA ALA H 89 -32.68 -29.11 30.29
C ALA H 89 -33.51 -28.59 31.45
N PRO H 90 -32.92 -27.83 32.36
CA PRO H 90 -33.69 -27.26 33.47
C PRO H 90 -34.74 -26.28 32.97
N GLN H 91 -35.78 -26.08 33.78
CA GLN H 91 -36.91 -25.27 33.34
C GLN H 91 -36.50 -23.84 33.03
N TRP H 92 -35.48 -23.32 33.73
CA TRP H 92 -35.06 -21.95 33.49
C TRP H 92 -34.34 -21.79 32.15
N LEU H 93 -33.98 -22.88 31.49
CA LEU H 93 -33.21 -22.84 30.24
C LEU H 93 -34.11 -22.98 29.03
N THR H 94 -35.30 -22.39 29.07
CA THR H 94 -36.20 -22.39 27.93
C THR H 94 -36.38 -20.96 27.45
N THR H 95 -36.81 -20.82 26.20
CA THR H 95 -36.98 -19.50 25.60
C THR H 95 -37.96 -18.64 26.36
N LYS H 96 -39.08 -19.21 26.82
CA LYS H 96 -40.06 -18.43 27.56
C LYS H 96 -39.46 -17.87 28.86
N GLU H 97 -38.78 -18.72 29.64
CA GLU H 97 -38.21 -18.27 30.90
C GLU H 97 -37.05 -17.30 30.67
N LEU H 98 -36.23 -17.53 29.64
CA LEU H 98 -35.16 -16.59 29.35
C LEU H 98 -35.72 -15.24 28.95
N ASP H 99 -36.78 -15.22 28.15
CA ASP H 99 -37.43 -13.95 27.82
C ASP H 99 -38.00 -13.28 29.05
N ARG H 100 -38.58 -14.06 29.96
CA ARG H 100 -39.10 -13.48 31.20
C ARG H 100 -37.98 -12.86 32.02
N LYS H 101 -36.84 -13.54 32.12
CA LYS H 101 -35.71 -12.99 32.87
C LYS H 101 -35.14 -11.76 32.19
N ILE H 102 -35.08 -11.74 30.86
CA ILE H 102 -34.60 -10.56 30.16
C ILE H 102 -35.53 -9.38 30.40
N GLN H 103 -36.84 -9.63 30.38
CA GLN H 103 -37.79 -8.57 30.70
C GLN H 103 -37.62 -8.07 32.13
N TYR H 104 -37.37 -8.98 33.06
CA TYR H 104 -37.11 -8.57 34.44
C TYR H 104 -35.88 -7.69 34.52
N GLU H 105 -34.81 -8.06 33.82
CA GLU H 105 -33.60 -7.25 33.83
C GLU H 105 -33.84 -5.87 33.23
N LYS H 106 -34.56 -5.81 32.11
CA LYS H 106 -34.83 -4.52 31.48
C LYS H 106 -35.81 -3.68 32.29
N THR H 107 -36.61 -4.29 33.17
CA THR H 107 -37.59 -3.56 33.95
C THR H 107 -37.02 -3.03 35.26
N HIS H 108 -36.07 -3.72 35.88
CA HIS H 108 -35.49 -3.32 37.16
C HIS H 108 -34.00 -3.05 36.95
N PRO H 109 -33.62 -1.81 36.68
CA PRO H 109 -32.22 -1.50 36.39
C PRO H 109 -31.33 -1.39 37.62
N ASP H 110 -31.81 -1.71 38.81
CA ASP H 110 -31.01 -1.60 40.01
C ASP H 110 -30.61 -2.94 40.62
N ARG H 111 -31.31 -4.02 40.28
CA ARG H 111 -31.03 -5.32 40.86
C ARG H 111 -31.01 -6.39 39.78
N PHE H 112 -30.26 -7.45 40.04
CA PHE H 112 -30.13 -8.54 39.09
C PHE H 112 -31.35 -9.45 39.13
N SER H 113 -31.54 -10.22 38.07
CA SER H 113 -32.62 -11.20 38.01
C SER H 113 -32.24 -12.42 38.83
N GLU H 114 -33.25 -13.23 39.13
CA GLU H 114 -33.07 -14.39 40.01
C GLU H 114 -32.65 -15.64 39.25
N LEU H 115 -31.60 -15.52 38.47
CA LEU H 115 -31.11 -16.70 37.76
C LEU H 115 -30.34 -17.60 38.73
N PRO H 116 -30.32 -18.90 38.48
CA PRO H 116 -29.56 -19.80 39.34
C PRO H 116 -28.08 -19.48 39.32
N TRP H 117 -27.41 -19.78 40.42
CA TRP H 117 -26.01 -19.41 40.58
C TRP H 117 -25.11 -20.03 39.51
N ASN H 118 -25.52 -21.13 38.90
CA ASN H 118 -24.70 -21.84 37.92
C ASN H 118 -25.22 -21.67 36.50
N TRP H 119 -25.95 -20.59 36.22
CA TRP H 119 -26.64 -20.52 34.94
C TRP H 119 -25.66 -20.44 33.78
N LEU H 120 -24.59 -19.66 33.90
CA LEU H 120 -23.62 -19.57 32.82
C LEU H 120 -22.89 -20.88 32.60
N VAL H 121 -22.37 -21.48 33.68
CA VAL H 121 -21.62 -22.72 33.56
C VAL H 121 -22.52 -23.84 33.04
N LEU H 122 -23.73 -23.96 33.60
CA LEU H 122 -24.64 -24.99 33.15
C LEU H 122 -25.02 -24.80 31.70
N ALA H 123 -25.29 -23.55 31.30
CA ALA H 123 -25.64 -23.30 29.91
C ALA H 123 -24.51 -23.71 28.98
N ARG H 124 -23.28 -23.34 29.31
CA ARG H 124 -22.14 -23.72 28.48
C ARG H 124 -22.00 -25.24 28.39
N ILE H 125 -22.07 -25.92 29.53
CA ILE H 125 -21.88 -27.36 29.54
C ILE H 125 -22.96 -28.06 28.74
N LEU H 126 -24.21 -27.65 28.92
CA LEU H 126 -25.30 -28.31 28.22
C LEU H 126 -25.28 -28.00 26.73
N PHE H 127 -24.89 -26.79 26.35
CA PHE H 127 -24.78 -26.45 24.94
C PHE H 127 -23.67 -27.23 24.27
N ASN H 128 -22.57 -27.53 24.98
CA ASN H 128 -21.47 -28.28 24.39
C ASN H 128 -21.74 -29.78 24.34
N LYS H 129 -22.24 -30.37 25.43
CA LYS H 129 -22.31 -31.82 25.53
C LYS H 129 -23.70 -32.39 25.30
N ALA H 130 -24.75 -31.57 25.37
CA ALA H 130 -26.12 -32.05 25.21
C ALA H 130 -26.87 -31.14 24.24
N LYS H 131 -26.26 -30.88 23.09
CA LYS H 131 -26.80 -29.91 22.15
C LYS H 131 -28.08 -30.37 21.46
N ASP H 132 -28.45 -31.65 21.58
CA ASP H 132 -29.62 -32.17 20.87
C ASP H 132 -30.75 -32.58 21.82
N ASP H 133 -30.75 -32.07 23.05
CA ASP H 133 -31.75 -32.43 24.04
C ASP H 133 -32.60 -31.24 24.46
N PHE H 134 -32.67 -30.21 23.63
CA PHE H 134 -33.42 -29.00 23.96
C PHE H 134 -34.69 -28.94 23.12
N HIS H 135 -35.82 -28.71 23.78
CA HIS H 135 -37.07 -28.55 23.06
C HIS H 135 -37.12 -27.25 22.27
N ASP H 136 -36.21 -26.32 22.53
CA ASP H 136 -36.13 -25.07 21.81
C ASP H 136 -34.88 -25.05 20.92
N PRO H 137 -34.90 -24.30 19.83
CA PRO H 137 -33.71 -24.25 18.96
C PRO H 137 -32.53 -23.65 19.70
N ILE H 138 -31.43 -24.39 19.73
CA ILE H 138 -30.26 -23.97 20.51
C ILE H 138 -29.69 -22.66 19.97
N HIS H 139 -29.89 -22.38 18.69
CA HIS H 139 -29.41 -21.12 18.12
C HIS H 139 -30.14 -19.92 18.71
N GLU H 140 -31.30 -20.14 19.35
CA GLU H 140 -32.01 -19.08 20.04
C GLU H 140 -31.71 -19.04 21.53
N LEU H 141 -31.51 -20.20 22.14
CA LEU H 141 -31.07 -20.21 23.53
C LEU H 141 -29.72 -19.55 23.69
N ARG H 142 -28.80 -19.78 22.76
CA ARG H 142 -27.52 -19.10 22.83
C ARG H 142 -27.69 -17.59 22.70
N GLY H 143 -28.54 -17.14 21.79
CA GLY H 143 -28.77 -15.72 21.61
C GLY H 143 -29.44 -15.04 22.77
N LYS H 144 -30.23 -15.77 23.56
CA LYS H 144 -30.80 -15.21 24.77
C LYS H 144 -29.87 -15.29 25.98
N ILE H 145 -29.06 -16.35 26.08
CA ILE H 145 -28.04 -16.40 27.12
C ILE H 145 -27.06 -15.24 26.94
N GLN H 146 -26.65 -14.98 25.70
CA GLN H 146 -25.74 -13.87 25.47
C GLN H 146 -26.38 -12.53 25.83
N ASP H 147 -27.67 -12.37 25.53
CA ASP H 147 -28.35 -11.12 25.88
C ASP H 147 -28.42 -10.94 27.39
N LEU H 148 -28.72 -12.00 28.13
CA LEU H 148 -28.71 -11.91 29.58
C LEU H 148 -27.33 -11.55 30.09
N ARG H 149 -26.29 -12.17 29.52
CA ARG H 149 -24.94 -11.86 29.96
C ARG H 149 -24.60 -10.40 29.70
N GLU H 150 -25.01 -9.86 28.55
CA GLU H 150 -24.73 -8.47 28.24
C GLU H 150 -25.43 -7.52 29.21
N ILE H 151 -26.71 -7.77 29.50
CA ILE H 151 -27.43 -6.89 30.41
C ILE H 151 -26.82 -6.97 31.81
N ARG H 152 -26.48 -8.17 32.26
CA ARG H 152 -25.89 -8.31 33.58
C ARG H 152 -24.50 -7.70 33.65
N GLN H 153 -23.74 -7.70 32.55
CA GLN H 153 -22.47 -7.00 32.52
C GLN H 153 -22.64 -5.49 32.57
N ILE H 154 -23.64 -4.95 31.90
CA ILE H 154 -23.92 -3.52 32.01
C ILE H 154 -24.25 -3.14 33.44
N LYS H 155 -25.02 -3.97 34.14
CA LYS H 155 -25.42 -3.56 35.51
C LYS H 155 -24.20 -3.66 36.44
N VAL H 156 -23.31 -4.62 36.21
CA VAL H 156 -22.12 -4.81 37.08
C VAL H 156 -21.20 -3.60 36.93
N LEU H 157 -20.94 -3.16 35.70
CA LEU H 157 -19.99 -2.04 35.47
C LEU H 157 -20.54 -0.75 36.08
N LYS H 158 -21.84 -0.69 36.33
CA LYS H 158 -22.45 0.56 36.85
C LYS H 158 -22.59 0.42 38.36
N GLY H 159 -22.20 -0.72 38.90
CA GLY H 159 -22.24 -0.93 40.35
C GLY H 159 -20.83 -1.01 40.89
N LEU H 160 -19.88 -1.28 40.00
CA LEU H 160 -18.46 -1.28 40.40
C LEU H 160 -18.12 0.19 40.60
N LYS H 161 -19.12 1.05 40.43
CA LYS H 161 -18.92 2.50 40.62
C LYS H 161 -19.29 2.82 42.06
N TYR H 162 -19.60 1.78 42.83
CA TYR H 162 -19.96 1.97 44.25
C TYR H 162 -18.99 1.14 45.11
N LEU H 163 -17.70 1.19 44.79
CA LEU H 163 -16.77 0.34 45.53
C LEU H 163 -16.27 1.12 46.74
N ASN H 164 -17.07 1.10 47.80
CA ASN H 164 -16.71 1.77 49.02
C ASN H 164 -15.72 0.89 49.80
N GLU H 165 -15.45 1.25 51.04
CA GLU H 165 -14.52 0.51 51.89
C GLU H 165 -15.20 -0.25 53.01
N SER H 166 -16.53 -0.20 53.09
CA SER H 166 -17.24 -0.90 54.15
C SER H 166 -17.70 -2.30 53.72
N HIS H 167 -18.53 -2.37 52.69
CA HIS H 167 -19.08 -3.64 52.22
C HIS H 167 -19.71 -3.41 50.86
N LEU H 168 -20.42 -4.42 50.36
CA LEU H 168 -21.09 -4.37 49.07
C LEU H 168 -22.06 -5.52 49.00
N GLN H 169 -23.24 -5.28 48.42
CA GLN H 169 -24.26 -6.31 48.31
C GLN H 169 -24.49 -6.61 46.83
N LEU H 170 -23.88 -7.69 46.35
CA LEU H 170 -24.07 -8.14 44.97
C LEU H 170 -25.13 -9.24 44.94
N ASP H 171 -26.36 -8.84 45.21
CA ASP H 171 -27.45 -9.80 45.31
C ASP H 171 -27.75 -10.42 43.96
N ASN H 172 -28.03 -11.72 43.96
CA ASN H 172 -28.46 -12.52 42.81
C ASN H 172 -27.37 -12.71 41.77
N LEU H 173 -26.15 -12.22 41.99
CA LEU H 173 -25.09 -12.42 41.03
C LEU H 173 -24.72 -13.90 40.95
N SER H 174 -24.36 -14.34 39.75
CA SER H 174 -24.05 -15.73 39.52
C SER H 174 -22.71 -16.10 40.15
N LEU H 175 -22.27 -17.33 39.91
CA LEU H 175 -21.00 -17.78 40.45
C LEU H 175 -19.83 -17.45 39.53
N LEU H 176 -20.00 -17.66 38.22
CA LEU H 176 -18.92 -17.33 37.29
C LEU H 176 -18.67 -15.83 37.23
N GLU H 177 -19.74 -15.03 37.25
CA GLU H 177 -19.56 -13.58 37.25
C GLU H 177 -18.83 -13.10 38.48
N ILE H 178 -19.21 -13.61 39.65
CA ILE H 178 -18.49 -13.29 40.87
C ILE H 178 -17.04 -13.74 40.79
N ASN H 179 -16.81 -14.94 40.24
CA ASN H 179 -15.45 -15.45 40.16
C ASN H 179 -14.58 -14.57 39.27
N GLU H 180 -15.12 -14.09 38.16
CA GLU H 180 -14.33 -13.24 37.29
C GLU H 180 -14.18 -11.82 37.82
N LEU H 181 -15.10 -11.35 38.67
CA LEU H 181 -14.97 -10.02 39.26
C LEU H 181 -14.20 -10.03 40.57
N ARG H 182 -13.90 -11.19 41.13
CA ARG H 182 -13.24 -11.24 42.44
C ARG H 182 -11.90 -10.52 42.46
N PRO H 183 -10.94 -10.79 41.57
CA PRO H 183 -9.61 -10.17 41.72
C PRO H 183 -9.63 -8.67 41.55
N PHE H 184 -10.67 -8.09 40.95
CA PHE H 184 -10.73 -6.64 40.84
C PHE H 184 -11.42 -6.01 42.04
N ILE H 185 -12.62 -6.48 42.38
CA ILE H 185 -13.36 -5.89 43.48
C ILE H 185 -12.62 -6.09 44.80
N THR H 186 -12.18 -7.32 45.06
CA THR H 186 -11.55 -7.62 46.33
C THR H 186 -10.14 -7.07 46.45
N GLU H 187 -9.58 -6.51 45.38
CA GLU H 187 -8.29 -5.85 45.46
C GLU H 187 -8.38 -4.33 45.35
N ILE H 188 -9.49 -3.80 44.86
CA ILE H 188 -9.70 -2.36 44.93
C ILE H 188 -10.27 -1.97 46.29
N MET H 189 -11.21 -2.77 46.82
CA MET H 189 -11.74 -2.49 48.14
C MET H 189 -10.66 -2.62 49.21
N ASP H 190 -9.70 -3.53 49.03
CA ASP H 190 -8.60 -3.62 49.98
C ASP H 190 -7.79 -2.33 50.03
N LYS H 191 -7.53 -1.74 48.86
CA LYS H 191 -6.76 -0.51 48.85
C LYS H 191 -7.55 0.66 49.42
N LEU H 192 -8.83 0.76 49.07
CA LEU H 192 -9.65 1.81 49.66
C LEU H 192 -9.90 1.59 51.15
N ARG H 193 -9.66 0.38 51.66
CA ARG H 193 -9.73 0.16 53.10
C ARG H 193 -8.40 0.49 53.77
N GLU H 194 -7.29 0.15 53.13
CA GLU H 194 -5.98 0.51 53.68
C GLU H 194 -5.83 2.02 53.78
N ILE H 195 -6.29 2.75 52.77
CA ILE H 195 -6.25 4.20 52.84
C ILE H 195 -7.06 4.71 54.02
N HIS H 196 -8.25 4.17 54.22
CA HIS H 196 -9.11 4.63 55.31
C HIS H 196 -8.49 4.33 56.66
N THR H 197 -7.96 3.12 56.85
CA THR H 197 -7.36 2.79 58.13
C THR H 197 -6.10 3.59 58.38
N ALA H 198 -5.33 3.89 57.33
CA ALA H 198 -4.17 4.77 57.50
C ALA H 198 -4.61 6.16 57.93
N SER H 199 -5.69 6.67 57.35
CA SER H 199 -6.20 7.97 57.78
C SER H 199 -6.68 7.93 59.23
N LEU H 200 -7.37 6.85 59.61
CA LEU H 200 -7.88 6.70 60.97
C LEU H 200 -6.85 6.04 61.88
N THR H 201 -5.65 6.59 61.91
CA THR H 201 -4.62 6.11 62.82
C THR H 201 -4.60 6.86 64.14
N ALA H 202 -5.52 7.78 64.34
CA ALA H 202 -5.61 8.54 65.58
C ALA H 202 -6.25 7.70 66.68
N MET I 1 1.93 -4.31 53.22
CA MET I 1 3.14 -3.83 53.87
C MET I 1 3.98 -4.99 54.39
N GLY I 2 3.95 -6.10 53.66
CA GLY I 2 4.71 -7.26 54.07
C GLY I 2 6.20 -7.01 54.04
N TYR I 3 6.92 -7.73 54.90
CA TYR I 3 8.37 -7.54 55.00
C TYR I 3 9.06 -7.91 53.69
N TYR I 4 8.67 -9.01 53.08
CA TYR I 4 9.32 -9.52 51.89
C TYR I 4 8.69 -9.00 50.60
N ASP I 5 7.75 -8.07 50.70
CA ASP I 5 7.08 -7.54 49.51
C ASP I 5 8.04 -6.61 48.77
N ILE I 6 8.45 -7.01 47.57
CA ILE I 6 9.45 -6.25 46.82
C ILE I 6 8.90 -4.89 46.43
N ASP I 7 7.60 -4.81 46.12
CA ASP I 7 7.02 -3.51 45.85
C ASP I 7 7.15 -2.58 47.04
N ASP I 8 6.89 -3.10 48.25
CA ASP I 8 7.06 -2.29 49.45
C ASP I 8 8.52 -1.96 49.71
N VAL I 9 9.41 -2.91 49.44
CA VAL I 9 10.84 -2.67 49.65
C VAL I 9 11.31 -1.52 48.76
N LEU I 10 10.92 -1.56 47.49
CA LEU I 10 11.31 -0.49 46.58
C LEU I 10 10.63 0.82 46.93
N ALA I 11 9.39 0.77 47.42
CA ALA I 11 8.72 1.99 47.85
C ALA I 11 9.44 2.63 49.02
N ASP I 12 9.99 1.81 49.92
CA ASP I 12 10.72 2.36 51.06
C ASP I 12 11.95 3.13 50.61
N GLY I 13 12.65 2.61 49.60
CA GLY I 13 13.87 3.25 49.15
C GLY I 13 13.66 4.39 48.17
N THR I 14 12.89 5.40 48.57
CA THR I 14 12.68 6.59 47.76
C THR I 14 13.10 7.82 48.56
N GLU I 15 13.89 8.68 47.94
CA GLU I 15 14.39 9.86 48.62
C GLU I 15 13.25 10.82 48.94
N PHE I 16 13.32 11.43 50.12
CA PHE I 16 12.31 12.38 50.55
C PHE I 16 12.97 13.65 51.05
N PRO I 17 12.39 14.82 50.75
CA PRO I 17 12.97 16.08 51.24
C PRO I 17 12.68 16.27 52.72
N CYS I 18 13.73 16.43 53.51
CA CYS I 18 13.58 16.55 54.95
C CYS I 18 14.72 17.38 55.51
N LYS I 19 14.37 18.38 56.31
CA LYS I 19 15.37 19.22 56.97
C LYS I 19 15.74 18.64 58.32
N PHE I 20 16.96 18.94 58.76
CA PHE I 20 17.45 18.45 60.03
C PHE I 20 17.05 19.40 61.16
N GLN I 21 17.17 18.90 62.40
CA GLN I 21 16.83 19.68 63.57
C GLN I 21 17.97 19.78 64.58
N TYR I 22 18.99 18.93 64.50
CA TYR I 22 20.12 18.96 65.40
C TYR I 22 21.42 19.07 64.62
N ASP I 23 22.40 19.71 65.25
CA ASP I 23 23.77 19.73 64.71
C ASP I 23 24.44 18.40 65.05
N ILE I 24 23.96 17.36 64.36
CA ILE I 24 24.32 15.98 64.74
C ILE I 24 25.76 15.71 64.36
N PRO I 25 26.54 15.05 65.23
CA PRO I 25 27.95 14.80 64.93
C PRO I 25 28.22 13.45 64.28
N GLY I 26 29.17 13.44 63.35
CA GLY I 26 29.76 12.22 62.85
C GLY I 26 28.99 11.50 61.78
N LEU I 27 27.81 11.97 61.40
CA LEU I 27 27.02 11.29 60.39
C LEU I 27 27.37 11.81 59.00
N GLY I 28 26.59 11.43 58.00
CA GLY I 28 26.89 11.82 56.64
C GLY I 28 27.85 10.90 55.94
N TYR I 29 27.81 9.60 56.27
CA TYR I 29 28.77 8.65 55.70
C TYR I 29 28.80 8.73 54.17
N LEU I 30 27.63 8.66 53.54
CA LEU I 30 27.51 8.85 52.10
C LEU I 30 26.78 10.13 51.75
N GLU I 31 26.57 11.02 52.72
CA GLU I 31 25.88 12.28 52.49
C GLU I 31 26.86 13.40 52.17
N ASN I 32 27.74 13.13 51.19
CA ASN I 32 28.68 14.09 50.61
C ASN I 32 29.86 14.41 51.53
N ASN I 33 29.86 13.91 52.76
CA ASN I 33 30.97 14.16 53.66
C ASN I 33 31.04 13.09 54.75
N PRO I 34 31.77 12.00 54.52
CA PRO I 34 31.75 10.87 55.46
C PRO I 34 32.19 11.24 56.88
N GLY I 35 33.42 11.75 57.02
CA GLY I 35 33.90 12.11 58.33
C GLY I 35 33.26 13.37 58.88
N ARG I 36 33.06 14.36 58.02
CA ARG I 36 32.58 15.66 58.48
C ARG I 36 31.10 15.56 58.83
N PRO I 37 30.69 16.09 59.99
CA PRO I 37 29.31 15.87 60.46
C PRO I 37 28.26 16.64 59.67
N ILE I 38 27.02 16.57 60.12
CA ILE I 38 25.89 17.22 59.45
C ILE I 38 25.45 18.40 60.30
N THR I 39 25.31 19.57 59.67
CA THR I 39 24.94 20.79 60.36
C THR I 39 23.44 20.81 60.67
N LYS I 40 23.08 21.62 61.65
CA LYS I 40 21.68 21.81 62.00
C LYS I 40 20.98 22.66 60.95
N ASN I 41 19.67 22.46 60.83
CA ASN I 41 18.83 23.18 59.87
C ASN I 41 19.33 22.99 58.44
N THR I 42 19.73 21.77 58.11
CA THR I 42 20.20 21.41 56.78
C THR I 42 19.13 20.58 56.09
N LYS I 43 18.80 20.95 54.85
CA LYS I 43 17.80 20.24 54.06
C LYS I 43 18.50 19.13 53.27
N LEU I 44 18.02 17.90 53.43
CA LEU I 44 18.64 16.74 52.81
C LEU I 44 17.56 15.80 52.32
N SER I 45 17.90 15.02 51.29
CA SER I 45 17.01 14.00 50.74
C SER I 45 17.42 12.65 51.30
N LEU I 46 16.50 11.98 51.97
CA LEU I 46 16.78 10.70 52.62
C LEU I 46 15.79 9.64 52.18
N PRO I 47 16.21 8.39 52.15
CA PRO I 47 15.27 7.30 51.85
C PRO I 47 14.17 7.24 52.90
N LEU I 48 13.00 6.77 52.47
CA LEU I 48 11.85 6.76 53.37
C LEU I 48 12.08 5.82 54.54
N TRP I 49 12.74 4.67 54.32
CA TRP I 49 12.99 3.75 55.42
C TRP I 49 13.87 4.37 56.50
N LEU I 50 14.62 5.40 56.17
CA LEU I 50 15.43 6.14 57.12
C LEU I 50 14.73 7.37 57.66
N ALA I 51 14.14 8.18 56.79
CA ALA I 51 13.48 9.40 57.22
C ALA I 51 12.28 9.11 58.09
N ARG I 52 11.59 7.99 57.85
CA ARG I 52 10.43 7.65 58.66
C ARG I 52 10.82 7.43 60.12
N ILE I 53 11.90 6.67 60.35
CA ILE I 53 12.35 6.43 61.71
C ILE I 53 12.97 7.68 62.31
N LEU I 54 13.75 8.42 61.52
CA LEU I 54 14.45 9.59 62.04
C LEU I 54 13.51 10.75 62.35
N ALA I 55 12.27 10.70 61.89
CA ALA I 55 11.31 11.77 62.14
C ALA I 55 10.44 11.53 63.36
N ILE I 56 10.59 10.39 64.03
CA ILE I 56 9.81 10.07 65.23
C ILE I 56 10.70 9.94 66.46
N VAL I 57 11.88 9.33 66.31
CA VAL I 57 12.78 9.21 67.46
C VAL I 57 13.41 10.56 67.77
N GLY I 58 13.91 10.68 69.01
CA GLY I 58 14.53 11.92 69.45
C GLY I 58 15.55 11.71 70.56
N VAL I 69 12.27 16.65 70.61
CA VAL I 69 12.34 17.11 69.22
C VAL I 69 13.01 16.05 68.35
N PRO I 70 12.32 15.64 67.29
CA PRO I 70 12.88 14.62 66.40
C PRO I 70 14.11 15.13 65.68
N PHE I 71 14.99 14.19 65.33
CA PHE I 71 16.25 14.56 64.68
C PHE I 71 15.99 15.23 63.33
N VAL I 72 15.05 14.69 62.55
CA VAL I 72 14.82 15.12 61.18
C VAL I 72 13.37 15.52 61.03
N GLU I 73 13.13 16.66 60.41
CA GLU I 73 11.78 17.15 60.13
C GLU I 73 11.45 16.90 58.67
N LEU I 74 10.32 16.24 58.42
CA LEU I 74 9.94 15.84 57.07
C LEU I 74 9.17 16.97 56.40
N LEU I 75 9.63 17.39 55.24
CA LEU I 75 9.03 18.44 54.43
C LEU I 75 8.03 17.83 53.44
N PRO I 76 7.00 18.58 53.06
CA PRO I 76 6.02 18.06 52.11
C PRO I 76 6.67 17.79 50.76
N PRO I 77 6.66 16.54 50.31
CA PRO I 77 7.29 16.22 49.04
C PRO I 77 6.50 16.80 47.87
N ASP I 78 7.20 16.92 46.73
CA ASP I 78 6.57 17.49 45.55
C ASP I 78 5.43 16.62 45.03
N MET I 79 5.54 15.31 45.16
CA MET I 79 4.52 14.41 44.63
C MET I 79 3.20 14.54 45.35
N PHE I 80 3.15 15.21 46.49
CA PHE I 80 1.89 15.52 47.18
C PHE I 80 1.64 17.02 47.25
N SER I 81 2.33 17.79 46.42
CA SER I 81 2.16 19.24 46.43
C SER I 81 0.78 19.62 45.92
N THR I 82 0.39 20.87 46.18
CA THR I 82 -0.93 21.33 45.78
C THR I 82 -1.13 21.28 44.27
N LYS I 83 -0.06 21.37 43.49
CA LYS I 83 -0.18 21.24 42.04
C LYS I 83 -0.61 19.83 41.66
N VAL I 84 0.02 18.82 42.24
CA VAL I 84 -0.37 17.44 41.94
C VAL I 84 -1.76 17.16 42.49
N MET I 85 -2.10 17.73 43.65
CA MET I 85 -3.44 17.54 44.19
C MET I 85 -4.49 18.13 43.28
N ASN I 86 -4.24 19.33 42.74
CA ASN I 86 -5.18 19.90 41.79
C ASN I 86 -5.27 19.08 40.51
N ALA I 87 -4.14 18.55 40.04
CA ALA I 87 -4.19 17.68 38.86
C ALA I 87 -5.02 16.43 39.13
N ILE I 88 -4.87 15.85 40.32
CA ILE I 88 -5.65 14.66 40.68
C ILE I 88 -7.13 15.00 40.73
N LYS I 89 -7.47 16.12 41.36
CA LYS I 89 -8.88 16.49 41.48
C LYS I 89 -9.49 16.90 40.15
N THR I 90 -8.67 17.28 39.17
CA THR I 90 -9.22 17.75 37.91
C THR I 90 -9.62 16.60 37.00
N ASP I 91 -8.64 15.79 36.58
CA ASP I 91 -8.88 14.67 35.67
C ASP I 91 -8.11 13.46 36.18
N PRO I 92 -8.71 12.68 37.08
CA PRO I 92 -8.00 11.52 37.64
C PRO I 92 -7.62 10.49 36.59
N VAL I 93 -8.46 10.28 35.58
CA VAL I 93 -8.21 9.23 34.60
C VAL I 93 -7.03 9.58 33.70
N ALA I 94 -6.93 10.85 33.29
CA ALA I 94 -5.93 11.28 32.32
C ALA I 94 -4.66 11.81 32.96
N LEU I 95 -4.30 11.30 34.13
CA LEU I 95 -3.11 11.75 34.84
C LEU I 95 -2.01 10.71 34.69
N ASP I 96 -0.81 11.17 34.30
CA ASP I 96 0.33 10.28 34.10
C ASP I 96 1.01 10.03 35.44
N LEU I 97 0.34 9.21 36.25
CA LEU I 97 0.84 8.94 37.60
C LEU I 97 2.10 8.09 37.61
N HIS I 98 2.45 7.46 36.49
CA HIS I 98 3.70 6.70 36.46
C HIS I 98 4.91 7.62 36.43
N SER I 99 4.80 8.77 35.77
CA SER I 99 5.91 9.73 35.76
C SER I 99 6.01 10.47 37.08
N ILE I 100 4.89 10.74 37.75
CA ILE I 100 4.93 11.39 39.05
C ILE I 100 5.68 10.52 40.05
N ASN I 101 5.29 9.25 40.14
CA ASN I 101 5.97 8.28 41.00
C ASN I 101 5.55 6.87 40.64
N SER I 102 6.51 5.99 40.37
CA SER I 102 6.18 4.63 39.98
C SER I 102 5.47 3.86 41.10
N HIS I 103 5.59 4.32 42.34
CA HIS I 103 4.96 3.71 43.51
C HIS I 103 4.13 4.74 44.24
N PHE I 104 3.31 5.48 43.51
CA PHE I 104 2.60 6.62 44.10
C PHE I 104 1.66 6.19 45.20
N PHE I 105 0.92 5.09 45.00
CA PHE I 105 -0.13 4.75 45.95
C PHE I 105 0.44 4.20 47.25
N SER I 106 1.48 3.37 47.18
CA SER I 106 2.11 2.88 48.40
C SER I 106 2.70 4.03 49.20
N LEU I 107 3.37 4.96 48.54
CA LEU I 107 3.95 6.09 49.24
C LEU I 107 2.87 7.01 49.81
N ALA I 108 1.77 7.18 49.09
CA ALA I 108 0.67 7.97 49.63
C ALA I 108 0.09 7.33 50.87
N ILE I 109 -0.07 6.00 50.85
CA ILE I 109 -0.58 5.31 52.02
C ILE I 109 0.38 5.47 53.19
N LYS I 110 1.68 5.35 52.93
CA LYS I 110 2.66 5.53 54.01
C LYS I 110 2.60 6.95 54.57
N TRP I 111 2.48 7.94 53.70
CA TRP I 111 2.42 9.33 54.15
C TRP I 111 1.18 9.56 55.01
N ILE I 112 0.03 9.03 54.58
CA ILE I 112 -1.19 9.19 55.37
C ILE I 112 -1.03 8.50 56.72
N MET I 113 -0.43 7.31 56.73
CA MET I 113 -0.22 6.61 57.99
C MET I 113 0.68 7.41 58.92
N LEU I 114 1.74 8.00 58.38
CA LEU I 114 2.67 8.77 59.20
C LEU I 114 2.00 10.01 59.78
N PHE I 115 1.30 10.78 58.95
CA PHE I 115 0.82 12.09 59.35
C PHE I 115 -0.67 12.15 59.65
N SER I 116 -1.39 11.04 59.51
CA SER I 116 -2.83 10.98 59.77
C SER I 116 -3.58 12.05 58.97
N GLU I 117 -3.14 12.25 57.72
CA GLU I 117 -3.71 13.29 56.87
C GLU I 117 -5.08 12.84 56.38
N LYS I 118 -6.14 13.34 57.00
CA LYS I 118 -7.49 12.96 56.61
C LYS I 118 -7.94 13.60 55.30
N GLU I 119 -7.18 14.56 54.77
CA GLU I 119 -7.53 15.20 53.52
C GLU I 119 -6.79 14.63 52.33
N LEU I 120 -5.52 14.25 52.49
CA LEU I 120 -4.83 13.57 51.42
C LEU I 120 -5.46 12.21 51.14
N ALA I 121 -5.87 11.50 52.19
CA ALA I 121 -6.52 10.20 52.00
C ALA I 121 -7.83 10.35 51.26
N ASN I 122 -8.62 11.37 51.60
CA ASN I 122 -9.90 11.58 50.95
C ASN I 122 -9.76 11.92 49.47
N VAL I 123 -8.59 12.37 49.06
CA VAL I 123 -8.32 12.66 47.64
C VAL I 123 -7.77 11.44 46.93
N VAL I 124 -6.83 10.76 47.57
CA VAL I 124 -6.21 9.60 46.92
C VAL I 124 -7.20 8.45 46.78
N SER I 125 -8.14 8.31 47.72
CA SER I 125 -9.15 7.25 47.58
C SER I 125 -10.06 7.51 46.40
N GLU I 126 -10.51 8.74 46.23
CA GLU I 126 -11.33 9.08 45.06
C GLU I 126 -10.55 8.91 43.78
N LEU I 127 -9.27 9.30 43.78
CA LEU I 127 -8.43 9.07 42.61
C LEU I 127 -8.36 7.59 42.27
N LEU I 128 -8.16 6.75 43.28
CA LEU I 128 -8.07 5.32 43.06
C LEU I 128 -9.37 4.77 42.51
N LEU I 129 -10.51 5.20 43.04
CA LEU I 129 -11.79 4.73 42.53
C LEU I 129 -11.98 5.12 41.07
N GLN I 130 -11.74 6.39 40.75
CA GLN I 130 -11.96 6.87 39.39
C GLN I 130 -11.04 6.19 38.40
N ARG I 131 -9.79 5.95 38.78
CA ARG I 131 -8.88 5.23 37.89
C ARG I 131 -9.18 3.75 37.82
N ALA I 132 -9.72 3.16 38.89
CA ALA I 132 -10.10 1.76 38.87
C ALA I 132 -11.24 1.51 37.90
N GLN I 133 -12.18 2.44 37.80
CA GLN I 133 -13.23 2.29 36.79
C GLN I 133 -12.61 2.10 35.41
N GLU I 134 -11.71 3.01 35.02
CA GLU I 134 -11.14 2.95 33.67
C GLU I 134 -10.26 1.73 33.48
N LEU I 135 -9.48 1.35 34.50
CA LEU I 135 -8.65 0.17 34.27
C LEU I 135 -9.47 -1.10 34.23
N ASN I 136 -10.62 -1.16 34.91
CA ASN I 136 -11.52 -2.28 34.71
C ASN I 136 -12.09 -2.28 33.30
N HIS I 137 -12.45 -1.10 32.79
CA HIS I 137 -12.94 -1.03 31.41
C HIS I 137 -11.90 -1.55 30.44
N HIS I 138 -10.63 -1.20 30.66
CA HIS I 138 -9.58 -1.65 29.74
C HIS I 138 -9.25 -3.13 29.95
N ALA I 139 -9.38 -3.63 31.17
CA ALA I 139 -9.03 -5.02 31.44
C ALA I 139 -10.10 -5.98 30.94
N SER I 140 -11.36 -5.57 30.95
CA SER I 140 -12.45 -6.44 30.55
C SER I 140 -12.75 -6.39 29.06
N SER I 141 -12.02 -5.60 28.29
CA SER I 141 -12.21 -5.52 26.85
C SER I 141 -11.11 -6.37 26.20
N LEU I 142 -11.50 -7.49 25.64
CA LEU I 142 -10.57 -8.47 25.10
C LEU I 142 -10.58 -8.43 23.58
N SER I 143 -9.39 -8.40 22.99
CA SER I 143 -9.29 -8.32 21.54
C SER I 143 -9.82 -9.60 20.89
N ILE I 144 -10.55 -9.42 19.80
CA ILE I 144 -11.12 -10.52 19.04
C ILE I 144 -10.55 -10.48 17.63
N ASP I 145 -10.07 -11.62 17.16
CA ASP I 145 -9.51 -11.74 15.82
C ASP I 145 -10.59 -12.20 14.85
N LEU I 146 -10.78 -11.45 13.77
CA LEU I 146 -11.76 -11.85 12.77
C LEU I 146 -11.23 -12.98 11.89
N ASN I 147 -9.94 -12.94 11.59
CA ASN I 147 -9.32 -13.95 10.73
C ASN I 147 -9.33 -15.32 11.38
N THR I 158 -3.94 -5.16 20.08
CA THR I 158 -4.30 -4.26 21.16
C THR I 158 -4.73 -2.90 20.61
N ASN I 159 -5.62 -2.23 21.33
CA ASN I 159 -6.11 -0.93 20.91
C ASN I 159 -5.09 0.16 21.20
N ILE I 160 -5.21 1.27 20.47
CA ILE I 160 -4.35 2.42 20.73
C ILE I 160 -4.65 3.02 22.09
N ALA I 161 -5.92 3.17 22.43
CA ALA I 161 -6.30 3.76 23.71
C ALA I 161 -5.83 2.91 24.88
N THR I 162 -5.97 1.59 24.77
CA THR I 162 -5.52 0.72 25.85
C THR I 162 -4.02 0.86 26.07
N SER I 163 -3.24 0.83 25.01
CA SER I 163 -1.79 0.91 25.15
C SER I 163 -1.34 2.29 25.63
N THR I 164 -2.05 3.34 25.24
CA THR I 164 -1.67 4.68 25.70
C THR I 164 -2.18 4.99 27.10
N PHE I 165 -3.13 4.22 27.62
CA PHE I 165 -3.52 4.36 29.02
C PHE I 165 -2.71 3.49 29.95
N LEU I 166 -2.28 2.31 29.49
CA LEU I 166 -1.48 1.44 30.33
C LEU I 166 -0.11 2.03 30.66
N LEU I 167 0.31 3.06 29.95
CA LEU I 167 1.58 3.72 30.25
C LEU I 167 1.48 4.66 31.43
N LYS I 168 0.28 4.91 31.95
CA LYS I 168 0.06 5.88 33.01
C LYS I 168 -0.46 5.20 34.26
N LEU I 169 0.10 4.05 34.59
CA LEU I 169 -0.29 3.29 35.78
C LEU I 169 0.94 3.02 36.64
N GLU I 170 0.77 3.15 37.95
CA GLU I 170 1.86 2.86 38.86
C GLU I 170 2.09 1.36 38.95
N GLU I 171 3.05 0.97 39.77
CA GLU I 171 3.35 -0.46 39.94
C GLU I 171 2.25 -1.18 40.70
N MET I 172 1.37 -0.45 41.39
CA MET I 172 0.26 -1.11 42.08
C MET I 172 -0.89 -1.38 41.12
N GLU I 173 -1.30 -0.36 40.36
CA GLU I 173 -2.37 -0.55 39.39
C GLU I 173 -1.96 -1.47 38.25
N LYS I 174 -0.68 -1.50 37.92
CA LYS I 174 -0.21 -2.42 36.89
C LYS I 174 -0.33 -3.87 37.32
N GLU I 175 -0.51 -4.13 38.61
CA GLU I 175 -0.72 -5.50 39.09
C GLU I 175 -2.21 -5.82 39.19
N ILE I 176 -3.02 -4.87 39.64
CA ILE I 176 -4.47 -5.07 39.65
C ILE I 176 -4.97 -5.29 38.23
N TYR I 177 -4.46 -4.49 37.28
CA TYR I 177 -4.86 -4.68 35.89
C TYR I 177 -4.44 -6.04 35.37
N LYS I 178 -3.22 -6.47 35.69
CA LYS I 178 -2.77 -7.77 35.21
C LYS I 178 -3.63 -8.89 35.77
N LYS I 179 -3.93 -8.84 37.06
CA LYS I 179 -4.75 -9.88 37.68
C LYS I 179 -6.16 -9.91 37.09
N SER I 180 -6.81 -8.74 37.01
CA SER I 180 -8.17 -8.71 36.49
C SER I 180 -8.23 -9.10 35.02
N HIS I 181 -7.25 -8.63 34.23
CA HIS I 181 -7.23 -8.98 32.82
C HIS I 181 -7.01 -10.47 32.63
N GLU I 182 -6.14 -11.07 33.44
CA GLU I 182 -5.94 -12.51 33.34
C GLU I 182 -7.21 -13.26 33.73
N SER I 183 -7.93 -12.77 34.75
CA SER I 183 -9.18 -13.43 35.12
C SER I 183 -10.21 -13.34 34.00
N TYR I 184 -10.39 -12.17 33.41
CA TYR I 184 -11.33 -12.03 32.30
C TYR I 184 -10.92 -12.89 31.12
N LYS I 185 -9.62 -12.93 30.82
CA LYS I 185 -9.14 -13.74 29.71
C LYS I 185 -9.38 -15.23 29.96
N ASP I 186 -9.15 -15.68 31.19
CA ASP I 186 -9.41 -17.08 31.51
C ASP I 186 -10.89 -17.41 31.39
N THR I 187 -11.76 -16.53 31.86
CA THR I 187 -13.19 -16.79 31.73
C THR I 187 -13.60 -16.83 30.26
N LYS I 188 -13.10 -15.91 29.45
CA LYS I 188 -13.42 -15.93 28.02
C LYS I 188 -12.90 -17.19 27.36
N ARG I 189 -11.67 -17.59 27.68
CA ARG I 189 -11.08 -18.77 27.08
C ARG I 189 -11.84 -20.03 27.45
N TRP I 190 -12.34 -20.10 28.69
CA TRP I 190 -13.11 -21.26 29.10
C TRP I 190 -14.48 -21.29 28.43
N MET I 191 -15.17 -20.15 28.42
CA MET I 191 -16.53 -20.12 27.89
C MET I 191 -16.56 -20.47 26.41
N PHE I 192 -15.60 -19.97 25.65
CA PHE I 192 -15.61 -20.11 24.20
C PHE I 192 -14.69 -21.22 23.70
N LYS I 193 -14.29 -22.13 24.58
CA LYS I 193 -13.48 -23.26 24.17
C LYS I 193 -14.31 -24.26 23.38
N ASP J 2 -59.15 -20.10 57.42
CA ASP J 2 -59.37 -21.30 58.24
C ASP J 2 -58.14 -21.61 59.08
N ILE J 3 -58.29 -22.54 60.03
CA ILE J 3 -57.18 -22.91 60.91
C ILE J 3 -56.19 -23.76 60.13
N ASN J 4 -54.91 -23.60 60.43
CA ASN J 4 -53.87 -24.39 59.79
C ASN J 4 -53.72 -25.74 60.47
N ILE J 5 -53.56 -26.79 59.66
CA ILE J 5 -53.44 -28.15 60.16
C ILE J 5 -52.06 -28.74 59.86
N ASP J 6 -51.08 -27.88 59.56
CA ASP J 6 -49.73 -28.37 59.28
C ASP J 6 -49.09 -29.00 60.52
N ASP J 7 -49.50 -28.58 61.71
CA ASP J 7 -48.90 -29.11 62.93
C ASP J 7 -49.17 -30.61 63.07
N ILE J 8 -50.42 -31.03 62.87
CA ILE J 8 -50.73 -32.45 62.99
C ILE J 8 -50.13 -33.24 61.84
N LEU J 9 -50.03 -32.64 60.65
CA LEU J 9 -49.39 -33.31 59.54
C LEU J 9 -47.91 -33.57 59.83
N ALA J 10 -47.23 -32.60 60.44
CA ALA J 10 -45.86 -32.82 60.87
C ALA J 10 -45.80 -33.84 62.01
N GLU J 11 -46.81 -33.83 62.88
CA GLU J 11 -46.85 -34.80 63.98
C GLU J 11 -46.93 -36.23 63.48
N LEU J 12 -47.78 -36.48 62.49
CA LEU J 12 -47.91 -37.84 61.96
C LEU J 12 -46.72 -38.26 61.12
N ASP J 13 -45.83 -37.33 60.77
CA ASP J 13 -44.61 -37.64 60.03
C ASP J 13 -43.37 -37.68 60.92
N LYS J 14 -43.55 -37.58 62.24
CA LYS J 14 -42.44 -37.55 63.19
C LYS J 14 -42.30 -38.88 63.93
N GLU J 15 -42.53 -39.99 63.26
CA GLU J 15 -42.41 -41.30 63.87
C GLU J 15 -40.95 -41.65 64.17
N VAL J 54 -24.06 -38.74 59.84
CA VAL J 54 -22.82 -38.99 59.12
C VAL J 54 -23.09 -39.90 57.92
N SER J 55 -23.11 -39.30 56.74
CA SER J 55 -23.30 -40.03 55.49
C SER J 55 -22.21 -39.62 54.50
N PRO J 56 -21.82 -40.53 53.60
CA PRO J 56 -20.76 -40.18 52.64
C PRO J 56 -21.05 -38.95 51.81
N GLN J 57 -22.31 -38.75 51.40
CA GLN J 57 -22.65 -37.53 50.69
C GLN J 57 -22.40 -36.31 51.56
N GLN J 58 -22.79 -36.38 52.84
CA GLN J 58 -22.54 -35.27 53.75
C GLN J 58 -21.06 -35.06 53.98
N ASP J 59 -20.28 -36.13 54.05
CA ASP J 59 -18.83 -35.98 54.20
C ASP J 59 -18.24 -35.25 53.01
N PHE J 60 -18.65 -35.62 51.80
CA PHE J 60 -18.11 -34.94 50.62
C PHE J 60 -18.57 -33.49 50.56
N SER J 61 -19.83 -33.23 50.93
CA SER J 61 -20.31 -31.85 50.95
C SER J 61 -19.53 -31.01 51.94
N ASP J 62 -19.25 -31.55 53.13
CA ASP J 62 -18.42 -30.84 54.10
C ASP J 62 -17.01 -30.64 53.58
N LEU J 63 -16.46 -31.61 52.86
CA LEU J 63 -15.13 -31.43 52.29
C LEU J 63 -15.12 -30.30 51.28
N MET J 64 -16.13 -30.23 50.42
CA MET J 64 -16.19 -29.14 49.45
C MET J 64 -16.37 -27.79 50.13
N LYS J 65 -17.20 -27.75 51.18
CA LYS J 65 -17.38 -26.50 51.91
C LYS J 65 -16.08 -26.06 52.54
N SER J 66 -15.34 -26.99 53.14
CA SER J 66 -14.05 -26.66 53.73
C SER J 66 -13.06 -26.19 52.68
N TRP J 67 -13.05 -26.84 51.52
CA TRP J 67 -12.15 -26.45 50.45
C TRP J 67 -12.46 -25.05 49.94
N LYS J 68 -13.75 -24.75 49.74
CA LYS J 68 -14.14 -23.42 49.29
C LYS J 68 -13.77 -22.36 50.32
N ASN J 69 -13.99 -22.65 51.60
CA ASN J 69 -13.62 -21.69 52.64
C ASN J 69 -12.11 -21.50 52.71
N GLU J 70 -11.35 -22.58 52.56
CA GLU J 70 -9.91 -22.50 52.66
C GLU J 70 -9.31 -21.71 51.51
N ARG J 71 -9.87 -21.86 50.31
CA ARG J 71 -9.29 -21.20 49.14
C ARG J 71 -9.36 -19.68 49.26
N CYS J 72 -10.39 -19.15 49.92
CA CYS J 72 -10.60 -17.71 49.95
C CYS J 72 -10.23 -17.05 51.27
N SER J 73 -10.33 -17.74 52.39
CA SER J 73 -10.11 -17.11 53.69
C SER J 73 -8.65 -16.72 53.85
N PRO J 74 -8.36 -15.48 54.25
CA PRO J 74 -6.94 -15.09 54.43
C PRO J 74 -6.21 -15.88 55.48
N GLU J 75 -6.89 -16.29 56.54
CA GLU J 75 -6.25 -17.03 57.63
C GLU J 75 -6.21 -18.51 57.32
N LEU J 76 -5.45 -19.25 58.12
CA LEU J 76 -5.36 -20.71 58.00
C LEU J 76 -6.48 -21.31 58.86
N LEU J 77 -7.51 -21.82 58.20
CA LEU J 77 -8.66 -22.33 58.90
C LEU J 77 -8.31 -23.62 59.64
N PRO J 78 -9.00 -23.92 60.74
CA PRO J 78 -8.69 -25.14 61.50
C PRO J 78 -8.92 -26.39 60.67
N TYR J 79 -8.08 -27.38 60.91
CA TYR J 79 -8.13 -28.63 60.14
C TYR J 79 -9.26 -29.52 60.63
N PRO J 80 -10.10 -30.04 59.75
CA PRO J 80 -11.12 -31.01 60.17
C PRO J 80 -10.57 -32.41 60.27
N HIS J 81 -10.00 -32.77 61.42
CA HIS J 81 -9.31 -34.05 61.55
C HIS J 81 -10.24 -35.23 61.31
N GLN J 82 -11.41 -35.22 61.94
CA GLN J 82 -12.30 -36.38 61.84
C GLN J 82 -12.81 -36.57 60.41
N LEU J 83 -13.24 -35.49 59.76
CA LEU J 83 -13.73 -35.59 58.40
C LEU J 83 -12.67 -36.11 57.46
N MET J 84 -11.44 -35.62 57.58
CA MET J 84 -10.38 -36.06 56.70
C MET J 84 -9.98 -37.50 56.97
N LYS J 85 -10.01 -37.91 58.25
CA LYS J 85 -9.74 -39.32 58.54
C LYS J 85 -10.78 -40.22 57.89
N ARG J 86 -12.06 -39.85 58.00
CA ARG J 86 -13.10 -40.65 57.35
C ARG J 86 -12.94 -40.66 55.84
N LEU J 87 -12.59 -39.51 55.25
CA LEU J 87 -12.44 -39.43 53.80
C LEU J 87 -11.28 -40.29 53.32
N LEU J 88 -10.15 -40.24 54.02
CA LEU J 88 -9.02 -41.09 53.66
C LEU J 88 -9.33 -42.57 53.82
N ASN J 89 -10.06 -42.93 54.87
CA ASN J 89 -10.50 -44.33 55.00
C ASN J 89 -11.40 -44.72 53.84
N ARG J 90 -12.32 -43.84 53.45
CA ARG J 90 -13.20 -44.15 52.33
C ARG J 90 -12.42 -44.33 51.04
N ILE J 91 -11.43 -43.48 50.80
CA ILE J 91 -10.63 -43.61 49.58
C ILE J 91 -9.87 -44.93 49.59
N SER J 92 -9.26 -45.28 50.73
CA SER J 92 -8.54 -46.54 50.80
C SER J 92 -9.46 -47.73 50.55
N MET J 93 -10.62 -47.75 51.21
CA MET J 93 -11.53 -48.88 51.04
C MET J 93 -12.07 -48.95 49.62
N GLN J 94 -12.38 -47.81 49.01
CA GLN J 94 -12.90 -47.83 47.64
C GLN J 94 -11.83 -48.25 46.65
N SER J 95 -10.57 -47.84 46.87
CA SER J 95 -9.50 -48.31 45.99
C SER J 95 -9.33 -49.82 46.11
N GLN J 96 -9.39 -50.35 47.33
CA GLN J 96 -9.31 -51.80 47.50
C GLN J 96 -10.49 -52.49 46.83
N LEU J 97 -11.68 -51.93 46.95
CA LEU J 97 -12.86 -52.52 46.31
C LEU J 97 -12.71 -52.53 44.79
N ILE J 98 -12.23 -51.44 44.22
CA ILE J 98 -12.04 -51.38 42.78
C ILE J 98 -11.00 -52.40 42.34
N GLU J 99 -9.91 -52.52 43.10
CA GLU J 99 -8.90 -53.52 42.74
C GLU J 99 -9.46 -54.93 42.81
N ASN J 100 -10.24 -55.23 43.84
CA ASN J 100 -10.82 -56.57 43.96
C ASN J 100 -11.80 -56.85 42.82
N ILE J 101 -12.63 -55.88 42.48
CA ILE J 101 -13.58 -56.07 41.38
C ILE J 101 -12.82 -56.24 40.07
N SER J 102 -11.72 -55.52 39.89
CA SER J 102 -10.92 -55.68 38.68
C SER J 102 -10.29 -57.07 38.62
N MET J 103 -9.78 -57.57 39.74
CA MET J 103 -9.25 -58.94 39.76
C MET J 103 -10.34 -59.94 39.42
N GLY J 104 -11.54 -59.78 39.99
CA GLY J 104 -12.65 -60.65 39.63
C GLY J 104 -13.00 -60.59 38.16
N PHE J 105 -12.94 -59.39 37.57
CA PHE J 105 -13.14 -59.20 36.14
C PHE J 105 -11.95 -59.69 35.31
N LEU J 106 -10.84 -60.03 35.96
CA LEU J 106 -9.63 -60.50 35.28
C LEU J 106 -9.61 -62.01 35.11
N ASP J 107 -10.78 -62.65 35.04
CA ASP J 107 -10.84 -64.10 34.85
C ASP J 107 -11.62 -64.44 33.59
N ASN J 120 -22.70 -59.23 33.46
CA ASN J 120 -22.22 -59.24 32.09
C ASN J 120 -20.94 -58.42 31.94
N GLU J 121 -20.79 -57.79 30.78
CA GLU J 121 -19.66 -56.89 30.54
C GLU J 121 -20.03 -55.46 30.87
N SER J 122 -20.50 -55.25 32.10
CA SER J 122 -20.91 -53.93 32.58
C SER J 122 -19.68 -53.23 33.15
N LYS J 123 -19.11 -52.32 32.37
CA LYS J 123 -17.94 -51.56 32.80
C LYS J 123 -18.26 -50.12 33.14
N LEU J 124 -19.50 -49.66 32.90
CA LEU J 124 -19.88 -48.32 33.33
C LEU J 124 -19.76 -48.12 34.83
N PRO J 125 -20.26 -49.02 35.69
CA PRO J 125 -20.06 -48.79 37.13
C PRO J 125 -18.60 -48.68 37.52
N LEU J 126 -17.72 -49.49 36.92
CA LEU J 126 -16.31 -49.41 37.27
C LEU J 126 -15.69 -48.10 36.78
N LEU J 127 -16.05 -47.66 35.59
CA LEU J 127 -15.54 -46.39 35.09
C LEU J 127 -16.00 -45.23 35.98
N CYS J 128 -17.28 -45.26 36.38
CA CYS J 128 -17.78 -44.22 37.28
C CYS J 128 -17.08 -44.26 38.63
N MET J 129 -16.84 -45.45 39.18
CA MET J 129 -16.07 -45.55 40.42
C MET J 129 -14.71 -44.91 40.26
N GLU J 130 -14.00 -45.24 39.17
CA GLU J 130 -12.65 -44.73 38.99
C GLU J 130 -12.64 -43.21 38.86
N THR J 131 -13.51 -42.66 38.02
CA THR J 131 -13.51 -41.22 37.83
C THR J 131 -14.00 -40.48 39.07
N GLU J 132 -14.94 -41.06 39.81
CA GLU J 132 -15.40 -40.46 41.06
C GLU J 132 -14.28 -40.41 42.08
N LEU J 133 -13.52 -41.50 42.19
CA LEU J 133 -12.38 -41.51 43.09
C LEU J 133 -11.33 -40.50 42.66
N GLU J 134 -11.13 -40.35 41.35
CA GLU J 134 -10.20 -39.33 40.86
C GLU J 134 -10.64 -37.93 41.27
N ARG J 135 -11.94 -37.64 41.15
CA ARG J 135 -12.44 -36.34 41.55
C ARG J 135 -12.24 -36.09 43.04
N LEU J 136 -12.56 -37.09 43.86
CA LEU J 136 -12.37 -36.93 45.30
C LEU J 136 -10.91 -36.70 45.65
N LYS J 137 -10.02 -37.47 45.03
CA LYS J 137 -8.60 -37.29 45.26
C LYS J 137 -8.14 -35.90 44.83
N PHE J 138 -8.67 -35.39 43.72
CA PHE J 138 -8.30 -34.04 43.31
C PHE J 138 -8.75 -33.01 44.33
N VAL J 139 -9.96 -33.14 44.86
CA VAL J 139 -10.43 -32.17 45.84
C VAL J 139 -9.51 -32.17 47.05
N ILE J 140 -9.18 -33.36 47.57
CA ILE J 140 -8.31 -33.41 48.74
C ILE J 140 -6.92 -32.90 48.42
N ARG J 141 -6.42 -33.19 47.21
CA ARG J 141 -5.13 -32.68 46.78
C ARG J 141 -5.09 -31.17 46.81
N SER J 142 -6.08 -30.53 46.18
CA SER J 142 -6.11 -29.07 46.14
C SER J 142 -6.24 -28.48 47.54
N TYR J 143 -7.09 -29.09 48.38
CA TYR J 143 -7.25 -28.60 49.74
C TYR J 143 -5.92 -28.65 50.50
N ILE J 144 -5.24 -29.79 50.46
CA ILE J 144 -4.00 -29.95 51.21
C ILE J 144 -2.94 -29.00 50.69
N ARG J 145 -2.84 -28.85 49.37
CA ARG J 145 -1.81 -27.96 48.83
C ARG J 145 -2.10 -26.50 49.11
N CYS J 146 -3.37 -26.09 49.13
CA CYS J 146 -3.69 -24.73 49.55
C CYS J 146 -3.30 -24.51 51.00
N ARG J 147 -3.57 -25.50 51.88
CA ARG J 147 -3.16 -25.36 53.26
C ARG J 147 -1.64 -25.27 53.39
N LEU J 148 -0.90 -26.06 52.61
CA LEU J 148 0.55 -25.99 52.63
C LEU J 148 1.05 -24.63 52.17
N SER J 149 0.43 -24.06 51.14
CA SER J 149 0.82 -22.73 50.69
C SER J 149 0.59 -21.70 51.80
N LYS J 150 -0.56 -21.79 52.48
CA LYS J 150 -0.82 -20.86 53.57
C LYS J 150 0.17 -21.05 54.71
N ILE J 151 0.59 -22.30 54.97
CA ILE J 151 1.58 -22.55 56.00
C ILE J 151 2.91 -21.91 55.62
N ASP J 152 3.31 -22.03 54.35
CA ASP J 152 4.54 -21.38 53.90
C ASP J 152 4.45 -19.87 54.04
N LYS J 153 3.30 -19.28 53.72
CA LYS J 153 3.16 -17.84 53.82
C LYS J 153 3.22 -17.37 55.27
N PHE J 154 2.64 -18.12 56.19
CA PHE J 154 2.53 -17.73 57.59
C PHE J 154 3.31 -18.67 58.52
N SER J 155 4.54 -19.02 58.13
CA SER J 155 5.31 -19.95 58.95
C SER J 155 5.69 -19.33 60.28
N LEU J 156 6.19 -18.09 60.26
CA LEU J 156 6.65 -17.46 61.49
C LEU J 156 5.48 -17.12 62.41
N TYR J 157 4.34 -16.73 61.83
CA TYR J 157 3.16 -16.46 62.64
C TYR J 157 2.70 -17.72 63.38
N LEU J 158 2.66 -18.85 62.66
CA LEU J 158 2.33 -20.11 63.30
C LEU J 158 3.35 -20.48 64.37
N ARG J 159 4.63 -20.21 64.09
CA ARG J 159 5.67 -20.50 65.08
C ARG J 159 5.45 -19.70 66.35
N GLN J 160 5.16 -18.41 66.23
CA GLN J 160 4.97 -17.59 67.41
C GLN J 160 3.68 -17.94 68.13
N LEU J 161 2.68 -18.44 67.42
CA LEU J 161 1.51 -18.97 68.10
C LEU J 161 1.87 -20.21 68.90
N ASN J 162 2.71 -21.09 68.34
CA ASN J 162 3.12 -22.28 69.06
C ASN J 162 3.90 -21.93 70.32
N GLU J 163 4.85 -20.99 70.21
CA GLU J 163 5.69 -20.63 71.33
C GLU J 163 4.98 -19.77 72.37
N ASP J 164 3.76 -19.32 72.09
CA ASP J 164 3.01 -18.48 73.00
C ASP J 164 2.19 -19.34 73.95
N GLU J 165 2.49 -19.26 75.25
CA GLU J 165 1.70 -19.97 76.25
C GLU J 165 0.36 -19.29 76.49
N ASN J 166 0.24 -18.00 76.18
CA ASN J 166 -1.00 -17.28 76.30
C ASN J 166 -1.91 -17.44 75.09
N SER J 167 -1.44 -18.14 74.06
CA SER J 167 -2.26 -18.37 72.87
C SER J 167 -3.43 -19.29 73.20
N LEU J 168 -4.59 -18.99 72.62
CA LEU J 168 -5.79 -19.78 72.82
C LEU J 168 -5.92 -20.92 71.81
N ILE J 169 -4.96 -21.05 70.90
CA ILE J 169 -4.98 -22.11 69.89
C ILE J 169 -3.63 -22.79 69.84
N SER J 170 -3.63 -24.02 69.36
CA SER J 170 -2.43 -24.84 69.28
C SER J 170 -2.33 -25.47 67.90
N LEU J 171 -1.10 -25.65 67.43
CA LEU J 171 -0.88 -26.23 66.11
C LEU J 171 -1.39 -27.66 66.04
N THR J 172 -1.39 -28.38 67.16
CA THR J 172 -1.96 -29.72 67.16
C THR J 172 -3.46 -29.69 66.91
N ASP J 173 -4.12 -28.60 67.29
CA ASP J 173 -5.55 -28.43 67.05
C ASP J 173 -5.86 -27.62 65.81
N LEU J 174 -4.85 -27.20 65.05
CA LEU J 174 -5.05 -26.38 63.87
C LEU J 174 -4.30 -26.88 62.64
N LEU J 175 -3.33 -27.79 62.81
CA LEU J 175 -2.61 -28.38 61.69
C LEU J 175 -2.68 -29.91 61.81
N SER J 176 -2.62 -30.58 60.65
CA SER J 176 -2.55 -32.01 60.67
C SER J 176 -1.12 -32.47 60.96
N LYS J 177 -0.97 -33.76 61.23
CA LYS J 177 0.34 -34.30 61.59
C LYS J 177 1.34 -34.08 60.46
N ASP J 178 0.95 -34.39 59.22
CA ASP J 178 1.83 -34.13 58.09
C ASP J 178 2.10 -32.65 57.93
N GLU J 179 1.11 -31.80 58.22
CA GLU J 179 1.34 -30.36 58.19
C GLU J 179 2.31 -29.94 59.27
N ILE J 180 2.21 -30.52 60.47
CA ILE J 180 3.19 -30.24 61.51
C ILE J 180 4.59 -30.57 61.04
N LYS J 181 4.76 -31.78 60.49
CA LYS J 181 6.09 -32.21 60.05
C LYS J 181 6.62 -31.31 58.94
N TYR J 182 5.76 -30.97 57.97
CA TYR J 182 6.18 -30.13 56.86
C TYR J 182 6.55 -28.74 57.35
N HIS J 183 5.74 -28.16 58.23
CA HIS J 183 6.02 -26.83 58.75
C HIS J 183 7.35 -26.82 59.49
N ASP J 184 7.56 -27.81 60.37
CA ASP J 184 8.82 -27.86 61.13
C ASP J 184 10.02 -28.00 60.21
N THR J 185 9.98 -28.98 59.30
CA THR J 185 11.13 -29.22 58.44
C THR J 185 11.40 -28.05 57.52
N HIS J 186 10.36 -27.47 56.91
CA HIS J 186 10.56 -26.35 56.01
C HIS J 186 11.10 -25.13 56.75
N SER J 187 10.55 -24.84 57.93
CA SER J 187 11.06 -23.71 58.69
C SER J 187 12.51 -23.93 59.05
N LEU J 188 12.87 -25.15 59.46
CA LEU J 188 14.25 -25.44 59.84
C LEU J 188 15.20 -25.28 58.67
N ILE J 189 14.84 -25.83 57.50
CA ILE J 189 15.76 -25.77 56.38
C ILE J 189 15.87 -24.36 55.83
N TRP J 190 14.77 -23.62 55.76
CA TRP J 190 14.86 -22.24 55.31
C TRP J 190 15.65 -21.40 56.31
N LEU J 191 15.51 -21.69 57.60
CA LEU J 191 16.31 -20.99 58.60
C LEU J 191 17.79 -21.28 58.40
N LYS J 192 18.13 -22.54 58.13
CA LYS J 192 19.54 -22.87 57.88
C LYS J 192 20.07 -22.13 56.66
N LEU J 193 19.30 -22.13 55.57
CA LEU J 193 19.73 -21.44 54.36
C LEU J 193 19.93 -19.95 54.60
N VAL J 194 18.93 -19.30 55.20
CA VAL J 194 19.05 -17.86 55.41
C VAL J 194 20.18 -17.57 56.38
N ASN J 195 20.36 -18.40 57.41
CA ASN J 195 21.49 -18.20 58.32
C ASN J 195 22.80 -18.21 57.56
N ASP J 196 23.16 -19.36 56.98
CA ASP J 196 24.46 -19.52 56.38
C ASP J 196 24.60 -18.78 55.04
N SER J 197 23.57 -18.06 54.62
CA SER J 197 23.78 -17.22 53.45
C SER J 197 23.84 -15.74 53.78
N ILE J 198 23.04 -15.25 54.72
CA ILE J 198 22.95 -13.82 54.99
C ILE J 198 23.24 -13.54 56.46
N LEU J 199 22.66 -14.34 57.36
CA LEU J 199 22.68 -13.97 58.77
C LEU J 199 23.99 -14.33 59.44
N LYS J 200 24.79 -15.19 58.81
CA LYS J 200 26.12 -15.48 59.34
C LYS J 200 26.97 -14.22 59.38
N TYR J 201 26.82 -13.36 58.38
CA TYR J 201 27.57 -12.12 58.28
C TYR J 201 26.86 -10.94 58.92
N MET J 202 25.99 -11.19 59.90
CA MET J 202 25.22 -10.15 60.56
C MET J 202 25.38 -10.30 62.07
N PRO J 203 25.39 -9.19 62.81
CA PRO J 203 25.56 -9.29 64.26
C PRO J 203 24.35 -9.92 64.94
N GLU J 204 24.53 -10.25 66.21
CA GLU J 204 23.51 -11.01 66.94
C GLU J 204 22.22 -10.23 67.11
N GLU J 205 22.29 -8.90 67.21
CA GLU J 205 21.08 -8.11 67.36
C GLU J 205 20.27 -8.05 66.07
N LEU J 206 20.88 -8.33 64.94
CA LEU J 206 20.21 -8.38 63.64
C LEU J 206 20.33 -9.77 63.02
N GLN J 207 20.29 -10.79 63.86
CA GLN J 207 20.35 -12.16 63.39
C GLN J 207 19.06 -12.94 63.61
N ALA J 208 18.10 -12.38 64.33
CA ALA J 208 16.85 -13.07 64.57
C ALA J 208 16.05 -13.17 63.28
N ILE J 209 15.42 -14.32 63.07
CA ILE J 209 14.56 -14.53 61.90
C ILE J 209 13.12 -14.11 62.17
N ASN J 210 12.80 -13.73 63.39
CA ASN J 210 11.45 -13.29 63.74
C ASN J 210 11.50 -12.00 64.55
N ASP J 211 12.32 -11.05 64.11
CA ASP J 211 12.49 -9.78 64.80
C ASP J 211 11.26 -8.91 64.56
N THR J 212 10.39 -8.83 65.56
CA THR J 212 9.20 -8.00 65.49
C THR J 212 9.40 -6.62 66.09
N GLU J 213 10.59 -6.32 66.61
CA GLU J 213 10.89 -5.04 67.23
C GLU J 213 11.68 -4.11 66.32
N GLY J 214 11.89 -4.49 65.06
CA GLY J 214 12.68 -3.71 64.15
C GLY J 214 11.92 -2.51 63.60
N SER J 215 12.52 -1.92 62.56
CA SER J 215 11.87 -0.79 61.90
C SER J 215 10.55 -1.22 61.27
N VAL J 216 10.51 -2.40 60.67
CA VAL J 216 9.29 -2.97 60.11
C VAL J 216 9.12 -4.38 60.66
N ASN J 217 7.91 -4.71 61.07
CA ASN J 217 7.62 -6.05 61.57
C ASN J 217 7.98 -7.08 60.52
N MET J 218 8.69 -8.12 60.93
CA MET J 218 9.19 -9.12 60.01
C MET J 218 8.48 -10.47 60.16
N ILE J 219 7.50 -10.55 61.06
CA ILE J 219 6.58 -11.69 61.12
C ILE J 219 5.32 -11.29 60.36
N ASP J 220 4.96 -12.09 59.36
CA ASP J 220 3.81 -11.80 58.50
C ASP J 220 2.54 -12.36 59.12
N GLU J 221 1.53 -11.51 59.26
CA GLU J 221 0.24 -11.88 59.81
C GLU J 221 -0.81 -11.94 58.71
N PRO J 222 -1.81 -12.80 58.83
CA PRO J 222 -2.88 -12.83 57.84
C PRO J 222 -3.64 -11.51 57.82
N ASP J 223 -4.07 -11.10 56.63
CA ASP J 223 -4.86 -9.88 56.50
C ASP J 223 -6.26 -10.10 57.03
N TRP J 224 -6.48 -9.75 58.30
CA TRP J 224 -7.77 -10.03 58.93
C TRP J 224 -8.90 -9.27 58.26
N ASN J 225 -8.65 -8.03 57.86
CA ASN J 225 -9.67 -7.20 57.24
C ASN J 225 -9.72 -7.38 55.72
N LYS J 226 -9.23 -8.50 55.20
CA LYS J 226 -9.32 -8.76 53.78
C LYS J 226 -10.77 -8.91 53.35
N PHE J 227 -11.07 -8.49 52.14
CA PHE J 227 -12.43 -8.53 51.62
C PHE J 227 -12.68 -9.87 50.92
N VAL J 228 -13.73 -10.57 51.34
CA VAL J 228 -14.07 -11.87 50.79
C VAL J 228 -15.54 -11.85 50.38
N PHE J 229 -15.88 -12.74 49.45
CA PHE J 229 -17.25 -12.90 49.00
C PHE J 229 -17.95 -13.91 49.90
N ILE J 230 -19.02 -13.50 50.56
CA ILE J 230 -19.77 -14.36 51.47
C ILE J 230 -21.18 -14.53 50.95
N HIS J 231 -21.71 -15.74 51.08
CA HIS J 231 -23.11 -16.03 50.83
C HIS J 231 -23.73 -16.45 52.16
N VAL J 232 -24.78 -15.73 52.56
CA VAL J 232 -25.37 -15.93 53.88
C VAL J 232 -26.23 -17.19 53.83
N ASN J 233 -25.71 -18.29 54.35
CA ASN J 233 -26.44 -19.55 54.33
C ASN J 233 -27.64 -19.50 55.28
N GLY J 234 -27.50 -18.82 56.41
CA GLY J 234 -28.43 -18.95 57.49
C GLY J 234 -27.97 -20.05 58.42
N PRO J 235 -28.76 -20.39 59.43
CA PRO J 235 -28.37 -21.44 60.36
C PRO J 235 -28.17 -22.76 59.63
N PRO J 236 -27.19 -23.56 60.03
CA PRO J 236 -26.94 -24.83 59.32
C PRO J 236 -28.14 -25.77 59.35
N ASP J 237 -28.90 -25.78 60.43
CA ASP J 237 -30.13 -26.55 60.48
C ASP J 237 -31.23 -25.82 59.71
N GLY J 238 -32.30 -26.55 59.40
CA GLY J 238 -33.41 -25.98 58.67
C GLY J 238 -34.35 -25.13 59.49
N LYS J 239 -34.13 -25.03 60.80
CA LYS J 239 -35.00 -24.26 61.68
C LYS J 239 -34.34 -22.92 62.00
N TRP J 240 -35.15 -21.86 61.94
CA TRP J 240 -34.67 -20.47 62.01
C TRP J 240 -34.78 -19.89 63.41
N ASN J 241 -35.94 -20.05 64.06
CA ASN J 241 -36.14 -19.45 65.38
C ASN J 241 -35.24 -20.04 66.45
N GLU J 242 -34.78 -21.28 66.27
CA GLU J 242 -33.92 -21.90 67.26
C GLU J 242 -32.58 -21.18 67.38
N ASP J 243 -32.02 -20.74 66.26
CA ASP J 243 -30.70 -20.16 66.25
C ASP J 243 -30.75 -18.71 66.74
N PRO J 244 -29.91 -18.33 67.71
CA PRO J 244 -29.84 -16.93 68.12
C PRO J 244 -29.13 -16.08 67.09
N LEU J 245 -28.92 -14.80 67.40
CA LEU J 245 -28.25 -13.81 66.55
C LEU J 245 -29.01 -13.50 65.29
N LEU J 246 -30.17 -14.11 65.07
CA LEU J 246 -30.91 -13.92 63.82
C LEU J 246 -32.04 -12.90 64.02
N GLN J 247 -31.64 -11.64 64.19
CA GLN J 247 -32.60 -10.56 64.35
C GLN J 247 -33.41 -10.38 63.07
N GLU J 248 -34.70 -10.68 63.11
CA GLU J 248 -35.52 -10.55 61.91
C GLU J 248 -35.56 -9.11 61.44
N ASN J 249 -35.33 -8.92 60.14
CA ASN J 249 -35.32 -7.61 59.53
C ASN J 249 -36.73 -7.22 59.12
N GLU J 250 -36.91 -5.97 58.72
CA GLU J 250 -38.18 -5.59 58.10
C GLU J 250 -38.30 -6.25 56.73
N PHE J 251 -39.50 -6.14 56.17
CA PHE J 251 -39.96 -6.90 55.00
C PHE J 251 -40.07 -8.40 55.28
N GLY J 252 -39.81 -8.82 56.52
CA GLY J 252 -39.98 -10.20 56.92
C GLY J 252 -38.81 -11.11 56.65
N LYS J 253 -37.79 -10.64 55.95
CA LYS J 253 -36.63 -11.47 55.67
C LYS J 253 -35.71 -11.51 56.88
N PRO J 254 -35.40 -12.69 57.43
CA PRO J 254 -34.48 -12.75 58.56
C PRO J 254 -33.08 -12.34 58.14
N CYS J 255 -32.32 -11.81 59.09
CA CYS J 255 -30.99 -11.32 58.80
C CYS J 255 -30.13 -11.41 60.04
N TYR J 256 -28.82 -11.45 59.83
CA TYR J 256 -27.86 -11.32 60.91
C TYR J 256 -27.55 -9.85 61.13
N THR J 257 -26.65 -9.55 62.05
CA THR J 257 -26.21 -8.18 62.26
C THR J 257 -24.79 -8.19 62.76
N VAL J 258 -23.89 -7.58 61.98
CA VAL J 258 -22.48 -7.50 62.33
C VAL J 258 -22.06 -6.04 62.21
N THR J 259 -21.18 -5.62 63.11
CA THR J 259 -20.72 -4.23 63.16
C THR J 259 -19.26 -4.16 62.75
N ILE J 260 -18.91 -3.12 62.01
CA ILE J 260 -17.54 -2.88 61.57
C ILE J 260 -16.90 -1.90 62.55
N PRO J 261 -15.96 -2.33 63.39
CA PRO J 261 -15.41 -1.41 64.40
C PRO J 261 -14.72 -0.20 63.81
N ASP J 262 -14.06 -0.33 62.66
CA ASP J 262 -13.33 0.80 62.09
C ASP J 262 -14.28 1.93 61.72
N LEU J 263 -15.41 1.62 61.11
CA LEU J 263 -16.37 2.63 60.71
C LEU J 263 -17.50 2.83 61.71
N LYS J 264 -17.58 1.99 62.74
CA LYS J 264 -18.67 2.03 63.70
C LYS J 264 -20.02 1.98 63.00
N GLU J 265 -20.15 1.03 62.07
CA GLU J 265 -21.32 0.90 61.22
C GLU J 265 -21.93 -0.48 61.39
N GLU J 266 -23.26 -0.54 61.41
CA GLU J 266 -23.98 -1.80 61.52
C GLU J 266 -24.57 -2.15 60.17
N VAL J 267 -24.33 -3.39 59.73
CA VAL J 267 -24.81 -3.88 58.44
C VAL J 267 -25.65 -5.12 58.68
N GLU J 268 -26.81 -5.19 58.03
CA GLU J 268 -27.71 -6.32 58.16
C GLU J 268 -27.38 -7.35 57.09
N LEU J 269 -27.01 -8.55 57.52
CA LEU J 269 -26.64 -9.63 56.60
C LEU J 269 -27.88 -10.48 56.36
N THR J 270 -28.63 -10.14 55.32
CA THR J 270 -29.85 -10.87 54.99
C THR J 270 -29.51 -12.29 54.54
N ILE J 271 -30.36 -13.24 54.92
CA ILE J 271 -30.15 -14.63 54.54
C ILE J 271 -30.42 -14.79 53.04
N GLY J 272 -29.64 -15.64 52.40
CA GLY J 272 -29.76 -15.85 50.98
C GLY J 272 -29.34 -14.66 50.14
N SER J 273 -28.28 -13.97 50.55
CA SER J 273 -27.76 -12.82 49.82
C SER J 273 -26.26 -12.90 49.79
N ILE J 274 -25.66 -12.23 48.80
CA ILE J 274 -24.23 -12.28 48.56
C ILE J 274 -23.63 -10.93 48.92
N TYR J 275 -22.56 -10.94 49.69
CA TYR J 275 -21.93 -9.73 50.19
C TYR J 275 -20.43 -9.77 49.94
N VAL J 276 -19.82 -8.59 49.94
CA VAL J 276 -18.37 -8.44 49.93
C VAL J 276 -18.00 -7.79 51.25
N MET J 277 -17.67 -8.61 52.24
CA MET J 277 -17.46 -8.14 53.60
C MET J 277 -16.03 -8.38 54.03
N ARG J 278 -15.57 -7.60 55.01
CA ARG J 278 -14.26 -7.83 55.59
C ARG J 278 -14.24 -9.18 56.29
N TYR J 279 -13.13 -9.90 56.15
CA TYR J 279 -13.06 -11.24 56.72
C TYR J 279 -13.11 -11.20 58.24
N GLU J 280 -12.51 -10.17 58.86
CA GLU J 280 -12.52 -10.10 60.32
C GLU J 280 -13.93 -9.99 60.86
N VAL J 281 -14.78 -9.24 60.17
CA VAL J 281 -16.16 -9.09 60.62
C VAL J 281 -16.91 -10.41 60.51
N ILE J 282 -16.64 -11.18 59.46
CA ILE J 282 -17.36 -12.41 59.16
C ILE J 282 -16.83 -13.62 59.92
N ARG J 283 -15.62 -13.54 60.46
CA ARG J 283 -14.92 -14.71 60.99
C ARG J 283 -15.78 -15.51 61.95
N ASP J 284 -16.49 -14.83 62.85
CA ASP J 284 -17.30 -15.53 63.84
C ASP J 284 -18.44 -16.32 63.19
N LEU J 285 -19.15 -15.70 62.25
CA LEU J 285 -20.23 -16.41 61.56
C LEU J 285 -19.68 -17.55 60.72
N LEU J 286 -18.54 -17.33 60.06
CA LEU J 286 -17.95 -18.35 59.23
C LEU J 286 -17.56 -19.58 60.04
N ARG J 287 -17.02 -19.36 61.25
CA ARG J 287 -16.68 -20.49 62.10
C ARG J 287 -17.92 -21.30 62.49
N ASP J 288 -19.08 -20.65 62.52
CA ASP J 288 -20.33 -21.33 62.83
C ASP J 288 -21.08 -21.82 61.60
N ASP J 289 -20.49 -21.67 60.42
CA ASP J 289 -21.07 -22.11 59.15
C ASP J 289 -22.39 -21.42 58.84
N LYS J 290 -22.66 -20.28 59.47
CA LYS J 290 -23.85 -19.52 59.12
C LYS J 290 -23.71 -18.80 57.79
N VAL J 291 -22.47 -18.56 57.35
CA VAL J 291 -22.18 -18.01 56.03
C VAL J 291 -21.10 -18.87 55.40
N ALA J 292 -20.99 -18.78 54.09
CA ALA J 292 -20.00 -19.54 53.35
C ALA J 292 -19.30 -18.62 52.36
N LEU J 293 -17.97 -18.73 52.28
CA LEU J 293 -17.22 -17.97 51.30
C LEU J 293 -17.50 -18.51 49.91
N ILE J 294 -17.84 -17.61 48.99
CA ILE J 294 -18.15 -18.00 47.62
C ILE J 294 -16.88 -18.50 46.96
N MET K 1 -14.73 -66.71 0.62
CA MET K 1 -14.99 -65.52 1.42
C MET K 1 -14.58 -65.74 2.87
N TYR K 2 -14.24 -64.65 3.57
CA TYR K 2 -13.93 -64.76 4.98
C TYR K 2 -14.95 -64.00 5.82
N TYR K 3 -15.12 -62.70 5.59
CA TYR K 3 -16.20 -61.90 6.17
C TYR K 3 -16.95 -61.21 5.05
N GLY K 4 -18.19 -61.62 4.82
CA GLY K 4 -19.02 -61.00 3.81
C GLY K 4 -19.56 -59.66 4.27
N ILE K 5 -20.43 -59.10 3.44
CA ILE K 5 -21.08 -57.84 3.80
C ILE K 5 -22.02 -58.04 4.97
N SER K 6 -22.79 -59.13 4.94
CA SER K 6 -23.85 -59.34 5.92
C SER K 6 -23.33 -59.73 7.30
N GLN K 7 -22.03 -60.01 7.45
CA GLN K 7 -21.50 -60.46 8.72
C GLN K 7 -20.36 -59.57 9.20
N PHE K 8 -20.37 -58.29 8.83
CA PHE K 8 -19.42 -57.35 9.43
C PHE K 8 -19.71 -57.16 10.91
N SER K 9 -21.00 -57.14 11.28
CA SER K 9 -21.37 -57.00 12.68
C SER K 9 -20.78 -58.11 13.52
N GLU K 10 -20.62 -59.31 12.96
CA GLU K 10 -19.97 -60.39 13.68
C GLU K 10 -18.52 -60.03 14.01
N ALA K 11 -17.81 -59.46 13.04
CA ALA K 11 -16.43 -59.04 13.29
C ALA K 11 -16.37 -57.92 14.33
N TYR K 12 -17.29 -56.96 14.25
CA TYR K 12 -17.30 -55.89 15.24
C TYR K 12 -17.57 -56.42 16.64
N ASN K 13 -18.53 -57.35 16.77
CA ASN K 13 -18.82 -57.92 18.07
C ASN K 13 -17.67 -58.75 18.58
N LYS K 14 -16.98 -59.46 17.68
CA LYS K 14 -15.79 -60.22 18.09
C LYS K 14 -14.71 -59.28 18.61
N ILE K 15 -14.51 -58.15 17.94
CA ILE K 15 -13.54 -57.16 18.41
C ILE K 15 -13.94 -56.63 19.78
N LEU K 16 -15.24 -56.33 19.96
CA LEU K 16 -15.71 -55.82 21.23
C LEU K 16 -15.49 -56.83 22.35
N ARG K 17 -15.82 -58.09 22.10
CA ARG K 17 -15.63 -59.12 23.12
C ARG K 17 -14.15 -59.28 23.45
N ASN K 18 -13.28 -59.24 22.44
CA ASN K 18 -11.88 -59.52 22.66
C ASN K 18 -11.14 -58.36 23.31
N SER K 19 -11.48 -57.11 22.98
CA SER K 19 -10.63 -56.01 23.42
C SER K 19 -11.38 -54.77 23.90
N SER K 20 -12.63 -54.87 24.32
CA SER K 20 -13.31 -53.72 24.89
C SER K 20 -13.17 -53.67 26.41
N SER K 21 -11.94 -53.76 26.90
CA SER K 21 -11.66 -53.71 28.32
C SER K 21 -11.08 -52.35 28.68
N HIS K 22 -11.71 -51.67 29.64
CA HIS K 22 -11.21 -50.38 30.09
C HIS K 22 -9.93 -50.49 30.90
N SER K 23 -9.51 -51.70 31.26
CA SER K 23 -8.30 -51.86 32.05
C SER K 23 -7.07 -51.42 31.26
N SER K 24 -6.97 -51.84 30.00
CA SER K 24 -5.79 -51.57 29.19
C SER K 24 -6.23 -51.23 27.77
N CYS K 25 -5.25 -51.11 26.87
CA CYS K 25 -5.47 -50.81 25.46
C CYS K 25 -4.98 -52.01 24.66
N GLN K 26 -5.89 -52.93 24.35
CA GLN K 26 -5.55 -54.17 23.67
C GLN K 26 -5.86 -54.13 22.18
N LEU K 27 -6.25 -52.98 21.64
CA LEU K 27 -6.58 -52.84 20.24
C LEU K 27 -5.60 -51.87 19.59
N VAL K 28 -5.02 -52.28 18.47
CA VAL K 28 -4.08 -51.45 17.72
C VAL K 28 -4.53 -51.42 16.27
N ILE K 29 -4.66 -50.20 15.73
CA ILE K 29 -5.10 -50.00 14.35
C ILE K 29 -3.90 -49.53 13.54
N PHE K 30 -3.48 -50.35 12.60
CA PHE K 30 -2.40 -49.99 11.69
C PHE K 30 -3.00 -49.37 10.43
N VAL K 31 -2.69 -48.09 10.20
CA VAL K 31 -3.23 -47.35 9.07
C VAL K 31 -2.10 -47.03 8.11
N SER K 32 -2.37 -47.19 6.82
CA SER K 32 -1.41 -46.85 5.79
C SER K 32 -1.52 -45.37 5.47
N CYS K 33 -0.49 -44.60 5.81
CA CYS K 33 -0.48 -43.21 5.42
C CYS K 33 -0.35 -43.09 3.90
N LEU K 34 -0.48 -41.85 3.41
CA LEU K 34 -0.55 -41.60 1.97
C LEU K 34 -1.71 -42.37 1.33
N ASN K 35 -2.84 -42.38 2.00
CA ASN K 35 -4.06 -42.97 1.45
C ASN K 35 -5.24 -42.28 2.11
N ILE K 36 -5.95 -41.44 1.35
CA ILE K 36 -7.09 -40.71 1.91
C ILE K 36 -8.20 -41.67 2.32
N ASP K 37 -8.41 -42.72 1.53
CA ASP K 37 -9.46 -43.68 1.86
C ASP K 37 -9.18 -44.35 3.20
N ALA K 38 -7.93 -44.78 3.42
CA ALA K 38 -7.58 -45.35 4.71
C ALA K 38 -7.67 -44.34 5.83
N LEU K 39 -7.35 -43.08 5.54
CA LEU K 39 -7.46 -42.03 6.55
C LEU K 39 -8.90 -41.85 7.00
N CYS K 40 -9.83 -41.79 6.05
CA CYS K 40 -11.23 -41.64 6.40
C CYS K 40 -11.77 -42.88 7.09
N ALA K 41 -11.35 -44.07 6.65
CA ALA K 41 -11.78 -45.29 7.33
C ALA K 41 -11.30 -45.33 8.76
N THR K 42 -10.04 -44.95 9.00
CA THR K 42 -9.52 -44.93 10.36
C THR K 42 -10.18 -43.85 11.19
N LYS K 43 -10.56 -42.73 10.59
CA LYS K 43 -11.33 -41.74 11.34
C LYS K 43 -12.69 -42.28 11.76
N MET K 44 -13.34 -43.00 10.85
CA MET K 44 -14.61 -43.66 11.21
C MET K 44 -14.41 -44.63 12.36
N LEU K 45 -13.37 -45.46 12.28
CA LEU K 45 -13.11 -46.43 13.35
C LEU K 45 -12.81 -45.72 14.66
N SER K 46 -12.05 -44.63 14.60
CA SER K 46 -11.73 -43.88 15.81
C SER K 46 -12.98 -43.33 16.46
N LEU K 47 -13.88 -42.75 15.66
CA LEU K 47 -15.12 -42.23 16.22
C LEU K 47 -15.98 -43.35 16.80
N LEU K 48 -16.08 -44.47 16.08
CA LEU K 48 -16.91 -45.58 16.55
C LEU K 48 -16.38 -46.14 17.86
N PHE K 49 -15.06 -46.31 17.97
CA PHE K 49 -14.48 -46.82 19.20
C PHE K 49 -14.47 -45.78 20.30
N LYS K 50 -14.53 -44.49 19.96
CA LYS K 50 -14.72 -43.48 20.98
C LYS K 50 -16.12 -43.53 21.56
N LYS K 51 -17.12 -43.84 20.73
CA LYS K 51 -18.48 -43.97 21.24
C LYS K 51 -18.59 -45.11 22.24
N GLN K 52 -17.95 -46.23 21.97
CA GLN K 52 -18.01 -47.39 22.85
C GLN K 52 -16.88 -47.46 23.86
N LEU K 53 -16.06 -46.41 23.95
CA LEU K 53 -14.98 -46.32 24.94
C LEU K 53 -14.05 -47.53 24.85
N VAL K 54 -13.71 -47.92 23.62
CA VAL K 54 -12.76 -49.00 23.39
C VAL K 54 -11.39 -48.35 23.19
N GLN K 55 -10.49 -48.55 24.15
CA GLN K 55 -9.16 -47.99 24.04
C GLN K 55 -8.42 -48.60 22.85
N SER K 56 -7.79 -47.75 22.07
CA SER K 56 -7.15 -48.19 20.83
C SER K 56 -5.93 -47.32 20.56
N GLN K 57 -5.02 -47.86 19.74
CA GLN K 57 -3.84 -47.14 19.30
C GLN K 57 -3.83 -47.11 17.78
N ILE K 58 -3.58 -45.93 17.22
CA ILE K 58 -3.55 -45.74 15.77
C ILE K 58 -2.11 -45.43 15.37
N VAL K 59 -1.54 -46.29 14.53
CA VAL K 59 -0.16 -46.15 14.09
C VAL K 59 -0.16 -45.93 12.58
N PRO K 60 0.36 -44.82 12.08
CA PRO K 60 0.53 -44.66 10.63
C PRO K 60 1.78 -45.39 10.17
N ILE K 61 1.61 -46.33 9.25
CA ILE K 61 2.72 -47.10 8.69
C ILE K 61 2.86 -46.74 7.22
N PHE K 62 4.08 -46.45 6.80
CA PHE K 62 4.35 -46.07 5.42
C PHE K 62 4.66 -47.26 4.53
N GLY K 63 5.49 -48.19 4.99
CA GLY K 63 5.93 -49.29 4.16
C GLY K 63 5.85 -50.62 4.90
N TYR K 64 6.06 -51.70 4.13
CA TYR K 64 6.00 -53.05 4.69
C TYR K 64 7.10 -53.29 5.71
N SER K 65 8.26 -52.67 5.53
CA SER K 65 9.34 -52.81 6.52
C SER K 65 8.91 -52.24 7.86
N GLU K 66 8.24 -51.08 7.84
CA GLU K 66 7.74 -50.51 9.10
C GLU K 66 6.69 -51.41 9.72
N LEU K 67 5.82 -52.02 8.90
CA LEU K 67 4.82 -52.95 9.43
C LEU K 67 5.49 -54.11 10.13
N ARG K 68 6.51 -54.71 9.48
CA ARG K 68 7.20 -55.84 10.08
C ARG K 68 7.90 -55.43 11.37
N ARG K 69 8.57 -54.27 11.37
CA ARG K 69 9.27 -53.83 12.56
C ARG K 69 8.30 -53.58 13.72
N HIS K 70 7.16 -52.94 13.43
CA HIS K 70 6.19 -52.69 14.48
C HIS K 70 5.58 -53.98 15.01
N TYR K 71 5.28 -54.93 14.12
CA TYR K 71 4.75 -56.20 14.59
C TYR K 71 5.76 -56.94 15.45
N SER K 72 7.03 -56.90 15.07
CA SER K 72 8.07 -57.48 15.94
C SER K 72 8.09 -56.77 17.28
N GLN K 73 7.95 -55.44 17.28
CA GLN K 73 7.87 -54.69 18.52
C GLN K 73 6.55 -54.89 19.24
N LEU K 74 5.53 -55.36 18.54
CA LEU K 74 4.20 -55.48 19.13
C LEU K 74 4.19 -56.45 20.30
N ASP K 75 3.60 -56.02 21.40
CA ASP K 75 3.49 -56.85 22.59
C ASP K 75 2.45 -57.94 22.39
N ASP K 76 2.56 -59.00 23.20
CA ASP K 76 1.62 -60.12 23.10
C ASP K 76 0.29 -59.84 23.78
N ASN K 77 0.20 -58.78 24.60
CA ASN K 77 -1.07 -58.46 25.23
C ASN K 77 -2.11 -58.00 24.21
N ILE K 78 -1.66 -57.29 23.18
CA ILE K 78 -2.58 -56.73 22.18
C ILE K 78 -3.19 -57.90 21.40
N ASN K 79 -4.49 -58.13 21.60
CA ASN K 79 -5.17 -59.28 21.03
C ASN K 79 -6.17 -58.88 19.95
N SER K 80 -5.93 -57.76 19.28
CA SER K 80 -6.76 -57.35 18.15
C SER K 80 -5.96 -56.37 17.31
N LEU K 81 -5.77 -56.70 16.04
CA LEU K 81 -4.96 -55.88 15.14
C LEU K 81 -5.77 -55.56 13.90
N LEU K 82 -5.83 -54.27 13.55
CA LEU K 82 -6.52 -53.80 12.36
C LEU K 82 -5.50 -53.26 11.38
N LEU K 83 -5.49 -53.81 10.17
CA LEU K 83 -4.63 -53.33 9.08
C LEU K 83 -5.55 -52.65 8.08
N VAL K 84 -5.44 -51.33 7.98
CA VAL K 84 -6.32 -50.53 7.14
C VAL K 84 -5.56 -50.07 5.92
N GLY K 85 -6.01 -50.47 4.74
CA GLY K 85 -5.44 -50.02 3.50
C GLY K 85 -4.32 -50.86 2.93
N PHE K 86 -4.03 -52.02 3.52
CA PHE K 86 -2.95 -52.86 3.02
C PHE K 86 -3.11 -54.25 3.61
N GLY K 87 -2.15 -55.13 3.25
CA GLY K 87 -2.09 -56.45 3.80
C GLY K 87 -2.91 -57.50 3.08
N GLY K 88 -3.74 -57.12 2.13
CA GLY K 88 -4.60 -58.08 1.46
C GLY K 88 -4.01 -58.76 0.26
N VAL K 89 -2.78 -58.44 -0.12
CA VAL K 89 -2.18 -58.96 -1.35
C VAL K 89 -0.88 -59.70 -1.07
N ILE K 90 -0.51 -59.88 0.19
CA ILE K 90 0.73 -60.57 0.55
C ILE K 90 0.43 -61.64 1.59
N ASP K 91 1.36 -62.58 1.72
CA ASP K 91 1.24 -63.68 2.68
C ASP K 91 1.59 -63.14 4.05
N LEU K 92 0.58 -62.59 4.74
CA LEU K 92 0.82 -61.87 5.97
C LEU K 92 1.38 -62.79 7.06
N GLU K 93 0.86 -64.01 7.17
CA GLU K 93 1.40 -64.94 8.14
C GLU K 93 2.86 -65.28 7.81
N ALA K 94 3.17 -65.43 6.53
CA ALA K 94 4.56 -65.65 6.14
C ALA K 94 5.37 -64.36 6.27
N PHE K 95 4.81 -63.23 5.87
CA PHE K 95 5.54 -61.97 5.94
C PHE K 95 5.87 -61.61 7.39
N LEU K 96 4.92 -61.79 8.29
CA LEU K 96 5.11 -61.44 9.69
C LEU K 96 5.67 -62.58 10.52
N GLU K 97 5.99 -63.71 9.90
CA GLU K 97 6.48 -64.90 10.60
C GLU K 97 5.47 -65.34 11.67
N ILE K 98 4.28 -65.72 11.20
CA ILE K 98 3.18 -66.12 12.06
C ILE K 98 2.95 -67.61 11.89
N ASP K 99 2.94 -68.34 13.00
CA ASP K 99 2.58 -69.75 13.02
C ASP K 99 1.39 -69.94 13.95
N PRO K 100 0.28 -70.49 13.46
CA PRO K 100 -0.94 -70.53 14.28
C PRO K 100 -0.81 -71.33 15.56
N GLN K 101 0.16 -72.25 15.64
CA GLN K 101 0.29 -73.07 16.84
C GLN K 101 0.76 -72.26 18.03
N GLU K 102 1.44 -71.14 17.78
CA GLU K 102 1.92 -70.28 18.86
C GLU K 102 0.93 -69.17 19.21
N TYR K 103 -0.20 -69.09 18.52
CA TYR K 103 -1.21 -68.09 18.79
C TYR K 103 -2.57 -68.70 19.11
N VAL K 104 -2.64 -70.02 19.30
CA VAL K 104 -3.90 -70.72 19.51
C VAL K 104 -4.06 -71.03 20.99
N ILE K 105 -5.25 -70.77 21.51
CA ILE K 105 -5.62 -71.11 22.89
C ILE K 105 -7.00 -71.74 22.86
N ASP K 106 -7.20 -72.76 23.71
CA ASP K 106 -8.48 -73.47 23.83
C ASP K 106 -8.90 -74.05 22.49
N THR K 107 -8.09 -74.99 22.00
CA THR K 107 -8.39 -75.64 20.73
C THR K 107 -9.64 -76.51 20.80
N ASP K 108 -10.07 -76.89 21.99
CA ASP K 108 -11.27 -77.72 22.15
C ASP K 108 -12.16 -77.19 23.26
N SER K 111 -15.91 -81.08 19.76
CA SER K 111 -15.43 -79.72 19.94
C SER K 111 -14.83 -79.17 18.64
N GLY K 112 -15.67 -78.98 17.64
CA GLY K 112 -15.23 -78.49 16.36
C GLY K 112 -15.15 -76.97 16.29
N GLU K 113 -14.18 -76.39 17.00
CA GLU K 113 -14.00 -74.96 17.01
C GLU K 113 -12.54 -74.65 17.35
N GLN K 114 -12.13 -73.42 17.05
CA GLN K 114 -10.77 -72.98 17.35
C GLN K 114 -10.79 -71.52 17.71
N SER K 115 -9.95 -71.14 18.68
CA SER K 115 -9.81 -69.76 19.11
C SER K 115 -8.33 -69.40 19.16
N PHE K 116 -8.03 -68.13 18.90
CA PHE K 116 -6.66 -67.67 18.83
C PHE K 116 -6.47 -66.47 19.74
N ARG K 117 -5.24 -66.29 20.23
CA ARG K 117 -4.93 -65.26 21.19
C ARG K 117 -4.73 -63.89 20.55
N ARG K 118 -4.69 -63.80 19.22
CA ARG K 118 -4.57 -62.53 18.54
C ARG K 118 -5.27 -62.63 17.20
N ASP K 119 -6.04 -61.61 16.86
CA ASP K 119 -6.79 -61.56 15.62
C ASP K 119 -6.33 -60.37 14.79
N ILE K 120 -5.97 -60.63 13.54
CA ILE K 120 -5.56 -59.59 12.61
C ILE K 120 -6.66 -59.43 11.57
N TYR K 121 -7.24 -58.24 11.52
CA TYR K 121 -8.31 -57.92 10.58
C TYR K 121 -7.74 -57.02 9.49
N VAL K 122 -7.52 -57.57 8.31
CA VAL K 122 -7.03 -56.80 7.18
C VAL K 122 -8.21 -56.10 6.53
N LEU K 123 -8.01 -54.85 6.12
CA LEU K 123 -9.10 -54.01 5.64
C LEU K 123 -8.54 -53.15 4.51
N ASP K 124 -8.69 -53.62 3.27
CA ASP K 124 -8.21 -52.89 2.11
C ASP K 124 -9.07 -53.28 0.91
N ALA K 125 -8.79 -52.63 -0.23
CA ALA K 125 -9.62 -52.78 -1.41
C ALA K 125 -8.87 -53.32 -2.62
N HIS K 126 -7.59 -53.63 -2.50
CA HIS K 126 -6.84 -54.17 -3.64
C HIS K 126 -7.25 -55.62 -3.87
N ARG K 127 -7.71 -55.92 -5.08
CA ARG K 127 -8.38 -57.18 -5.41
C ARG K 127 -7.54 -58.45 -5.45
N PRO K 128 -6.24 -58.41 -5.75
CA PRO K 128 -5.50 -59.67 -5.70
C PRO K 128 -5.40 -60.20 -4.28
N TRP K 129 -6.53 -60.67 -3.75
CA TRP K 129 -6.54 -61.30 -2.44
C TRP K 129 -5.58 -62.47 -2.44
N ASN K 130 -4.72 -62.53 -1.42
CA ASN K 130 -3.83 -63.67 -1.30
C ASN K 130 -4.64 -64.86 -0.81
N LEU K 131 -4.66 -65.93 -1.60
CA LEU K 131 -5.53 -67.06 -1.27
C LEU K 131 -5.11 -67.74 0.02
N ASP K 132 -3.84 -67.61 0.41
CA ASP K 132 -3.44 -68.13 1.71
C ASP K 132 -3.93 -67.26 2.86
N ASN K 133 -4.46 -66.07 2.58
CA ASN K 133 -5.08 -65.21 3.58
C ASN K 133 -6.59 -65.34 3.58
N ILE K 134 -7.22 -65.24 2.42
CA ILE K 134 -8.67 -65.31 2.34
C ILE K 134 -9.19 -66.73 2.55
N PHE K 135 -8.36 -67.75 2.36
CA PHE K 135 -8.83 -69.12 2.42
C PHE K 135 -8.06 -69.99 3.40
N GLY K 136 -6.75 -69.79 3.54
CA GLY K 136 -5.95 -70.74 4.30
C GLY K 136 -5.33 -70.20 5.57
N SER K 137 -6.05 -69.36 6.29
CA SER K 137 -5.55 -68.86 7.57
C SER K 137 -6.72 -68.38 8.41
N GLN K 138 -6.70 -68.76 9.69
CA GLN K 138 -7.75 -68.35 10.63
C GLN K 138 -7.39 -67.10 11.42
N ILE K 139 -6.10 -66.87 11.68
CA ILE K 139 -5.71 -65.64 12.36
C ILE K 139 -6.02 -64.42 11.51
N ILE K 140 -5.68 -64.49 10.22
CA ILE K 140 -5.89 -63.36 9.32
C ILE K 140 -7.34 -63.36 8.86
N GLN K 141 -8.05 -62.28 9.15
CA GLN K 141 -9.48 -62.17 8.86
C GLN K 141 -9.69 -60.99 7.93
N CYS K 142 -10.22 -61.27 6.74
CA CYS K 142 -10.31 -60.28 5.67
C CYS K 142 -11.73 -59.77 5.55
N PHE K 143 -11.88 -58.45 5.52
CA PHE K 143 -13.19 -57.82 5.36
C PHE K 143 -13.50 -57.76 3.88
N ASP K 144 -14.02 -58.86 3.36
CA ASP K 144 -14.35 -58.94 1.94
C ASP K 144 -15.55 -58.06 1.62
N ASP K 145 -15.65 -57.67 0.35
CA ASP K 145 -16.74 -56.86 -0.15
C ASP K 145 -17.68 -57.62 -1.06
N GLY K 146 -17.63 -58.95 -1.04
CA GLY K 146 -18.49 -59.77 -1.87
C GLY K 146 -17.87 -60.30 -3.14
N THR K 147 -16.61 -59.97 -3.41
CA THR K 147 -15.96 -60.50 -4.61
C THR K 147 -15.60 -61.97 -4.45
N VAL K 148 -15.11 -62.35 -3.28
CA VAL K 148 -14.58 -63.70 -3.11
C VAL K 148 -15.71 -64.73 -3.14
N ASP K 149 -16.84 -64.41 -2.52
CA ASP K 149 -17.95 -65.36 -2.49
C ASP K 149 -18.63 -65.51 -3.83
N ASP K 150 -18.32 -64.67 -4.81
CA ASP K 150 -18.98 -64.73 -6.10
C ASP K 150 -18.04 -64.95 -7.27
N THR K 151 -16.80 -64.49 -7.19
CA THR K 151 -15.86 -64.58 -8.30
C THR K 151 -14.61 -65.38 -7.95
N LEU K 152 -14.62 -66.14 -6.86
CA LEU K 152 -13.47 -66.97 -6.50
C LEU K 152 -13.88 -68.40 -6.19
N GLY K 153 -14.96 -68.89 -6.78
CA GLY K 153 -15.32 -70.28 -6.59
C GLY K 153 -14.30 -71.23 -7.18
N GLU K 154 -13.88 -70.97 -8.43
CA GLU K 154 -12.89 -71.83 -9.07
C GLU K 154 -11.56 -71.80 -8.31
N GLN K 155 -11.13 -70.60 -7.90
CA GLN K 155 -9.91 -70.51 -7.13
C GLN K 155 -10.05 -71.20 -5.77
N LYS K 156 -11.22 -71.11 -5.15
CA LYS K 156 -11.45 -71.81 -3.89
C LYS K 156 -11.28 -73.32 -4.08
N GLU K 157 -11.92 -73.88 -5.11
CA GLU K 157 -11.79 -75.31 -5.36
C GLU K 157 -10.35 -75.70 -5.65
N ALA K 158 -9.67 -74.90 -6.49
CA ALA K 158 -8.29 -75.20 -6.83
C ALA K 158 -7.38 -75.16 -5.61
N TYR K 159 -7.58 -74.17 -4.74
CA TYR K 159 -6.76 -74.07 -3.54
C TYR K 159 -7.02 -75.24 -2.60
N TYR K 160 -8.30 -75.57 -2.37
CA TYR K 160 -8.61 -76.65 -1.43
C TYR K 160 -8.16 -78.01 -1.94
N LYS K 161 -8.29 -78.28 -3.24
CA LYS K 161 -7.84 -79.57 -3.75
C LYS K 161 -6.34 -79.74 -3.56
N LEU K 162 -5.57 -78.71 -3.88
CA LEU K 162 -4.12 -78.77 -3.68
C LEU K 162 -3.77 -78.88 -2.19
N LEU K 163 -4.52 -78.19 -1.33
CA LEU K 163 -4.25 -78.27 0.10
C LEU K 163 -4.48 -79.67 0.63
N GLU K 164 -5.58 -80.31 0.24
CA GLU K 164 -5.91 -81.63 0.78
C GLU K 164 -5.06 -82.72 0.16
N LEU K 165 -4.71 -82.59 -1.12
CA LEU K 165 -3.98 -83.66 -1.80
C LEU K 165 -2.48 -83.62 -1.57
N ASP K 166 -1.98 -82.59 -0.87
CA ASP K 166 -0.55 -82.46 -0.57
C ASP K 166 0.31 -82.48 -1.83
N ARG K 223 -1.36 -91.09 -9.46
CA ARG K 223 -1.06 -91.62 -10.79
C ARG K 223 -1.04 -90.52 -11.84
N LYS K 224 -1.13 -90.91 -13.11
CA LYS K 224 -1.09 -89.95 -14.20
C LYS K 224 -2.27 -88.98 -14.14
N GLN K 225 -3.47 -89.51 -13.87
CA GLN K 225 -4.65 -88.65 -13.78
C GLN K 225 -4.53 -87.66 -12.62
N ARG K 226 -4.02 -88.12 -11.48
CA ARG K 226 -3.87 -87.24 -10.32
C ARG K 226 -2.90 -86.11 -10.61
N LYS K 227 -1.75 -86.44 -11.22
CA LYS K 227 -0.76 -85.42 -11.54
C LYS K 227 -1.29 -84.44 -12.58
N LYS K 228 -2.01 -84.95 -13.59
CA LYS K 228 -2.58 -84.07 -14.60
C LYS K 228 -3.60 -83.12 -13.99
N GLN K 229 -4.46 -83.63 -13.12
CA GLN K 229 -5.47 -82.78 -12.50
C GLN K 229 -4.84 -81.75 -11.57
N ILE K 230 -3.75 -82.13 -10.89
CA ILE K 230 -3.05 -81.18 -10.02
C ILE K 230 -2.50 -80.02 -10.84
N HIS K 231 -1.89 -80.33 -11.98
CA HIS K 231 -1.38 -79.27 -12.85
C HIS K 231 -2.53 -78.41 -13.39
N GLU K 232 -3.65 -79.03 -13.71
CA GLU K 232 -4.81 -78.26 -14.16
C GLU K 232 -5.30 -77.32 -13.07
N TYR K 233 -5.39 -77.81 -11.83
CA TYR K 233 -5.78 -76.95 -10.72
C TYR K 233 -4.73 -75.90 -10.43
N GLU K 234 -3.45 -76.30 -10.44
CA GLU K 234 -2.38 -75.34 -10.19
C GLU K 234 -2.34 -74.27 -11.27
N GLY K 235 -2.77 -74.61 -12.49
CA GLY K 235 -2.90 -73.60 -13.51
C GLY K 235 -3.96 -72.57 -13.16
N VAL K 236 -5.05 -73.02 -12.54
CA VAL K 236 -6.11 -72.10 -12.12
C VAL K 236 -5.57 -71.12 -11.07
N LEU K 237 -4.79 -71.62 -10.11
CA LEU K 237 -4.17 -70.74 -9.13
C LEU K 237 -3.20 -69.78 -9.80
N GLU K 238 -2.42 -70.28 -10.75
CA GLU K 238 -1.41 -69.43 -11.39
C GLU K 238 -2.05 -68.32 -12.22
N GLU K 239 -3.10 -68.64 -12.97
CA GLU K 239 -3.77 -67.60 -13.75
C GLU K 239 -4.46 -66.59 -12.84
N TYR K 240 -4.85 -67.01 -11.63
CA TYR K 240 -5.36 -66.06 -10.66
C TYR K 240 -4.29 -65.05 -10.27
N TYR K 241 -3.08 -65.52 -10.02
CA TYR K 241 -1.94 -64.63 -9.86
C TYR K 241 -1.55 -64.11 -11.24
N SER K 242 -0.43 -63.40 -11.32
CA SER K 242 -0.01 -62.75 -12.56
C SER K 242 -1.12 -61.83 -13.07
N GLN K 243 -1.79 -61.17 -12.14
CA GLN K 243 -2.88 -60.24 -12.44
C GLN K 243 -2.55 -58.89 -11.83
N GLY K 244 -2.84 -57.82 -12.57
CA GLY K 244 -2.56 -56.49 -12.06
C GLY K 244 -3.41 -56.15 -10.86
N THR K 245 -2.88 -55.29 -10.00
CA THR K 245 -3.56 -54.90 -8.78
C THR K 245 -4.50 -53.74 -9.07
N THR K 246 -5.79 -53.96 -8.90
CA THR K 246 -6.82 -52.94 -9.08
C THR K 246 -7.47 -52.63 -7.74
N VAL K 247 -8.49 -51.77 -7.80
CA VAL K 247 -9.29 -51.41 -6.63
C VAL K 247 -10.75 -51.44 -7.05
N VAL K 248 -11.57 -52.17 -6.30
CA VAL K 248 -12.98 -52.31 -6.67
C VAL K 248 -13.89 -51.51 -5.75
N ASN K 249 -13.53 -51.34 -4.48
CA ASN K 249 -14.39 -50.71 -3.50
C ASN K 249 -13.60 -49.66 -2.74
N SER K 250 -14.29 -48.92 -1.88
CA SER K 250 -13.65 -47.96 -1.00
C SER K 250 -13.80 -48.42 0.44
N ILE K 251 -12.71 -48.36 1.19
CA ILE K 251 -12.72 -48.81 2.57
C ILE K 251 -13.72 -48.02 3.38
N SER K 252 -13.86 -46.72 3.08
CA SER K 252 -14.82 -45.89 3.78
C SER K 252 -16.23 -46.40 3.59
N ALA K 253 -16.58 -46.80 2.36
CA ALA K 253 -17.90 -47.38 2.14
C ALA K 253 -18.10 -48.69 2.87
N GLN K 254 -17.06 -49.52 2.95
CA GLN K 254 -17.15 -50.77 3.69
C GLN K 254 -17.41 -50.53 5.17
N ILE K 255 -16.67 -49.60 5.78
CA ILE K 255 -16.87 -49.31 7.19
C ILE K 255 -18.21 -48.63 7.42
N TYR K 256 -18.67 -47.84 6.46
CA TYR K 256 -20.01 -47.27 6.59
C TYR K 256 -21.08 -48.34 6.49
N SER K 257 -20.86 -49.37 5.68
CA SER K 257 -21.78 -50.50 5.67
C SER K 257 -21.79 -51.20 7.03
N LEU K 258 -20.60 -51.37 7.62
CA LEU K 258 -20.54 -51.94 8.97
C LEU K 258 -21.30 -51.09 9.97
N LEU K 259 -21.13 -49.77 9.90
CA LEU K 259 -21.84 -48.86 10.79
C LEU K 259 -23.34 -48.95 10.58
N SER K 260 -23.78 -49.04 9.33
CA SER K 260 -25.20 -49.23 9.06
C SER K 260 -25.72 -50.51 9.69
N ALA K 261 -24.90 -51.56 9.66
CA ALA K 261 -25.27 -52.79 10.35
C ALA K 261 -25.40 -52.57 11.85
N ILE K 262 -24.45 -51.83 12.43
CA ILE K 262 -24.49 -51.57 13.87
C ILE K 262 -25.48 -50.48 14.22
N GLY K 263 -25.76 -49.56 13.30
CA GLY K 263 -26.71 -48.51 13.58
C GLY K 263 -26.13 -47.24 14.15
N GLU K 264 -24.85 -46.98 13.92
CA GLU K 264 -24.20 -45.78 14.42
C GLU K 264 -24.08 -44.68 13.36
N THR K 265 -24.79 -44.82 12.23
CA THR K 265 -24.66 -43.85 11.16
C THR K 265 -25.17 -42.48 11.57
N ASN K 266 -24.46 -41.44 11.13
CA ASN K 266 -24.86 -40.06 11.36
C ASN K 266 -24.23 -39.21 10.27
N LEU K 267 -24.49 -37.90 10.33
CA LEU K 267 -24.05 -37.03 9.24
C LEU K 267 -22.53 -36.96 9.14
N SER K 268 -21.82 -36.96 10.26
CA SER K 268 -20.36 -36.93 10.20
C SER K 268 -19.80 -38.20 9.57
N ASN K 269 -20.34 -39.36 9.95
CA ASN K 269 -19.90 -40.60 9.34
C ASN K 269 -20.23 -40.63 7.85
N LEU K 270 -21.40 -40.13 7.47
CA LEU K 270 -21.74 -40.07 6.05
C LEU K 270 -20.77 -39.16 5.30
N TRP K 271 -20.38 -38.05 5.92
CA TRP K 271 -19.43 -37.15 5.27
C TRP K 271 -18.07 -37.81 5.10
N LEU K 272 -17.62 -38.54 6.11
CA LEU K 272 -16.36 -39.26 5.96
C LEU K 272 -16.47 -40.31 4.86
N ASN K 273 -17.62 -40.98 4.75
CA ASN K 273 -17.83 -41.94 3.67
C ASN K 273 -17.75 -41.25 2.31
N ILE K 274 -18.36 -40.08 2.19
CA ILE K 274 -18.33 -39.35 0.94
C ILE K 274 -16.91 -38.95 0.59
N LEU K 275 -16.14 -38.50 1.58
CA LEU K 275 -14.75 -38.15 1.33
C LEU K 275 -13.94 -39.35 0.86
N GLY K 276 -14.10 -40.48 1.54
CA GLY K 276 -13.36 -41.67 1.16
C GLY K 276 -13.72 -42.14 -0.24
N THR K 277 -15.00 -42.08 -0.60
CA THR K 277 -15.41 -42.49 -1.93
C THR K 277 -14.91 -41.51 -2.99
N THR K 278 -15.02 -40.21 -2.72
CA THR K 278 -14.57 -39.21 -3.69
C THR K 278 -13.07 -39.22 -3.86
N SER K 279 -12.33 -39.79 -2.90
CA SER K 279 -10.90 -39.97 -3.11
C SER K 279 -10.59 -40.91 -4.27
N LEU K 280 -11.56 -41.70 -4.72
CA LEU K 280 -11.34 -42.67 -5.79
C LEU K 280 -11.76 -42.16 -7.16
N ASP K 281 -12.28 -40.94 -7.27
CA ASP K 281 -12.84 -40.48 -8.53
C ASP K 281 -11.78 -40.11 -9.56
N ILE K 282 -10.54 -39.90 -9.13
CA ILE K 282 -9.52 -39.45 -10.08
C ILE K 282 -8.96 -40.62 -10.88
N ALA K 283 -8.68 -41.74 -10.23
CA ALA K 283 -8.03 -42.86 -10.90
C ALA K 283 -8.91 -44.09 -11.09
N TYR K 284 -10.04 -44.17 -10.41
CA TYR K 284 -10.93 -45.33 -10.47
C TYR K 284 -12.37 -44.88 -10.65
N ALA K 285 -12.60 -44.02 -11.65
CA ALA K 285 -13.91 -43.38 -11.80
C ALA K 285 -15.03 -44.40 -11.92
N GLN K 286 -14.76 -45.61 -12.40
CA GLN K 286 -15.80 -46.63 -12.43
C GLN K 286 -16.24 -47.01 -11.03
N VAL K 287 -15.31 -47.09 -10.09
CA VAL K 287 -15.68 -47.41 -8.71
C VAL K 287 -16.53 -46.29 -8.11
N TYR K 288 -16.13 -45.04 -8.35
CA TYR K 288 -16.89 -43.91 -7.82
C TYR K 288 -18.29 -43.87 -8.41
N ASN K 289 -18.41 -44.13 -9.71
CA ASN K 289 -19.74 -44.16 -10.34
C ASN K 289 -20.56 -45.34 -9.85
N ARG K 290 -19.91 -46.44 -9.49
CA ARG K 290 -20.64 -47.57 -8.93
C ARG K 290 -21.18 -47.23 -7.54
N LEU K 291 -20.37 -46.59 -6.71
CA LEU K 291 -20.76 -46.30 -5.34
C LEU K 291 -21.58 -45.03 -5.18
N TYR K 292 -21.66 -44.18 -6.20
CA TYR K 292 -22.36 -42.92 -6.06
C TYR K 292 -23.84 -43.07 -5.70
N PRO K 293 -24.63 -43.95 -6.31
CA PRO K 293 -26.05 -44.03 -5.94
C PRO K 293 -26.29 -44.34 -4.47
N LEU K 294 -25.43 -45.15 -3.85
CA LEU K 294 -25.59 -45.45 -2.43
C LEU K 294 -25.43 -44.19 -1.59
N LEU K 295 -24.41 -43.39 -1.88
CA LEU K 295 -24.23 -42.13 -1.17
C LEU K 295 -25.40 -41.18 -1.43
N GLN K 296 -25.88 -41.15 -2.66
CA GLN K 296 -27.02 -40.29 -2.98
C GLN K 296 -28.25 -40.69 -2.17
N ASP K 297 -28.49 -41.99 -2.02
CA ASP K 297 -29.61 -42.45 -1.21
C ASP K 297 -29.40 -42.12 0.26
N GLU K 298 -28.18 -42.31 0.77
CA GLU K 298 -27.91 -42.05 2.18
C GLU K 298 -28.11 -40.58 2.52
N VAL K 299 -27.69 -39.68 1.63
CA VAL K 299 -27.86 -38.26 1.88
C VAL K 299 -29.34 -37.92 2.01
N LYS K 300 -30.17 -38.46 1.12
CA LYS K 300 -31.61 -38.22 1.22
C LYS K 300 -32.16 -38.81 2.52
N ARG K 301 -31.67 -39.99 2.92
CA ARG K 301 -32.19 -40.63 4.12
C ARG K 301 -31.87 -39.82 5.37
N LEU K 302 -30.65 -39.28 5.46
CA LEU K 302 -30.20 -38.66 6.71
C LEU K 302 -30.55 -37.19 6.82
N THR K 303 -30.81 -36.49 5.72
CA THR K 303 -31.11 -35.07 5.80
C THR K 303 -32.45 -34.85 6.51
N PRO K 304 -32.53 -33.94 7.46
CA PRO K 304 -33.79 -33.73 8.18
C PRO K 304 -34.87 -33.16 7.27
N SER K 305 -36.12 -33.45 7.64
CA SER K 305 -37.27 -33.03 6.85
C SER K 305 -37.49 -31.53 6.86
N SER K 306 -36.90 -30.81 7.81
CA SER K 306 -37.11 -29.37 7.95
C SER K 306 -36.31 -28.61 6.89
N ARG K 307 -36.66 -28.87 5.63
CA ARG K 307 -36.01 -28.22 4.51
C ARG K 307 -36.48 -26.78 4.38
N ASN K 308 -35.82 -26.05 3.47
CA ASN K 308 -36.12 -24.64 3.15
C ASN K 308 -36.19 -23.75 4.39
N SER K 309 -35.60 -24.19 5.50
CA SER K 309 -35.60 -23.39 6.71
C SER K 309 -34.52 -22.31 6.63
N VAL K 310 -34.62 -21.33 7.52
CA VAL K 310 -33.63 -20.27 7.56
C VAL K 310 -32.30 -20.82 8.04
N LYS K 311 -31.21 -20.26 7.51
CA LYS K 311 -29.87 -20.69 7.89
C LYS K 311 -29.55 -20.18 9.29
N THR K 312 -29.02 -21.06 10.13
CA THR K 312 -28.64 -20.75 11.49
C THR K 312 -27.19 -21.15 11.69
N PRO K 313 -26.49 -20.53 12.65
CA PRO K 313 -25.06 -20.80 12.81
C PRO K 313 -24.74 -22.22 13.23
N ASP K 314 -25.73 -23.11 13.33
CA ASP K 314 -25.50 -24.49 13.75
C ASP K 314 -25.85 -25.52 12.70
N THR K 315 -26.55 -25.15 11.63
CA THR K 315 -27.01 -26.13 10.65
C THR K 315 -25.85 -26.67 9.84
N LEU K 316 -25.78 -28.00 9.73
CA LEU K 316 -24.86 -28.68 8.85
C LEU K 316 -25.68 -29.35 7.77
N THR K 317 -25.41 -29.01 6.50
CA THR K 317 -26.24 -29.45 5.39
C THR K 317 -25.38 -30.20 4.38
N LEU K 318 -25.63 -31.50 4.25
CA LEU K 318 -25.15 -32.25 3.09
C LEU K 318 -26.14 -32.08 1.94
N ASN K 319 -25.64 -31.62 0.81
CA ASN K 319 -26.48 -31.35 -0.34
C ASN K 319 -25.88 -32.00 -1.57
N ILE K 320 -26.77 -32.38 -2.49
CA ILE K 320 -26.37 -32.89 -3.80
C ILE K 320 -26.74 -31.82 -4.81
N GLN K 321 -25.76 -31.00 -5.19
CA GLN K 321 -25.94 -29.89 -6.09
C GLN K 321 -24.87 -29.94 -7.17
N PRO K 322 -25.09 -29.26 -8.30
CA PRO K 322 -24.09 -29.25 -9.37
C PRO K 322 -22.70 -28.89 -8.87
N ASP K 323 -21.78 -29.85 -8.96
CA ASP K 323 -20.40 -29.68 -8.53
C ASP K 323 -19.53 -29.92 -9.76
N TYR K 324 -19.20 -28.84 -10.46
CA TYR K 324 -18.47 -28.94 -11.71
C TYR K 324 -17.08 -29.50 -11.46
N TYR K 325 -16.60 -30.29 -12.42
CA TYR K 325 -15.35 -31.04 -12.24
C TYR K 325 -14.15 -30.15 -12.56
N LEU K 326 -14.07 -29.04 -11.84
CA LEU K 326 -12.97 -28.09 -11.91
C LEU K 326 -12.09 -28.27 -10.68
N PHE K 327 -11.05 -27.45 -10.59
CA PHE K 327 -10.06 -27.58 -9.52
C PHE K 327 -10.24 -26.45 -8.52
N LEU K 328 -10.73 -26.78 -7.33
CA LEU K 328 -10.94 -25.84 -6.24
C LEU K 328 -11.72 -24.62 -6.72
N LEU K 329 -12.90 -24.88 -7.28
CA LEU K 329 -13.68 -23.81 -7.88
C LEU K 329 -14.10 -22.77 -6.85
N ARG K 330 -14.52 -23.22 -5.67
CA ARG K 330 -15.05 -22.29 -4.67
C ARG K 330 -13.96 -21.56 -3.91
N HIS K 331 -12.72 -22.04 -3.95
CA HIS K 331 -11.63 -21.44 -3.20
C HIS K 331 -10.60 -20.77 -4.10
N SER K 332 -10.91 -20.59 -5.38
CA SER K 332 -10.02 -19.89 -6.29
C SER K 332 -10.84 -19.32 -7.42
N SER K 333 -10.18 -18.53 -8.27
CA SER K 333 -10.88 -17.87 -9.35
C SER K 333 -11.40 -18.88 -10.35
N LEU K 334 -12.42 -18.46 -11.11
CA LEU K 334 -12.97 -19.33 -12.16
C LEU K 334 -11.91 -19.64 -13.21
N TYR K 335 -11.14 -18.62 -13.60
CA TYR K 335 -10.09 -18.82 -14.58
C TYR K 335 -9.05 -19.82 -14.09
N ASP K 336 -8.67 -19.73 -12.81
CA ASP K 336 -7.72 -20.69 -12.27
C ASP K 336 -8.33 -22.07 -12.11
N SER K 337 -9.65 -22.15 -11.92
CA SER K 337 -10.28 -23.47 -11.84
C SER K 337 -10.24 -24.17 -13.19
N PHE K 338 -10.57 -23.48 -14.28
CA PHE K 338 -10.40 -24.10 -15.59
C PHE K 338 -8.94 -24.35 -15.92
N TYR K 339 -8.06 -23.39 -15.64
CA TYR K 339 -6.69 -23.48 -16.13
C TYR K 339 -5.96 -24.67 -15.52
N TYR K 340 -6.14 -24.91 -14.23
CA TYR K 340 -5.41 -25.95 -13.52
C TYR K 340 -6.16 -27.26 -13.42
N SER K 341 -7.35 -27.36 -14.02
CA SER K 341 -8.07 -28.61 -14.02
C SER K 341 -7.35 -29.63 -14.89
N ASN K 342 -7.30 -30.88 -14.41
CA ASN K 342 -6.72 -31.95 -15.21
C ASN K 342 -7.55 -32.21 -16.46
N TYR K 343 -8.87 -32.29 -16.31
CA TYR K 343 -9.73 -32.64 -17.43
C TYR K 343 -9.72 -31.54 -18.50
N VAL K 344 -9.80 -30.28 -18.07
CA VAL K 344 -9.80 -29.18 -19.02
C VAL K 344 -8.46 -29.12 -19.75
N ASN K 345 -7.37 -29.33 -19.03
CA ASN K 345 -6.06 -29.39 -19.66
C ASN K 345 -6.00 -30.49 -20.71
N ALA K 346 -6.51 -31.67 -20.38
CA ALA K 346 -6.50 -32.76 -21.34
C ALA K 346 -7.34 -32.42 -22.56
N LYS K 347 -8.51 -31.82 -22.35
CA LYS K 347 -9.43 -31.55 -23.46
C LYS K 347 -9.05 -30.32 -24.28
N LEU K 348 -8.15 -29.48 -23.78
CA LEU K 348 -7.77 -28.27 -24.47
C LEU K 348 -6.26 -28.15 -24.71
N SER K 349 -5.46 -28.99 -24.09
CA SER K 349 -4.00 -28.95 -24.21
C SER K 349 -3.46 -27.56 -23.87
N LEU K 350 -3.77 -27.13 -22.64
CA LEU K 350 -3.32 -25.83 -22.17
C LEU K 350 -1.82 -25.78 -21.96
N TRP K 351 -1.13 -26.91 -21.99
CA TRP K 351 0.31 -26.89 -21.75
C TRP K 351 1.04 -26.13 -22.84
N ASN K 352 0.59 -26.26 -24.09
CA ASN K 352 1.19 -25.49 -25.16
C ASN K 352 0.71 -24.04 -25.12
N GLU K 353 1.27 -23.23 -26.02
CA GLU K 353 0.96 -21.80 -26.02
C GLU K 353 -0.47 -21.53 -26.49
N ASN K 354 -0.96 -22.31 -27.44
CA ASN K 354 -2.28 -22.06 -28.01
C ASN K 354 -3.40 -22.36 -27.00
N GLY K 355 -3.13 -23.16 -25.98
CA GLY K 355 -4.17 -23.50 -25.03
C GLY K 355 -4.70 -22.31 -24.26
N LYS K 356 -3.80 -21.42 -23.82
CA LYS K 356 -4.24 -20.24 -23.11
C LYS K 356 -5.12 -19.36 -23.99
N LYS K 357 -4.79 -19.24 -25.26
CA LYS K 357 -5.64 -18.51 -26.20
C LYS K 357 -7.00 -19.18 -26.32
N ARG K 358 -7.04 -20.51 -26.37
CA ARG K 358 -8.32 -21.21 -26.42
C ARG K 358 -9.14 -20.91 -25.17
N LEU K 359 -8.50 -20.90 -24.00
CA LEU K 359 -9.20 -20.63 -22.76
C LEU K 359 -9.78 -19.22 -22.74
N HIS K 360 -8.98 -18.24 -23.14
CA HIS K 360 -9.48 -16.86 -23.19
C HIS K 360 -10.63 -16.73 -24.18
N LYS K 361 -10.52 -17.41 -25.32
CA LYS K 361 -11.60 -17.39 -26.31
C LYS K 361 -12.87 -18.01 -25.74
N MET K 362 -12.74 -19.11 -24.99
CA MET K 362 -13.91 -19.71 -24.35
C MET K 362 -14.56 -18.75 -23.37
N PHE K 363 -13.75 -18.09 -22.55
CA PHE K 363 -14.31 -17.17 -21.56
C PHE K 363 -15.01 -16.00 -22.24
N ALA K 364 -14.43 -15.49 -23.33
CA ALA K 364 -15.09 -14.43 -24.08
C ALA K 364 -16.39 -14.94 -24.70
N ARG K 365 -16.39 -16.18 -25.17
CA ARG K 365 -17.59 -16.75 -25.77
C ARG K 365 -18.72 -16.83 -24.76
N MET K 366 -18.42 -17.26 -23.53
CA MET K 366 -19.47 -17.29 -22.52
C MET K 366 -19.94 -15.92 -22.09
N GLY K 367 -19.22 -14.86 -22.45
CA GLY K 367 -19.60 -13.54 -22.01
C GLY K 367 -19.14 -13.19 -20.62
N ILE K 368 -18.21 -13.94 -20.07
CA ILE K 368 -17.63 -13.66 -18.75
C ILE K 368 -16.36 -12.84 -18.97
N PRO K 369 -16.28 -11.60 -18.49
CA PRO K 369 -15.05 -10.82 -18.65
C PRO K 369 -13.90 -11.48 -17.91
N LEU K 370 -12.69 -11.27 -18.44
CA LEU K 370 -11.51 -11.84 -17.79
C LEU K 370 -11.32 -11.27 -16.40
N SER K 371 -11.68 -10.00 -16.18
CA SER K 371 -11.60 -9.44 -14.83
C SER K 371 -12.53 -10.16 -13.89
N THR K 372 -13.77 -10.42 -14.32
CA THR K 372 -14.69 -11.20 -13.50
C THR K 372 -14.25 -12.66 -13.39
N ALA K 373 -13.73 -13.22 -14.49
CA ALA K 373 -13.30 -14.60 -14.46
C ALA K 373 -12.17 -14.83 -13.48
N GLN K 374 -11.23 -13.89 -13.39
CA GLN K 374 -10.10 -14.02 -12.49
C GLN K 374 -10.40 -13.58 -11.08
N GLU K 375 -11.60 -13.08 -10.82
CA GLU K 375 -11.97 -12.69 -9.46
C GLU K 375 -12.17 -13.93 -8.59
N THR K 376 -11.87 -13.77 -7.30
CA THR K 376 -12.08 -14.85 -6.34
C THR K 376 -13.56 -15.21 -6.28
N TRP K 377 -13.84 -16.51 -6.11
CA TRP K 377 -15.20 -17.00 -6.27
C TRP K 377 -16.16 -16.37 -5.29
N LEU K 378 -15.71 -16.04 -4.08
CA LEU K 378 -16.60 -15.42 -3.11
C LEU K 378 -17.07 -14.05 -3.60
N TYR K 379 -16.17 -13.28 -4.17
CA TYR K 379 -16.47 -11.91 -4.55
C TYR K 379 -16.91 -11.75 -5.99
N MET K 380 -17.04 -12.85 -6.74
CA MET K 380 -17.58 -12.76 -8.08
C MET K 380 -19.00 -12.21 -8.03
N ASP K 381 -19.33 -11.36 -8.99
CA ASP K 381 -20.63 -10.70 -8.98
C ASP K 381 -21.75 -11.72 -8.99
N HIS K 382 -22.77 -11.49 -8.16
CA HIS K 382 -23.84 -12.45 -7.99
C HIS K 382 -24.61 -12.68 -9.29
N SER K 383 -24.53 -11.75 -10.24
CA SER K 383 -25.17 -11.96 -11.53
C SER K 383 -24.53 -13.13 -12.27
N ILE K 384 -23.20 -13.12 -12.39
CA ILE K 384 -22.51 -14.20 -13.10
C ILE K 384 -22.56 -15.49 -12.29
N LYS K 385 -22.35 -15.40 -10.98
CA LYS K 385 -22.25 -16.60 -10.17
C LYS K 385 -23.55 -17.38 -10.12
N ARG K 386 -24.68 -16.70 -10.30
CA ARG K 386 -25.97 -17.37 -10.29
C ARG K 386 -26.37 -17.89 -11.66
N GLU K 387 -25.62 -17.57 -12.71
CA GLU K 387 -25.91 -18.04 -14.06
C GLU K 387 -24.86 -19.02 -14.57
N LEU K 388 -24.09 -19.64 -13.67
CA LEU K 388 -23.05 -20.56 -14.11
C LEU K 388 -23.65 -21.79 -14.79
N GLY K 389 -24.76 -22.30 -14.27
CA GLY K 389 -25.36 -23.47 -14.88
C GLY K 389 -25.83 -23.21 -16.30
N ILE K 390 -26.55 -22.10 -16.50
CA ILE K 390 -27.05 -21.77 -17.83
C ILE K 390 -25.91 -21.51 -18.79
N ILE K 391 -24.92 -20.73 -18.35
CA ILE K 391 -23.79 -20.39 -19.22
C ILE K 391 -23.03 -21.64 -19.59
N PHE K 392 -22.80 -22.53 -18.64
CA PHE K 392 -22.09 -23.78 -18.93
C PHE K 392 -22.91 -24.67 -19.86
N ASP K 393 -24.24 -24.68 -19.71
CA ASP K 393 -25.07 -25.43 -20.64
C ASP K 393 -24.93 -24.90 -22.06
N LYS K 394 -24.93 -23.58 -22.22
CA LYS K 394 -24.88 -23.01 -23.55
C LYS K 394 -23.53 -23.20 -24.21
N ASN K 395 -22.44 -23.02 -23.47
CA ASN K 395 -21.12 -22.83 -24.06
C ASN K 395 -20.09 -23.81 -23.50
N LEU K 396 -20.44 -25.08 -23.40
CA LEU K 396 -19.43 -26.06 -23.02
C LEU K 396 -19.33 -27.20 -24.02
N ASP K 397 -20.45 -27.62 -24.61
CA ASP K 397 -20.40 -28.67 -25.62
C ASP K 397 -19.61 -28.26 -26.85
N ARG K 398 -19.45 -26.94 -27.07
CA ARG K 398 -18.66 -26.48 -28.19
C ARG K 398 -17.20 -26.92 -28.07
N TYR K 399 -16.65 -26.86 -26.86
CA TYR K 399 -15.26 -27.21 -26.63
C TYR K 399 -15.08 -28.65 -26.17
N GLY K 400 -16.16 -29.43 -26.11
CA GLY K 400 -16.06 -30.80 -25.66
C GLY K 400 -15.98 -30.97 -24.17
N LEU K 401 -16.21 -29.92 -23.39
CA LEU K 401 -16.16 -29.97 -21.94
C LEU K 401 -17.52 -30.24 -21.32
N GLN K 402 -18.39 -30.97 -22.01
CA GLN K 402 -19.71 -31.26 -21.45
C GLN K 402 -19.60 -32.11 -20.19
N ASP K 403 -18.54 -32.89 -20.06
CA ASP K 403 -18.34 -33.70 -18.87
C ASP K 403 -17.96 -32.87 -17.64
N ILE K 404 -17.64 -31.60 -17.82
CA ILE K 404 -17.33 -30.74 -16.68
C ILE K 404 -18.53 -30.65 -15.74
N ILE K 405 -19.72 -30.47 -16.31
CA ILE K 405 -20.94 -30.42 -15.50
C ILE K 405 -21.17 -31.76 -14.84
N ARG K 406 -21.41 -31.74 -13.54
CA ARG K 406 -21.49 -32.97 -12.75
C ARG K 406 -22.27 -32.69 -11.48
N ASP K 407 -22.64 -33.76 -10.80
CA ASP K 407 -23.34 -33.67 -9.51
C ASP K 407 -22.44 -34.18 -8.40
N GLY K 408 -22.28 -33.39 -7.35
CA GLY K 408 -21.44 -33.74 -6.24
C GLY K 408 -22.09 -33.36 -4.92
N PHE K 409 -21.35 -33.58 -3.84
CA PHE K 409 -21.83 -33.34 -2.49
C PHE K 409 -21.15 -32.09 -1.93
N VAL K 410 -21.96 -31.17 -1.41
CA VAL K 410 -21.49 -29.90 -0.89
C VAL K 410 -21.98 -29.75 0.53
N ARG K 411 -21.06 -29.49 1.47
CA ARG K 411 -21.39 -29.37 2.88
C ARG K 411 -21.13 -27.95 3.34
N THR K 412 -22.14 -27.33 3.94
CA THR K 412 -22.03 -26.00 4.52
C THR K 412 -22.25 -26.12 6.02
N LEU K 413 -21.34 -25.55 6.79
CA LEU K 413 -21.42 -25.60 8.25
C LEU K 413 -21.79 -24.21 8.74
N GLY K 414 -23.09 -23.97 8.86
CA GLY K 414 -23.58 -22.71 9.38
C GLY K 414 -23.29 -21.54 8.46
N TYR K 415 -22.38 -20.66 8.89
CA TYR K 415 -22.04 -19.46 8.14
C TYR K 415 -20.64 -19.53 7.53
N ARG K 416 -20.04 -20.71 7.49
CA ARG K 416 -18.64 -20.83 7.08
C ARG K 416 -18.46 -21.04 5.59
N GLY K 417 -19.53 -21.02 4.81
CA GLY K 417 -19.38 -21.12 3.37
C GLY K 417 -19.30 -22.55 2.88
N SER K 418 -19.70 -22.76 1.63
CA SER K 418 -19.81 -24.11 1.10
C SER K 418 -18.45 -24.70 0.81
N ILE K 419 -18.41 -26.03 0.76
CA ILE K 419 -17.23 -26.76 0.31
C ILE K 419 -17.68 -28.13 -0.17
N SER K 420 -17.11 -28.57 -1.28
CA SER K 420 -17.48 -29.85 -1.87
C SER K 420 -16.46 -30.92 -1.51
N ALA K 421 -16.90 -32.17 -1.61
CA ALA K 421 -16.02 -33.29 -1.27
C ALA K 421 -14.80 -33.32 -2.18
N SER K 422 -14.96 -32.94 -3.44
CA SER K 422 -13.83 -32.91 -4.37
C SER K 422 -12.76 -31.94 -3.89
N GLU K 423 -13.17 -30.77 -3.43
CA GLU K 423 -12.22 -29.81 -2.89
C GLU K 423 -11.62 -30.29 -1.58
N PHE K 424 -12.44 -30.91 -0.74
CA PHE K 424 -11.98 -31.34 0.57
C PHE K 424 -10.89 -32.40 0.45
N VAL K 425 -11.07 -33.36 -0.46
CA VAL K 425 -10.04 -34.38 -0.63
C VAL K 425 -8.77 -33.82 -1.24
N GLU K 426 -8.87 -32.80 -2.11
CA GLU K 426 -7.65 -32.16 -2.58
C GLU K 426 -6.91 -31.47 -1.45
N ALA K 427 -7.64 -30.81 -0.55
CA ALA K 427 -6.98 -30.20 0.60
C ALA K 427 -6.33 -31.26 1.49
N LEU K 428 -7.01 -32.37 1.73
CA LEU K 428 -6.44 -33.43 2.53
C LEU K 428 -5.19 -34.02 1.88
N THR K 429 -5.23 -34.22 0.56
CA THR K 429 -4.08 -34.75 -0.15
C THR K 429 -2.90 -33.79 -0.08
N ALA K 430 -3.18 -32.49 -0.23
CA ALA K 430 -2.11 -31.50 -0.11
C ALA K 430 -1.48 -31.54 1.27
N LEU K 431 -2.30 -31.65 2.31
CA LEU K 431 -1.75 -31.73 3.66
C LEU K 431 -0.92 -33.00 3.84
N LEU K 432 -1.35 -34.11 3.26
CA LEU K 432 -0.51 -35.31 3.29
C LEU K 432 0.83 -35.10 2.59
N GLU K 433 0.84 -34.43 1.45
CA GLU K 433 2.06 -34.29 0.66
C GLU K 433 3.05 -33.29 1.25
N VAL K 434 2.61 -32.07 1.50
CA VAL K 434 3.55 -31.02 1.88
C VAL K 434 3.16 -30.39 3.22
N GLY K 435 2.58 -31.19 4.12
CA GLY K 435 2.09 -30.64 5.36
C GLY K 435 3.15 -29.94 6.18
N ASN K 436 4.32 -30.56 6.31
CA ASN K 436 5.39 -29.98 7.11
C ASN K 436 6.66 -29.79 6.30
N ASN K 461 24.05 -42.32 5.46
CA ASN K 461 24.16 -41.35 4.39
C ASN K 461 22.96 -41.41 3.46
N SER K 462 22.61 -42.63 3.04
CA SER K 462 21.46 -42.85 2.15
C SER K 462 20.32 -43.58 2.84
N ALA K 463 20.61 -44.47 3.79
CA ALA K 463 19.56 -45.19 4.51
C ALA K 463 19.03 -44.43 5.71
N GLN K 464 19.57 -43.25 6.01
CA GLN K 464 19.14 -42.47 7.17
C GLN K 464 18.28 -41.28 6.78
N LYS K 465 18.69 -40.52 5.76
CA LYS K 465 17.87 -39.39 5.31
C LYS K 465 16.52 -39.89 4.76
N LEU K 466 16.52 -41.05 4.12
CA LEU K 466 15.27 -41.63 3.65
C LEU K 466 14.33 -41.92 4.81
N THR K 467 14.88 -42.43 5.92
CA THR K 467 14.06 -42.64 7.12
C THR K 467 13.55 -41.32 7.67
N ASN K 468 14.32 -40.24 7.54
CA ASN K 468 13.81 -38.92 7.92
C ASN K 468 12.64 -38.52 7.05
N LEU K 469 12.71 -38.81 5.74
CA LEU K 469 11.57 -38.56 4.87
C LEU K 469 10.37 -39.37 5.30
N ARG K 470 10.57 -40.65 5.64
CA ARG K 470 9.45 -41.46 6.12
C ARG K 470 8.85 -40.88 7.38
N LYS K 471 9.70 -40.37 8.28
CA LYS K 471 9.20 -39.76 9.51
C LYS K 471 8.34 -38.54 9.22
N ARG K 472 8.79 -37.67 8.33
CA ARG K 472 7.99 -36.51 7.95
C ARG K 472 6.68 -36.92 7.30
N TRP K 473 6.74 -37.96 6.47
CA TRP K 473 5.56 -38.45 5.76
C TRP K 473 4.54 -39.04 6.72
N VAL K 474 5.01 -39.73 7.76
CA VAL K 474 4.12 -40.20 8.81
C VAL K 474 3.54 -39.02 9.58
N SER K 475 4.35 -38.00 9.86
CA SER K 475 3.86 -36.85 10.59
C SER K 475 2.74 -36.13 9.83
N ASN K 476 2.87 -36.03 8.52
CA ASN K 476 1.83 -35.36 7.72
C ASN K 476 0.48 -36.04 7.82
N PHE K 477 0.46 -37.34 8.12
CA PHE K 477 -0.80 -38.05 8.30
C PHE K 477 -1.64 -37.42 9.40
N TRP K 478 -1.00 -36.97 10.47
CA TRP K 478 -1.75 -36.38 11.56
C TRP K 478 -2.24 -34.98 11.23
N LEU K 479 -1.52 -34.23 10.41
CA LEU K 479 -2.06 -32.97 9.90
C LEU K 479 -3.32 -33.22 9.08
N SER K 480 -3.27 -34.19 8.18
CA SER K 480 -4.46 -34.49 7.38
C SER K 480 -5.58 -35.03 8.26
N TRP K 481 -5.24 -35.74 9.32
CA TRP K 481 -6.25 -36.25 10.25
C TRP K 481 -6.93 -35.12 11.00
N ASP K 482 -6.15 -34.18 11.54
CA ASP K 482 -6.71 -33.04 12.24
C ASP K 482 -7.49 -32.12 11.31
N ALA K 483 -7.19 -32.14 10.02
CA ALA K 483 -7.97 -31.32 9.10
C ALA K 483 -9.43 -31.74 9.05
N LEU K 484 -9.72 -33.01 9.35
CA LEU K 484 -11.11 -33.48 9.28
C LEU K 484 -11.98 -32.83 10.34
N ASP K 485 -11.42 -32.49 11.49
CA ASP K 485 -12.21 -31.91 12.57
C ASP K 485 -12.77 -30.56 12.17
N ASP K 486 -14.04 -30.32 12.50
CA ASP K 486 -14.69 -29.07 12.14
C ASP K 486 -14.10 -27.87 12.88
N ARG K 487 -13.41 -28.10 13.98
CA ARG K 487 -12.84 -27.01 14.77
C ARG K 487 -11.48 -26.56 14.25
N LYS K 488 -10.96 -27.19 13.19
CA LYS K 488 -9.64 -26.84 12.68
C LYS K 488 -9.73 -26.37 11.23
N VAL K 489 -10.69 -25.49 10.93
CA VAL K 489 -10.83 -24.98 9.58
C VAL K 489 -9.61 -24.15 9.18
N GLU K 490 -8.93 -23.56 10.15
CA GLU K 490 -7.71 -22.82 9.83
C GLU K 490 -6.61 -23.73 9.30
N LEU K 491 -6.73 -25.03 9.53
CA LEU K 491 -5.83 -26.01 8.93
C LEU K 491 -6.32 -26.47 7.56
N LEU K 492 -7.63 -26.56 7.37
CA LEU K 492 -8.16 -26.91 6.06
C LEU K 492 -7.87 -25.82 5.04
N ASN K 493 -7.92 -24.56 5.46
CA ASN K 493 -7.57 -23.47 4.55
C ASN K 493 -6.10 -23.54 4.15
N ARG K 494 -5.22 -23.85 5.09
CA ARG K 494 -3.82 -24.06 4.75
C ARG K 494 -3.67 -25.22 3.77
N GLY K 495 -4.45 -26.27 3.96
CA GLY K 495 -4.44 -27.37 3.01
C GLY K 495 -4.87 -26.94 1.62
N ILE K 496 -5.88 -26.07 1.54
CA ILE K 496 -6.34 -25.56 0.25
C ILE K 496 -5.24 -24.77 -0.43
N GLN K 497 -4.56 -23.91 0.33
CA GLN K 497 -3.46 -23.13 -0.24
C GLN K 497 -2.35 -24.03 -0.73
N LEU K 498 -2.00 -25.06 0.04
CA LEU K 498 -0.99 -26.01 -0.38
C LEU K 498 -1.42 -26.77 -1.62
N ALA K 499 -2.72 -27.09 -1.73
CA ALA K 499 -3.21 -27.77 -2.93
C ALA K 499 -3.05 -26.89 -4.16
N GLN K 500 -3.37 -25.61 -4.04
CA GLN K 500 -3.17 -24.72 -5.18
C GLN K 500 -1.70 -24.63 -5.56
N ASP K 501 -0.81 -24.51 -4.57
CA ASP K 501 0.63 -24.43 -4.88
C ASP K 501 1.12 -25.70 -5.54
N LEU K 502 0.69 -26.87 -5.06
CA LEU K 502 1.14 -28.12 -5.63
C LEU K 502 0.59 -28.32 -7.04
N GLN K 503 -0.65 -27.93 -7.29
CA GLN K 503 -1.15 -28.03 -8.65
C GLN K 503 -0.39 -27.10 -9.58
N ARG K 504 -0.02 -25.91 -9.09
CA ARG K 504 0.80 -25.02 -9.92
C ARG K 504 2.15 -25.65 -10.25
N ALA K 505 2.79 -26.26 -9.25
CA ALA K 505 4.08 -26.91 -9.50
C ALA K 505 3.94 -28.08 -10.45
N ILE K 506 2.86 -28.86 -10.30
CA ILE K 506 2.62 -29.98 -11.19
C ILE K 506 2.41 -29.50 -12.61
N PHE K 507 1.65 -28.42 -12.79
CA PHE K 507 1.45 -27.87 -14.12
C PHE K 507 2.77 -27.40 -14.73
N ASN K 508 3.60 -26.74 -13.94
CA ASN K 508 4.88 -26.26 -14.47
C ASN K 508 5.76 -27.43 -14.90
N THR K 509 5.86 -28.46 -14.06
CA THR K 509 6.66 -29.62 -14.45
C THR K 509 6.06 -30.37 -15.63
N GLY K 510 4.74 -30.40 -15.74
CA GLY K 510 4.12 -31.05 -16.88
C GLY K 510 4.40 -30.33 -18.18
N VAL K 511 4.31 -29.00 -18.18
CA VAL K 511 4.64 -28.27 -19.41
C VAL K 511 6.12 -28.38 -19.71
N ALA K 512 6.96 -28.49 -18.67
CA ALA K 512 8.38 -28.72 -18.92
C ALA K 512 8.65 -30.08 -19.53
N ILE K 513 7.94 -31.12 -19.09
CA ILE K 513 8.12 -32.45 -19.65
C ILE K 513 7.57 -32.55 -21.06
N LEU K 514 6.38 -32.00 -21.32
CA LEU K 514 5.77 -32.13 -22.63
C LEU K 514 6.42 -31.23 -23.67
N GLU K 515 7.12 -30.18 -23.27
CA GLU K 515 7.80 -29.32 -24.22
C GLU K 515 9.13 -29.91 -24.67
N LYS K 516 9.93 -30.40 -23.73
CA LYS K 516 11.18 -31.06 -24.08
C LYS K 516 10.97 -32.45 -24.64
N LYS K 517 9.73 -32.95 -24.66
CA LYS K 517 9.42 -34.30 -25.13
C LYS K 517 10.22 -35.34 -24.33
N LEU K 518 10.12 -35.26 -23.01
CA LEU K 518 10.88 -36.15 -22.15
C LEU K 518 10.33 -37.56 -22.16
N ILE K 519 9.04 -37.73 -22.46
CA ILE K 519 8.44 -39.05 -22.45
C ILE K 519 8.89 -39.82 -23.69
N LYS K 520 9.74 -40.83 -23.49
CA LYS K 520 10.26 -41.61 -24.59
C LYS K 520 9.25 -42.71 -24.92
N HIS K 521 8.62 -42.60 -26.09
CA HIS K 521 7.65 -43.60 -26.50
C HIS K 521 8.35 -44.92 -26.79
N LEU K 522 7.76 -46.01 -26.32
CA LEU K 522 8.25 -47.35 -26.57
C LEU K 522 7.10 -48.22 -27.04
N ARG K 523 7.41 -49.49 -27.32
CA ARG K 523 6.39 -50.48 -27.67
C ARG K 523 5.92 -51.27 -26.47
N ILE K 524 6.47 -51.01 -25.29
CA ILE K 524 6.07 -51.66 -24.05
C ILE K 524 5.53 -50.66 -23.04
N TYR K 525 6.26 -49.57 -22.81
CA TYR K 525 5.88 -48.59 -21.80
C TYR K 525 6.54 -47.26 -22.12
N ARG K 526 5.79 -46.18 -21.97
CA ARG K 526 6.30 -44.84 -22.26
C ARG K 526 7.09 -44.35 -21.07
N LEU K 527 8.41 -44.49 -21.13
CA LEU K 527 9.26 -44.08 -20.02
C LEU K 527 9.34 -42.56 -19.93
N CYS K 528 9.61 -42.07 -18.73
CA CYS K 528 9.84 -40.64 -18.51
C CYS K 528 10.63 -40.48 -17.22
N VAL K 529 11.85 -39.99 -17.31
CA VAL K 529 12.72 -39.84 -16.16
C VAL K 529 12.99 -38.35 -15.94
N LEU K 530 12.78 -37.89 -14.71
CA LEU K 530 13.09 -36.53 -14.32
C LEU K 530 14.51 -36.51 -13.78
N GLN K 531 15.43 -35.92 -14.55
CA GLN K 531 16.83 -35.86 -14.18
C GLN K 531 17.22 -34.55 -13.52
N ASP K 532 16.65 -33.43 -13.97
CA ASP K 532 17.01 -32.12 -13.45
C ASP K 532 15.85 -31.17 -13.65
N GLY K 533 15.87 -30.07 -12.90
CA GLY K 533 14.86 -29.06 -13.01
C GLY K 533 14.61 -28.35 -11.70
N PRO K 534 13.52 -27.60 -11.62
CA PRO K 534 13.16 -26.91 -10.39
C PRO K 534 12.26 -27.79 -9.52
N ASP K 535 12.25 -27.46 -8.22
CA ASP K 535 11.41 -28.11 -7.21
C ASP K 535 11.34 -29.61 -7.38
N LEU K 536 12.46 -30.24 -7.76
CA LEU K 536 12.47 -31.68 -7.96
C LEU K 536 12.37 -32.45 -6.65
N ASP K 537 12.54 -31.77 -5.51
CA ASP K 537 12.37 -32.42 -4.22
C ASP K 537 10.91 -32.67 -3.86
N LEU K 538 9.97 -32.12 -4.63
CA LEU K 538 8.57 -32.40 -4.37
C LEU K 538 8.21 -33.83 -4.73
N TYR K 539 8.91 -34.42 -5.69
CA TYR K 539 8.49 -35.67 -6.29
C TYR K 539 9.08 -36.90 -5.61
N ARG K 540 9.88 -36.73 -4.56
CA ARG K 540 10.26 -37.88 -3.77
C ARG K 540 9.08 -38.42 -2.97
N ASN K 541 8.07 -37.60 -2.74
CA ASN K 541 6.85 -38.08 -2.10
C ASN K 541 6.02 -38.88 -3.10
N PRO K 542 5.63 -40.11 -2.77
CA PRO K 542 4.86 -40.91 -3.74
C PRO K 542 3.55 -40.26 -4.14
N LEU K 543 2.91 -39.52 -3.24
CA LEU K 543 1.63 -38.90 -3.57
C LEU K 543 1.79 -37.82 -4.62
N THR K 544 2.82 -36.98 -4.50
CA THR K 544 3.05 -35.93 -5.49
C THR K 544 3.44 -36.53 -6.83
N LEU K 545 4.26 -37.57 -6.81
CA LEU K 545 4.63 -38.25 -8.05
C LEU K 545 3.40 -38.86 -8.72
N LEU K 546 2.51 -39.45 -7.93
CA LEU K 546 1.26 -39.97 -8.50
C LEU K 546 0.37 -38.85 -9.01
N ARG K 547 0.40 -37.68 -8.37
CA ARG K 547 -0.36 -36.54 -8.87
C ARG K 547 0.15 -36.11 -10.25
N LEU K 548 1.47 -35.99 -10.38
CA LEU K 548 2.04 -35.65 -11.68
C LEU K 548 1.75 -36.73 -12.71
N GLY K 549 1.83 -37.99 -12.32
CA GLY K 549 1.52 -39.07 -13.23
C GLY K 549 0.08 -39.04 -13.69
N ASN K 550 -0.84 -38.73 -12.77
CA ASN K 550 -2.24 -38.60 -13.14
C ASN K 550 -2.45 -37.44 -14.10
N TRP K 551 -1.75 -36.34 -13.89
CA TRP K 551 -1.78 -35.24 -14.85
C TRP K 551 -1.36 -35.71 -16.24
N LEU K 552 -0.20 -36.37 -16.33
CA LEU K 552 0.29 -36.83 -17.62
C LEU K 552 -0.65 -37.85 -18.25
N ILE K 553 -1.19 -38.77 -17.44
CA ILE K 553 -2.05 -39.82 -17.97
C ILE K 553 -3.37 -39.24 -18.46
N GLU K 554 -3.90 -38.26 -17.74
CA GLU K 554 -5.10 -37.58 -18.22
C GLU K 554 -4.82 -36.86 -19.53
N CYS K 555 -3.66 -36.22 -19.64
CA CYS K 555 -3.31 -35.56 -20.90
C CYS K 555 -3.20 -36.56 -22.04
N CYS K 556 -2.57 -37.72 -21.79
CA CYS K 556 -2.37 -38.70 -22.84
C CYS K 556 -3.66 -39.43 -23.20
N ALA K 557 -4.57 -39.57 -22.24
CA ALA K 557 -5.77 -40.37 -22.48
C ALA K 557 -6.71 -39.70 -23.47
N GLU K 558 -6.70 -38.38 -23.55
CA GLU K 558 -7.57 -37.66 -24.46
C GLU K 558 -6.96 -37.48 -25.84
N SER K 559 -5.74 -37.98 -26.06
CA SER K 559 -5.10 -37.96 -27.37
C SER K 559 -5.42 -39.27 -28.09
N GLU K 560 -6.17 -39.17 -29.18
CA GLU K 560 -6.60 -40.37 -29.89
C GLU K 560 -5.43 -41.09 -30.54
N ASP K 561 -4.45 -40.33 -31.04
CA ASP K 561 -3.30 -40.95 -31.71
C ASP K 561 -2.51 -41.83 -30.76
N LYS K 562 -2.30 -41.37 -29.53
CA LYS K 562 -1.52 -42.14 -28.56
C LYS K 562 -2.33 -43.34 -28.07
N GLN K 563 -1.84 -44.54 -28.39
CA GLN K 563 -2.50 -45.74 -27.91
C GLN K 563 -2.23 -45.93 -26.43
N LEU K 564 -3.10 -46.70 -25.78
CA LEU K 564 -2.98 -46.94 -24.35
C LEU K 564 -1.72 -47.76 -24.06
N LEU K 565 -0.93 -47.30 -23.09
CA LEU K 565 0.33 -47.95 -22.75
C LEU K 565 0.74 -47.52 -21.36
N PRO K 566 1.25 -48.42 -20.54
CA PRO K 566 1.70 -48.03 -19.20
C PRO K 566 2.81 -46.99 -19.27
N MET K 567 2.85 -46.13 -18.26
CA MET K 567 3.86 -45.08 -18.18
C MET K 567 4.69 -45.25 -16.93
N VAL K 568 5.95 -44.85 -17.01
CA VAL K 568 6.88 -44.93 -15.89
C VAL K 568 7.42 -43.53 -15.60
N LEU K 569 7.34 -43.11 -14.35
CA LEU K 569 7.94 -41.87 -13.88
C LEU K 569 9.05 -42.16 -12.90
N ALA K 570 10.13 -41.41 -13.00
CA ALA K 570 11.23 -41.50 -12.06
C ALA K 570 11.65 -40.09 -11.66
N SER K 571 12.23 -39.97 -10.48
CA SER K 571 12.65 -38.66 -9.98
C SER K 571 13.87 -38.87 -9.09
N ILE K 572 15.01 -38.33 -9.52
CA ILE K 572 16.25 -38.53 -8.80
C ILE K 572 16.23 -37.74 -7.50
N ASP K 573 16.60 -38.39 -6.40
CA ASP K 573 16.78 -37.74 -5.11
C ASP K 573 18.28 -37.52 -4.93
N GLU K 574 18.71 -36.25 -5.05
CA GLU K 574 20.14 -35.95 -5.04
C GLU K 574 20.77 -36.32 -3.71
N ASN K 575 20.08 -36.07 -2.60
CA ASN K 575 20.67 -36.32 -1.29
C ASN K 575 20.97 -37.80 -1.09
N THR K 576 20.04 -38.67 -1.48
CA THR K 576 20.23 -40.10 -1.33
C THR K 576 20.77 -40.78 -2.58
N ASP K 577 20.92 -40.04 -3.69
CA ASP K 577 21.40 -40.59 -4.95
C ASP K 577 20.55 -41.78 -5.40
N THR K 578 19.25 -41.68 -5.18
CA THR K 578 18.32 -42.76 -5.50
C THR K 578 17.15 -42.22 -6.30
N TYR K 579 16.61 -43.06 -7.18
CA TYR K 579 15.44 -42.70 -7.95
C TYR K 579 14.17 -43.17 -7.24
N LEU K 580 13.03 -42.77 -7.79
CA LEU K 580 11.72 -43.20 -7.30
C LEU K 580 10.90 -43.59 -8.53
N VAL K 581 11.01 -44.84 -8.95
CA VAL K 581 10.29 -45.32 -10.12
C VAL K 581 8.85 -45.62 -9.72
N ALA K 582 7.90 -45.07 -10.46
CA ALA K 582 6.48 -45.23 -10.16
C ALA K 582 5.75 -45.70 -11.41
N GLY K 583 5.73 -47.01 -11.63
CA GLY K 583 5.01 -47.56 -12.76
C GLY K 583 3.51 -47.30 -12.65
N LEU K 584 2.96 -46.59 -13.63
CA LEU K 584 1.56 -46.21 -13.60
C LEU K 584 0.75 -47.13 -14.51
N THR K 585 -0.51 -46.77 -14.71
CA THR K 585 -1.42 -47.50 -15.58
C THR K 585 -2.19 -46.52 -16.43
N PRO K 586 -2.49 -46.86 -17.68
CA PRO K 586 -3.32 -45.99 -18.51
C PRO K 586 -4.78 -46.12 -18.15
N ARG K 587 -5.56 -45.16 -18.63
CA ARG K 587 -7.00 -45.20 -18.42
C ARG K 587 -7.70 -44.54 -19.59
N TYR K 588 -8.95 -44.95 -19.80
CA TYR K 588 -9.75 -44.44 -20.90
C TYR K 588 -10.18 -43.00 -20.60
N PRO K 589 -10.56 -42.25 -21.64
CA PRO K 589 -11.02 -40.88 -21.41
C PRO K 589 -12.22 -40.84 -20.47
N ARG K 590 -12.24 -39.83 -19.60
CA ARG K 590 -13.32 -39.69 -18.64
C ARG K 590 -14.63 -39.42 -19.35
N GLY K 591 -15.70 -40.06 -18.87
CA GLY K 591 -17.00 -39.92 -19.47
C GLY K 591 -17.24 -40.78 -20.69
N LEU K 592 -16.25 -41.57 -21.12
CA LEU K 592 -16.38 -42.47 -22.26
C LEU K 592 -16.71 -43.85 -21.73
N ASP K 593 -17.95 -44.29 -21.96
CA ASP K 593 -18.44 -45.57 -21.46
C ASP K 593 -18.63 -46.51 -22.65
N THR K 594 -17.81 -47.56 -22.73
CA THR K 594 -17.91 -48.57 -23.76
C THR K 594 -17.73 -49.94 -23.13
N ILE K 595 -17.75 -50.98 -23.96
CA ILE K 595 -17.59 -52.34 -23.47
C ILE K 595 -16.19 -52.55 -22.93
N HIS K 596 -15.16 -52.09 -23.64
CA HIS K 596 -13.80 -52.22 -23.16
C HIS K 596 -13.53 -51.31 -21.98
N THR K 597 -14.26 -50.20 -21.88
CA THR K 597 -14.15 -49.33 -20.71
C THR K 597 -14.65 -50.04 -19.46
N LYS K 598 -15.68 -50.88 -19.61
CA LYS K 598 -16.21 -51.59 -18.44
C LYS K 598 -15.17 -52.49 -17.81
N LYS K 599 -14.38 -53.17 -18.61
CA LYS K 599 -13.29 -53.99 -18.08
C LYS K 599 -12.20 -53.08 -17.54
N PRO K 600 -11.85 -53.16 -16.27
CA PRO K 600 -10.84 -52.26 -15.70
C PRO K 600 -9.44 -52.60 -16.20
N ILE K 601 -8.58 -51.59 -16.19
CA ILE K 601 -7.18 -51.74 -16.54
C ILE K 601 -6.41 -52.13 -15.28
N LEU K 602 -5.53 -53.12 -15.42
CA LEU K 602 -4.81 -53.69 -14.30
C LEU K 602 -3.35 -53.28 -14.34
N ASN K 603 -2.82 -52.84 -13.20
CA ASN K 603 -1.45 -52.36 -13.10
C ASN K 603 -0.52 -53.55 -12.86
N ASN K 604 0.24 -53.92 -13.89
CA ASN K 604 1.07 -55.11 -13.87
C ASN K 604 2.49 -54.86 -13.36
N PHE K 605 2.80 -53.65 -12.91
CA PHE K 605 4.18 -53.32 -12.58
C PHE K 605 4.68 -53.98 -11.31
N SER K 606 3.78 -54.37 -10.41
CA SER K 606 4.23 -54.94 -9.13
C SER K 606 4.98 -56.25 -9.35
N MET K 607 4.38 -57.18 -10.09
CA MET K 607 5.01 -58.47 -10.34
C MET K 607 6.29 -58.31 -11.15
N ALA K 608 6.30 -57.39 -12.12
CA ALA K 608 7.51 -57.15 -12.90
C ALA K 608 8.63 -56.65 -12.01
N PHE K 609 8.34 -55.67 -11.14
CA PHE K 609 9.36 -55.14 -10.25
C PHE K 609 9.89 -56.22 -9.32
N GLN K 610 8.99 -57.02 -8.73
CA GLN K 610 9.41 -58.05 -7.80
C GLN K 610 10.26 -59.11 -8.50
N GLN K 611 9.86 -59.51 -9.71
CA GLN K 611 10.62 -60.51 -10.44
C GLN K 611 12.00 -59.99 -10.82
N ILE K 612 12.08 -58.73 -11.27
CA ILE K 612 13.36 -58.15 -11.65
C ILE K 612 14.26 -58.01 -10.43
N THR K 613 13.68 -57.69 -9.26
CA THR K 613 14.49 -57.52 -8.06
C THR K 613 14.94 -58.85 -7.49
N ALA K 614 14.14 -59.91 -7.64
CA ALA K 614 14.48 -61.21 -7.07
C ALA K 614 15.83 -61.70 -7.60
N GLU K 615 16.04 -61.58 -8.90
CA GLU K 615 17.33 -61.81 -9.50
C GLU K 615 18.06 -60.47 -9.64
N THR K 616 19.34 -60.55 -10.01
CA THR K 616 20.13 -59.36 -10.37
C THR K 616 20.01 -58.26 -9.30
N ASP K 617 20.55 -58.58 -8.12
CA ASP K 617 20.52 -57.68 -6.98
C ASP K 617 20.91 -56.26 -7.38
N ALA K 618 20.01 -55.31 -7.15
CA ALA K 618 20.22 -53.94 -7.60
C ALA K 618 19.89 -52.91 -6.54
N LYS K 619 19.89 -53.30 -5.26
CA LYS K 619 19.58 -52.38 -4.16
C LYS K 619 18.21 -51.72 -4.33
N VAL K 620 17.24 -52.50 -4.80
CA VAL K 620 15.87 -52.02 -4.95
C VAL K 620 15.16 -52.14 -3.63
N ARG K 621 14.36 -51.13 -3.29
CA ARG K 621 13.59 -51.09 -2.04
C ARG K 621 12.12 -51.20 -2.38
N ILE K 622 11.59 -52.42 -2.35
CA ILE K 622 10.18 -52.66 -2.61
C ILE K 622 9.52 -52.85 -1.24
N ASP K 623 9.02 -51.75 -0.69
CA ASP K 623 8.35 -51.78 0.60
C ASP K 623 7.02 -51.03 0.62
N ASN K 624 6.71 -50.25 -0.41
CA ASN K 624 5.49 -49.45 -0.41
C ASN K 624 4.26 -50.33 -0.48
N PHE K 625 3.21 -49.93 0.24
CA PHE K 625 1.92 -50.57 0.08
C PHE K 625 1.38 -50.37 -1.33
N GLU K 626 1.61 -49.18 -1.89
CA GLU K 626 1.46 -49.03 -3.33
C GLU K 626 2.51 -49.88 -3.99
N SER K 627 2.10 -51.00 -4.59
CA SER K 627 3.05 -52.00 -5.03
C SER K 627 3.94 -51.47 -6.15
N SER K 628 3.37 -50.70 -7.07
CA SER K 628 4.10 -50.25 -8.25
C SER K 628 4.89 -48.97 -7.99
N ILE K 629 5.69 -48.97 -6.93
CA ILE K 629 6.58 -47.85 -6.61
C ILE K 629 7.83 -48.40 -5.92
N ILE K 630 9.00 -48.11 -6.48
CA ILE K 630 10.26 -48.59 -5.92
C ILE K 630 11.27 -47.46 -5.86
N GLU K 631 12.26 -47.62 -4.99
CA GLU K 631 13.40 -46.72 -4.91
C GLU K 631 14.62 -47.48 -5.40
N ILE K 632 15.28 -46.93 -6.42
CA ILE K 632 16.39 -47.60 -7.09
C ILE K 632 17.58 -46.66 -7.13
N ARG K 633 18.78 -47.23 -7.03
CA ARG K 633 20.00 -46.44 -7.06
C ARG K 633 20.13 -45.69 -8.38
N ARG K 634 20.87 -44.58 -8.33
CA ARG K 634 21.03 -43.76 -9.53
C ARG K 634 21.73 -44.52 -10.65
N GLU K 635 22.78 -45.27 -10.31
CA GLU K 635 23.53 -46.00 -11.33
C GLU K 635 22.79 -47.24 -11.79
N ASP K 636 21.99 -47.86 -10.92
CA ASP K 636 21.31 -49.10 -11.27
C ASP K 636 20.00 -48.88 -12.00
N LEU K 637 19.59 -47.63 -12.24
CA LEU K 637 18.31 -47.39 -12.87
C LEU K 637 18.29 -47.89 -14.31
N SER K 638 19.31 -47.53 -15.08
CA SER K 638 19.33 -47.91 -16.50
C SER K 638 19.35 -49.41 -16.72
N PRO K 639 20.21 -50.20 -16.07
CA PRO K 639 20.11 -51.66 -16.24
C PRO K 639 18.78 -52.23 -15.77
N PHE K 640 18.20 -51.64 -14.73
CA PHE K 640 16.89 -52.09 -14.27
C PHE K 640 15.84 -51.88 -15.36
N LEU K 641 15.84 -50.71 -16.00
CA LEU K 641 14.89 -50.46 -17.07
C LEU K 641 15.18 -51.34 -18.28
N GLU K 642 16.45 -51.65 -18.54
CA GLU K 642 16.78 -52.58 -19.62
C GLU K 642 16.18 -53.96 -19.36
N LYS K 643 16.38 -54.49 -18.15
CA LYS K 643 15.81 -55.78 -17.82
C LYS K 643 14.28 -55.74 -17.84
N LEU K 644 13.69 -54.61 -17.43
CA LEU K 644 12.24 -54.48 -17.47
C LEU K 644 11.74 -54.49 -18.90
N THR K 645 12.47 -53.84 -19.82
CA THR K 645 12.13 -53.94 -21.23
C THR K 645 12.20 -55.39 -21.71
N LEU K 646 13.24 -56.10 -21.29
CA LEU K 646 13.33 -57.52 -21.63
C LEU K 646 12.26 -58.34 -20.93
N SER K 647 11.66 -57.82 -19.87
CA SER K 647 10.62 -58.54 -19.14
C SER K 647 9.28 -58.35 -19.83
N GLY K 648 8.67 -59.45 -20.25
CA GLY K 648 7.37 -59.43 -20.89
C GLY K 648 6.19 -59.61 -19.94
N LEU K 649 6.43 -59.50 -18.64
CA LEU K 649 5.34 -59.72 -17.67
C LEU K 649 4.24 -58.68 -17.83
N LEU K 650 4.61 -57.42 -18.00
CA LEU K 650 3.63 -56.34 -18.04
C LEU K 650 3.21 -56.04 -19.48
N ASN L 470 -71.83 -44.20 3.79
CA ASN L 470 -71.05 -45.18 3.06
C ASN L 470 -69.67 -44.62 2.68
N THR L 471 -69.20 -43.66 3.46
CA THR L 471 -67.92 -43.01 3.19
C THR L 471 -67.39 -42.39 4.47
N GLY L 472 -66.12 -42.02 4.45
CA GLY L 472 -65.48 -41.36 5.57
C GLY L 472 -65.01 -42.33 6.64
N LYS L 473 -65.94 -42.81 7.45
CA LYS L 473 -65.62 -43.81 8.46
C LYS L 473 -65.59 -45.22 7.88
N PHE L 474 -66.14 -45.41 6.69
CA PHE L 474 -66.04 -46.70 6.02
C PHE L 474 -64.64 -46.99 5.53
N ARG L 475 -63.82 -45.95 5.36
CA ARG L 475 -62.45 -46.11 4.89
C ARG L 475 -61.61 -46.69 6.02
N TYR L 476 -61.41 -48.01 5.98
CA TYR L 476 -60.55 -48.69 6.95
C TYR L 476 -59.09 -48.54 6.54
N MET L 477 -58.65 -47.29 6.49
CA MET L 477 -57.29 -46.96 6.11
C MET L 477 -56.32 -47.47 7.18
N PRO L 478 -55.15 -47.97 6.78
CA PRO L 478 -54.28 -48.64 7.74
C PRO L 478 -53.85 -47.72 8.87
N PHE L 479 -53.74 -48.28 10.07
CA PHE L 479 -53.34 -47.54 11.26
C PHE L 479 -52.42 -48.39 12.11
N SER L 480 -51.36 -47.76 12.61
CA SER L 480 -50.43 -48.35 13.54
C SER L 480 -50.27 -47.44 14.74
N PRO L 481 -49.97 -47.99 15.92
CA PRO L 481 -49.95 -47.17 17.14
C PRO L 481 -49.03 -45.97 17.00
N ALA L 482 -49.55 -44.80 17.41
CA ALA L 482 -48.81 -43.54 17.32
C ALA L 482 -48.27 -43.30 15.92
N GLY L 483 -49.12 -43.49 14.92
CA GLY L 483 -48.73 -43.28 13.55
C GLY L 483 -48.52 -41.82 13.23
N THR L 484 -48.16 -41.56 11.97
CA THR L 484 -47.90 -40.22 11.47
C THR L 484 -48.21 -40.19 9.98
N PRO L 485 -48.78 -39.10 9.48
CA PRO L 485 -48.93 -38.94 8.03
C PRO L 485 -47.67 -38.38 7.39
N PHE L 486 -47.58 -38.57 6.07
CA PHE L 486 -46.47 -37.99 5.32
C PHE L 486 -46.50 -36.48 5.38
N GLY L 487 -47.69 -35.89 5.27
CA GLY L 487 -47.80 -34.44 5.33
C GLY L 487 -47.13 -33.80 4.13
N PHE L 488 -46.25 -32.84 4.41
CA PHE L 488 -45.56 -32.08 3.36
C PHE L 488 -44.08 -32.44 3.29
N THR L 489 -43.74 -33.69 3.57
CA THR L 489 -42.34 -34.12 3.52
C THR L 489 -42.31 -35.63 3.28
N ASP L 490 -41.10 -36.17 3.19
CA ASP L 490 -40.89 -37.59 2.93
C ASP L 490 -40.79 -38.43 4.20
N ARG L 491 -40.80 -37.81 5.37
CA ARG L 491 -40.62 -38.52 6.63
C ARG L 491 -41.97 -38.92 7.19
N ARG L 492 -42.09 -40.19 7.57
CA ARG L 492 -43.32 -40.71 8.16
C ARG L 492 -42.96 -41.68 9.28
N TYR L 493 -43.67 -41.57 10.40
CA TYR L 493 -43.46 -42.44 11.55
C TYR L 493 -44.51 -43.54 11.53
N LEU L 494 -44.07 -44.78 11.30
CA LEU L 494 -45.01 -45.89 11.28
C LEU L 494 -45.56 -46.17 12.66
N THR L 495 -44.69 -46.25 13.66
CA THR L 495 -45.10 -46.67 14.99
C THR L 495 -44.19 -46.01 16.02
N MET L 496 -44.76 -45.68 17.17
CA MET L 496 -44.01 -45.21 18.34
C MET L 496 -44.47 -46.03 19.54
N ASN L 497 -43.87 -47.21 19.72
CA ASN L 497 -44.14 -48.00 20.90
C ASN L 497 -43.33 -47.46 22.07
N GLU L 498 -43.43 -48.14 23.21
CA GLU L 498 -42.58 -47.76 24.34
C GLU L 498 -41.14 -48.16 24.15
N VAL L 499 -40.84 -49.02 23.17
CA VAL L 499 -39.51 -49.57 22.98
C VAL L 499 -38.78 -48.97 21.80
N GLY L 500 -39.42 -48.12 21.02
CA GLY L 500 -38.76 -47.46 19.92
C GLY L 500 -39.76 -46.87 18.94
N TYR L 501 -39.21 -46.37 17.84
CA TYR L 501 -40.01 -45.76 16.78
C TYR L 501 -39.43 -46.15 15.43
N VAL L 502 -40.29 -46.10 14.42
CA VAL L 502 -39.95 -46.49 13.05
C VAL L 502 -40.26 -45.33 12.13
N SER L 503 -39.32 -44.99 11.26
CA SER L 503 -39.49 -43.89 10.31
C SER L 503 -39.17 -44.36 8.90
N THR L 504 -39.86 -43.76 7.93
CA THR L 504 -39.68 -44.08 6.52
C THR L 504 -39.39 -42.82 5.74
N VAL L 505 -38.45 -42.90 4.81
CA VAL L 505 -38.13 -41.80 3.90
C VAL L 505 -38.03 -42.35 2.48
N LYS L 506 -38.58 -41.60 1.53
CA LYS L 506 -38.58 -42.02 0.14
C LYS L 506 -37.26 -41.63 -0.51
N ASN L 507 -36.61 -42.59 -1.16
CA ASN L 507 -35.39 -42.30 -1.91
C ASN L 507 -35.72 -41.95 -3.36
N SER L 508 -36.70 -41.06 -3.51
CA SER L 508 -37.15 -40.51 -4.79
C SER L 508 -37.82 -41.56 -5.68
N GLU L 509 -37.74 -42.83 -5.29
CA GLU L 509 -38.50 -43.89 -5.96
C GLU L 509 -39.07 -44.95 -5.03
N GLN L 510 -38.62 -45.04 -3.78
CA GLN L 510 -39.04 -46.09 -2.86
C GLN L 510 -38.58 -45.71 -1.46
N TYR L 511 -39.10 -46.43 -0.47
CA TYR L 511 -38.90 -46.09 0.93
C TYR L 511 -37.70 -46.84 1.51
N SER L 512 -37.04 -46.21 2.48
CA SER L 512 -35.98 -46.86 3.24
C SER L 512 -36.35 -46.81 4.70
N ILE L 513 -36.66 -47.97 5.28
CA ILE L 513 -37.15 -48.05 6.64
C ILE L 513 -36.00 -47.87 7.63
N THR L 514 -36.28 -47.21 8.75
CA THR L 514 -35.31 -47.06 9.82
C THR L 514 -36.02 -47.34 11.15
N VAL L 515 -35.48 -48.27 11.92
CA VAL L 515 -36.06 -48.68 13.20
C VAL L 515 -35.08 -48.31 14.30
N SER L 516 -35.55 -47.51 15.26
CA SER L 516 -34.75 -47.10 16.40
C SER L 516 -35.37 -47.60 17.69
N PHE L 517 -34.54 -47.75 18.72
CA PHE L 517 -34.98 -48.28 20.00
C PHE L 517 -34.56 -47.35 21.12
N PHE L 518 -35.46 -47.17 22.09
CA PHE L 518 -35.17 -46.28 23.22
C PHE L 518 -34.13 -46.88 24.15
N ASP L 519 -34.24 -48.17 24.44
CA ASP L 519 -33.37 -48.82 25.42
C ASP L 519 -32.08 -49.29 24.74
N VAL L 520 -31.29 -48.31 24.31
CA VAL L 520 -29.99 -48.59 23.71
C VAL L 520 -29.10 -49.26 24.74
N GLY L 521 -28.79 -50.53 24.52
CA GLY L 521 -28.09 -51.33 25.50
C GLY L 521 -28.62 -52.74 25.49
N ARG L 522 -29.83 -52.90 24.96
CA ARG L 522 -30.41 -54.21 24.70
C ARG L 522 -30.71 -54.45 23.23
N PHE L 523 -30.96 -53.40 22.45
CA PHE L 523 -31.19 -53.50 21.02
C PHE L 523 -30.25 -52.54 20.30
N ARG L 524 -30.17 -52.71 18.99
CA ARG L 524 -29.37 -51.83 18.13
C ARG L 524 -30.21 -51.42 16.94
N GLU L 525 -30.27 -50.12 16.66
CA GLU L 525 -31.07 -49.62 15.56
C GLU L 525 -30.51 -50.08 14.23
N TYR L 526 -31.39 -50.22 13.25
CA TYR L 526 -30.98 -50.64 11.91
C TYR L 526 -31.91 -50.02 10.88
N HIS L 527 -31.38 -49.84 9.68
CA HIS L 527 -32.15 -49.34 8.56
C HIS L 527 -31.90 -50.23 7.34
N PHE L 528 -32.95 -50.52 6.59
CA PHE L 528 -32.84 -51.41 5.45
C PHE L 528 -33.62 -50.83 4.27
N GLU L 529 -33.17 -51.19 3.07
CA GLU L 529 -33.87 -50.79 1.85
C GLU L 529 -35.22 -51.50 1.78
N ASP L 530 -36.25 -50.76 1.36
CA ASP L 530 -37.59 -51.29 1.27
C ASP L 530 -38.16 -51.05 -0.12
N LEU L 531 -38.71 -52.10 -0.73
CA LEU L 531 -39.28 -51.99 -2.07
C LEU L 531 -40.80 -52.07 -2.10
N PHE L 532 -41.42 -52.74 -1.12
CA PHE L 532 -42.87 -52.89 -1.14
C PHE L 532 -43.60 -51.65 -0.64
N GLY L 533 -42.91 -50.73 0.02
CA GLY L 533 -43.56 -49.55 0.55
C GLY L 533 -44.51 -49.87 1.68
N TYR L 534 -43.98 -50.36 2.79
CA TYR L 534 -44.83 -50.79 3.90
C TYR L 534 -45.61 -49.61 4.47
N ASP L 535 -46.79 -49.92 5.02
CA ASP L 535 -47.65 -48.92 5.64
C ASP L 535 -47.93 -49.20 7.10
N LEU L 536 -47.60 -50.38 7.61
CA LEU L 536 -47.90 -50.75 8.98
C LEU L 536 -46.65 -51.31 9.66
N CYS L 537 -46.55 -51.09 10.96
CA CYS L 537 -45.43 -51.60 11.73
C CYS L 537 -45.89 -51.83 13.16
N PHE L 538 -45.11 -52.65 13.89
CA PHE L 538 -45.41 -52.95 15.27
C PHE L 538 -44.16 -53.48 15.94
N LEU L 539 -43.75 -52.86 17.04
CA LEU L 539 -42.51 -53.19 17.71
C LEU L 539 -42.80 -53.89 19.04
N ASN L 540 -42.13 -55.02 19.26
CA ASN L 540 -42.17 -55.74 20.52
C ASN L 540 -40.80 -55.68 21.17
N GLU L 541 -40.65 -56.40 22.29
CA GLU L 541 -39.36 -56.52 22.94
C GLU L 541 -38.50 -57.62 22.33
N LYS L 542 -39.03 -58.39 21.37
CA LYS L 542 -38.28 -59.46 20.75
C LYS L 542 -38.32 -59.46 19.23
N GLY L 543 -39.13 -58.60 18.61
CA GLY L 543 -39.16 -58.54 17.16
C GLY L 543 -40.19 -57.54 16.70
N THR L 544 -40.00 -57.07 15.47
CA THR L 544 -40.89 -56.12 14.84
C THR L 544 -41.52 -56.71 13.60
N LEU L 545 -42.76 -56.32 13.32
CA LEU L 545 -43.55 -56.84 12.22
C LEU L 545 -43.94 -55.72 11.29
N PHE L 546 -43.77 -55.93 9.99
CA PHE L 546 -44.11 -54.96 8.96
C PHE L 546 -45.32 -55.43 8.17
N GLY L 547 -46.14 -54.47 7.72
CA GLY L 547 -47.33 -54.79 6.98
C GLY L 547 -47.51 -53.84 5.80
N GLN L 548 -48.45 -54.19 4.94
CA GLN L 548 -48.80 -53.40 3.76
C GLN L 548 -50.31 -53.22 3.70
N SER L 549 -50.74 -52.07 3.19
CA SER L 549 -52.17 -51.76 3.13
C SER L 549 -52.86 -52.52 2.01
N LYS L 550 -52.49 -52.22 0.77
CA LYS L 550 -52.94 -52.99 -0.38
C LYS L 550 -51.93 -54.09 -0.67
N THR L 551 -52.43 -55.20 -1.24
CA THR L 551 -51.66 -56.44 -1.42
C THR L 551 -50.75 -56.69 -0.22
N GLY L 552 -51.38 -56.83 0.94
CA GLY L 552 -50.70 -56.74 2.21
C GLY L 552 -49.77 -57.90 2.55
N GLN L 553 -48.65 -57.99 1.83
CA GLN L 553 -47.61 -58.94 2.18
C GLN L 553 -46.94 -58.48 3.48
N ILE L 554 -47.14 -59.24 4.54
CA ILE L 554 -46.58 -58.89 5.84
C ILE L 554 -45.17 -59.44 5.95
N GLN L 555 -44.35 -58.79 6.78
CA GLN L 555 -42.99 -59.24 7.04
C GLN L 555 -42.71 -59.13 8.53
N TYR L 556 -42.16 -60.19 9.10
CA TYR L 556 -41.82 -60.24 10.52
C TYR L 556 -40.32 -60.47 10.65
N ARG L 557 -39.65 -59.62 11.42
CA ARG L 557 -38.20 -59.69 11.59
C ARG L 557 -37.81 -59.57 13.05
N PRO L 558 -37.42 -60.67 13.69
CA PRO L 558 -36.91 -60.57 15.06
C PRO L 558 -35.59 -59.81 15.10
N HIS L 559 -35.39 -59.09 16.22
CA HIS L 559 -34.18 -58.29 16.36
C HIS L 559 -32.94 -59.17 16.42
N ASP L 560 -32.99 -60.24 17.21
CA ASP L 560 -31.85 -61.13 17.33
C ASP L 560 -31.65 -61.92 16.04
N SER L 561 -30.38 -62.19 15.73
CA SER L 561 -30.03 -62.90 14.50
C SER L 561 -30.25 -64.40 14.59
N ILE L 562 -30.45 -64.95 15.79
CA ILE L 562 -30.69 -66.38 15.91
C ILE L 562 -32.01 -66.76 15.24
N HIS L 563 -33.01 -65.89 15.31
CA HIS L 563 -34.28 -66.10 14.63
C HIS L 563 -34.24 -65.42 13.27
N SER L 564 -34.59 -66.17 12.23
CA SER L 564 -34.53 -65.67 10.86
C SER L 564 -35.86 -65.03 10.49
N ASN L 565 -35.80 -63.85 9.89
CA ASN L 565 -36.99 -63.13 9.47
C ASN L 565 -37.65 -63.83 8.29
N TRP L 566 -38.98 -63.68 8.21
CA TRP L 566 -39.77 -64.28 7.14
C TRP L 566 -40.78 -63.27 6.62
N THR L 567 -41.25 -63.52 5.40
CA THR L 567 -42.31 -62.73 4.79
C THR L 567 -43.43 -63.65 4.34
N LYS L 568 -44.64 -63.11 4.31
CA LYS L 568 -45.81 -63.86 3.90
C LYS L 568 -46.76 -62.92 3.16
N ILE L 569 -47.61 -63.50 2.33
CA ILE L 569 -48.61 -62.77 1.56
C ILE L 569 -49.98 -63.11 2.12
N ILE L 570 -50.71 -62.08 2.53
CA ILE L 570 -52.03 -62.27 3.15
C ILE L 570 -53.05 -62.55 2.06
N PRO L 571 -54.08 -63.35 2.33
CA PRO L 571 -55.18 -63.50 1.36
C PRO L 571 -55.98 -62.21 1.25
N LEU L 572 -55.92 -61.60 0.07
CA LEU L 572 -56.58 -60.32 -0.17
C LEU L 572 -57.78 -60.53 -1.09
N GLN L 573 -58.91 -59.92 -0.71
CA GLN L 573 -60.13 -59.98 -1.49
C GLN L 573 -60.44 -58.62 -2.08
N ALA L 574 -61.59 -58.52 -2.75
CA ALA L 574 -61.99 -57.27 -3.37
C ALA L 574 -62.33 -56.24 -2.30
N GLY L 575 -61.77 -55.04 -2.44
CA GLY L 575 -61.98 -53.99 -1.46
C GLY L 575 -61.29 -54.21 -0.13
N GLU L 576 -60.45 -55.23 -0.02
CA GLU L 576 -59.79 -55.55 1.23
C GLU L 576 -58.52 -54.72 1.38
N ARG L 577 -58.20 -54.38 2.63
CA ARG L 577 -56.99 -53.62 2.94
C ARG L 577 -56.65 -53.85 4.40
N ILE L 578 -55.38 -54.14 4.68
CA ILE L 578 -54.94 -54.39 6.04
C ILE L 578 -54.99 -53.09 6.83
N THR L 579 -55.64 -53.13 7.99
CA THR L 579 -55.83 -51.95 8.81
C THR L 579 -54.82 -51.82 9.94
N SER L 580 -54.52 -52.92 10.62
CA SER L 580 -53.54 -52.90 11.69
C SER L 580 -52.90 -54.27 11.79
N VAL L 581 -51.69 -54.29 12.35
CA VAL L 581 -50.92 -55.51 12.54
C VAL L 581 -50.44 -55.55 13.98
N ALA L 582 -50.18 -56.76 14.46
CA ALA L 582 -49.70 -56.94 15.82
C ALA L 582 -48.88 -58.21 15.89
N ALA L 583 -48.07 -58.31 16.94
CA ALA L 583 -47.23 -59.48 17.13
C ALA L 583 -47.11 -59.77 18.62
N THR L 584 -46.85 -61.04 18.94
CA THR L 584 -46.75 -61.49 20.31
C THR L 584 -45.85 -62.71 20.30
N PRO L 585 -44.97 -62.89 21.28
CA PRO L 585 -44.08 -64.07 21.29
C PRO L 585 -44.80 -65.41 21.19
N VAL L 586 -46.12 -65.44 21.34
CA VAL L 586 -46.89 -66.67 21.18
C VAL L 586 -47.52 -66.76 19.80
N ARG L 587 -48.12 -65.68 19.31
CA ARG L 587 -48.75 -65.66 18.00
C ARG L 587 -48.61 -64.26 17.40
N VAL L 588 -48.73 -64.18 16.08
CA VAL L 588 -48.72 -62.92 15.35
C VAL L 588 -50.08 -62.75 14.70
N ILE L 589 -50.66 -61.55 14.85
CA ILE L 589 -52.03 -61.28 14.46
C ILE L 589 -52.03 -60.18 13.41
N VAL L 590 -52.76 -60.40 12.32
CA VAL L 590 -52.90 -59.43 11.24
C VAL L 590 -54.36 -59.05 11.12
N GLY L 591 -54.62 -57.74 10.99
CA GLY L 591 -55.97 -57.25 10.83
C GLY L 591 -56.41 -57.27 9.38
N THR L 592 -57.66 -56.87 9.17
CA THR L 592 -58.25 -56.84 7.84
C THR L 592 -59.47 -55.93 7.86
N SER L 593 -59.61 -55.13 6.81
CA SER L 593 -60.75 -54.21 6.72
C SER L 593 -62.07 -54.97 6.71
N LEU L 594 -62.11 -56.14 6.07
CA LEU L 594 -63.32 -56.95 6.04
C LEU L 594 -63.70 -57.41 7.44
N GLY L 595 -62.72 -57.60 8.32
CA GLY L 595 -63.01 -58.04 9.68
C GLY L 595 -62.40 -59.38 10.00
N TYR L 596 -61.38 -59.77 9.26
CA TYR L 596 -60.72 -61.06 9.48
C TYR L 596 -59.74 -60.96 10.64
N PHE L 597 -59.51 -62.10 11.29
CA PHE L 597 -58.63 -62.21 12.45
C PHE L 597 -57.58 -63.28 12.21
N ARG L 598 -56.97 -63.24 11.04
CA ARG L 598 -55.95 -64.23 10.69
C ARG L 598 -54.76 -64.13 11.62
N SER L 599 -54.26 -65.29 12.04
CA SER L 599 -53.13 -65.35 12.96
C SER L 599 -52.14 -66.39 12.47
N PHE L 600 -50.87 -66.20 12.84
CA PHE L 600 -49.80 -67.12 12.48
C PHE L 600 -48.91 -67.32 13.70
N ASN L 601 -47.97 -68.25 13.58
CA ASN L 601 -46.95 -68.42 14.59
C ASN L 601 -45.82 -67.43 14.35
N GLN L 602 -44.80 -67.46 15.21
CA GLN L 602 -43.67 -66.54 15.06
C GLN L 602 -42.97 -66.74 13.73
N PHE L 603 -42.99 -67.96 13.22
CA PHE L 603 -42.22 -68.35 12.04
C PHE L 603 -43.04 -68.32 10.75
N GLY L 604 -44.30 -67.88 10.82
CA GLY L 604 -45.12 -67.68 9.65
C GLY L 604 -46.15 -68.75 9.37
N VAL L 605 -46.05 -69.90 10.00
CA VAL L 605 -47.04 -70.97 9.75
C VAL L 605 -48.40 -70.54 10.29
N PRO L 606 -49.46 -70.58 9.48
CA PRO L 606 -50.77 -70.15 9.97
C PRO L 606 -51.27 -71.05 11.09
N PHE L 607 -52.07 -70.46 11.97
CA PHE L 607 -52.64 -71.21 13.08
C PHE L 607 -54.16 -71.24 13.05
N ALA L 608 -54.81 -70.11 12.78
CA ALA L 608 -56.26 -70.06 12.71
C ALA L 608 -56.69 -68.82 11.96
N VAL L 609 -57.85 -68.91 11.31
CA VAL L 609 -58.46 -67.79 10.61
C VAL L 609 -59.85 -67.57 11.20
N GLU L 610 -60.13 -66.34 11.63
CA GLU L 610 -61.40 -66.00 12.24
C GLU L 610 -61.89 -64.69 11.65
N LYS L 611 -63.21 -64.49 11.69
CA LYS L 611 -63.85 -63.28 11.19
C LYS L 611 -64.59 -62.60 12.34
N THR L 612 -64.34 -61.30 12.49
CA THR L 612 -64.99 -60.50 13.54
C THR L 612 -65.37 -59.16 12.94
N SER L 613 -65.72 -58.21 13.81
CA SER L 613 -65.99 -56.86 13.36
C SER L 613 -64.71 -56.24 12.81
N PRO L 614 -64.82 -55.34 11.82
CA PRO L 614 -63.63 -54.77 11.19
C PRO L 614 -62.63 -54.19 12.18
N ILE L 615 -61.44 -54.78 12.23
CA ILE L 615 -60.39 -54.32 13.14
C ILE L 615 -59.79 -53.04 12.57
N VAL L 616 -59.60 -52.05 13.44
CA VAL L 616 -59.00 -50.79 13.03
C VAL L 616 -57.69 -50.50 13.74
N ALA L 617 -57.41 -51.11 14.89
CA ALA L 617 -56.17 -50.87 15.60
C ALA L 617 -55.79 -52.10 16.39
N LEU L 618 -54.51 -52.21 16.71
CA LEU L 618 -53.99 -53.34 17.45
C LEU L 618 -52.80 -52.90 18.29
N THR L 619 -52.71 -53.44 19.50
CA THR L 619 -51.55 -53.23 20.36
C THR L 619 -51.46 -54.41 21.32
N ALA L 620 -50.26 -54.97 21.47
CA ALA L 620 -50.07 -56.18 22.24
C ALA L 620 -48.97 -55.99 23.28
N GLN L 621 -49.20 -56.56 24.46
CA GLN L 621 -48.20 -56.62 25.52
C GLN L 621 -47.41 -57.93 25.35
N ASN L 622 -46.67 -58.33 26.39
CA ASN L 622 -45.83 -59.53 26.30
C ASN L 622 -46.63 -60.75 25.88
N TYR L 623 -47.75 -61.02 26.56
CA TYR L 623 -48.57 -62.19 26.26
C TYR L 623 -50.03 -61.88 25.98
N ARG L 624 -50.46 -60.62 26.06
CA ARG L 624 -51.86 -60.27 25.87
C ARG L 624 -52.02 -59.32 24.69
N VAL L 625 -53.17 -59.44 24.02
CA VAL L 625 -53.46 -58.68 22.82
C VAL L 625 -54.75 -57.88 23.06
N PHE L 626 -54.72 -56.61 22.70
CA PHE L 626 -55.87 -55.73 22.84
C PHE L 626 -56.16 -55.08 21.49
N SER L 627 -57.43 -55.15 21.08
CA SER L 627 -57.84 -54.61 19.79
C SER L 627 -59.16 -53.88 19.94
N VAL L 628 -59.39 -52.91 19.06
CA VAL L 628 -60.65 -52.18 18.99
C VAL L 628 -61.27 -52.44 17.61
N HIS L 629 -62.52 -52.89 17.63
CA HIS L 629 -63.26 -53.18 16.40
C HIS L 629 -64.28 -52.09 16.16
N TYR L 630 -64.28 -51.53 14.96
CA TYR L 630 -65.27 -50.54 14.56
C TYR L 630 -65.98 -51.00 13.30
N SER L 631 -67.30 -50.82 13.28
CA SER L 631 -68.10 -51.04 12.09
C SER L 631 -69.23 -50.02 12.08
N GLN L 632 -69.74 -49.74 10.89
CA GLN L 632 -70.79 -48.76 10.72
C GLN L 632 -72.11 -49.19 11.35
N PHE L 633 -72.24 -50.45 11.73
CA PHE L 633 -73.46 -50.96 12.33
C PHE L 633 -73.32 -51.33 13.80
N HIS L 634 -72.15 -51.78 14.24
CA HIS L 634 -71.96 -52.21 15.62
C HIS L 634 -71.24 -51.18 16.48
N GLY L 635 -70.58 -50.20 15.88
CA GLY L 635 -69.90 -49.17 16.65
C GLY L 635 -68.55 -49.62 17.18
N LEU L 636 -67.95 -48.75 17.98
CA LEU L 636 -66.63 -48.98 18.55
C LEU L 636 -66.72 -50.04 19.63
N SER L 637 -66.20 -51.23 19.36
CA SER L 637 -66.20 -52.34 20.31
C SER L 637 -64.77 -52.84 20.49
N TYR L 638 -64.30 -52.86 21.73
CA TYR L 638 -62.97 -53.35 22.03
C TYR L 638 -63.00 -54.81 22.45
N SER L 639 -61.82 -55.41 22.52
CA SER L 639 -61.70 -56.81 22.93
C SER L 639 -60.28 -57.05 23.41
N LEU L 640 -60.12 -57.44 24.68
CA LEU L 640 -58.83 -57.71 25.29
C LEU L 640 -58.70 -59.22 25.45
N SER L 641 -57.84 -59.84 24.65
CA SER L 641 -57.63 -61.27 24.66
C SER L 641 -56.17 -61.56 25.01
N GLU L 642 -55.96 -62.39 26.03
CA GLU L 642 -54.62 -62.82 26.43
C GLU L 642 -54.39 -64.21 25.84
N LEU L 643 -53.54 -64.27 24.80
CA LEU L 643 -53.27 -65.54 24.14
C LEU L 643 -52.58 -66.52 25.07
N GLY L 644 -51.63 -66.03 25.87
CA GLY L 644 -50.95 -66.88 26.82
C GLY L 644 -49.98 -67.86 26.18
N THR L 645 -49.05 -68.39 26.96
CA THR L 645 -48.10 -69.37 26.43
C THR L 645 -48.80 -70.64 26.00
N SER L 646 -49.72 -71.15 26.83
CA SER L 646 -50.43 -72.38 26.51
C SER L 646 -51.91 -72.34 26.88
N SER L 647 -52.46 -71.17 27.19
CA SER L 647 -53.86 -71.05 27.59
C SER L 647 -54.41 -69.74 27.05
N LYS L 648 -55.32 -69.82 26.08
CA LYS L 648 -55.93 -68.63 25.47
C LYS L 648 -57.08 -68.13 26.35
N ARG L 649 -56.70 -67.57 27.49
CA ARG L 649 -57.67 -67.05 28.45
C ARG L 649 -58.21 -65.72 27.95
N TYR L 650 -59.50 -65.64 27.70
CA TYR L 650 -60.14 -64.42 27.23
C TYR L 650 -60.56 -63.56 28.40
N TYR L 651 -60.54 -62.24 28.17
CA TYR L 651 -60.95 -61.28 29.17
C TYR L 651 -62.04 -60.31 28.70
N LYS L 652 -62.20 -60.14 27.39
CA LYS L 652 -63.27 -59.31 26.85
C LYS L 652 -63.47 -59.69 25.39
N ARG L 653 -64.65 -59.35 24.87
CA ARG L 653 -64.99 -59.70 23.50
C ARG L 653 -66.07 -58.75 22.99
N GLU L 654 -65.69 -57.85 22.07
CA GLU L 654 -66.61 -56.98 21.37
C GLU L 654 -67.40 -56.07 22.31
N CYS L 655 -66.91 -55.84 23.51
CA CYS L 655 -67.64 -55.02 24.47
C CYS L 655 -67.64 -53.55 24.04
N PRO L 656 -68.72 -52.84 24.30
CA PRO L 656 -68.74 -51.40 23.99
C PRO L 656 -67.70 -50.63 24.80
N LEU L 657 -67.21 -49.56 24.20
CA LEU L 657 -66.18 -48.71 24.80
C LEU L 657 -66.62 -47.26 24.76
N PRO L 658 -66.16 -46.44 25.71
CA PRO L 658 -66.65 -45.06 25.83
C PRO L 658 -65.86 -44.01 25.07
N MET L 659 -64.95 -44.39 24.18
CA MET L 659 -64.19 -43.42 23.42
C MET L 659 -65.10 -42.60 22.50
N SER L 660 -64.83 -41.30 22.44
CA SER L 660 -65.62 -40.37 21.64
C SER L 660 -65.00 -40.26 20.25
N LEU L 661 -65.69 -40.75 19.24
CA LEU L 661 -65.21 -40.62 17.87
C LEU L 661 -65.35 -39.17 17.41
N PRO L 662 -64.42 -38.65 16.62
CA PRO L 662 -64.53 -37.27 16.14
C PRO L 662 -65.61 -37.10 15.09
N ASN L 663 -66.73 -36.47 15.47
CA ASN L 663 -67.83 -36.21 14.56
C ASN L 663 -68.07 -34.73 14.35
N ILE L 664 -68.23 -33.96 15.42
CA ILE L 664 -68.44 -32.52 15.29
C ILE L 664 -67.19 -31.85 14.74
N ASN L 665 -66.03 -32.23 15.24
CA ASN L 665 -64.77 -31.65 14.79
C ASN L 665 -64.42 -32.02 13.35
N SER L 666 -65.10 -33.01 12.77
CA SER L 666 -64.86 -33.44 11.41
C SER L 666 -65.83 -32.80 10.42
N ASP L 667 -66.65 -31.86 10.88
CA ASP L 667 -67.63 -31.19 10.02
C ASP L 667 -67.03 -29.95 9.37
N MET L 668 -66.04 -30.18 8.50
CA MET L 668 -65.36 -29.14 7.70
C MET L 668 -65.06 -27.87 8.50
N LYS L 669 -64.68 -28.01 9.78
CA LYS L 669 -64.22 -26.89 10.58
C LYS L 669 -62.98 -27.33 11.37
N LYS L 670 -61.81 -27.22 10.74
CA LYS L 670 -60.54 -27.56 11.37
C LYS L 670 -59.41 -26.95 10.55
N ASP L 671 -58.32 -26.64 11.23
CA ASP L 671 -57.14 -26.06 10.59
C ASP L 671 -55.97 -27.01 10.81
N ALA L 672 -55.40 -27.52 9.71
CA ALA L 672 -54.28 -28.44 9.66
C ALA L 672 -54.59 -29.81 10.24
N ASN L 673 -55.80 -30.04 10.74
CA ASN L 673 -56.22 -31.34 11.23
C ASN L 673 -56.84 -32.22 10.15
N LEU L 674 -57.17 -31.64 8.98
CA LEU L 674 -57.76 -32.43 7.92
C LEU L 674 -56.82 -33.50 7.41
N ASP L 675 -55.54 -33.17 7.26
CA ASP L 675 -54.57 -34.15 6.79
C ASP L 675 -54.40 -35.30 7.77
N TYR L 676 -54.32 -34.99 9.06
CA TYR L 676 -54.20 -36.05 10.06
C TYR L 676 -55.45 -36.91 10.09
N TYR L 677 -56.63 -36.28 10.01
CA TYR L 677 -57.87 -37.06 9.99
C TYR L 677 -57.97 -37.92 8.75
N ASN L 678 -57.42 -37.45 7.62
CA ASN L 678 -57.31 -38.30 6.45
C ASN L 678 -56.38 -39.48 6.72
N PHE L 679 -55.27 -39.23 7.41
CA PHE L 679 -54.34 -40.32 7.74
C PHE L 679 -55.01 -41.35 8.65
N ASN L 680 -55.72 -40.90 9.68
CA ASN L 680 -56.44 -41.79 10.58
C ASN L 680 -57.88 -41.31 10.68
N PRO L 681 -58.82 -41.99 10.01
CA PRO L 681 -60.22 -41.54 10.06
C PRO L 681 -60.81 -41.48 11.46
N MET L 682 -60.44 -42.41 12.34
CA MET L 682 -61.00 -42.45 13.67
C MET L 682 -60.27 -41.58 14.68
N GLY L 683 -59.11 -41.03 14.31
CA GLY L 683 -58.42 -40.10 15.17
C GLY L 683 -57.85 -40.68 16.45
N ILE L 684 -57.81 -42.00 16.58
CA ILE L 684 -57.25 -42.64 17.77
C ILE L 684 -55.73 -42.62 17.65
N LYS L 685 -55.07 -41.90 18.57
CA LYS L 685 -53.63 -41.70 18.44
C LYS L 685 -52.85 -42.96 18.82
N SER L 686 -53.24 -43.62 19.91
CA SER L 686 -52.49 -44.80 20.34
C SER L 686 -53.36 -45.66 21.25
N LEU L 687 -52.96 -46.92 21.39
CA LEU L 687 -53.62 -47.91 22.26
C LEU L 687 -52.61 -48.53 23.20
N PHE L 688 -51.66 -47.75 23.68
CA PHE L 688 -50.56 -48.30 24.46
C PHE L 688 -51.06 -48.91 25.76
N PHE L 689 -50.34 -49.92 26.23
CA PHE L 689 -50.64 -50.55 27.50
C PHE L 689 -50.02 -49.73 28.63
N SER L 690 -50.02 -50.29 29.83
CA SER L 690 -49.31 -49.74 30.97
C SER L 690 -48.17 -50.69 31.36
N SER L 691 -47.39 -50.27 32.35
CA SER L 691 -46.35 -51.15 32.87
C SER L 691 -46.92 -52.36 33.59
N TYR L 692 -48.21 -52.33 33.92
CA TYR L 692 -48.88 -53.44 34.58
C TYR L 692 -49.96 -54.08 33.73
N GLY L 693 -49.95 -53.82 32.42
CA GLY L 693 -50.89 -54.43 31.51
C GLY L 693 -52.23 -53.74 31.39
N ASP L 694 -52.40 -52.56 31.96
CA ASP L 694 -53.67 -51.84 31.86
C ASP L 694 -53.80 -51.21 30.49
N PRO L 695 -54.83 -51.55 29.71
CA PRO L 695 -55.03 -50.88 28.42
C PRO L 695 -55.33 -49.40 28.59
N CYS L 696 -54.87 -48.61 27.63
CA CYS L 696 -55.07 -47.17 27.66
C CYS L 696 -55.40 -46.69 26.26
N ILE L 697 -56.24 -45.66 26.17
CA ILE L 697 -56.72 -45.15 24.90
C ILE L 697 -56.49 -43.64 24.86
N PHE L 698 -56.01 -43.14 23.72
CA PHE L 698 -55.83 -41.71 23.51
C PHE L 698 -56.31 -41.35 22.12
N GLY L 699 -56.99 -40.20 22.01
CA GLY L 699 -57.49 -39.76 20.73
C GLY L 699 -57.82 -38.28 20.68
N SER L 700 -58.92 -37.94 20.01
CA SER L 700 -59.27 -36.53 19.82
C SER L 700 -59.66 -35.86 21.13
N ASP L 701 -60.36 -36.58 22.01
CA ASP L 701 -60.80 -35.99 23.27
C ASP L 701 -59.63 -35.69 24.20
N ASN L 702 -58.45 -36.24 23.92
CA ASN L 702 -57.24 -35.99 24.71
C ASN L 702 -57.43 -36.38 26.17
N THR L 703 -58.01 -37.55 26.39
CA THR L 703 -58.18 -38.09 27.73
C THR L 703 -57.82 -39.58 27.72
N LEU L 704 -56.98 -39.99 28.66
CA LEU L 704 -56.63 -41.39 28.80
C LEU L 704 -57.83 -42.19 29.31
N LEU L 705 -57.90 -43.45 28.91
CA LEU L 705 -58.97 -44.36 29.32
C LEU L 705 -58.35 -45.66 29.81
N LEU L 706 -58.37 -45.87 31.12
CA LEU L 706 -57.79 -47.07 31.72
C LEU L 706 -58.87 -48.08 32.06
N LEU L 707 -58.44 -49.33 32.22
CA LEU L 707 -59.30 -50.44 32.62
C LEU L 707 -58.86 -50.86 34.01
N SER L 708 -59.50 -50.31 35.04
CA SER L 708 -59.10 -50.53 36.41
C SER L 708 -59.21 -52.01 36.80
N LYS L 709 -60.43 -52.53 36.84
CA LYS L 709 -60.65 -53.94 37.17
C LYS L 709 -60.89 -54.75 35.90
N TRP L 710 -59.85 -54.82 35.07
CA TRP L 710 -59.97 -55.52 33.79
C TRP L 710 -59.87 -57.04 33.94
N ARG L 711 -59.47 -57.55 35.09
CA ARG L 711 -59.37 -58.99 35.27
C ARG L 711 -60.73 -59.66 35.17
N SER L 712 -61.74 -59.10 35.83
CA SER L 712 -63.08 -59.66 35.82
C SER L 712 -63.92 -58.97 34.75
N PRO L 713 -64.48 -59.71 33.79
CA PRO L 713 -65.32 -59.06 32.78
C PRO L 713 -66.52 -58.32 33.35
N GLU L 714 -67.10 -58.84 34.43
CA GLU L 714 -68.21 -58.14 35.08
C GLU L 714 -67.74 -56.86 35.75
N GLU L 715 -66.49 -56.82 36.20
CA GLU L 715 -65.92 -55.65 36.88
C GLU L 715 -65.30 -54.67 35.91
N SER L 716 -65.75 -54.64 34.66
CA SER L 716 -65.19 -53.71 33.68
C SER L 716 -65.37 -52.28 34.15
N LYS L 717 -64.28 -51.49 34.06
CA LYS L 717 -64.28 -50.13 34.56
C LYS L 717 -63.46 -49.27 33.61
N TRP L 718 -64.09 -48.27 33.00
CA TRP L 718 -63.42 -47.34 32.10
C TRP L 718 -63.29 -46.01 32.83
N LEU L 719 -62.09 -45.75 33.38
CA LEU L 719 -61.85 -44.58 34.18
C LEU L 719 -60.99 -43.58 33.42
N PRO L 720 -61.47 -42.36 33.15
CA PRO L 720 -60.59 -41.35 32.56
C PRO L 720 -59.56 -40.88 33.56
N ILE L 721 -58.31 -41.24 33.36
CA ILE L 721 -57.27 -40.98 34.36
C ILE L 721 -56.53 -39.68 34.10
N LEU L 722 -56.49 -39.18 32.86
CA LEU L 722 -55.78 -37.96 32.54
C LEU L 722 -56.65 -37.09 31.64
N ASP L 723 -56.50 -35.77 31.80
CA ASP L 723 -57.20 -34.79 30.98
C ASP L 723 -56.14 -33.85 30.37
N SER L 724 -55.72 -34.16 29.15
CA SER L 724 -54.61 -33.45 28.52
C SER L 724 -54.87 -31.96 28.37
N ASN L 725 -56.05 -31.60 27.85
CA ASN L 725 -56.35 -30.19 27.65
C ASN L 725 -56.38 -29.44 28.97
N MET L 726 -57.01 -30.02 29.99
CA MET L 726 -57.11 -29.35 31.28
C MET L 726 -55.74 -29.18 31.92
N GLU L 727 -54.90 -30.22 31.86
CA GLU L 727 -53.57 -30.14 32.44
C GLU L 727 -52.72 -29.12 31.70
N ILE L 728 -52.80 -29.11 30.36
CA ILE L 728 -52.05 -28.15 29.56
C ILE L 728 -52.47 -26.72 29.93
N TRP L 729 -53.77 -26.49 30.03
CA TRP L 729 -54.25 -25.16 30.41
C TRP L 729 -53.75 -24.76 31.78
N LYS L 730 -53.83 -25.68 32.75
CA LYS L 730 -53.43 -25.33 34.11
C LYS L 730 -51.92 -25.22 34.27
N MET L 731 -51.14 -25.70 33.29
CA MET L 731 -49.70 -25.46 33.35
C MET L 731 -49.24 -24.37 32.39
N SER L 732 -50.12 -23.88 31.51
CA SER L 732 -49.76 -22.90 30.51
C SER L 732 -49.83 -21.46 31.03
N GLY L 733 -50.35 -21.25 32.24
CA GLY L 733 -50.42 -19.91 32.79
C GLY L 733 -51.81 -19.30 32.76
N GLY L 734 -52.73 -19.92 32.02
CA GLY L 734 -54.10 -19.44 31.98
C GLY L 734 -54.74 -19.45 30.61
N LYS L 735 -53.93 -19.39 29.55
CA LYS L 735 -54.47 -19.39 28.20
C LYS L 735 -54.96 -20.79 27.80
N GLU L 736 -56.06 -20.83 27.05
CA GLU L 736 -56.55 -22.08 26.49
C GLU L 736 -55.79 -22.40 25.21
N THR L 737 -54.48 -22.59 25.32
CA THR L 737 -53.62 -22.79 24.16
C THR L 737 -54.02 -24.03 23.36
N THR L 738 -54.05 -23.89 22.03
CA THR L 738 -54.38 -24.99 21.13
C THR L 738 -53.17 -25.44 20.33
N ASP L 739 -52.08 -24.66 20.39
CA ASP L 739 -50.86 -24.95 19.63
C ASP L 739 -50.02 -26.04 20.28
N ILE L 740 -50.48 -26.60 21.39
CA ILE L 740 -49.77 -27.67 22.09
C ILE L 740 -50.57 -28.95 21.88
N HIS L 741 -49.94 -29.94 21.25
CA HIS L 741 -50.57 -31.22 20.97
C HIS L 741 -49.77 -32.34 21.61
N VAL L 742 -50.48 -33.34 22.11
CA VAL L 742 -49.89 -34.41 22.90
C VAL L 742 -49.88 -35.69 22.06
N TRP L 743 -48.70 -36.27 21.89
CA TRP L 743 -48.55 -37.55 21.20
C TRP L 743 -48.10 -38.60 22.19
N PRO L 744 -49.01 -39.34 22.80
CA PRO L 744 -48.61 -40.28 23.84
C PRO L 744 -47.83 -41.45 23.29
N LEU L 745 -46.90 -41.95 24.11
CA LEU L 745 -46.11 -43.13 23.77
C LEU L 745 -46.42 -44.30 24.70
N ALA L 746 -46.30 -44.10 26.00
CA ALA L 746 -46.60 -45.14 26.96
C ALA L 746 -46.88 -44.52 28.31
N LEU L 747 -47.52 -45.31 29.18
CA LEU L 747 -47.81 -44.91 30.54
C LEU L 747 -47.30 -45.96 31.50
N ALA L 748 -46.72 -45.52 32.62
CA ALA L 748 -46.21 -46.46 33.61
C ALA L 748 -46.33 -45.79 34.99
N TYR L 749 -47.45 -46.05 35.66
CA TYR L 749 -47.65 -45.64 37.06
C TYR L 749 -47.44 -44.13 37.23
N ASP L 750 -48.35 -43.36 36.63
CA ASP L 750 -48.42 -41.91 36.63
C ASP L 750 -47.41 -41.30 35.65
N THR L 751 -46.56 -42.09 35.02
CA THR L 751 -45.56 -41.58 34.09
C THR L 751 -46.07 -41.77 32.66
N LEU L 752 -46.68 -40.73 32.12
CA LEU L 752 -47.13 -40.71 30.73
C LEU L 752 -46.07 -40.03 29.88
N ASN L 753 -45.43 -40.79 29.00
CA ASN L 753 -44.43 -40.25 28.09
C ASN L 753 -45.13 -39.81 26.81
N CYS L 754 -45.02 -38.53 26.47
CA CYS L 754 -45.72 -37.99 25.32
C CYS L 754 -44.95 -36.80 24.77
N ILE L 755 -44.78 -36.76 23.46
CA ILE L 755 -44.11 -35.63 22.82
C ILE L 755 -45.08 -34.46 22.73
N LEU L 756 -44.67 -33.30 23.23
CA LEU L 756 -45.49 -32.10 23.21
C LEU L 756 -45.02 -31.20 22.07
N VAL L 757 -45.59 -31.45 20.89
CA VAL L 757 -45.25 -30.65 19.73
C VAL L 757 -45.88 -29.27 19.86
N LYS L 758 -45.10 -28.23 19.56
CA LYS L 758 -45.56 -26.85 19.62
C LYS L 758 -45.58 -26.31 18.19
N GLY L 759 -46.76 -26.03 17.69
CA GLY L 759 -46.93 -25.53 16.34
C GLY L 759 -48.27 -25.94 15.78
N LYS L 760 -48.44 -25.68 14.48
CA LYS L 760 -49.69 -25.99 13.80
C LYS L 760 -49.77 -27.42 13.30
N HIS L 761 -48.66 -28.17 13.34
CA HIS L 761 -48.64 -29.54 12.87
C HIS L 761 -48.76 -30.49 14.06
N ILE L 762 -49.76 -31.35 14.03
CA ILE L 762 -50.00 -32.26 15.14
C ILE L 762 -48.88 -33.30 15.25
N TRP L 763 -48.47 -33.88 14.11
CA TRP L 763 -47.47 -34.92 14.16
C TRP L 763 -46.07 -34.33 14.31
N PRO L 764 -45.15 -35.05 14.97
CA PRO L 764 -43.78 -34.55 15.13
C PRO L 764 -42.97 -34.64 13.84
N GLU L 765 -41.71 -34.22 13.90
CA GLU L 765 -40.81 -34.24 12.75
C GLU L 765 -39.78 -35.35 12.93
N PHE L 766 -38.87 -35.46 11.96
CA PHE L 766 -37.85 -36.50 12.02
C PHE L 766 -36.98 -36.42 13.27
N PRO L 767 -36.44 -35.26 13.67
CA PRO L 767 -35.73 -35.21 14.96
C PRO L 767 -36.71 -35.31 16.10
N LEU L 768 -37.11 -36.52 16.43
CA LEU L 768 -38.18 -36.76 17.41
C LEU L 768 -37.81 -36.08 18.73
N PRO L 769 -38.65 -35.20 19.26
CA PRO L 769 -38.31 -34.48 20.49
C PRO L 769 -38.24 -35.41 21.68
N LEU L 770 -37.70 -34.87 22.77
CA LEU L 770 -37.56 -35.63 23.99
C LEU L 770 -38.93 -36.01 24.54
N PRO L 771 -39.14 -37.25 24.95
CA PRO L 771 -40.47 -37.64 25.47
C PRO L 771 -40.74 -37.06 26.84
N SER L 772 -41.18 -35.80 26.89
CA SER L 772 -41.52 -35.17 28.15
C SER L 772 -42.66 -35.93 28.82
N GLU L 773 -42.60 -35.99 30.15
CA GLU L 773 -43.52 -36.81 30.93
C GLU L 773 -44.62 -35.96 31.55
N MET L 774 -45.85 -36.44 31.47
CA MET L 774 -47.00 -35.83 32.13
C MET L 774 -47.55 -36.77 33.19
N GLU L 775 -48.08 -36.18 34.26
CA GLU L 775 -48.66 -36.95 35.35
C GLU L 775 -50.16 -37.08 35.18
N ILE L 776 -50.70 -38.18 35.70
CA ILE L 776 -52.13 -38.43 35.57
C ILE L 776 -52.91 -37.54 36.52
N ARG L 777 -54.06 -37.05 36.06
CA ARG L 777 -54.91 -36.17 36.85
C ARG L 777 -56.36 -36.42 36.47
N MET L 778 -57.21 -36.66 37.46
CA MET L 778 -58.62 -36.87 37.19
C MET L 778 -59.26 -35.58 36.65
N PRO L 779 -60.32 -35.71 35.83
CA PRO L 779 -61.09 -34.55 35.39
C PRO L 779 -62.05 -34.04 36.46
N VAL L 780 -61.57 -33.96 37.70
CA VAL L 780 -62.35 -33.40 38.79
C VAL L 780 -62.16 -31.89 38.88
N PHE L 781 -61.09 -31.36 38.28
CA PHE L 781 -60.85 -29.93 38.24
C PHE L 781 -62.03 -29.19 37.60
N VAL L 782 -62.72 -28.38 38.39
CA VAL L 782 -63.87 -27.63 37.90
C VAL L 782 -63.40 -26.24 37.46
N LYS L 783 -63.85 -25.81 36.28
CA LYS L 783 -63.47 -24.50 35.79
C LYS L 783 -63.97 -23.40 36.73
N SER L 784 -65.18 -23.55 37.26
CA SER L 784 -65.72 -22.53 38.15
C SER L 784 -64.85 -22.35 39.38
N LYS L 785 -64.34 -23.45 39.94
CA LYS L 785 -63.45 -23.36 41.08
C LYS L 785 -62.05 -22.91 40.68
N LEU L 786 -61.60 -23.28 39.48
CA LEU L 786 -60.25 -22.95 39.05
C LEU L 786 -60.10 -21.49 38.63
N LEU L 787 -61.19 -20.83 38.23
CA LEU L 787 -61.14 -19.40 37.90
C LEU L 787 -61.38 -18.51 39.10
N GLU L 788 -61.07 -18.97 40.31
CA GLU L 788 -61.11 -18.09 41.48
C GLU L 788 -60.12 -16.95 41.31
N GLU L 789 -58.91 -17.24 40.84
CA GLU L 789 -57.90 -16.22 40.53
C GLU L 789 -57.83 -16.09 39.01
N ASN L 790 -58.71 -15.26 38.46
CA ASN L 790 -58.76 -15.05 37.02
C ASN L 790 -57.54 -14.26 36.55
N LYS L 791 -57.06 -14.58 35.36
CA LYS L 791 -55.90 -13.91 34.78
C LYS L 791 -56.32 -12.91 33.72
N GLU L 814 -48.17 -20.95 36.79
CA GLU L 814 -48.46 -21.29 38.18
C GLU L 814 -49.92 -21.04 38.51
N ILE L 815 -50.81 -21.80 37.86
CA ILE L 815 -52.24 -21.65 38.11
C ILE L 815 -52.56 -22.16 39.51
N GLN L 816 -53.27 -21.34 40.27
CA GLN L 816 -53.68 -21.73 41.62
C GLN L 816 -54.67 -22.89 41.57
N ILE L 817 -54.60 -23.75 42.59
CA ILE L 817 -55.43 -24.94 42.69
C ILE L 817 -56.25 -24.81 43.97
N PRO L 818 -57.56 -25.06 43.93
CA PRO L 818 -58.34 -25.05 45.18
C PRO L 818 -57.89 -26.18 46.10
N VAL L 819 -57.45 -25.81 47.29
CA VAL L 819 -56.90 -26.80 48.22
C VAL L 819 -58.00 -27.77 48.67
N SER L 820 -59.25 -27.29 48.70
CA SER L 820 -60.37 -28.17 49.07
C SER L 820 -60.52 -29.32 48.09
N MET L 821 -60.37 -29.05 46.80
CA MET L 821 -60.53 -30.08 45.78
C MET L 821 -59.23 -30.78 45.42
N ALA L 822 -58.08 -30.12 45.65
CA ALA L 822 -56.80 -30.74 45.33
C ALA L 822 -56.58 -32.00 46.17
N ALA L 823 -56.85 -31.92 47.47
CA ALA L 823 -56.68 -33.08 48.33
C ALA L 823 -57.66 -34.19 47.96
N GLU L 824 -58.88 -33.84 47.55
CA GLU L 824 -59.83 -34.85 47.12
C GLU L 824 -59.35 -35.55 45.85
N GLU L 825 -58.79 -34.78 44.92
CA GLU L 825 -58.24 -35.40 43.71
C GLU L 825 -57.06 -36.30 44.03
N GLU L 826 -56.20 -35.88 44.97
CA GLU L 826 -55.10 -36.74 45.40
C GLU L 826 -55.64 -38.01 46.03
N TYR L 827 -56.72 -37.91 46.80
CA TYR L 827 -57.40 -39.08 47.34
C TYR L 827 -57.85 -40.01 46.23
N LEU L 828 -58.49 -39.47 45.21
CA LEU L 828 -58.98 -40.31 44.10
C LEU L 828 -57.81 -40.99 43.39
N ARG L 829 -56.74 -40.25 43.14
CA ARG L 829 -55.57 -40.82 42.47
C ARG L 829 -54.96 -41.94 43.28
N SER L 830 -54.80 -41.72 44.59
CA SER L 830 -54.24 -42.75 45.45
C SER L 830 -55.15 -43.97 45.50
N LYS L 831 -56.46 -43.74 45.55
CA LYS L 831 -57.42 -44.85 45.56
C LYS L 831 -57.28 -45.70 44.30
N VAL L 832 -57.30 -45.06 43.13
CA VAL L 832 -57.28 -45.82 41.89
C VAL L 832 -55.93 -46.52 41.71
N LEU L 833 -54.85 -45.86 42.11
CA LEU L 833 -53.54 -46.47 41.97
C LEU L 833 -53.39 -47.67 42.91
N SER L 834 -53.91 -47.56 44.14
CA SER L 834 -53.87 -48.69 45.06
C SER L 834 -54.69 -49.85 44.52
N GLU L 835 -55.88 -49.55 43.98
CA GLU L 835 -56.71 -50.61 43.43
C GLU L 835 -56.02 -51.30 42.26
N LEU L 836 -55.38 -50.53 41.39
CA LEU L 836 -54.67 -51.11 40.25
C LEU L 836 -53.50 -51.97 40.72
N LEU L 837 -52.73 -51.48 41.71
CA LEU L 837 -51.57 -52.22 42.20
C LEU L 837 -51.98 -53.51 42.89
N THR L 838 -53.09 -53.50 43.64
CA THR L 838 -53.54 -54.71 44.31
C THR L 838 -53.89 -55.81 43.32
N ASP L 839 -54.44 -55.45 42.15
CA ASP L 839 -54.79 -56.44 41.16
C ASP L 839 -53.55 -57.21 40.68
N THR L 840 -52.45 -56.50 40.43
CA THR L 840 -51.23 -57.13 39.97
C THR L 840 -50.37 -57.67 41.10
N LEU L 841 -50.67 -57.33 42.35
CA LEU L 841 -49.87 -57.81 43.47
C LEU L 841 -49.99 -59.32 43.63
N GLU L 842 -51.21 -59.81 43.88
CA GLU L 842 -51.40 -61.25 44.08
C GLU L 842 -51.38 -62.02 42.78
N ASN L 843 -51.86 -61.42 41.68
CA ASN L 843 -51.98 -62.16 40.43
C ASN L 843 -50.65 -62.18 39.68
N ASP L 844 -50.14 -61.01 39.30
CA ASP L 844 -48.91 -60.94 38.52
C ASP L 844 -47.66 -61.02 39.37
N GLY L 845 -47.77 -60.94 40.69
CA GLY L 845 -46.62 -61.01 41.56
C GLY L 845 -45.82 -59.72 41.56
N GLU L 846 -44.72 -59.76 42.30
CA GLU L 846 -43.83 -58.61 42.37
C GLU L 846 -43.13 -58.39 41.03
N MET L 847 -43.03 -57.12 40.63
CA MET L 847 -42.45 -56.74 39.35
C MET L 847 -41.06 -56.15 39.47
N TYR L 848 -40.86 -55.20 40.37
CA TYR L 848 -39.56 -54.55 40.55
C TYR L 848 -38.96 -54.74 41.94
N GLY L 849 -39.68 -55.38 42.86
CA GLY L 849 -39.20 -55.53 44.21
C GLY L 849 -39.54 -54.38 45.14
N ASN L 850 -40.20 -53.34 44.64
CA ASN L 850 -40.56 -52.19 45.46
C ASN L 850 -42.05 -51.86 45.39
N GLU L 851 -42.86 -52.74 44.81
CA GLU L 851 -44.30 -52.47 44.72
C GLU L 851 -44.96 -52.41 46.08
N ASN L 852 -44.52 -53.25 47.03
CA ASN L 852 -45.09 -53.21 48.36
C ASN L 852 -44.80 -51.88 49.05
N GLU L 853 -43.57 -51.38 48.93
CA GLU L 853 -43.20 -50.14 49.59
C GLU L 853 -43.91 -48.94 48.98
N VAL L 854 -43.97 -48.88 47.66
CA VAL L 854 -44.69 -47.78 47.02
C VAL L 854 -46.18 -47.86 47.32
N LEU L 855 -46.73 -49.07 47.43
CA LEU L 855 -48.12 -49.22 47.82
C LEU L 855 -48.35 -48.74 49.24
N ALA L 856 -47.41 -49.02 50.14
CA ALA L 856 -47.54 -48.54 51.52
C ALA L 856 -47.48 -47.02 51.58
N ALA L 857 -46.55 -46.41 50.83
CA ALA L 857 -46.47 -44.96 50.80
C ALA L 857 -47.74 -44.35 50.19
N LEU L 858 -48.27 -44.99 49.15
CA LEU L 858 -49.51 -44.53 48.52
C LEU L 858 -50.67 -44.63 49.50
N ASN L 859 -50.72 -45.69 50.29
CA ASN L 859 -51.78 -45.82 51.29
C ASN L 859 -51.63 -44.76 52.39
N GLY L 860 -50.39 -44.45 52.76
CA GLY L 860 -50.17 -43.36 53.70
C GLY L 860 -50.68 -42.03 53.18
N ALA L 861 -50.39 -41.73 51.90
CA ALA L 861 -50.94 -40.53 51.29
C ALA L 861 -52.46 -40.61 51.17
N TYR L 862 -52.99 -41.80 50.93
CA TYR L 862 -54.42 -42.01 50.83
C TYR L 862 -55.12 -41.63 52.13
N ASP L 863 -54.55 -42.05 53.25
CA ASP L 863 -55.12 -41.69 54.55
C ASP L 863 -54.83 -40.24 54.92
N LYS L 864 -53.71 -39.68 54.45
CA LYS L 864 -53.45 -38.25 54.68
C LYS L 864 -54.51 -37.40 53.97
N ALA L 865 -54.89 -37.78 52.77
CA ALA L 865 -55.96 -37.07 52.06
C ALA L 865 -57.27 -37.18 52.83
N LEU L 866 -57.56 -38.36 53.38
CA LEU L 866 -58.75 -38.52 54.21
C LEU L 866 -58.70 -37.63 55.44
N LEU L 867 -57.52 -37.51 56.06
CA LEU L 867 -57.38 -36.65 57.23
C LEU L 867 -57.61 -35.19 56.87
N ARG L 868 -57.07 -34.75 55.73
CA ARG L 868 -57.30 -33.38 55.30
C ARG L 868 -58.77 -33.12 55.01
N LEU L 869 -59.43 -34.06 54.34
CA LEU L 869 -60.86 -33.90 54.07
C LEU L 869 -61.67 -33.93 55.36
N PHE L 870 -61.25 -34.73 56.33
CA PHE L 870 -61.89 -34.75 57.64
C PHE L 870 -61.77 -33.41 58.33
N ALA L 871 -60.58 -32.80 58.29
CA ALA L 871 -60.40 -31.47 58.87
C ALA L 871 -61.22 -30.43 58.14
N SER L 872 -61.29 -30.53 56.80
CA SER L 872 -62.10 -29.59 56.03
C SER L 872 -63.58 -29.69 56.38
N ALA L 873 -64.08 -30.92 56.53
CA ALA L 873 -65.46 -31.12 56.96
C ALA L 873 -65.70 -30.57 58.35
N CYS L 874 -64.74 -30.80 59.26
CA CYS L 874 -64.85 -30.24 60.61
C CYS L 874 -64.82 -28.72 60.60
N SER L 875 -64.18 -28.12 59.59
CA SER L 875 -64.16 -26.67 59.48
C SER L 875 -65.55 -26.11 59.24
N ASP L 876 -66.43 -26.89 58.61
CA ASP L 876 -67.81 -26.49 58.38
C ASP L 876 -68.73 -26.88 59.54
N GLN L 877 -68.18 -27.45 60.62
CA GLN L 877 -68.96 -27.89 61.77
C GLN L 877 -70.03 -28.90 61.36
N ASN L 878 -69.69 -29.77 60.42
CA ASN L 878 -70.56 -30.84 59.95
C ASN L 878 -70.00 -32.15 60.52
N VAL L 879 -70.52 -32.54 61.69
CA VAL L 879 -70.00 -33.73 62.37
C VAL L 879 -70.33 -34.99 61.58
N GLU L 880 -71.51 -35.04 60.96
CA GLU L 880 -71.89 -36.22 60.20
C GLU L 880 -71.00 -36.39 58.96
N LYS L 881 -70.58 -35.29 58.35
CA LYS L 881 -69.69 -35.37 57.19
C LYS L 881 -68.36 -36.00 57.58
N ALA L 882 -67.76 -35.51 58.66
CA ALA L 882 -66.50 -36.06 59.14
C ALA L 882 -66.65 -37.50 59.58
N LEU L 883 -67.77 -37.82 60.25
CA LEU L 883 -68.02 -39.19 60.66
C LEU L 883 -68.09 -40.13 59.46
N SER L 884 -68.81 -39.72 58.42
CA SER L 884 -68.92 -40.55 57.22
C SER L 884 -67.55 -40.72 56.54
N LEU L 885 -66.77 -39.63 56.48
CA LEU L 885 -65.46 -39.72 55.85
C LEU L 885 -64.47 -40.54 56.67
N ALA L 886 -64.67 -40.64 57.99
CA ALA L 886 -63.74 -41.35 58.85
C ALA L 886 -63.85 -42.87 58.75
N HIS L 887 -64.93 -43.38 58.15
CA HIS L 887 -65.11 -44.83 58.05
C HIS L 887 -64.24 -45.46 56.97
N GLU L 888 -63.63 -44.66 56.10
CA GLU L 888 -62.77 -45.16 55.04
C GLU L 888 -61.29 -45.14 55.39
N LEU L 889 -60.95 -44.71 56.61
CA LEU L 889 -59.56 -44.65 57.02
C LEU L 889 -58.96 -46.05 57.11
N LYS L 890 -57.71 -46.20 56.68
CA LYS L 890 -57.06 -47.50 56.67
C LYS L 890 -56.13 -47.69 57.86
N GLN L 891 -55.13 -46.83 58.00
CA GLN L 891 -54.22 -46.92 59.14
C GLN L 891 -54.89 -46.41 60.41
N ASP L 892 -54.64 -47.10 61.52
CA ASP L 892 -55.23 -46.70 62.79
C ASP L 892 -54.53 -45.47 63.37
N ARG L 893 -53.25 -45.27 63.03
CA ARG L 893 -52.57 -44.06 63.46
C ARG L 893 -53.19 -42.82 62.82
N ALA L 894 -53.59 -42.94 61.56
CA ALA L 894 -54.36 -41.86 60.93
C ALA L 894 -55.69 -41.65 61.64
N LEU L 895 -56.29 -42.72 62.16
CA LEU L 895 -57.52 -42.56 62.94
C LEU L 895 -57.28 -41.85 64.25
N THR L 896 -56.13 -42.11 64.91
CA THR L 896 -55.77 -41.36 66.10
C THR L 896 -55.54 -39.88 65.78
N ALA L 897 -54.90 -39.61 64.64
CA ALA L 897 -54.77 -38.23 64.19
C ALA L 897 -56.14 -37.60 63.94
N ALA L 898 -57.08 -38.37 63.42
CA ALA L 898 -58.45 -37.87 63.26
C ALA L 898 -59.09 -37.58 64.61
N VAL L 899 -58.82 -38.41 65.62
CA VAL L 899 -59.29 -38.12 66.97
C VAL L 899 -58.74 -36.79 67.45
N LYS L 900 -57.45 -36.56 67.22
CA LYS L 900 -56.84 -35.29 67.62
C LYS L 900 -57.46 -34.11 66.87
N ILE L 901 -57.71 -34.30 65.58
CA ILE L 901 -58.36 -33.24 64.78
C ILE L 901 -59.74 -32.92 65.36
N SER L 902 -60.51 -33.96 65.68
CA SER L 902 -61.83 -33.74 66.25
C SER L 902 -61.75 -33.02 67.59
N GLU L 903 -60.79 -33.41 68.43
CA GLU L 903 -60.65 -32.80 69.74
C GLU L 903 -60.04 -31.41 69.69
N ARG L 904 -59.46 -31.01 68.55
CA ARG L 904 -58.88 -29.68 68.43
C ARG L 904 -59.69 -28.73 67.56
N ALA L 905 -60.45 -29.25 66.59
CA ALA L 905 -61.19 -28.38 65.68
C ALA L 905 -62.60 -28.09 66.18
N GLU L 906 -62.71 -27.66 67.44
CA GLU L 906 -63.94 -27.13 68.02
C GLU L 906 -65.11 -28.09 67.84
N LEU L 907 -64.84 -29.39 67.90
CA LEU L 907 -65.87 -30.42 67.73
C LEU L 907 -65.75 -31.45 68.83
N PRO L 908 -66.21 -31.12 70.04
CA PRO L 908 -66.21 -32.12 71.12
C PRO L 908 -67.07 -33.33 70.82
N SER L 909 -68.16 -33.15 70.06
CA SER L 909 -69.06 -34.28 69.78
C SER L 909 -68.41 -35.29 68.84
N LEU L 910 -67.54 -34.84 67.94
CA LEU L 910 -66.84 -35.76 67.06
C LEU L 910 -65.85 -36.64 67.80
N VAL L 911 -65.38 -36.21 68.97
CA VAL L 911 -64.40 -36.99 69.71
C VAL L 911 -64.95 -38.37 70.05
N LYS L 912 -66.18 -38.41 70.58
CA LYS L 912 -66.75 -39.69 71.01
C LYS L 912 -66.96 -40.63 69.83
N LYS L 913 -67.43 -40.09 68.69
CA LYS L 913 -67.71 -40.98 67.56
C LYS L 913 -66.43 -41.51 66.94
N ILE L 914 -65.39 -40.66 66.81
CA ILE L 914 -64.14 -41.16 66.25
C ILE L 914 -63.48 -42.15 67.21
N ASN L 915 -63.61 -41.90 68.53
CA ASN L 915 -63.10 -42.87 69.50
C ASN L 915 -63.86 -44.19 69.42
N ASN L 916 -65.18 -44.12 69.17
CA ASN L 916 -65.96 -45.34 69.00
C ASN L 916 -65.51 -46.10 67.76
N ILE L 917 -65.21 -45.38 66.67
CA ILE L 917 -64.69 -46.04 65.47
C ILE L 917 -63.35 -46.72 65.77
N ARG L 918 -62.48 -46.02 66.50
CA ARG L 918 -61.18 -46.60 66.85
C ARG L 918 -61.34 -47.84 67.75
N GLU L 919 -62.27 -47.78 68.70
CA GLU L 919 -62.52 -48.93 69.57
C GLU L 919 -63.12 -50.10 68.81
N ALA L 920 -63.96 -49.82 67.80
CA ALA L 920 -64.44 -50.88 66.93
C ALA L 920 -63.30 -51.50 66.13
N ARG L 921 -62.39 -50.65 65.62
CA ARG L 921 -61.22 -51.14 64.91
C ARG L 921 -60.28 -51.96 65.79
N TYR L 922 -60.30 -51.74 67.11
CA TYR L 922 -59.53 -52.60 68.01
C TYR L 922 -59.85 -54.07 67.78
N GLU L 923 -61.12 -54.41 67.62
CA GLU L 923 -61.54 -55.80 67.44
C GLU L 923 -61.66 -56.19 65.98
N GLN L 924 -61.35 -55.29 65.04
CA GLN L 924 -61.42 -55.60 63.62
C GLN L 924 -60.03 -55.77 63.03
N PHE M 474 -80.39 -37.23 18.01
CA PHE M 474 -78.96 -37.21 18.29
C PHE M 474 -78.61 -36.13 19.30
N ARG M 475 -79.43 -35.08 19.34
CA ARG M 475 -79.19 -33.98 20.26
C ARG M 475 -79.39 -34.42 21.71
N TYR M 476 -78.58 -33.86 22.60
CA TYR M 476 -78.62 -34.16 24.02
C TYR M 476 -79.09 -32.94 24.80
N MET M 477 -80.16 -33.11 25.57
CA MET M 477 -80.70 -32.06 26.42
C MET M 477 -81.17 -32.70 27.73
N PRO M 478 -81.20 -31.92 28.82
CA PRO M 478 -81.48 -32.50 30.14
C PRO M 478 -82.86 -33.16 30.20
N PHE M 479 -82.93 -34.25 30.96
CA PHE M 479 -84.18 -34.96 31.17
C PHE M 479 -84.10 -35.72 32.48
N SER M 480 -85.25 -35.82 33.16
CA SER M 480 -85.35 -36.53 34.42
C SER M 480 -86.47 -37.56 34.33
N PRO M 481 -86.40 -38.63 35.13
CA PRO M 481 -87.45 -39.63 35.10
C PRO M 481 -88.82 -39.02 35.42
N ALA M 482 -89.84 -39.46 34.69
CA ALA M 482 -91.19 -38.93 34.82
C ALA M 482 -91.20 -37.41 34.63
N GLY M 483 -90.39 -36.94 33.68
CA GLY M 483 -90.26 -35.51 33.43
C GLY M 483 -91.28 -35.02 32.42
N THR M 484 -91.77 -33.81 32.65
CA THR M 484 -92.76 -33.20 31.78
C THR M 484 -92.16 -32.00 31.05
N PRO M 485 -92.60 -31.74 29.82
CA PRO M 485 -92.08 -30.58 29.08
C PRO M 485 -92.72 -29.29 29.57
N PHE M 486 -92.21 -28.18 29.02
CA PHE M 486 -92.74 -26.87 29.38
C PHE M 486 -94.21 -26.74 28.97
N GLY M 487 -94.54 -27.21 27.78
CA GLY M 487 -95.91 -27.06 27.30
C GLY M 487 -96.26 -25.61 27.11
N PHE M 488 -97.42 -25.21 27.65
CA PHE M 488 -97.88 -23.83 27.54
C PHE M 488 -98.05 -23.14 28.89
N THR M 489 -97.98 -23.87 30.00
CA THR M 489 -98.14 -23.30 31.33
C THR M 489 -96.81 -23.24 32.05
N ASP M 490 -96.69 -22.25 32.95
CA ASP M 490 -95.47 -22.13 33.75
C ASP M 490 -95.33 -23.29 34.71
N ARG M 491 -96.44 -23.86 35.17
CA ARG M 491 -96.40 -24.99 36.10
C ARG M 491 -95.92 -26.23 35.36
N ARG M 492 -94.64 -26.56 35.53
CA ARG M 492 -94.05 -27.74 34.91
C ARG M 492 -93.58 -28.69 35.99
N TYR M 493 -93.96 -29.96 35.86
CA TYR M 493 -93.58 -30.98 36.82
C TYR M 493 -92.27 -31.63 36.39
N LEU M 494 -91.42 -31.95 37.37
CA LEU M 494 -90.10 -32.50 37.10
C LEU M 494 -90.04 -34.02 37.27
N THR M 495 -90.56 -34.55 38.38
CA THR M 495 -90.44 -35.97 38.65
C THR M 495 -91.67 -36.46 39.41
N MET M 496 -92.10 -37.68 39.09
CA MET M 496 -93.15 -38.37 39.82
C MET M 496 -92.53 -39.48 40.66
N ASN M 497 -92.90 -39.54 41.94
CA ASN M 497 -92.42 -40.58 42.84
C ASN M 497 -93.59 -41.09 43.65
N GLU M 498 -93.44 -42.32 44.16
CA GLU M 498 -94.48 -42.89 45.01
C GLU M 498 -94.59 -42.18 46.35
N VAL M 499 -93.55 -41.47 46.77
CA VAL M 499 -93.55 -40.76 48.04
C VAL M 499 -93.64 -39.25 47.87
N GLY M 500 -93.57 -38.74 46.66
CA GLY M 500 -93.64 -37.31 46.45
C GLY M 500 -93.60 -36.96 44.98
N TYR M 501 -93.65 -35.66 44.71
CA TYR M 501 -93.55 -35.16 43.35
C TYR M 501 -93.08 -33.71 43.40
N VAL M 502 -92.54 -33.24 42.29
CA VAL M 502 -91.95 -31.91 42.21
C VAL M 502 -92.58 -31.16 41.03
N SER M 503 -93.01 -29.93 41.29
CA SER M 503 -93.56 -29.06 40.27
C SER M 503 -92.81 -27.73 40.28
N THR M 504 -92.55 -27.20 39.09
CA THR M 504 -91.81 -25.96 38.93
C THR M 504 -92.73 -24.89 38.35
N VAL M 505 -92.66 -23.69 38.91
CA VAL M 505 -93.43 -22.54 38.44
C VAL M 505 -92.48 -21.45 38.00
N LYS M 506 -92.74 -20.88 36.83
CA LYS M 506 -91.89 -19.83 36.25
C LYS M 506 -92.42 -18.47 36.69
N ASN M 507 -91.70 -17.82 37.59
CA ASN M 507 -92.09 -16.48 38.05
C ASN M 507 -91.43 -15.39 37.20
N SER M 508 -91.52 -15.54 35.88
CA SER M 508 -91.08 -14.57 34.89
C SER M 508 -89.56 -14.37 34.91
N GLU M 509 -88.88 -14.97 35.88
CA GLU M 509 -87.42 -14.89 35.98
C GLU M 509 -86.75 -16.21 36.32
N GLN M 510 -87.45 -17.15 36.94
CA GLN M 510 -86.82 -18.37 37.47
C GLN M 510 -87.92 -19.40 37.74
N TYR M 511 -87.48 -20.64 37.95
CA TYR M 511 -88.37 -21.74 38.26
C TYR M 511 -88.32 -22.02 39.76
N SER M 512 -89.43 -21.78 40.45
CA SER M 512 -89.51 -22.03 41.88
C SER M 512 -89.83 -23.51 42.11
N ILE M 513 -89.00 -24.16 42.93
CA ILE M 513 -89.14 -25.59 43.16
C ILE M 513 -90.20 -25.80 44.24
N THR M 514 -91.23 -26.58 43.91
CA THR M 514 -92.26 -26.96 44.85
C THR M 514 -92.20 -28.48 45.04
N VAL M 515 -92.02 -28.93 46.27
CA VAL M 515 -91.92 -30.35 46.58
C VAL M 515 -93.06 -30.73 47.49
N SER M 516 -93.88 -31.68 47.05
CA SER M 516 -95.03 -32.17 47.81
C SER M 516 -94.99 -33.69 47.86
N PHE M 517 -95.43 -34.23 48.99
CA PHE M 517 -95.32 -35.66 49.26
C PHE M 517 -96.71 -36.31 49.21
N PHE M 518 -96.78 -37.49 48.60
CA PHE M 518 -98.01 -38.28 48.58
C PHE M 518 -98.16 -39.17 49.80
N ASP M 519 -97.16 -39.24 50.66
CA ASP M 519 -97.16 -40.17 51.78
C ASP M 519 -97.94 -39.60 52.96
N VAL M 520 -97.84 -40.24 54.11
CA VAL M 520 -98.52 -39.82 55.33
C VAL M 520 -97.83 -38.54 55.82
N GLY M 521 -98.46 -37.85 56.78
CA GLY M 521 -97.95 -36.60 57.31
C GLY M 521 -96.53 -36.64 57.84
N ARG M 522 -95.93 -37.83 57.94
CA ARG M 522 -94.53 -37.93 58.33
C ARG M 522 -93.65 -37.21 57.32
N PHE M 523 -93.91 -37.38 56.03
CA PHE M 523 -93.23 -36.63 54.99
C PHE M 523 -93.94 -35.30 54.83
N ARG M 524 -93.34 -34.23 55.34
CA ARG M 524 -93.98 -32.92 55.39
C ARG M 524 -93.69 -32.16 54.11
N GLU M 525 -94.76 -31.68 53.46
CA GLU M 525 -94.62 -30.84 52.27
C GLU M 525 -93.95 -29.52 52.61
N TYR M 526 -92.95 -29.14 51.81
CA TYR M 526 -92.29 -27.85 51.99
C TYR M 526 -91.96 -27.25 50.62
N HIS M 527 -91.98 -25.93 50.57
CA HIS M 527 -91.64 -25.18 49.37
C HIS M 527 -90.67 -24.05 49.73
N PHE M 528 -89.83 -23.68 48.78
CA PHE M 528 -88.83 -22.65 48.98
C PHE M 528 -88.65 -21.88 47.67
N GLU M 529 -87.75 -20.89 47.71
CA GLU M 529 -87.49 -20.03 46.57
C GLU M 529 -86.15 -20.38 45.95
N ASP M 530 -86.11 -20.47 44.63
CA ASP M 530 -84.92 -20.87 43.90
C ASP M 530 -84.44 -19.73 43.01
N LEU M 531 -83.16 -19.76 42.67
CA LEU M 531 -82.59 -18.77 41.77
C LEU M 531 -81.73 -19.42 40.68
N PHE M 532 -81.20 -20.61 40.97
CA PHE M 532 -80.32 -21.27 40.01
C PHE M 532 -81.09 -21.90 38.86
N GLY M 533 -82.30 -22.39 39.12
CA GLY M 533 -83.10 -22.98 38.07
C GLY M 533 -82.67 -24.37 37.67
N TYR M 534 -82.76 -25.32 38.62
CA TYR M 534 -82.39 -26.70 38.32
C TYR M 534 -83.35 -27.29 37.31
N ASP M 535 -82.81 -27.82 36.23
CA ASP M 535 -83.62 -28.45 35.18
C ASP M 535 -83.77 -29.95 35.39
N LEU M 536 -83.23 -30.50 36.47
CA LEU M 536 -83.26 -31.92 36.74
C LEU M 536 -83.69 -32.18 38.17
N CYS M 537 -84.28 -33.35 38.41
CA CYS M 537 -84.75 -33.71 39.74
C CYS M 537 -84.86 -35.22 39.84
N PHE M 538 -84.73 -35.72 41.07
CA PHE M 538 -84.93 -37.14 41.36
C PHE M 538 -85.17 -37.28 42.84
N LEU M 539 -86.37 -37.75 43.21
CA LEU M 539 -86.73 -37.89 44.62
C LEU M 539 -86.42 -39.29 45.12
N ASN M 540 -86.31 -39.41 46.44
CA ASN M 540 -86.07 -40.68 47.09
C ASN M 540 -86.79 -40.68 48.43
N GLU M 541 -86.48 -41.67 49.26
CA GLU M 541 -87.13 -41.79 50.56
C GLU M 541 -86.52 -40.89 51.62
N LYS M 542 -85.35 -40.30 51.37
CA LYS M 542 -84.70 -39.46 52.37
C LYS M 542 -84.10 -38.19 51.79
N GLY M 543 -84.34 -37.87 50.53
CA GLY M 543 -83.81 -36.64 49.96
C GLY M 543 -84.13 -36.56 48.48
N THR M 544 -83.91 -35.37 47.93
CA THR M 544 -84.14 -35.08 46.53
C THR M 544 -82.96 -34.31 45.97
N LEU M 545 -82.51 -34.71 44.78
CA LEU M 545 -81.34 -34.13 44.13
C LEU M 545 -81.77 -33.22 42.98
N PHE M 546 -81.03 -32.13 42.78
CA PHE M 546 -81.32 -31.18 41.73
C PHE M 546 -80.03 -30.81 41.00
N GLY M 547 -80.16 -30.39 39.74
CA GLY M 547 -79.01 -30.03 38.94
C GLY M 547 -79.43 -29.42 37.63
N GLN M 548 -78.44 -28.96 36.87
CA GLN M 548 -78.65 -28.32 35.58
C GLN M 548 -77.77 -29.00 34.54
N SER M 549 -78.18 -28.87 33.27
CA SER M 549 -77.39 -29.42 32.18
C SER M 549 -76.03 -28.73 32.07
N LYS M 550 -76.04 -27.44 31.78
CA LYS M 550 -74.82 -26.64 31.75
C LYS M 550 -74.61 -25.96 33.09
N THR M 551 -73.35 -25.79 33.46
CA THR M 551 -72.91 -25.30 34.78
C THR M 551 -73.84 -25.81 35.87
N GLY M 552 -73.96 -27.13 35.91
CA GLY M 552 -74.97 -27.79 36.73
C GLY M 552 -74.61 -27.95 38.19
N GLN M 553 -74.73 -26.87 38.95
CA GLN M 553 -74.57 -26.96 40.39
C GLN M 553 -75.61 -27.92 40.98
N ILE M 554 -75.15 -28.79 41.88
CA ILE M 554 -76.01 -29.82 42.46
C ILE M 554 -76.33 -29.42 43.89
N GLN M 555 -77.61 -29.49 44.24
CA GLN M 555 -78.09 -29.18 45.59
C GLN M 555 -79.04 -30.29 46.02
N TYR M 556 -78.47 -31.33 46.65
CA TYR M 556 -79.27 -32.43 47.19
C TYR M 556 -79.75 -32.03 48.58
N ARG M 557 -81.05 -31.73 48.70
CA ARG M 557 -81.60 -31.28 49.96
C ARG M 557 -82.36 -32.42 50.62
N PRO M 558 -81.86 -33.00 51.71
CA PRO M 558 -82.58 -34.08 52.37
C PRO M 558 -83.93 -33.63 52.87
N HIS M 559 -84.93 -34.52 52.77
CA HIS M 559 -86.26 -34.20 53.23
C HIS M 559 -86.29 -33.92 54.73
N ASP M 560 -85.58 -34.75 55.51
CA ASP M 560 -85.47 -34.51 56.93
C ASP M 560 -84.59 -33.31 57.22
N SER M 561 -84.96 -32.53 58.23
CA SER M 561 -84.19 -31.35 58.61
C SER M 561 -82.96 -31.67 59.42
N ILE M 562 -82.83 -32.91 59.91
CA ILE M 562 -81.63 -33.29 60.66
C ILE M 562 -80.40 -33.30 59.76
N HIS M 563 -80.56 -33.66 58.49
CA HIS M 563 -79.46 -33.65 57.53
C HIS M 563 -79.54 -32.35 56.73
N SER M 564 -78.59 -31.45 56.97
CA SER M 564 -78.59 -30.17 56.28
C SER M 564 -78.23 -30.35 54.81
N ASN M 565 -78.75 -29.45 53.98
CA ASN M 565 -78.49 -29.50 52.55
C ASN M 565 -77.12 -28.90 52.24
N TRP M 566 -76.74 -28.99 50.96
CA TRP M 566 -75.43 -28.52 50.51
C TRP M 566 -75.51 -28.19 49.03
N THR M 567 -74.50 -27.46 48.56
CA THR M 567 -74.40 -27.09 47.16
C THR M 567 -72.98 -27.33 46.68
N LYS M 568 -72.85 -27.84 45.45
CA LYS M 568 -71.55 -28.07 44.85
C LYS M 568 -71.68 -27.95 43.34
N ILE M 569 -70.54 -27.71 42.68
CA ILE M 569 -70.49 -27.52 41.23
C ILE M 569 -69.81 -28.73 40.61
N ILE M 570 -70.44 -29.30 39.60
CA ILE M 570 -69.92 -30.48 38.91
C ILE M 570 -68.82 -30.06 37.94
N PRO M 571 -67.79 -30.88 37.74
CA PRO M 571 -66.81 -30.58 36.67
C PRO M 571 -67.47 -30.63 35.31
N LEU M 572 -66.97 -29.80 34.40
CA LEU M 572 -67.53 -29.72 33.06
C LEU M 572 -66.43 -29.41 32.06
N GLN M 573 -66.62 -29.89 30.84
CA GLN M 573 -65.73 -29.61 29.73
C GLN M 573 -66.38 -28.55 28.82
N ALA M 574 -65.75 -28.30 27.68
CA ALA M 574 -66.28 -27.34 26.72
C ALA M 574 -67.38 -27.99 25.90
N GLY M 575 -68.61 -27.50 26.07
CA GLY M 575 -69.75 -28.06 25.38
C GLY M 575 -70.43 -29.22 26.07
N GLU M 576 -69.83 -29.74 27.16
CA GLU M 576 -70.44 -30.83 27.89
C GLU M 576 -71.69 -30.36 28.62
N ARG M 577 -72.68 -31.25 28.70
CA ARG M 577 -73.94 -30.96 29.37
C ARG M 577 -74.34 -32.15 30.22
N ILE M 578 -75.12 -31.88 31.26
CA ILE M 578 -75.65 -32.92 32.14
C ILE M 578 -77.00 -33.37 31.60
N THR M 579 -77.16 -34.68 31.43
CA THR M 579 -78.37 -35.24 30.85
C THR M 579 -79.39 -35.68 31.89
N SER M 580 -78.95 -36.31 32.98
CA SER M 580 -79.88 -36.80 33.98
C SER M 580 -79.16 -36.89 35.33
N VAL M 581 -79.96 -37.00 36.39
CA VAL M 581 -79.45 -37.12 37.75
C VAL M 581 -80.25 -38.21 38.47
N ALA M 582 -79.65 -38.73 39.54
CA ALA M 582 -80.31 -39.74 40.36
C ALA M 582 -79.69 -39.71 41.75
N ALA M 583 -80.43 -40.24 42.72
CA ALA M 583 -80.00 -40.24 44.11
C ALA M 583 -80.21 -41.63 44.72
N THR M 584 -79.28 -42.02 45.58
CA THR M 584 -79.28 -43.29 46.29
C THR M 584 -79.01 -43.02 47.76
N PRO M 585 -79.55 -43.86 48.66
CA PRO M 585 -79.23 -43.68 50.08
C PRO M 585 -77.74 -43.74 50.40
N VAL M 586 -76.94 -44.49 49.63
CA VAL M 586 -75.52 -44.64 49.91
C VAL M 586 -74.67 -43.65 49.12
N ARG M 587 -75.00 -43.42 47.85
CA ARG M 587 -74.23 -42.54 46.99
C ARG M 587 -75.17 -41.67 46.17
N VAL M 588 -74.60 -40.76 45.40
CA VAL M 588 -75.37 -39.95 44.46
C VAL M 588 -74.62 -39.90 43.14
N ILE M 589 -75.34 -40.09 42.04
CA ILE M 589 -74.75 -40.29 40.72
C ILE M 589 -75.36 -39.31 39.75
N VAL M 590 -74.53 -38.64 38.96
CA VAL M 590 -74.97 -37.68 37.96
C VAL M 590 -74.39 -38.09 36.61
N GLY M 591 -75.24 -38.10 35.58
CA GLY M 591 -74.80 -38.44 34.25
C GLY M 591 -74.38 -37.23 33.44
N THR M 592 -73.68 -37.50 32.34
CA THR M 592 -73.20 -36.45 31.45
C THR M 592 -73.49 -36.81 30.00
N SER M 593 -73.53 -35.78 29.16
CA SER M 593 -73.73 -36.00 27.73
C SER M 593 -72.54 -36.73 27.11
N LEU M 594 -71.32 -36.40 27.53
CA LEU M 594 -70.14 -37.07 27.01
C LEU M 594 -70.08 -38.54 27.42
N GLY M 595 -70.55 -38.86 28.62
CA GLY M 595 -70.56 -40.24 29.06
C GLY M 595 -69.83 -40.47 30.36
N TYR M 596 -69.68 -39.42 31.16
CA TYR M 596 -69.05 -39.55 32.47
C TYR M 596 -70.06 -40.04 33.51
N PHE M 597 -69.58 -40.85 34.43
CA PHE M 597 -70.44 -41.47 35.43
C PHE M 597 -69.99 -41.07 36.83
N ARG M 598 -69.75 -39.78 37.04
CA ARG M 598 -69.26 -39.29 38.32
C ARG M 598 -70.20 -39.67 39.45
N SER M 599 -69.63 -40.17 40.54
CA SER M 599 -70.39 -40.57 41.72
C SER M 599 -69.89 -39.77 42.93
N PHE M 600 -70.84 -39.26 43.71
CA PHE M 600 -70.56 -38.46 44.90
C PHE M 600 -71.25 -39.11 46.10
N ASN M 601 -71.27 -38.39 47.21
CA ASN M 601 -71.96 -38.83 48.42
C ASN M 601 -73.06 -37.85 48.77
N GLN M 602 -73.87 -38.23 49.77
CA GLN M 602 -75.00 -37.41 50.17
C GLN M 602 -74.58 -36.05 50.73
N PHE M 603 -73.34 -35.93 51.19
CA PHE M 603 -72.84 -34.68 51.73
C PHE M 603 -72.03 -33.86 50.73
N GLY M 604 -71.97 -34.32 49.48
CA GLY M 604 -71.26 -33.61 48.43
C GLY M 604 -69.83 -34.05 48.20
N VAL M 605 -69.27 -34.88 49.07
CA VAL M 605 -67.89 -35.32 48.87
C VAL M 605 -67.84 -36.33 47.72
N PRO M 606 -66.95 -36.15 46.75
CA PRO M 606 -66.88 -37.11 45.64
C PRO M 606 -66.27 -38.43 46.10
N PHE M 607 -66.60 -39.49 45.38
CA PHE M 607 -66.05 -40.80 45.70
C PHE M 607 -65.38 -41.47 44.50
N ALA M 608 -65.93 -41.32 43.30
CA ALA M 608 -65.36 -41.93 42.12
C ALA M 608 -65.88 -41.22 40.88
N VAL M 609 -65.07 -41.27 39.83
CA VAL M 609 -65.42 -40.72 38.51
C VAL M 609 -65.17 -41.81 37.48
N GLU M 610 -66.17 -42.07 36.65
CA GLU M 610 -66.10 -43.16 35.68
C GLU M 610 -66.63 -42.67 34.34
N LYS M 611 -66.31 -43.43 33.29
CA LYS M 611 -66.76 -43.11 31.94
C LYS M 611 -67.40 -44.33 31.31
N THR M 612 -68.53 -44.10 30.64
CA THR M 612 -69.23 -45.14 29.90
C THR M 612 -69.77 -44.50 28.61
N SER M 613 -70.65 -45.23 27.94
CA SER M 613 -71.30 -44.68 26.76
C SER M 613 -72.16 -43.47 27.16
N PRO M 614 -72.34 -42.52 26.25
CA PRO M 614 -73.09 -41.30 26.60
C PRO M 614 -74.46 -41.62 27.19
N ILE M 615 -74.77 -40.94 28.30
CA ILE M 615 -75.97 -41.19 29.08
C ILE M 615 -77.08 -40.27 28.61
N VAL M 616 -78.31 -40.77 28.60
CA VAL M 616 -79.48 -39.95 28.25
C VAL M 616 -80.43 -39.92 29.43
N ALA M 617 -80.37 -40.93 30.28
CA ALA M 617 -81.20 -40.98 31.49
C ALA M 617 -80.56 -41.91 32.50
N LEU M 618 -80.93 -41.72 33.77
CA LEU M 618 -80.36 -42.51 34.85
C LEU M 618 -81.35 -42.54 36.00
N THR M 619 -81.54 -43.73 36.59
CA THR M 619 -82.45 -43.94 37.71
C THR M 619 -81.76 -44.79 38.76
N ALA M 620 -81.94 -44.42 40.02
CA ALA M 620 -81.28 -45.08 41.15
C ALA M 620 -82.31 -45.65 42.11
N GLN M 621 -82.03 -46.84 42.61
CA GLN M 621 -82.87 -47.51 43.60
C GLN M 621 -82.22 -47.38 44.97
N ASN M 622 -82.75 -48.11 45.96
CA ASN M 622 -82.24 -48.01 47.32
C ASN M 622 -80.77 -48.42 47.41
N TYR M 623 -80.40 -49.51 46.73
CA TYR M 623 -79.03 -49.99 46.76
C TYR M 623 -78.40 -50.16 45.38
N ARG M 624 -79.19 -50.15 44.31
CA ARG M 624 -78.68 -50.31 42.96
C ARG M 624 -79.08 -49.11 42.11
N VAL M 625 -78.41 -48.96 40.97
CA VAL M 625 -78.69 -47.88 40.03
C VAL M 625 -78.89 -48.47 38.64
N PHE M 626 -79.59 -47.71 37.81
CA PHE M 626 -79.87 -48.13 36.45
C PHE M 626 -79.73 -46.93 35.52
N SER M 627 -78.96 -47.09 34.45
CA SER M 627 -78.75 -46.02 33.49
C SER M 627 -78.92 -46.57 32.08
N VAL M 628 -79.36 -45.70 31.17
CA VAL M 628 -79.52 -46.03 29.77
C VAL M 628 -78.56 -45.16 28.96
N HIS M 629 -77.82 -45.80 28.07
CA HIS M 629 -76.79 -45.13 27.28
C HIS M 629 -77.18 -45.14 25.81
N TYR M 630 -77.05 -43.99 25.16
CA TYR M 630 -77.30 -43.86 23.73
C TYR M 630 -76.15 -43.10 23.08
N SER M 631 -75.80 -43.52 21.87
CA SER M 631 -74.77 -42.86 21.08
C SER M 631 -75.09 -43.04 19.61
N GLN M 632 -74.47 -42.20 18.78
CA GLN M 632 -74.69 -42.28 17.34
C GLN M 632 -74.14 -43.56 16.73
N PHE M 633 -73.31 -44.30 17.45
CA PHE M 633 -72.75 -45.57 16.96
C PHE M 633 -73.27 -46.76 17.74
N HIS M 634 -73.08 -46.78 19.07
CA HIS M 634 -73.56 -47.90 19.86
C HIS M 634 -75.08 -47.89 20.01
N GLY M 635 -75.69 -46.71 20.06
CA GLY M 635 -77.12 -46.63 20.20
C GLY M 635 -77.59 -46.91 21.61
N LEU M 636 -78.88 -47.25 21.71
CA LEU M 636 -79.50 -47.49 23.00
C LEU M 636 -78.86 -48.69 23.69
N SER M 637 -78.53 -48.51 24.98
CA SER M 637 -77.96 -49.58 25.78
C SER M 637 -78.21 -49.27 27.25
N TYR M 638 -78.60 -50.29 28.01
CA TYR M 638 -78.91 -50.15 29.41
C TYR M 638 -77.77 -50.67 30.26
N SER M 639 -77.54 -50.04 31.41
CA SER M 639 -76.53 -50.45 32.36
C SER M 639 -77.15 -50.65 33.73
N LEU M 640 -76.89 -51.81 34.33
CA LEU M 640 -77.38 -52.13 35.66
C LEU M 640 -76.20 -52.21 36.61
N SER M 641 -76.24 -51.42 37.67
CA SER M 641 -75.16 -51.37 38.65
C SER M 641 -75.73 -51.31 40.05
N GLU M 642 -75.09 -52.02 40.98
CA GLU M 642 -75.45 -51.99 42.40
C GLU M 642 -74.21 -51.53 43.17
N LEU M 643 -74.06 -50.21 43.30
CA LEU M 643 -72.91 -49.66 43.99
C LEU M 643 -72.87 -50.09 45.45
N GLY M 644 -74.01 -50.01 46.14
CA GLY M 644 -74.11 -50.41 47.52
C GLY M 644 -73.25 -49.58 48.45
N THR M 645 -73.21 -49.95 49.73
CA THR M 645 -72.32 -49.27 50.66
C THR M 645 -70.86 -49.60 50.35
N SER M 646 -70.54 -50.88 50.18
CA SER M 646 -69.19 -51.29 49.84
C SER M 646 -69.13 -52.45 48.85
N SER M 647 -70.27 -52.94 48.35
CA SER M 647 -70.30 -54.09 47.46
C SER M 647 -70.77 -53.64 46.08
N LYS M 648 -69.87 -53.70 45.10
CA LYS M 648 -70.16 -53.25 43.75
C LYS M 648 -70.60 -54.45 42.91
N ARG M 649 -71.85 -54.85 43.12
CA ARG M 649 -72.42 -55.96 42.36
C ARG M 649 -72.89 -55.46 41.00
N TYR M 650 -72.34 -56.03 39.94
CA TYR M 650 -72.72 -55.68 38.57
C TYR M 650 -73.38 -56.86 37.89
N TYR M 651 -74.39 -56.57 37.09
CA TYR M 651 -75.12 -57.62 36.38
C TYR M 651 -75.21 -57.36 34.89
N LYS M 652 -75.36 -56.11 34.47
CA LYS M 652 -75.49 -55.79 33.04
C LYS M 652 -74.83 -54.45 32.79
N ARG M 653 -73.71 -54.47 32.07
CA ARG M 653 -72.95 -53.27 31.74
C ARG M 653 -72.89 -53.12 30.23
N GLU M 654 -73.29 -51.94 29.75
CA GLU M 654 -73.28 -51.57 28.34
C GLU M 654 -74.14 -52.48 27.48
N CYS M 655 -74.99 -53.31 28.08
CA CYS M 655 -75.81 -54.23 27.33
C CYS M 655 -76.87 -53.47 26.54
N PRO M 656 -77.08 -53.81 25.27
CA PRO M 656 -78.12 -53.13 24.50
C PRO M 656 -79.51 -53.36 25.08
N LEU M 657 -80.35 -52.32 25.02
CA LEU M 657 -81.70 -52.43 25.52
C LEU M 657 -82.69 -52.59 24.36
N PRO M 658 -83.77 -53.34 24.56
CA PRO M 658 -84.68 -53.66 23.46
C PRO M 658 -85.79 -52.65 23.20
N MET M 659 -85.83 -51.54 23.93
CA MET M 659 -86.90 -50.57 23.74
C MET M 659 -86.81 -49.98 22.34
N SER M 660 -87.94 -49.99 21.63
CA SER M 660 -87.98 -49.62 20.22
C SER M 660 -88.17 -48.10 20.12
N LEU M 661 -87.13 -47.41 19.64
CA LEU M 661 -87.20 -45.97 19.53
C LEU M 661 -88.30 -45.57 18.55
N PRO M 662 -89.07 -44.53 18.86
CA PRO M 662 -90.14 -44.11 17.94
C PRO M 662 -89.59 -43.74 16.58
N ASN M 663 -90.16 -44.35 15.54
CA ASN M 663 -89.77 -44.09 14.16
C ASN M 663 -90.89 -43.42 13.37
N ILE M 664 -92.08 -44.04 13.34
CA ILE M 664 -93.24 -43.37 12.77
C ILE M 664 -93.64 -42.17 13.63
N ASN M 665 -93.58 -42.34 14.95
CA ASN M 665 -93.91 -41.24 15.85
C ASN M 665 -92.91 -40.08 15.73
N SER M 666 -91.64 -40.40 15.46
CA SER M 666 -90.62 -39.37 15.31
C SER M 666 -90.79 -38.55 14.05
N ASP M 667 -91.65 -38.97 13.12
CA ASP M 667 -91.89 -38.20 11.91
C ASP M 667 -92.53 -36.85 12.23
N MET M 668 -92.29 -35.89 11.36
CA MET M 668 -92.74 -34.52 11.60
C MET M 668 -94.22 -34.34 11.29
N LYS M 669 -95.07 -35.18 11.91
CA LYS M 669 -96.51 -35.03 11.78
C LYS M 669 -97.14 -35.70 13.00
N LYS M 670 -97.55 -34.88 13.97
CA LYS M 670 -98.12 -35.39 15.21
C LYS M 670 -99.08 -34.36 15.77
N ASP M 671 -99.96 -34.82 16.65
CA ASP M 671 -100.96 -33.97 17.31
C ASP M 671 -100.71 -34.00 18.81
N ALA M 672 -100.51 -32.82 19.40
CA ALA M 672 -100.33 -32.64 20.84
C ALA M 672 -99.13 -33.40 21.38
N ASN M 673 -98.13 -33.69 20.53
CA ASN M 673 -96.94 -34.40 20.98
C ASN M 673 -95.64 -33.80 20.45
N LEU M 674 -95.71 -32.77 19.60
CA LEU M 674 -94.49 -32.22 19.00
C LEU M 674 -93.59 -31.59 20.05
N ASP M 675 -94.18 -30.91 21.03
CA ASP M 675 -93.38 -30.27 22.07
C ASP M 675 -92.59 -31.29 22.88
N TYR M 676 -93.25 -32.39 23.27
CA TYR M 676 -92.56 -33.42 24.04
C TYR M 676 -91.50 -34.11 23.20
N TYR M 677 -91.79 -34.36 21.92
CA TYR M 677 -90.81 -35.01 21.05
C TYR M 677 -89.58 -34.14 20.86
N ASN M 678 -89.78 -32.83 20.69
CA ASN M 678 -88.63 -31.92 20.62
C ASN M 678 -87.89 -31.88 21.95
N PHE M 679 -88.62 -31.88 23.06
CA PHE M 679 -87.98 -31.85 24.37
C PHE M 679 -87.32 -33.18 24.70
N ASN M 680 -87.96 -34.29 24.35
CA ASN M 680 -87.46 -35.63 24.63
C ASN M 680 -87.50 -36.46 23.35
N PRO M 681 -86.50 -36.32 22.49
CA PRO M 681 -86.48 -37.12 21.25
C PRO M 681 -86.45 -38.62 21.50
N MET M 682 -85.84 -39.06 22.61
CA MET M 682 -85.83 -40.49 22.91
C MET M 682 -87.24 -41.02 23.13
N GLY M 683 -88.15 -40.17 23.59
CA GLY M 683 -89.53 -40.56 23.81
C GLY M 683 -89.79 -41.26 25.12
N ILE M 684 -88.76 -41.51 25.93
CA ILE M 684 -88.94 -42.21 27.18
C ILE M 684 -89.65 -41.31 28.17
N LYS M 685 -90.72 -41.81 28.78
CA LYS M 685 -91.51 -41.04 29.72
C LYS M 685 -91.19 -41.36 31.18
N SER M 686 -91.03 -42.64 31.52
CA SER M 686 -90.74 -43.04 32.89
C SER M 686 -89.68 -44.13 32.90
N LEU M 687 -88.92 -44.19 34.00
CA LEU M 687 -87.88 -45.20 34.18
C LEU M 687 -87.88 -45.74 35.61
N PHE M 688 -89.05 -45.80 36.24
CA PHE M 688 -89.14 -46.15 37.65
C PHE M 688 -88.88 -47.64 37.83
N PHE M 689 -89.05 -48.12 39.06
CA PHE M 689 -88.81 -49.50 39.43
C PHE M 689 -90.07 -50.10 40.05
N SER M 690 -90.04 -51.41 40.24
CA SER M 690 -91.11 -52.10 40.94
C SER M 690 -90.83 -52.09 42.44
N SER M 691 -91.64 -52.83 43.20
CA SER M 691 -91.39 -52.93 44.64
C SER M 691 -90.08 -53.65 44.93
N TYR M 692 -89.79 -54.71 44.18
CA TYR M 692 -88.61 -55.53 44.41
C TYR M 692 -87.39 -55.06 43.64
N GLY M 693 -87.33 -53.78 43.30
CA GLY M 693 -86.19 -53.24 42.58
C GLY M 693 -86.07 -53.70 41.15
N ASP M 694 -87.18 -54.12 40.53
CA ASP M 694 -87.16 -54.55 39.15
C ASP M 694 -87.27 -53.35 38.23
N PRO M 695 -86.28 -53.08 37.39
CA PRO M 695 -86.33 -51.90 36.52
C PRO M 695 -87.52 -51.95 35.58
N CYS M 696 -88.13 -50.78 35.35
CA CYS M 696 -89.28 -50.65 34.48
C CYS M 696 -89.01 -49.56 33.45
N ILE M 697 -89.36 -49.83 32.20
CA ILE M 697 -89.10 -48.92 31.08
C ILE M 697 -90.43 -48.57 30.43
N PHE M 698 -90.69 -47.26 30.29
CA PHE M 698 -91.85 -46.77 29.58
C PHE M 698 -91.43 -45.59 28.71
N GLY M 699 -92.01 -45.52 27.51
CA GLY M 699 -91.69 -44.44 26.59
C GLY M 699 -92.83 -44.10 25.65
N SER M 700 -92.51 -43.42 24.54
CA SER M 700 -93.54 -43.10 23.56
C SER M 700 -94.11 -44.33 22.89
N ASP M 701 -93.39 -45.46 22.93
CA ASP M 701 -93.91 -46.72 22.40
C ASP M 701 -95.05 -47.27 23.26
N ASN M 702 -95.25 -46.74 24.46
CA ASN M 702 -96.34 -47.17 25.35
C ASN M 702 -96.25 -48.66 25.66
N THR M 703 -95.03 -49.15 25.85
CA THR M 703 -94.79 -50.53 26.24
C THR M 703 -94.04 -50.55 27.56
N LEU M 704 -94.54 -51.33 28.52
CA LEU M 704 -93.94 -51.43 29.84
C LEU M 704 -92.97 -52.60 29.86
N LEU M 705 -91.68 -52.31 29.86
CA LEU M 705 -90.64 -53.32 29.85
C LEU M 705 -90.20 -53.63 31.28
N LEU M 706 -89.63 -54.82 31.46
CA LEU M 706 -89.24 -55.28 32.79
C LEU M 706 -88.09 -56.27 32.65
N LEU M 707 -87.36 -56.46 33.74
CA LEU M 707 -86.25 -57.41 33.81
C LEU M 707 -86.76 -58.66 34.52
N SER M 708 -87.11 -59.69 33.75
CA SER M 708 -87.64 -60.90 34.33
C SER M 708 -86.63 -61.59 35.23
N LYS M 709 -85.53 -62.09 34.64
CA LYS M 709 -84.46 -62.73 35.41
C LYS M 709 -83.30 -61.75 35.54
N TRP M 710 -83.47 -60.75 36.41
CA TRP M 710 -82.39 -59.80 36.63
C TRP M 710 -81.23 -60.40 37.41
N ARG M 711 -81.49 -61.45 38.18
CA ARG M 711 -80.40 -62.08 38.95
C ARG M 711 -79.37 -62.72 38.02
N SER M 712 -79.82 -63.37 36.96
CA SER M 712 -78.91 -64.03 36.03
C SER M 712 -78.81 -63.22 34.74
N PRO M 713 -77.66 -62.61 34.45
CA PRO M 713 -77.54 -61.83 33.21
C PRO M 713 -77.77 -62.63 31.95
N GLU M 714 -77.36 -63.90 31.94
CA GLU M 714 -77.54 -64.71 30.74
C GLU M 714 -78.99 -65.14 30.57
N GLU M 715 -79.66 -65.48 31.66
CA GLU M 715 -81.05 -65.92 31.63
C GLU M 715 -82.04 -64.76 31.67
N SER M 716 -81.55 -63.53 31.67
CA SER M 716 -82.43 -62.36 31.73
C SER M 716 -83.33 -62.31 30.51
N LYS M 717 -84.56 -61.85 30.72
CA LYS M 717 -85.57 -61.77 29.68
C LYS M 717 -86.07 -60.33 29.54
N TRP M 718 -87.02 -60.15 28.64
CA TRP M 718 -87.66 -58.84 28.40
C TRP M 718 -89.11 -59.11 27.98
N LEU M 719 -90.00 -59.08 28.96
CA LEU M 719 -91.42 -59.34 28.72
C LEU M 719 -92.21 -58.06 28.92
N PRO M 720 -92.95 -57.58 27.92
CA PRO M 720 -93.78 -56.39 28.13
C PRO M 720 -94.93 -56.70 29.08
N ILE M 721 -94.85 -56.19 30.30
CA ILE M 721 -95.84 -56.51 31.32
C ILE M 721 -97.17 -55.85 31.01
N LEU M 722 -97.16 -54.61 30.52
CA LEU M 722 -98.39 -53.90 30.21
C LEU M 722 -98.21 -53.12 28.92
N ASP M 723 -99.25 -53.15 28.08
CA ASP M 723 -99.33 -52.34 26.88
C ASP M 723 -100.43 -51.31 27.07
N SER M 724 -100.04 -50.04 27.20
CA SER M 724 -101.01 -49.00 27.53
C SER M 724 -102.05 -48.83 26.43
N ASN M 725 -101.63 -48.90 25.17
CA ASN M 725 -102.51 -48.53 24.07
C ASN M 725 -103.73 -49.44 23.98
N MET M 726 -103.51 -50.76 23.93
CA MET M 726 -104.65 -51.66 23.80
C MET M 726 -105.46 -51.72 25.07
N GLU M 727 -104.81 -51.55 26.23
CA GLU M 727 -105.55 -51.52 27.49
C GLU M 727 -106.53 -50.35 27.53
N ILE M 728 -106.08 -49.16 27.13
CA ILE M 728 -106.98 -48.01 27.10
C ILE M 728 -107.97 -48.12 25.94
N TRP M 729 -107.62 -48.86 24.89
CA TRP M 729 -108.57 -49.13 23.83
C TRP M 729 -109.73 -49.99 24.34
N LYS M 730 -109.42 -50.97 25.18
CA LYS M 730 -110.41 -51.97 25.57
C LYS M 730 -111.18 -51.63 26.84
N MET M 731 -110.63 -50.80 27.74
CA MET M 731 -111.31 -50.57 29.01
C MET M 731 -112.62 -49.82 28.83
N SER M 732 -112.64 -48.79 27.98
CA SER M 732 -113.83 -47.95 27.82
C SER M 732 -115.00 -48.76 27.28
N GLY M 733 -114.87 -49.26 26.05
CA GLY M 733 -115.89 -50.12 25.47
C GLY M 733 -115.34 -51.11 24.49
N GLY M 734 -114.01 -51.17 24.36
CA GLY M 734 -113.37 -51.99 23.35
C GLY M 734 -113.34 -51.37 21.97
N LYS M 735 -113.82 -50.15 21.82
CA LYS M 735 -113.87 -49.48 20.52
C LYS M 735 -112.59 -48.67 20.31
N GLU M 736 -112.59 -47.83 19.27
CA GLU M 736 -111.41 -47.05 18.94
C GLU M 736 -111.34 -45.78 19.79
N THR M 737 -110.16 -45.51 20.35
CA THR M 737 -109.95 -44.30 21.13
C THR M 737 -108.48 -43.92 21.08
N THR M 738 -108.23 -42.61 21.08
CA THR M 738 -106.86 -42.10 20.99
C THR M 738 -106.60 -40.94 21.94
N ASP M 739 -107.36 -40.82 23.04
CA ASP M 739 -107.20 -39.72 23.97
C ASP M 739 -107.26 -40.23 25.41
N ILE M 740 -106.73 -41.42 25.65
CA ILE M 740 -106.75 -42.02 26.98
C ILE M 740 -105.31 -42.27 27.42
N HIS M 741 -104.40 -41.38 27.00
CA HIS M 741 -102.99 -41.53 27.33
C HIS M 741 -102.80 -41.57 28.85
N VAL M 742 -101.94 -42.48 29.30
CA VAL M 742 -101.76 -42.77 30.71
C VAL M 742 -100.30 -42.51 31.08
N TRP M 743 -100.09 -41.79 32.18
CA TRP M 743 -98.75 -41.48 32.65
C TRP M 743 -98.41 -42.41 33.81
N PRO M 744 -97.46 -43.32 33.67
CA PRO M 744 -97.13 -44.24 34.76
C PRO M 744 -96.47 -43.52 35.93
N LEU M 745 -96.72 -44.04 37.12
CA LEU M 745 -96.19 -43.47 38.36
C LEU M 745 -95.19 -44.38 39.06
N ALA M 746 -95.58 -45.61 39.39
CA ALA M 746 -94.72 -46.54 40.10
C ALA M 746 -95.29 -47.95 39.92
N LEU M 747 -94.75 -48.89 40.68
CA LEU M 747 -95.21 -50.28 40.60
C LEU M 747 -94.83 -50.99 41.89
N ALA M 748 -95.77 -51.80 42.41
CA ALA M 748 -95.50 -52.61 43.60
C ALA M 748 -96.41 -53.83 43.53
N TYR M 749 -95.87 -54.95 43.05
CA TYR M 749 -96.62 -56.20 42.90
C TYR M 749 -97.93 -55.97 42.13
N ASP M 750 -97.75 -55.62 40.86
CA ASP M 750 -98.82 -55.41 39.89
C ASP M 750 -99.72 -54.24 40.24
N THR M 751 -99.44 -53.52 41.32
CA THR M 751 -100.21 -52.33 41.68
C THR M 751 -99.63 -51.12 40.96
N LEU M 752 -99.78 -51.14 39.63
CA LEU M 752 -99.21 -50.12 38.76
C LEU M 752 -100.09 -48.87 38.86
N ASN M 753 -99.81 -48.06 39.87
CA ASN M 753 -100.46 -46.76 39.98
C ASN M 753 -99.96 -45.86 38.86
N CYS M 754 -100.88 -45.09 38.27
CA CYS M 754 -100.53 -44.28 37.11
C CYS M 754 -101.57 -43.17 36.97
N ILE M 755 -101.16 -42.11 36.26
CA ILE M 755 -102.03 -40.96 36.03
C ILE M 755 -102.93 -41.24 34.84
N LEU M 756 -104.23 -41.09 35.03
CA LEU M 756 -105.23 -41.32 34.00
C LEU M 756 -105.81 -39.97 33.59
N VAL M 757 -105.27 -39.39 32.53
CA VAL M 757 -105.69 -38.09 32.02
C VAL M 757 -106.20 -38.26 30.61
N LYS M 758 -107.37 -37.69 30.33
CA LYS M 758 -108.01 -37.76 29.03
C LYS M 758 -108.02 -36.38 28.39
N GLY M 759 -107.50 -36.29 27.18
CA GLY M 759 -107.44 -35.03 26.47
C GLY M 759 -106.18 -34.97 25.63
N LYS M 760 -105.79 -33.75 25.27
CA LYS M 760 -104.62 -33.51 24.45
C LYS M 760 -103.37 -33.21 25.27
N HIS M 761 -103.46 -33.30 26.60
CA HIS M 761 -102.32 -33.07 27.49
C HIS M 761 -101.87 -34.43 28.03
N ILE M 762 -100.96 -35.09 27.29
CA ILE M 762 -100.44 -36.37 27.74
C ILE M 762 -99.65 -36.20 29.02
N TRP M 763 -98.77 -35.21 29.07
CA TRP M 763 -98.02 -34.91 30.26
C TRP M 763 -98.90 -34.18 31.28
N PRO M 764 -98.63 -34.35 32.58
CA PRO M 764 -99.47 -33.70 33.59
C PRO M 764 -99.23 -32.21 33.68
N GLU M 765 -99.51 -31.48 32.58
CA GLU M 765 -99.41 -30.03 32.62
C GLU M 765 -100.41 -29.43 33.60
N PHE M 766 -101.64 -29.95 33.60
CA PHE M 766 -102.61 -29.59 34.62
C PHE M 766 -102.26 -30.30 35.93
N PRO M 767 -102.82 -29.87 37.05
CA PRO M 767 -102.61 -30.60 38.30
C PRO M 767 -102.99 -32.07 38.14
N LEU M 768 -102.12 -32.93 38.65
CA LEU M 768 -102.24 -34.36 38.39
C LEU M 768 -103.52 -34.91 39.03
N PRO M 769 -104.27 -35.73 38.31
CA PRO M 769 -105.44 -36.39 38.92
C PRO M 769 -105.03 -37.49 39.88
N LEU M 770 -106.00 -38.18 40.45
CA LEU M 770 -105.69 -39.26 41.38
C LEU M 770 -104.98 -40.40 40.64
N PRO M 771 -103.83 -40.86 41.13
CA PRO M 771 -103.13 -41.95 40.44
C PRO M 771 -103.84 -43.29 40.57
N SER M 772 -104.92 -43.46 39.81
CA SER M 772 -105.66 -44.71 39.84
C SER M 772 -104.83 -45.84 39.25
N GLU M 773 -105.07 -47.05 39.74
CA GLU M 773 -104.25 -48.20 39.41
C GLU M 773 -104.81 -48.96 38.22
N MET M 774 -103.90 -49.46 37.38
CA MET M 774 -104.25 -50.37 36.28
C MET M 774 -103.26 -51.51 36.31
N GLU M 775 -103.74 -52.72 36.60
CA GLU M 775 -102.85 -53.86 36.70
C GLU M 775 -102.33 -54.27 35.32
N ILE M 776 -101.17 -54.94 35.33
CA ILE M 776 -100.55 -55.35 34.07
C ILE M 776 -101.36 -56.48 33.44
N ARG M 777 -101.09 -56.70 32.14
CA ARG M 777 -101.73 -57.78 31.40
C ARG M 777 -100.79 -58.21 30.29
N MET M 778 -100.56 -59.52 30.18
CA MET M 778 -99.68 -60.03 29.15
C MET M 778 -100.26 -59.73 27.77
N PRO M 779 -99.42 -59.41 26.77
CA PRO M 779 -99.90 -59.09 25.43
C PRO M 779 -100.31 -60.31 24.61
N VAL M 780 -101.10 -61.19 25.24
CA VAL M 780 -101.62 -62.37 24.55
C VAL M 780 -102.92 -62.08 23.81
N PHE M 781 -103.65 -61.03 24.21
CA PHE M 781 -104.89 -60.68 23.53
C PHE M 781 -104.63 -60.36 22.06
N VAL M 782 -105.51 -60.86 21.20
CA VAL M 782 -105.42 -60.67 19.76
C VAL M 782 -106.63 -59.83 19.33
N LYS M 783 -106.37 -58.85 18.45
CA LYS M 783 -107.44 -57.97 17.99
C LYS M 783 -108.52 -58.75 17.24
N SER M 784 -108.13 -59.75 16.44
CA SER M 784 -109.10 -60.54 15.71
C SER M 784 -110.04 -61.29 16.65
N LYS M 785 -109.49 -61.86 17.72
CA LYS M 785 -110.29 -62.59 18.70
C LYS M 785 -111.02 -61.69 19.68
N LEU M 786 -110.70 -60.39 19.70
CA LEU M 786 -111.30 -59.46 20.65
C LEU M 786 -112.24 -58.45 20.02
N LEU M 787 -112.13 -58.19 18.72
CA LEU M 787 -112.99 -57.23 18.05
C LEU M 787 -114.40 -57.78 17.90
N GLN M 816 -115.68 -56.87 25.76
CA GLN M 816 -115.85 -58.17 26.40
C GLN M 816 -114.63 -59.05 26.17
N ILE M 817 -114.46 -60.05 27.02
CA ILE M 817 -113.32 -60.97 26.94
C ILE M 817 -113.83 -62.41 26.94
N PRO M 818 -113.42 -63.25 26.00
CA PRO M 818 -113.79 -64.67 26.07
C PRO M 818 -113.23 -65.32 27.32
N VAL M 819 -114.02 -66.21 27.91
CA VAL M 819 -113.64 -66.82 29.18
C VAL M 819 -112.66 -67.98 29.01
N SER M 820 -112.63 -68.62 27.84
CA SER M 820 -111.75 -69.76 27.63
C SER M 820 -110.28 -69.36 27.69
N MET M 821 -109.93 -68.23 27.09
CA MET M 821 -108.54 -67.80 27.01
C MET M 821 -108.18 -66.70 27.99
N ALA M 822 -109.17 -66.11 28.67
CA ALA M 822 -108.85 -65.14 29.72
C ALA M 822 -108.09 -65.82 30.86
N ALA M 823 -108.52 -67.02 31.24
CA ALA M 823 -107.78 -67.80 32.23
C ALA M 823 -106.39 -68.17 31.72
N GLU M 824 -106.19 -68.29 30.41
CA GLU M 824 -104.85 -68.51 29.88
C GLU M 824 -103.96 -67.30 30.14
N GLU M 825 -104.49 -66.09 29.97
CA GLU M 825 -103.71 -64.90 30.27
C GLU M 825 -103.45 -64.77 31.77
N GLU M 826 -104.43 -65.14 32.59
CA GLU M 826 -104.20 -65.18 34.03
C GLU M 826 -103.11 -66.18 34.38
N TYR M 827 -103.11 -67.33 33.72
CA TYR M 827 -102.05 -68.32 33.89
C TYR M 827 -100.68 -67.73 33.53
N LEU M 828 -100.60 -67.05 32.39
CA LEU M 828 -99.30 -66.50 31.98
C LEU M 828 -98.84 -65.41 32.94
N ARG M 829 -99.77 -64.56 33.40
CA ARG M 829 -99.42 -63.52 34.36
C ARG M 829 -98.92 -64.13 35.67
N SER M 830 -99.63 -65.14 36.18
CA SER M 830 -99.19 -65.80 37.41
C SER M 830 -97.84 -66.47 37.22
N LYS M 831 -97.63 -67.11 36.07
CA LYS M 831 -96.35 -67.78 35.82
C LYS M 831 -95.21 -66.79 35.77
N VAL M 832 -95.40 -65.65 35.07
CA VAL M 832 -94.32 -64.68 34.96
C VAL M 832 -94.09 -63.96 36.28
N LEU M 833 -95.13 -63.79 37.10
CA LEU M 833 -94.95 -63.16 38.40
C LEU M 833 -94.47 -64.12 39.48
N SER M 834 -94.52 -65.43 39.23
CA SER M 834 -94.09 -66.39 40.23
C SER M 834 -92.62 -66.21 40.59
N GLU M 835 -91.75 -66.20 39.59
CA GLU M 835 -90.33 -66.00 39.87
C GLU M 835 -90.07 -64.60 40.40
N LEU M 836 -90.84 -63.61 39.96
CA LEU M 836 -90.66 -62.25 40.46
C LEU M 836 -90.95 -62.17 41.96
N LEU M 837 -91.99 -62.86 42.41
CA LEU M 837 -92.28 -62.89 43.84
C LEU M 837 -91.27 -63.76 44.60
N THR M 838 -90.81 -64.86 43.99
CA THR M 838 -89.87 -65.73 44.70
C THR M 838 -88.52 -65.04 44.93
N ASP M 839 -88.02 -64.31 43.93
CA ASP M 839 -86.67 -63.77 44.01
C ASP M 839 -86.43 -62.99 45.30
N THR M 840 -87.43 -62.22 45.75
CA THR M 840 -87.32 -61.49 47.00
C THR M 840 -87.09 -62.42 48.17
N LEU M 841 -87.74 -63.59 48.18
CA LEU M 841 -87.66 -64.49 49.33
C LEU M 841 -86.23 -64.97 49.57
N GLU M 842 -85.52 -65.35 48.50
CA GLU M 842 -84.17 -65.86 48.68
C GLU M 842 -83.08 -64.81 48.48
N ASN M 843 -83.42 -63.59 48.04
CA ASN M 843 -82.41 -62.56 47.86
C ASN M 843 -82.60 -61.39 48.82
N ASP M 844 -83.77 -60.75 48.81
CA ASP M 844 -84.02 -59.61 49.68
C ASP M 844 -84.61 -60.00 51.02
N GLY M 845 -84.95 -61.26 51.21
CA GLY M 845 -85.54 -61.71 52.46
C GLY M 845 -87.02 -61.40 52.54
N GLU M 846 -87.62 -61.80 53.66
CA GLU M 846 -89.03 -61.54 53.93
C GLU M 846 -89.15 -60.18 54.60
N MET M 847 -89.29 -59.14 53.78
CA MET M 847 -89.37 -57.77 54.27
C MET M 847 -90.79 -57.23 54.26
N TYR M 848 -91.54 -57.47 53.20
CA TYR M 848 -92.95 -57.07 53.19
C TYR M 848 -93.77 -57.94 54.15
N GLY M 849 -93.40 -59.20 54.32
CA GLY M 849 -94.07 -60.08 55.24
C GLY M 849 -95.20 -60.89 54.65
N ASN M 850 -95.74 -60.49 53.50
CA ASN M 850 -96.80 -61.22 52.84
C ASN M 850 -96.30 -62.10 51.70
N GLU M 851 -94.98 -62.19 51.51
CA GLU M 851 -94.44 -62.90 50.35
C GLU M 851 -94.85 -64.37 50.36
N ASN M 852 -94.80 -65.02 51.52
CA ASN M 852 -95.15 -66.44 51.57
C ASN M 852 -96.61 -66.66 51.23
N GLU M 853 -97.52 -65.92 51.86
CA GLU M 853 -98.94 -66.11 51.62
C GLU M 853 -99.33 -65.68 50.20
N VAL M 854 -98.79 -64.56 49.72
CA VAL M 854 -99.15 -64.12 48.38
C VAL M 854 -98.58 -65.07 47.33
N LEU M 855 -97.40 -65.65 47.60
CA LEU M 855 -96.84 -66.64 46.67
C LEU M 855 -97.67 -67.92 46.68
N ALA M 856 -98.13 -68.34 47.85
CA ALA M 856 -99.02 -69.52 47.91
C ALA M 856 -100.31 -69.26 47.14
N ALA M 857 -100.88 -68.07 47.31
CA ALA M 857 -102.10 -67.72 46.57
C ALA M 857 -101.84 -67.68 45.07
N LEU M 858 -100.70 -67.12 44.66
CA LEU M 858 -100.37 -67.05 43.24
C LEU M 858 -100.17 -68.44 42.65
N ASN M 859 -99.51 -69.33 43.38
CA ASN M 859 -99.34 -70.70 42.90
C ASN M 859 -100.68 -71.43 42.84
N GLY M 860 -101.55 -71.19 43.82
CA GLY M 860 -102.88 -71.77 43.77
C GLY M 860 -103.67 -71.31 42.56
N ALA M 861 -103.63 -70.01 42.27
CA ALA M 861 -104.30 -69.49 41.07
C ALA M 861 -103.63 -70.01 39.80
N TYR M 862 -102.32 -70.20 39.83
CA TYR M 862 -101.59 -70.76 38.69
C TYR M 862 -102.07 -72.17 38.38
N ASP M 863 -102.16 -73.02 39.40
CA ASP M 863 -102.66 -74.38 39.18
C ASP M 863 -104.15 -74.41 38.88
N LYS M 864 -104.92 -73.44 39.40
CA LYS M 864 -106.33 -73.37 39.05
C LYS M 864 -106.51 -72.99 37.59
N ALA M 865 -105.68 -72.07 37.08
CA ALA M 865 -105.69 -71.75 35.67
C ALA M 865 -105.27 -72.95 34.83
N LEU M 866 -104.28 -73.70 35.30
CA LEU M 866 -103.93 -74.95 34.63
C LEU M 866 -105.11 -75.91 34.60
N LEU M 867 -105.86 -76.00 35.70
CA LEU M 867 -107.02 -76.89 35.73
C LEU M 867 -108.12 -76.42 34.78
N ARG M 868 -108.34 -75.10 34.71
CA ARG M 868 -109.35 -74.57 33.79
C ARG M 868 -108.96 -74.84 32.35
N LEU M 869 -107.69 -74.62 32.00
CA LEU M 869 -107.22 -74.94 30.67
C LEU M 869 -107.23 -76.44 30.41
N PHE M 870 -107.04 -77.25 31.46
CA PHE M 870 -107.19 -78.69 31.35
C PHE M 870 -108.62 -79.07 30.97
N ALA M 871 -109.60 -78.46 31.62
CA ALA M 871 -110.99 -78.69 31.27
C ALA M 871 -111.29 -78.20 29.86
N SER M 872 -110.72 -77.06 29.47
CA SER M 872 -110.92 -76.56 28.12
C SER M 872 -110.36 -77.53 27.07
N ALA M 873 -109.17 -78.07 27.32
CA ALA M 873 -108.59 -79.06 26.42
C ALA M 873 -109.39 -80.35 26.44
N CYS M 874 -110.00 -80.68 27.58
CA CYS M 874 -110.94 -81.80 27.62
C CYS M 874 -112.11 -81.56 26.69
N SER M 875 -112.62 -80.32 26.68
CA SER M 875 -113.62 -79.95 25.68
C SER M 875 -113.07 -79.99 24.26
N ASP M 876 -111.75 -79.89 24.10
CA ASP M 876 -111.12 -80.08 22.80
C ASP M 876 -110.82 -81.53 22.48
N GLN M 877 -111.02 -82.44 23.45
CA GLN M 877 -110.81 -83.87 23.26
C GLN M 877 -109.38 -84.18 22.79
N ASN M 878 -108.40 -83.52 23.41
CA ASN M 878 -107.00 -83.72 23.09
C ASN M 878 -106.28 -84.28 24.31
N VAL M 879 -105.76 -85.50 24.17
CA VAL M 879 -105.02 -86.12 25.27
C VAL M 879 -103.66 -85.44 25.45
N GLU M 880 -102.95 -85.17 24.35
CA GLU M 880 -101.61 -84.62 24.45
C GLU M 880 -101.60 -83.22 25.05
N LYS M 881 -102.56 -82.37 24.66
CA LYS M 881 -102.62 -81.02 25.23
C LYS M 881 -102.86 -81.08 26.74
N ALA M 882 -103.80 -81.91 27.18
CA ALA M 882 -104.06 -82.05 28.60
C ALA M 882 -102.86 -82.60 29.34
N LEU M 883 -102.15 -83.57 28.75
CA LEU M 883 -100.95 -84.12 29.40
C LEU M 883 -99.86 -83.05 29.54
N SER M 884 -99.65 -82.26 28.47
CA SER M 884 -98.64 -81.20 28.54
C SER M 884 -99.01 -80.16 29.58
N LEU M 885 -100.30 -79.79 29.67
CA LEU M 885 -100.73 -78.84 30.68
C LEU M 885 -100.62 -79.41 32.09
N ALA M 886 -100.89 -80.71 32.26
CA ALA M 886 -100.82 -81.32 33.58
C ALA M 886 -99.40 -81.58 34.04
N HIS M 887 -98.43 -81.59 33.11
CA HIS M 887 -97.04 -81.71 33.53
C HIS M 887 -96.61 -80.60 34.49
N GLU M 888 -97.25 -79.43 34.42
CA GLU M 888 -96.83 -78.28 35.22
C GLU M 888 -97.61 -78.12 36.52
N LEU M 889 -98.45 -79.10 36.88
CA LEU M 889 -99.21 -79.00 38.11
C LEU M 889 -98.29 -79.09 39.32
N LYS M 890 -98.52 -78.22 40.30
CA LYS M 890 -97.68 -78.15 41.51
C LYS M 890 -98.36 -78.70 42.75
N GLN M 891 -99.54 -78.18 43.10
CA GLN M 891 -100.23 -78.67 44.29
C GLN M 891 -100.73 -80.10 44.08
N ASP M 892 -100.59 -80.92 45.12
CA ASP M 892 -101.10 -82.29 45.05
C ASP M 892 -102.61 -82.32 44.95
N ARG M 893 -103.29 -81.42 45.66
CA ARG M 893 -104.75 -81.35 45.57
C ARG M 893 -105.19 -80.94 44.17
N ALA M 894 -104.44 -80.05 43.52
CA ALA M 894 -104.72 -79.71 42.13
C ALA M 894 -104.54 -80.93 41.23
N LEU M 895 -103.53 -81.75 41.51
CA LEU M 895 -103.35 -82.99 40.74
C LEU M 895 -104.51 -83.96 40.95
N THR M 896 -105.01 -84.06 42.19
CA THR M 896 -106.17 -84.90 42.44
C THR M 896 -107.41 -84.38 41.72
N ALA M 897 -107.57 -83.06 41.68
CA ALA M 897 -108.68 -82.47 40.93
C ALA M 897 -108.52 -82.76 39.44
N ALA M 898 -107.28 -82.74 38.94
CA ALA M 898 -107.04 -83.11 37.55
C ALA M 898 -107.42 -84.57 37.30
N VAL M 899 -107.11 -85.46 38.24
CA VAL M 899 -107.53 -86.85 38.13
C VAL M 899 -109.05 -86.95 38.09
N LYS M 900 -109.73 -86.19 38.95
CA LYS M 900 -111.18 -86.21 39.00
C LYS M 900 -111.79 -85.72 37.69
N ILE M 901 -111.20 -84.67 37.10
CA ILE M 901 -111.66 -84.20 35.80
C ILE M 901 -111.39 -85.25 34.72
N SER M 902 -110.27 -85.98 34.86
CA SER M 902 -109.90 -86.96 33.84
C SER M 902 -110.94 -88.07 33.73
N GLU M 903 -111.44 -88.57 34.87
CA GLU M 903 -112.42 -89.64 34.84
C GLU M 903 -113.80 -89.18 34.39
N ARG M 904 -114.01 -87.86 34.25
CA ARG M 904 -115.30 -87.32 33.85
C ARG M 904 -115.36 -86.92 32.38
N ALA M 905 -114.25 -86.48 31.80
CA ALA M 905 -114.27 -85.90 30.46
C ALA M 905 -114.18 -86.95 29.36
N GLU M 906 -115.02 -87.99 29.48
CA GLU M 906 -115.25 -88.97 28.42
C GLU M 906 -113.96 -89.43 27.74
N LEU M 907 -112.97 -89.76 28.56
CA LEU M 907 -111.68 -90.16 28.01
C LEU M 907 -110.98 -91.17 28.92
N PRO M 908 -110.80 -92.41 28.46
CA PRO M 908 -110.14 -93.41 29.32
C PRO M 908 -108.63 -93.21 29.42
N SER M 909 -107.96 -92.84 28.33
CA SER M 909 -106.51 -92.64 28.38
C SER M 909 -106.15 -91.38 29.15
N LEU M 910 -107.09 -90.44 29.28
CA LEU M 910 -106.84 -89.24 30.07
C LEU M 910 -106.59 -89.57 31.53
N VAL M 911 -107.28 -90.58 32.05
CA VAL M 911 -107.19 -90.90 33.48
C VAL M 911 -105.82 -91.50 33.82
N LYS M 912 -105.35 -92.43 32.98
CA LYS M 912 -104.19 -93.24 33.35
C LYS M 912 -102.91 -92.41 33.40
N LYS M 913 -102.75 -91.45 32.49
CA LYS M 913 -101.55 -90.62 32.51
C LYS M 913 -101.49 -89.77 33.76
N ILE M 914 -102.61 -89.19 34.18
CA ILE M 914 -102.62 -88.38 35.40
C ILE M 914 -102.42 -89.26 36.61
N ASN M 915 -102.94 -90.49 36.59
CA ASN M 915 -102.68 -91.43 37.67
C ASN M 915 -101.19 -91.77 37.75
N ASN M 916 -100.53 -91.94 36.60
CA ASN M 916 -99.10 -92.19 36.60
C ASN M 916 -98.34 -90.98 37.14
N ILE M 917 -98.76 -89.78 36.77
CA ILE M 917 -98.13 -88.57 37.31
C ILE M 917 -98.29 -88.52 38.83
N ARG M 918 -99.49 -88.88 39.33
CA ARG M 918 -99.72 -88.93 40.77
C ARG M 918 -98.82 -89.96 41.44
N GLU M 919 -98.64 -91.12 40.80
CA GLU M 919 -97.73 -92.13 41.33
C GLU M 919 -96.30 -91.61 41.38
N ALA M 920 -95.91 -90.82 40.38
CA ALA M 920 -94.56 -90.24 40.36
C ALA M 920 -94.35 -89.28 41.52
N ARG M 921 -95.42 -88.67 42.03
CA ARG M 921 -95.30 -87.76 43.16
C ARG M 921 -94.91 -88.47 44.45
N TYR M 922 -95.21 -89.76 44.56
CA TYR M 922 -94.91 -90.51 45.77
C TYR M 922 -93.42 -90.75 45.93
N THR N 471 -82.35 -40.21 6.05
CA THR N 471 -82.12 -41.45 6.76
C THR N 471 -83.45 -42.04 7.24
N GLY N 472 -84.08 -42.85 6.40
CA GLY N 472 -85.35 -43.45 6.74
C GLY N 472 -85.46 -44.90 6.32
N LYS N 473 -84.34 -45.61 6.32
CA LYS N 473 -84.33 -47.01 5.91
C LYS N 473 -84.96 -47.85 7.02
N PHE N 474 -86.21 -48.25 6.80
CA PHE N 474 -86.92 -49.10 7.75
C PHE N 474 -87.64 -50.26 7.06
N ARG N 475 -87.27 -50.57 5.83
CA ARG N 475 -87.91 -51.63 5.05
C ARG N 475 -87.42 -52.97 5.59
N TYR N 476 -88.18 -53.54 6.53
CA TYR N 476 -87.90 -54.87 7.05
C TYR N 476 -88.88 -55.86 6.43
N MET N 477 -88.61 -56.21 5.18
CA MET N 477 -89.46 -57.20 4.51
C MET N 477 -89.28 -58.57 5.14
N PRO N 478 -90.32 -59.39 5.13
CA PRO N 478 -90.22 -60.73 5.73
C PRO N 478 -89.15 -61.57 5.03
N PHE N 479 -88.46 -62.39 5.82
CA PHE N 479 -87.40 -63.24 5.31
C PHE N 479 -87.56 -64.65 5.85
N SER N 480 -87.13 -65.62 5.04
CA SER N 480 -87.19 -67.03 5.38
C SER N 480 -85.89 -67.68 4.92
N PRO N 481 -85.48 -68.78 5.57
CA PRO N 481 -84.27 -69.48 5.13
C PRO N 481 -84.38 -69.91 3.67
N ALA N 482 -83.26 -69.79 2.95
CA ALA N 482 -83.21 -70.04 1.52
C ALA N 482 -84.28 -69.25 0.78
N GLY N 483 -84.40 -67.97 1.16
CA GLY N 483 -85.41 -67.11 0.57
C GLY N 483 -85.17 -66.88 -0.91
N THR N 484 -86.27 -66.70 -1.64
CA THR N 484 -86.24 -66.52 -3.08
C THR N 484 -87.18 -65.38 -3.45
N PRO N 485 -86.77 -64.49 -4.34
CA PRO N 485 -87.67 -63.43 -4.80
C PRO N 485 -88.74 -64.00 -5.73
N PHE N 486 -89.78 -63.19 -5.95
CA PHE N 486 -90.88 -63.61 -6.83
C PHE N 486 -90.38 -63.87 -8.25
N GLY N 487 -89.56 -62.95 -8.78
CA GLY N 487 -89.09 -63.06 -10.14
C GLY N 487 -90.15 -62.63 -11.14
N PHE N 488 -89.80 -62.76 -12.42
CA PHE N 488 -90.74 -62.41 -13.47
C PHE N 488 -91.96 -63.31 -13.45
N THR N 489 -91.75 -64.61 -13.22
CA THR N 489 -92.83 -65.56 -13.12
C THR N 489 -93.29 -65.68 -11.66
N ASP N 490 -94.23 -66.58 -11.42
CA ASP N 490 -94.75 -66.81 -10.08
C ASP N 490 -93.97 -67.87 -9.31
N ARG N 491 -92.96 -68.49 -9.94
CA ARG N 491 -92.19 -69.56 -9.31
C ARG N 491 -91.26 -68.94 -8.28
N ARG N 492 -91.72 -68.92 -7.02
CA ARG N 492 -90.95 -68.38 -5.90
C ARG N 492 -90.93 -69.40 -4.78
N TYR N 493 -89.76 -69.56 -4.16
CA TYR N 493 -89.58 -70.53 -3.08
C TYR N 493 -89.89 -69.85 -1.75
N LEU N 494 -90.86 -70.37 -1.02
CA LEU N 494 -91.13 -69.89 0.32
C LEU N 494 -89.96 -70.18 1.25
N THR N 495 -89.53 -71.43 1.30
CA THR N 495 -88.45 -71.87 2.16
C THR N 495 -87.92 -73.20 1.64
N MET N 496 -86.60 -73.32 1.56
CA MET N 496 -85.96 -74.53 1.04
C MET N 496 -85.03 -75.09 2.11
N ASN N 497 -85.25 -76.34 2.48
CA ASN N 497 -84.47 -77.00 3.52
C ASN N 497 -83.91 -78.31 2.97
N GLU N 498 -83.10 -78.97 3.79
CA GLU N 498 -82.47 -80.22 3.35
C GLU N 498 -83.50 -81.34 3.17
N VAL N 499 -84.54 -81.37 4.00
CA VAL N 499 -85.57 -82.38 3.86
C VAL N 499 -86.35 -82.19 2.57
N GLY N 500 -86.68 -80.94 2.25
CA GLY N 500 -87.45 -80.67 1.04
C GLY N 500 -87.46 -79.19 0.73
N TYR N 501 -88.09 -78.86 -0.39
CA TYR N 501 -88.22 -77.49 -0.85
C TYR N 501 -89.69 -77.10 -0.92
N VAL N 502 -89.97 -75.82 -0.68
CA VAL N 502 -91.31 -75.26 -0.79
C VAL N 502 -91.27 -74.16 -1.83
N SER N 503 -92.14 -74.26 -2.82
CA SER N 503 -92.23 -73.28 -3.91
C SER N 503 -93.66 -72.74 -4.00
N THR N 504 -93.83 -71.72 -4.84
CA THR N 504 -95.11 -71.06 -5.00
C THR N 504 -95.41 -70.83 -6.48
N VAL N 505 -96.70 -70.69 -6.78
CA VAL N 505 -97.16 -70.30 -8.10
C VAL N 505 -98.55 -69.70 -7.93
N LYS N 506 -98.88 -68.73 -8.79
CA LYS N 506 -100.12 -67.98 -8.69
C LYS N 506 -101.03 -68.37 -9.86
N ASN N 507 -102.23 -68.84 -9.54
CA ASN N 507 -103.24 -69.13 -10.57
C ASN N 507 -104.15 -67.93 -10.80
N SER N 508 -103.53 -66.76 -10.97
CA SER N 508 -104.19 -65.52 -11.38
C SER N 508 -105.16 -64.99 -10.32
N GLU N 509 -105.40 -65.74 -9.25
CA GLU N 509 -106.30 -65.28 -8.20
C GLU N 509 -105.72 -65.49 -6.81
N GLN N 510 -104.89 -66.51 -6.64
CA GLN N 510 -104.39 -66.88 -5.32
C GLN N 510 -102.98 -67.44 -5.47
N TYR N 511 -102.50 -68.12 -4.44
CA TYR N 511 -101.16 -68.71 -4.41
C TYR N 511 -101.27 -70.21 -4.20
N SER N 512 -100.46 -70.97 -4.92
CA SER N 512 -100.37 -72.41 -4.76
C SER N 512 -99.03 -72.77 -4.15
N ILE N 513 -99.06 -73.53 -3.05
CA ILE N 513 -97.88 -73.87 -2.29
C ILE N 513 -97.54 -75.34 -2.56
N THR N 514 -96.35 -75.60 -3.07
CA THR N 514 -95.89 -76.95 -3.37
C THR N 514 -94.86 -77.35 -2.31
N VAL N 515 -95.22 -78.34 -1.49
CA VAL N 515 -94.34 -78.85 -0.44
C VAL N 515 -93.86 -80.22 -0.88
N SER N 516 -92.56 -80.35 -1.09
CA SER N 516 -91.94 -81.59 -1.52
C SER N 516 -90.90 -82.04 -0.50
N PHE N 517 -90.26 -83.17 -0.78
CA PHE N 517 -89.24 -83.71 0.11
C PHE N 517 -88.16 -84.40 -0.71
N PHE N 518 -86.90 -84.13 -0.37
CA PHE N 518 -85.77 -84.81 -1.00
C PHE N 518 -85.38 -86.09 -0.28
N ASP N 519 -86.02 -86.41 0.85
CA ASP N 519 -85.62 -87.53 1.69
C ASP N 519 -86.30 -88.81 1.22
N VAL N 520 -86.23 -89.85 2.05
CA VAL N 520 -86.83 -91.12 1.71
C VAL N 520 -88.35 -90.97 1.61
N GLY N 521 -88.97 -91.88 0.87
CA GLY N 521 -90.40 -91.84 0.60
C GLY N 521 -91.31 -91.75 1.81
N ARG N 522 -90.73 -91.89 3.01
CA ARG N 522 -91.52 -91.68 4.22
C ARG N 522 -92.08 -90.26 4.28
N PHE N 523 -91.26 -89.27 3.91
CA PHE N 523 -91.71 -87.88 3.80
C PHE N 523 -92.37 -87.71 2.43
N ARG N 524 -93.62 -88.16 2.35
CA ARG N 524 -94.36 -88.07 1.10
C ARG N 524 -94.70 -86.62 0.75
N GLU N 525 -94.69 -86.32 -0.55
CA GLU N 525 -94.98 -84.98 -1.03
C GLU N 525 -96.49 -84.75 -0.99
N TYR N 526 -96.89 -83.59 -0.47
CA TYR N 526 -98.29 -83.21 -0.40
C TYR N 526 -98.46 -81.76 -0.82
N HIS N 527 -99.64 -81.44 -1.34
CA HIS N 527 -99.95 -80.10 -1.80
C HIS N 527 -101.28 -79.66 -1.23
N PHE N 528 -101.39 -78.37 -0.91
CA PHE N 528 -102.63 -77.79 -0.41
C PHE N 528 -102.87 -76.46 -1.13
N GLU N 529 -104.14 -76.07 -1.17
CA GLU N 529 -104.53 -74.82 -1.81
C GLU N 529 -104.50 -73.70 -0.77
N ASP N 530 -103.82 -72.61 -1.11
CA ASP N 530 -103.67 -71.47 -0.22
C ASP N 530 -104.48 -70.30 -0.74
N LEU N 531 -105.25 -69.66 0.15
CA LEU N 531 -106.04 -68.49 -0.19
C LEU N 531 -105.64 -67.25 0.59
N PHE N 532 -104.74 -67.36 1.57
CA PHE N 532 -104.31 -66.22 2.37
C PHE N 532 -103.04 -65.56 1.85
N GLY N 533 -102.40 -66.12 0.83
CA GLY N 533 -101.18 -65.55 0.30
C GLY N 533 -100.02 -65.62 1.27
N TYR N 534 -99.55 -66.83 1.58
CA TYR N 534 -98.46 -67.00 2.53
C TYR N 534 -97.17 -66.39 2.00
N ASP N 535 -96.42 -65.74 2.89
CA ASP N 535 -95.16 -65.11 2.54
C ASP N 535 -93.96 -65.73 3.21
N LEU N 536 -94.14 -66.51 4.27
CA LEU N 536 -93.04 -67.13 5.00
C LEU N 536 -93.34 -68.60 5.25
N CYS N 537 -92.28 -69.39 5.42
CA CYS N 537 -92.43 -70.81 5.68
C CYS N 537 -91.23 -71.32 6.45
N PHE N 538 -91.39 -72.47 7.08
CA PHE N 538 -90.33 -73.10 7.85
C PHE N 538 -90.56 -74.60 7.86
N LEU N 539 -89.50 -75.36 7.54
CA LEU N 539 -89.59 -76.82 7.47
C LEU N 539 -89.02 -77.45 8.73
N ASN N 540 -89.57 -78.62 9.08
CA ASN N 540 -89.15 -79.33 10.27
C ASN N 540 -89.31 -80.82 10.03
N GLU N 541 -88.63 -81.61 10.87
CA GLU N 541 -88.76 -83.07 10.79
C GLU N 541 -90.14 -83.55 11.23
N LYS N 542 -90.90 -82.72 11.94
CA LYS N 542 -92.23 -83.11 12.42
C LYS N 542 -93.29 -82.06 12.08
N GLY N 543 -93.08 -81.28 11.03
CA GLY N 543 -94.07 -80.31 10.64
C GLY N 543 -93.50 -79.28 9.68
N THR N 544 -94.37 -78.34 9.31
CA THR N 544 -94.00 -77.24 8.43
C THR N 544 -94.94 -76.08 8.69
N LEU N 545 -94.37 -74.89 8.88
CA LEU N 545 -95.14 -73.70 9.20
C LEU N 545 -95.27 -72.80 7.98
N PHE N 546 -96.36 -72.04 7.94
CA PHE N 546 -96.61 -71.07 6.89
C PHE N 546 -97.10 -69.77 7.50
N GLY N 547 -96.88 -68.67 6.80
CA GLY N 547 -97.29 -67.37 7.28
C GLY N 547 -97.18 -66.32 6.20
N GLN N 548 -97.76 -65.15 6.49
CA GLN N 548 -97.79 -64.05 5.54
C GLN N 548 -97.43 -62.76 6.27
N SER N 549 -96.89 -61.80 5.51
CA SER N 549 -96.37 -60.57 6.10
C SER N 549 -97.49 -59.74 6.73
N LYS N 550 -98.54 -59.46 5.97
CA LYS N 550 -99.67 -58.68 6.45
C LYS N 550 -100.81 -59.62 6.84
N THR N 551 -101.65 -59.19 7.78
CA THR N 551 -102.72 -60.08 8.30
C THR N 551 -102.02 -61.28 8.94
N GLY N 552 -101.33 -61.04 10.05
CA GLY N 552 -100.58 -62.13 10.70
C GLY N 552 -101.44 -63.35 10.94
N GLN N 553 -101.19 -64.43 10.21
CA GLN N 553 -101.93 -65.69 10.48
C GLN N 553 -100.90 -66.81 10.64
N ILE N 554 -101.34 -68.00 11.06
CA ILE N 554 -100.34 -69.08 11.32
C ILE N 554 -100.82 -70.40 10.72
N GLN N 555 -99.91 -71.13 10.07
CA GLN N 555 -100.24 -72.47 9.52
C GLN N 555 -99.12 -73.48 9.80
N TYR N 556 -99.00 -73.94 11.05
CA TYR N 556 -98.02 -75.02 11.32
C TYR N 556 -98.72 -76.34 11.01
N ARG N 557 -98.75 -76.74 9.73
CA ARG N 557 -99.49 -77.97 9.36
C ARG N 557 -98.52 -79.15 9.37
N PRO N 558 -98.52 -80.03 10.39
CA PRO N 558 -97.52 -81.09 10.47
C PRO N 558 -97.68 -82.11 9.35
N HIS N 559 -96.54 -82.68 8.94
CA HIS N 559 -96.58 -83.71 7.91
C HIS N 559 -97.34 -84.95 8.38
N ASP N 560 -97.11 -85.37 9.61
CA ASP N 560 -97.82 -86.51 10.18
C ASP N 560 -99.23 -86.10 10.58
N SER N 561 -100.20 -86.98 10.33
CA SER N 561 -101.58 -86.71 10.64
C SER N 561 -101.90 -86.88 12.12
N ILE N 562 -100.98 -87.45 12.91
CA ILE N 562 -101.24 -87.63 14.34
C ILE N 562 -101.34 -86.27 15.03
N HIS N 563 -100.56 -85.29 14.60
CA HIS N 563 -100.61 -83.94 15.16
C HIS N 563 -101.53 -83.08 14.29
N SER N 564 -102.66 -82.68 14.84
CA SER N 564 -103.63 -81.91 14.08
C SER N 564 -103.10 -80.52 13.77
N ASN N 565 -103.35 -80.06 12.55
CA ASN N 565 -102.95 -78.73 12.14
C ASN N 565 -103.84 -77.68 12.79
N TRP N 566 -103.25 -76.53 13.10
CA TRP N 566 -103.95 -75.42 13.72
C TRP N 566 -103.59 -74.12 13.04
N THR N 567 -104.50 -73.15 13.12
CA THR N 567 -104.29 -71.81 12.59
C THR N 567 -104.42 -70.80 13.71
N LYS N 568 -103.40 -69.95 13.85
CA LYS N 568 -103.37 -68.93 14.90
C LYS N 568 -103.23 -67.55 14.28
N ILE N 569 -103.85 -66.56 14.90
CA ILE N 569 -103.86 -65.18 14.40
C ILE N 569 -102.74 -64.42 15.09
N ILE N 570 -101.80 -63.91 14.31
CA ILE N 570 -100.71 -63.10 14.86
C ILE N 570 -101.22 -61.68 15.12
N PRO N 571 -101.02 -61.14 16.32
CA PRO N 571 -101.42 -59.74 16.57
C PRO N 571 -100.60 -58.78 15.71
N LEU N 572 -101.29 -58.11 14.79
CA LEU N 572 -100.67 -57.18 13.86
C LEU N 572 -101.04 -55.76 14.24
N GLN N 573 -100.05 -54.88 14.32
CA GLN N 573 -100.25 -53.48 14.66
C GLN N 573 -99.74 -52.59 13.53
N ALA N 574 -99.97 -51.30 13.68
CA ALA N 574 -99.52 -50.33 12.69
C ALA N 574 -98.00 -50.28 12.66
N GLY N 575 -97.43 -50.39 11.46
CA GLY N 575 -95.98 -50.43 11.32
C GLY N 575 -95.41 -51.82 11.55
N GLU N 576 -96.05 -52.60 12.42
CA GLU N 576 -95.61 -53.95 12.70
C GLU N 576 -95.82 -54.85 11.50
N ARG N 577 -94.86 -55.73 11.25
CA ARG N 577 -94.96 -56.70 10.18
C ARG N 577 -94.16 -57.94 10.55
N ILE N 578 -94.65 -59.10 10.13
CA ILE N 578 -93.96 -60.35 10.41
C ILE N 578 -92.72 -60.43 9.53
N THR N 579 -91.58 -60.75 10.13
CA THR N 579 -90.30 -60.80 9.43
C THR N 579 -89.74 -62.21 9.30
N SER N 580 -89.89 -63.05 10.31
CA SER N 580 -89.31 -64.39 10.27
C SER N 580 -90.13 -65.33 11.12
N VAL N 581 -90.04 -66.62 10.80
CA VAL N 581 -90.72 -67.68 11.53
C VAL N 581 -89.72 -68.78 11.84
N ALA N 582 -90.01 -69.54 12.89
CA ALA N 582 -89.16 -70.65 13.29
C ALA N 582 -89.99 -71.66 14.07
N ALA N 583 -89.96 -72.91 13.63
CA ALA N 583 -90.71 -73.97 14.28
C ALA N 583 -89.76 -75.07 14.72
N THR N 584 -90.00 -75.60 15.91
CA THR N 584 -89.27 -76.71 16.49
C THR N 584 -90.27 -77.76 16.94
N PRO N 585 -89.83 -79.01 17.10
CA PRO N 585 -90.76 -80.05 17.58
C PRO N 585 -91.32 -79.77 18.96
N VAL N 586 -90.67 -78.91 19.76
CA VAL N 586 -91.14 -78.61 21.10
C VAL N 586 -91.73 -77.21 21.22
N ARG N 587 -91.46 -76.31 20.29
CA ARG N 587 -91.99 -74.96 20.35
C ARG N 587 -91.90 -74.32 18.97
N VAL N 588 -92.78 -73.36 18.72
CA VAL N 588 -92.79 -72.59 17.48
C VAL N 588 -92.70 -71.11 17.84
N ILE N 589 -91.83 -70.39 17.16
CA ILE N 589 -91.53 -68.99 17.47
C ILE N 589 -91.62 -68.17 16.19
N VAL N 590 -92.26 -67.01 16.29
CA VAL N 590 -92.37 -66.07 15.17
C VAL N 590 -91.83 -64.72 15.63
N GLY N 591 -91.02 -64.10 14.77
CA GLY N 591 -90.51 -62.77 15.03
C GLY N 591 -91.28 -61.69 14.28
N THR N 592 -90.87 -60.44 14.50
CA THR N 592 -91.52 -59.31 13.84
C THR N 592 -90.54 -58.15 13.78
N SER N 593 -90.86 -57.20 12.91
CA SER N 593 -90.02 -56.00 12.76
C SER N 593 -90.08 -55.10 13.99
N LEU N 594 -91.13 -55.22 14.81
CA LEU N 594 -91.23 -54.43 16.03
C LEU N 594 -90.24 -54.89 17.10
N GLY N 595 -89.80 -56.15 17.04
CA GLY N 595 -88.87 -56.66 18.02
C GLY N 595 -89.51 -57.56 19.06
N TYR N 596 -90.39 -58.45 18.63
CA TYR N 596 -91.07 -59.38 19.52
C TYR N 596 -90.62 -60.81 19.24
N PHE N 597 -90.68 -61.64 20.28
CA PHE N 597 -90.23 -63.02 20.25
C PHE N 597 -91.36 -63.95 20.70
N ARG N 598 -92.53 -63.75 20.11
CA ARG N 598 -93.70 -64.55 20.49
C ARG N 598 -93.47 -66.02 20.19
N SER N 599 -93.79 -66.87 21.16
CA SER N 599 -93.63 -68.31 21.04
C SER N 599 -94.94 -69.00 21.37
N PHE N 600 -95.29 -70.00 20.58
CA PHE N 600 -96.52 -70.75 20.75
C PHE N 600 -96.21 -72.22 21.01
N ASN N 601 -97.18 -72.92 21.61
CA ASN N 601 -97.03 -74.34 21.90
C ASN N 601 -97.31 -75.15 20.64
N GLN N 602 -97.32 -76.47 20.78
CA GLN N 602 -97.59 -77.35 19.64
C GLN N 602 -98.99 -77.18 19.09
N PHE N 603 -99.94 -76.73 19.91
CA PHE N 603 -101.31 -76.49 19.49
C PHE N 603 -101.56 -75.06 19.04
N GLY N 604 -100.53 -74.22 19.02
CA GLY N 604 -100.67 -72.84 18.61
C GLY N 604 -101.03 -71.88 19.72
N VAL N 605 -101.32 -72.36 20.91
CA VAL N 605 -101.64 -71.48 22.03
C VAL N 605 -100.37 -70.73 22.45
N PRO N 606 -100.43 -69.42 22.68
CA PRO N 606 -99.24 -68.69 23.13
C PRO N 606 -98.72 -69.22 24.46
N PHE N 607 -97.40 -69.25 24.59
CA PHE N 607 -96.73 -69.74 25.78
C PHE N 607 -95.81 -68.71 26.42
N ALA N 608 -95.09 -67.93 25.62
CA ALA N 608 -94.20 -66.90 26.15
C ALA N 608 -93.91 -65.89 25.05
N VAL N 609 -94.08 -64.61 25.36
CA VAL N 609 -93.80 -63.52 24.43
C VAL N 609 -92.68 -62.67 25.01
N GLU N 610 -91.67 -62.41 24.19
CA GLU N 610 -90.49 -61.67 24.61
C GLU N 610 -90.22 -60.54 23.63
N LYS N 611 -89.64 -59.45 24.15
CA LYS N 611 -89.32 -58.28 23.36
C LYS N 611 -87.81 -58.13 23.27
N THR N 612 -87.30 -58.00 22.05
CA THR N 612 -85.87 -57.85 21.80
C THR N 612 -85.67 -56.75 20.78
N SER N 613 -84.44 -56.63 20.28
CA SER N 613 -84.16 -55.75 19.16
C SER N 613 -84.92 -56.25 17.93
N PRO N 614 -85.29 -55.33 17.01
CA PRO N 614 -86.11 -55.73 15.86
C PRO N 614 -85.59 -56.98 15.14
N ILE N 615 -86.36 -58.06 15.22
CA ILE N 615 -85.93 -59.35 14.67
C ILE N 615 -86.24 -59.38 13.18
N VAL N 616 -85.23 -59.70 12.38
CA VAL N 616 -85.41 -59.85 10.95
C VAL N 616 -85.11 -61.26 10.46
N ALA N 617 -84.37 -62.06 11.20
CA ALA N 617 -84.10 -63.45 10.87
C ALA N 617 -84.30 -64.30 12.12
N LEU N 618 -84.85 -65.50 11.92
CA LEU N 618 -85.12 -66.39 13.05
C LEU N 618 -85.14 -67.82 12.54
N THR N 619 -84.07 -68.56 12.81
CA THR N 619 -83.97 -69.96 12.45
C THR N 619 -83.57 -70.76 13.68
N ALA N 620 -84.21 -71.90 13.88
CA ALA N 620 -84.04 -72.69 15.09
C ALA N 620 -83.77 -74.15 14.74
N GLN N 621 -83.02 -74.80 15.60
CA GLN N 621 -82.78 -76.24 15.52
C GLN N 621 -83.87 -76.96 16.31
N ASN N 622 -83.67 -78.25 16.59
CA ASN N 622 -84.65 -79.01 17.35
C ASN N 622 -84.85 -78.41 18.74
N TYR N 623 -83.77 -77.95 19.38
CA TYR N 623 -83.85 -77.35 20.70
C TYR N 623 -83.11 -76.02 20.82
N ARG N 624 -82.35 -75.64 19.79
CA ARG N 624 -81.57 -74.37 19.84
C ARG N 624 -82.10 -73.39 18.80
N VAL N 625 -82.18 -72.10 19.14
CA VAL N 625 -82.64 -71.07 18.16
C VAL N 625 -81.53 -70.03 17.96
N PHE N 626 -81.16 -69.75 16.70
CA PHE N 626 -80.15 -68.70 16.42
C PHE N 626 -80.89 -67.39 16.10
N SER N 627 -81.45 -66.72 17.12
CA SER N 627 -82.22 -65.48 16.90
C SER N 627 -81.30 -64.34 16.47
N VAL N 628 -81.55 -63.78 15.28
CA VAL N 628 -80.74 -62.64 14.78
C VAL N 628 -81.60 -61.37 14.84
N HIS N 629 -81.10 -60.31 15.50
CA HIS N 629 -81.85 -59.03 15.60
C HIS N 629 -81.05 -57.94 14.90
N TYR N 630 -81.70 -57.14 14.06
CA TYR N 630 -81.02 -56.01 13.39
C TYR N 630 -81.79 -54.71 13.66
N SER N 631 -81.15 -53.55 13.48
CA SER N 631 -81.82 -52.25 13.70
C SER N 631 -80.89 -51.11 13.26
N GLN N 632 -81.46 -49.94 12.97
CA GLN N 632 -80.64 -48.80 12.60
C GLN N 632 -79.90 -48.24 13.80
N PHE N 633 -80.52 -48.27 14.98
CA PHE N 633 -79.90 -47.77 16.21
C PHE N 633 -79.19 -48.87 16.99
N HIS N 634 -79.20 -50.11 16.50
CA HIS N 634 -78.53 -51.21 17.17
C HIS N 634 -77.65 -52.05 16.25
N GLY N 635 -77.85 -52.01 14.94
CA GLY N 635 -77.02 -52.76 14.04
C GLY N 635 -77.31 -54.26 14.10
N LEU N 636 -76.41 -55.02 13.46
CA LEU N 636 -76.50 -56.46 13.48
C LEU N 636 -76.22 -57.00 14.88
N SER N 637 -76.97 -58.02 15.29
CA SER N 637 -76.84 -58.59 16.62
C SER N 637 -77.38 -60.01 16.60
N TYR N 638 -76.49 -60.99 16.76
CA TYR N 638 -76.90 -62.39 16.82
C TYR N 638 -77.22 -62.79 18.24
N SER N 639 -78.05 -63.84 18.38
CA SER N 639 -78.41 -64.37 19.69
C SER N 639 -78.79 -65.83 19.53
N LEU N 640 -78.09 -66.72 20.24
CA LEU N 640 -78.38 -68.15 20.22
C LEU N 640 -78.79 -68.57 21.64
N SER N 641 -79.95 -69.21 21.75
CA SER N 641 -80.50 -69.56 23.05
C SER N 641 -81.09 -70.97 22.99
N GLU N 642 -81.17 -71.59 24.15
CA GLU N 642 -81.75 -72.92 24.33
C GLU N 642 -83.14 -72.78 24.94
N LEU N 643 -84.17 -73.08 24.16
CA LEU N 643 -85.53 -73.02 24.65
C LEU N 643 -86.01 -74.38 25.16
N GLY N 644 -85.76 -75.44 24.40
CA GLY N 644 -86.05 -76.79 24.85
C GLY N 644 -87.51 -77.08 25.11
N THR N 645 -87.81 -78.30 25.56
CA THR N 645 -89.19 -78.62 25.93
C THR N 645 -89.62 -77.84 27.17
N SER N 646 -88.82 -77.91 28.24
CA SER N 646 -89.13 -77.17 29.46
C SER N 646 -87.88 -76.59 30.14
N SER N 647 -86.73 -76.57 29.48
CA SER N 647 -85.48 -76.11 30.06
C SER N 647 -84.99 -74.88 29.30
N LYS N 648 -84.99 -73.73 29.96
CA LYS N 648 -84.56 -72.47 29.35
C LYS N 648 -83.09 -72.24 29.69
N ARG N 649 -82.23 -72.34 28.68
CA ARG N 649 -80.79 -72.08 28.82
C ARG N 649 -80.38 -71.06 27.78
N TYR N 650 -79.38 -70.24 28.12
CA TYR N 650 -78.89 -69.21 27.23
C TYR N 650 -77.38 -69.32 27.08
N TYR N 651 -76.91 -69.15 25.84
CA TYR N 651 -75.49 -69.20 25.54
C TYR N 651 -74.96 -67.87 25.01
N LYS N 652 -75.61 -67.31 23.99
CA LYS N 652 -75.20 -66.03 23.42
C LYS N 652 -76.44 -65.17 23.21
N ARG N 653 -76.39 -63.94 23.70
CA ARG N 653 -77.53 -63.03 23.60
C ARG N 653 -77.05 -61.63 23.25
N GLU N 654 -77.64 -61.05 22.21
CA GLU N 654 -77.46 -59.66 21.81
C GLU N 654 -76.02 -59.33 21.41
N CYS N 655 -75.17 -60.33 21.23
CA CYS N 655 -73.82 -60.07 20.76
C CYS N 655 -73.83 -59.72 19.28
N PRO N 656 -73.03 -58.76 18.85
CA PRO N 656 -72.95 -58.44 17.41
C PRO N 656 -72.31 -59.57 16.62
N LEU N 657 -72.70 -59.68 15.35
CA LEU N 657 -72.13 -60.66 14.45
C LEU N 657 -71.49 -59.97 13.25
N PRO N 658 -70.46 -60.58 12.65
CA PRO N 658 -69.67 -59.87 11.63
C PRO N 658 -70.22 -59.98 10.21
N MET N 659 -71.47 -60.36 10.05
CA MET N 659 -72.02 -60.52 8.70
C MET N 659 -72.03 -59.16 7.99
N SER N 660 -71.72 -59.18 6.70
CA SER N 660 -71.45 -57.95 5.94
C SER N 660 -72.70 -57.51 5.19
N LEU N 661 -73.17 -56.30 5.49
CA LEU N 661 -74.32 -55.75 4.80
C LEU N 661 -73.93 -55.38 3.37
N PRO N 662 -74.64 -55.85 2.35
CA PRO N 662 -74.32 -55.51 0.96
C PRO N 662 -74.80 -54.12 0.62
N ASN N 663 -73.86 -53.19 0.47
CA ASN N 663 -74.17 -51.81 0.11
C ASN N 663 -73.56 -51.36 -1.20
N ILE N 664 -72.42 -51.94 -1.60
CA ILE N 664 -71.81 -51.58 -2.88
C ILE N 664 -72.73 -51.97 -4.04
N ASN N 665 -73.35 -53.14 -3.95
CA ASN N 665 -74.27 -53.61 -4.98
C ASN N 665 -75.66 -53.02 -4.81
N LYS N 670 -77.85 -52.64 -11.56
CA LYS N 670 -77.79 -54.07 -11.28
C LYS N 670 -78.94 -54.82 -11.94
N ASP N 671 -78.62 -55.84 -12.72
CA ASP N 671 -79.60 -56.65 -13.41
C ASP N 671 -79.78 -57.97 -12.64
N ALA N 672 -81.03 -58.30 -12.31
CA ALA N 672 -81.44 -59.46 -11.53
C ALA N 672 -80.94 -59.42 -10.10
N ASN N 673 -80.22 -58.37 -9.70
CA ASN N 673 -79.76 -58.21 -8.33
C ASN N 673 -80.66 -57.30 -7.51
N LEU N 674 -81.16 -56.23 -8.13
CA LEU N 674 -82.01 -55.28 -7.44
C LEU N 674 -83.32 -55.92 -6.99
N ASP N 675 -83.81 -56.91 -7.75
CA ASP N 675 -85.01 -57.62 -7.33
C ASP N 675 -84.78 -58.38 -6.02
N TYR N 676 -83.66 -59.10 -5.92
CA TYR N 676 -83.36 -59.81 -4.70
C TYR N 676 -83.08 -58.84 -3.55
N TYR N 677 -82.45 -57.70 -3.85
CA TYR N 677 -82.22 -56.70 -2.80
C TYR N 677 -83.53 -56.12 -2.28
N ASN N 678 -84.52 -55.94 -3.16
CA ASN N 678 -85.86 -55.59 -2.70
C ASN N 678 -86.52 -56.74 -1.96
N PHE N 679 -86.13 -57.99 -2.24
CA PHE N 679 -86.65 -59.11 -1.48
C PHE N 679 -86.11 -59.12 -0.05
N ASN N 680 -84.82 -58.86 0.12
CA ASN N 680 -84.17 -58.88 1.43
C ASN N 680 -83.11 -57.78 1.49
N PRO N 681 -83.05 -57.02 2.60
CA PRO N 681 -82.10 -55.90 2.64
C PRO N 681 -80.66 -56.34 2.74
N MET N 682 -80.36 -57.31 3.60
CA MET N 682 -78.98 -57.71 3.90
C MET N 682 -78.50 -58.89 3.08
N GLY N 683 -79.33 -59.42 2.17
CA GLY N 683 -78.89 -60.46 1.27
C GLY N 683 -78.49 -61.76 1.94
N ILE N 684 -79.05 -62.04 3.12
CA ILE N 684 -78.82 -63.34 3.74
C ILE N 684 -79.44 -64.42 2.86
N LYS N 685 -78.70 -65.49 2.63
CA LYS N 685 -79.19 -66.60 1.82
C LYS N 685 -79.89 -67.65 2.68
N SER N 686 -79.18 -68.20 3.66
CA SER N 686 -79.73 -69.26 4.48
C SER N 686 -79.16 -69.18 5.89
N LEU N 687 -79.87 -69.80 6.84
CA LEU N 687 -79.47 -69.83 8.24
C LEU N 687 -79.47 -71.27 8.75
N PHE N 688 -79.08 -72.20 7.90
CA PHE N 688 -79.11 -73.61 8.25
C PHE N 688 -78.10 -73.92 9.34
N PHE N 689 -78.36 -75.00 10.07
CA PHE N 689 -77.44 -75.49 11.09
C PHE N 689 -76.59 -76.62 10.52
N SER N 690 -75.67 -77.11 11.35
CA SER N 690 -74.80 -78.22 10.95
C SER N 690 -75.48 -79.55 11.24
N SER N 691 -74.77 -80.64 10.94
CA SER N 691 -75.26 -81.96 11.29
C SER N 691 -75.29 -82.18 12.79
N TYR N 692 -74.52 -81.41 13.56
CA TYR N 692 -74.45 -81.53 15.01
C TYR N 692 -75.08 -80.33 15.72
N GLY N 693 -75.84 -79.52 15.01
CA GLY N 693 -76.51 -78.38 15.60
C GLY N 693 -75.66 -77.13 15.73
N ASP N 694 -74.50 -77.08 15.08
CA ASP N 694 -73.66 -75.89 15.13
C ASP N 694 -74.28 -74.79 14.28
N PRO N 695 -74.59 -73.63 14.83
CA PRO N 695 -75.19 -72.56 14.01
C PRO N 695 -74.30 -72.14 12.87
N CYS N 696 -74.92 -71.80 11.75
CA CYS N 696 -74.21 -71.33 10.57
C CYS N 696 -74.97 -70.17 9.94
N ILE N 697 -74.23 -69.28 9.30
CA ILE N 697 -74.79 -68.11 8.64
C ILE N 697 -74.14 -67.96 7.27
N PHE N 698 -74.95 -67.74 6.24
CA PHE N 698 -74.46 -67.57 4.89
C PHE N 698 -75.08 -66.31 4.31
N GLY N 699 -74.27 -65.47 3.67
CA GLY N 699 -74.75 -64.21 3.17
C GLY N 699 -74.22 -63.83 1.80
N SER N 700 -74.37 -62.55 1.43
CA SER N 700 -73.88 -62.10 0.13
C SER N 700 -72.37 -62.23 0.02
N ASP N 701 -71.66 -62.15 1.16
CA ASP N 701 -70.23 -62.40 1.18
C ASP N 701 -69.90 -63.86 0.85
N ASN N 702 -70.89 -64.74 0.87
CA ASN N 702 -70.73 -66.14 0.51
C ASN N 702 -69.73 -66.84 1.43
N THR N 703 -70.03 -66.81 2.72
CA THR N 703 -69.19 -67.43 3.74
C THR N 703 -70.07 -68.16 4.73
N LEU N 704 -69.50 -69.19 5.36
CA LEU N 704 -70.14 -69.94 6.43
C LEU N 704 -69.50 -69.55 7.75
N LEU N 705 -70.34 -69.24 8.75
CA LEU N 705 -69.87 -68.80 10.05
C LEU N 705 -70.25 -69.86 11.09
N LEU N 706 -69.25 -70.54 11.63
CA LEU N 706 -69.46 -71.62 12.58
C LEU N 706 -68.96 -71.24 13.96
N LEU N 707 -69.52 -71.89 14.97
CA LEU N 707 -69.17 -71.66 16.38
C LEU N 707 -68.43 -72.89 16.89
N SER N 708 -67.10 -72.78 17.01
CA SER N 708 -66.33 -73.88 17.58
C SER N 708 -66.70 -74.11 19.04
N LYS N 709 -66.44 -73.13 19.89
CA LYS N 709 -66.81 -73.22 21.31
C LYS N 709 -68.12 -72.48 21.56
N TRP N 710 -69.19 -73.01 20.98
CA TRP N 710 -70.50 -72.38 21.13
C TRP N 710 -71.00 -72.44 22.56
N ARG N 711 -70.67 -73.52 23.29
CA ARG N 711 -71.09 -73.63 24.68
C ARG N 711 -70.42 -72.56 25.54
N SER N 712 -69.14 -72.31 25.31
CA SER N 712 -68.42 -71.31 26.10
C SER N 712 -68.73 -69.91 25.58
N PRO N 713 -69.24 -69.01 26.42
CA PRO N 713 -69.51 -67.65 25.92
C PRO N 713 -68.25 -66.82 25.71
N GLU N 714 -67.29 -66.88 26.64
CA GLU N 714 -66.10 -66.05 26.53
C GLU N 714 -65.13 -66.57 25.46
N GLU N 715 -65.30 -67.80 25.01
CA GLU N 715 -64.43 -68.41 24.01
C GLU N 715 -65.15 -68.58 22.67
N SER N 716 -66.11 -67.71 22.39
CA SER N 716 -66.86 -67.80 21.14
C SER N 716 -65.95 -67.53 19.95
N LYS N 717 -66.15 -68.29 18.87
CA LYS N 717 -65.36 -68.18 17.66
C LYS N 717 -66.27 -68.17 16.43
N TRP N 718 -65.94 -67.30 15.48
CA TRP N 718 -66.65 -67.20 14.20
C TRP N 718 -65.66 -67.49 13.09
N LEU N 719 -65.48 -68.76 12.77
CA LEU N 719 -64.51 -69.18 11.78
C LEU N 719 -65.15 -69.25 10.40
N PRO N 720 -64.64 -68.54 9.40
CA PRO N 720 -65.10 -68.77 8.02
C PRO N 720 -64.83 -70.22 7.61
N ILE N 721 -65.77 -70.79 6.87
CA ILE N 721 -65.74 -72.21 6.52
C ILE N 721 -65.62 -72.41 5.01
N LEU N 722 -66.37 -71.64 4.24
CA LEU N 722 -66.33 -71.74 2.78
C LEU N 722 -66.42 -70.34 2.18
N ASP N 723 -65.89 -70.20 0.96
CA ASP N 723 -65.92 -68.94 0.20
C ASP N 723 -66.35 -69.25 -1.22
N SER N 724 -67.65 -69.08 -1.50
CA SER N 724 -68.18 -69.42 -2.82
C SER N 724 -67.56 -68.56 -3.90
N ASN N 725 -67.46 -67.24 -3.66
CA ASN N 725 -66.90 -66.36 -4.68
C ASN N 725 -65.46 -66.70 -5.00
N MET N 726 -64.65 -66.99 -3.96
CA MET N 726 -63.27 -67.37 -4.19
C MET N 726 -63.17 -68.74 -4.85
N GLU N 727 -63.96 -69.71 -4.38
CA GLU N 727 -63.86 -71.07 -4.90
C GLU N 727 -64.32 -71.15 -6.36
N ILE N 728 -65.30 -70.34 -6.75
CA ILE N 728 -65.86 -70.44 -8.10
C ILE N 728 -64.91 -69.94 -9.17
N TRP N 729 -63.84 -69.25 -8.79
CA TRP N 729 -62.86 -68.79 -9.78
C TRP N 729 -62.25 -69.97 -10.53
N LYS N 730 -61.58 -70.86 -9.82
CA LYS N 730 -60.86 -71.97 -10.41
C LYS N 730 -61.77 -73.08 -10.90
N MET N 731 -63.08 -73.02 -10.63
CA MET N 731 -63.98 -74.08 -11.05
C MET N 731 -64.10 -74.11 -12.58
N SER N 732 -64.61 -73.03 -13.17
CA SER N 732 -64.83 -73.00 -14.61
C SER N 732 -63.53 -73.11 -15.41
N GLY N 733 -62.68 -72.10 -15.30
CA GLY N 733 -61.41 -72.10 -16.01
C GLY N 733 -60.32 -71.33 -15.28
N GLY N 734 -60.58 -70.92 -14.05
CA GLY N 734 -59.70 -70.02 -13.36
C GLY N 734 -59.91 -68.55 -13.68
N LYS N 735 -61.00 -68.21 -14.37
CA LYS N 735 -61.30 -66.86 -14.79
C LYS N 735 -62.46 -66.30 -13.96
N GLU N 736 -62.90 -65.10 -14.33
CA GLU N 736 -64.00 -64.43 -13.64
C GLU N 736 -65.31 -64.91 -14.26
N THR N 737 -66.06 -65.70 -13.51
CA THR N 737 -67.33 -66.24 -13.97
C THR N 737 -68.48 -65.63 -13.16
N THR N 738 -69.63 -65.44 -13.84
CA THR N 738 -70.80 -64.85 -13.19
C THR N 738 -72.07 -65.65 -13.43
N ASP N 739 -71.98 -66.86 -13.99
CA ASP N 739 -73.16 -67.67 -14.28
C ASP N 739 -73.09 -69.04 -13.61
N ILE N 740 -72.24 -69.21 -12.60
CA ILE N 740 -72.10 -70.48 -11.91
C ILE N 740 -72.37 -70.25 -10.42
N HIS N 741 -73.31 -69.34 -10.13
CA HIS N 741 -73.66 -69.00 -8.74
C HIS N 741 -74.00 -70.23 -7.92
N VAL N 742 -73.88 -70.10 -6.60
CA VAL N 742 -74.02 -71.23 -5.67
C VAL N 742 -75.09 -70.90 -4.64
N TRP N 743 -76.01 -71.84 -4.44
CA TRP N 743 -77.03 -71.74 -3.39
C TRP N 743 -76.86 -72.89 -2.41
N PRO N 744 -76.19 -72.69 -1.27
CA PRO N 744 -75.95 -73.80 -0.35
C PRO N 744 -77.22 -74.21 0.38
N LEU N 745 -77.22 -75.47 0.83
CA LEU N 745 -78.35 -76.00 1.57
C LEU N 745 -77.98 -76.37 3.00
N ALA N 746 -76.98 -77.24 3.20
CA ALA N 746 -76.62 -77.70 4.53
C ALA N 746 -75.19 -78.22 4.49
N LEU N 747 -74.61 -78.38 5.68
CA LEU N 747 -73.27 -78.92 5.84
C LEU N 747 -73.29 -80.08 6.82
N ALA N 748 -72.59 -81.15 6.47
CA ALA N 748 -72.51 -82.33 7.34
C ALA N 748 -71.13 -82.97 7.14
N TYR N 749 -70.19 -82.60 8.02
CA TYR N 749 -68.84 -83.18 8.04
C TYR N 749 -68.16 -83.04 6.68
N ASP N 750 -67.88 -81.79 6.32
CA ASP N 750 -67.15 -81.44 5.10
C ASP N 750 -67.92 -81.83 3.84
N THR N 751 -69.23 -81.94 3.93
CA THR N 751 -70.09 -82.27 2.79
C THR N 751 -71.22 -81.26 2.74
N LEU N 752 -71.04 -80.21 1.94
CA LEU N 752 -72.06 -79.18 1.76
C LEU N 752 -72.75 -79.40 0.41
N ASN N 753 -74.07 -79.55 0.44
CA ASN N 753 -74.87 -79.68 -0.77
C ASN N 753 -75.29 -78.30 -1.25
N CYS N 754 -74.89 -77.96 -2.47
CA CYS N 754 -75.16 -76.65 -3.05
C CYS N 754 -75.76 -76.81 -4.44
N ILE N 755 -76.65 -75.89 -4.79
CA ILE N 755 -77.33 -75.92 -6.08
C ILE N 755 -76.55 -75.07 -7.07
N LEU N 756 -76.11 -75.69 -8.15
CA LEU N 756 -75.30 -75.01 -9.16
C LEU N 756 -76.22 -74.30 -10.17
N VAL N 757 -76.83 -73.21 -9.70
CA VAL N 757 -77.71 -72.43 -10.55
C VAL N 757 -76.90 -71.74 -11.64
N LYS N 758 -77.35 -71.88 -12.88
CA LYS N 758 -76.69 -71.29 -14.04
C LYS N 758 -77.65 -70.36 -14.75
N GLY N 759 -77.21 -69.13 -14.97
CA GLY N 759 -78.02 -68.15 -15.67
C GLY N 759 -77.86 -66.74 -15.13
N LYS N 760 -78.44 -65.76 -15.83
CA LYS N 760 -78.36 -64.38 -15.39
C LYS N 760 -79.07 -64.18 -14.06
N HIS N 761 -80.23 -64.83 -13.89
CA HIS N 761 -80.96 -64.74 -12.64
C HIS N 761 -80.26 -65.58 -11.57
N ILE N 762 -80.04 -64.99 -10.39
CA ILE N 762 -79.40 -65.71 -9.30
C ILE N 762 -80.32 -66.80 -8.78
N TRP N 763 -81.59 -66.47 -8.55
CA TRP N 763 -82.53 -67.44 -8.02
C TRP N 763 -82.83 -68.52 -9.06
N PRO N 764 -83.06 -69.76 -8.64
CA PRO N 764 -83.42 -70.83 -9.58
C PRO N 764 -84.87 -70.71 -10.02
N GLU N 765 -85.08 -70.25 -11.25
CA GLU N 765 -86.43 -70.18 -11.79
C GLU N 765 -87.04 -71.58 -11.96
N PHE N 766 -86.24 -72.53 -12.42
CA PHE N 766 -86.70 -73.89 -12.61
C PHE N 766 -86.90 -74.56 -11.25
N PRO N 767 -87.68 -75.64 -11.19
CA PRO N 767 -87.77 -76.41 -9.96
C PRO N 767 -86.40 -76.88 -9.51
N LEU N 768 -86.17 -76.89 -8.21
CA LEU N 768 -84.84 -77.05 -7.67
C LEU N 768 -84.28 -78.44 -7.98
N PRO N 769 -83.12 -78.54 -8.63
CA PRO N 769 -82.49 -79.84 -8.87
C PRO N 769 -81.77 -80.32 -7.62
N LEU N 770 -81.07 -81.44 -7.77
CA LEU N 770 -80.33 -82.01 -6.64
C LEU N 770 -79.16 -81.11 -6.27
N PRO N 771 -79.03 -80.72 -5.00
CA PRO N 771 -77.91 -79.86 -4.59
C PRO N 771 -76.59 -80.63 -4.63
N SER N 772 -75.69 -80.19 -5.50
CA SER N 772 -74.40 -80.84 -5.64
C SER N 772 -73.56 -80.67 -4.38
N GLU N 773 -72.88 -81.74 -3.98
CA GLU N 773 -72.04 -81.71 -2.78
C GLU N 773 -70.73 -80.98 -3.07
N MET N 774 -70.24 -80.26 -2.07
CA MET N 774 -68.99 -79.51 -2.20
C MET N 774 -68.32 -79.44 -0.83
N GLU N 775 -67.01 -79.68 -0.80
CA GLU N 775 -66.25 -79.62 0.43
C GLU N 775 -66.01 -78.18 0.86
N ILE N 776 -65.76 -78.00 2.15
CA ILE N 776 -65.56 -76.67 2.72
C ILE N 776 -64.13 -76.21 2.48
N ARG N 777 -63.96 -74.92 2.20
CA ARG N 777 -62.65 -74.32 1.96
C ARG N 777 -62.68 -72.90 2.53
N MET N 778 -62.04 -72.68 3.67
CA MET N 778 -61.94 -71.33 4.20
C MET N 778 -60.93 -70.52 3.41
N PRO N 779 -61.02 -69.18 3.44
CA PRO N 779 -60.17 -68.36 2.57
C PRO N 779 -58.70 -68.38 2.95
N VAL N 780 -58.00 -69.43 2.57
CA VAL N 780 -56.56 -69.51 2.73
C VAL N 780 -55.82 -69.26 1.41
N PHE N 781 -56.46 -69.55 0.27
CA PHE N 781 -55.84 -69.36 -1.03
C PHE N 781 -55.51 -67.89 -1.27
N VAL N 782 -54.65 -67.65 -2.26
CA VAL N 782 -54.27 -66.30 -2.66
C VAL N 782 -54.43 -66.20 -4.18
N LYS N 783 -54.65 -64.96 -4.65
CA LYS N 783 -54.82 -64.74 -6.07
C LYS N 783 -53.57 -65.11 -6.86
N SER N 784 -52.40 -64.76 -6.34
CA SER N 784 -51.14 -65.05 -7.01
C SER N 784 -50.85 -66.55 -7.03
N GLU N 814 -59.28 -78.65 -11.02
CA GLU N 814 -58.59 -78.70 -12.30
C GLU N 814 -57.34 -77.82 -12.28
N ILE N 815 -57.39 -76.75 -11.50
CA ILE N 815 -56.27 -75.82 -11.40
C ILE N 815 -55.26 -76.35 -10.41
N GLN N 816 -53.99 -76.29 -10.77
CA GLN N 816 -52.93 -76.79 -9.91
C GLN N 816 -52.92 -76.03 -8.59
N ILE N 817 -52.85 -76.76 -7.49
CA ILE N 817 -52.87 -76.21 -6.15
C ILE N 817 -51.50 -76.46 -5.52
N PRO N 818 -50.84 -75.46 -4.93
CA PRO N 818 -49.50 -75.67 -4.38
C PRO N 818 -49.53 -76.69 -3.25
N VAL N 819 -48.74 -77.76 -3.41
CA VAL N 819 -48.71 -78.82 -2.41
C VAL N 819 -48.24 -78.28 -1.07
N SER N 820 -47.40 -77.25 -1.08
CA SER N 820 -46.98 -76.62 0.16
C SER N 820 -48.16 -75.99 0.89
N MET N 821 -49.06 -75.36 0.14
CA MET N 821 -50.25 -74.73 0.72
C MET N 821 -51.47 -75.64 0.68
N ALA N 822 -51.49 -76.65 -0.19
CA ALA N 822 -52.59 -77.62 -0.19
C ALA N 822 -52.65 -78.36 1.14
N ALA N 823 -51.52 -78.90 1.58
CA ALA N 823 -51.47 -79.60 2.85
C ALA N 823 -51.66 -78.64 4.01
N GLU N 824 -51.27 -77.37 3.87
CA GLU N 824 -51.56 -76.39 4.92
C GLU N 824 -53.05 -76.17 5.06
N GLU N 825 -53.76 -76.06 3.93
CA GLU N 825 -55.21 -75.91 3.98
C GLU N 825 -55.88 -77.14 4.58
N GLU N 826 -55.41 -78.33 4.19
CA GLU N 826 -55.95 -79.55 4.81
C GLU N 826 -55.64 -79.60 6.30
N TYR N 827 -54.44 -79.14 6.69
CA TYR N 827 -54.08 -79.03 8.09
C TYR N 827 -55.07 -78.14 8.85
N LEU N 828 -55.35 -76.95 8.31
CA LEU N 828 -56.25 -76.02 8.98
C LEU N 828 -57.67 -76.59 9.02
N ARG N 829 -58.10 -77.25 7.94
CA ARG N 829 -59.43 -77.88 7.92
C ARG N 829 -59.53 -78.95 9.00
N SER N 830 -58.52 -79.82 9.10
CA SER N 830 -58.55 -80.86 10.13
C SER N 830 -58.52 -80.25 11.53
N LYS N 831 -57.72 -79.20 11.73
CA LYS N 831 -57.64 -78.58 13.04
C LYS N 831 -58.98 -77.95 13.44
N VAL N 832 -59.62 -77.23 12.52
CA VAL N 832 -60.89 -76.58 12.86
C VAL N 832 -61.99 -77.60 13.06
N LEU N 833 -61.99 -78.69 12.26
CA LEU N 833 -63.01 -79.71 12.41
C LEU N 833 -62.77 -80.63 13.60
N SER N 834 -61.56 -80.68 14.15
CA SER N 834 -61.30 -81.53 15.31
C SER N 834 -62.13 -81.10 16.51
N GLU N 835 -62.07 -79.82 16.88
CA GLU N 835 -62.89 -79.34 17.98
C GLU N 835 -64.37 -79.43 17.67
N LEU N 836 -64.76 -79.24 16.42
CA LEU N 836 -66.16 -79.36 16.04
C LEU N 836 -66.67 -80.79 16.25
N LEU N 837 -65.85 -81.78 15.88
CA LEU N 837 -66.22 -83.17 16.12
C LEU N 837 -66.23 -83.51 17.61
N THR N 838 -65.31 -82.92 18.38
CA THR N 838 -65.31 -83.16 19.81
C THR N 838 -66.46 -82.44 20.53
N ASP N 839 -67.07 -81.44 19.90
CA ASP N 839 -68.18 -80.74 20.53
C ASP N 839 -69.36 -81.67 20.78
N THR N 840 -69.67 -82.54 19.81
CA THR N 840 -70.83 -83.41 19.90
C THR N 840 -70.57 -84.67 20.74
N LEU N 841 -69.37 -84.84 21.27
CA LEU N 841 -69.04 -86.07 21.99
C LEU N 841 -69.54 -86.04 23.43
N GLU N 842 -69.05 -85.09 24.23
CA GLU N 842 -69.37 -85.09 25.66
C GLU N 842 -70.80 -84.62 25.94
N ASN N 843 -71.43 -83.90 25.03
CA ASN N 843 -72.77 -83.37 25.25
C ASN N 843 -73.81 -84.05 24.37
N ASP N 844 -73.64 -84.03 23.05
CA ASP N 844 -74.61 -84.63 22.16
C ASP N 844 -74.39 -86.12 21.94
N GLY N 845 -73.20 -86.63 22.28
CA GLY N 845 -72.96 -88.05 22.20
C GLY N 845 -72.88 -88.59 20.77
N GLU N 846 -73.12 -89.89 20.65
CA GLU N 846 -73.05 -90.60 19.38
C GLU N 846 -74.47 -90.78 18.85
N MET N 847 -74.77 -90.14 17.72
CA MET N 847 -76.11 -90.25 17.14
C MET N 847 -76.05 -90.66 15.68
N TYR N 848 -74.98 -90.32 14.97
CA TYR N 848 -74.83 -90.71 13.58
C TYR N 848 -74.03 -91.99 13.42
N GLY N 849 -73.50 -92.55 14.51
CA GLY N 849 -72.78 -93.81 14.44
C GLY N 849 -71.44 -93.75 13.73
N ASN N 850 -70.90 -92.56 13.50
CA ASN N 850 -69.61 -92.44 12.82
C ASN N 850 -68.70 -91.37 13.41
N GLU N 851 -69.06 -90.76 14.54
CA GLU N 851 -68.25 -89.67 15.08
C GLU N 851 -66.85 -90.13 15.44
N ASN N 852 -66.72 -91.30 16.07
CA ASN N 852 -65.41 -91.78 16.47
C ASN N 852 -64.54 -92.08 15.26
N GLU N 853 -65.09 -92.74 14.24
CA GLU N 853 -64.31 -93.09 13.06
C GLU N 853 -63.86 -91.85 12.31
N VAL N 854 -64.77 -90.89 12.12
CA VAL N 854 -64.40 -89.67 11.41
C VAL N 854 -63.41 -88.86 12.23
N LEU N 855 -63.53 -88.88 13.56
CA LEU N 855 -62.55 -88.20 14.40
C LEU N 855 -61.17 -88.82 14.25
N ALA N 856 -61.09 -90.15 14.24
CA ALA N 856 -59.81 -90.82 14.08
C ALA N 856 -59.20 -90.53 12.71
N ALA N 857 -60.03 -90.57 11.65
CA ALA N 857 -59.52 -90.28 10.31
C ALA N 857 -59.06 -88.83 10.20
N LEU N 858 -59.80 -87.90 10.81
CA LEU N 858 -59.40 -86.50 10.79
C LEU N 858 -58.10 -86.29 11.54
N ASN N 859 -57.92 -86.96 12.68
CA ASN N 859 -56.66 -86.84 13.40
C ASN N 859 -55.50 -87.41 12.59
N GLY N 860 -55.73 -88.54 11.91
CA GLY N 860 -54.69 -89.09 11.05
C GLY N 860 -54.30 -88.16 9.93
N ALA N 861 -55.28 -87.57 9.25
CA ALA N 861 -54.99 -86.58 8.22
C ALA N 861 -54.33 -85.32 8.79
N TYR N 862 -54.72 -84.93 10.00
CA TYR N 862 -54.12 -83.78 10.66
C TYR N 862 -52.62 -84.00 10.88
N ASP N 863 -52.25 -85.17 11.40
CA ASP N 863 -50.84 -85.49 11.57
C ASP N 863 -50.13 -85.74 10.25
N LYS N 864 -50.84 -86.21 9.22
CA LYS N 864 -50.21 -86.32 7.90
C LYS N 864 -49.86 -84.95 7.34
N ALA N 865 -50.77 -83.98 7.49
CA ALA N 865 -50.46 -82.61 7.09
C ALA N 865 -49.33 -82.04 7.93
N LEU N 866 -49.30 -82.38 9.23
CA LEU N 866 -48.17 -82.02 10.08
C LEU N 866 -46.86 -82.56 9.52
N LEU N 867 -46.86 -83.82 9.09
CA LEU N 867 -45.65 -84.43 8.56
C LEU N 867 -45.22 -83.75 7.26
N ARG N 868 -46.18 -83.44 6.39
CA ARG N 868 -45.83 -82.77 5.14
C ARG N 868 -45.27 -81.38 5.42
N LEU N 869 -45.87 -80.65 6.37
CA LEU N 869 -45.33 -79.36 6.77
C LEU N 869 -43.93 -79.49 7.35
N PHE N 870 -43.70 -80.53 8.15
CA PHE N 870 -42.37 -80.78 8.70
C PHE N 870 -41.35 -81.02 7.59
N ALA N 871 -41.75 -81.80 6.57
CA ALA N 871 -40.85 -82.03 5.44
C ALA N 871 -40.56 -80.73 4.69
N SER N 872 -41.59 -79.89 4.50
CA SER N 872 -41.38 -78.61 3.83
C SER N 872 -40.42 -77.72 4.62
N ALA N 873 -40.60 -77.66 5.94
CA ALA N 873 -39.71 -76.87 6.77
C ALA N 873 -38.29 -77.43 6.75
N CYS N 874 -38.16 -78.75 6.74
CA CYS N 874 -36.84 -79.37 6.64
C CYS N 874 -36.17 -79.01 5.32
N SER N 875 -36.93 -79.01 4.24
CA SER N 875 -36.39 -78.55 2.96
C SER N 875 -35.96 -77.08 3.05
N ASP N 876 -36.76 -76.26 3.73
CA ASP N 876 -36.40 -74.86 3.92
C ASP N 876 -35.23 -74.67 4.88
N GLN N 877 -34.82 -75.72 5.60
CA GLN N 877 -33.73 -75.65 6.57
C GLN N 877 -34.00 -74.61 7.64
N ASN N 878 -35.16 -74.76 8.29
CA ASN N 878 -35.58 -73.88 9.37
C ASN N 878 -35.72 -74.72 10.64
N VAL N 879 -34.68 -74.67 11.49
CA VAL N 879 -34.69 -75.46 12.71
C VAL N 879 -35.81 -75.01 13.63
N GLU N 880 -35.97 -73.70 13.80
CA GLU N 880 -37.02 -73.20 14.69
C GLU N 880 -38.41 -73.55 14.18
N LYS N 881 -38.61 -73.48 12.86
CA LYS N 881 -39.91 -73.83 12.29
C LYS N 881 -40.22 -75.31 12.53
N ALA N 882 -39.23 -76.19 12.35
CA ALA N 882 -39.43 -77.60 12.62
C ALA N 882 -39.72 -77.85 14.10
N LEU N 883 -39.00 -77.16 14.98
CA LEU N 883 -39.26 -77.32 16.41
C LEU N 883 -40.67 -76.90 16.77
N SER N 884 -41.15 -75.80 16.20
CA SER N 884 -42.52 -75.38 16.43
C SER N 884 -43.51 -76.40 15.88
N LEU N 885 -43.24 -76.92 14.68
CA LEU N 885 -44.15 -77.87 14.05
C LEU N 885 -44.18 -79.20 14.79
N ALA N 886 -43.14 -79.53 15.55
CA ALA N 886 -43.07 -80.80 16.27
C ALA N 886 -43.83 -80.78 17.59
N HIS N 887 -44.43 -79.66 17.96
CA HIS N 887 -45.16 -79.55 19.21
C HIS N 887 -46.64 -79.91 19.10
N GLU N 888 -47.11 -80.33 17.93
CA GLU N 888 -48.51 -80.63 17.73
C GLU N 888 -48.77 -82.04 17.23
N LEU N 889 -47.76 -82.91 17.22
CA LEU N 889 -47.94 -84.26 16.70
C LEU N 889 -48.81 -85.09 17.64
N LYS N 890 -49.94 -85.58 17.13
CA LYS N 890 -50.89 -86.28 17.97
C LYS N 890 -50.52 -87.76 18.13
N GLN N 891 -50.51 -88.51 17.03
CA GLN N 891 -50.15 -89.92 17.10
C GLN N 891 -48.67 -90.07 17.39
N ASP N 892 -48.33 -91.00 18.29
CA ASP N 892 -46.92 -91.28 18.56
C ASP N 892 -46.25 -91.96 17.38
N ARG N 893 -47.01 -92.71 16.57
CA ARG N 893 -46.45 -93.28 15.36
C ARG N 893 -46.09 -92.20 14.36
N ALA N 894 -46.93 -91.16 14.26
CA ALA N 894 -46.55 -89.98 13.47
C ALA N 894 -45.30 -89.33 14.03
N LEU N 895 -45.11 -89.40 15.35
CA LEU N 895 -43.87 -88.90 15.94
C LEU N 895 -42.68 -89.74 15.56
N THR N 896 -42.85 -91.07 15.47
CA THR N 896 -41.78 -91.92 14.96
C THR N 896 -41.45 -91.57 13.50
N ALA N 897 -42.48 -91.32 12.71
CA ALA N 897 -42.26 -90.91 11.32
C ALA N 897 -41.50 -89.58 11.26
N ALA N 898 -41.85 -88.65 12.14
CA ALA N 898 -41.12 -87.39 12.22
C ALA N 898 -39.67 -87.60 12.61
N VAL N 899 -39.42 -88.53 13.53
CA VAL N 899 -38.05 -88.89 13.88
C VAL N 899 -37.31 -89.44 12.67
N LYS N 900 -37.97 -90.30 11.90
CA LYS N 900 -37.36 -90.87 10.71
C LYS N 900 -37.02 -89.79 9.69
N ILE N 901 -37.90 -88.82 9.51
CA ILE N 901 -37.61 -87.71 8.60
C ILE N 901 -36.47 -86.86 9.14
N SER N 902 -36.39 -86.72 10.47
CA SER N 902 -35.38 -85.86 11.07
C SER N 902 -33.97 -86.38 10.81
N GLU N 903 -33.78 -87.69 10.90
CA GLU N 903 -32.44 -88.27 10.70
C GLU N 903 -31.97 -88.16 9.26
N ARG N 904 -32.85 -87.78 8.33
CA ARG N 904 -32.48 -87.64 6.93
C ARG N 904 -32.31 -86.20 6.48
N ALA N 905 -32.90 -85.24 7.18
CA ALA N 905 -32.90 -83.84 6.74
C ALA N 905 -31.66 -83.09 7.22
N GLU N 906 -30.48 -83.68 7.02
CA GLU N 906 -29.18 -83.03 7.15
C GLU N 906 -29.06 -82.07 8.34
N LEU N 907 -29.59 -82.46 9.50
CA LEU N 907 -29.56 -81.60 10.68
C LEU N 907 -29.37 -82.45 11.93
N PRO N 908 -28.16 -82.48 12.50
CA PRO N 908 -27.96 -83.22 13.75
C PRO N 908 -28.80 -82.72 14.91
N SER N 909 -28.99 -81.40 15.00
CA SER N 909 -29.79 -80.85 16.09
C SER N 909 -31.26 -81.20 15.95
N LEU N 910 -31.74 -81.28 14.70
CA LEU N 910 -33.12 -81.70 14.47
C LEU N 910 -33.39 -83.08 15.05
N VAL N 911 -32.48 -84.03 14.81
CA VAL N 911 -32.66 -85.38 15.30
C VAL N 911 -32.79 -85.40 16.81
N LYS N 912 -31.85 -84.74 17.50
CA LYS N 912 -31.84 -84.80 18.95
C LYS N 912 -32.99 -84.02 19.57
N LYS N 913 -33.43 -82.92 18.93
CA LYS N 913 -34.57 -82.19 19.48
C LYS N 913 -35.88 -82.94 19.29
N ILE N 914 -36.05 -83.59 18.12
CA ILE N 914 -37.24 -84.39 17.91
C ILE N 914 -37.24 -85.57 18.88
N ASN N 915 -36.08 -86.19 19.09
CA ASN N 915 -35.99 -87.28 20.05
C ASN N 915 -36.21 -86.80 21.48
N ASN N 916 -35.83 -85.56 21.78
CA ASN N 916 -36.09 -85.00 23.11
C ASN N 916 -37.59 -84.81 23.32
N ILE N 917 -38.30 -84.30 22.32
CA ILE N 917 -39.75 -84.20 22.42
C ILE N 917 -40.37 -85.59 22.55
N ARG N 918 -39.86 -86.55 21.78
CA ARG N 918 -40.39 -87.91 21.84
C ARG N 918 -40.16 -88.55 23.21
N GLU N 919 -38.99 -88.32 23.81
CA GLU N 919 -38.71 -88.89 25.12
C GLU N 919 -39.49 -88.16 26.22
N ALA N 920 -39.79 -86.88 26.02
CA ALA N 920 -40.73 -86.22 26.91
C ALA N 920 -42.11 -86.85 26.81
N ARG N 921 -42.54 -87.21 25.60
CA ARG N 921 -43.78 -87.95 25.44
C ARG N 921 -43.71 -89.38 25.95
N TYR N 922 -42.49 -89.94 26.08
CA TYR N 922 -42.35 -91.31 26.56
C TYR N 922 -42.82 -91.43 28.01
N GLU N 923 -42.44 -90.47 28.85
CA GLU N 923 -42.86 -90.43 30.26
C GLU N 923 -43.66 -89.13 30.44
N GLN N 924 -44.97 -89.23 30.17
CA GLN N 924 -45.84 -88.06 30.24
C GLN N 924 -46.92 -88.25 31.30
N PHE Q 15 -44.13 11.39 -36.64
CA PHE Q 15 -43.84 10.15 -37.34
C PHE Q 15 -44.34 10.21 -38.77
N SER Q 16 -45.44 10.93 -38.99
CA SER Q 16 -45.96 11.08 -40.34
C SER Q 16 -44.99 11.87 -41.22
N LEU Q 17 -44.36 12.90 -40.66
CA LEU Q 17 -43.46 13.75 -41.44
C LEU Q 17 -42.23 12.97 -41.91
N THR Q 18 -41.64 12.15 -41.04
CA THR Q 18 -40.44 11.42 -41.43
C THR Q 18 -40.77 10.31 -42.42
N VAL Q 19 -41.99 9.77 -42.35
CA VAL Q 19 -42.42 8.82 -43.38
C VAL Q 19 -42.55 9.52 -44.72
N LEU Q 20 -43.09 10.74 -44.72
CA LEU Q 20 -43.17 11.53 -45.95
C LEU Q 20 -41.78 11.79 -46.50
N ARG Q 21 -40.82 12.11 -45.63
CA ARG Q 21 -39.44 12.29 -46.08
C ARG Q 21 -38.87 10.99 -46.65
N ALA Q 22 -39.22 9.85 -46.03
CA ALA Q 22 -38.74 8.57 -46.53
C ALA Q 22 -39.25 8.29 -47.93
N ARG Q 23 -40.53 8.59 -48.19
CA ARG Q 23 -41.09 8.38 -49.51
C ARG Q 23 -40.43 9.28 -50.55
N ILE Q 24 -40.16 10.54 -50.18
CA ILE Q 24 -39.52 11.46 -51.11
C ILE Q 24 -38.12 10.97 -51.46
N ALA Q 25 -37.37 10.51 -50.45
CA ALA Q 25 -36.05 9.95 -50.72
C ALA Q 25 -36.16 8.68 -51.55
N LEU Q 26 -37.16 7.85 -51.29
CA LEU Q 26 -37.37 6.64 -52.08
C LEU Q 26 -37.66 6.98 -53.53
N LEU Q 27 -38.48 8.00 -53.77
CA LEU Q 27 -38.74 8.43 -55.14
C LEU Q 27 -37.50 9.05 -55.77
N ALA Q 28 -36.68 9.73 -54.95
CA ALA Q 28 -35.47 10.35 -55.47
C ALA Q 28 -34.49 9.32 -56.01
N THR Q 29 -34.32 8.20 -55.31
CA THR Q 29 -33.43 7.15 -55.78
C THR Q 29 -34.09 6.23 -56.79
N ALA Q 30 -35.39 6.38 -57.02
CA ALA Q 30 -36.09 5.54 -57.98
C ALA Q 30 -36.07 6.14 -59.38
N ILE Q 31 -36.11 7.47 -59.47
CA ILE Q 31 -36.10 8.15 -60.77
C ILE Q 31 -34.80 7.86 -61.52
N GLY Q 32 -33.67 7.88 -60.82
CA GLY Q 32 -32.38 7.66 -61.41
C GLY Q 32 -31.47 8.84 -61.17
N GLY Q 33 -30.33 8.84 -61.85
CA GLY Q 33 -29.36 9.90 -61.73
C GLY Q 33 -28.23 9.77 -62.71
N PRO Q 34 -27.18 10.60 -62.56
CA PRO Q 34 -26.00 10.58 -63.41
C PRO Q 34 -25.26 9.24 -63.34
N PRO Q 43 -21.10 11.97 -66.74
CA PRO Q 43 -22.20 11.49 -65.89
C PRO Q 43 -23.57 11.83 -66.45
N PRO Q 44 -24.02 11.08 -67.47
CA PRO Q 44 -25.34 11.33 -68.05
C PRO Q 44 -26.45 10.81 -67.17
N TYR Q 45 -27.52 11.60 -67.05
CA TYR Q 45 -28.67 11.16 -66.26
C TYR Q 45 -29.37 9.99 -66.93
N LYS Q 46 -29.84 9.05 -66.13
CA LYS Q 46 -30.49 7.83 -66.61
C LYS Q 46 -31.89 7.76 -66.05
N LEU Q 47 -32.85 7.41 -66.92
CA LEU Q 47 -34.24 7.23 -66.51
C LEU Q 47 -34.39 5.84 -65.91
N GLY Q 48 -34.73 5.79 -64.63
CA GLY Q 48 -34.90 4.51 -63.97
C GLY Q 48 -36.18 3.81 -64.38
N ASP Q 49 -36.29 2.55 -63.94
CA ASP Q 49 -37.47 1.75 -64.24
C ASP Q 49 -38.71 2.37 -63.59
N ASP Q 50 -39.84 2.31 -64.29
CA ASP Q 50 -41.09 2.89 -63.83
C ASP Q 50 -40.92 4.38 -63.51
N CYS Q 51 -40.19 5.10 -64.37
CA CYS Q 51 -40.01 6.53 -64.16
C CYS Q 51 -41.33 7.27 -64.27
N LEU Q 52 -42.15 6.94 -65.26
CA LEU Q 52 -43.45 7.58 -65.40
C LEU Q 52 -44.33 7.30 -64.19
N ALA Q 53 -44.30 6.07 -63.67
CA ALA Q 53 -45.11 5.74 -62.51
C ALA Q 53 -44.71 6.56 -61.29
N CYS Q 54 -43.41 6.72 -61.05
CA CYS Q 54 -42.97 7.50 -59.91
C CYS Q 54 -43.25 8.99 -60.11
N LEU Q 55 -43.15 9.49 -61.35
CA LEU Q 55 -43.53 10.87 -61.62
C LEU Q 55 -45.00 11.11 -61.33
N LYS Q 56 -45.86 10.19 -61.76
CA LYS Q 56 -47.29 10.32 -61.47
C LYS Q 56 -47.57 10.23 -59.98
N ASP Q 57 -46.86 9.34 -59.27
CA ASP Q 57 -47.02 9.24 -57.83
C ASP Q 57 -46.63 10.54 -57.13
N LEU Q 58 -45.49 11.13 -57.54
CA LEU Q 58 -45.07 12.38 -56.95
C LEU Q 58 -46.06 13.50 -57.24
N LYS Q 59 -46.57 13.56 -58.48
CA LYS Q 59 -47.56 14.56 -58.83
C LYS Q 59 -48.82 14.41 -57.98
N ARG Q 60 -49.30 13.17 -57.83
CA ARG Q 60 -50.50 12.93 -57.04
C ARG Q 60 -50.29 13.29 -55.58
N TRP Q 61 -49.14 12.93 -55.01
CA TRP Q 61 -48.86 13.26 -53.62
C TRP Q 61 -48.80 14.78 -53.41
N PHE Q 62 -48.11 15.49 -54.31
CA PHE Q 62 -48.01 16.93 -54.17
C PHE Q 62 -49.37 17.61 -54.31
N LYS Q 63 -50.18 17.15 -55.28
CA LYS Q 63 -51.51 17.72 -55.44
C LYS Q 63 -52.38 17.44 -54.23
N LEU Q 64 -52.28 16.23 -53.66
CA LEU Q 64 -53.07 15.89 -52.48
C LEU Q 64 -52.68 16.76 -51.29
N VAL Q 65 -51.38 17.00 -51.10
CA VAL Q 65 -50.93 17.78 -49.94
C VAL Q 65 -51.02 19.29 -50.18
N ASP Q 66 -51.22 19.74 -51.42
CA ASP Q 66 -51.27 21.17 -51.69
C ASP Q 66 -52.62 21.76 -51.33
N ASP Q 67 -53.69 21.26 -51.95
CA ASP Q 67 -55.03 21.81 -51.78
C ASP Q 67 -55.96 20.91 -50.98
N GLN Q 68 -55.94 19.61 -51.23
CA GLN Q 68 -56.85 18.71 -50.52
C GLN Q 68 -56.55 18.66 -49.03
N GLN Q 69 -55.26 18.63 -48.66
CA GLN Q 69 -54.86 18.60 -47.27
C GLN Q 69 -54.28 19.90 -46.77
N LYS Q 70 -53.70 20.72 -47.66
CA LYS Q 70 -53.13 22.02 -47.31
C LYS Q 70 -52.04 21.87 -46.25
N ARG Q 71 -50.97 21.17 -46.63
CA ARG Q 71 -49.84 20.92 -45.73
C ARG Q 71 -48.57 21.64 -46.16
N TRP Q 72 -48.29 21.70 -47.46
CA TRP Q 72 -47.08 22.34 -48.00
C TRP Q 72 -45.82 21.75 -47.37
N ASP Q 73 -45.76 20.42 -47.32
CA ASP Q 73 -44.59 19.72 -46.80
C ASP Q 73 -43.88 18.86 -47.83
N VAL Q 74 -44.60 18.37 -48.85
CA VAL Q 74 -43.95 17.58 -49.89
C VAL Q 74 -42.99 18.46 -50.69
N ALA Q 75 -43.42 19.69 -50.99
CA ALA Q 75 -42.54 20.62 -51.72
C ALA Q 75 -41.26 20.81 -50.92
N MET Q 76 -41.39 20.94 -49.59
CA MET Q 76 -40.21 21.15 -48.72
C MET Q 76 -39.24 19.98 -48.91
N ALA Q 77 -39.74 18.73 -48.85
CA ALA Q 77 -38.87 17.54 -48.95
C ALA Q 77 -38.20 17.51 -50.33
N VAL Q 78 -38.95 17.87 -51.38
CA VAL Q 78 -38.39 17.89 -52.75
C VAL Q 78 -37.24 18.89 -52.79
N ALA Q 79 -37.44 20.10 -52.26
CA ALA Q 79 -36.37 21.13 -52.28
C ALA Q 79 -35.18 20.61 -51.48
N GLU Q 80 -35.44 19.94 -50.36
CA GLU Q 80 -34.36 19.38 -49.50
C GLU Q 80 -33.50 18.43 -50.32
N TYR Q 81 -34.11 17.48 -51.03
CA TYR Q 81 -33.27 16.50 -51.77
C TYR Q 81 -32.64 17.17 -52.99
N ARG Q 82 -32.80 18.49 -53.13
CA ARG Q 82 -32.35 19.18 -54.33
C ARG Q 82 -32.84 18.47 -55.59
N ILE Q 83 -34.09 18.00 -55.57
CA ILE Q 83 -34.62 17.26 -56.71
C ILE Q 83 -34.71 18.16 -57.94
N LEU Q 84 -35.20 19.38 -57.77
CA LEU Q 84 -35.36 20.29 -58.92
C LEU Q 84 -34.03 20.54 -59.61
N THR Q 85 -32.93 20.59 -58.85
CA THR Q 85 -31.61 20.84 -59.42
C THR Q 85 -30.92 19.56 -59.85
N ASP Q 86 -30.90 18.54 -59.00
CA ASP Q 86 -30.12 17.34 -59.27
C ASP Q 86 -30.78 16.45 -60.31
N ASP Q 87 -32.12 16.38 -60.32
CA ASP Q 87 -32.82 15.42 -61.16
C ASP Q 87 -33.75 16.08 -62.18
N LEU Q 88 -34.58 17.04 -61.76
CA LEU Q 88 -35.61 17.56 -62.66
C LEU Q 88 -35.01 18.36 -63.80
N LEU Q 89 -34.11 19.29 -63.50
CA LEU Q 89 -33.48 20.08 -64.56
C LEU Q 89 -32.70 19.23 -65.55
N PRO Q 90 -31.89 18.25 -65.15
CA PRO Q 90 -31.21 17.41 -66.15
C PRO Q 90 -32.16 16.67 -67.06
N ILE Q 91 -33.39 16.38 -66.64
CA ILE Q 91 -34.35 15.73 -67.53
C ILE Q 91 -34.62 16.62 -68.75
N LEU Q 92 -34.95 17.89 -68.51
CA LEU Q 92 -35.21 18.80 -69.61
C LEU Q 92 -33.94 19.07 -70.41
N ILE Q 93 -32.79 19.17 -69.73
CA ILE Q 93 -31.54 19.40 -70.45
C ILE Q 93 -31.22 18.24 -71.39
N ASP Q 94 -31.44 17.01 -70.92
CA ASP Q 94 -31.18 15.84 -71.76
C ASP Q 94 -32.21 15.71 -72.87
N TRP Q 95 -33.45 16.16 -72.63
CA TRP Q 95 -34.45 16.13 -73.68
C TRP Q 95 -34.20 17.19 -74.74
N GLU Q 96 -33.53 18.29 -74.38
CA GLU Q 96 -33.30 19.37 -75.34
C GLU Q 96 -32.45 18.92 -76.52
N ASN Q 97 -31.39 18.15 -76.27
CA ASN Q 97 -30.53 17.71 -77.37
C ASN Q 97 -31.25 16.74 -78.28
N LYS Q 98 -32.07 15.85 -77.70
CA LYS Q 98 -32.86 14.94 -78.52
C LYS Q 98 -33.87 15.71 -79.37
N CYS Q 99 -34.51 16.73 -78.78
CA CYS Q 99 -35.46 17.54 -79.55
C CYS Q 99 -34.76 18.26 -80.69
N SER Q 100 -33.58 18.82 -80.43
CA SER Q 100 -32.83 19.50 -81.49
C SER Q 100 -32.43 18.52 -82.60
N LEU Q 101 -31.98 17.32 -82.21
CA LEU Q 101 -31.60 16.31 -83.21
C LEU Q 101 -32.79 15.89 -84.05
N ALA Q 102 -33.95 15.70 -83.42
CA ALA Q 102 -35.16 15.34 -84.16
C ALA Q 102 -35.66 16.46 -85.05
N ALA Q 103 -35.47 17.71 -84.64
CA ALA Q 103 -35.90 18.85 -85.43
C ALA Q 103 -34.92 19.23 -86.53
N LYS Q 104 -33.68 18.73 -86.49
CA LYS Q 104 -32.72 19.02 -87.53
C LYS Q 104 -32.36 17.81 -88.39
N LEU Q 105 -32.75 16.60 -87.99
CA LEU Q 105 -32.41 15.41 -88.78
C LEU Q 105 -33.12 15.44 -90.13
N ALA Q 106 -34.40 15.83 -90.14
CA ALA Q 106 -35.18 15.85 -91.38
C ALA Q 106 -34.82 17.06 -92.23
N ASN Q 117 -39.96 6.15 -80.47
CA ASN Q 117 -40.77 6.46 -79.30
C ASN Q 117 -40.76 7.96 -79.01
N LYS Q 118 -41.23 8.75 -79.98
CA LYS Q 118 -41.26 10.20 -79.80
C LYS Q 118 -42.35 10.62 -78.82
N ALA Q 119 -43.49 9.93 -78.84
CA ALA Q 119 -44.56 10.25 -77.90
C ALA Q 119 -44.13 9.95 -76.46
N TYR Q 120 -43.46 8.82 -76.24
CA TYR Q 120 -42.98 8.48 -74.90
C TYR Q 120 -41.92 9.47 -74.44
N TYR Q 121 -41.01 9.86 -75.33
CA TYR Q 121 -39.97 10.83 -74.99
C TYR Q 121 -40.49 12.26 -74.91
N ASP Q 122 -41.70 12.52 -75.37
CA ASP Q 122 -42.30 13.83 -75.27
C ASP Q 122 -43.15 13.97 -74.01
N LYS Q 123 -43.93 12.93 -73.68
CA LYS Q 123 -44.79 13.00 -72.50
C LYS Q 123 -43.99 13.04 -71.20
N ILE Q 124 -42.73 12.63 -71.22
CA ILE Q 124 -41.93 12.64 -70.00
C ILE Q 124 -41.65 14.07 -69.56
N ALA Q 125 -41.42 14.99 -70.50
CA ALA Q 125 -41.18 16.38 -70.14
C ALA Q 125 -42.45 17.09 -69.66
N LEU Q 126 -43.62 16.62 -70.09
CA LEU Q 126 -44.88 17.24 -69.66
C LEU Q 126 -45.04 17.18 -68.15
N ASN Q 127 -44.86 16.00 -67.56
CA ASN Q 127 -45.01 15.86 -66.11
C ASN Q 127 -43.93 16.63 -65.36
N CYS Q 128 -42.71 16.65 -65.89
CA CYS Q 128 -41.63 17.40 -65.25
C CYS Q 128 -41.95 18.89 -65.22
N LEU Q 129 -42.41 19.45 -66.33
CA LEU Q 129 -42.74 20.87 -66.35
C LEU Q 129 -43.99 21.17 -65.53
N GLN Q 130 -44.95 20.23 -65.48
CA GLN Q 130 -46.11 20.41 -64.61
C GLN Q 130 -45.70 20.45 -63.14
N LEU Q 131 -44.75 19.59 -62.76
CA LEU Q 131 -44.21 19.65 -61.40
C LEU Q 131 -43.47 20.95 -61.16
N LEU Q 132 -42.70 21.41 -62.15
CA LEU Q 132 -41.91 22.62 -61.98
C LEU Q 132 -42.80 23.85 -61.76
N VAL Q 133 -43.86 23.97 -62.56
CA VAL Q 133 -44.75 25.11 -62.40
C VAL Q 133 -45.50 25.02 -61.06
N LEU Q 134 -45.83 23.80 -60.64
CA LEU Q 134 -46.52 23.63 -59.36
C LEU Q 134 -45.65 24.06 -58.19
N MET Q 135 -44.38 23.66 -58.17
CA MET Q 135 -43.49 24.11 -57.11
C MET Q 135 -43.18 25.60 -57.23
N THR Q 136 -43.16 26.13 -58.45
CA THR Q 136 -42.84 27.53 -58.65
C THR Q 136 -44.05 28.45 -58.45
N TRP Q 137 -45.22 27.87 -58.20
CA TRP Q 137 -46.41 28.67 -57.95
C TRP Q 137 -46.19 29.55 -56.72
N PRO Q 138 -46.44 30.85 -56.81
CA PRO Q 138 -46.25 31.73 -55.64
C PRO Q 138 -47.15 31.31 -54.49
N LEU Q 139 -46.63 31.45 -53.27
CA LEU Q 139 -47.35 31.08 -52.06
C LEU Q 139 -47.99 32.33 -51.46
N ILE Q 140 -49.27 32.22 -51.14
CA ILE Q 140 -50.06 33.33 -50.59
C ILE Q 140 -50.55 32.93 -49.21
N VAL Q 141 -50.35 33.81 -48.23
CA VAL Q 141 -50.75 33.57 -46.86
C VAL Q 141 -51.73 34.66 -46.44
N THR Q 142 -52.87 34.25 -45.90
CA THR Q 142 -53.91 35.17 -45.43
C THR Q 142 -54.33 34.77 -44.02
N GLU Q 143 -55.33 35.50 -43.49
CA GLU Q 143 -55.85 35.19 -42.16
C GLU Q 143 -56.52 33.82 -42.15
N GLN Q 144 -57.24 33.48 -43.21
CA GLN Q 144 -57.92 32.19 -43.29
C GLN Q 144 -56.95 31.03 -43.41
N SER Q 145 -55.71 31.30 -43.81
CA SER Q 145 -54.70 30.24 -43.94
C SER Q 145 -54.35 29.67 -42.57
N SER Q 146 -54.08 28.36 -42.54
CA SER Q 146 -53.77 27.70 -41.28
C SER Q 146 -52.34 28.03 -40.84
N SER Q 147 -52.01 27.57 -39.63
CA SER Q 147 -50.70 27.87 -39.05
C SER Q 147 -49.56 27.18 -39.79
N ASN Q 148 -49.80 26.00 -40.37
CA ASN Q 148 -48.75 25.30 -41.08
C ASN Q 148 -48.26 26.09 -42.28
N GLN Q 149 -49.18 26.68 -43.04
CA GLN Q 149 -48.80 27.41 -44.25
C GLN Q 149 -47.96 28.64 -43.92
N ILE Q 150 -48.39 29.43 -42.92
CA ILE Q 150 -47.62 30.61 -42.55
C ILE Q 150 -46.29 30.20 -41.93
N THR Q 151 -46.27 29.11 -41.16
CA THR Q 151 -45.02 28.64 -40.56
C THR Q 151 -44.01 28.24 -41.63
N LEU Q 152 -44.46 27.54 -42.67
CA LEU Q 152 -43.56 27.05 -43.71
C LEU Q 152 -43.34 28.06 -44.83
N TYR Q 153 -44.09 29.17 -44.86
CA TYR Q 153 -43.88 30.17 -45.91
C TYR Q 153 -42.48 30.78 -45.82
N GLY Q 154 -42.03 31.09 -44.60
CA GLY Q 154 -40.70 31.67 -44.45
C GLY Q 154 -39.58 30.70 -44.73
N GLU Q 155 -39.85 29.40 -44.58
CA GLU Q 155 -38.85 28.38 -44.87
C GLU Q 155 -38.86 27.94 -46.32
N LEU Q 156 -39.94 28.21 -47.05
CA LEU Q 156 -40.02 27.87 -48.46
C LEU Q 156 -39.81 29.03 -49.42
N LYS Q 157 -39.93 30.28 -48.94
CA LYS Q 157 -39.66 31.41 -49.83
C LYS Q 157 -38.20 31.45 -50.26
N LYS Q 158 -37.29 31.06 -49.35
CA LYS Q 158 -35.88 31.00 -49.72
C LYS Q 158 -35.63 29.91 -50.77
N HIS Q 159 -36.26 28.75 -50.60
CA HIS Q 159 -36.15 27.70 -51.61
C HIS Q 159 -36.73 28.14 -52.94
N GLN Q 160 -37.77 28.98 -52.90
CA GLN Q 160 -38.31 29.56 -54.13
C GLN Q 160 -37.24 30.36 -54.86
N LEU Q 161 -36.47 31.17 -54.14
CA LEU Q 161 -35.37 31.89 -54.76
C LEU Q 161 -34.28 30.93 -55.22
N VAL Q 162 -34.05 29.84 -54.50
CA VAL Q 162 -33.05 28.86 -54.91
C VAL Q 162 -33.40 28.25 -56.27
N TYR Q 163 -34.68 27.94 -56.48
CA TYR Q 163 -35.09 27.35 -57.76
C TYR Q 163 -34.73 28.27 -58.93
N LYS Q 164 -35.12 29.54 -58.84
CA LYS Q 164 -34.82 30.47 -59.91
C LYS Q 164 -33.34 30.80 -60.00
N LYS Q 165 -32.61 30.70 -58.89
CA LYS Q 165 -31.16 30.90 -58.93
C LYS Q 165 -30.49 29.80 -59.75
N THR Q 166 -30.82 28.54 -59.46
CA THR Q 166 -30.17 27.44 -60.18
C THR Q 166 -30.71 27.29 -61.60
N ILE Q 167 -31.95 27.70 -61.86
CA ILE Q 167 -32.50 27.60 -63.20
C ILE Q 167 -31.81 28.59 -64.13
N LEU Q 168 -31.64 29.83 -63.67
CA LEU Q 168 -31.07 30.86 -64.54
C LEU Q 168 -29.60 30.64 -64.82
N SER Q 169 -28.86 30.04 -63.88
CA SER Q 169 -27.43 29.83 -64.03
C SER Q 169 -27.09 28.46 -64.61
N MET Q 170 -28.09 27.66 -64.96
CA MET Q 170 -27.86 26.32 -65.50
C MET Q 170 -27.53 26.43 -66.97
N GLU Q 171 -26.23 26.59 -67.26
CA GLU Q 171 -25.68 26.69 -68.62
C GLU Q 171 -26.55 27.58 -69.51
N SER Q 172 -26.61 28.88 -69.15
CA SER Q 172 -27.36 29.90 -69.86
C SER Q 172 -28.87 29.72 -69.74
N GLY Q 173 -29.33 28.95 -68.76
CA GLY Q 173 -30.74 28.80 -68.50
C GLY Q 173 -31.54 28.25 -69.66
N LYS Q 174 -31.04 27.17 -70.27
CA LYS Q 174 -31.67 26.62 -71.46
C LYS Q 174 -32.97 25.89 -71.17
N VAL Q 175 -33.35 25.72 -69.90
CA VAL Q 175 -34.60 25.04 -69.59
C VAL Q 175 -35.81 25.80 -70.12
N LEU Q 176 -35.70 27.12 -70.31
CA LEU Q 176 -36.79 27.87 -70.93
C LEU Q 176 -36.93 27.54 -72.40
N ARG Q 177 -35.82 27.22 -73.07
CA ARG Q 177 -35.90 26.76 -74.45
C ARG Q 177 -36.67 25.45 -74.54
N ALA Q 178 -36.50 24.57 -73.55
CA ALA Q 178 -37.32 23.37 -73.46
C ALA Q 178 -38.76 23.69 -73.10
N ALA Q 179 -38.98 24.72 -72.27
CA ALA Q 179 -40.34 25.09 -71.88
C ALA Q 179 -41.15 25.56 -73.08
N ILE Q 180 -40.54 26.39 -73.93
CA ILE Q 180 -41.27 26.91 -75.09
C ILE Q 180 -41.63 25.79 -76.07
N ARG Q 181 -40.95 24.63 -75.98
CA ARG Q 181 -41.38 23.48 -76.75
C ARG Q 181 -42.72 22.95 -76.27
N LEU Q 182 -43.01 23.08 -74.98
CA LEU Q 182 -44.30 22.65 -74.45
C LEU Q 182 -45.44 23.56 -74.89
N ALA Q 183 -45.13 24.71 -75.48
CA ALA Q 183 -46.15 25.59 -76.05
C ALA Q 183 -46.22 25.53 -77.57
N LEU Q 184 -45.07 25.45 -78.25
CA LEU Q 184 -45.08 25.41 -79.71
C LEU Q 184 -45.64 24.11 -80.25
N ASP Q 185 -45.66 23.04 -79.43
CA ASP Q 185 -46.29 21.80 -79.88
C ASP Q 185 -47.79 21.98 -80.08
N VAL Q 186 -48.43 22.74 -79.19
CA VAL Q 186 -49.88 22.93 -79.26
C VAL Q 186 -50.24 24.12 -80.14
N ILE Q 187 -49.51 25.22 -80.05
CA ILE Q 187 -49.86 26.41 -80.83
C ILE Q 187 -49.56 26.24 -82.31
N LYS Q 188 -48.80 25.20 -82.68
CA LYS Q 188 -48.45 25.00 -84.09
C LYS Q 188 -49.69 24.77 -84.94
N ILE Q 189 -50.65 23.99 -84.43
CA ILE Q 189 -51.88 23.70 -85.16
C ILE Q 189 -52.73 24.96 -85.25
N ASP Q 190 -53.75 24.93 -86.10
CA ASP Q 190 -54.60 26.10 -86.29
C ASP Q 190 -55.33 26.47 -85.01
N ARG Q 191 -55.52 27.78 -84.81
CA ARG Q 191 -56.20 28.27 -83.62
C ARG Q 191 -57.65 27.79 -83.58
N LEU Q 192 -58.30 27.79 -84.75
CA LEU Q 192 -59.69 27.25 -84.82
C LEU Q 192 -59.61 25.73 -84.62
N SER Q 193 -58.44 25.15 -84.87
CA SER Q 193 -58.24 23.68 -84.70
C SER Q 193 -57.66 23.40 -83.31
N ARG Q 194 -57.95 24.27 -82.34
CA ARG Q 194 -57.37 24.11 -80.97
C ARG Q 194 -57.96 22.86 -80.31
N THR Q 195 -57.42 22.48 -79.14
CA THR Q 195 -57.88 21.25 -78.45
C THR Q 195 -58.55 21.61 -77.12
N PRO Q 196 -59.72 21.02 -76.79
CA PRO Q 196 -60.38 21.28 -75.50
C PRO Q 196 -59.51 20.83 -74.32
N ARG Q 197 -58.56 19.94 -74.58
CA ARG Q 197 -57.66 19.44 -73.50
C ARG Q 197 -56.28 20.10 -73.65
N ASP Q 198 -55.63 19.89 -74.80
CA ASP Q 198 -54.34 20.51 -75.03
C ASP Q 198 -54.33 22.00 -74.73
N ASN Q 199 -55.51 22.61 -74.58
CA ASN Q 199 -55.57 24.04 -74.26
C ASN Q 199 -55.04 24.32 -72.86
N MET Q 200 -55.24 23.39 -71.92
CA MET Q 200 -54.69 23.55 -70.59
C MET Q 200 -53.17 23.42 -70.58
N VAL Q 201 -52.59 22.73 -71.57
CA VAL Q 201 -51.14 22.63 -71.65
C VAL Q 201 -50.52 24.01 -71.85
N LEU Q 202 -51.14 24.84 -72.69
CA LEU Q 202 -50.64 26.19 -72.91
C LEU Q 202 -50.66 27.00 -71.62
N LYS Q 203 -51.76 26.91 -70.86
CA LYS Q 203 -51.83 27.62 -69.59
C LYS Q 203 -50.76 27.13 -68.62
N LEU Q 204 -50.58 25.80 -68.54
CA LEU Q 204 -49.61 25.24 -67.61
C LEU Q 204 -48.19 25.67 -67.95
N VAL Q 205 -47.83 25.66 -69.23
CA VAL Q 205 -46.48 26.06 -69.62
C VAL Q 205 -46.31 27.57 -69.45
N LEU Q 206 -47.35 28.35 -69.76
CA LEU Q 206 -47.24 29.81 -69.68
C LEU Q 206 -47.11 30.27 -68.24
N ASN Q 207 -47.78 29.57 -67.31
CA ASN Q 207 -47.67 29.94 -65.90
C ASN Q 207 -46.26 29.81 -65.36
N PHE Q 208 -45.45 28.92 -65.96
CA PHE Q 208 -44.08 28.73 -65.49
C PHE Q 208 -43.24 29.98 -65.67
N PHE Q 209 -43.38 30.66 -66.81
CA PHE Q 209 -42.63 31.89 -67.06
C PHE Q 209 -42.96 32.97 -66.04
N ARG Q 210 -44.25 33.19 -65.78
CA ARG Q 210 -44.62 34.23 -64.83
C ARG Q 210 -44.28 33.83 -63.40
N ASN Q 211 -44.26 32.51 -63.12
CA ASN Q 211 -43.96 32.08 -61.76
C ASN Q 211 -42.47 32.22 -61.44
N VAL Q 212 -41.60 31.88 -62.39
CA VAL Q 212 -40.16 31.92 -62.09
C VAL Q 212 -39.70 33.36 -61.89
N ILE Q 213 -40.25 34.31 -62.66
CA ILE Q 213 -39.76 35.68 -62.60
C ILE Q 213 -40.46 36.51 -61.53
N ALA Q 214 -41.55 36.02 -60.96
CA ALA Q 214 -42.20 36.68 -59.83
C ALA Q 214 -41.59 36.32 -58.50
N ILE Q 215 -40.59 35.43 -58.49
CA ILE Q 215 -39.94 35.02 -57.25
C ILE Q 215 -39.12 36.18 -56.71
N GLU Q 216 -39.47 36.64 -55.51
CA GLU Q 216 -38.79 37.76 -54.86
C GLU Q 216 -38.61 37.44 -53.39
N PRO Q 217 -37.60 38.02 -52.74
CA PRO Q 217 -37.42 37.78 -51.31
C PRO Q 217 -38.62 38.26 -50.52
N GLY Q 218 -38.94 37.52 -49.46
CA GLY Q 218 -40.08 37.81 -48.61
C GLY Q 218 -39.75 38.80 -47.51
N GLU Q 219 -40.52 38.73 -46.43
CA GLU Q 219 -40.35 39.60 -45.29
C GLU Q 219 -40.10 38.78 -44.04
N PHE Q 220 -39.16 39.23 -43.21
CA PHE Q 220 -38.84 38.57 -41.95
C PHE Q 220 -39.99 38.82 -40.98
N THR Q 221 -40.86 37.82 -40.82
CA THR Q 221 -42.04 37.94 -39.97
C THR Q 221 -41.58 37.88 -38.51
N ILE Q 222 -41.30 39.05 -37.94
CA ILE Q 222 -40.88 39.13 -36.55
C ILE Q 222 -42.02 38.68 -35.65
N ASN Q 223 -41.68 37.89 -34.63
CA ASN Q 223 -42.66 37.42 -33.66
C ASN Q 223 -42.96 38.53 -32.67
N THR Q 224 -44.06 39.25 -32.89
CA THR Q 224 -44.42 40.41 -32.07
C THR Q 224 -45.33 40.05 -30.90
N LYS Q 225 -45.29 38.81 -30.42
CA LYS Q 225 -46.11 38.43 -29.27
C LYS Q 225 -45.60 39.05 -27.98
N LYS Q 226 -44.37 39.55 -27.95
CA LYS Q 226 -43.81 40.19 -26.79
C LYS Q 226 -43.05 41.44 -27.22
N SER Q 227 -42.83 42.34 -26.26
CA SER Q 227 -42.12 43.57 -26.54
C SER Q 227 -40.68 43.27 -26.96
N MET Q 228 -40.25 43.91 -28.05
CA MET Q 228 -38.90 43.70 -28.56
C MET Q 228 -37.87 44.38 -27.64
N PRO Q 229 -36.65 43.82 -27.56
CA PRO Q 229 -35.65 44.40 -26.65
C PRO Q 229 -35.02 45.68 -27.18
N LYS Q 230 -33.99 46.17 -26.49
CA LYS Q 230 -33.30 47.40 -26.85
C LYS Q 230 -32.55 47.29 -28.18
N LYS Q 231 -32.61 46.15 -28.87
CA LYS Q 231 -31.95 45.99 -30.16
C LYS Q 231 -32.94 45.47 -31.18
N GLY Q 232 -32.79 45.92 -32.42
CA GLY Q 232 -33.69 45.55 -33.50
C GLY Q 232 -33.29 44.26 -34.18
N ILE Q 233 -33.92 44.02 -35.32
CA ILE Q 233 -33.63 42.82 -36.11
C ILE Q 233 -32.19 42.88 -36.60
N THR Q 234 -31.45 41.79 -36.40
CA THR Q 234 -30.04 41.77 -36.75
C THR Q 234 -29.84 41.84 -38.26
N SER Q 235 -30.35 40.86 -38.98
CA SER Q 235 -30.17 40.76 -40.42
C SER Q 235 -31.52 40.68 -41.11
N ILE Q 236 -31.71 41.50 -42.13
CA ILE Q 236 -32.92 41.48 -42.96
C ILE Q 236 -32.67 40.78 -44.29
N ASP Q 237 -31.51 40.15 -44.46
CA ASP Q 237 -31.17 39.45 -45.70
C ASP Q 237 -31.84 38.07 -45.66
N THR Q 238 -32.95 37.94 -46.37
CA THR Q 238 -33.68 36.67 -46.45
C THR Q 238 -33.20 35.82 -47.62
N LEU Q 239 -31.89 35.56 -47.66
CA LEU Q 239 -31.29 34.84 -48.77
C LEU Q 239 -30.40 33.72 -48.23
N PRO Q 240 -30.59 32.49 -48.69
CA PRO Q 240 -29.70 31.38 -48.30
C PRO Q 240 -28.32 31.57 -48.91
N PRO Q 241 -27.29 30.91 -48.36
CA PRO Q 241 -25.92 31.18 -48.85
C PRO Q 241 -25.73 30.90 -50.33
N ASN Q 242 -26.42 29.89 -50.86
CA ASN Q 242 -26.33 29.60 -52.28
C ASN Q 242 -26.99 30.67 -53.13
N VAL Q 243 -27.81 31.53 -52.54
CA VAL Q 243 -28.54 32.57 -53.27
C VAL Q 243 -27.93 33.92 -52.91
N SER Q 244 -27.52 34.66 -53.93
CA SER Q 244 -26.98 36.00 -53.76
C SER Q 244 -27.87 36.99 -54.50
N MET Q 245 -27.94 38.22 -53.98
CA MET Q 245 -28.73 39.25 -54.63
C MET Q 245 -28.23 39.54 -56.05
N ASP Q 246 -26.98 39.20 -56.34
CA ASP Q 246 -26.47 39.34 -57.70
C ASP Q 246 -27.15 38.37 -58.66
N ASP Q 247 -27.35 37.13 -58.25
CA ASP Q 247 -27.80 36.08 -59.15
C ASP Q 247 -29.32 35.93 -59.20
N ILE Q 248 -30.07 36.79 -58.50
CA ILE Q 248 -31.52 36.67 -58.45
C ILE Q 248 -32.24 37.93 -58.89
N SER Q 249 -31.52 39.00 -59.24
CA SER Q 249 -32.18 40.23 -59.64
C SER Q 249 -32.83 40.06 -61.01
N LEU Q 250 -33.74 41.01 -61.32
CA LEU Q 250 -34.43 40.97 -62.60
C LEU Q 250 -33.48 41.18 -63.78
N ASN Q 251 -32.30 41.75 -63.54
CA ASN Q 251 -31.29 41.82 -64.59
C ASN Q 251 -30.89 40.43 -65.05
N THR Q 252 -30.73 39.50 -64.11
CA THR Q 252 -30.44 38.11 -64.48
C THR Q 252 -31.57 37.52 -65.29
N VAL Q 253 -32.82 37.80 -64.91
CA VAL Q 253 -33.97 37.27 -65.64
C VAL Q 253 -33.99 37.79 -67.07
N ILE Q 254 -33.75 39.10 -67.24
CA ILE Q 254 -33.79 39.68 -68.58
C ILE Q 254 -32.63 39.17 -69.42
N SER Q 255 -31.45 39.02 -68.82
CA SER Q 255 -30.30 38.47 -69.54
C SER Q 255 -30.58 37.04 -69.98
N SER Q 256 -31.17 36.23 -69.10
CA SER Q 256 -31.54 34.86 -69.47
C SER Q 256 -32.57 34.84 -70.58
N PHE Q 257 -33.56 35.75 -70.52
CA PHE Q 257 -34.55 35.85 -71.58
C PHE Q 257 -33.91 36.16 -72.92
N HIS Q 258 -32.96 37.11 -72.93
CA HIS Q 258 -32.31 37.47 -74.19
C HIS Q 258 -31.43 36.33 -74.70
N LYS Q 259 -30.67 35.69 -73.82
CA LYS Q 259 -29.76 34.63 -74.25
C LYS Q 259 -30.48 33.33 -74.59
N ASN Q 260 -31.73 33.17 -74.19
CA ASN Q 260 -32.49 31.96 -74.49
C ASN Q 260 -33.46 32.14 -75.66
N LYS Q 261 -33.37 33.27 -76.37
CA LYS Q 261 -34.13 33.56 -77.59
C LYS Q 261 -35.62 33.76 -77.32
N VAL Q 262 -36.07 33.57 -76.08
CA VAL Q 262 -37.49 33.57 -75.74
C VAL Q 262 -38.14 34.90 -76.05
N PHE Q 263 -37.34 35.91 -76.41
CA PHE Q 263 -37.90 37.14 -76.95
C PHE Q 263 -38.72 36.86 -78.21
N GLY Q 264 -38.18 36.02 -79.10
CA GLY Q 264 -38.94 35.61 -80.27
C GLY Q 264 -40.19 34.83 -79.92
N PHE Q 265 -40.13 34.00 -78.88
CA PHE Q 265 -41.32 33.29 -78.43
C PHE Q 265 -42.40 34.26 -77.96
N LEU Q 266 -42.02 35.23 -77.13
CA LEU Q 266 -42.97 36.21 -76.63
C LEU Q 266 -43.51 37.11 -77.73
N LEU Q 267 -42.72 37.41 -78.76
CA LEU Q 267 -43.20 38.17 -79.91
C LEU Q 267 -44.14 37.36 -80.80
N THR Q 268 -43.81 36.10 -81.08
CA THR Q 268 -44.64 35.27 -81.95
C THR Q 268 -45.95 34.87 -81.27
N LEU Q 269 -45.94 34.70 -79.95
CA LEU Q 269 -47.18 34.38 -79.24
C LEU Q 269 -48.18 35.54 -79.36
N THR Q 270 -47.69 36.77 -79.25
CA THR Q 270 -48.56 37.93 -79.39
C THR Q 270 -48.91 38.22 -80.86
N SER Q 271 -48.03 37.83 -81.79
CA SER Q 271 -48.30 38.08 -83.20
C SER Q 271 -49.50 37.31 -83.75
N SER Q 272 -49.97 36.29 -83.03
CA SER Q 272 -51.08 35.46 -83.47
C SER Q 272 -52.26 35.53 -82.51
N LEU Q 273 -52.57 36.75 -82.05
CA LEU Q 273 -53.74 36.92 -81.18
C LEU Q 273 -55.04 36.62 -81.92
N SER Q 274 -55.14 37.05 -83.17
CA SER Q 274 -56.34 36.81 -83.97
C SER Q 274 -56.46 35.33 -84.33
N ASP Q 280 -57.86 33.72 -75.91
CA ASP Q 280 -58.65 33.79 -74.69
C ASP Q 280 -57.85 33.28 -73.49
N PHE Q 281 -57.55 31.98 -73.48
CA PHE Q 281 -56.80 31.38 -72.38
C PHE Q 281 -55.33 31.81 -72.37
N ILE Q 282 -54.84 32.38 -73.47
CA ILE Q 282 -53.46 32.85 -73.55
C ILE Q 282 -53.37 34.36 -73.34
N ASN Q 283 -54.39 34.96 -72.73
CA ASN Q 283 -54.41 36.39 -72.45
C ASN Q 283 -54.21 36.71 -70.97
N ILE Q 284 -54.99 36.08 -70.09
CA ILE Q 284 -54.86 36.35 -68.65
C ILE Q 284 -53.47 35.98 -68.13
N PRO Q 285 -52.90 34.80 -68.43
CA PRO Q 285 -51.51 34.56 -68.01
C PRO Q 285 -50.53 35.51 -68.67
N LEU Q 286 -50.64 35.70 -69.99
CA LEU Q 286 -49.72 36.57 -70.71
C LEU Q 286 -49.80 38.02 -70.23
N LEU Q 287 -50.91 38.41 -69.61
CA LEU Q 287 -51.02 39.76 -69.07
C LEU Q 287 -49.94 40.03 -68.03
N GLU Q 288 -49.51 38.99 -67.31
CA GLU Q 288 -48.48 39.13 -66.28
C GLU Q 288 -47.21 38.36 -66.57
N ILE Q 289 -47.18 37.53 -67.62
CA ILE Q 289 -45.95 36.81 -67.97
C ILE Q 289 -44.86 37.80 -68.38
N MET Q 290 -45.22 38.77 -69.22
CA MET Q 290 -44.27 39.79 -69.67
C MET Q 290 -44.40 41.09 -68.89
N PHE Q 291 -45.16 41.09 -67.79
CA PHE Q 291 -45.34 42.27 -66.96
C PHE Q 291 -44.53 42.21 -65.67
N TYR Q 292 -44.22 41.01 -65.17
CA TYR Q 292 -43.57 40.89 -63.87
C TYR Q 292 -42.20 41.55 -63.85
N PHE Q 293 -41.41 41.35 -64.90
CA PHE Q 293 -40.08 41.97 -64.92
C PHE Q 293 -40.14 43.47 -65.22
N THR Q 294 -41.30 44.00 -65.60
CA THR Q 294 -41.47 45.43 -65.82
C THR Q 294 -42.52 46.03 -64.89
N LYS Q 295 -42.86 45.32 -63.81
CA LYS Q 295 -43.88 45.83 -62.89
C LYS Q 295 -43.37 47.01 -62.08
N ASP Q 296 -42.06 47.12 -61.90
CA ASP Q 296 -41.49 48.22 -61.10
C ASP Q 296 -40.26 48.86 -61.73
N VAL Q 297 -39.82 48.42 -62.90
CA VAL Q 297 -38.65 48.98 -63.54
C VAL Q 297 -39.02 50.30 -64.20
N ASN Q 298 -38.31 51.36 -63.84
CA ASN Q 298 -38.58 52.68 -64.40
C ASN Q 298 -38.02 52.80 -65.81
N GLN Q 299 -38.63 53.70 -66.59
CA GLN Q 299 -38.19 53.97 -67.95
C GLN Q 299 -37.12 55.04 -68.02
N GLU Q 300 -36.80 55.71 -66.91
CA GLU Q 300 -35.77 56.73 -66.92
C GLU Q 300 -34.39 56.12 -67.20
N LEU Q 301 -34.13 54.93 -66.67
CA LEU Q 301 -32.85 54.27 -66.87
C LEU Q 301 -32.58 53.91 -68.33
N LEU Q 302 -33.63 53.92 -69.16
CA LEU Q 302 -33.44 53.57 -70.57
C LEU Q 302 -32.54 54.56 -71.28
N PHE Q 303 -32.70 55.85 -71.00
CA PHE Q 303 -31.94 56.89 -71.67
C PHE Q 303 -31.04 57.61 -70.68
N PRO Q 304 -29.73 57.70 -70.95
CA PRO Q 304 -28.84 58.42 -70.04
C PRO Q 304 -29.15 59.92 -69.93
N ARG Q 305 -29.85 60.49 -70.91
CA ARG Q 305 -30.18 61.91 -70.92
C ARG Q 305 -28.93 62.79 -70.83
N THR Q 329 -16.07 54.07 -69.90
CA THR Q 329 -16.03 55.15 -68.93
C THR Q 329 -17.36 55.89 -68.85
N SER Q 330 -18.34 55.40 -69.61
CA SER Q 330 -19.65 56.04 -69.63
C SER Q 330 -20.31 55.96 -68.25
N ALA Q 331 -20.23 54.80 -67.59
CA ALA Q 331 -20.80 54.67 -66.25
C ALA Q 331 -20.00 55.47 -65.23
N GLY Q 332 -18.74 55.75 -65.53
CA GLY Q 332 -17.89 56.47 -64.60
C GLY Q 332 -18.15 57.96 -64.50
N PHE Q 333 -18.79 58.56 -65.49
CA PHE Q 333 -19.14 59.97 -65.38
C PHE Q 333 -20.15 60.21 -64.27
N GLU Q 334 -21.20 59.39 -64.22
CA GLU Q 334 -22.14 59.46 -63.12
C GLU Q 334 -21.47 59.10 -61.79
N LEU Q 335 -20.48 58.20 -61.83
CA LEU Q 335 -19.71 57.91 -60.63
C LEU Q 335 -18.99 59.15 -60.12
N SER Q 336 -18.33 59.88 -61.02
CA SER Q 336 -17.64 61.10 -60.62
C SER Q 336 -18.62 62.14 -60.08
N LYS Q 337 -19.78 62.28 -60.72
CA LYS Q 337 -20.78 63.21 -60.23
C LYS Q 337 -21.29 62.83 -58.85
N LEU Q 338 -21.51 61.53 -58.61
CA LEU Q 338 -21.98 61.08 -57.30
C LEU Q 338 -20.90 61.27 -56.24
N LEU Q 339 -19.63 61.04 -56.61
CA LEU Q 339 -18.54 61.36 -55.69
C LEU Q 339 -18.50 62.85 -55.35
N GLN Q 340 -18.72 63.71 -56.34
CA GLN Q 340 -18.77 65.13 -56.05
C GLN Q 340 -19.92 65.47 -55.10
N LYS Q 341 -21.09 64.88 -55.32
CA LYS Q 341 -22.24 65.14 -54.46
C LYS Q 341 -21.99 64.66 -53.03
N GLU Q 342 -21.44 63.45 -52.87
CA GLU Q 342 -21.18 62.94 -51.54
C GLU Q 342 -20.05 63.70 -50.85
N HIS Q 343 -19.07 64.16 -51.62
CA HIS Q 343 -18.04 65.04 -51.06
C HIS Q 343 -18.65 66.33 -50.56
N GLN Q 344 -19.60 66.89 -51.32
CA GLN Q 344 -20.27 68.11 -50.89
C GLN Q 344 -21.06 67.89 -49.60
N MET Q 345 -21.81 66.78 -49.51
CA MET Q 345 -22.58 66.57 -48.30
C MET Q 345 -21.70 66.25 -47.11
N ARG Q 346 -20.58 65.53 -47.32
CA ARG Q 346 -19.63 65.31 -46.23
C ARG Q 346 -18.98 66.61 -45.79
N LYS Q 347 -18.69 67.51 -46.73
CA LYS Q 347 -18.18 68.83 -46.38
C LYS Q 347 -19.19 69.60 -45.55
N ASN Q 348 -20.47 69.53 -45.91
CA ASN Q 348 -21.50 70.16 -45.09
C ASN Q 348 -21.58 69.55 -43.71
N VAL Q 349 -21.35 68.23 -43.60
CA VAL Q 349 -21.42 67.56 -42.31
C VAL Q 349 -20.35 68.08 -41.36
N ILE Q 350 -19.12 68.25 -41.84
CA ILE Q 350 -18.01 68.64 -40.97
C ILE Q 350 -18.08 70.09 -40.51
N LYS Q 351 -19.04 70.87 -41.04
CA LYS Q 351 -19.17 72.25 -40.59
C LYS Q 351 -19.64 72.36 -39.14
N HIS Q 352 -20.23 71.29 -38.59
CA HIS Q 352 -20.69 71.30 -37.21
C HIS Q 352 -19.63 70.77 -36.26
N THR Q 353 -18.82 69.82 -36.70
CA THR Q 353 -17.83 69.20 -35.83
C THR Q 353 -16.77 70.22 -35.40
N SER Q 354 -16.33 70.09 -34.15
CA SER Q 354 -15.33 71.01 -33.61
C SER Q 354 -13.98 70.77 -34.29
N ALA Q 355 -13.17 71.84 -34.32
CA ALA Q 355 -11.82 71.72 -34.87
C ALA Q 355 -10.95 70.80 -34.04
N ARG Q 356 -11.26 70.65 -32.75
CA ARG Q 356 -10.50 69.81 -31.85
C ARG Q 356 -11.39 68.66 -31.34
N HIS Q 357 -10.86 67.90 -30.39
CA HIS Q 357 -11.54 66.72 -29.90
C HIS Q 357 -12.82 67.09 -29.14
N SER Q 358 -13.66 66.09 -28.93
CA SER Q 358 -14.92 66.30 -28.22
C SER Q 358 -14.69 66.72 -26.78
N ARG Q 359 -13.68 66.14 -26.13
CA ARG Q 359 -13.39 66.40 -24.72
C ARG Q 359 -12.75 67.77 -24.48
N PHE Q 360 -12.70 68.66 -25.48
CA PHE Q 360 -12.10 69.97 -25.27
C PHE Q 360 -12.88 70.77 -24.23
N GLY Q 361 -14.16 70.50 -24.08
CA GLY Q 361 -14.95 71.14 -23.03
C GLY Q 361 -15.31 72.58 -23.30
N GLY Q 362 -16.11 72.83 -24.33
CA GLY Q 362 -16.59 74.16 -24.62
C GLY Q 362 -17.93 74.43 -23.97
N LEU Q 363 -17.92 75.12 -22.84
CA LEU Q 363 -19.13 75.41 -22.08
C LEU Q 363 -19.49 76.88 -22.19
N LEU Q 364 -20.79 77.16 -22.30
CA LEU Q 364 -21.27 78.52 -22.45
C LEU Q 364 -22.64 78.64 -21.81
N SER Q 365 -23.02 79.89 -21.53
CA SER Q 365 -24.35 80.22 -21.02
C SER Q 365 -25.00 81.21 -21.98
N ILE Q 366 -26.24 80.92 -22.36
CA ILE Q 366 -27.00 81.82 -23.26
C ILE Q 366 -27.80 82.80 -22.40
N GLN Q 367 -27.50 84.10 -22.51
CA GLN Q 367 -28.24 85.13 -21.73
C GLN Q 367 -29.61 85.33 -22.39
N THR Q 368 -30.43 84.28 -22.39
CA THR Q 368 -31.76 84.35 -23.07
C THR Q 368 -32.70 85.29 -22.30
N PRO Q 369 -33.81 85.76 -22.92
CA PRO Q 369 -34.79 86.61 -22.23
C PRO Q 369 -35.01 86.19 -20.76
N ASP Q 370 -35.37 87.14 -19.90
CA ASP Q 370 -35.57 86.83 -18.48
C ASP Q 370 -34.22 86.56 -17.80
N LYS Q 371 -33.15 86.97 -18.45
CA LYS Q 371 -31.79 86.85 -17.92
C LYS Q 371 -31.48 85.41 -17.50
N THR Q 372 -31.98 84.46 -18.29
CA THR Q 372 -31.75 83.06 -17.99
C THR Q 372 -30.30 82.69 -18.24
N ARG Q 373 -29.77 81.79 -17.41
CA ARG Q 373 -28.39 81.33 -17.49
C ARG Q 373 -28.35 79.84 -17.83
N LEU Q 374 -29.18 79.42 -18.78
CA LEU Q 374 -29.21 78.03 -19.20
C LEU Q 374 -27.86 77.63 -19.78
N THR Q 375 -27.37 76.45 -19.38
CA THR Q 375 -26.04 75.99 -19.75
C THR Q 375 -26.16 74.91 -20.83
N VAL Q 376 -25.55 75.15 -21.99
CA VAL Q 376 -25.47 74.18 -23.06
C VAL Q 376 -24.01 74.04 -23.46
N SER Q 377 -23.55 72.80 -23.65
CA SER Q 377 -22.16 72.53 -23.93
C SER Q 377 -21.91 72.48 -25.44
N GLY Q 378 -20.63 72.44 -25.80
CA GLY Q 378 -20.24 72.35 -27.19
C GLY Q 378 -19.56 73.58 -27.73
N SER Q 379 -18.31 73.42 -28.17
CA SER Q 379 -17.58 74.53 -28.78
C SER Q 379 -18.19 74.97 -30.10
N GLN Q 380 -18.96 74.08 -30.75
CA GLN Q 380 -19.66 74.47 -31.96
C GLN Q 380 -20.68 75.57 -31.69
N ALA Q 381 -21.32 75.53 -30.52
CA ALA Q 381 -22.30 76.56 -30.17
C ALA Q 381 -21.64 77.93 -29.97
N LEU Q 382 -20.36 77.94 -29.62
CA LEU Q 382 -19.64 79.21 -29.47
C LEU Q 382 -19.47 79.93 -30.80
N VAL Q 383 -19.64 79.24 -31.92
CA VAL Q 383 -19.49 79.88 -33.23
C VAL Q 383 -20.74 80.67 -33.59
N ASP Q 384 -21.91 80.04 -33.50
CA ASP Q 384 -23.17 80.67 -33.89
C ASP Q 384 -24.21 80.45 -32.80
N GLU Q 385 -25.06 81.46 -32.60
CA GLU Q 385 -26.14 81.34 -31.63
C GLU Q 385 -27.21 80.35 -32.12
N LYS Q 386 -27.40 80.25 -33.43
CA LYS Q 386 -28.36 79.29 -33.97
C LYS Q 386 -27.94 77.86 -33.66
N ILE Q 387 -26.63 77.59 -33.71
CA ILE Q 387 -26.13 76.26 -33.35
C ILE Q 387 -26.40 75.99 -31.87
N ALA Q 388 -26.22 77.00 -31.02
CA ALA Q 388 -26.52 76.84 -29.61
C ALA Q 388 -28.00 76.54 -29.39
N LEU Q 389 -28.88 77.24 -30.11
CA LEU Q 389 -30.31 76.98 -29.99
C LEU Q 389 -30.68 75.59 -30.50
N GLN Q 390 -30.05 75.14 -31.58
CA GLN Q 390 -30.31 73.79 -32.07
C GLN Q 390 -29.85 72.74 -31.06
N LYS Q 391 -28.68 72.96 -30.45
CA LYS Q 391 -28.21 72.06 -29.39
C LYS Q 391 -29.16 72.08 -28.20
N LEU Q 392 -29.76 73.24 -27.92
CA LEU Q 392 -30.83 73.30 -26.92
C LEU Q 392 -32.02 72.45 -27.33
N ASP Q 393 -32.40 72.52 -28.60
CA ASP Q 393 -33.60 71.81 -29.07
C ASP Q 393 -33.42 70.30 -29.00
N ASP Q 394 -32.30 69.79 -29.50
CA ASP Q 394 -32.13 68.35 -29.60
C ASP Q 394 -31.63 67.72 -28.31
N SER Q 395 -31.38 68.52 -27.27
CA SER Q 395 -30.93 67.96 -26.00
C SER Q 395 -32.03 67.14 -25.33
N LYS Q 396 -33.29 67.43 -25.62
CA LYS Q 396 -34.39 66.69 -25.01
C LYS Q 396 -34.42 65.26 -25.53
N LYS Q 397 -34.59 64.31 -24.61
CA LYS Q 397 -34.63 62.90 -24.96
C LYS Q 397 -36.04 62.37 -25.17
N TRP Q 398 -37.06 63.22 -25.01
CA TRP Q 398 -38.44 62.78 -25.12
C TRP Q 398 -38.94 62.96 -26.55
N ASN Q 399 -39.66 61.95 -27.03
CA ASN Q 399 -40.21 61.96 -28.39
C ASN Q 399 -41.65 61.48 -28.36
N LYS Q 400 -42.42 61.92 -29.36
CA LYS Q 400 -43.83 61.56 -29.45
C LYS Q 400 -43.99 60.26 -30.25
N ARG Q 401 -45.24 59.88 -30.47
CA ARG Q 401 -45.58 58.66 -31.18
C ARG Q 401 -46.06 59.01 -32.58
N ILE Q 402 -45.43 58.42 -33.59
CA ILE Q 402 -45.78 58.63 -34.98
C ILE Q 402 -46.42 57.35 -35.50
N ILE Q 403 -47.69 57.44 -35.89
CA ILE Q 403 -48.43 56.26 -36.32
C ILE Q 403 -47.98 55.85 -37.72
N LYS Q 404 -48.20 54.58 -38.03
CA LYS Q 404 -47.83 54.03 -39.34
C LYS Q 404 -48.70 52.81 -39.62
N LYS Q 405 -48.71 52.41 -40.88
CA LYS Q 405 -49.48 51.24 -41.31
C LYS Q 405 -48.97 49.96 -40.65
N GLU Q 412 -46.32 43.29 -49.44
CA GLU Q 412 -47.48 43.38 -50.35
C GLU Q 412 -48.19 42.04 -50.42
N GLY Q 413 -49.53 42.04 -50.44
CA GLY Q 413 -50.29 40.78 -50.58
C GLY Q 413 -50.24 40.31 -52.03
N LEU Q 414 -49.72 41.15 -52.91
CA LEU Q 414 -49.60 40.80 -54.36
C LEU Q 414 -48.17 41.08 -54.81
N PRO Q 415 -47.70 40.54 -55.96
CA PRO Q 415 -46.32 40.72 -56.40
C PRO Q 415 -45.82 42.14 -56.09
N ASN Q 416 -44.73 42.24 -55.31
CA ASN Q 416 -44.18 43.56 -54.91
C ASN Q 416 -43.90 44.40 -56.16
N SER Q 417 -44.04 45.72 -56.05
CA SER Q 417 -43.78 46.64 -57.19
C SER Q 417 -44.05 48.07 -56.74
N LEU Q 418 -44.79 48.84 -57.53
CA LEU Q 418 -45.19 50.21 -57.09
C LEU Q 418 -46.02 50.05 -55.82
N LEU Q 419 -46.68 48.89 -55.68
CA LEU Q 419 -47.47 48.60 -54.46
C LEU Q 419 -46.55 48.71 -53.24
N ASN Q 420 -45.23 48.70 -53.47
CA ASN Q 420 -44.24 48.77 -52.34
C ASN Q 420 -42.83 48.95 -52.89
N SER Q 421 -42.56 50.06 -53.59
CA SER Q 421 -41.19 50.32 -54.04
C SER Q 421 -40.91 51.82 -54.04
N GLN Q 422 -39.83 52.21 -53.37
CA GLN Q 422 -39.45 53.62 -53.31
C GLN Q 422 -38.75 54.03 -54.60
N THR Q 423 -38.62 55.35 -54.78
CA THR Q 423 -38.17 55.89 -56.06
C THR Q 423 -36.74 55.50 -56.39
N GLY Q 424 -35.90 55.29 -55.38
CA GLY Q 424 -34.51 54.94 -55.62
C GLY Q 424 -34.25 53.48 -55.93
N LYS Q 425 -35.30 52.65 -55.95
CA LYS Q 425 -35.13 51.21 -56.18
C LYS Q 425 -35.08 50.94 -57.68
N ALA Q 426 -33.99 51.42 -58.30
CA ALA Q 426 -33.73 51.20 -59.71
C ALA Q 426 -32.78 50.02 -59.84
N ILE Q 427 -33.27 48.93 -60.43
CA ILE Q 427 -32.47 47.73 -60.57
C ILE Q 427 -31.32 47.99 -61.53
N PHE Q 428 -30.10 47.68 -61.09
CA PHE Q 428 -28.92 47.87 -61.92
C PHE Q 428 -29.01 46.99 -63.17
N PHE Q 429 -28.72 47.59 -64.33
CA PHE Q 429 -28.77 46.90 -65.61
C PHE Q 429 -27.43 47.04 -66.31
N THR Q 430 -26.99 45.96 -66.94
CA THR Q 430 -25.84 46.04 -67.83
C THR Q 430 -26.20 46.88 -69.05
N GLU Q 431 -25.19 47.59 -69.58
CA GLU Q 431 -25.44 48.48 -70.71
C GLU Q 431 -25.96 47.71 -71.91
N SER Q 432 -25.35 46.56 -72.22
CA SER Q 432 -25.86 45.73 -73.31
C SER Q 432 -27.26 45.19 -72.98
N ASN Q 433 -27.48 44.78 -71.73
CA ASN Q 433 -28.79 44.30 -71.33
C ASN Q 433 -29.84 45.41 -71.43
N GLY Q 434 -29.46 46.62 -71.03
CA GLY Q 434 -30.37 47.75 -71.18
C GLY Q 434 -30.68 48.05 -72.64
N LYS Q 435 -29.67 47.96 -73.51
CA LYS Q 435 -29.91 48.19 -74.93
C LYS Q 435 -30.86 47.14 -75.51
N HIS Q 436 -30.68 45.88 -75.11
CA HIS Q 436 -31.57 44.82 -75.59
C HIS Q 436 -33.00 45.02 -75.08
N PHE Q 437 -33.15 45.37 -73.81
CA PHE Q 437 -34.47 45.61 -73.24
C PHE Q 437 -35.13 46.85 -73.81
N LYS Q 438 -34.35 47.82 -74.28
CA LYS Q 438 -34.91 48.99 -74.93
C LYS Q 438 -35.67 48.62 -76.20
N GLU Q 439 -35.12 47.69 -76.98
CA GLU Q 439 -35.75 47.29 -78.23
C GLU Q 439 -36.75 46.16 -78.06
N PHE Q 440 -36.62 45.33 -77.02
CA PHE Q 440 -37.56 44.23 -76.84
C PHE Q 440 -38.99 44.73 -76.62
N ILE Q 441 -39.17 45.65 -75.68
CA ILE Q 441 -40.50 46.17 -75.39
C ILE Q 441 -41.02 46.98 -76.57
N ASN Q 442 -40.14 47.71 -77.26
CA ASN Q 442 -40.57 48.45 -78.44
C ASN Q 442 -41.07 47.52 -79.54
N ASN Q 443 -40.39 46.40 -79.74
CA ASN Q 443 -40.84 45.40 -80.71
C ASN Q 443 -42.18 44.80 -80.29
N PHE Q 444 -42.36 44.55 -79.00
CA PHE Q 444 -43.65 44.04 -78.52
C PHE Q 444 -44.76 45.04 -78.78
N ILE Q 445 -44.50 46.33 -78.55
CA ILE Q 445 -45.51 47.36 -78.82
C ILE Q 445 -45.82 47.43 -80.31
N ASP Q 446 -44.77 47.40 -81.15
CA ASP Q 446 -44.98 47.43 -82.59
C ASP Q 446 -45.66 46.17 -83.11
N SER Q 447 -45.67 45.10 -82.33
CA SER Q 447 -46.26 43.84 -82.77
C SER Q 447 -47.71 43.68 -82.33
N GLY Q 448 -47.96 43.70 -81.02
CA GLY Q 448 -49.28 43.33 -80.55
C GLY Q 448 -49.86 44.03 -79.34
N PHE Q 449 -49.37 45.22 -78.99
CA PHE Q 449 -49.80 45.88 -77.76
C PHE Q 449 -51.30 46.16 -77.76
N ASN Q 450 -51.76 46.98 -78.71
CA ASN Q 450 -53.17 47.35 -78.73
C ASN Q 450 -54.07 46.16 -79.04
N ILE Q 451 -53.57 45.19 -79.82
CA ILE Q 451 -54.35 43.98 -80.09
C ILE Q 451 -54.56 43.19 -78.80
N LEU Q 452 -53.52 43.06 -77.97
CA LEU Q 452 -53.66 42.38 -76.70
C LEU Q 452 -54.61 43.14 -75.78
N LEU Q 453 -54.53 44.47 -75.78
CA LEU Q 453 -55.47 45.25 -74.98
C LEU Q 453 -56.91 45.00 -75.41
N HIS Q 454 -57.17 45.05 -76.72
CA HIS Q 454 -58.51 44.83 -77.23
C HIS Q 454 -58.99 43.40 -77.01
N SER Q 455 -58.07 42.44 -76.93
CA SER Q 455 -58.46 41.06 -76.65
C SER Q 455 -59.06 40.94 -75.26
N VAL Q 456 -58.48 41.61 -74.26
CA VAL Q 456 -58.97 41.54 -72.89
C VAL Q 456 -59.99 42.62 -72.57
N THR Q 457 -60.24 43.55 -73.49
CA THR Q 457 -61.32 44.52 -73.27
C THR Q 457 -62.65 43.83 -73.06
N ASN Q 458 -62.95 42.81 -73.87
CA ASN Q 458 -64.23 42.11 -73.75
C ASN Q 458 -64.35 41.40 -72.42
N TYR Q 459 -63.28 40.75 -71.97
CA TYR Q 459 -63.33 40.03 -70.70
C TYR Q 459 -63.40 41.00 -69.53
N PHE Q 460 -62.76 42.16 -69.65
CA PHE Q 460 -62.80 43.15 -68.58
C PHE Q 460 -64.19 43.72 -68.39
N THR Q 461 -65.00 43.78 -69.45
CA THR Q 461 -66.35 44.30 -69.36
C THR Q 461 -67.29 43.37 -68.60
N THR Q 462 -66.89 42.13 -68.35
CA THR Q 462 -67.72 41.17 -67.64
C THR Q 462 -67.03 40.73 -66.36
N GLU Q 463 -67.84 40.17 -65.45
CA GLU Q 463 -67.37 39.68 -64.16
C GLU Q 463 -66.65 40.77 -63.37
N GLN Q 464 -67.33 41.90 -63.20
CA GLN Q 464 -66.75 43.02 -62.46
C GLN Q 464 -66.52 42.67 -61.00
N ASP Q 465 -67.49 42.01 -60.36
CA ASP Q 465 -67.38 41.63 -58.96
C ASP Q 465 -66.71 40.28 -58.77
N ARG Q 466 -66.40 39.56 -59.85
CA ARG Q 466 -65.75 38.26 -59.76
C ARG Q 466 -64.23 38.35 -59.89
N MET Q 467 -63.67 39.54 -59.99
CA MET Q 467 -62.23 39.72 -60.15
C MET Q 467 -61.58 39.83 -58.78
N VAL Q 468 -60.69 38.89 -58.47
CA VAL Q 468 -59.94 38.95 -57.22
C VAL Q 468 -58.99 40.15 -57.25
N THR Q 469 -58.61 40.62 -56.06
CA THR Q 469 -57.76 41.80 -55.96
C THR Q 469 -56.43 41.66 -56.68
N LEU Q 470 -55.99 40.43 -56.95
CA LEU Q 470 -54.77 40.22 -57.71
C LEU Q 470 -54.93 40.70 -59.16
N GLU Q 471 -56.10 40.52 -59.75
CA GLU Q 471 -56.30 40.90 -61.15
C GLU Q 471 -56.10 42.39 -61.36
N GLN Q 472 -56.66 43.22 -60.46
CA GLN Q 472 -56.51 44.66 -60.61
C GLN Q 472 -55.06 45.09 -60.53
N VAL Q 473 -54.32 44.57 -59.55
CA VAL Q 473 -52.93 45.01 -59.38
C VAL Q 473 -52.05 44.49 -60.50
N GLU Q 474 -52.39 43.32 -61.07
CA GLU Q 474 -51.61 42.80 -62.18
C GLU Q 474 -52.02 43.36 -63.54
N TYR Q 475 -53.16 44.04 -63.63
CA TYR Q 475 -53.64 44.60 -64.89
C TYR Q 475 -53.46 46.10 -64.99
N LEU Q 476 -53.92 46.85 -63.99
CA LEU Q 476 -53.87 48.31 -64.04
C LEU Q 476 -52.43 48.82 -64.07
N LEU Q 477 -51.55 48.21 -63.28
CA LEU Q 477 -50.15 48.61 -63.27
C LEU Q 477 -49.50 48.37 -64.63
N PHE Q 478 -49.77 47.21 -65.24
CA PHE Q 478 -49.30 46.94 -66.59
C PHE Q 478 -49.76 48.01 -67.57
N PHE Q 479 -51.07 48.27 -67.57
CA PHE Q 479 -51.64 49.24 -68.51
C PHE Q 479 -51.00 50.61 -68.33
N ALA Q 480 -50.97 51.10 -67.10
CA ALA Q 480 -50.44 52.44 -66.83
C ALA Q 480 -48.95 52.52 -67.16
N TRP Q 481 -48.17 51.52 -66.79
CA TRP Q 481 -46.74 51.55 -67.06
C TRP Q 481 -46.47 51.61 -68.56
N PHE Q 482 -47.16 50.78 -69.34
CA PHE Q 482 -46.86 50.76 -70.77
C PHE Q 482 -47.37 52.01 -71.48
N VAL Q 483 -48.55 52.52 -71.08
CA VAL Q 483 -49.03 53.74 -71.72
C VAL Q 483 -48.18 54.94 -71.33
N LYS Q 484 -47.58 54.92 -70.13
CA LYS Q 484 -46.64 55.97 -69.77
C LYS Q 484 -45.34 55.85 -70.55
N TYR Q 485 -44.85 54.62 -70.73
CA TYR Q 485 -43.61 54.41 -71.46
C TYR Q 485 -43.74 54.87 -72.90
N GLN Q 486 -44.88 54.56 -73.55
CA GLN Q 486 -45.04 54.96 -74.93
C GLN Q 486 -44.99 56.48 -75.09
N LEU Q 487 -45.65 57.21 -74.18
CA LEU Q 487 -45.65 58.67 -74.25
C LEU Q 487 -44.27 59.25 -73.97
N LEU Q 488 -43.55 58.71 -72.98
CA LEU Q 488 -42.22 59.27 -72.71
C LEU Q 488 -41.27 58.97 -73.87
N ARG Q 489 -41.39 57.78 -74.48
CA ARG Q 489 -40.57 57.44 -75.63
C ARG Q 489 -40.89 58.33 -76.82
N SER Q 490 -42.18 58.65 -77.02
CA SER Q 490 -42.54 59.59 -78.07
C SER Q 490 -42.05 60.99 -77.78
N LYS Q 491 -42.01 61.38 -76.50
CA LYS Q 491 -41.51 62.70 -76.14
C LYS Q 491 -40.02 62.83 -76.41
N ILE Q 492 -39.24 61.84 -75.99
CA ILE Q 492 -37.78 61.93 -76.17
C ILE Q 492 -37.42 61.80 -77.65
N ASP Q 493 -38.11 60.96 -78.40
CA ASP Q 493 -37.81 60.75 -79.81
C ASP Q 493 -39.10 60.72 -80.60
N ASN Q 494 -39.09 61.37 -81.77
CA ASN Q 494 -40.29 61.51 -82.59
C ASN Q 494 -40.48 60.36 -83.57
N SER Q 495 -39.64 59.33 -83.52
CA SER Q 495 -39.76 58.21 -84.45
C SER Q 495 -40.98 57.34 -84.18
N ALA Q 496 -41.67 57.54 -83.05
CA ALA Q 496 -42.84 56.74 -82.70
C ALA Q 496 -44.10 57.60 -82.81
N ASP Q 497 -45.10 57.08 -83.51
CA ASP Q 497 -46.36 57.79 -83.67
C ASP Q 497 -47.22 57.67 -82.42
N ILE Q 498 -48.06 58.67 -82.19
CA ILE Q 498 -48.95 58.65 -81.04
C ILE Q 498 -50.11 57.68 -81.25
N LYS Q 499 -50.39 57.30 -82.50
CA LYS Q 499 -51.46 56.34 -82.77
C LYS Q 499 -51.15 54.95 -82.21
N GLN Q 500 -49.88 54.67 -81.90
CA GLN Q 500 -49.52 53.39 -81.33
C GLN Q 500 -50.05 53.20 -79.91
N VAL Q 501 -50.51 54.27 -79.27
CA VAL Q 501 -51.05 54.19 -77.91
C VAL Q 501 -52.42 54.87 -77.89
N SER Q 502 -52.75 55.59 -78.97
CA SER Q 502 -54.03 56.29 -79.04
C SER Q 502 -55.21 55.33 -79.10
N GLU Q 503 -54.98 54.05 -79.33
CA GLU Q 503 -56.07 53.07 -79.39
C GLU Q 503 -56.67 52.77 -78.02
N ALA Q 504 -56.04 53.24 -76.94
CA ALA Q 504 -56.56 53.00 -75.59
C ALA Q 504 -57.60 54.01 -75.16
N LEU Q 505 -57.97 54.96 -76.04
CA LEU Q 505 -58.96 55.97 -75.73
C LEU Q 505 -60.40 55.50 -75.99
N LYS Q 506 -60.62 54.19 -76.00
CA LYS Q 506 -61.96 53.66 -76.27
C LYS Q 506 -62.90 54.03 -75.13
N GLU Q 507 -64.15 54.35 -75.49
CA GLU Q 507 -65.12 54.82 -74.51
C GLU Q 507 -65.44 53.76 -73.48
N VAL Q 508 -65.65 52.52 -73.93
CA VAL Q 508 -66.04 51.45 -73.00
C VAL Q 508 -64.91 51.14 -72.02
N THR Q 509 -63.67 51.09 -72.52
CA THR Q 509 -62.53 50.82 -71.64
C THR Q 509 -62.39 51.93 -70.60
N PHE Q 510 -62.52 53.19 -71.03
CA PHE Q 510 -62.39 54.31 -70.11
C PHE Q 510 -63.48 54.28 -69.04
N ILE Q 511 -64.72 54.03 -69.43
CA ILE Q 511 -65.80 54.04 -68.44
C ILE Q 511 -65.66 52.86 -67.49
N LEU Q 512 -65.23 51.70 -67.98
CA LEU Q 512 -65.05 50.55 -67.10
C LEU Q 512 -63.91 50.78 -66.10
N VAL Q 513 -62.78 51.33 -66.56
CA VAL Q 513 -61.67 51.55 -65.64
C VAL Q 513 -62.04 52.63 -64.63
N SER Q 514 -62.77 53.66 -65.06
CA SER Q 514 -63.25 54.67 -64.11
C SER Q 514 -64.20 54.07 -63.09
N SER Q 515 -65.11 53.19 -63.53
CA SER Q 515 -66.02 52.54 -62.59
C SER Q 515 -65.27 51.69 -61.59
N LEU Q 516 -64.25 50.96 -62.05
CA LEU Q 516 -63.43 50.19 -61.12
C LEU Q 516 -62.70 51.09 -60.13
N LEU Q 517 -62.16 52.21 -60.60
CA LEU Q 517 -61.48 53.14 -59.70
C LEU Q 517 -62.42 53.68 -58.64
N ARG Q 518 -63.63 54.05 -59.04
CA ARG Q 518 -64.59 54.60 -58.08
C ARG Q 518 -65.14 53.52 -57.14
N SER Q 519 -65.26 52.28 -57.62
CA SER Q 519 -65.74 51.20 -56.76
C SER Q 519 -64.70 50.82 -55.71
N ALA Q 520 -63.42 50.89 -56.08
CA ALA Q 520 -62.36 50.57 -55.13
C ALA Q 520 -62.30 51.55 -53.96
N TYR Q 521 -62.91 52.74 -54.11
CA TYR Q 521 -62.85 53.74 -53.05
C TYR Q 521 -63.70 53.34 -51.85
N ASP Q 522 -64.92 52.87 -52.09
CA ASP Q 522 -65.86 52.62 -51.00
C ASP Q 522 -65.50 51.39 -50.18
N LEU Q 523 -64.68 50.48 -50.73
CA LEU Q 523 -64.31 49.26 -50.03
C LEU Q 523 -63.01 49.39 -49.24
N LYS Q 524 -62.43 50.60 -49.20
CA LYS Q 524 -61.17 50.86 -48.49
C LYS Q 524 -60.02 50.03 -49.07
N ASN Q 525 -60.12 49.65 -50.34
CA ASN Q 525 -59.04 48.94 -51.03
C ASN Q 525 -58.07 49.99 -51.58
N TRP Q 526 -57.23 50.50 -50.68
CA TRP Q 526 -56.34 51.60 -51.05
C TRP Q 526 -55.32 51.16 -52.09
N THR Q 527 -54.86 49.92 -52.02
CA THR Q 527 -53.92 49.41 -53.03
C THR Q 527 -54.56 49.37 -54.41
N VAL Q 528 -55.80 48.89 -54.50
CA VAL Q 528 -56.49 48.82 -55.78
C VAL Q 528 -56.74 50.23 -56.32
N THR Q 529 -57.05 51.17 -55.43
CA THR Q 529 -57.28 52.55 -55.86
C THR Q 529 -55.99 53.20 -56.36
N HIS Q 530 -54.87 52.93 -55.67
CA HIS Q 530 -53.57 53.40 -56.14
C HIS Q 530 -53.20 52.78 -57.46
N ALA Q 531 -53.65 51.55 -57.71
CA ALA Q 531 -53.52 50.97 -59.05
C ALA Q 531 -54.29 51.77 -60.08
N GLY Q 532 -55.30 52.55 -59.65
CA GLY Q 532 -56.09 53.31 -60.60
C GLY Q 532 -55.60 54.72 -60.83
N MET Q 533 -55.08 55.39 -59.80
CA MET Q 533 -54.57 56.75 -60.04
C MET Q 533 -53.39 56.75 -61.00
N ILE Q 534 -52.55 55.72 -60.96
CA ILE Q 534 -51.41 55.69 -61.86
C ILE Q 534 -51.86 55.65 -63.31
N ALA Q 535 -52.99 55.00 -63.58
CA ALA Q 535 -53.56 55.04 -64.93
C ALA Q 535 -54.27 56.36 -65.20
N PHE Q 536 -54.95 56.91 -64.18
CA PHE Q 536 -55.69 58.14 -64.37
C PHE Q 536 -54.78 59.32 -64.68
N ASN Q 537 -53.56 59.32 -64.14
CA ASN Q 537 -52.58 60.34 -64.51
C ASN Q 537 -52.28 60.29 -66.00
N GLU Q 538 -52.01 59.08 -66.51
CA GLU Q 538 -51.68 58.95 -67.92
C GLU Q 538 -52.88 59.21 -68.81
N LEU Q 539 -54.10 59.02 -68.31
CA LEU Q 539 -55.26 59.41 -69.11
C LEU Q 539 -55.21 60.90 -69.45
N LEU Q 540 -55.02 61.75 -68.44
CA LEU Q 540 -54.90 63.18 -68.70
C LEU Q 540 -53.65 63.50 -69.51
N ASN Q 541 -52.54 62.81 -69.23
CA ASN Q 541 -51.31 63.06 -69.97
C ASN Q 541 -51.48 62.75 -71.46
N LEU Q 542 -52.14 61.64 -71.78
CA LEU Q 542 -52.35 61.26 -73.17
C LEU Q 542 -53.38 62.17 -73.83
N VAL Q 543 -54.38 62.62 -73.07
CA VAL Q 543 -55.32 63.60 -73.62
C VAL Q 543 -54.57 64.87 -74.02
N SER Q 544 -53.68 65.35 -73.15
CA SER Q 544 -52.89 66.53 -73.47
C SER Q 544 -51.99 66.27 -74.68
N ARG Q 545 -51.35 65.10 -74.73
CA ARG Q 545 -50.43 64.80 -75.82
C ARG Q 545 -51.17 64.74 -77.17
N THR Q 546 -52.33 64.10 -77.19
CA THR Q 546 -53.11 63.99 -78.42
C THR Q 546 -53.84 65.28 -78.77
N LYS Q 547 -53.99 66.21 -77.82
CA LYS Q 547 -54.54 67.52 -78.12
C LYS Q 547 -53.47 68.44 -78.73
N ALA Q 548 -52.30 68.50 -78.09
CA ALA Q 548 -51.25 69.38 -78.56
C ALA Q 548 -50.70 68.93 -79.92
N ALA Q 549 -50.50 67.62 -80.10
CA ALA Q 549 -49.88 67.11 -81.31
C ALA Q 549 -50.88 66.90 -82.44
N GLN Q 550 -52.17 67.13 -82.20
CA GLN Q 550 -53.18 66.96 -83.26
C GLN Q 550 -53.04 68.04 -84.32
N ASP Q 556 -61.76 65.45 -81.68
CA ASP Q 556 -62.97 65.35 -80.87
C ASP Q 556 -63.02 64.02 -80.12
N ILE Q 557 -62.12 63.10 -80.49
CA ILE Q 557 -62.07 61.80 -79.82
C ILE Q 557 -61.62 61.97 -78.37
N GLU Q 558 -60.81 63.00 -78.09
CA GLU Q 558 -60.36 63.25 -76.73
C GLU Q 558 -61.43 63.88 -75.85
N PHE Q 559 -62.44 64.50 -76.44
CA PHE Q 559 -63.47 65.17 -75.65
C PHE Q 559 -64.30 64.16 -74.87
N ILE Q 560 -64.75 63.09 -75.53
CA ILE Q 560 -65.61 62.12 -74.86
C ILE Q 560 -64.90 61.46 -73.69
N VAL Q 561 -63.56 61.40 -73.74
CA VAL Q 561 -62.81 60.85 -72.62
C VAL Q 561 -62.56 61.91 -71.54
N SER Q 562 -62.50 63.19 -71.93
CA SER Q 562 -62.13 64.23 -70.98
C SER Q 562 -63.23 65.28 -70.82
N ARG Q 563 -64.48 64.84 -70.70
CA ARG Q 563 -65.58 65.74 -70.34
C ARG Q 563 -66.51 65.19 -69.27
N LEU Q 564 -66.33 63.95 -68.83
CA LEU Q 564 -67.23 63.36 -67.83
C LEU Q 564 -66.87 63.75 -66.40
N PHE Q 565 -65.74 64.42 -66.19
CA PHE Q 565 -65.34 64.84 -64.84
C PHE Q 565 -65.85 66.25 -64.52
N SER Q 566 -67.15 66.46 -64.72
CA SER Q 566 -67.75 67.77 -64.48
C SER Q 566 -68.22 67.91 -63.04
N ASP Q 567 -69.13 67.03 -62.60
CA ASP Q 567 -69.66 67.10 -61.24
C ASP Q 567 -69.54 65.79 -60.48
N GLU Q 568 -69.68 64.64 -61.15
CA GLU Q 568 -69.64 63.37 -60.43
C GLU Q 568 -68.22 63.02 -60.01
N ARG Q 569 -67.23 63.33 -60.84
CA ARG Q 569 -65.86 62.92 -60.58
C ARG Q 569 -65.05 63.97 -59.83
N ILE Q 570 -65.56 65.20 -59.70
CA ILE Q 570 -64.81 66.23 -58.99
C ILE Q 570 -64.69 65.89 -57.50
N GLN Q 571 -65.71 65.27 -56.92
CA GLN Q 571 -65.66 64.91 -55.50
C GLN Q 571 -64.58 63.86 -55.25
N LEU Q 572 -64.48 62.85 -56.12
CA LEU Q 572 -63.50 61.78 -55.92
C LEU Q 572 -62.08 62.31 -56.02
N LEU Q 573 -61.81 63.18 -56.98
CA LEU Q 573 -60.46 63.70 -57.16
C LEU Q 573 -60.09 64.74 -56.10
N SER Q 574 -61.08 65.43 -55.53
CA SER Q 574 -60.82 66.46 -54.52
C SER Q 574 -60.91 65.93 -53.09
N ASN Q 575 -61.22 64.65 -52.89
CA ASN Q 575 -61.32 64.07 -51.57
C ASN Q 575 -60.11 63.23 -51.20
N LEU Q 576 -59.52 62.54 -52.18
CA LEU Q 576 -58.37 61.67 -51.90
C LEU Q 576 -57.17 62.42 -51.33
N PRO Q 577 -56.76 63.58 -51.85
CA PRO Q 577 -55.64 64.30 -51.20
C PRO Q 577 -55.91 64.65 -49.76
N LYS Q 578 -57.17 64.91 -49.40
CA LYS Q 578 -57.49 65.32 -48.03
C LYS Q 578 -57.47 64.16 -47.05
N ILE Q 579 -57.51 62.92 -47.53
CA ILE Q 579 -57.59 61.76 -46.65
C ILE Q 579 -56.38 60.83 -46.75
N GLY Q 580 -55.71 60.75 -47.90
CA GLY Q 580 -54.62 59.83 -48.10
C GLY Q 580 -53.29 60.28 -47.54
N SER Q 581 -53.23 61.43 -46.87
CA SER Q 581 -51.99 61.91 -46.27
C SER Q 581 -51.51 61.03 -45.13
N LYS Q 582 -52.36 60.13 -44.62
CA LYS Q 582 -52.01 59.24 -43.52
C LYS Q 582 -51.65 57.83 -44.00
N TYR Q 583 -51.03 57.72 -45.17
CA TYR Q 583 -50.74 56.43 -45.77
C TYR Q 583 -49.35 56.50 -46.40
N SER Q 584 -49.04 55.54 -47.26
CA SER Q 584 -47.71 55.41 -47.84
C SER Q 584 -47.37 56.65 -48.68
N LEU Q 585 -46.07 56.78 -48.97
CA LEU Q 585 -45.59 57.95 -49.72
C LEU Q 585 -46.14 57.98 -51.13
N GLN Q 586 -46.21 56.82 -51.80
CA GLN Q 586 -46.63 56.79 -53.19
C GLN Q 586 -48.11 57.14 -53.34
N PHE Q 587 -48.93 56.79 -52.35
CA PHE Q 587 -50.33 57.19 -52.37
C PHE Q 587 -50.45 58.72 -52.37
N MET Q 588 -49.64 59.39 -51.57
CA MET Q 588 -49.61 60.84 -51.57
C MET Q 588 -49.03 61.38 -52.88
N LYS Q 589 -48.04 60.68 -53.44
CA LYS Q 589 -47.43 61.15 -54.68
C LYS Q 589 -48.40 61.09 -55.85
N SER Q 590 -49.34 60.13 -55.84
CA SER Q 590 -50.27 60.00 -56.94
C SER Q 590 -51.17 61.24 -57.07
N CYS Q 591 -51.67 61.76 -55.95
CA CYS Q 591 -52.64 62.84 -56.02
C CYS Q 591 -52.01 64.15 -56.48
N ILE Q 592 -50.75 64.41 -56.10
CA ILE Q 592 -50.12 65.64 -56.56
C ILE Q 592 -49.92 65.60 -58.07
N GLU Q 593 -49.55 64.45 -58.64
CA GLU Q 593 -49.48 64.32 -60.08
C GLU Q 593 -50.85 64.48 -60.72
N LEU Q 594 -51.90 63.93 -60.10
CA LEU Q 594 -53.25 64.09 -60.61
C LEU Q 594 -53.63 65.57 -60.70
N THR Q 595 -53.41 66.32 -59.62
CA THR Q 595 -53.74 67.74 -59.62
C THR Q 595 -52.89 68.51 -60.62
N HIS Q 596 -51.59 68.20 -60.71
CA HIS Q 596 -50.73 68.91 -61.65
C HIS Q 596 -51.16 68.67 -63.09
N SER Q 597 -51.52 67.42 -63.42
CA SER Q 597 -51.98 67.13 -64.78
C SER Q 597 -53.32 67.81 -65.07
N VAL Q 598 -54.26 67.77 -64.12
CA VAL Q 598 -55.58 68.32 -64.37
C VAL Q 598 -55.52 69.84 -64.45
N LEU Q 599 -54.58 70.47 -63.75
CA LEU Q 599 -54.46 71.92 -63.83
C LEU Q 599 -53.84 72.39 -65.14
N LYS Q 600 -53.17 71.49 -65.87
CA LYS Q 600 -52.54 71.83 -67.14
C LYS Q 600 -53.35 71.40 -68.35
N VAL Q 601 -54.13 70.32 -68.25
CA VAL Q 601 -54.92 69.90 -69.40
C VAL Q 601 -56.02 70.92 -69.70
N LEU Q 602 -56.58 71.54 -68.67
CA LEU Q 602 -57.68 72.48 -68.86
C LEU Q 602 -57.21 73.91 -69.10
N GLU Q 603 -55.90 74.18 -68.99
CA GLU Q 603 -55.40 75.54 -69.17
C GLU Q 603 -55.55 76.02 -70.62
N GLN Q 604 -55.65 75.10 -71.57
CA GLN Q 604 -55.77 75.47 -72.98
C GLN Q 604 -57.20 75.81 -73.38
N TYR Q 605 -58.17 75.64 -72.49
CA TYR Q 605 -59.57 75.94 -72.80
C TYR Q 605 -60.24 76.86 -71.79
N SER Q 606 -59.51 77.33 -70.77
CA SER Q 606 -60.08 78.24 -69.79
C SER Q 606 -58.99 79.03 -69.08
N VAL Q 657 -65.25 73.12 -65.66
CA VAL Q 657 -65.54 73.83 -66.89
C VAL Q 657 -64.93 75.23 -66.84
N ASN Q 658 -64.63 75.69 -65.62
CA ASN Q 658 -64.05 77.01 -65.41
C ASN Q 658 -62.74 76.87 -64.65
N PHE Q 659 -61.72 77.60 -65.09
CA PHE Q 659 -60.41 77.54 -64.45
C PHE Q 659 -60.48 78.04 -63.02
N GLN Q 660 -61.20 79.14 -62.79
CA GLN Q 660 -61.32 79.72 -61.45
C GLN Q 660 -62.25 78.93 -60.54
N LYS Q 661 -63.03 77.99 -61.09
CA LYS Q 661 -63.96 77.18 -60.30
C LYS Q 661 -63.37 75.84 -59.88
N VAL Q 662 -62.58 75.21 -60.75
CA VAL Q 662 -61.95 73.94 -60.38
C VAL Q 662 -60.87 74.18 -59.32
N GLN Q 663 -60.16 75.29 -59.40
CA GLN Q 663 -59.13 75.62 -58.42
C GLN Q 663 -59.73 76.00 -57.07
N ALA Q 664 -60.98 76.44 -57.05
CA ALA Q 664 -61.62 76.80 -55.78
C ALA Q 664 -61.74 75.59 -54.86
N ASN Q 665 -62.10 74.43 -55.42
CA ASN Q 665 -62.20 73.21 -54.62
C ASN Q 665 -60.84 72.63 -54.27
N TYR Q 666 -59.76 73.11 -54.89
CA TYR Q 666 -58.42 72.60 -54.57
C TYR Q 666 -57.79 73.34 -53.40
N MET Q 667 -58.13 74.62 -53.21
CA MET Q 667 -57.53 75.44 -52.16
C MET Q 667 -58.24 75.13 -50.84
N THR Q 668 -57.81 74.04 -50.21
CA THR Q 668 -58.37 73.60 -48.94
C THR Q 668 -57.24 73.24 -48.00
N GLU Q 669 -57.47 73.45 -46.70
CA GLU Q 669 -56.39 73.27 -45.73
C GLU Q 669 -55.83 71.85 -45.68
N PRO Q 670 -56.63 70.78 -45.67
CA PRO Q 670 -56.03 69.44 -45.77
C PRO Q 670 -55.22 69.22 -47.05
N VAL Q 671 -55.61 69.86 -48.15
CA VAL Q 671 -54.83 69.74 -49.38
C VAL Q 671 -53.45 70.36 -49.21
N ILE Q 672 -53.39 71.54 -48.58
CA ILE Q 672 -52.10 72.16 -48.29
C ILE Q 672 -51.30 71.30 -47.32
N GLU Q 673 -51.98 70.68 -46.35
CA GLU Q 673 -51.30 69.80 -45.40
C GLU Q 673 -50.67 68.62 -46.11
N THR Q 674 -51.40 67.97 -47.01
CA THR Q 674 -50.86 66.82 -47.72
C THR Q 674 -49.81 67.20 -48.75
N TYR Q 675 -49.84 68.45 -49.25
CA TYR Q 675 -48.75 68.90 -50.11
C TYR Q 675 -47.49 69.18 -49.31
N ILE Q 676 -47.63 69.82 -48.14
CA ILE Q 676 -46.46 70.16 -47.33
C ILE Q 676 -45.90 68.95 -46.61
N ASN Q 677 -46.70 67.89 -46.41
CA ASN Q 677 -46.18 66.69 -45.78
C ASN Q 677 -45.21 65.96 -46.70
N PHE Q 678 -45.32 66.17 -48.01
CA PHE Q 678 -44.36 65.58 -48.94
C PHE Q 678 -43.02 66.31 -48.92
N LEU Q 679 -43.02 67.61 -48.57
CA LEU Q 679 -41.79 68.39 -48.58
C LEU Q 679 -40.85 68.04 -47.44
N GLU Q 680 -41.36 67.42 -46.37
CA GLU Q 680 -40.54 67.08 -45.22
C GLU Q 680 -39.53 65.98 -45.51
N ARG Q 681 -39.64 65.30 -46.65
CA ARG Q 681 -38.74 64.22 -47.03
C ARG Q 681 -37.67 64.69 -48.02
N PHE Q 682 -37.19 65.93 -47.85
CA PHE Q 682 -36.24 66.50 -48.80
C PHE Q 682 -34.95 65.69 -48.92
N ARG Q 683 -34.65 64.85 -47.93
CA ARG Q 683 -33.49 63.97 -48.04
C ARG Q 683 -33.63 62.94 -49.14
N GLU Q 684 -34.84 62.73 -49.67
CA GLU Q 684 -35.05 61.80 -50.78
C GLU Q 684 -35.86 62.38 -51.93
N LEU Q 685 -36.47 63.55 -51.79
CA LEU Q 685 -37.20 64.16 -52.88
C LEU Q 685 -36.26 64.56 -54.02
N GLU Q 686 -36.73 64.38 -55.26
CA GLU Q 686 -35.95 64.68 -56.45
C GLU Q 686 -36.31 66.06 -56.97
N ASP Q 687 -35.73 66.41 -58.11
CA ASP Q 687 -35.96 67.73 -58.69
C ASP Q 687 -37.42 67.91 -59.12
N ASP Q 688 -38.00 66.90 -59.76
CA ASP Q 688 -39.39 67.00 -60.21
C ASP Q 688 -40.37 66.87 -59.05
N SER Q 689 -40.03 66.05 -58.05
CA SER Q 689 -40.91 65.91 -56.88
C SER Q 689 -41.06 67.23 -56.14
N ILE Q 690 -39.96 67.94 -55.92
CA ILE Q 690 -40.06 69.26 -55.31
C ILE Q 690 -40.65 70.26 -56.29
N LYS Q 691 -40.36 70.09 -57.59
CA LYS Q 691 -40.81 71.06 -58.58
C LYS Q 691 -42.33 71.11 -58.66
N LYS Q 692 -42.99 69.95 -58.69
CA LYS Q 692 -44.45 69.93 -58.78
C LYS Q 692 -45.08 70.53 -57.53
N VAL Q 693 -44.57 70.15 -56.35
CA VAL Q 693 -45.14 70.63 -55.10
C VAL Q 693 -44.98 72.15 -54.99
N PHE Q 694 -43.80 72.68 -55.35
CA PHE Q 694 -43.60 74.11 -55.25
C PHE Q 694 -44.37 74.86 -56.33
N SER Q 695 -44.49 74.27 -57.53
CA SER Q 695 -45.18 74.93 -58.62
C SER Q 695 -46.68 75.00 -58.37
N PHE Q 696 -47.21 74.07 -57.57
CA PHE Q 696 -48.62 74.17 -57.21
C PHE Q 696 -48.91 75.47 -56.47
N PHE Q 697 -48.04 75.84 -55.53
CA PHE Q 697 -48.19 77.12 -54.83
C PHE Q 697 -47.75 78.30 -55.69
N HIS Q 698 -46.75 78.10 -56.56
CA HIS Q 698 -46.28 79.19 -57.42
C HIS Q 698 -47.35 79.62 -58.41
N ARG Q 699 -48.08 78.67 -58.98
CA ARG Q 699 -49.08 78.99 -59.99
C ARG Q 699 -50.32 79.65 -59.40
N VAL Q 700 -50.49 79.60 -58.08
CA VAL Q 700 -51.64 80.23 -57.42
C VAL Q 700 -51.23 81.50 -56.69
N PHE Q 701 -49.97 81.94 -56.83
CA PHE Q 701 -49.53 83.15 -56.16
C PHE Q 701 -50.23 84.38 -56.71
N VAL Q 702 -50.38 84.47 -58.03
CA VAL Q 702 -50.97 85.65 -58.66
C VAL Q 702 -52.24 85.28 -59.41
N GLN Q 703 -52.34 84.02 -59.83
CA GLN Q 703 -53.53 83.59 -60.56
C GLN Q 703 -54.72 83.40 -59.63
N ALA Q 704 -54.48 82.87 -58.43
CA ALA Q 704 -55.52 82.64 -57.44
C ALA Q 704 -55.48 83.61 -56.28
N LYS Q 705 -54.28 83.98 -55.82
CA LYS Q 705 -54.10 84.91 -54.69
C LYS Q 705 -54.81 84.38 -53.44
N GLU Q 706 -54.35 83.22 -52.99
CA GLU Q 706 -54.88 82.56 -51.80
C GLU Q 706 -53.75 82.13 -50.89
N GLN Q 707 -52.80 83.05 -50.65
CA GLN Q 707 -51.64 82.76 -49.83
C GLN Q 707 -51.94 82.79 -48.33
N ALA Q 708 -53.14 83.23 -47.92
CA ALA Q 708 -53.44 83.32 -46.50
C ALA Q 708 -53.48 81.95 -45.83
N LEU Q 709 -53.92 80.92 -46.55
CA LEU Q 709 -53.97 79.57 -46.01
C LEU Q 709 -52.60 78.91 -45.98
N LEU Q 710 -51.58 79.58 -46.51
CA LEU Q 710 -50.21 79.07 -46.57
C LEU Q 710 -49.38 79.48 -45.36
N PHE Q 711 -50.00 80.11 -44.35
CA PHE Q 711 -49.28 80.77 -43.27
C PHE Q 711 -49.04 79.87 -42.06
N ARG Q 712 -48.88 78.56 -42.27
CA ARG Q 712 -48.54 77.66 -41.18
C ARG Q 712 -47.02 77.58 -41.02
N PHE Q 713 -46.57 77.31 -39.79
CA PHE Q 713 -45.15 77.21 -39.51
C PHE Q 713 -44.50 76.01 -40.18
N ASP Q 714 -45.29 75.02 -40.62
CA ASP Q 714 -44.73 73.88 -41.31
C ASP Q 714 -44.03 74.30 -42.58
N LEU Q 715 -44.62 75.21 -43.34
CA LEU Q 715 -43.96 75.66 -44.57
C LEU Q 715 -42.74 76.52 -44.28
N ILE Q 716 -42.77 77.32 -43.21
CA ILE Q 716 -41.62 78.16 -42.91
C ILE Q 716 -40.43 77.31 -42.46
N ILE Q 717 -40.66 76.27 -41.66
CA ILE Q 717 -39.54 75.44 -41.22
C ILE Q 717 -38.97 74.64 -42.39
N LEU Q 718 -39.82 74.18 -43.32
CA LEU Q 718 -39.31 73.53 -44.51
C LEU Q 718 -38.55 74.49 -45.41
N LEU Q 719 -38.97 75.76 -45.46
CA LEU Q 719 -38.18 76.74 -46.21
C LEU Q 719 -36.80 76.92 -45.60
N ARG Q 720 -36.75 77.01 -44.26
CA ARG Q 720 -35.46 77.09 -43.57
C ARG Q 720 -34.59 75.88 -43.90
N GLU Q 721 -35.18 74.69 -43.92
CA GLU Q 721 -34.42 73.50 -44.31
C GLU Q 721 -33.99 73.56 -45.77
N MET Q 722 -34.84 74.09 -46.64
CA MET Q 722 -34.51 74.16 -48.06
C MET Q 722 -33.29 75.01 -48.31
N LEU Q 723 -33.29 76.25 -47.79
CA LEU Q 723 -32.19 77.14 -48.11
C LEU Q 723 -30.92 76.77 -47.36
N SER Q 724 -31.02 76.02 -46.27
CA SER Q 724 -29.83 75.60 -45.55
C SER Q 724 -29.01 74.67 -46.43
N PRO Q 725 -27.67 74.73 -46.35
CA PRO Q 725 -26.84 73.88 -47.21
C PRO Q 725 -27.04 72.39 -46.97
N ASP Q 726 -27.51 72.00 -45.79
CA ASP Q 726 -27.73 70.59 -45.48
C ASP Q 726 -28.89 69.98 -46.27
N GLY Q 727 -29.69 70.82 -46.93
CA GLY Q 727 -30.84 70.33 -47.69
C GLY Q 727 -30.55 70.16 -49.16
N LEU Q 728 -31.07 71.06 -49.98
CA LEU Q 728 -30.89 70.97 -51.42
C LEU Q 728 -29.45 71.25 -51.82
N ASP Q 729 -29.08 70.71 -52.98
CA ASP Q 729 -27.72 70.87 -53.48
C ASP Q 729 -27.46 72.32 -53.90
N ARG Q 730 -26.23 72.78 -53.64
CA ARG Q 730 -25.84 74.13 -54.03
C ARG Q 730 -25.56 74.23 -55.53
N MET Q 731 -24.96 73.20 -56.11
CA MET Q 731 -24.59 73.21 -57.53
C MET Q 731 -25.75 72.88 -58.45
N SER Q 732 -26.85 72.35 -57.91
CA SER Q 732 -27.98 71.91 -58.73
C SER Q 732 -28.78 73.12 -59.20
N ARG Q 733 -29.93 72.85 -59.83
CA ARG Q 733 -30.79 73.90 -60.36
C ARG Q 733 -32.16 73.83 -59.69
N SER Q 734 -32.16 73.73 -58.36
CA SER Q 734 -33.40 73.66 -57.59
C SER Q 734 -33.48 74.75 -56.52
N ARG Q 735 -32.36 75.08 -55.88
CA ARG Q 735 -32.40 76.00 -54.75
C ARG Q 735 -32.35 77.46 -55.16
N LYS Q 736 -32.05 77.77 -56.42
CA LYS Q 736 -31.92 79.17 -56.83
C LYS Q 736 -33.28 79.84 -56.96
N TYR Q 737 -34.13 79.31 -57.84
CA TYR Q 737 -35.48 79.86 -57.98
C TYR Q 737 -36.28 79.70 -56.70
N VAL Q 738 -36.08 78.60 -55.97
CA VAL Q 738 -36.75 78.43 -54.69
C VAL Q 738 -36.29 79.49 -53.70
N SER Q 739 -34.99 79.81 -53.68
CA SER Q 739 -34.49 80.85 -52.79
C SER Q 739 -35.06 82.21 -53.15
N GLN Q 740 -35.14 82.54 -54.44
CA GLN Q 740 -35.73 83.82 -54.83
C GLN Q 740 -37.21 83.89 -54.48
N PHE Q 741 -37.94 82.80 -54.72
CA PHE Q 741 -39.36 82.78 -54.39
C PHE Q 741 -39.58 82.84 -52.89
N SER Q 742 -38.66 82.27 -52.10
CA SER Q 742 -38.74 82.40 -50.65
C SER Q 742 -38.38 83.81 -50.20
N ASP Q 743 -37.48 84.48 -50.93
CA ASP Q 743 -37.21 85.89 -50.65
C ASP Q 743 -38.45 86.73 -50.83
N TYR Q 744 -39.21 86.47 -51.90
CA TYR Q 744 -40.50 87.14 -52.07
C TYR Q 744 -41.53 86.69 -51.03
N PHE Q 745 -41.50 85.41 -50.64
CA PHE Q 745 -42.40 84.90 -49.62
C PHE Q 745 -42.20 85.65 -48.31
N LEU Q 746 -40.94 85.89 -47.92
CA LEU Q 746 -40.67 86.63 -46.69
C LEU Q 746 -41.17 88.06 -46.77
N ALA Q 747 -41.04 88.71 -47.94
CA ALA Q 747 -41.59 90.04 -48.09
C ALA Q 747 -43.11 90.04 -47.91
N ARG Q 748 -43.78 89.06 -48.52
CA ARG Q 748 -45.22 88.93 -48.33
C ARG Q 748 -45.58 88.69 -46.87
N LEU Q 749 -44.83 87.82 -46.20
CA LEU Q 749 -45.08 87.55 -44.79
C LEU Q 749 -44.92 88.80 -43.94
N LYS Q 750 -43.84 89.56 -44.18
CA LYS Q 750 -43.61 90.78 -43.41
C LYS Q 750 -44.73 91.79 -43.66
N LYS Q 751 -45.14 91.97 -44.92
CA LYS Q 751 -46.19 92.93 -45.23
C LYS Q 751 -47.51 92.53 -44.58
N ARG Q 752 -47.84 91.24 -44.59
CA ARG Q 752 -49.13 90.81 -44.04
C ARG Q 752 -49.11 90.80 -42.51
N LEU Q 753 -47.95 90.50 -41.90
CA LEU Q 753 -47.87 90.48 -40.45
C LEU Q 753 -47.80 91.88 -39.85
N LYS Q 754 -47.20 92.84 -40.57
CA LYS Q 754 -47.04 94.18 -40.02
C LYS Q 754 -48.38 94.88 -39.86
N LYS Q 755 -49.40 94.46 -40.61
CA LYS Q 755 -50.70 95.13 -40.60
C LYS Q 755 -51.71 94.49 -39.65
N SER Q 756 -51.32 93.49 -38.88
CA SER Q 756 -52.24 92.83 -37.94
C SER Q 756 -51.43 92.28 -36.78
N PRO Q 757 -51.44 92.97 -35.63
CA PRO Q 757 -50.71 92.45 -34.46
C PRO Q 757 -51.20 91.09 -33.98
N ALA Q 758 -52.51 90.82 -34.07
CA ALA Q 758 -53.01 89.51 -33.66
C ALA Q 758 -52.58 88.40 -34.60
N TRP Q 759 -52.29 88.73 -35.86
CA TRP Q 759 -51.80 87.75 -36.81
C TRP Q 759 -50.41 87.23 -36.45
N PHE Q 760 -49.70 87.91 -35.55
CA PHE Q 760 -48.41 87.40 -35.08
C PHE Q 760 -48.56 86.06 -34.40
N VAL Q 761 -49.60 85.92 -33.57
CA VAL Q 761 -49.87 84.64 -32.92
C VAL Q 761 -50.93 83.83 -33.65
N GLY Q 762 -51.73 84.46 -34.51
CA GLY Q 762 -52.65 83.69 -35.34
C GLY Q 762 -51.98 82.90 -36.43
N LEU Q 763 -50.70 83.21 -36.71
CA LEU Q 763 -49.95 82.47 -37.72
C LEU Q 763 -49.72 81.02 -37.28
N LEU Q 764 -49.67 80.76 -35.98
CA LEU Q 764 -49.47 79.40 -35.46
C LEU Q 764 -50.78 78.64 -35.36
N PHE Q 765 -51.82 79.27 -34.82
CA PHE Q 765 -53.09 78.60 -34.64
C PHE Q 765 -53.78 78.37 -35.99
N PRO Q 766 -54.56 77.30 -36.11
CA PRO Q 766 -55.28 77.03 -37.37
C PRO Q 766 -56.38 78.06 -37.59
N PRO Q 767 -56.81 78.24 -38.83
CA PRO Q 767 -57.85 79.24 -39.11
C PRO Q 767 -59.16 78.93 -38.39
N LEU Q 768 -60.04 79.92 -38.41
CA LEU Q 768 -61.30 79.88 -37.66
C LEU Q 768 -62.49 79.77 -38.60
N HIS Q 769 -63.59 79.25 -38.06
CA HIS Q 769 -64.81 79.03 -38.83
C HIS Q 769 -65.83 80.17 -38.68
N ASN Q 770 -65.50 81.22 -37.93
CA ASN Q 770 -66.41 82.34 -37.77
C ASN Q 770 -66.58 83.08 -39.09
N SER Q 771 -67.75 83.69 -39.27
CA SER Q 771 -68.10 84.28 -40.55
C SER Q 771 -67.23 85.49 -40.87
N GLU Q 772 -67.26 86.52 -40.02
CA GLU Q 772 -66.58 87.77 -40.34
C GLU Q 772 -65.07 87.59 -40.42
N VAL Q 773 -64.48 86.84 -39.49
CA VAL Q 773 -63.03 86.65 -39.50
C VAL Q 773 -62.58 85.87 -40.72
N GLY Q 774 -63.44 85.01 -41.27
CA GLY Q 774 -63.06 84.22 -42.44
C GLY Q 774 -62.71 85.08 -43.64
N PHE Q 775 -63.35 86.24 -43.77
CA PHE Q 775 -62.98 87.21 -44.79
C PHE Q 775 -62.06 88.30 -44.28
N TYR Q 776 -62.06 88.55 -42.96
CA TYR Q 776 -61.22 89.60 -42.40
C TYR Q 776 -59.74 89.19 -42.40
N GLN Q 777 -59.46 87.92 -42.12
CA GLN Q 777 -58.09 87.44 -42.00
C GLN Q 777 -57.58 86.74 -43.25
N ARG Q 778 -58.41 85.94 -43.91
CA ARG Q 778 -57.99 85.23 -45.11
C ARG Q 778 -57.99 86.10 -46.35
N TYR Q 779 -58.60 87.29 -46.30
CA TYR Q 779 -58.67 88.17 -47.44
C TYR Q 779 -58.33 89.62 -47.13
N GLY Q 780 -58.24 90.01 -45.87
CA GLY Q 780 -57.91 91.38 -45.51
C GLY Q 780 -58.94 92.39 -45.93
N GLU Q 781 -60.23 92.09 -45.72
CA GLU Q 781 -61.33 92.98 -46.07
C GLU Q 781 -61.29 93.38 -47.54
N ARG R 46 -47.52 54.96 -5.14
CA ARG R 46 -48.56 54.14 -5.76
C ARG R 46 -48.64 54.40 -7.26
N LYS R 47 -48.69 55.67 -7.64
CA LYS R 47 -48.77 56.07 -9.04
C LYS R 47 -47.73 57.15 -9.31
N ARG R 48 -47.09 57.05 -10.47
CA ARG R 48 -46.10 58.03 -10.88
C ARG R 48 -46.75 59.40 -11.06
N ARG R 49 -45.94 60.43 -10.94
CA ARG R 49 -46.42 61.78 -11.20
C ARG R 49 -46.74 61.92 -12.69
N PRO R 50 -47.97 62.28 -13.07
CA PRO R 50 -48.30 62.36 -14.48
C PRO R 50 -47.49 63.44 -15.19
N GLN R 51 -47.16 63.17 -16.45
CA GLN R 51 -46.42 64.13 -17.25
C GLN R 51 -47.28 65.35 -17.53
N VAL R 52 -46.65 66.54 -17.45
CA VAL R 52 -47.37 67.78 -17.68
C VAL R 52 -47.70 67.91 -19.15
N LYS R 53 -48.98 68.17 -19.44
CA LYS R 53 -49.45 68.37 -20.80
C LYS R 53 -49.82 69.83 -21.01
N LEU R 54 -50.13 70.17 -22.26
CA LEU R 54 -50.47 71.55 -22.62
C LEU R 54 -51.91 71.84 -22.22
N THR R 55 -52.08 72.20 -20.96
CA THR R 55 -53.38 72.61 -20.45
C THR R 55 -53.74 73.99 -20.98
N ALA R 56 -55.04 74.29 -20.96
CA ALA R 56 -55.51 75.58 -21.45
C ALA R 56 -54.97 76.73 -20.62
N GLU R 57 -54.88 76.55 -19.30
CA GLU R 57 -54.36 77.60 -18.43
C GLU R 57 -52.90 77.90 -18.73
N LYS R 58 -52.11 76.87 -19.04
CA LYS R 58 -50.70 77.07 -19.32
C LYS R 58 -50.48 77.91 -20.58
N LEU R 59 -51.42 77.88 -21.52
CA LEU R 59 -51.26 78.64 -22.74
C LEU R 59 -51.24 80.15 -22.50
N LEU R 60 -51.80 80.61 -21.39
CA LEU R 60 -51.85 82.03 -21.06
C LEU R 60 -50.84 82.41 -19.98
N SER R 61 -49.65 81.81 -20.02
CA SER R 61 -48.63 82.10 -19.01
C SER R 61 -48.11 83.52 -19.16
N ASP R 62 -47.40 83.98 -18.13
CA ASP R 62 -46.85 85.33 -18.14
C ASP R 62 -45.83 85.50 -19.26
N LYS R 63 -45.00 84.49 -19.48
CA LYS R 63 -44.04 84.49 -20.58
C LYS R 63 -44.64 83.84 -21.83
N GLY R 64 -45.83 84.31 -22.20
CA GLY R 64 -46.57 83.72 -23.30
C GLY R 64 -47.16 84.76 -24.24
N LEU R 65 -48.47 84.72 -24.43
CA LEU R 65 -49.15 85.63 -25.35
C LEU R 65 -48.86 87.11 -25.07
N PRO R 66 -48.98 87.62 -23.84
CA PRO R 66 -48.61 89.03 -23.62
C PRO R 66 -47.18 89.34 -24.00
N TYR R 67 -46.25 88.42 -23.71
CA TYR R 67 -44.83 88.66 -23.99
C TYR R 67 -44.58 88.78 -25.48
N VAL R 68 -45.11 87.85 -26.27
CA VAL R 68 -44.89 87.90 -27.71
C VAL R 68 -45.63 89.08 -28.33
N LEU R 69 -46.84 89.38 -27.86
CA LEU R 69 -47.56 90.53 -28.38
C LEU R 69 -46.82 91.83 -28.07
N LYS R 70 -46.13 91.90 -26.94
CA LYS R 70 -45.36 93.09 -26.61
C LYS R 70 -44.08 93.17 -27.44
N ASN R 71 -43.38 92.05 -27.62
CA ASN R 71 -42.05 92.08 -28.22
C ASN R 71 -42.05 91.81 -29.72
N ALA R 72 -43.21 91.65 -30.34
CA ALA R 72 -43.24 91.42 -31.79
C ALA R 72 -42.65 92.61 -32.55
N HIS R 73 -42.96 93.83 -32.12
CA HIS R 73 -42.53 95.03 -32.82
C HIS R 73 -41.19 95.57 -32.33
N LYS R 74 -40.56 94.92 -31.34
CA LYS R 74 -39.27 95.38 -30.85
C LYS R 74 -38.28 94.26 -30.60
N ARG R 75 -38.49 93.06 -31.15
CA ARG R 75 -37.57 91.96 -30.98
C ARG R 75 -36.83 91.58 -32.25
N ILE R 76 -37.54 91.35 -33.35
CA ILE R 76 -36.95 90.84 -34.58
C ILE R 76 -36.77 91.99 -35.56
N ARG R 77 -35.58 92.08 -36.14
CA ARG R 77 -35.30 93.03 -37.22
C ARG R 77 -35.45 92.34 -38.57
N ILE R 78 -35.88 93.10 -39.57
CA ILE R 78 -36.14 92.57 -40.90
C ILE R 78 -35.37 93.39 -41.92
N SER R 79 -34.76 92.71 -42.88
CA SER R 79 -34.02 93.37 -43.95
C SER R 79 -33.93 92.41 -45.13
N SER R 80 -34.54 92.79 -46.26
CA SER R 80 -34.54 91.93 -47.43
C SER R 80 -33.16 91.80 -48.07
N LYS R 81 -32.23 92.71 -47.76
CA LYS R 81 -30.89 92.61 -48.30
C LYS R 81 -30.18 91.36 -47.78
N LYS R 82 -30.38 91.03 -46.51
CA LYS R 82 -29.78 89.84 -45.94
C LYS R 82 -30.41 88.57 -46.52
N ASN R 83 -29.70 87.47 -46.40
CA ASN R 83 -30.20 86.19 -46.89
C ASN R 83 -31.47 85.80 -46.15
N SER R 84 -32.40 85.19 -46.89
CA SER R 84 -33.70 84.86 -46.30
C SER R 84 -33.58 83.83 -45.18
N TYR R 85 -32.55 82.98 -45.23
CA TYR R 85 -32.39 81.97 -44.20
C TYR R 85 -32.17 82.61 -42.83
N ASP R 86 -31.36 83.68 -42.78
CA ASP R 86 -31.13 84.36 -41.51
C ASP R 86 -32.42 84.97 -40.97
N ASN R 87 -33.22 85.59 -41.84
CA ASN R 87 -34.47 86.17 -41.40
C ASN R 87 -35.43 85.09 -40.89
N LEU R 88 -35.52 83.97 -41.61
CA LEU R 88 -36.40 82.89 -41.18
C LEU R 88 -35.95 82.30 -39.84
N SER R 89 -34.63 82.13 -39.67
CA SER R 89 -34.12 81.61 -38.41
C SER R 89 -34.38 82.58 -37.26
N ASN R 90 -34.22 83.88 -37.51
CA ASN R 90 -34.52 84.87 -36.48
C ASN R 90 -35.99 84.86 -36.11
N ILE R 91 -36.86 84.70 -37.12
CA ILE R 91 -38.30 84.64 -36.85
C ILE R 91 -38.65 83.42 -36.02
N ILE R 92 -38.10 82.26 -36.39
CA ILE R 92 -38.40 81.04 -35.65
C ILE R 92 -37.73 81.01 -34.28
N GLN R 93 -36.70 81.85 -34.08
CA GLN R 93 -36.03 81.93 -32.79
C GLN R 93 -36.99 82.35 -31.69
N PHE R 94 -37.83 83.34 -31.98
CA PHE R 94 -38.76 83.85 -30.97
C PHE R 94 -39.74 82.75 -30.53
N TYR R 95 -40.32 82.04 -31.51
CA TYR R 95 -41.27 80.99 -31.17
C TYR R 95 -40.56 79.83 -30.45
N GLN R 96 -39.34 79.49 -30.87
CA GLN R 96 -38.62 78.41 -30.22
C GLN R 96 -38.31 78.74 -28.76
N LEU R 97 -37.84 79.96 -28.50
CA LEU R 97 -37.57 80.35 -27.11
C LEU R 97 -38.86 80.43 -26.30
N TRP R 98 -39.94 80.92 -26.91
CA TRP R 98 -41.21 80.95 -26.20
C TRP R 98 -41.65 79.55 -25.82
N ALA R 99 -41.52 78.60 -26.74
CA ALA R 99 -41.91 77.22 -26.46
C ALA R 99 -41.01 76.61 -25.38
N HIS R 100 -39.71 76.85 -25.46
CA HIS R 100 -38.79 76.24 -24.48
C HIS R 100 -39.02 76.80 -23.08
N GLU R 101 -39.04 78.13 -22.94
CA GLU R 101 -39.29 78.72 -21.63
C GLU R 101 -40.74 78.58 -21.18
N LEU R 102 -41.64 78.13 -22.06
CA LEU R 102 -43.00 77.79 -21.67
C LEU R 102 -43.22 76.29 -21.52
N PHE R 103 -42.43 75.48 -22.23
CA PHE R 103 -42.58 74.02 -22.17
C PHE R 103 -41.25 73.39 -22.59
N PRO R 104 -40.32 73.26 -21.65
CA PRO R 104 -39.01 72.67 -21.97
C PRO R 104 -39.03 71.15 -22.12
N LYS R 105 -40.16 70.49 -21.85
CA LYS R 105 -40.21 69.04 -21.96
C LYS R 105 -40.25 68.60 -23.42
N ALA R 106 -41.26 69.04 -24.16
CA ALA R 106 -41.40 68.65 -25.56
C ALA R 106 -40.46 69.45 -26.44
N LYS R 107 -40.22 68.91 -27.64
CA LYS R 107 -39.35 69.54 -28.62
C LYS R 107 -40.15 70.56 -29.42
N PHE R 108 -39.56 71.06 -30.52
CA PHE R 108 -40.22 72.06 -31.34
C PHE R 108 -41.40 71.46 -32.11
N LYS R 109 -41.12 70.49 -32.98
CA LYS R 109 -42.13 69.98 -33.89
C LYS R 109 -43.30 69.35 -33.14
N ASP R 110 -42.99 68.58 -32.09
CA ASP R 110 -44.05 67.98 -31.29
C ASP R 110 -44.93 69.05 -30.64
N PHE R 111 -44.30 70.11 -30.12
CA PHE R 111 -45.07 71.18 -29.49
C PHE R 111 -46.00 71.86 -30.49
N MET R 112 -45.48 72.18 -31.68
CA MET R 112 -46.33 72.83 -32.68
C MET R 112 -47.43 71.91 -33.18
N LYS R 113 -47.14 70.61 -33.34
CA LYS R 113 -48.19 69.69 -33.75
C LYS R 113 -49.28 69.58 -32.71
N ILE R 114 -48.90 69.51 -31.43
CA ILE R 114 -49.90 69.43 -30.35
C ILE R 114 -50.71 70.71 -30.30
N CYS R 115 -50.05 71.86 -30.45
CA CYS R 115 -50.76 73.13 -30.44
C CYS R 115 -51.75 73.23 -31.60
N GLN R 116 -51.33 72.79 -32.79
CA GLN R 116 -52.23 72.80 -33.93
C GLN R 116 -53.43 71.89 -33.71
N THR R 117 -53.20 70.70 -33.16
CA THR R 117 -54.30 69.79 -32.88
C THR R 117 -55.26 70.39 -31.85
N VAL R 118 -54.71 71.04 -30.82
CA VAL R 118 -55.55 71.66 -29.80
C VAL R 118 -56.38 72.80 -30.41
N GLY R 119 -55.75 73.62 -31.26
CA GLY R 119 -56.48 74.70 -31.90
C GLY R 119 -57.58 74.20 -32.81
N LYS R 120 -57.31 73.11 -33.54
CA LYS R 120 -58.33 72.54 -34.41
C LYS R 120 -59.44 71.86 -33.60
N THR R 121 -59.12 71.39 -32.39
CA THR R 121 -60.08 70.65 -31.57
C THR R 121 -60.73 71.54 -30.51
N ASP R 122 -59.93 72.18 -29.66
CA ASP R 122 -60.48 72.95 -28.55
C ASP R 122 -61.04 74.28 -29.06
N PRO R 123 -62.32 74.58 -28.83
CA PRO R 123 -62.89 75.83 -29.35
C PRO R 123 -62.58 77.06 -28.49
N VAL R 124 -62.01 76.89 -27.30
CA VAL R 124 -61.70 78.05 -26.47
C VAL R 124 -60.61 78.90 -27.12
N LEU R 125 -59.64 78.27 -27.76
CA LEU R 125 -58.61 79.01 -28.48
C LEU R 125 -59.22 79.82 -29.61
N ARG R 126 -60.16 79.22 -30.36
CA ARG R 126 -60.85 79.96 -31.41
C ARG R 126 -61.66 81.11 -30.84
N GLU R 127 -62.31 80.91 -29.70
CA GLU R 127 -63.05 82.00 -29.07
C GLU R 127 -62.14 83.14 -28.67
N TYR R 128 -60.97 82.81 -28.10
CA TYR R 128 -60.02 83.86 -27.72
C TYR R 128 -59.53 84.61 -28.95
N ARG R 129 -59.22 83.88 -30.03
CA ARG R 129 -58.76 84.53 -31.26
C ARG R 129 -59.84 85.43 -31.83
N VAL R 130 -61.10 84.99 -31.77
CA VAL R 130 -62.21 85.82 -32.23
C VAL R 130 -62.32 87.08 -31.37
N SER R 131 -62.15 86.94 -30.06
CA SER R 131 -62.23 88.10 -29.18
C SER R 131 -61.14 89.12 -29.49
N LEU R 132 -59.91 88.66 -29.68
CA LEU R 132 -58.83 89.58 -30.04
C LEU R 132 -59.06 90.20 -31.42
N PHE R 133 -59.59 89.43 -32.37
CA PHE R 133 -59.92 90.00 -33.67
C PHE R 133 -60.98 91.09 -33.56
N ARG R 134 -62.00 90.86 -32.74
CA ARG R 134 -63.03 91.87 -32.53
C ARG R 134 -62.44 93.11 -31.88
N ASP R 135 -61.55 92.93 -30.90
CA ASP R 135 -60.91 94.08 -30.27
C ASP R 135 -60.07 94.87 -31.26
N GLU R 136 -59.34 94.17 -32.13
CA GLU R 136 -58.51 94.86 -33.13
C GLU R 136 -59.36 95.53 -34.20
N MET R 137 -60.56 95.01 -34.47
CA MET R 137 -61.42 95.59 -35.49
C MET R 137 -61.88 97.00 -35.12
N GLY R 138 -61.86 97.36 -33.83
CA GLY R 138 -62.33 98.66 -33.42
C GLY R 138 -61.54 99.81 -34.02
N MET R 139 -60.22 99.63 -34.15
CA MET R 139 -59.37 100.65 -34.72
C MET R 139 -59.64 100.81 -36.21
N TYR S 1317 105.25 -53.98 25.59
CA TYR S 1317 104.57 -52.69 25.51
C TYR S 1317 105.38 -51.70 24.68
N ALA S 1318 106.57 -52.12 24.25
CA ALA S 1318 107.44 -51.28 23.45
C ALA S 1318 107.00 -51.35 22.00
N ASN S 1319 106.44 -50.26 21.48
CA ASN S 1319 105.88 -50.21 20.13
C ASN S 1319 104.89 -51.34 19.92
N SER S 1320 104.04 -51.58 20.92
CA SER S 1320 103.09 -52.68 20.92
C SER S 1320 101.67 -52.14 20.90
N THR S 1321 100.85 -52.69 20.02
CA THR S 1321 99.44 -52.31 19.92
C THR S 1321 98.61 -53.22 20.82
N TRP S 1322 97.69 -52.64 21.57
CA TRP S 1322 96.76 -53.46 22.34
C TRP S 1322 95.75 -54.09 21.40
N GLU S 1323 95.60 -55.41 21.49
CA GLU S 1323 94.66 -56.11 20.61
C GLU S 1323 93.22 -55.77 20.98
N VAL S 1324 92.89 -55.85 22.27
CA VAL S 1324 91.57 -55.50 22.77
C VAL S 1324 91.74 -54.58 23.97
N LEU S 1325 90.95 -53.51 24.02
CA LEU S 1325 90.96 -52.55 25.11
C LEU S 1325 89.77 -52.75 26.04
N GLN S 1326 89.43 -54.00 26.33
CA GLN S 1326 88.20 -54.32 27.03
C GLN S 1326 88.12 -53.59 28.37
N TYR S 1327 86.91 -53.17 28.72
CA TYR S 1327 86.67 -52.32 29.90
C TYR S 1327 86.80 -53.17 31.16
N LYS S 1328 88.04 -53.31 31.63
CA LYS S 1328 88.31 -53.92 32.93
C LYS S 1328 88.29 -52.85 34.02
N ASP S 1329 87.12 -52.22 34.15
CA ASP S 1329 86.99 -51.04 35.00
C ASP S 1329 87.26 -51.39 36.46
N SER S 1330 86.63 -52.45 36.96
CA SER S 1330 86.71 -52.84 38.37
C SER S 1330 86.32 -51.67 39.29
N GLY S 1331 85.43 -50.81 38.79
CA GLY S 1331 85.04 -49.63 39.53
C GLY S 1331 86.01 -48.47 39.42
N GLU S 1332 87.11 -48.61 38.70
CA GLU S 1332 88.13 -47.57 38.60
C GLU S 1332 88.03 -46.88 37.25
N PRO S 1333 87.79 -45.57 37.21
CA PRO S 1333 87.75 -44.82 35.93
C PRO S 1333 89.14 -44.59 35.37
N GLY S 1334 89.65 -45.59 34.66
CA GLY S 1334 90.98 -45.49 34.08
C GLY S 1334 91.71 -46.82 34.06
N VAL S 1335 91.29 -47.75 34.91
CA VAL S 1335 91.86 -49.09 34.92
C VAL S 1335 91.14 -49.93 33.88
N LEU S 1336 91.90 -50.53 32.96
CA LEU S 1336 91.32 -51.34 31.91
C LEU S 1336 92.39 -52.26 31.35
N GLU S 1337 91.94 -53.33 30.70
CA GLU S 1337 92.85 -54.32 30.14
C GLU S 1337 93.55 -53.77 28.90
N VAL S 1338 94.84 -54.06 28.78
CA VAL S 1338 95.65 -53.67 27.63
C VAL S 1338 96.46 -54.89 27.22
N PHE S 1339 96.03 -55.58 26.16
CA PHE S 1339 96.73 -56.75 25.66
C PHE S 1339 97.68 -56.33 24.53
N VAL S 1340 98.70 -55.56 24.93
CA VAL S 1340 99.67 -55.07 23.98
C VAL S 1340 100.49 -56.22 23.43
N THR S 1341 100.69 -56.25 22.11
CA THR S 1341 101.45 -57.30 21.46
C THR S 1341 102.93 -57.01 21.62
N ILE S 1342 103.50 -57.48 22.74
CA ILE S 1342 104.91 -57.29 23.03
C ILE S 1342 105.74 -58.05 22.02
N ASN S 1343 107.05 -57.76 21.98
CA ASN S 1343 107.92 -58.39 20.98
C ASN S 1343 107.88 -59.90 21.09
N GLY S 1344 107.90 -60.44 22.31
CA GLY S 1344 107.80 -61.86 22.50
C GLY S 1344 106.39 -62.38 22.27
N LYS S 1345 105.45 -61.95 23.10
CA LYS S 1345 104.06 -62.39 22.99
C LYS S 1345 103.18 -61.37 23.71
N VAL S 1346 101.88 -61.46 23.43
CA VAL S 1346 100.93 -60.55 24.06
C VAL S 1346 100.90 -60.79 25.56
N GLN S 1347 100.79 -59.70 26.32
CA GLN S 1347 100.73 -59.76 27.77
C GLN S 1347 99.66 -58.80 28.27
N ASN S 1348 99.02 -59.18 29.37
CA ASN S 1348 98.00 -58.32 29.96
C ASN S 1348 98.64 -57.16 30.70
N ILE S 1349 98.21 -55.94 30.41
CA ILE S 1349 98.73 -54.74 31.02
C ILE S 1349 97.55 -53.90 31.49
N THR S 1350 97.75 -53.15 32.57
CA THR S 1350 96.74 -52.24 33.10
C THR S 1350 97.17 -50.80 32.84
N PHE S 1351 96.19 -49.93 32.62
CA PHE S 1351 96.41 -48.53 32.32
C PHE S 1351 95.72 -47.65 33.36
N HIS S 1352 95.95 -46.34 33.24
CA HIS S 1352 95.32 -45.35 34.09
C HIS S 1352 95.04 -44.10 33.25
N ILE S 1353 93.79 -43.65 33.23
CA ILE S 1353 93.35 -42.59 32.35
C ILE S 1353 92.54 -41.57 33.13
N PRO S 1354 92.98 -40.32 33.24
CA PRO S 1354 92.13 -39.28 33.83
C PRO S 1354 90.96 -38.95 32.91
N LYS S 1355 89.85 -38.53 33.52
CA LYS S 1355 88.64 -38.20 32.78
C LYS S 1355 88.66 -36.72 32.44
N THR S 1356 89.16 -36.40 31.26
CA THR S 1356 89.22 -35.01 30.81
C THR S 1356 87.81 -34.49 30.54
N ILE S 1357 87.55 -33.26 30.98
CA ILE S 1357 86.30 -32.56 30.72
C ILE S 1357 86.63 -31.23 30.06
N TYR S 1358 85.89 -30.88 29.01
CA TYR S 1358 86.19 -29.68 28.25
C TYR S 1358 85.41 -28.47 28.74
N MET S 1359 85.13 -28.39 30.03
CA MET S 1359 84.47 -27.22 30.59
C MET S 1359 85.38 -26.01 30.56
N LYS S 1360 85.25 -25.20 29.52
CA LYS S 1360 86.03 -23.98 29.39
C LYS S 1360 85.53 -22.92 30.36
N PHE S 1361 86.47 -22.25 31.02
CA PHE S 1361 86.13 -21.23 32.02
C PHE S 1361 85.72 -19.95 31.29
N LYS S 1362 84.44 -19.90 30.94
CA LYS S 1362 83.90 -18.80 30.15
C LYS S 1362 83.63 -17.61 31.07
N SER S 1363 84.53 -16.62 31.05
CA SER S 1363 84.36 -15.36 31.77
C SER S 1363 84.19 -15.57 33.27
N GLN S 1364 84.84 -16.59 33.83
CA GLN S 1364 84.77 -16.85 35.27
C GLN S 1364 85.96 -17.70 35.67
N THR S 1365 86.87 -17.11 36.45
CA THR S 1365 88.03 -17.84 36.97
C THR S 1365 87.67 -18.43 38.32
N MET S 1366 87.60 -19.76 38.40
CA MET S 1366 87.24 -20.43 39.63
C MET S 1366 88.49 -21.00 40.28
N PRO S 1367 88.95 -20.46 41.41
CA PRO S 1367 90.19 -20.95 42.00
C PRO S 1367 89.99 -22.13 42.93
N LEU S 1368 88.85 -22.81 42.81
CA LEU S 1368 88.53 -23.91 43.73
C LEU S 1368 89.62 -24.98 43.71
N GLN S 1369 89.96 -25.48 42.51
CA GLN S 1369 91.04 -26.44 42.33
C GLN S 1369 90.87 -27.65 43.25
N LYS S 1370 89.79 -28.39 42.99
CA LYS S 1370 89.43 -29.54 43.81
C LYS S 1370 90.53 -30.59 43.83
N ILE S 1371 90.84 -31.18 42.67
CA ILE S 1371 91.87 -32.20 42.56
C ILE S 1371 92.91 -31.84 41.51
N LYS S 1372 92.48 -31.39 40.33
CA LYS S 1372 93.38 -31.11 39.22
C LYS S 1372 93.19 -29.69 38.74
N ASN S 1373 94.29 -29.07 38.32
CA ASN S 1373 94.24 -27.70 37.82
C ASN S 1373 93.36 -27.60 36.58
N CYS S 1374 92.63 -26.51 36.47
CA CYS S 1374 91.67 -26.29 35.39
C CYS S 1374 92.20 -25.20 34.47
N LEU S 1375 92.30 -25.51 33.18
CA LEU S 1375 92.75 -24.53 32.20
C LEU S 1375 91.69 -23.44 32.02
N ILE S 1376 92.15 -22.22 31.83
CA ILE S 1376 91.24 -21.07 31.70
C ILE S 1376 90.76 -20.97 30.26
N GLU S 1377 89.44 -21.05 30.08
CA GLU S 1377 88.77 -20.83 28.79
C GLU S 1377 89.08 -21.94 27.80
N LYS S 1378 90.02 -22.84 28.17
CA LYS S 1378 90.39 -24.00 27.39
C LYS S 1378 90.97 -23.63 26.02
N SER S 1379 91.01 -22.33 25.72
CA SER S 1379 91.52 -21.82 24.44
C SER S 1379 90.86 -22.53 23.26
N SER S 1380 89.56 -22.80 23.39
CA SER S 1380 88.83 -23.57 22.39
C SER S 1380 87.50 -22.90 22.08
N ALA S 1381 86.82 -23.42 21.06
CA ALA S 1381 85.52 -22.95 20.64
C ALA S 1381 84.48 -24.02 20.93
N SER S 1382 83.35 -23.61 21.51
CA SER S 1382 82.31 -24.55 21.90
C SER S 1382 81.39 -24.83 20.72
N LEU S 1383 80.26 -25.48 20.98
CA LEU S 1383 79.34 -25.90 19.93
C LEU S 1383 78.11 -25.00 19.94
N PRO S 1384 77.89 -24.18 18.92
CA PRO S 1384 76.66 -23.37 18.88
C PRO S 1384 75.43 -24.26 18.80
N ASN S 1385 74.35 -23.80 19.44
CA ASN S 1385 73.11 -24.56 19.49
C ASN S 1385 71.90 -23.65 19.41
N THR S 1401 95.51 -28.66 27.35
CA THR S 1401 94.61 -29.30 26.39
C THR S 1401 93.66 -30.26 27.08
N LEU S 1402 93.60 -30.18 28.41
CA LEU S 1402 92.74 -31.04 29.22
C LEU S 1402 92.38 -30.34 30.52
N PRO S 1403 91.47 -29.37 30.46
CA PRO S 1403 91.00 -28.71 31.68
C PRO S 1403 90.22 -29.68 32.54
N GLU S 1404 90.22 -29.41 33.86
CA GLU S 1404 89.47 -30.21 34.83
C GLU S 1404 89.80 -31.70 34.69
N SER S 1405 91.08 -32.01 34.53
CA SER S 1405 91.50 -33.39 34.30
C SER S 1405 91.40 -34.20 35.59
N VAL S 1406 90.16 -34.41 36.05
CA VAL S 1406 89.94 -35.18 37.31
C VAL S 1406 90.38 -36.64 37.09
N PHE S 1407 89.94 -37.53 37.97
CA PHE S 1407 90.38 -38.95 37.86
C PHE S 1407 89.25 -39.87 38.35
N LEU S 1408 88.39 -39.37 39.24
CA LEU S 1408 87.29 -40.22 39.80
C LEU S 1408 86.05 -39.36 40.05
N GLU S 1409 85.29 -39.05 38.99
CA GLU S 1409 84.11 -38.16 39.14
C GLU S 1409 83.18 -38.72 40.21
N GLU S 1410 83.19 -40.05 40.39
CA GLU S 1410 82.35 -40.68 41.44
C GLU S 1410 82.57 -39.91 42.74
N LYS S 1411 83.74 -39.29 42.90
CA LYS S 1411 84.02 -38.48 44.11
C LYS S 1411 82.72 -37.77 44.50
N GLU S 1412 82.06 -37.11 43.55
CA GLU S 1412 80.77 -36.43 43.84
C GLU S 1412 80.02 -36.18 42.52
N ASN S 1413 78.76 -36.63 42.44
CA ASN S 1413 77.95 -36.35 41.24
C ASN S 1413 77.67 -34.84 41.18
N CYS S 1414 77.35 -34.23 42.33
CA CYS S 1414 77.03 -32.78 42.37
C CYS S 1414 78.26 -31.97 41.96
N THR S 1415 79.45 -32.53 42.16
CA THR S 1415 80.69 -31.85 41.73
C THR S 1415 80.69 -30.40 42.26
N SER S 1416 80.96 -29.44 41.39
CA SER S 1416 81.06 -28.02 41.84
C SER S 1416 79.95 -27.18 41.21
N ILE S 1417 78.72 -27.70 41.18
CA ILE S 1417 77.58 -26.94 40.58
C ILE S 1417 77.54 -25.56 41.20
N PHE S 1418 77.69 -24.51 40.38
CA PHE S 1418 77.69 -23.11 40.88
C PHE S 1418 76.75 -22.28 40.01
N ASN S 1419 76.72 -22.57 38.71
CA ASN S 1419 75.90 -21.79 37.78
C ASN S 1419 76.31 -20.32 37.77
N ASP S 1420 77.58 -20.03 38.05
CA ASP S 1420 78.07 -18.64 38.11
C ASP S 1420 78.86 -18.35 36.84
N GLU S 1421 78.14 -18.00 35.78
CA GLU S 1421 78.73 -17.64 34.49
C GLU S 1421 79.61 -18.76 33.94
N ASN S 1422 78.96 -19.89 33.66
CA ASN S 1422 79.61 -21.04 33.03
C ASN S 1422 80.74 -21.60 33.89
N VAL S 1423 80.40 -21.99 35.12
CA VAL S 1423 81.24 -22.84 35.95
C VAL S 1423 80.36 -24.01 36.38
N LEU S 1424 80.36 -25.08 35.59
CA LEU S 1424 79.42 -26.18 35.68
C LEU S 1424 77.97 -25.73 35.54
N GLY S 1425 77.73 -24.51 35.08
CA GLY S 1425 76.38 -24.09 34.75
C GLY S 1425 75.82 -24.87 33.57
N VAL S 1426 76.63 -25.04 32.54
CA VAL S 1426 76.34 -25.96 31.43
C VAL S 1426 77.53 -26.90 31.31
N PHE S 1427 77.25 -28.20 31.18
CA PHE S 1427 78.33 -29.18 31.18
C PHE S 1427 79.29 -28.97 30.01
N GLU S 1428 78.80 -29.13 28.78
CA GLU S 1428 79.55 -28.83 27.56
C GLU S 1428 80.92 -29.52 27.55
N GLY S 1429 81.04 -30.62 28.28
CA GLY S 1429 82.29 -31.35 28.36
C GLY S 1429 82.29 -32.57 27.46
N THR S 1430 82.83 -33.66 27.97
CA THR S 1430 82.87 -34.92 27.25
C THR S 1430 82.37 -36.05 28.14
N ILE S 1431 81.54 -36.92 27.56
CA ILE S 1431 81.08 -38.11 28.26
C ILE S 1431 81.91 -39.33 27.94
N THR S 1432 82.90 -39.21 27.03
CA THR S 1432 83.73 -40.31 26.57
C THR S 1432 84.33 -41.08 27.73
N PRO S 1433 83.88 -42.30 27.98
CA PRO S 1433 84.47 -43.10 29.07
C PRO S 1433 85.84 -43.63 28.69
N HIS S 1434 86.41 -44.48 29.55
CA HIS S 1434 87.61 -45.18 29.19
C HIS S 1434 87.34 -46.10 28.00
N GLN S 1435 88.42 -46.64 27.42
CA GLN S 1435 88.40 -47.47 26.22
C GLN S 1435 88.09 -46.62 24.99
N ARG S 1436 87.73 -45.36 25.20
CA ARG S 1436 87.39 -44.46 24.11
C ARG S 1436 88.36 -43.29 24.00
N ALA S 1437 88.61 -42.57 25.10
CA ALA S 1437 89.59 -41.49 25.07
C ALA S 1437 90.98 -42.00 24.73
N ILE S 1438 91.26 -43.26 25.06
CA ILE S 1438 92.55 -43.86 24.72
C ILE S 1438 92.71 -43.93 23.21
N MET S 1439 91.71 -44.49 22.53
CA MET S 1439 91.78 -44.58 21.08
C MET S 1439 91.73 -43.20 20.43
N ASP S 1440 90.92 -42.30 20.98
CA ASP S 1440 90.80 -40.96 20.40
C ASP S 1440 92.12 -40.20 20.48
N LEU S 1441 92.81 -40.27 21.62
CA LEU S 1441 94.04 -39.51 21.82
C LEU S 1441 95.28 -40.33 21.52
N GLY S 1442 95.44 -41.47 22.20
CA GLY S 1442 96.63 -42.28 22.00
C GLY S 1442 96.48 -43.19 20.79
N ALA S 1443 97.57 -43.34 20.05
CA ALA S 1443 97.58 -44.25 18.91
C ALA S 1443 97.46 -45.69 19.41
N SER S 1444 96.93 -46.55 18.53
CA SER S 1444 96.80 -47.97 18.89
C SER S 1444 98.15 -48.59 19.19
N VAL S 1445 99.16 -48.28 18.39
CA VAL S 1445 100.53 -48.67 18.70
C VAL S 1445 101.15 -47.62 19.62
N THR S 1446 101.78 -48.09 20.69
CA THR S 1446 102.36 -47.18 21.67
C THR S 1446 103.61 -47.81 22.27
N PHE S 1447 104.51 -46.95 22.75
CA PHE S 1447 105.77 -47.38 23.34
C PHE S 1447 105.97 -46.65 24.65
N ARG S 1448 106.30 -47.39 25.71
CA ARG S 1448 106.56 -46.79 27.01
C ARG S 1448 107.91 -46.09 26.97
N SER S 1449 107.87 -44.75 26.83
CA SER S 1449 109.10 -43.96 26.73
C SER S 1449 109.73 -43.75 28.10
N LYS S 1450 110.12 -44.88 28.72
CA LYS S 1450 110.69 -44.86 30.06
C LYS S 1450 111.73 -45.97 30.15
N ALA S 1451 112.58 -45.85 31.17
CA ALA S 1451 113.66 -46.82 31.38
C ALA S 1451 113.12 -48.09 32.03
N MET S 1452 114.03 -49.05 32.28
CA MET S 1452 113.63 -50.32 32.86
C MET S 1452 113.10 -50.14 34.28
N GLY S 1453 113.71 -49.25 35.05
CA GLY S 1453 113.23 -49.02 36.40
C GLY S 1453 111.83 -48.46 36.43
N ALA S 1454 111.56 -47.46 35.60
CA ALA S 1454 110.21 -46.90 35.52
C ALA S 1454 109.22 -47.92 34.98
N LEU S 1455 109.66 -48.76 34.03
CA LEU S 1455 108.80 -49.83 33.53
C LEU S 1455 108.41 -50.78 34.65
N GLY S 1456 109.38 -51.22 35.45
CA GLY S 1456 109.08 -52.12 36.56
C GLY S 1456 108.22 -51.45 37.61
N LYS S 1457 108.42 -50.16 37.85
CA LYS S 1457 107.55 -49.43 38.77
C LYS S 1457 106.12 -49.41 38.27
N GLY S 1458 105.93 -49.20 36.97
CA GLY S 1458 104.60 -49.18 36.39
C GLY S 1458 103.96 -50.54 36.20
N ILE S 1459 104.75 -51.61 36.28
CA ILE S 1459 104.19 -52.96 36.16
C ILE S 1459 103.21 -53.23 37.29
N GLN S 1460 103.56 -52.83 38.51
CA GLN S 1460 102.78 -53.21 39.69
C GLN S 1460 101.37 -52.62 39.64
N GLN S 1461 101.26 -51.33 39.30
CA GLN S 1461 99.98 -50.64 39.32
C GLN S 1461 99.38 -50.40 37.95
N GLY S 1462 100.18 -49.99 36.98
CA GLY S 1462 99.67 -49.72 35.65
C GLY S 1462 100.48 -48.66 34.96
N PHE S 1463 100.09 -48.37 33.72
CA PHE S 1463 100.75 -47.37 32.89
C PHE S 1463 99.79 -46.21 32.67
N GLU S 1464 99.92 -45.17 33.49
CA GLU S 1464 99.10 -43.99 33.34
C GLU S 1464 99.50 -43.25 32.06
N MET S 1465 98.49 -42.85 31.27
CA MET S 1465 98.77 -42.17 30.01
C MET S 1465 99.34 -40.77 30.23
N LYS S 1466 99.19 -40.21 31.44
CA LYS S 1466 99.72 -38.87 31.69
C LYS S 1466 101.23 -38.84 31.55
N ASP S 1467 101.91 -39.87 32.02
CA ASP S 1467 103.36 -39.94 31.95
C ASP S 1467 103.87 -41.10 31.10
N LEU S 1468 102.98 -41.92 30.55
CA LEU S 1468 103.38 -43.07 29.74
C LEU S 1468 102.47 -43.16 28.52
N SER S 1469 102.80 -44.10 27.65
CA SER S 1469 102.01 -44.41 26.46
C SER S 1469 101.90 -43.19 25.52
N MET S 1470 103.06 -42.80 25.00
CA MET S 1470 103.10 -41.88 23.86
C MET S 1470 102.61 -42.58 22.60
N ALA S 1471 101.99 -41.80 21.72
CA ALA S 1471 101.57 -42.32 20.42
C ALA S 1471 102.80 -42.59 19.55
N GLU S 1472 102.74 -43.68 18.78
CA GLU S 1472 103.86 -44.12 17.96
C GLU S 1472 103.39 -44.36 16.54
N ASN S 1473 104.37 -44.46 15.63
CA ASN S 1473 104.09 -44.72 14.23
C ASN S 1473 103.54 -46.12 14.03
N GLU S 1474 102.63 -46.26 13.06
CA GLU S 1474 101.93 -47.51 12.83
C GLU S 1474 102.18 -48.03 11.42
N ARG S 1475 103.45 -48.04 11.00
CA ARG S 1475 103.79 -48.52 9.66
C ARG S 1475 103.34 -49.97 9.47
N TYR S 1476 103.61 -50.82 10.46
CA TYR S 1476 103.10 -52.19 10.50
C TYR S 1476 102.47 -52.38 11.87
N LEU S 1477 101.20 -52.00 12.01
CA LEU S 1477 100.55 -52.07 13.30
C LEU S 1477 100.23 -53.50 13.69
N SER S 1478 99.77 -54.31 12.74
CA SER S 1478 99.31 -55.66 13.04
C SER S 1478 100.51 -56.59 13.21
N GLY S 1479 100.25 -57.89 13.35
CA GLY S 1479 101.28 -58.89 13.49
C GLY S 1479 101.50 -59.67 12.22
N PHE S 1480 102.12 -60.84 12.37
CA PHE S 1480 102.43 -61.70 11.25
C PHE S 1480 101.68 -63.03 11.32
N SER S 1481 101.83 -63.78 12.41
CA SER S 1481 101.19 -65.08 12.58
C SER S 1481 100.54 -65.11 13.97
N MET S 1482 99.21 -65.00 14.00
CA MET S 1482 98.45 -64.99 15.23
C MET S 1482 97.52 -66.19 15.26
N ASP S 1483 97.53 -66.93 16.36
CA ASP S 1483 96.63 -68.06 16.53
C ASP S 1483 95.20 -67.56 16.69
N ILE S 1484 94.25 -68.36 16.18
CA ILE S 1484 92.84 -68.00 16.22
C ILE S 1484 92.08 -69.02 17.06
N GLY S 1485 90.90 -68.62 17.52
CA GLY S 1485 90.05 -69.46 18.34
C GLY S 1485 88.61 -69.48 17.84
N TYR S 1486 88.44 -69.54 16.53
CA TYR S 1486 87.15 -69.39 15.86
C TYR S 1486 86.04 -70.16 16.56
N LEU S 1487 85.01 -69.43 16.99
CA LEU S 1487 83.91 -69.99 17.78
C LEU S 1487 82.58 -69.47 17.23
N LEU S 1488 82.38 -69.60 15.92
CA LEU S 1488 81.15 -69.14 15.31
C LEU S 1488 79.95 -69.90 15.88
N HIS S 1489 78.81 -69.22 15.93
CA HIS S 1489 77.60 -69.80 16.51
C HIS S 1489 76.39 -69.12 15.90
N PHE S 1490 75.52 -69.90 15.27
CA PHE S 1490 74.31 -69.39 14.61
C PHE S 1490 73.11 -70.15 15.13
N PRO S 1491 72.54 -69.74 16.27
CA PRO S 1491 71.34 -70.40 16.79
C PRO S 1491 70.11 -70.04 15.99
N THR S 1492 69.08 -70.88 16.12
CA THR S 1492 67.79 -70.64 15.48
C THR S 1492 66.71 -71.32 16.30
N SER S 1493 65.48 -70.85 16.12
CA SER S 1493 64.35 -71.38 16.86
C SER S 1493 63.76 -72.64 16.24
N ILE S 1494 64.26 -73.08 15.08
CA ILE S 1494 63.74 -74.28 14.45
C ILE S 1494 64.03 -75.50 15.31
N GLY S 1495 65.23 -75.59 15.87
CA GLY S 1495 65.57 -76.69 16.74
C GLY S 1495 66.95 -77.27 16.53
N TYR S 1496 67.73 -76.68 15.64
CA TYR S 1496 69.09 -77.13 15.36
C TYR S 1496 70.07 -76.18 16.04
N GLU S 1497 71.04 -76.75 16.76
CA GLU S 1497 72.01 -75.97 17.52
C GLU S 1497 73.34 -75.92 16.76
N PHE S 1498 73.92 -74.73 16.69
CA PHE S 1498 75.16 -74.50 15.96
C PHE S 1498 76.27 -74.03 16.89
N PHE S 1499 76.36 -74.63 18.07
CA PHE S 1499 77.44 -74.32 19.02
C PHE S 1499 78.73 -74.97 18.53
N SER S 1500 79.32 -74.35 17.51
CA SER S 1500 80.48 -74.88 16.83
C SER S 1500 81.75 -74.14 17.26
N LEU S 1501 82.85 -74.87 17.32
CA LEU S 1501 84.15 -74.31 17.67
C LEU S 1501 85.18 -74.79 16.66
N PHE S 1502 86.17 -73.95 16.39
CA PHE S 1502 87.21 -74.25 15.41
C PHE S 1502 88.57 -73.91 15.99
N LYS S 1503 89.57 -74.70 15.61
CA LYS S 1503 90.95 -74.49 16.05
C LYS S 1503 91.87 -74.44 14.83
N SER S 1504 92.93 -73.64 14.95
CA SER S 1504 93.87 -73.49 13.84
C SER S 1504 94.52 -74.82 13.50
N TRP S 1505 94.94 -75.58 14.50
CA TRP S 1505 95.59 -76.86 14.29
C TRP S 1505 94.77 -78.05 14.78
N GLY S 1506 93.94 -77.87 15.80
CA GLY S 1506 93.12 -78.97 16.28
C GLY S 1506 92.11 -79.44 15.26
N ASP S 1507 91.48 -78.51 14.55
CA ASP S 1507 90.52 -78.79 13.49
C ASP S 1507 89.30 -79.57 14.00
N THR S 1508 89.04 -79.54 15.30
CA THR S 1508 87.94 -80.29 15.89
C THR S 1508 86.69 -79.40 15.89
N ILE S 1509 85.93 -79.47 14.81
CA ILE S 1509 84.67 -78.74 14.70
C ILE S 1509 83.59 -79.59 15.34
N THR S 1510 83.13 -79.18 16.52
CA THR S 1510 82.14 -79.91 17.29
C THR S 1510 80.81 -79.16 17.22
N ILE S 1511 79.79 -79.82 16.68
CA ILE S 1511 78.47 -79.21 16.57
C ILE S 1511 77.43 -80.09 17.24
N ASN S 1524 76.48 -86.83 8.11
CA ASN S 1524 76.55 -86.80 6.66
C ASN S 1524 77.10 -85.47 6.16
N ALA S 1525 77.74 -84.73 7.07
CA ALA S 1525 78.31 -83.43 6.72
C ALA S 1525 79.67 -83.52 6.03
N SER S 1526 80.32 -84.69 6.08
CA SER S 1526 81.64 -84.82 5.46
C SER S 1526 81.58 -84.64 3.96
N SER S 1527 80.55 -85.20 3.32
CA SER S 1527 80.44 -85.12 1.86
C SER S 1527 80.28 -83.67 1.41
N LEU S 1528 79.39 -82.91 2.05
CA LEU S 1528 79.20 -81.52 1.67
C LEU S 1528 80.40 -80.66 2.06
N GLY S 1529 81.04 -80.97 3.18
CA GLY S 1529 82.27 -80.28 3.54
C GLY S 1529 83.35 -80.45 2.49
N GLN S 1530 83.52 -81.67 1.99
CA GLN S 1530 84.47 -81.88 0.90
C GLN S 1530 84.00 -81.21 -0.40
N ILE S 1531 82.68 -81.18 -0.63
CA ILE S 1531 82.16 -80.52 -1.82
C ILE S 1531 82.55 -79.05 -1.83
N TYR S 1532 82.42 -78.37 -0.68
CA TYR S 1532 82.88 -76.99 -0.60
C TYR S 1532 84.41 -76.92 -0.56
N LYS S 1533 85.07 -77.97 -0.07
CA LYS S 1533 86.54 -77.99 -0.12
C LYS S 1533 87.04 -77.99 -1.56
N GLN S 1534 86.23 -78.54 -2.48
CA GLN S 1534 86.64 -78.67 -3.88
C GLN S 1534 87.06 -77.34 -4.49
N MET S 1535 86.43 -76.23 -4.11
CA MET S 1535 86.95 -74.91 -4.45
C MET S 1535 87.58 -74.22 -3.26
N PHE S 1536 87.52 -74.81 -2.06
CA PHE S 1536 88.30 -74.28 -0.96
C PHE S 1536 89.80 -74.46 -1.17
N GLU S 1537 90.25 -75.38 -2.02
CA GLU S 1537 91.68 -75.36 -2.34
C GLU S 1537 92.06 -74.01 -2.94
N LYS S 1538 91.27 -73.55 -3.91
CA LYS S 1538 91.51 -72.23 -4.49
C LYS S 1538 91.31 -71.11 -3.48
N LYS S 1539 90.30 -71.24 -2.61
CA LYS S 1539 90.07 -70.22 -1.59
C LYS S 1539 91.28 -70.09 -0.66
N LYS S 1540 91.84 -71.21 -0.21
CA LYS S 1540 93.01 -71.17 0.65
C LYS S 1540 94.25 -70.70 -0.11
N GLY S 1541 94.37 -71.07 -1.39
CA GLY S 1541 95.45 -70.54 -2.19
C GLY S 1541 95.41 -69.03 -2.27
N LYS S 1542 94.21 -68.46 -2.40
CA LYS S 1542 94.04 -67.02 -2.28
C LYS S 1542 94.43 -66.55 -0.88
N ILE S 1543 94.02 -67.30 0.15
CA ILE S 1543 94.41 -66.97 1.51
C ILE S 1543 95.92 -67.08 1.70
N GLU S 1544 96.51 -68.13 1.15
CA GLU S 1544 97.95 -68.35 1.28
C GLU S 1544 98.77 -67.47 0.35
N THR S 1545 98.14 -66.60 -0.45
CA THR S 1545 98.85 -65.63 -1.26
C THR S 1545 98.46 -64.19 -0.98
N TYR S 1546 97.40 -63.96 -0.21
CA TYR S 1546 96.94 -62.62 0.11
C TYR S 1546 96.81 -62.39 1.62
N SER S 1547 96.39 -63.41 2.37
CA SER S 1547 96.29 -63.25 3.82
C SER S 1547 97.63 -63.54 4.49
N TYR S 1548 98.19 -64.73 4.26
CA TYR S 1548 99.49 -65.13 4.82
C TYR S 1548 99.50 -65.03 6.34
N LEU S 1549 98.38 -65.38 6.97
CA LEU S 1549 98.26 -65.30 8.42
C LEU S 1549 98.11 -66.66 9.07
N VAL S 1550 97.10 -67.45 8.67
CA VAL S 1550 96.82 -68.73 9.28
C VAL S 1550 96.59 -69.77 8.19
N ASP S 1551 96.63 -71.04 8.61
CA ASP S 1551 96.35 -72.16 7.73
C ASP S 1551 95.40 -73.11 8.45
N ILE S 1552 94.66 -73.89 7.67
CA ILE S 1552 93.65 -74.80 8.19
C ILE S 1552 94.08 -76.23 7.92
N LYS S 1553 93.87 -77.10 8.90
CA LYS S 1553 94.16 -78.51 8.73
C LYS S 1553 93.18 -79.14 7.73
N GLU S 1554 93.68 -80.09 6.95
CA GLU S 1554 92.87 -80.73 5.92
C GLU S 1554 91.99 -81.85 6.45
N ASP S 1555 92.22 -82.30 7.69
CA ASP S 1555 91.43 -83.39 8.27
C ASP S 1555 90.34 -82.78 9.15
N ILE S 1556 89.28 -82.31 8.50
CA ILE S 1556 88.16 -81.70 9.19
C ILE S 1556 87.23 -82.81 9.64
N ASN S 1557 87.17 -83.06 10.95
CA ASN S 1557 86.28 -84.04 11.53
C ASN S 1557 85.08 -83.34 12.15
N PHE S 1558 83.88 -83.79 11.78
CA PHE S 1558 82.64 -83.20 12.26
C PHE S 1558 82.08 -84.06 13.39
N GLU S 1559 81.86 -83.44 14.54
CA GLU S 1559 81.33 -84.12 15.72
C GLU S 1559 79.85 -83.78 15.86
N PHE S 1560 78.99 -84.77 15.59
CA PHE S 1560 77.54 -84.58 15.64
C PHE S 1560 77.07 -84.87 17.07
N VAL S 1561 76.97 -83.82 17.87
CA VAL S 1561 76.51 -83.91 19.25
C VAL S 1561 75.31 -82.99 19.41
N TYR S 1562 74.26 -83.51 20.03
CA TYR S 1562 73.02 -82.74 20.21
C TYR S 1562 73.07 -82.04 21.56
N PHE S 1563 73.10 -80.71 21.53
CA PHE S 1563 73.08 -79.90 22.75
C PHE S 1563 71.65 -79.80 23.23
N THR S 1564 71.23 -80.81 23.99
CA THR S 1564 69.83 -80.92 24.40
C THR S 1564 69.44 -79.79 25.34
N ASP S 1565 70.21 -79.56 26.39
CA ASP S 1565 69.90 -78.57 27.41
C ASP S 1565 71.17 -77.80 27.75
N ILE S 1566 71.09 -76.97 28.80
CA ILE S 1566 72.18 -76.07 29.14
C ILE S 1566 73.45 -76.84 29.47
N SER S 1567 73.33 -78.08 29.96
CA SER S 1567 74.50 -78.87 30.31
C SER S 1567 75.45 -79.00 29.13
N LYS S 1568 74.92 -79.12 27.92
CA LYS S 1568 75.75 -79.15 26.72
C LYS S 1568 75.70 -77.84 25.94
N LEU S 1569 74.65 -77.04 26.11
CA LEU S 1569 74.57 -75.76 25.42
C LEU S 1569 75.62 -74.79 25.92
N TYR S 1570 75.77 -74.66 27.24
CA TYR S 1570 76.64 -73.66 27.84
C TYR S 1570 77.79 -74.28 28.63
N ARG S 1571 77.51 -75.27 29.48
CA ARG S 1571 78.56 -75.84 30.33
C ARG S 1571 79.62 -76.56 29.51
N ARG S 1572 79.18 -77.36 28.53
CA ARG S 1572 80.13 -78.06 27.67
C ARG S 1572 80.96 -77.09 26.85
N LEU S 1573 80.32 -76.04 26.34
CA LEU S 1573 81.06 -75.02 25.59
C LEU S 1573 82.07 -74.32 26.49
N SER S 1574 81.69 -74.03 27.73
CA SER S 1574 82.60 -73.37 28.66
C SER S 1574 83.80 -74.26 28.99
N GLN S 1575 83.56 -75.55 29.23
CA GLN S 1575 84.68 -76.44 29.52
C GLN S 1575 85.58 -76.60 28.31
N GLU S 1576 85.00 -76.67 27.11
CA GLU S 1576 85.82 -76.76 25.90
C GLU S 1576 86.66 -75.51 25.71
N THR S 1577 86.07 -74.33 25.92
CA THR S 1577 86.82 -73.09 25.71
C THR S 1577 87.87 -72.88 26.78
N THR S 1578 87.63 -73.36 28.02
CA THR S 1578 88.67 -73.25 29.03
C THR S 1578 89.79 -74.26 28.78
N LYS S 1579 89.45 -75.43 28.22
CA LYS S 1579 90.50 -76.37 27.79
C LYS S 1579 91.35 -75.76 26.70
N LEU S 1580 90.72 -75.08 25.73
CA LEU S 1580 91.49 -74.41 24.69
C LEU S 1580 92.32 -73.27 25.25
N LYS S 1581 91.77 -72.52 26.21
CA LYS S 1581 92.49 -71.42 26.82
C LYS S 1581 93.73 -71.90 27.55
N GLU S 1582 93.61 -72.99 28.33
CA GLU S 1582 94.78 -73.54 28.99
C GLU S 1582 95.72 -74.23 28.00
N GLU S 1583 95.18 -74.55 26.82
CA GLU S 1583 96.03 -75.13 25.75
C GLU S 1583 96.97 -74.02 25.27
N ARG S 1584 96.43 -73.01 24.60
CA ARG S 1584 97.27 -71.84 24.17
C ARG S 1584 97.09 -70.74 25.21
N GLY S 1585 98.01 -70.63 26.16
CA GLY S 1585 97.88 -69.64 27.24
C GLY S 1585 97.98 -68.21 26.71
N LEU S 1586 96.88 -67.46 26.76
CA LEU S 1586 96.90 -66.08 26.28
C LEU S 1586 97.64 -65.98 24.95
N GLN S 1587 97.42 -66.95 24.07
CA GLN S 1587 98.11 -67.03 22.79
C GLN S 1587 97.14 -67.41 21.68
N PHE S 1588 95.97 -66.78 21.67
CA PHE S 1588 94.99 -67.01 20.61
C PHE S 1588 94.03 -65.84 20.56
N LEU S 1589 93.59 -65.51 19.35
CA LEU S 1589 92.62 -64.45 19.13
C LEU S 1589 91.26 -65.08 18.87
N LEU S 1590 90.29 -64.79 19.72
CA LEU S 1590 88.96 -65.40 19.62
C LEU S 1590 88.18 -64.75 18.48
N LEU S 1591 87.85 -65.54 17.46
CA LEU S 1591 86.99 -65.10 16.38
C LEU S 1591 85.56 -65.51 16.72
N LEU S 1592 84.85 -64.63 17.41
CA LEU S 1592 83.55 -64.93 17.98
C LEU S 1592 82.44 -64.42 17.08
N GLN S 1593 81.44 -65.27 16.84
CA GLN S 1593 80.27 -64.92 16.05
C GLN S 1593 79.03 -65.36 16.81
N SER S 1594 78.20 -64.40 17.21
CA SER S 1594 76.99 -64.69 17.96
C SER S 1594 75.97 -63.57 17.75
N PRO S 1595 74.72 -63.90 17.44
CA PRO S 1595 73.72 -62.83 17.26
C PRO S 1595 73.51 -61.97 18.50
N PHE S 1596 73.56 -62.57 19.68
CA PHE S 1596 73.42 -61.85 20.94
C PHE S 1596 74.61 -62.15 21.83
N ILE S 1597 75.19 -61.09 22.40
CA ILE S 1597 76.48 -61.19 23.10
C ILE S 1597 76.32 -61.61 24.55
N THR S 1598 75.09 -61.70 25.07
CA THR S 1598 74.90 -62.09 26.46
C THR S 1598 75.47 -63.47 26.76
N LYS S 1599 75.53 -64.35 25.76
CA LYS S 1599 76.23 -65.63 25.94
C LYS S 1599 77.69 -65.41 26.29
N LEU S 1600 78.34 -64.45 25.62
CA LEU S 1600 79.71 -64.13 25.97
C LEU S 1600 79.81 -63.63 27.41
N LEU S 1601 79.12 -62.53 27.72
CA LEU S 1601 79.27 -61.89 29.01
C LEU S 1601 78.80 -62.77 30.17
N GLY S 1602 78.03 -63.82 29.89
CA GLY S 1602 77.65 -64.74 30.96
C GLY S 1602 78.85 -65.37 31.63
N THR S 1603 79.54 -66.26 30.92
CA THR S 1603 80.81 -66.80 31.38
C THR S 1603 81.89 -66.83 30.30
N ILE S 1604 81.53 -66.84 29.02
CA ILE S 1604 82.49 -67.07 27.97
C ILE S 1604 83.44 -65.88 27.83
N ARG S 1605 82.91 -64.67 28.01
CA ARG S 1605 83.74 -63.47 27.83
C ARG S 1605 84.93 -63.48 28.77
N LEU S 1606 84.69 -63.70 30.06
CA LEU S 1606 85.81 -63.80 30.99
C LEU S 1606 86.52 -65.15 30.89
N LEU S 1607 85.92 -66.14 30.22
CA LEU S 1607 86.70 -67.31 29.85
C LEU S 1607 87.68 -67.04 28.71
N ASN S 1608 87.50 -65.95 27.97
CA ASN S 1608 88.34 -65.60 26.83
C ASN S 1608 88.75 -64.14 26.90
N GLN S 1609 89.27 -63.70 28.05
CA GLN S 1609 89.73 -62.34 28.17
C GLN S 1609 90.86 -62.02 27.19
N MET S 1610 91.49 -63.04 26.63
CA MET S 1610 92.43 -62.87 25.53
C MET S 1610 91.75 -62.13 24.37
N PRO S 1611 92.54 -61.58 23.43
CA PRO S 1611 91.96 -60.81 22.31
C PRO S 1611 90.71 -61.42 21.69
N ILE S 1612 89.63 -60.66 21.69
CA ILE S 1612 88.32 -61.11 21.24
C ILE S 1612 87.80 -60.15 20.19
N VAL S 1613 87.14 -60.69 19.16
CA VAL S 1613 86.48 -59.90 18.14
C VAL S 1613 85.04 -60.38 18.01
N LYS S 1614 84.11 -59.44 17.94
CA LYS S 1614 82.69 -59.74 17.82
C LYS S 1614 82.29 -59.55 16.36
N LEU S 1615 82.27 -60.65 15.61
CA LEU S 1615 81.92 -60.58 14.19
C LEU S 1615 80.48 -60.10 14.01
N SER S 1616 79.55 -60.66 14.80
CA SER S 1616 78.16 -60.25 14.83
C SER S 1616 77.54 -60.28 13.42
N LEU S 1617 77.48 -61.49 12.87
CA LEU S 1617 76.84 -61.70 11.57
C LEU S 1617 75.60 -62.57 11.76
N GLN S 1628 67.02 -78.08 6.81
CA GLN S 1628 68.19 -78.40 7.62
C GLN S 1628 69.45 -78.74 6.79
N PRO S 1629 69.34 -79.65 5.81
CA PRO S 1629 70.52 -79.93 4.98
C PRO S 1629 71.04 -78.72 4.24
N THR S 1630 70.13 -77.83 3.79
CA THR S 1630 70.58 -76.59 3.15
C THR S 1630 71.32 -75.70 4.14
N LEU S 1631 70.84 -75.61 5.38
CA LEU S 1631 71.49 -74.79 6.38
C LEU S 1631 72.84 -75.36 6.80
N LEU S 1632 73.10 -76.64 6.53
CA LEU S 1632 74.40 -77.21 6.83
C LEU S 1632 75.51 -76.53 6.03
N LYS S 1633 75.22 -76.22 4.76
CA LYS S 1633 76.23 -75.57 3.92
C LYS S 1633 76.64 -74.21 4.45
N LYS S 1634 75.75 -73.54 5.20
CA LYS S 1634 76.10 -72.23 5.75
C LYS S 1634 77.29 -72.34 6.71
N LEU S 1635 77.31 -73.38 7.54
CA LEU S 1635 78.40 -73.54 8.50
C LEU S 1635 79.74 -73.74 7.78
N VAL S 1636 79.77 -74.62 6.78
CA VAL S 1636 81.04 -74.88 6.09
C VAL S 1636 81.47 -73.63 5.31
N ASN S 1637 80.52 -72.93 4.69
CA ASN S 1637 80.87 -71.70 3.99
C ASN S 1637 81.46 -70.68 4.95
N HIS S 1638 80.86 -70.52 6.12
CA HIS S 1638 81.34 -69.53 7.07
C HIS S 1638 82.71 -69.90 7.63
N VAL S 1639 82.91 -71.17 7.99
CA VAL S 1639 84.19 -71.57 8.55
C VAL S 1639 85.29 -71.47 7.50
N LEU S 1640 84.98 -71.77 6.24
CA LEU S 1640 85.99 -71.72 5.21
C LEU S 1640 86.19 -70.34 4.62
N SER S 1641 85.28 -69.40 4.89
CA SER S 1641 85.48 -68.01 4.54
C SER S 1641 86.01 -67.18 5.70
N SER S 1642 86.07 -67.75 6.91
CA SER S 1642 86.63 -67.03 8.04
C SER S 1642 88.10 -66.65 7.84
N GLY S 1643 88.81 -67.35 6.96
CA GLY S 1643 90.18 -67.02 6.66
C GLY S 1643 90.36 -65.91 5.65
N SER S 1644 89.27 -65.31 5.17
CA SER S 1644 89.34 -64.25 4.16
C SER S 1644 89.33 -62.87 4.79
N TRP S 1645 88.40 -62.60 5.70
CA TRP S 1645 88.27 -61.27 6.26
C TRP S 1645 89.30 -60.97 7.35
N ILE S 1646 90.11 -61.94 7.74
CA ILE S 1646 91.19 -61.65 8.67
C ILE S 1646 92.19 -60.67 8.06
N SER S 1647 92.54 -60.87 6.79
CA SER S 1647 93.41 -59.93 6.10
C SER S 1647 92.74 -58.57 5.95
N HIS S 1648 91.43 -58.56 5.70
CA HIS S 1648 90.71 -57.29 5.61
C HIS S 1648 90.74 -56.54 6.94
N LEU S 1649 90.58 -57.26 8.05
CA LEU S 1649 90.67 -56.63 9.36
C LEU S 1649 92.07 -56.11 9.62
N ILE S 1650 93.09 -56.87 9.21
CA ILE S 1650 94.47 -56.42 9.36
C ILE S 1650 94.68 -55.13 8.58
N LYS S 1651 94.19 -55.07 7.35
CA LYS S 1651 94.32 -53.85 6.55
C LYS S 1651 93.59 -52.68 7.19
N LEU S 1652 92.38 -52.93 7.71
CA LEU S 1652 91.60 -51.87 8.33
C LEU S 1652 92.30 -51.31 9.56
N SER S 1653 92.86 -52.19 10.39
CA SER S 1653 93.60 -51.74 11.55
C SER S 1653 94.94 -51.12 11.19
N GLN S 1654 95.51 -51.49 10.04
CA GLN S 1654 96.75 -50.86 9.59
C GLN S 1654 96.50 -49.43 9.15
N TYR S 1655 95.46 -49.21 8.34
CA TYR S 1655 95.14 -47.86 7.89
C TYR S 1655 94.57 -47.02 9.02
N SER S 1656 93.42 -47.44 9.55
CA SER S 1656 92.79 -46.73 10.65
C SER S 1656 93.50 -47.08 11.96
N ASN S 1657 93.87 -46.05 12.72
CA ASN S 1657 94.58 -46.26 13.98
C ASN S 1657 93.63 -46.78 15.05
N ILE S 1658 93.17 -48.01 14.90
CA ILE S 1658 92.18 -48.59 15.82
C ILE S 1658 92.66 -49.99 16.19
N PRO S 1659 92.39 -50.46 17.42
CA PRO S 1659 92.76 -51.84 17.77
C PRO S 1659 91.85 -52.87 17.10
N ILE S 1660 92.03 -54.13 17.46
CA ILE S 1660 91.26 -55.22 16.87
C ILE S 1660 89.97 -55.40 17.67
N CYS S 1661 89.71 -54.49 18.61
CA CYS S 1661 88.50 -54.54 19.41
C CYS S 1661 87.32 -53.87 18.72
N ASN S 1662 87.52 -53.31 17.52
CA ASN S 1662 86.44 -52.63 16.82
C ASN S 1662 85.38 -53.63 16.39
N LEU S 1663 84.11 -53.30 16.66
CA LEU S 1663 83.01 -54.16 16.28
C LEU S 1663 82.77 -54.11 14.77
N ARG S 1664 82.32 -55.24 14.23
CA ARG S 1664 82.15 -55.38 12.78
C ARG S 1664 80.76 -54.95 12.29
N LEU S 1665 79.85 -54.61 13.20
CA LEU S 1665 78.53 -54.12 12.80
C LEU S 1665 78.69 -52.71 12.24
N ASP S 1666 78.71 -52.60 10.92
CA ASP S 1666 78.98 -51.34 10.23
C ASP S 1666 80.23 -50.68 10.81
N SER S 1667 81.34 -51.43 10.74
CA SER S 1667 82.58 -50.97 11.35
C SER S 1667 83.04 -49.65 10.76
N MET S 1668 82.58 -49.34 9.54
CA MET S 1668 82.92 -48.06 8.92
C MET S 1668 82.40 -46.89 9.75
N ASP S 1669 81.23 -47.04 10.37
CA ASP S 1669 80.71 -45.98 11.23
C ASP S 1669 81.66 -45.70 12.39
N TYR S 1670 82.11 -46.76 13.06
CA TYR S 1670 83.04 -46.58 14.19
C TYR S 1670 84.37 -46.01 13.73
N ILE S 1671 84.87 -46.47 12.58
CA ILE S 1671 86.12 -45.95 12.05
C ILE S 1671 86.00 -44.46 11.76
N ILE S 1672 84.90 -44.06 11.14
CA ILE S 1672 84.67 -42.65 10.84
C ILE S 1672 84.58 -41.85 12.13
N ASP S 1673 83.88 -42.37 13.13
CA ASP S 1673 83.78 -41.67 14.41
C ASP S 1673 85.15 -41.47 15.03
N VAL S 1674 85.97 -42.52 15.06
CA VAL S 1674 87.29 -42.43 15.70
C VAL S 1674 88.17 -41.43 14.95
N LEU S 1675 88.20 -41.54 13.62
CA LEU S 1675 89.05 -40.64 12.84
C LEU S 1675 88.58 -39.19 12.95
N TYR S 1676 87.27 -38.96 12.91
CA TYR S 1676 86.74 -37.62 13.04
C TYR S 1676 87.04 -37.05 14.41
N ALA S 1677 86.96 -37.89 15.45
CA ALA S 1677 87.33 -37.43 16.79
C ALA S 1677 88.80 -37.05 16.86
N ARG S 1678 89.67 -37.84 16.22
CA ARG S 1678 91.09 -37.50 16.20
C ARG S 1678 91.34 -36.17 15.49
N LYS S 1679 90.75 -36.00 14.31
CA LYS S 1679 90.93 -34.77 13.56
C LYS S 1679 90.32 -33.56 14.25
N LEU S 1680 89.27 -33.77 15.05
CA LEU S 1680 88.67 -32.70 15.83
C LEU S 1680 89.46 -32.39 17.09
N LYS S 1681 90.16 -33.37 17.66
CA LYS S 1681 91.02 -33.15 18.81
C LYS S 1681 92.32 -32.47 18.42
N LYS S 1682 92.83 -32.73 17.21
CA LYS S 1682 93.97 -31.96 16.73
C LYS S 1682 93.64 -30.49 16.64
N GLU S 1683 92.45 -30.16 16.13
CA GLU S 1683 91.94 -28.81 16.26
C GLU S 1683 91.44 -28.58 17.68
N ASN S 1684 91.25 -27.32 18.05
CA ASN S 1684 90.76 -26.99 19.38
C ASN S 1684 89.23 -26.85 19.34
N ILE S 1685 88.58 -27.99 19.16
CA ILE S 1685 87.12 -28.08 19.09
C ILE S 1685 86.65 -29.12 20.08
N VAL S 1686 85.65 -28.76 20.89
CA VAL S 1686 85.09 -29.70 21.85
C VAL S 1686 84.29 -30.78 21.12
N LEU S 1687 84.29 -31.98 21.68
CA LEU S 1687 83.59 -33.10 21.08
C LEU S 1687 82.14 -33.15 21.55
N TRP S 1688 81.33 -33.90 20.81
CA TRP S 1688 79.93 -34.14 21.14
C TRP S 1688 79.64 -35.63 21.09
N TRP S 1689 80.51 -36.41 21.73
CA TRP S 1689 80.49 -37.87 21.62
C TRP S 1689 79.14 -38.47 22.00
N ASN S 1690 78.78 -38.38 23.28
CA ASN S 1690 77.53 -38.94 23.77
C ASN S 1690 77.37 -40.41 23.36
N GLU S 1691 78.27 -41.23 23.90
CA GLU S 1691 78.24 -42.66 23.57
C GLU S 1691 76.96 -43.31 24.05
N LYS S 1692 76.45 -42.89 25.23
CA LYS S 1692 75.28 -43.55 25.79
C LYS S 1692 74.03 -43.34 24.94
N ALA S 1693 73.84 -42.13 24.40
CA ALA S 1693 72.59 -41.83 23.74
C ALA S 1693 72.81 -41.34 22.32
N PRO S 1694 71.85 -41.55 21.42
CA PRO S 1694 72.02 -41.07 20.04
C PRO S 1694 72.18 -39.56 19.93
N LEU S 1695 71.54 -38.80 20.83
CA LEU S 1695 71.60 -37.35 20.73
C LEU S 1695 73.03 -36.85 20.95
N PRO S 1696 73.39 -35.70 20.39
CA PRO S 1696 74.76 -35.19 20.58
C PRO S 1696 74.99 -34.75 22.01
N ASP S 1697 76.27 -34.76 22.39
CA ASP S 1697 76.68 -34.37 23.75
C ASP S 1697 76.86 -32.85 23.82
N HIS S 1698 75.73 -32.15 23.73
CA HIS S 1698 75.72 -30.69 23.83
C HIS S 1698 75.47 -30.27 25.28
N GLY S 1699 76.31 -30.79 26.17
CA GLY S 1699 76.18 -30.52 27.58
C GLY S 1699 74.92 -31.11 28.17
N GLY S 1700 73.98 -30.26 28.56
CA GLY S 1700 72.71 -30.72 29.07
C GLY S 1700 71.54 -30.16 28.30
N ILE S 1701 71.82 -29.18 27.42
CA ILE S 1701 70.78 -28.54 26.64
C ILE S 1701 70.18 -29.46 25.58
N GLN S 1702 70.79 -30.61 25.34
CA GLN S 1702 70.29 -31.54 24.33
C GLN S 1702 69.14 -32.40 24.83
N ASN S 1703 68.90 -32.44 26.14
CA ASN S 1703 67.87 -33.32 26.70
C ASN S 1703 66.50 -32.67 26.79
N ASP S 1704 66.39 -31.37 26.53
CA ASP S 1704 65.09 -30.71 26.57
C ASP S 1704 64.63 -30.33 25.18
N PHE S 1705 63.33 -30.18 25.03
CA PHE S 1705 62.73 -29.93 23.73
C PHE S 1705 63.09 -28.54 23.22
N ASP S 1706 63.51 -28.46 21.96
CA ASP S 1706 63.76 -27.19 21.30
C ASP S 1706 63.06 -27.21 19.95
N LEU S 1707 62.31 -26.16 19.66
CA LEU S 1707 61.48 -26.14 18.45
C LEU S 1707 62.34 -26.23 17.19
N ASN S 1708 63.42 -25.43 17.13
CA ASN S 1708 64.27 -25.44 15.95
C ASN S 1708 64.98 -26.78 15.79
N THR S 1709 65.54 -27.31 16.88
CA THR S 1709 66.21 -28.60 16.82
C THR S 1709 65.23 -29.71 16.43
N SER S 1710 64.03 -29.69 17.01
CA SER S 1710 63.02 -30.68 16.64
C SER S 1710 62.68 -30.58 15.17
N TRP S 1711 62.52 -29.37 14.65
CA TRP S 1711 62.18 -29.22 13.24
C TRP S 1711 63.29 -29.73 12.34
N ILE S 1712 64.54 -29.38 12.64
CA ILE S 1712 65.64 -29.85 11.79
C ILE S 1712 65.80 -31.36 11.91
N MET S 1713 65.39 -31.96 13.02
CA MET S 1713 65.48 -33.41 13.15
C MET S 1713 64.43 -34.10 12.28
N ASN S 1714 63.16 -33.77 12.48
CA ASN S 1714 62.08 -34.45 11.76
C ASN S 1714 61.72 -33.73 10.45
N ASP S 1715 62.73 -33.45 9.63
CA ASP S 1715 62.50 -32.84 8.33
C ASP S 1715 63.53 -33.42 7.36
N SER S 1716 63.10 -34.43 6.59
CA SER S 1716 63.95 -35.06 5.61
C SER S 1716 63.30 -35.19 4.24
N GLU S 1717 62.13 -34.60 4.04
CA GLU S 1717 61.45 -34.70 2.75
C GLU S 1717 62.26 -34.01 1.67
N PHE S 1718 62.62 -34.76 0.64
CA PHE S 1718 63.45 -34.27 -0.44
C PHE S 1718 62.58 -33.72 -1.56
N PRO S 1719 62.78 -32.47 -1.98
CA PRO S 1719 61.97 -31.93 -3.08
C PRO S 1719 62.18 -32.72 -4.36
N LYS S 1720 61.11 -32.90 -5.11
CA LYS S 1720 61.14 -33.62 -6.37
C LYS S 1720 60.62 -32.71 -7.48
N ILE S 1721 61.38 -32.63 -8.55
CA ILE S 1721 60.96 -31.89 -9.75
C ILE S 1721 60.43 -32.92 -10.74
N ASN S 1722 59.12 -32.90 -10.98
CA ASN S 1722 58.47 -33.87 -11.84
C ASN S 1722 57.56 -33.14 -12.81
N ASN S 1723 57.85 -33.25 -14.10
CA ASN S 1723 57.04 -32.67 -15.15
C ASN S 1723 56.39 -33.80 -15.95
N SER S 1724 55.07 -33.75 -16.08
CA SER S 1724 54.31 -34.82 -16.70
C SER S 1724 53.93 -34.44 -18.12
N GLY S 1725 54.13 -35.35 -19.05
CA GLY S 1725 53.79 -35.10 -20.44
C GLY S 1725 54.31 -36.22 -21.32
N VAL S 1726 54.15 -36.02 -22.62
CA VAL S 1726 54.66 -36.94 -23.63
C VAL S 1726 55.84 -36.27 -24.31
N TYR S 1727 56.99 -36.94 -24.29
CA TYR S 1727 58.25 -36.39 -24.78
C TYR S 1727 58.72 -37.21 -25.96
N ASP S 1728 58.37 -36.75 -27.17
CA ASP S 1728 58.84 -37.41 -28.39
C ASP S 1728 60.34 -37.27 -28.57
N ASN S 1729 60.95 -36.26 -27.96
CA ASN S 1729 62.41 -36.12 -28.01
C ASN S 1729 63.07 -37.23 -27.21
N VAL S 1730 64.35 -37.44 -27.45
CA VAL S 1730 65.12 -38.44 -26.73
C VAL S 1730 65.43 -37.90 -25.34
N VAL S 1731 65.03 -38.65 -24.32
CA VAL S 1731 65.31 -38.28 -22.93
C VAL S 1731 66.22 -39.34 -22.33
N LEU S 1732 67.19 -38.91 -21.54
CA LEU S 1732 68.20 -39.78 -20.98
C LEU S 1732 67.90 -40.06 -19.51
N ASP S 1733 68.00 -41.34 -19.12
CA ASP S 1733 67.78 -41.74 -17.73
C ASP S 1733 69.10 -41.65 -16.97
N VAL S 1734 69.56 -40.40 -16.78
CA VAL S 1734 70.82 -40.18 -16.09
C VAL S 1734 70.66 -40.51 -14.61
N GLY S 1735 71.55 -41.36 -14.11
CA GLY S 1735 71.52 -41.72 -12.71
C GLY S 1735 72.69 -41.16 -11.94
N VAL S 1736 72.43 -40.17 -11.08
CA VAL S 1736 73.52 -39.57 -10.32
C VAL S 1736 74.00 -40.53 -9.23
N ASP S 1737 75.21 -40.28 -8.75
CA ASP S 1737 75.78 -41.12 -7.66
C ASP S 1737 76.78 -40.25 -6.89
N ASN S 1738 77.12 -40.63 -5.66
CA ASN S 1738 78.13 -39.86 -4.89
C ASN S 1738 77.71 -38.39 -4.87
N LEU S 1739 76.43 -38.12 -4.61
CA LEU S 1739 75.98 -36.71 -4.48
C LEU S 1739 76.44 -36.19 -3.12
N THR S 1740 76.20 -36.93 -2.03
CA THR S 1740 76.56 -36.41 -0.72
C THR S 1740 78.06 -36.18 -0.60
N VAL S 1741 78.86 -37.15 -1.07
CA VAL S 1741 80.31 -37.04 -0.97
C VAL S 1741 80.80 -35.86 -1.80
N ASN S 1742 80.37 -35.78 -3.05
CA ASN S 1742 80.76 -34.66 -3.90
C ASN S 1742 80.27 -33.34 -3.31
N THR S 1743 79.11 -33.37 -2.67
CA THR S 1743 78.57 -32.14 -2.08
C THR S 1743 79.45 -31.64 -0.94
N ILE S 1744 79.82 -32.54 -0.03
CA ILE S 1744 80.66 -32.10 1.10
C ILE S 1744 82.03 -31.69 0.60
N LEU S 1745 82.54 -32.36 -0.44
CA LEU S 1745 83.86 -32.01 -0.97
C LEU S 1745 83.84 -30.62 -1.62
N THR S 1746 82.79 -30.31 -2.38
CA THR S 1746 82.75 -29.06 -3.11
C THR S 1746 82.01 -27.95 -2.37
N SER S 1747 81.56 -28.19 -1.14
CA SER S 1747 80.90 -27.14 -0.38
C SER S 1747 81.81 -25.93 -0.13
N ALA S 1748 83.13 -26.13 -0.22
CA ALA S 1748 84.05 -25.01 -0.05
C ALA S 1748 83.84 -23.96 -1.14
N LEU S 1749 83.59 -24.40 -2.36
CA LEU S 1749 83.39 -23.50 -3.49
C LEU S 1749 82.14 -22.63 -3.30
N PHE S 1778 75.52 -15.66 13.83
CA PHE S 1778 74.38 -15.04 13.19
C PHE S 1778 73.29 -16.06 12.88
N VAL S 1779 73.67 -17.13 12.19
CA VAL S 1779 72.74 -18.17 11.79
C VAL S 1779 72.77 -19.25 12.87
N HIS S 1780 71.77 -19.23 13.76
CA HIS S 1780 71.70 -20.20 14.84
C HIS S 1780 71.30 -21.59 14.37
N ASP S 1781 70.75 -21.70 13.17
CA ASP S 1781 70.29 -22.98 12.64
C ASP S 1781 71.36 -23.71 11.83
N ALA S 1782 72.56 -23.14 11.71
CA ALA S 1782 73.61 -23.72 10.89
C ALA S 1782 74.65 -24.44 11.74
N PHE S 1783 75.24 -25.48 11.17
CA PHE S 1783 76.30 -26.20 11.84
C PHE S 1783 77.57 -25.35 11.88
N SER S 1784 78.49 -25.75 12.78
CA SER S 1784 79.76 -25.04 12.90
C SER S 1784 80.53 -25.14 11.60
N ASN S 1785 81.04 -23.99 11.12
CA ASN S 1785 81.77 -23.98 9.86
C ASN S 1785 83.12 -24.68 10.00
N ASP S 1786 83.77 -24.55 11.16
CA ASP S 1786 85.09 -25.16 11.34
C ASP S 1786 85.01 -26.68 11.35
N ALA S 1787 83.99 -27.22 12.03
CA ALA S 1787 83.81 -28.68 12.03
C ALA S 1787 83.50 -29.19 10.63
N LEU S 1788 82.70 -28.44 9.87
CA LEU S 1788 82.42 -28.82 8.49
C LEU S 1788 83.68 -28.77 7.64
N ASN S 1789 84.55 -27.78 7.88
CA ASN S 1789 85.82 -27.71 7.17
C ASN S 1789 86.70 -28.91 7.52
N VAL S 1790 86.69 -29.32 8.78
CA VAL S 1790 87.44 -30.51 9.19
C VAL S 1790 86.92 -31.73 8.44
N LEU S 1791 85.60 -31.87 8.38
CA LEU S 1791 85.01 -32.99 7.66
C LEU S 1791 85.38 -32.95 6.18
N ARG S 1792 85.35 -31.76 5.58
CA ARG S 1792 85.69 -31.61 4.17
C ARG S 1792 87.14 -32.01 3.92
N GLY S 1793 88.06 -31.57 4.78
CA GLY S 1793 89.45 -31.93 4.61
C GLY S 1793 89.67 -33.42 4.75
N MET S 1794 89.03 -34.03 5.74
CA MET S 1794 89.18 -35.48 5.92
C MET S 1794 88.60 -36.25 4.73
N LEU S 1795 87.44 -35.83 4.24
CA LEU S 1795 86.84 -36.49 3.08
C LEU S 1795 87.71 -36.32 1.85
N LYS S 1796 88.34 -35.14 1.74
CA LYS S 1796 89.24 -34.88 0.59
C LYS S 1796 90.39 -35.88 0.68
N GLU S 1797 90.94 -36.05 1.89
CA GLU S 1797 92.10 -36.96 2.07
C GLU S 1797 91.69 -38.37 1.65
N TRP S 1798 90.62 -38.90 2.26
CA TRP S 1798 90.16 -40.27 1.92
C TRP S 1798 89.91 -40.35 0.43
N TRP S 1799 89.31 -39.30 -0.14
CA TRP S 1799 88.96 -39.31 -1.59
C TRP S 1799 90.23 -39.49 -2.43
N ASP S 1800 91.23 -38.62 -2.23
CA ASP S 1800 92.48 -38.69 -3.02
C ASP S 1800 93.13 -40.05 -2.81
N GLU S 1801 93.10 -40.55 -1.58
CA GLU S 1801 93.69 -41.88 -1.28
C GLU S 1801 92.99 -42.91 -2.16
N ALA S 1802 91.67 -43.00 -2.05
CA ALA S 1802 90.90 -43.99 -2.83
C ALA S 1802 91.16 -43.79 -4.32
N LEU S 1803 91.28 -42.53 -4.75
CA LEU S 1803 91.63 -42.25 -6.17
C LEU S 1803 92.91 -43.02 -6.49
N LYS S 1804 94.03 -42.75 -5.81
CA LYS S 1804 95.20 -43.65 -5.97
C LYS S 1804 94.74 -45.01 -5.43
N GLU S 1805 95.51 -46.07 -5.57
CA GLU S 1805 94.95 -47.34 -5.04
C GLU S 1805 94.82 -47.20 -3.52
N ASN S 1806 93.59 -47.22 -3.00
CA ASN S 1806 93.39 -47.21 -1.52
C ASN S 1806 92.09 -47.92 -1.19
N SER S 1807 92.17 -49.15 -0.70
CA SER S 1807 90.93 -49.92 -0.43
C SER S 1807 90.13 -49.24 0.67
N THR S 1808 90.71 -49.12 1.87
CA THR S 1808 89.94 -48.58 3.02
C THR S 1808 89.44 -47.17 2.71
N ALA S 1809 90.15 -46.40 1.89
CA ALA S 1809 89.74 -45.00 1.65
C ALA S 1809 88.32 -44.97 1.06
N ASP S 1810 88.10 -45.71 -0.03
CA ASP S 1810 86.77 -45.77 -0.66
C ASP S 1810 85.79 -46.44 0.31
N LEU S 1811 86.24 -47.49 1.00
CA LEU S 1811 85.22 -48.06 1.92
C LEU S 1811 84.69 -46.92 2.80
N LEU S 1812 85.59 -46.14 3.39
CA LEU S 1812 85.20 -45.06 4.35
C LEU S 1812 84.41 -43.95 3.66
N VAL S 1813 84.75 -43.54 2.44
CA VAL S 1813 83.91 -42.52 1.76
C VAL S 1813 82.46 -43.05 1.69
N ASN S 1814 82.26 -44.30 1.22
CA ASN S 1814 80.84 -44.73 1.11
C ASN S 1814 80.23 -44.76 2.52
N SER S 1815 81.01 -45.24 3.48
CA SER S 1815 80.45 -45.37 4.85
C SER S 1815 80.04 -44.02 5.42
N LEU S 1816 80.78 -42.94 5.11
CA LEU S 1816 80.49 -41.59 5.63
C LEU S 1816 79.22 -41.10 4.95
N ALA S 1817 79.18 -41.30 3.64
CA ALA S 1817 77.90 -40.96 2.98
C ALA S 1817 76.77 -41.59 3.79
N SER S 1818 76.93 -42.84 4.24
CA SER S 1818 75.76 -43.50 4.93
C SER S 1818 75.60 -43.14 6.42
N TRP S 1819 76.67 -42.80 7.13
CA TRP S 1819 76.66 -42.56 8.61
C TRP S 1819 76.09 -41.18 8.99
N VAL S 1820 76.50 -40.12 8.32
CA VAL S 1820 76.04 -38.78 8.63
C VAL S 1820 74.64 -38.81 9.23
N GLN S 1821 73.76 -39.62 8.65
CA GLN S 1821 72.38 -39.70 9.09
C GLN S 1821 72.13 -40.87 10.03
N ASN S 1822 73.17 -41.39 10.68
CA ASN S 1822 73.02 -42.54 11.55
C ASN S 1822 73.00 -42.08 13.00
N PRO S 1823 71.85 -42.18 13.70
CA PRO S 1823 71.84 -41.81 15.13
C PRO S 1823 72.75 -42.67 15.97
N ASN S 1824 72.99 -43.92 15.58
CA ASN S 1824 73.88 -44.79 16.34
C ASN S 1824 75.33 -44.35 16.28
N ALA S 1825 75.67 -43.41 15.40
CA ALA S 1825 77.04 -42.92 15.32
C ALA S 1825 77.44 -42.24 16.62
N LYS S 1826 78.72 -42.39 16.97
CA LYS S 1826 79.23 -41.83 18.22
C LYS S 1826 79.59 -40.36 18.09
N LEU S 1827 79.37 -39.75 16.92
CA LEU S 1827 79.54 -38.30 16.76
C LEU S 1827 78.37 -37.70 15.98
N PHE S 1828 77.23 -38.39 15.93
CA PHE S 1828 76.11 -37.93 15.14
C PHE S 1828 75.58 -36.60 15.69
N ASP S 1829 75.28 -35.67 14.78
CA ASP S 1829 74.74 -34.38 15.14
C ASP S 1829 73.57 -34.07 14.23
N GLY S 1830 72.45 -33.66 14.82
CA GLY S 1830 71.29 -33.29 14.01
C GLY S 1830 71.57 -32.09 13.13
N LEU S 1831 72.28 -31.10 13.66
CA LEU S 1831 72.63 -29.93 12.88
C LEU S 1831 73.50 -30.30 11.69
N LEU S 1832 74.46 -31.20 11.88
CA LEU S 1832 75.33 -31.61 10.79
C LEU S 1832 74.54 -32.30 9.69
N ARG S 1833 73.63 -33.21 10.07
CA ARG S 1833 72.82 -33.90 9.08
C ARG S 1833 71.91 -32.93 8.32
N TYR S 1834 71.33 -31.96 9.04
CA TYR S 1834 70.50 -30.97 8.36
C TYR S 1834 71.32 -30.12 7.41
N HIS S 1835 72.54 -29.74 7.82
CA HIS S 1835 73.40 -28.96 6.95
C HIS S 1835 73.74 -29.74 5.68
N VAL S 1836 74.08 -31.02 5.83
CA VAL S 1836 74.38 -31.85 4.66
C VAL S 1836 73.16 -31.99 3.77
N HIS S 1837 71.97 -32.12 4.38
CA HIS S 1837 70.75 -32.24 3.59
C HIS S 1837 70.49 -30.98 2.77
N ASN S 1838 70.65 -29.81 3.38
CA ASN S 1838 70.46 -28.57 2.62
C ASN S 1838 71.50 -28.42 1.53
N LEU S 1839 72.76 -28.78 1.82
CA LEU S 1839 73.78 -28.69 0.79
C LEU S 1839 73.47 -29.61 -0.37
N THR S 1840 73.00 -30.82 -0.09
CA THR S 1840 72.62 -31.74 -1.15
C THR S 1840 71.44 -31.21 -1.96
N LYS S 1841 70.44 -30.63 -1.28
CA LYS S 1841 69.30 -30.05 -1.98
C LYS S 1841 69.75 -28.96 -2.93
N LYS S 1842 70.59 -28.04 -2.45
CA LYS S 1842 71.03 -26.93 -3.28
C LYS S 1842 71.95 -27.39 -4.40
N ALA S 1843 72.79 -28.41 -4.15
CA ALA S 1843 73.62 -28.95 -5.20
C ALA S 1843 72.78 -29.59 -6.29
N LEU S 1844 71.72 -30.31 -5.92
CA LEU S 1844 70.84 -30.90 -6.92
C LEU S 1844 70.13 -29.82 -7.71
N LEU S 1845 69.69 -28.75 -7.04
CA LEU S 1845 69.07 -27.65 -7.76
C LEU S 1845 70.04 -27.00 -8.74
N GLN S 1846 71.29 -26.83 -8.34
CA GLN S 1846 72.30 -26.28 -9.24
C GLN S 1846 72.55 -27.21 -10.41
N LEU S 1847 72.55 -28.53 -10.17
CA LEU S 1847 72.72 -29.48 -11.27
C LEU S 1847 71.57 -29.38 -12.25
N VAL S 1848 70.34 -29.24 -11.74
CA VAL S 1848 69.18 -29.07 -12.61
C VAL S 1848 69.32 -27.82 -13.45
N ASN S 1849 69.74 -26.72 -12.81
CA ASN S 1849 69.93 -25.47 -13.56
C ASN S 1849 71.03 -25.62 -14.62
N GLU S 1850 72.11 -26.32 -14.28
CA GLU S 1850 73.18 -26.53 -15.25
C GLU S 1850 72.70 -27.32 -16.45
N PHE S 1851 71.92 -28.39 -16.21
CA PHE S 1851 71.36 -29.16 -17.32
C PHE S 1851 70.40 -28.32 -18.15
N SER S 1852 69.59 -27.47 -17.50
CA SER S 1852 68.69 -26.60 -18.24
C SER S 1852 69.46 -25.63 -19.13
N ALA S 1853 70.55 -25.07 -18.61
CA ALA S 1853 71.35 -24.14 -19.39
C ALA S 1853 71.99 -24.84 -20.59
N LEU S 1854 72.37 -26.11 -20.42
CA LEU S 1854 72.98 -26.86 -21.50
C LEU S 1854 72.01 -27.11 -22.66
N GLY S 1855 70.72 -26.90 -22.44
CA GLY S 1855 69.74 -27.09 -23.49
C GLY S 1855 69.00 -28.41 -23.40
N SER S 1856 68.52 -28.74 -22.20
CA SER S 1856 67.74 -29.96 -21.98
C SER S 1856 66.86 -29.75 -20.76
N THR S 1857 65.55 -29.83 -20.95
CA THR S 1857 64.64 -29.64 -19.84
C THR S 1857 64.63 -30.88 -18.94
N ILE S 1858 64.23 -30.66 -17.69
CA ILE S 1858 64.23 -31.70 -16.66
C ILE S 1858 62.81 -32.20 -16.50
N VAL S 1859 62.65 -33.52 -16.46
CA VAL S 1859 61.35 -34.13 -16.21
C VAL S 1859 61.32 -34.94 -14.92
N TYR S 1860 62.47 -35.22 -14.31
CA TYR S 1860 62.52 -35.90 -13.03
C TYR S 1860 63.88 -35.67 -12.40
N ALA S 1861 63.89 -35.52 -11.08
CA ALA S 1861 65.13 -35.34 -10.33
C ALA S 1861 64.85 -35.71 -8.88
N ASP S 1862 65.49 -36.77 -8.39
CA ASP S 1862 65.17 -37.27 -7.06
C ASP S 1862 66.42 -37.68 -6.28
N ARG S 1863 67.55 -37.03 -6.55
CA ARG S 1863 68.81 -37.20 -5.82
C ARG S 1863 69.48 -38.53 -6.12
N ASN S 1864 68.81 -39.43 -6.84
CA ASN S 1864 69.42 -40.70 -7.22
C ASN S 1864 69.44 -40.83 -8.73
N GLN S 1865 68.52 -40.16 -9.41
CA GLN S 1865 68.49 -40.16 -10.86
C GLN S 1865 67.88 -38.85 -11.33
N ILE S 1866 68.26 -38.45 -12.54
CA ILE S 1866 67.73 -37.24 -13.16
C ILE S 1866 67.44 -37.54 -14.63
N LEU S 1867 66.28 -37.14 -15.11
CA LEU S 1867 65.86 -37.39 -16.48
C LEU S 1867 65.84 -36.05 -17.23
N ILE S 1868 66.60 -35.98 -18.32
CA ILE S 1868 66.77 -34.75 -19.07
C ILE S 1868 66.21 -34.95 -20.46
N LYS S 1869 65.50 -33.94 -20.97
CA LYS S 1869 64.89 -34.00 -22.29
C LYS S 1869 65.82 -33.34 -23.29
N THR S 1870 66.66 -34.15 -23.93
CA THR S 1870 67.54 -33.64 -24.97
C THR S 1870 66.74 -33.21 -26.19
N ASN S 1871 67.09 -32.05 -26.73
CA ASN S 1871 66.35 -31.50 -27.86
C ASN S 1871 66.62 -32.24 -29.17
N LYS S 1872 67.60 -33.14 -29.20
CA LYS S 1872 67.91 -33.88 -30.42
C LYS S 1872 66.77 -34.84 -30.73
N TYR S 1873 66.01 -34.54 -31.78
CA TYR S 1873 64.88 -35.39 -32.15
C TYR S 1873 65.36 -36.77 -32.59
N SER S 1874 66.42 -36.81 -33.39
CA SER S 1874 66.86 -38.08 -33.98
C SER S 1874 67.50 -38.96 -32.92
N PRO S 1875 67.00 -40.18 -32.70
CA PRO S 1875 67.66 -41.09 -31.75
C PRO S 1875 69.08 -41.46 -32.16
N GLU S 1876 69.40 -41.40 -33.45
CA GLU S 1876 70.77 -41.67 -33.88
C GLU S 1876 71.73 -40.60 -33.36
N ASN S 1877 71.31 -39.34 -33.38
CA ASN S 1877 72.14 -38.24 -32.88
C ASN S 1877 71.95 -38.06 -31.38
N CYS S 1878 72.34 -39.09 -30.63
CA CYS S 1878 72.18 -39.08 -29.18
C CYS S 1878 73.48 -39.32 -28.43
N TYR S 1879 74.34 -40.22 -28.94
CA TYR S 1879 75.52 -40.60 -28.18
C TYR S 1879 76.50 -39.44 -28.01
N ALA S 1880 76.81 -38.75 -29.10
CA ALA S 1880 77.75 -37.62 -29.03
C ALA S 1880 77.20 -36.51 -28.15
N TYR S 1881 75.92 -36.18 -28.31
CA TYR S 1881 75.32 -35.13 -27.50
C TYR S 1881 75.33 -35.51 -26.03
N SER S 1882 75.01 -36.76 -25.71
CA SER S 1882 74.98 -37.20 -24.32
C SER S 1882 76.38 -37.13 -23.71
N GLN S 1883 77.39 -37.63 -24.44
CA GLN S 1883 78.76 -37.57 -23.92
C GLN S 1883 79.22 -36.14 -23.73
N TYR S 1884 78.89 -35.26 -24.67
CA TYR S 1884 79.21 -33.84 -24.51
C TYR S 1884 78.55 -33.27 -23.26
N MET S 1885 77.29 -33.65 -23.01
CA MET S 1885 76.60 -33.15 -21.83
C MET S 1885 77.28 -33.62 -20.55
N MET S 1886 77.64 -34.91 -20.47
CA MET S 1886 78.30 -35.40 -19.27
C MET S 1886 79.66 -34.73 -19.07
N LYS S 1887 80.43 -34.56 -20.14
CA LYS S 1887 81.72 -33.87 -20.01
C LYS S 1887 81.52 -32.42 -19.55
N ALA S 1888 80.53 -31.73 -20.11
CA ALA S 1888 80.28 -30.35 -19.72
C ALA S 1888 79.88 -30.25 -18.25
N VAL S 1889 79.07 -31.20 -17.77
CA VAL S 1889 78.73 -31.22 -16.36
C VAL S 1889 79.98 -31.46 -15.51
N ARG S 1890 80.83 -32.40 -15.93
CA ARG S 1890 82.05 -32.68 -15.18
C ARG S 1890 83.03 -31.52 -15.20
N THR S 1891 82.94 -30.62 -16.20
CA THR S 1891 83.85 -29.48 -16.24
C THR S 1891 83.66 -28.57 -15.04
N ASN S 1892 82.41 -28.38 -14.61
CA ASN S 1892 82.15 -27.50 -13.48
C ASN S 1892 82.83 -28.03 -12.22
N PRO S 1893 83.54 -27.18 -11.48
CA PRO S 1893 84.21 -27.67 -10.26
C PRO S 1893 83.24 -28.22 -9.23
N MET S 1894 82.00 -27.71 -9.20
CA MET S 1894 81.06 -28.15 -8.17
C MET S 1894 80.66 -29.60 -8.34
N PHE S 1895 80.71 -30.13 -9.56
CA PHE S 1895 80.27 -31.50 -9.84
C PHE S 1895 81.42 -32.38 -10.31
N SER S 1896 82.66 -31.99 -10.01
CA SER S 1896 83.81 -32.74 -10.50
C SER S 1896 83.82 -34.16 -9.93
N TYR S 1897 83.51 -34.30 -8.65
CA TYR S 1897 83.48 -35.61 -8.01
C TYR S 1897 82.14 -36.31 -8.21
N LEU S 1898 81.18 -35.66 -8.85
CA LEU S 1898 79.87 -36.25 -9.10
C LEU S 1898 79.95 -37.14 -10.33
N ASP S 1899 79.79 -38.45 -10.13
CA ASP S 1899 79.85 -39.39 -11.25
C ASP S 1899 78.45 -39.67 -11.75
N LEU S 1900 78.26 -39.51 -13.07
CA LEU S 1900 76.97 -39.72 -13.70
C LEU S 1900 77.12 -40.79 -14.78
N ASN S 1901 76.14 -41.68 -14.88
CA ASN S 1901 76.09 -42.68 -15.93
C ASN S 1901 74.67 -42.75 -16.47
N ILE S 1902 74.54 -42.78 -17.79
CA ILE S 1902 73.23 -42.85 -18.42
C ILE S 1902 72.77 -44.31 -18.41
N LYS S 1903 71.57 -44.53 -17.90
CA LYS S 1903 71.05 -45.89 -17.75
C LYS S 1903 70.23 -46.34 -18.96
N ARG S 1904 69.26 -45.52 -19.37
CA ARG S 1904 68.38 -45.88 -20.47
C ARG S 1904 68.15 -44.68 -21.38
N TYR S 1905 67.91 -44.97 -22.65
CA TYR S 1905 67.52 -43.96 -23.63
C TYR S 1905 66.07 -44.18 -24.02
N TRP S 1906 65.26 -43.14 -23.90
CA TRP S 1906 63.84 -43.21 -24.26
C TRP S 1906 63.64 -42.47 -25.58
N ASP S 1907 63.34 -43.23 -26.63
CA ASP S 1907 62.92 -42.58 -27.87
C ASP S 1907 61.58 -41.88 -27.66
N LEU S 1908 60.65 -42.54 -26.98
CA LEU S 1908 59.35 -41.98 -26.65
C LEU S 1908 59.07 -42.26 -25.18
N LEU S 1909 58.34 -41.34 -24.54
CA LEU S 1909 58.06 -41.48 -23.12
C LEU S 1909 56.76 -40.78 -22.77
N ILE S 1910 55.85 -41.50 -22.12
CA ILE S 1910 54.62 -40.95 -21.58
C ILE S 1910 54.80 -40.93 -20.07
N TRP S 1911 55.17 -39.78 -19.53
CA TRP S 1911 55.56 -39.66 -18.13
C TRP S 1911 54.45 -38.99 -17.33
N MET S 1912 53.97 -39.68 -16.29
CA MET S 1912 53.05 -39.07 -15.33
C MET S 1912 53.71 -38.93 -13.96
N ASP S 1913 54.22 -40.03 -13.41
CA ASP S 1913 55.00 -40.03 -12.19
C ASP S 1913 56.16 -41.00 -12.38
N LYS S 1914 56.91 -41.25 -11.30
CA LYS S 1914 57.92 -42.29 -11.34
C LYS S 1914 57.29 -43.66 -11.57
N PHE S 1915 56.14 -43.91 -10.96
CA PHE S 1915 55.51 -45.21 -10.99
C PHE S 1915 54.42 -45.31 -12.06
N ASN S 1916 54.21 -44.25 -12.85
CA ASN S 1916 53.24 -44.22 -13.93
C ASN S 1916 53.94 -43.65 -15.15
N PHE S 1917 54.50 -44.53 -15.97
CA PHE S 1917 55.23 -44.10 -17.16
C PHE S 1917 55.24 -45.24 -18.17
N SER S 1918 55.47 -44.87 -19.43
CA SER S 1918 55.63 -45.86 -20.49
C SER S 1918 56.32 -45.19 -21.66
N GLY S 1919 56.87 -46.01 -22.54
CA GLY S 1919 57.51 -45.50 -23.73
C GLY S 1919 58.47 -46.53 -24.31
N LEU S 1920 59.20 -46.08 -25.33
CA LEU S 1920 60.16 -46.92 -26.03
C LEU S 1920 61.54 -46.68 -25.43
N ALA S 1921 62.24 -47.75 -25.07
CA ALA S 1921 63.53 -47.68 -24.43
C ALA S 1921 64.58 -48.40 -25.26
N CYS S 1922 65.80 -47.89 -25.25
CA CYS S 1922 66.90 -48.49 -25.98
C CYS S 1922 67.62 -49.54 -25.14
N ASP S 1932 65.17 -47.69 -28.55
CA ASP S 1932 64.15 -47.36 -29.53
C ASP S 1932 63.33 -48.58 -29.91
N TYR S 1933 63.70 -49.74 -29.38
CA TYR S 1933 63.06 -51.00 -29.73
C TYR S 1933 62.38 -51.67 -28.55
N THR S 1934 62.95 -51.64 -27.35
CA THR S 1934 62.23 -52.13 -26.18
C THR S 1934 61.14 -51.14 -25.77
N ALA S 1935 60.07 -51.67 -25.18
CA ALA S 1935 58.99 -50.85 -24.66
C ALA S 1935 58.60 -51.37 -23.27
N VAL S 1936 58.28 -50.45 -22.37
CA VAL S 1936 57.92 -50.78 -21.00
C VAL S 1936 56.57 -50.13 -20.69
N SER S 1937 55.74 -50.84 -19.93
CA SER S 1937 54.43 -50.37 -19.52
C SER S 1937 54.32 -50.56 -18.02
N GLN S 1938 54.78 -49.56 -17.27
CA GLN S 1938 54.73 -49.57 -15.81
C GLN S 1938 53.71 -48.52 -15.39
N TRP S 1939 52.45 -48.92 -15.31
CA TRP S 1939 51.35 -48.02 -14.97
C TRP S 1939 50.70 -48.51 -13.69
N GLN S 1940 50.96 -47.80 -12.59
CA GLN S 1940 50.34 -48.12 -11.32
C GLN S 1940 48.86 -47.77 -11.29
N LEU S 1941 48.38 -47.00 -12.27
CA LEU S 1941 46.94 -46.73 -12.37
C LEU S 1941 46.17 -48.00 -12.71
N LYS S 1942 46.81 -48.94 -13.41
CA LYS S 1942 46.11 -50.16 -13.81
C LYS S 1942 45.66 -50.97 -12.61
N LYS S 1943 46.41 -50.92 -11.51
CA LYS S 1943 46.07 -51.69 -10.33
C LYS S 1943 44.77 -51.24 -9.67
N PHE S 1944 44.26 -50.06 -10.01
CA PHE S 1944 43.06 -49.53 -9.38
C PHE S 1944 41.82 -49.70 -10.26
N LEU S 1945 41.92 -50.48 -11.32
CA LEU S 1945 40.78 -50.77 -12.18
C LEU S 1945 40.26 -52.17 -11.91
N SER S 1946 39.00 -52.39 -12.23
CA SER S 1946 38.39 -53.69 -12.02
C SER S 1946 39.13 -54.74 -12.85
N PRO S 1947 39.24 -55.97 -12.35
CA PRO S 1947 40.12 -56.95 -13.02
C PRO S 1947 39.74 -57.24 -14.46
N ILE S 1948 38.47 -57.05 -14.83
CA ILE S 1948 38.08 -57.26 -16.22
C ILE S 1948 38.70 -56.19 -17.12
N TYR S 1949 38.79 -54.97 -16.64
CA TYR S 1949 39.26 -53.84 -17.45
C TYR S 1949 40.77 -53.62 -17.36
N GLN S 1950 41.46 -54.32 -16.46
CA GLN S 1950 42.91 -54.21 -16.42
C GLN S 1950 43.57 -54.67 -17.72
N PRO S 1951 43.21 -55.83 -18.30
CA PRO S 1951 43.76 -56.15 -19.63
C PRO S 1951 43.38 -55.15 -20.69
N GLU S 1952 42.17 -54.57 -20.62
CA GLU S 1952 41.78 -53.56 -21.60
C GLU S 1952 42.68 -52.35 -21.52
N PHE S 1953 42.96 -51.87 -20.31
CA PHE S 1953 43.86 -50.73 -20.15
C PHE S 1953 45.26 -51.09 -20.64
N GLU S 1954 45.74 -52.29 -20.30
CA GLU S 1954 47.08 -52.67 -20.71
C GLU S 1954 47.20 -52.74 -22.23
N ASP S 1955 46.18 -53.28 -22.90
CA ASP S 1955 46.21 -53.37 -24.36
C ASP S 1955 46.09 -51.99 -25.00
N TRP S 1956 45.20 -51.15 -24.50
CA TRP S 1956 45.03 -49.83 -25.09
C TRP S 1956 46.23 -48.94 -24.85
N MET S 1957 46.99 -49.17 -23.77
CA MET S 1957 48.23 -48.43 -23.60
C MET S 1957 49.23 -48.77 -24.70
N MET S 1958 49.36 -50.05 -25.03
CA MET S 1958 50.25 -50.44 -26.12
C MET S 1958 49.75 -49.85 -27.44
N ILE S 1959 48.43 -49.84 -27.64
CA ILE S 1959 47.87 -49.26 -28.86
C ILE S 1959 48.21 -47.78 -28.96
N ILE S 1960 48.04 -47.05 -27.86
CA ILE S 1960 48.31 -45.61 -27.86
C ILE S 1960 49.79 -45.35 -28.12
N LEU S 1961 50.66 -46.13 -27.48
CA LEU S 1961 52.09 -45.96 -27.67
C LEU S 1961 52.48 -46.23 -29.12
N ASP S 1962 51.93 -47.28 -29.70
CA ASP S 1962 52.24 -47.59 -31.10
C ASP S 1962 51.73 -46.50 -32.04
N SER S 1963 50.54 -45.96 -31.76
CA SER S 1963 50.03 -44.87 -32.58
C SER S 1963 50.91 -43.63 -32.48
N MET S 1964 51.37 -43.32 -31.27
CA MET S 1964 52.29 -42.19 -31.10
C MET S 1964 53.58 -42.41 -31.88
N LEU S 1965 54.12 -43.64 -31.81
CA LEU S 1965 55.33 -43.94 -32.54
C LEU S 1965 55.14 -43.79 -34.05
N LYS S 1966 54.01 -44.29 -34.56
CA LYS S 1966 53.73 -44.17 -35.98
C LYS S 1966 53.60 -42.72 -36.41
N THR S 1967 52.91 -41.89 -35.60
CA THR S 1967 52.77 -40.48 -35.95
C THR S 1967 54.12 -39.77 -35.92
N LYS S 1968 54.96 -40.07 -34.93
CA LYS S 1968 56.28 -39.46 -34.88
C LYS S 1968 57.12 -39.86 -36.09
N GLN S 1969 57.05 -41.14 -36.48
CA GLN S 1969 57.79 -41.58 -37.66
C GLN S 1969 57.30 -40.88 -38.91
N SER S 1970 55.98 -40.73 -39.05
CA SER S 1970 55.43 -40.04 -40.21
C SER S 1970 55.88 -38.58 -40.25
N TYR S 1971 55.87 -37.91 -39.10
CA TYR S 1971 56.31 -36.52 -39.06
C TYR S 1971 57.78 -36.40 -39.41
N LEU S 1972 58.61 -37.31 -38.90
CA LEU S 1972 60.03 -37.27 -39.22
C LEU S 1972 60.28 -37.52 -40.71
N LYS S 1973 59.55 -38.47 -41.30
CA LYS S 1973 59.70 -38.75 -42.72
C LYS S 1973 59.26 -37.55 -43.56
N LEU S 1974 58.16 -36.90 -43.17
CA LEU S 1974 57.69 -35.73 -43.91
C LEU S 1974 58.67 -34.58 -43.82
N ASN S 1975 59.21 -34.32 -42.62
CA ASN S 1975 60.13 -33.19 -42.46
C ASN S 1975 61.49 -33.48 -43.09
N SER S 1976 61.99 -34.70 -42.93
CA SER S 1976 63.29 -35.06 -43.49
C SER S 1976 63.11 -35.78 -44.83
N SER S 1995 54.84 -27.93 -25.43
CA SER S 1995 55.15 -27.35 -26.73
C SER S 1995 53.88 -26.95 -27.48
N VAL S 1996 53.99 -25.92 -28.31
CA VAL S 1996 52.83 -25.48 -29.09
C VAL S 1996 52.41 -26.57 -30.05
N GLU S 1997 53.36 -27.14 -30.78
CA GLU S 1997 53.08 -28.20 -31.74
C GLU S 1997 54.33 -29.06 -31.90
N ASN S 1998 54.20 -30.35 -31.66
CA ASN S 1998 55.30 -31.29 -31.83
C ASN S 1998 54.92 -32.32 -32.90
N SER S 1999 55.73 -33.36 -33.02
CA SER S 1999 55.51 -34.37 -34.05
C SER S 1999 54.13 -35.01 -33.94
N LEU S 2000 53.59 -35.08 -32.72
CA LEU S 2000 52.29 -35.70 -32.49
C LEU S 2000 51.22 -34.63 -32.63
N ASN S 2001 50.39 -34.75 -33.67
CA ASN S 2001 49.23 -33.88 -33.81
C ASN S 2001 47.97 -34.60 -34.22
N GLY S 2002 48.04 -35.84 -34.69
CA GLY S 2002 46.86 -36.56 -35.08
C GLY S 2002 46.91 -38.02 -34.68
N PHE S 2003 47.71 -38.32 -33.65
CA PHE S 2003 47.84 -39.71 -33.22
C PHE S 2003 46.52 -40.29 -32.71
N SER S 2004 45.60 -39.43 -32.27
CA SER S 2004 44.30 -39.93 -31.84
C SER S 2004 43.47 -40.42 -33.02
N HIS S 2005 43.64 -39.80 -34.19
CA HIS S 2005 42.85 -40.19 -35.36
C HIS S 2005 43.08 -41.64 -35.76
N LEU S 2006 44.22 -42.21 -35.39
CA LEU S 2006 44.51 -43.60 -35.75
C LEU S 2006 43.58 -44.57 -35.03
N PHE S 2007 43.27 -44.31 -33.76
CA PHE S 2007 42.51 -45.24 -32.94
C PHE S 2007 41.26 -44.64 -32.33
N SER S 2008 40.84 -43.45 -32.77
CA SER S 2008 39.68 -42.82 -32.16
C SER S 2008 38.41 -43.64 -32.39
N LYS S 2009 38.13 -43.99 -33.65
CA LYS S 2009 36.93 -44.75 -33.95
C LYS S 2009 36.93 -46.14 -33.35
N PRO S 2010 38.00 -46.94 -33.47
CA PRO S 2010 38.00 -48.24 -32.78
C PRO S 2010 37.81 -48.12 -31.29
N LEU S 2011 38.41 -47.10 -30.67
CA LEU S 2011 38.25 -46.91 -29.23
C LEU S 2011 36.81 -46.59 -28.88
N MET S 2012 36.16 -45.71 -29.66
CA MET S 2012 34.77 -45.37 -29.38
C MET S 2012 33.87 -46.58 -29.54
N LYS S 2013 34.08 -47.37 -30.60
CA LYS S 2013 33.26 -48.57 -30.79
C LYS S 2013 33.49 -49.58 -29.68
N ARG S 2014 34.75 -49.77 -29.27
CA ARG S 2014 35.05 -50.69 -28.19
C ARG S 2014 34.41 -50.23 -26.88
N VAL S 2015 34.43 -48.92 -26.63
CA VAL S 2015 33.81 -48.41 -25.42
C VAL S 2015 32.31 -48.61 -25.45
N LYS S 2016 31.68 -48.39 -26.61
CA LYS S 2016 30.24 -48.65 -26.71
C LYS S 2016 29.91 -50.11 -26.45
N LYS S 2017 30.70 -51.02 -27.04
CA LYS S 2017 30.47 -52.44 -26.81
C LYS S 2017 30.67 -52.80 -25.34
N LEU S 2018 31.72 -52.26 -24.71
CA LEU S 2018 31.97 -52.54 -23.31
C LEU S 2018 30.87 -51.99 -22.43
N PHE S 2019 30.33 -50.82 -22.78
CA PHE S 2019 29.24 -50.25 -22.01
C PHE S 2019 27.98 -51.11 -22.11
N LYS S 2020 27.66 -51.59 -23.31
CA LYS S 2020 26.50 -52.48 -23.45
C LYS S 2020 26.72 -53.77 -22.68
N ASN S 2021 27.92 -54.34 -22.76
CA ASN S 2021 28.21 -55.56 -22.01
C ASN S 2021 28.09 -55.33 -20.52
N GLN S 2022 28.58 -54.19 -20.02
CA GLN S 2022 28.45 -53.88 -18.61
C GLN S 2022 26.99 -53.74 -18.21
N GLN S 2023 26.21 -52.96 -18.98
CA GLN S 2023 24.80 -52.79 -18.68
C GLN S 2023 24.08 -54.14 -18.63
N GLU S 2024 24.52 -55.09 -19.46
CA GLU S 2024 23.94 -56.42 -19.40
C GLU S 2024 24.37 -57.16 -18.14
N PHE S 2025 25.64 -57.08 -17.76
CA PHE S 2025 26.18 -57.95 -16.72
C PHE S 2025 26.57 -57.23 -15.44
N ILE S 2026 26.18 -55.95 -15.27
CA ILE S 2026 26.61 -55.23 -14.07
C ILE S 2026 25.89 -55.76 -12.84
N LEU S 2027 24.59 -56.05 -12.96
CA LEU S 2027 23.79 -56.48 -11.82
C LEU S 2027 23.69 -58.00 -11.70
N ASP S 2028 23.81 -58.72 -12.79
CA ASP S 2028 23.67 -60.17 -12.76
C ASP S 2028 24.83 -60.78 -11.97
N PRO S 2029 24.57 -61.72 -11.06
CA PRO S 2029 25.67 -62.37 -10.35
C PRO S 2029 26.53 -63.23 -11.26
N GLN S 2030 27.55 -63.88 -10.71
CA GLN S 2030 28.57 -64.65 -11.42
C GLN S 2030 29.46 -63.74 -12.26
N TYR S 2031 29.17 -62.45 -12.32
CA TYR S 2031 30.03 -61.48 -12.97
C TYR S 2031 30.59 -60.45 -12.01
N GLU S 2032 30.14 -60.44 -10.75
CA GLU S 2032 30.66 -59.50 -9.77
C GLU S 2032 32.11 -59.76 -9.43
N ALA S 2033 32.62 -60.95 -9.73
CA ALA S 2033 34.04 -61.21 -9.55
C ALA S 2033 34.90 -60.40 -10.52
N ASP S 2034 34.30 -59.89 -11.61
CA ASP S 2034 34.99 -59.06 -12.57
C ASP S 2034 34.74 -57.58 -12.37
N TYR S 2035 33.51 -57.19 -12.04
CA TYR S 2035 33.17 -55.79 -11.81
C TYR S 2035 33.37 -55.39 -10.36
N VAL S 2036 34.55 -55.65 -9.82
CA VAL S 2036 34.88 -55.35 -8.43
C VAL S 2036 36.10 -54.43 -8.41
N ILE S 2037 36.04 -53.39 -7.59
CA ILE S 2037 37.15 -52.46 -7.46
C ILE S 2037 38.19 -53.04 -6.51
N PRO S 2038 39.43 -53.20 -6.95
CA PRO S 2038 40.46 -53.75 -6.06
C PRO S 2038 40.73 -52.81 -4.88
N VAL S 2039 41.15 -53.41 -3.77
CA VAL S 2039 41.51 -52.67 -2.58
C VAL S 2039 43.02 -52.64 -2.49
N LEU S 2040 43.60 -51.45 -2.51
CA LEU S 2040 45.03 -51.22 -2.48
C LEU S 2040 45.34 -50.25 -1.36
N PRO S 2041 46.58 -50.20 -0.88
CA PRO S 2041 46.91 -49.30 0.23
C PRO S 2041 46.59 -47.84 -0.04
N GLY S 2042 46.71 -47.40 -1.28
CA GLY S 2042 46.39 -46.03 -1.60
C GLY S 2042 44.95 -45.75 -1.95
N SER S 2043 44.08 -46.75 -1.87
CA SER S 2043 42.71 -46.61 -2.33
C SER S 2043 41.97 -45.61 -1.44
N HIS S 2044 41.46 -44.54 -2.06
CA HIS S 2044 40.67 -43.55 -1.33
C HIS S 2044 39.47 -43.07 -2.14
N LEU S 2045 39.18 -43.69 -3.28
CA LEU S 2045 38.13 -43.23 -4.18
C LEU S 2045 37.01 -44.25 -4.25
N ASN S 2046 35.77 -43.78 -4.19
CA ASN S 2046 34.62 -44.64 -4.39
C ASN S 2046 34.24 -44.65 -5.86
N VAL S 2047 34.21 -45.84 -6.45
CA VAL S 2047 33.99 -46.02 -7.89
C VAL S 2047 32.61 -46.62 -8.09
N LYS S 2048 31.77 -45.93 -8.86
CA LYS S 2048 30.44 -46.41 -9.19
C LYS S 2048 30.35 -47.03 -10.56
N ASN S 2049 31.18 -46.58 -11.51
CA ASN S 2049 31.18 -47.08 -12.88
C ASN S 2049 32.61 -47.44 -13.26
N PRO S 2050 33.02 -48.70 -13.08
CA PRO S 2050 34.42 -49.05 -13.38
C PRO S 2050 34.84 -48.79 -14.81
N LEU S 2051 33.92 -48.95 -15.78
CA LEU S 2051 34.24 -48.59 -17.15
C LEU S 2051 34.52 -47.10 -17.26
N LEU S 2052 33.76 -46.28 -16.53
CA LEU S 2052 34.04 -44.84 -16.53
C LEU S 2052 35.41 -44.56 -15.95
N GLU S 2053 35.82 -45.30 -14.92
CA GLU S 2053 37.17 -45.15 -14.40
C GLU S 2053 38.22 -45.53 -15.44
N LEU S 2054 37.98 -46.59 -16.20
CA LEU S 2054 38.90 -46.98 -17.26
C LEU S 2054 39.04 -45.88 -18.31
N VAL S 2055 37.91 -45.34 -18.77
CA VAL S 2055 37.99 -44.31 -19.81
C VAL S 2055 38.58 -43.03 -19.24
N LYS S 2056 38.35 -42.75 -17.95
CA LYS S 2056 38.98 -41.60 -17.32
C LYS S 2056 40.50 -41.74 -17.31
N SER S 2057 40.98 -42.94 -16.96
CA SER S 2057 42.43 -43.16 -16.95
C SER S 2057 43.02 -43.04 -18.36
N LEU S 2058 42.34 -43.63 -19.35
CA LEU S 2058 42.84 -43.55 -20.72
C LEU S 2058 42.87 -42.11 -21.20
N CYS S 2059 41.78 -41.36 -20.96
CA CYS S 2059 41.75 -39.97 -21.36
C CYS S 2059 42.79 -39.14 -20.64
N HIS S 2060 43.08 -39.45 -19.37
CA HIS S 2060 44.11 -38.71 -18.67
C HIS S 2060 45.50 -38.96 -19.26
N VAL S 2061 45.84 -40.23 -19.46
CA VAL S 2061 47.17 -40.52 -20.02
C VAL S 2061 47.28 -39.98 -21.43
N MET S 2062 46.15 -39.81 -22.14
CA MET S 2062 46.21 -39.17 -23.44
C MET S 2062 46.33 -37.65 -23.31
N LEU S 2063 45.70 -37.05 -22.30
CA LEU S 2063 45.77 -35.63 -22.04
C LEU S 2063 47.11 -35.20 -21.45
N LEU S 2064 47.98 -36.14 -21.10
CA LEU S 2064 49.30 -35.77 -20.62
C LEU S 2064 50.04 -34.89 -21.62
N SER S 2065 49.88 -35.16 -22.91
CA SER S 2065 50.59 -34.39 -23.93
C SER S 2065 50.04 -32.98 -24.02
N LYS S 2066 50.93 -31.99 -24.04
CA LYS S 2066 50.50 -30.60 -24.11
C LYS S 2066 50.09 -30.17 -25.51
N SER S 2067 50.73 -30.73 -26.54
CA SER S 2067 50.45 -30.29 -27.90
C SER S 2067 49.06 -30.72 -28.36
N THR S 2068 48.65 -31.94 -28.04
CA THR S 2068 47.40 -32.52 -28.52
C THR S 2068 46.29 -32.42 -27.49
N ILE S 2069 46.22 -31.31 -26.76
CA ILE S 2069 45.19 -31.16 -25.75
C ILE S 2069 43.81 -31.13 -26.38
N LEU S 2070 43.64 -30.35 -27.45
CA LEU S 2070 42.31 -30.14 -28.02
C LEU S 2070 41.76 -31.41 -28.65
N GLU S 2071 42.56 -32.10 -29.46
CA GLU S 2071 42.07 -33.29 -30.13
C GLU S 2071 41.79 -34.43 -29.16
N ILE S 2072 42.40 -34.41 -27.98
CA ILE S 2072 42.08 -35.41 -26.98
C ILE S 2072 40.89 -34.98 -26.12
N ARG S 2073 40.69 -33.68 -25.92
CA ARG S 2073 39.48 -33.23 -25.24
C ARG S 2073 38.25 -33.55 -26.07
N THR S 2074 38.33 -33.41 -27.39
CA THR S 2074 37.20 -33.79 -28.24
C THR S 2074 36.91 -35.29 -28.11
N LEU S 2075 37.97 -36.11 -28.11
CA LEU S 2075 37.78 -37.55 -27.95
C LEU S 2075 37.17 -37.88 -26.60
N ARG S 2076 37.62 -37.19 -25.55
CA ARG S 2076 37.07 -37.41 -24.22
C ARG S 2076 35.60 -37.01 -24.16
N LYS S 2077 35.24 -35.91 -24.81
CA LYS S 2077 33.84 -35.51 -24.86
C LYS S 2077 32.99 -36.55 -25.57
N GLU S 2078 33.49 -37.07 -26.69
CA GLU S 2078 32.76 -38.11 -27.40
C GLU S 2078 32.62 -39.37 -26.56
N LEU S 2079 33.67 -39.74 -25.82
CA LEU S 2079 33.61 -40.91 -24.96
C LEU S 2079 32.59 -40.70 -23.84
N LEU S 2080 32.58 -39.51 -23.24
CA LEU S 2080 31.67 -39.24 -22.15
C LEU S 2080 30.23 -39.12 -22.61
N LYS S 2081 30.02 -38.79 -23.89
CA LYS S 2081 28.65 -38.80 -24.41
C LYS S 2081 28.02 -40.18 -24.31
N ILE S 2082 28.83 -41.24 -24.36
CA ILE S 2082 28.32 -42.60 -24.21
C ILE S 2082 27.70 -42.79 -22.84
N PHE S 2083 28.37 -42.31 -21.79
CA PHE S 2083 27.85 -42.41 -20.44
C PHE S 2083 26.81 -41.35 -20.13
N GLU S 2084 26.46 -40.51 -21.11
CA GLU S 2084 25.55 -39.39 -20.90
C GLU S 2084 26.07 -38.46 -19.81
N LEU S 2085 27.39 -38.30 -19.76
CA LEU S 2085 28.04 -37.42 -18.80
C LEU S 2085 28.53 -36.17 -19.50
N ARG S 2086 28.39 -35.03 -18.83
CA ARG S 2086 28.89 -33.78 -19.39
C ARG S 2086 30.41 -33.78 -19.40
N GLU S 2087 30.98 -32.98 -20.32
CA GLU S 2087 32.42 -32.98 -20.50
C GLU S 2087 33.14 -32.50 -19.24
N PHE S 2088 32.58 -31.49 -18.57
CA PHE S 2088 33.20 -30.90 -17.39
C PHE S 2088 32.56 -31.36 -16.09
N ALA S 2089 31.86 -32.48 -16.11
CA ALA S 2089 31.23 -32.99 -14.89
C ALA S 2089 32.29 -33.35 -13.86
N LYS S 2090 31.93 -33.17 -12.59
CA LYS S 2090 32.87 -33.44 -11.51
C LYS S 2090 33.26 -34.90 -11.47
N VAL S 2091 32.29 -35.80 -11.68
CA VAL S 2091 32.58 -37.23 -11.64
C VAL S 2091 33.52 -37.62 -12.78
N ALA S 2092 33.42 -36.94 -13.92
CA ALA S 2092 34.27 -37.27 -15.06
C ALA S 2092 35.71 -36.82 -14.88
N GLU S 2093 35.98 -35.91 -13.95
CA GLU S 2093 37.34 -35.45 -13.74
C GLU S 2093 38.19 -36.56 -13.14
N PHE S 2094 39.44 -36.65 -13.58
CA PHE S 2094 40.34 -37.70 -13.14
C PHE S 2094 41.10 -37.25 -11.91
N LYS S 2095 40.93 -37.99 -10.82
CA LYS S 2095 41.71 -37.81 -9.61
C LYS S 2095 42.58 -39.04 -9.41
N ASP S 2096 43.80 -38.84 -8.92
CA ASP S 2096 44.72 -39.94 -8.75
C ASP S 2096 44.14 -40.94 -7.75
N PRO S 2097 43.92 -42.20 -8.15
CA PRO S 2097 43.30 -43.16 -7.22
C PRO S 2097 44.17 -43.53 -6.04
N SER S 2098 45.47 -43.26 -6.09
CA SER S 2098 46.40 -43.71 -5.06
C SER S 2098 46.96 -42.52 -4.30
N LEU S 2099 47.03 -42.66 -2.98
CA LEU S 2099 47.71 -41.70 -2.13
C LEU S 2099 49.19 -42.06 -2.04
N SER S 2100 49.92 -41.30 -1.23
CA SER S 2100 51.36 -41.50 -1.11
C SER S 2100 51.76 -41.56 0.35
N LEU S 2101 52.75 -42.40 0.65
CA LEU S 2101 53.27 -42.55 2.00
C LEU S 2101 54.74 -42.91 1.88
N VAL S 2102 55.60 -41.90 1.97
CA VAL S 2102 57.03 -42.05 1.71
C VAL S 2102 57.79 -42.08 3.02
N VAL S 2103 58.69 -43.04 3.15
CA VAL S 2103 59.65 -43.07 4.27
C VAL S 2103 60.94 -42.45 3.76
N PRO S 2104 61.20 -41.18 4.05
CA PRO S 2104 62.32 -40.50 3.41
C PRO S 2104 63.66 -41.10 3.79
N ASP S 2105 64.57 -41.11 2.82
CA ASP S 2105 65.97 -41.46 3.04
C ASP S 2105 66.13 -42.82 3.72
N PHE S 2106 65.37 -43.79 3.28
CA PHE S 2106 65.58 -45.16 3.74
C PHE S 2106 66.93 -45.65 3.25
N LEU S 2107 67.63 -46.38 4.11
CA LEU S 2107 69.00 -46.77 3.86
C LEU S 2107 69.09 -48.28 3.70
N CYS S 2108 69.72 -48.73 2.63
CA CYS S 2108 69.95 -50.15 2.42
C CYS S 2108 71.25 -50.56 3.10
N GLU S 2109 71.15 -51.55 3.98
CA GLU S 2109 72.25 -51.92 4.86
C GLU S 2109 73.38 -52.65 4.16
N TYR S 2110 73.23 -52.99 2.88
CA TYR S 2110 74.26 -53.74 2.17
C TYR S 2110 74.99 -52.88 1.13
N CYS S 2111 74.26 -52.26 0.22
CA CYS S 2111 74.85 -51.45 -0.83
C CYS S 2111 74.88 -49.96 -0.51
N PHE S 2112 74.35 -49.55 0.65
CA PHE S 2112 74.34 -48.16 1.07
C PHE S 2112 73.64 -47.27 0.05
N PHE S 2113 72.41 -47.64 -0.28
CA PHE S 2113 71.58 -46.90 -1.23
C PHE S 2113 70.52 -46.10 -0.46
N ILE S 2114 70.49 -44.80 -0.69
CA ILE S 2114 69.57 -43.91 0.00
C ILE S 2114 68.41 -43.62 -0.94
N SER S 2115 67.25 -44.20 -0.65
CA SER S 2115 66.07 -44.03 -1.48
C SER S 2115 64.86 -43.74 -0.61
N ASP S 2116 63.87 -43.07 -1.19
CA ASP S 2116 62.62 -42.78 -0.50
C ASP S 2116 61.63 -43.88 -0.82
N ILE S 2117 61.38 -44.74 0.16
CA ILE S 2117 60.47 -45.87 -0.02
C ILE S 2117 59.03 -45.36 0.06
N ASP S 2118 58.25 -45.60 -0.98
CA ASP S 2118 56.84 -45.26 -1.00
C ASP S 2118 56.02 -46.53 -0.89
N PHE S 2119 55.10 -46.56 0.07
CA PHE S 2119 54.34 -47.77 0.36
C PHE S 2119 53.00 -47.83 -0.34
N CYS S 2120 52.34 -46.70 -0.54
CA CYS S 2120 51.03 -46.70 -1.18
C CYS S 2120 51.11 -46.78 -2.70
N LYS S 2121 52.29 -46.56 -3.29
CA LYS S 2121 52.42 -46.48 -4.75
C LYS S 2121 53.30 -47.58 -5.32
N ALA S 2122 54.45 -47.84 -4.72
CA ALA S 2122 55.40 -48.80 -5.27
C ALA S 2122 54.83 -50.21 -5.21
N ALA S 2123 55.32 -51.05 -6.11
CA ALA S 2123 54.96 -52.46 -6.10
C ALA S 2123 55.55 -53.13 -4.86
N PRO S 2124 54.91 -54.21 -4.37
CA PRO S 2124 55.45 -54.88 -3.17
C PRO S 2124 56.88 -55.35 -3.33
N GLU S 2125 57.28 -55.78 -4.52
CA GLU S 2125 58.66 -56.22 -4.72
C GLU S 2125 59.65 -55.05 -4.65
N SER S 2126 59.18 -53.82 -4.81
CA SER S 2126 60.06 -52.66 -4.83
C SER S 2126 60.19 -51.98 -3.47
N ILE S 2127 59.53 -52.48 -2.43
CA ILE S 2127 59.67 -51.92 -1.10
C ILE S 2127 60.38 -52.88 -0.14
N PHE S 2128 60.18 -54.19 -0.28
CA PHE S 2128 60.83 -55.15 0.59
C PHE S 2128 62.26 -55.45 0.16
N SER S 2129 62.70 -54.93 -1.00
CA SER S 2129 64.05 -55.12 -1.47
C SER S 2129 64.57 -53.80 -2.02
N CYS S 2130 65.90 -53.68 -2.10
CA CYS S 2130 66.51 -52.46 -2.58
C CYS S 2130 66.29 -52.32 -4.08
N VAL S 2131 66.87 -51.27 -4.66
CA VAL S 2131 66.69 -50.98 -6.08
C VAL S 2131 67.95 -51.38 -6.85
N ARG S 2132 69.08 -50.75 -6.52
CA ARG S 2132 70.30 -51.07 -7.25
C ARG S 2132 70.75 -52.51 -6.99
N CYS S 2133 70.66 -52.96 -5.75
CA CYS S 2133 70.87 -54.37 -5.44
C CYS S 2133 69.50 -55.07 -5.44
N HIS S 2134 69.45 -56.29 -4.91
CA HIS S 2134 68.17 -56.96 -4.77
C HIS S 2134 68.03 -57.67 -3.43
N LYS S 2135 68.81 -57.28 -2.44
CA LYS S 2135 68.70 -57.87 -1.11
C LYS S 2135 67.41 -57.41 -0.42
N ALA S 2136 66.89 -58.27 0.45
CA ALA S 2136 65.62 -58.00 1.11
C ALA S 2136 65.81 -57.01 2.26
N PHE S 2137 64.69 -56.50 2.76
CA PHE S 2137 64.66 -55.56 3.87
C PHE S 2137 63.93 -56.19 5.05
N ASN S 2138 64.37 -55.84 6.25
CA ASN S 2138 63.73 -56.35 7.45
C ASN S 2138 62.31 -55.82 7.58
N GLN S 2139 61.39 -56.70 7.95
CA GLN S 2139 60.03 -56.24 8.26
C GLN S 2139 60.04 -55.34 9.49
N VAL S 2140 60.86 -55.67 10.49
CA VAL S 2140 60.93 -54.86 11.70
C VAL S 2140 61.46 -53.47 11.39
N LEU S 2141 62.44 -53.35 10.50
CA LEU S 2141 62.95 -52.03 10.15
C LEU S 2141 61.90 -51.19 9.45
N LEU S 2142 61.16 -51.79 8.51
CA LEU S 2142 60.11 -51.07 7.82
C LEU S 2142 59.03 -50.60 8.79
N GLN S 2143 58.62 -51.49 9.70
CA GLN S 2143 57.61 -51.11 10.68
C GLN S 2143 58.12 -50.03 11.63
N GLU S 2144 59.39 -50.13 12.03
CA GLU S 2144 59.98 -49.12 12.90
C GLU S 2144 60.00 -47.76 12.23
N HIS S 2145 60.42 -47.71 10.95
CA HIS S 2145 60.46 -46.43 10.26
C HIS S 2145 59.06 -45.87 10.01
N LEU S 2146 58.08 -46.74 9.72
CA LEU S 2146 56.71 -46.26 9.58
C LEU S 2146 56.20 -45.68 10.88
N ILE S 2147 56.48 -46.35 12.00
CA ILE S 2147 56.06 -45.83 13.30
C ILE S 2147 56.75 -44.51 13.60
N GLN S 2148 58.03 -44.42 13.27
CA GLN S 2148 58.76 -43.17 13.50
C GLN S 2148 58.14 -42.03 12.71
N LYS S 2149 57.78 -42.27 11.44
CA LYS S 2149 57.13 -41.22 10.66
C LYS S 2149 55.76 -40.89 11.24
N LEU S 2150 55.01 -41.88 11.73
CA LEU S 2150 53.71 -41.60 12.31
C LEU S 2150 53.84 -40.72 13.55
N ARG S 2151 54.78 -41.05 14.42
CA ARG S 2151 54.99 -40.23 15.61
C ARG S 2151 55.51 -38.85 15.24
N SER S 2152 56.33 -38.75 14.20
CA SER S 2152 56.80 -37.45 13.75
C SER S 2152 55.64 -36.60 13.25
N ASP S 2153 54.71 -37.22 12.51
CA ASP S 2153 53.53 -36.49 12.05
C ASP S 2153 52.69 -36.02 13.23
N ILE S 2154 52.49 -36.89 14.22
CA ILE S 2154 51.70 -36.51 15.39
C ILE S 2154 52.37 -35.35 16.13
N GLU S 2155 53.68 -35.45 16.34
CA GLU S 2155 54.40 -34.40 17.05
C GLU S 2155 54.38 -33.09 16.27
N SER S 2156 54.56 -33.15 14.96
CA SER S 2156 54.52 -31.94 14.15
C SER S 2156 53.14 -31.31 14.16
N TYR S 2157 52.07 -32.11 14.23
CA TYR S 2157 50.75 -31.53 14.40
C TYR S 2157 50.62 -30.86 15.76
N LEU S 2158 51.17 -31.48 16.80
CA LEU S 2158 51.00 -30.93 18.14
C LEU S 2158 51.85 -29.69 18.40
N ILE S 2159 52.99 -29.57 17.75
CA ILE S 2159 53.90 -28.45 17.97
C ILE S 2159 53.82 -27.42 16.84
N GLN S 2160 52.77 -27.49 16.02
CA GLN S 2160 52.63 -26.54 14.93
C GLN S 2160 52.38 -25.14 15.48
N ASP S 2161 52.56 -24.16 14.61
CA ASP S 2161 52.37 -22.76 14.95
C ASP S 2161 51.06 -22.27 14.35
N LEU S 2162 50.22 -21.66 15.18
CA LEU S 2162 48.97 -21.13 14.68
C LEU S 2162 49.22 -19.87 13.86
N ARG S 2163 48.27 -19.57 12.97
CA ARG S 2163 48.36 -18.38 12.15
C ARG S 2163 46.96 -17.88 11.84
N CYS S 2164 46.83 -16.59 11.63
CA CYS S 2164 45.53 -16.00 11.35
C CYS S 2164 44.97 -16.53 10.04
N SER S 2165 43.65 -16.63 9.99
CA SER S 2165 42.97 -17.18 8.82
C SER S 2165 42.66 -16.11 7.77
N ARG S 2166 42.98 -14.85 8.03
CA ARG S 2166 42.70 -13.78 7.09
C ARG S 2166 43.97 -13.07 6.61
N CYS S 2167 44.87 -12.69 7.52
CA CYS S 2167 46.11 -12.04 7.14
C CYS S 2167 47.32 -12.97 7.20
N HIS S 2168 47.14 -14.20 7.69
CA HIS S 2168 48.18 -15.22 7.71
C HIS S 2168 49.40 -14.81 8.53
N LYS S 2169 49.25 -13.87 9.45
CA LYS S 2169 50.34 -13.53 10.36
C LYS S 2169 50.45 -14.60 11.44
N VAL S 2170 51.66 -15.10 11.66
CA VAL S 2170 51.86 -16.18 12.61
C VAL S 2170 51.56 -15.69 14.02
N LYS S 2171 50.88 -16.53 14.80
CA LYS S 2171 50.54 -16.17 16.17
C LYS S 2171 51.80 -16.11 17.02
N ARG S 2172 51.95 -15.01 17.78
CA ARG S 2172 53.12 -14.82 18.62
C ARG S 2172 52.83 -14.88 20.11
N ASP S 2173 51.63 -14.54 20.53
CA ASP S 2173 51.28 -14.55 21.94
C ASP S 2173 50.64 -15.88 22.34
N TYR S 2174 50.51 -16.08 23.64
CA TYR S 2174 50.03 -17.34 24.18
C TYR S 2174 48.56 -17.32 24.58
N MET S 2175 48.05 -16.18 25.03
CA MET S 2175 46.63 -16.01 25.31
C MET S 2175 46.07 -14.96 24.37
N SER S 2176 45.29 -15.39 23.39
CA SER S 2176 44.71 -14.47 22.43
C SER S 2176 43.52 -15.15 21.78
N ALA S 2177 42.35 -14.51 21.88
CA ALA S 2177 41.15 -15.09 21.30
C ALA S 2177 41.25 -15.16 19.78
N HIS S 2178 41.77 -14.13 19.15
CA HIS S 2178 41.85 -14.08 17.70
C HIS S 2178 42.92 -13.08 17.29
N CYS S 2179 43.20 -13.05 16.00
CA CYS S 2179 44.17 -12.10 15.46
C CYS S 2179 43.66 -10.67 15.66
N PRO S 2180 44.57 -9.72 15.89
CA PRO S 2180 44.11 -8.32 16.04
C PRO S 2180 43.39 -7.77 14.83
N CYS S 2181 43.56 -8.38 13.66
CA CYS S 2181 42.82 -7.98 12.47
C CYS S 2181 41.46 -8.67 12.38
N ALA S 2182 40.92 -9.15 13.51
CA ALA S 2182 39.61 -9.78 13.57
C ALA S 2182 39.55 -11.06 12.73
N GLY S 2183 40.58 -11.88 12.84
CA GLY S 2183 40.61 -13.15 12.16
C GLY S 2183 40.87 -14.31 13.10
N ALA S 2184 40.10 -15.37 12.97
CA ALA S 2184 40.26 -16.52 13.84
C ALA S 2184 41.57 -17.22 13.56
N TRP S 2185 42.19 -17.75 14.62
CA TRP S 2185 43.41 -18.52 14.44
C TRP S 2185 43.13 -19.84 13.76
N GLU S 2186 44.10 -20.30 12.97
CA GLU S 2186 44.01 -21.60 12.32
C GLU S 2186 45.41 -22.18 12.22
N GLY S 2187 45.49 -23.50 12.20
CA GLY S 2187 46.78 -24.16 12.19
C GLY S 2187 47.41 -24.21 10.83
N THR S 2188 48.74 -24.24 10.80
CA THR S 2188 49.45 -24.42 9.54
C THR S 2188 49.32 -25.86 9.04
N LEU S 2189 49.11 -26.82 9.94
CA LEU S 2189 48.82 -28.19 9.56
C LEU S 2189 47.38 -28.51 9.96
N PRO S 2190 46.44 -28.52 9.01
CA PRO S 2190 45.05 -28.78 9.37
C PRO S 2190 44.87 -30.18 9.95
N ARG S 2191 43.87 -30.32 10.80
CA ARG S 2191 43.59 -31.60 11.43
C ARG S 2191 43.23 -32.67 10.40
N GLU S 2192 42.50 -32.27 9.36
CA GLU S 2192 42.08 -33.22 8.33
C GLU S 2192 43.27 -33.86 7.63
N SER S 2193 44.36 -33.12 7.45
CA SER S 2193 45.56 -33.69 6.84
C SER S 2193 46.11 -34.82 7.70
N ILE S 2194 46.19 -34.62 9.01
CA ILE S 2194 46.70 -35.67 9.89
C ILE S 2194 45.74 -36.84 9.94
N VAL S 2195 44.43 -36.57 9.90
CA VAL S 2195 43.46 -37.66 9.87
C VAL S 2195 43.65 -38.51 8.62
N GLN S 2196 43.85 -37.86 7.47
CA GLN S 2196 44.09 -38.59 6.23
C GLN S 2196 45.38 -39.39 6.30
N LYS S 2197 46.43 -38.81 6.89
CA LYS S 2197 47.69 -39.53 7.05
C LYS S 2197 47.50 -40.76 7.93
N LEU S 2198 46.74 -40.63 9.02
CA LEU S 2198 46.49 -41.77 9.89
C LEU S 2198 45.69 -42.85 9.18
N ASN S 2199 44.70 -42.46 8.38
CA ASN S 2199 43.95 -43.43 7.61
C ASN S 2199 44.86 -44.16 6.62
N VAL S 2200 45.77 -43.43 5.99
CA VAL S 2200 46.73 -44.06 5.07
C VAL S 2200 47.60 -45.06 5.82
N PHE S 2201 48.07 -44.69 7.00
CA PHE S 2201 48.89 -45.61 7.79
C PHE S 2201 48.10 -46.87 8.15
N LYS S 2202 46.84 -46.70 8.55
CA LYS S 2202 46.01 -47.85 8.89
C LYS S 2202 45.79 -48.74 7.67
N GLN S 2203 45.53 -48.15 6.51
CA GLN S 2203 45.33 -48.94 5.30
C GLN S 2203 46.58 -49.71 4.94
N VAL S 2204 47.75 -49.07 5.02
CA VAL S 2204 49.00 -49.75 4.71
C VAL S 2204 49.23 -50.90 5.69
N ALA S 2205 48.98 -50.67 6.98
CA ALA S 2205 49.18 -51.72 7.96
C ALA S 2205 48.24 -52.90 7.73
N LYS S 2206 46.97 -52.62 7.44
CA LYS S 2206 46.01 -53.70 7.24
C LYS S 2206 46.31 -54.48 5.97
N TYR S 2207 46.73 -53.80 4.91
CA TYR S 2207 47.02 -54.50 3.66
C TYR S 2207 48.28 -55.34 3.79
N TYR S 2208 49.41 -54.69 4.09
CA TYR S 2208 50.68 -55.41 4.15
C TYR S 2208 50.80 -56.29 5.38
N GLY S 2209 49.83 -56.26 6.29
CA GLY S 2209 49.91 -57.06 7.49
C GLY S 2209 51.02 -56.64 8.43
N PHE S 2210 51.16 -55.34 8.66
CA PHE S 2210 52.15 -54.83 9.60
C PHE S 2210 51.56 -54.92 11.00
N ASP S 2211 52.04 -55.89 11.78
CA ASP S 2211 51.46 -56.14 13.10
C ASP S 2211 51.78 -55.01 14.07
N ILE S 2212 53.06 -54.60 14.13
CA ILE S 2212 53.46 -53.58 15.09
C ILE S 2212 52.81 -52.24 14.74
N LEU S 2213 52.66 -51.95 13.46
CA LEU S 2213 52.00 -50.72 13.04
C LEU S 2213 50.52 -50.73 13.45
N LEU S 2214 49.86 -51.89 13.30
CA LEU S 2214 48.48 -52.00 13.78
C LEU S 2214 48.40 -51.82 15.29
N SER S 2215 49.38 -52.35 16.02
CA SER S 2215 49.41 -52.14 17.47
C SER S 2215 49.54 -50.67 17.80
N CYS S 2216 50.39 -49.96 17.05
CA CYS S 2216 50.54 -48.51 17.24
C CYS S 2216 49.22 -47.79 16.98
N ILE S 2217 48.56 -48.13 15.87
CA ILE S 2217 47.31 -47.47 15.52
C ILE S 2217 46.25 -47.72 16.60
N ALA S 2218 46.16 -48.95 17.09
CA ALA S 2218 45.23 -49.25 18.16
C ALA S 2218 45.58 -48.50 19.43
N ASP S 2219 46.87 -48.41 19.75
CA ASP S 2219 47.31 -47.71 20.95
C ASP S 2219 47.01 -46.22 20.87
N LEU S 2220 46.91 -45.66 19.66
CA LEU S 2220 46.55 -44.25 19.54
C LEU S 2220 45.16 -44.01 20.13
N THR S 2221 44.21 -44.90 19.85
CA THR S 2221 42.86 -44.76 20.40
C THR S 2221 42.59 -45.83 21.44
N VAL T 7 14.83 -67.22 50.89
CA VAL T 7 16.00 -67.64 50.11
C VAL T 7 15.60 -68.70 49.10
N LEU T 8 14.32 -69.04 49.08
CA LEU T 8 13.82 -70.06 48.16
C LEU T 8 13.80 -69.51 46.75
N PRO T 9 14.52 -70.11 45.80
CA PRO T 9 14.47 -69.61 44.42
C PRO T 9 13.11 -69.84 43.78
N VAL T 10 12.76 -68.93 42.88
CA VAL T 10 11.48 -69.01 42.16
C VAL T 10 11.60 -68.11 40.93
N LYS T 11 10.87 -68.45 39.88
CA LYS T 11 10.80 -67.64 38.68
C LYS T 11 9.38 -67.09 38.55
N ILE T 12 9.28 -65.77 38.45
CA ILE T 12 8.00 -65.07 38.39
C ILE T 12 7.94 -64.26 37.10
N GLN T 13 6.86 -64.43 36.36
CA GLN T 13 6.73 -63.77 35.07
C GLN T 13 6.32 -62.30 35.23
N PRO T 14 6.77 -61.45 34.32
CA PRO T 14 6.49 -60.01 34.42
C PRO T 14 5.00 -59.67 34.44
N PRO T 15 4.13 -60.40 33.72
CA PRO T 15 2.71 -60.00 33.74
C PRO T 15 2.09 -59.91 35.13
N LEU T 16 2.39 -60.85 36.02
CA LEU T 16 1.77 -60.82 37.34
C LEU T 16 2.41 -59.78 38.26
N LEU T 17 3.70 -59.54 38.12
CA LEU T 17 4.36 -58.51 38.92
C LEU T 17 4.05 -57.10 38.42
N ARG T 18 3.60 -56.96 37.18
CA ARG T 18 3.38 -55.63 36.60
C ARG T 18 2.44 -54.76 37.41
N PRO T 19 1.28 -55.24 37.88
CA PRO T 19 0.38 -54.34 38.63
C PRO T 19 1.05 -53.67 39.83
N LEU T 20 1.58 -54.47 40.76
CA LEU T 20 2.15 -53.92 41.97
C LEU T 20 3.37 -53.05 41.67
N ALA T 21 4.17 -53.54 40.72
CA ALA T 21 5.40 -52.81 40.33
C ALA T 21 5.04 -51.36 39.98
N TYR T 22 4.17 -51.18 38.98
CA TYR T 22 3.75 -49.81 38.57
C TYR T 22 3.14 -49.11 39.77
N ARG T 23 2.22 -49.80 40.47
CA ARG T 23 1.49 -49.16 41.58
C ARG T 23 2.47 -48.35 42.43
N VAL T 24 3.68 -48.86 42.65
CA VAL T 24 4.64 -48.16 43.55
C VAL T 24 5.58 -47.28 42.73
N LEU T 25 6.26 -47.84 41.74
CA LEU T 25 7.28 -47.07 40.99
C LEU T 25 6.65 -45.83 40.34
N SER T 26 5.49 -46.01 39.68
CA SER T 26 4.93 -44.87 38.97
C SER T 26 4.08 -43.98 39.86
N ARG T 27 3.14 -44.53 40.62
CA ARG T 27 2.25 -43.68 41.41
C ARG T 27 3.00 -42.98 42.54
N LYS T 28 3.80 -43.72 43.32
CA LYS T 28 4.39 -43.15 44.51
C LYS T 28 5.42 -42.08 44.16
N TYR T 29 6.26 -42.34 43.16
CA TYR T 29 7.39 -41.47 42.86
C TYR T 29 7.46 -40.99 41.41
N GLY T 30 6.86 -41.70 40.47
CA GLY T 30 6.84 -41.22 39.09
C GLY T 30 7.92 -41.80 38.21
N LEU T 31 8.10 -43.12 38.28
CA LEU T 31 9.11 -43.81 37.48
C LEU T 31 8.41 -44.69 36.45
N SER T 32 8.80 -44.54 35.19
CA SER T 32 8.26 -45.33 34.11
C SER T 32 9.08 -46.60 33.95
N ILE T 33 8.41 -47.74 33.93
CA ILE T 33 9.07 -49.04 33.83
C ILE T 33 8.79 -49.63 32.46
N LYS T 34 9.84 -49.99 31.76
CA LYS T 34 9.72 -50.62 30.45
C LYS T 34 9.51 -52.12 30.60
N SER T 35 9.26 -52.78 29.47
CA SER T 35 9.00 -54.22 29.51
C SER T 35 10.24 -55.00 29.90
N ASP T 36 11.38 -54.68 29.28
CA ASP T 36 12.62 -55.39 29.59
C ASP T 36 13.05 -55.13 31.03
N GLY T 37 12.93 -53.88 31.49
CA GLY T 37 13.27 -53.58 32.87
C GLY T 37 12.34 -54.28 33.85
N LEU T 38 11.06 -54.36 33.51
CA LEU T 38 10.13 -55.11 34.36
C LEU T 38 10.52 -56.58 34.42
N SER T 39 10.92 -57.15 33.28
CA SER T 39 11.35 -58.55 33.28
C SER T 39 12.59 -58.75 34.15
N ALA T 40 13.54 -57.82 34.06
CA ALA T 40 14.75 -57.93 34.87
C ALA T 40 14.43 -57.79 36.36
N LEU T 41 13.54 -56.86 36.71
CA LEU T 41 13.14 -56.71 38.11
C LEU T 41 12.40 -57.94 38.62
N ALA T 42 11.56 -58.54 37.76
CA ALA T 42 10.89 -59.77 38.14
C ALA T 42 11.90 -60.89 38.36
N GLU T 43 12.92 -60.97 37.51
CA GLU T 43 13.97 -61.97 37.70
C GLU T 43 14.68 -61.76 39.03
N PHE T 44 15.04 -60.51 39.33
CA PHE T 44 15.72 -60.22 40.60
C PHE T 44 14.86 -60.58 41.80
N VAL T 45 13.58 -60.20 41.76
CA VAL T 45 12.69 -60.48 42.89
C VAL T 45 12.50 -61.99 43.05
N GLY T 46 12.29 -62.70 41.95
CA GLY T 46 12.15 -64.13 42.03
C GLY T 46 13.38 -64.83 42.58
N THR T 47 14.57 -64.34 42.21
CA THR T 47 15.80 -64.97 42.68
C THR T 47 16.03 -64.69 44.16
N ASN T 48 15.87 -63.45 44.59
CA ASN T 48 16.18 -63.11 45.97
C ASN T 48 14.98 -63.15 46.91
N ILE T 49 13.81 -63.59 46.45
CA ILE T 49 12.69 -63.85 47.34
C ILE T 49 11.75 -64.82 46.63
N GLY T 50 11.02 -65.60 47.42
CA GLY T 50 10.04 -66.55 46.91
C GLY T 50 8.63 -66.08 47.15
N ALA T 51 7.72 -66.52 46.26
CA ALA T 51 6.30 -66.22 46.28
C ALA T 51 5.99 -64.75 46.03
N ASN T 52 7.01 -63.90 45.87
CA ASN T 52 6.91 -62.50 45.45
C ASN T 52 5.75 -61.77 46.16
N TRP T 53 5.82 -61.75 47.49
CA TRP T 53 4.83 -61.04 48.28
C TRP T 53 5.42 -59.89 49.08
N ARG T 54 6.46 -60.14 49.88
CA ARG T 54 7.07 -59.11 50.72
C ARG T 54 8.32 -58.53 50.04
N GLN T 55 8.13 -57.96 48.86
CA GLN T 55 9.20 -57.24 48.17
C GLN T 55 8.94 -55.74 48.12
N GLY T 56 7.90 -55.26 48.79
CA GLY T 56 7.57 -53.86 48.81
C GLY T 56 8.68 -52.99 49.33
N PRO T 57 9.26 -53.35 50.49
CA PRO T 57 10.44 -52.61 50.96
C PRO T 57 11.60 -52.65 49.97
N ALA T 58 11.80 -53.76 49.27
CA ALA T 58 12.88 -53.83 48.29
C ALA T 58 12.66 -52.83 47.16
N THR T 59 11.43 -52.79 46.63
CA THR T 59 11.13 -51.84 45.57
C THR T 59 11.23 -50.40 46.07
N ILE T 60 10.79 -50.15 47.30
CA ILE T 60 10.86 -48.80 47.85
C ILE T 60 12.32 -48.36 47.99
N LYS T 61 13.18 -49.25 48.50
CA LYS T 61 14.60 -48.93 48.60
C LYS T 61 15.20 -48.70 47.22
N PHE T 62 14.84 -49.53 46.25
CA PHE T 62 15.31 -49.36 44.88
C PHE T 62 14.97 -47.98 44.36
N LEU T 63 13.70 -47.60 44.46
CA LEU T 63 13.27 -46.34 43.87
C LEU T 63 13.85 -45.14 44.63
N GLU T 64 13.99 -45.25 45.95
CA GLU T 64 14.53 -44.12 46.69
C GLU T 64 16.01 -43.92 46.39
N GLN T 65 16.77 -45.01 46.28
CA GLN T 65 18.16 -44.89 45.86
C GLN T 65 18.26 -44.34 44.44
N PHE T 66 17.39 -44.80 43.55
CA PHE T 66 17.40 -44.33 42.17
C PHE T 66 17.14 -42.83 42.10
N ALA T 67 16.14 -42.36 42.85
CA ALA T 67 15.82 -40.94 42.85
C ALA T 67 16.89 -40.12 43.56
N ALA T 68 17.57 -40.71 44.55
CA ALA T 68 18.59 -39.98 45.29
C ALA T 68 19.89 -39.84 44.51
N VAL T 69 20.22 -40.81 43.66
CA VAL T 69 21.50 -40.81 42.94
C VAL T 69 21.29 -40.58 41.45
N TRP T 70 20.59 -41.49 40.77
CA TRP T 70 20.51 -41.43 39.31
C TRP T 70 19.73 -40.21 38.83
N LYS T 71 18.53 -40.00 39.38
CA LYS T 71 17.69 -38.85 39.07
C LYS T 71 17.35 -38.77 37.58
N GLN T 72 16.61 -39.78 37.11
CA GLN T 72 16.02 -39.73 35.78
C GLN T 72 14.80 -40.64 35.75
N GLN T 73 14.26 -40.86 34.56
CA GLN T 73 13.10 -41.72 34.35
C GLN T 73 13.52 -42.96 33.57
N GLU T 74 12.54 -43.80 33.25
CA GLU T 74 12.76 -45.04 32.49
C GLU T 74 13.77 -45.94 33.22
N ARG T 75 13.36 -46.42 34.39
CA ARG T 75 14.26 -47.18 35.24
C ARG T 75 14.67 -48.50 34.60
N GLY T 76 13.92 -48.98 33.61
CA GLY T 76 14.18 -50.27 33.02
C GLY T 76 15.21 -50.29 31.91
N LEU T 77 16.43 -49.82 32.21
CA LEU T 77 17.48 -49.73 31.20
C LEU T 77 18.56 -50.81 31.34
N PHE T 78 18.39 -51.78 32.26
CA PHE T 78 19.38 -52.84 32.51
C PHE T 78 20.68 -52.30 33.09
N ILE T 79 20.80 -50.97 33.22
CA ILE T 79 21.99 -50.40 33.84
C ILE T 79 21.62 -49.66 35.11
N ASP T 80 20.50 -48.93 35.07
CA ASP T 80 20.02 -48.26 36.28
C ASP T 80 19.58 -49.28 37.32
N GLN T 81 18.84 -50.30 36.90
CA GLN T 81 18.39 -51.33 37.82
C GLN T 81 19.57 -52.07 38.44
N SER T 82 20.54 -52.47 37.61
CA SER T 82 21.71 -53.17 38.12
C SER T 82 22.50 -52.28 39.07
N GLY T 83 22.67 -51.00 38.72
CA GLY T 83 23.42 -50.09 39.57
C GLY T 83 22.76 -49.92 40.92
N VAL T 84 21.44 -49.73 40.93
CA VAL T 84 20.75 -49.53 42.20
C VAL T 84 20.77 -50.80 43.04
N LYS T 85 20.61 -51.96 42.40
CA LYS T 85 20.70 -53.23 43.14
C LYS T 85 22.08 -53.38 43.77
N GLU T 86 23.14 -53.06 43.01
CA GLU T 86 24.48 -53.16 43.56
C GLU T 86 24.65 -52.20 44.74
N VAL T 87 24.19 -50.95 44.59
CA VAL T 87 24.33 -49.99 45.68
C VAL T 87 23.60 -50.46 46.93
N ILE T 88 22.42 -51.06 46.74
CA ILE T 88 21.72 -51.68 47.86
C ILE T 88 22.58 -52.76 48.49
N GLN T 89 23.29 -53.53 47.65
CA GLN T 89 24.16 -54.56 48.16
C GLN T 89 25.26 -53.99 49.05
N GLU T 90 25.94 -52.92 48.59
CA GLU T 90 27.02 -52.38 49.42
C GLU T 90 26.48 -51.71 50.68
N MET T 91 25.31 -51.08 50.62
CA MET T 91 24.80 -50.47 51.83
C MET T 91 24.39 -51.53 52.86
N LYS T 92 23.84 -52.65 52.40
CA LYS T 92 23.58 -53.75 53.30
C LYS T 92 24.87 -54.32 53.86
N GLU T 93 25.92 -54.40 53.03
CA GLU T 93 27.20 -54.92 53.49
C GLU T 93 27.80 -54.04 54.58
N ARG T 94 27.76 -52.71 54.39
CA ARG T 94 28.30 -51.82 55.41
C ARG T 94 27.39 -51.78 56.63
N GLU T 95 26.11 -52.11 56.47
CA GLU T 95 25.24 -52.25 57.63
C GLU T 95 25.71 -53.37 58.55
N LYS T 96 26.27 -54.43 57.97
CA LYS T 96 26.78 -55.56 58.75
C LYS T 96 28.01 -55.15 59.56
N PRO T 158 18.65 -61.99 51.74
CA PRO T 158 19.39 -60.96 51.00
C PRO T 158 20.20 -61.55 49.85
N GLU T 159 20.95 -60.70 49.15
CA GLU T 159 21.81 -61.14 48.05
C GLU T 159 23.28 -61.24 48.45
N SER T 160 23.75 -60.35 49.31
CA SER T 160 25.14 -60.38 49.76
C SER T 160 25.23 -59.78 51.15
N SER T 161 26.03 -60.41 52.01
CA SER T 161 26.26 -59.94 53.38
C SER T 161 27.73 -60.07 53.73
N LYS T 162 28.61 -59.81 52.77
CA LYS T 162 30.04 -59.95 52.96
C LYS T 162 30.64 -58.61 53.41
N ALA T 163 31.96 -58.52 53.40
CA ALA T 163 32.67 -57.31 53.80
C ALA T 163 33.03 -56.48 52.57
N LEU T 164 33.14 -55.17 52.78
CA LEU T 164 33.48 -54.27 51.68
C LEU T 164 34.91 -54.50 51.22
N ASP T 165 35.11 -54.53 49.91
CA ASP T 165 36.41 -54.75 49.30
C ASP T 165 36.91 -53.44 48.69
N TRP T 166 38.16 -53.09 48.99
CA TRP T 166 38.74 -51.86 48.48
C TRP T 166 38.94 -51.89 46.97
N ARG T 167 38.97 -53.08 46.37
CA ARG T 167 39.17 -53.17 44.92
C ARG T 167 38.08 -52.41 44.17
N ASP T 168 36.85 -52.46 44.67
CA ASP T 168 35.77 -51.70 44.07
C ASP T 168 35.88 -50.21 44.33
N TYR T 169 36.72 -49.79 45.27
CA TYR T 169 36.96 -48.38 45.53
C TYR T 169 38.38 -47.95 45.21
N PHE T 170 39.22 -48.86 44.72
CA PHE T 170 40.56 -48.56 44.26
C PHE T 170 40.57 -48.55 42.74
N LYS T 171 41.05 -47.45 42.15
CA LYS T 171 41.17 -47.36 40.71
C LYS T 171 42.33 -46.44 40.37
N VAL T 172 42.88 -46.65 39.18
CA VAL T 172 43.96 -45.82 38.65
C VAL T 172 43.45 -45.17 37.36
N ILE T 173 43.66 -43.86 37.24
CA ILE T 173 43.13 -43.08 36.14
C ILE T 173 44.26 -42.70 35.21
N ASN T 174 44.13 -43.04 33.94
CA ASN T 174 45.11 -42.67 32.94
C ASN T 174 44.88 -41.23 32.50
N ALA T 175 45.88 -40.67 31.82
CA ALA T 175 45.77 -39.32 31.31
C ALA T 175 44.70 -39.21 30.22
N SER T 176 44.35 -40.31 29.56
CA SER T 176 43.37 -40.29 28.50
C SER T 176 41.96 -40.60 28.97
N GLN T 177 41.75 -40.78 30.28
CA GLN T 177 40.44 -41.18 30.80
C GLN T 177 39.96 -40.30 31.94
N GLN T 178 40.47 -39.08 32.04
CA GLN T 178 40.01 -38.16 33.07
C GLN T 178 38.82 -37.35 32.57
N GLN T 179 38.28 -36.52 33.45
CA GLN T 179 37.12 -35.70 33.12
C GLN T 179 37.57 -34.34 32.62
N ARG T 180 37.05 -33.94 31.47
CA ARG T 180 37.36 -32.64 30.89
C ARG T 180 36.72 -31.54 31.74
N PHE T 181 37.54 -30.75 32.42
CA PHE T 181 37.05 -29.67 33.29
C PHE T 181 37.59 -28.35 32.78
N SER T 182 36.76 -27.62 32.03
CA SER T 182 37.08 -26.29 31.54
C SER T 182 36.33 -25.27 32.38
N TYR T 183 37.04 -24.23 32.82
CA TYR T 183 36.47 -23.27 33.75
C TYR T 183 35.84 -22.12 32.98
N ASN T 184 34.52 -21.95 33.13
CA ASN T 184 33.84 -20.81 32.56
C ASN T 184 34.36 -19.54 33.22
N PRO T 185 34.88 -18.58 32.43
CA PRO T 185 35.71 -17.52 33.02
C PRO T 185 35.08 -16.74 34.15
N HIS T 186 33.76 -16.61 34.20
CA HIS T 186 33.18 -15.76 35.24
C HIS T 186 33.18 -16.46 36.59
N LYS T 187 32.38 -17.50 36.75
CA LYS T 187 32.53 -18.42 37.88
C LYS T 187 31.79 -19.71 37.54
N MET T 188 32.54 -20.71 37.06
CA MET T 188 31.99 -22.05 36.84
C MET T 188 33.11 -22.98 36.44
N GLN T 189 33.09 -24.20 36.98
CA GLN T 189 34.00 -25.26 36.56
C GLN T 189 33.15 -26.31 35.83
N PHE T 190 33.01 -26.13 34.53
CA PHE T 190 32.11 -26.95 33.73
C PHE T 190 32.71 -28.33 33.47
N ILE T 191 31.86 -29.22 32.96
CA ILE T 191 32.25 -30.58 32.61
C ILE T 191 31.94 -30.78 31.13
N PHE T 192 32.90 -31.35 30.40
CA PHE T 192 32.77 -31.55 28.96
C PHE T 192 32.69 -33.02 28.55
N VAL T 193 33.44 -33.89 29.23
CA VAL T 193 33.46 -35.32 28.93
C VAL T 193 33.83 -35.57 27.47
N GLY T 202 35.53 -41.46 18.51
CA GLY T 202 34.73 -41.10 17.36
C GLY T 202 35.30 -41.58 16.04
N GLY T 203 36.36 -42.36 16.13
CA GLY T 203 37.01 -42.89 14.94
C GLY T 203 38.47 -43.20 15.24
N ILE T 204 39.21 -43.47 14.17
CA ILE T 204 40.64 -43.75 14.32
C ILE T 204 41.37 -42.53 14.85
N ALA T 205 41.15 -41.39 14.22
CA ALA T 205 41.75 -40.12 14.67
C ALA T 205 40.75 -39.34 15.51
N GLY T 206 40.26 -39.98 16.57
CA GLY T 206 39.40 -39.32 17.53
C GLY T 206 40.14 -38.68 18.68
N PHE T 207 41.42 -38.97 18.82
CA PHE T 207 42.24 -38.43 19.90
C PHE T 207 42.98 -37.17 19.50
N LEU T 208 42.83 -36.71 18.27
CA LEU T 208 43.56 -35.53 17.81
C LEU T 208 42.92 -34.27 18.36
N PRO T 209 43.67 -33.45 19.10
CA PRO T 209 43.07 -32.21 19.64
C PRO T 209 42.74 -31.22 18.54
N ASP T 210 41.75 -30.39 18.82
CA ASP T 210 41.36 -29.33 17.89
C ASP T 210 42.22 -28.09 18.11
N ILE T 211 42.13 -27.15 17.16
CA ILE T 211 42.92 -25.93 17.25
C ILE T 211 42.49 -25.08 18.44
N GLU T 212 41.19 -24.96 18.66
CA GLU T 212 40.70 -24.20 19.81
C GLU T 212 41.24 -24.76 21.12
N ASP T 213 41.54 -26.05 21.18
CA ASP T 213 42.19 -26.60 22.37
C ASP T 213 43.56 -25.96 22.59
N LYS T 214 44.35 -25.82 21.52
CA LYS T 214 45.63 -25.13 21.65
C LYS T 214 45.44 -23.67 22.01
N VAL T 215 44.40 -23.04 21.45
CA VAL T 215 44.14 -21.63 21.76
C VAL T 215 43.85 -21.45 23.24
N GLN T 216 43.01 -22.31 23.81
CA GLN T 216 42.56 -22.16 25.19
C GLN T 216 43.43 -22.89 26.20
N MET T 217 44.47 -23.59 25.75
CA MET T 217 45.31 -24.34 26.68
C MET T 217 45.88 -23.45 27.77
N PHE T 218 46.42 -22.30 27.40
CA PHE T 218 46.96 -21.39 28.40
C PHE T 218 45.90 -20.52 29.04
N LEU T 219 44.81 -20.24 28.34
CA LEU T 219 43.74 -19.44 28.92
C LEU T 219 43.10 -20.15 30.11
N THR T 220 42.87 -21.47 29.99
CA THR T 220 42.30 -22.21 31.11
C THR T 220 43.23 -22.21 32.30
N ARG T 221 44.53 -22.41 32.07
CA ARG T 221 45.50 -22.37 33.14
C ARG T 221 45.53 -21.01 33.82
N TYR T 222 45.46 -19.94 33.03
CA TYR T 222 45.43 -18.60 33.61
C TYR T 222 44.19 -18.39 34.44
N TYR T 223 43.04 -18.87 33.96
CA TYR T 223 41.80 -18.70 34.72
C TYR T 223 41.88 -19.44 36.05
N LEU T 224 42.42 -20.65 36.04
CA LEU T 224 42.57 -21.39 37.29
C LEU T 224 43.48 -20.66 38.27
N THR T 225 44.63 -20.16 37.77
CA THR T 225 45.53 -19.43 38.66
C THR T 225 44.89 -18.14 39.16
N ASN T 226 44.10 -17.47 38.31
CA ASN T 226 43.43 -16.25 38.72
C ASN T 226 42.39 -16.53 39.80
N ASP T 227 41.64 -17.62 39.68
CA ASP T 227 40.71 -17.99 40.73
C ASP T 227 41.44 -18.28 42.04
N ARG T 228 42.56 -19.00 41.95
CA ARG T 228 43.35 -19.27 43.14
C ARG T 228 43.81 -17.98 43.81
N VAL T 229 44.26 -17.01 43.02
CA VAL T 229 44.69 -15.73 43.57
C VAL T 229 43.53 -14.97 44.17
N MET T 230 42.40 -14.87 43.46
CA MET T 230 41.22 -14.20 43.98
C MET T 230 40.68 -14.83 45.24
N ARG T 231 40.97 -16.11 45.49
CA ARG T 231 40.58 -16.72 46.76
C ARG T 231 41.61 -16.54 47.87
N ASN T 232 42.90 -16.54 47.55
CA ASN T 232 43.91 -16.51 48.59
C ASN T 232 44.43 -15.09 48.86
N GLU T 233 44.95 -14.42 47.84
CA GLU T 233 45.74 -13.21 48.04
C GLU T 233 44.92 -12.09 48.68
N ASN T 234 43.75 -11.80 48.10
CA ASN T 234 42.94 -10.69 48.61
C ASN T 234 42.48 -10.94 50.03
N PHE T 235 42.07 -12.17 50.34
CA PHE T 235 41.68 -12.52 51.70
C PHE T 235 42.87 -12.63 52.65
N GLN T 236 44.09 -12.67 52.13
CA GLN T 236 45.29 -12.72 52.96
C GLN T 236 46.10 -11.43 52.89
N ASN T 237 46.45 -10.97 51.70
CA ASN T 237 47.21 -9.74 51.54
C ASN T 237 46.27 -8.57 51.20
N SER T 265 45.01 -5.17 50.61
CA SER T 265 44.20 -5.95 49.68
C SER T 265 44.27 -5.36 48.28
N MET T 266 45.46 -5.39 47.69
CA MET T 266 45.64 -4.88 46.33
C MET T 266 44.90 -5.77 45.34
N SER T 267 44.30 -5.13 44.34
CA SER T 267 43.57 -5.84 43.31
C SER T 267 44.49 -6.21 42.15
N ILE T 268 43.97 -7.05 41.26
CA ILE T 268 44.69 -7.49 40.07
C ILE T 268 44.12 -6.71 38.89
N THR T 269 44.95 -5.85 38.30
CA THR T 269 44.52 -5.07 37.15
C THR T 269 44.95 -5.78 35.87
N PRO T 270 44.03 -6.08 34.96
CA PRO T 270 44.43 -6.69 33.69
C PRO T 270 45.38 -5.79 32.91
N ILE T 271 46.29 -6.43 32.17
CA ILE T 271 47.38 -5.70 31.54
C ILE T 271 46.85 -4.66 30.55
N LYS T 272 45.69 -4.91 29.95
CA LYS T 272 45.11 -3.94 29.03
C LYS T 272 44.75 -2.63 29.73
N ASN T 273 44.65 -2.63 31.05
CA ASN T 273 44.27 -1.43 31.80
C ASN T 273 45.45 -0.54 32.13
N LEU T 274 46.66 -0.87 31.67
CA LEU T 274 47.85 -0.10 31.99
C LEU T 274 48.18 0.95 30.95
N LEU T 275 47.36 1.13 29.92
CA LEU T 275 47.79 1.90 28.76
C LEU T 275 47.84 3.40 29.07
N GLY T 276 46.69 3.98 29.41
CA GLY T 276 46.66 5.42 29.61
C GLY T 276 47.32 5.87 30.90
N ARG T 277 47.41 4.98 31.88
CA ARG T 277 47.97 5.34 33.17
C ARG T 277 49.46 5.61 33.05
N ASP T 278 49.93 6.67 33.69
CA ASP T 278 51.28 7.17 33.46
C ASP T 278 52.30 6.66 34.47
N ALA T 279 52.01 6.76 35.77
CA ALA T 279 52.98 6.34 36.77
C ALA T 279 52.34 5.64 37.96
N GLN T 280 51.12 5.14 37.82
CA GLN T 280 50.44 4.51 38.95
C GLN T 280 51.06 3.15 39.25
N ASN T 281 50.74 2.64 40.43
CA ASN T 281 51.21 1.33 40.88
C ASN T 281 50.15 0.28 40.60
N PHE T 282 50.56 -0.86 40.05
CA PHE T 282 49.64 -1.92 39.69
C PHE T 282 50.22 -3.26 40.13
N LEU T 283 49.32 -4.22 40.34
CA LEU T 283 49.66 -5.59 40.67
C LEU T 283 49.13 -6.48 39.57
N LEU T 284 50.04 -7.05 38.77
CA LEU T 284 49.67 -7.82 37.60
C LEU T 284 49.92 -9.31 37.84
N LEU T 285 49.00 -10.13 37.39
CA LEU T 285 49.17 -11.58 37.33
C LEU T 285 49.28 -11.94 35.86
N GLY T 286 50.49 -12.28 35.41
CA GLY T 286 50.71 -12.60 34.03
C GLY T 286 51.68 -13.76 33.87
N LEU T 287 51.72 -14.29 32.66
CA LEU T 287 52.59 -15.41 32.32
C LEU T 287 53.93 -14.87 31.85
N LEU T 288 54.98 -15.09 32.64
CA LEU T 288 56.30 -14.62 32.27
C LEU T 288 56.77 -15.34 31.01
N ASN T 289 57.25 -14.57 30.05
CA ASN T 289 57.73 -15.13 28.79
C ASN T 289 58.66 -14.13 28.13
N LYS T 290 59.33 -14.57 27.07
CA LYS T 290 60.26 -13.75 26.32
C LYS T 290 59.60 -13.32 25.02
N ASN T 291 59.59 -12.02 24.76
CA ASN T 291 59.04 -11.51 23.53
C ASN T 291 59.88 -11.94 22.33
N PHE T 292 59.27 -11.88 21.15
CA PHE T 292 60.03 -12.15 19.93
C PHE T 292 61.16 -11.16 19.74
N LYS T 293 61.02 -9.94 20.29
CA LYS T 293 62.09 -8.97 20.25
C LYS T 293 63.23 -9.31 21.20
N GLY T 294 63.05 -10.29 22.08
CA GLY T 294 64.11 -10.75 22.95
C GLY T 294 64.12 -10.19 24.35
N ASN T 295 63.07 -9.51 24.78
CA ASN T 295 62.99 -8.95 26.12
C ASN T 295 61.83 -9.56 26.87
N TRP T 296 61.99 -9.69 28.19
CA TRP T 296 61.00 -10.34 29.02
C TRP T 296 59.70 -9.56 29.02
N SER T 297 58.60 -10.28 29.18
CA SER T 297 57.28 -9.67 29.19
C SER T 297 56.32 -10.57 29.94
N LEU T 298 55.16 -10.02 30.28
CA LEU T 298 54.07 -10.76 30.87
C LEU T 298 52.90 -10.82 29.92
N GLU T 299 52.34 -12.00 29.74
CA GLU T 299 51.21 -12.23 28.87
C GLU T 299 49.96 -12.42 29.70
N ASP T 300 48.89 -11.71 29.34
CA ASP T 300 47.61 -11.76 30.02
C ASP T 300 46.53 -11.94 28.98
N PRO T 301 45.38 -12.51 29.36
CA PRO T 301 44.27 -12.61 28.40
C PRO T 301 43.88 -11.26 27.82
N SER T 302 44.07 -10.18 28.56
CA SER T 302 43.74 -8.85 28.07
C SER T 302 44.85 -8.22 27.24
N GLY T 303 46.06 -8.75 27.28
CA GLY T 303 47.14 -8.17 26.50
C GLY T 303 48.48 -8.58 27.09
N SER T 304 49.52 -7.83 26.71
CA SER T 304 50.87 -8.09 27.20
C SER T 304 51.59 -6.77 27.37
N VAL T 305 52.64 -6.80 28.20
CA VAL T 305 53.44 -5.61 28.46
C VAL T 305 54.88 -6.05 28.75
N GLU T 306 55.83 -5.30 28.22
CA GLU T 306 57.23 -5.56 28.53
C GLU T 306 57.54 -5.08 29.94
N ILE T 307 58.45 -5.80 30.61
CA ILE T 307 58.78 -5.52 32.00
C ILE T 307 60.28 -5.25 32.10
N ASP T 308 60.63 -4.23 32.89
CA ASP T 308 62.02 -3.91 33.18
C ASP T 308 62.42 -4.68 34.43
N ILE T 309 63.13 -5.79 34.23
CA ILE T 309 63.44 -6.68 35.34
C ILE T 309 64.59 -6.17 36.20
N SER T 310 65.31 -5.14 35.77
CA SER T 310 66.36 -4.57 36.59
C SER T 310 65.78 -3.96 37.86
N GLN T 311 66.56 -4.03 38.93
CA GLN T 311 66.16 -3.50 40.24
C GLN T 311 64.88 -4.17 40.74
N THR T 312 64.85 -5.50 40.67
CA THR T 312 63.73 -6.29 41.14
C THR T 312 64.16 -7.14 42.32
N ILE T 313 63.28 -7.26 43.30
CA ILE T 313 63.56 -8.06 44.49
C ILE T 313 62.62 -9.27 44.48
N PRO T 314 63.08 -10.44 44.03
CA PRO T 314 62.20 -11.60 43.96
C PRO T 314 62.20 -12.42 45.23
N THR T 315 61.09 -13.12 45.44
CA THR T 315 60.99 -14.04 46.56
C THR T 315 61.93 -15.22 46.32
N GLN T 316 62.93 -15.39 47.18
CA GLN T 316 63.97 -16.38 46.97
C GLN T 316 63.49 -17.81 47.11
N GLY T 317 62.29 -18.03 47.66
CA GLY T 317 61.81 -19.37 47.87
C GLY T 317 61.05 -19.95 46.69
N HIS T 318 61.40 -19.53 45.47
CA HIS T 318 60.70 -19.98 44.29
C HIS T 318 61.68 -20.11 43.12
N TYR T 319 61.33 -21.00 42.19
CA TYR T 319 61.96 -21.04 40.88
C TYR T 319 61.18 -20.18 39.91
N TYR T 320 61.86 -19.24 39.27
CA TYR T 320 61.26 -18.37 38.26
C TYR T 320 61.78 -18.79 36.90
N VAL T 321 60.87 -19.24 36.03
CA VAL T 321 61.23 -19.67 34.68
C VAL T 321 60.20 -19.15 33.70
N PRO T 322 60.62 -18.93 32.46
CA PRO T 322 59.64 -18.52 31.44
C PRO T 322 58.52 -19.53 31.33
N GLY T 323 57.30 -19.02 31.21
CA GLY T 323 56.13 -19.86 31.18
C GLY T 323 55.42 -20.03 32.51
N CYS T 324 56.05 -19.63 33.61
CA CYS T 324 55.41 -19.68 34.91
C CYS T 324 54.66 -18.39 35.16
N MET T 325 53.50 -18.49 35.79
CA MET T 325 52.67 -17.33 36.03
C MET T 325 53.06 -16.67 37.33
N VAL T 326 53.35 -15.38 37.28
CA VAL T 326 53.93 -14.65 38.39
C VAL T 326 52.99 -13.52 38.79
N LEU T 327 53.28 -12.92 39.95
CA LEU T 327 52.53 -11.80 40.49
C LEU T 327 53.50 -10.64 40.66
N VAL T 328 53.66 -9.86 39.60
CA VAL T 328 54.60 -8.74 39.62
C VAL T 328 53.90 -7.52 40.21
N GLU T 329 54.70 -6.57 40.67
CA GLU T 329 54.21 -5.30 41.18
C GLU T 329 55.20 -4.20 40.84
N GLY T 330 54.70 -3.11 40.31
CA GLY T 330 55.57 -2.03 39.90
C GLY T 330 54.78 -0.85 39.40
N ILE T 331 55.49 0.07 38.76
CA ILE T 331 54.91 1.30 38.23
C ILE T 331 54.99 1.25 36.71
N TYR T 332 53.85 1.42 36.05
CA TYR T 332 53.82 1.50 34.60
C TYR T 332 54.40 2.83 34.14
N TYR T 333 55.09 2.80 33.00
CA TYR T 333 55.61 4.01 32.37
C TYR T 333 55.15 4.04 30.92
N SER T 334 54.47 5.12 30.54
CA SER T 334 53.99 5.27 29.16
C SER T 334 55.04 5.88 28.24
N VAL T 335 56.19 6.30 28.76
CA VAL T 335 57.21 6.89 27.92
C VAL T 335 57.76 5.88 26.93
N GLY T 336 57.88 4.62 27.35
CA GLY T 336 58.37 3.57 26.49
C GLY T 336 57.50 2.33 26.56
N ASN T 337 56.34 2.46 27.22
CA ASN T 337 55.40 1.35 27.40
C ASN T 337 56.08 0.16 28.07
N LYS T 338 56.58 0.39 29.28
CA LYS T 338 57.25 -0.63 30.06
C LYS T 338 56.70 -0.62 31.48
N PHE T 339 56.76 -1.78 32.13
CA PHE T 339 56.28 -1.95 33.49
C PHE T 339 57.48 -2.21 34.38
N HIS T 340 57.93 -1.19 35.10
CA HIS T 340 59.09 -1.33 35.96
C HIS T 340 58.74 -2.14 37.20
N VAL T 341 58.99 -3.45 37.14
CA VAL T 341 58.64 -4.33 38.23
C VAL T 341 59.57 -4.09 39.41
N THR T 342 59.02 -4.14 40.62
CA THR T 342 59.78 -4.00 41.85
C THR T 342 59.91 -5.31 42.61
N SER T 343 58.79 -6.00 42.85
CA SER T 343 58.80 -7.30 43.51
C SER T 343 57.87 -8.25 42.74
N MET T 344 58.39 -9.41 42.38
CA MET T 344 57.61 -10.41 41.66
C MET T 344 57.68 -11.74 42.41
N THR T 345 56.52 -12.35 42.60
CA THR T 345 56.45 -13.60 43.35
C THR T 345 55.40 -14.51 42.74
N LEU T 346 55.55 -15.81 43.00
CA LEU T 346 54.60 -16.79 42.51
C LEU T 346 53.28 -16.65 43.25
N PRO T 347 52.18 -17.09 42.64
CA PRO T 347 50.89 -17.01 43.31
C PRO T 347 50.87 -17.90 44.54
N PRO T 348 50.15 -17.51 45.58
CA PRO T 348 50.04 -18.37 46.75
C PRO T 348 49.28 -19.65 46.44
N GLY T 349 49.67 -20.73 47.11
CA GLY T 349 49.01 -22.00 46.95
C GLY T 349 47.71 -22.08 47.71
N GLU T 350 47.01 -23.19 47.53
CA GLU T 350 45.77 -23.46 48.23
C GLU T 350 45.77 -24.87 48.81
N ARG T 351 45.13 -25.01 49.96
CA ARG T 351 44.93 -26.33 50.54
C ARG T 351 43.88 -27.09 49.73
N ARG T 352 44.05 -28.42 49.69
CA ARG T 352 43.15 -29.25 48.90
C ARG T 352 41.71 -29.16 49.39
N GLU T 353 41.52 -29.23 50.70
CA GLU T 353 40.17 -29.19 51.26
C GLU T 353 39.43 -27.94 50.83
N ILE T 354 40.14 -26.82 50.69
CA ILE T 354 39.52 -25.59 50.23
C ILE T 354 38.98 -25.77 48.82
N THR T 355 39.72 -26.44 47.96
CA THR T 355 39.26 -26.64 46.59
C THR T 355 38.06 -27.59 46.53
N LEU T 356 38.00 -28.56 47.44
CA LEU T 356 36.90 -29.53 47.39
C LEU T 356 35.54 -28.88 47.62
N GLU T 357 35.41 -27.94 48.57
CA GLU T 357 34.09 -27.36 48.77
C GLU T 357 33.70 -26.46 47.62
N THR T 358 34.68 -25.84 46.95
CA THR T 358 34.37 -25.06 45.76
C THR T 358 33.89 -25.94 44.62
N ILE T 359 34.58 -27.06 44.37
CA ILE T 359 34.11 -27.98 43.34
C ILE T 359 32.88 -28.74 43.80
N GLY T 360 32.81 -29.07 45.10
CA GLY T 360 31.67 -29.78 45.64
C GLY T 360 31.48 -31.18 45.11
N ASN T 361 32.57 -31.91 44.89
CA ASN T 361 32.52 -33.28 44.41
C ASN T 361 32.95 -34.23 45.51
N LEU T 362 32.15 -35.29 45.72
CA LEU T 362 32.44 -36.26 46.76
C LEU T 362 33.27 -37.42 46.21
N ASP T 380 28.67 -39.00 47.21
CA ASP T 380 27.52 -39.09 48.09
C ASP T 380 27.96 -39.33 49.53
N LYS T 381 27.02 -39.15 50.47
CA LYS T 381 27.35 -39.33 51.89
C LYS T 381 27.72 -40.77 52.18
N ASP T 382 27.00 -41.73 51.60
CA ASP T 382 27.28 -43.14 51.87
C ASP T 382 28.67 -43.53 51.36
N LEU T 383 29.05 -43.05 50.18
CA LEU T 383 30.38 -43.34 49.67
C LEU T 383 31.46 -42.75 50.56
N LYS T 384 31.25 -41.52 51.05
CA LYS T 384 32.21 -40.92 51.96
C LYS T 384 32.34 -41.72 53.24
N ILE T 385 31.21 -42.19 53.78
CA ILE T 385 31.23 -42.97 55.00
C ILE T 385 31.98 -44.28 54.79
N ARG T 386 31.70 -44.97 53.68
CA ARG T 386 32.39 -46.23 53.40
C ARG T 386 33.89 -46.02 53.22
N LEU T 387 34.27 -44.97 52.49
CA LEU T 387 35.69 -44.71 52.27
C LEU T 387 36.39 -44.37 53.59
N HIS T 388 35.74 -43.57 54.43
CA HIS T 388 36.30 -43.28 55.74
C HIS T 388 36.44 -44.53 56.59
N LEU T 389 35.46 -45.45 56.49
CA LEU T 389 35.52 -46.68 57.26
C LEU T 389 36.67 -47.57 56.82
N LEU T 390 36.81 -47.79 55.52
CA LEU T 390 37.94 -48.59 55.04
C LEU T 390 39.28 -47.88 55.22
N GLU T 391 39.29 -46.56 55.39
CA GLU T 391 40.54 -45.89 55.73
C GLU T 391 41.08 -46.40 57.06
N LYS T 392 40.22 -46.51 58.07
CA LYS T 392 40.64 -47.05 59.36
C LYS T 392 40.83 -48.56 59.29
N GLU T 393 39.93 -49.26 58.61
CA GLU T 393 39.99 -50.72 58.57
C GLU T 393 41.26 -51.20 57.86
N LEU T 394 41.63 -50.55 56.76
CA LEU T 394 42.78 -50.97 55.95
C LEU T 394 44.06 -50.27 56.41
N THR T 395 44.39 -50.42 57.69
CA THR T 395 45.57 -49.74 58.23
C THR T 395 46.86 -50.27 57.61
N ASP T 396 46.97 -51.58 57.42
CA ASP T 396 48.21 -52.20 56.98
C ASP T 396 48.17 -52.42 55.46
N HIS T 397 48.40 -51.33 54.73
CA HIS T 397 48.64 -51.38 53.30
C HIS T 397 49.91 -50.61 53.00
N LYS T 398 50.81 -51.23 52.22
CA LYS T 398 52.10 -50.64 51.91
C LYS T 398 52.21 -50.42 50.41
N PHE T 399 52.60 -49.20 50.03
CA PHE T 399 52.91 -48.86 48.65
C PHE T 399 54.43 -48.77 48.52
N VAL T 400 54.99 -49.52 47.59
CA VAL T 400 56.44 -49.51 47.35
C VAL T 400 56.68 -48.78 46.04
N ILE T 401 57.52 -47.75 46.08
CA ILE T 401 57.86 -46.96 44.92
C ILE T 401 59.31 -47.26 44.57
N LEU T 402 59.52 -47.89 43.42
CA LEU T 402 60.87 -48.24 43.02
C LEU T 402 61.63 -47.00 42.56
N GLY T 403 62.94 -47.16 42.39
CA GLY T 403 63.76 -46.07 41.94
C GLY T 403 63.53 -45.74 40.47
N ALA T 404 64.14 -44.65 40.04
CA ALA T 404 64.03 -44.21 38.66
C ALA T 404 65.15 -44.79 37.83
N ASN T 405 64.90 -44.85 36.52
CA ASN T 405 65.86 -45.38 35.54
C ASN T 405 66.20 -46.84 35.83
N LEU T 406 65.17 -47.69 35.77
CA LEU T 406 65.33 -49.13 35.87
C LEU T 406 65.87 -49.65 34.54
N PHE T 407 67.18 -49.46 34.35
CA PHE T 407 67.81 -49.86 33.09
C PHE T 407 67.93 -51.36 33.00
N LEU T 408 66.91 -52.01 32.42
CA LEU T 408 66.91 -53.47 32.33
C LEU T 408 68.07 -53.98 31.49
N ASP T 409 68.59 -53.16 30.59
CA ASP T 409 69.71 -53.58 29.77
C ASP T 409 70.96 -53.82 30.60
N ASP T 410 71.06 -53.17 31.76
CA ASP T 410 72.25 -53.30 32.60
C ASP T 410 72.15 -54.57 33.43
N LEU T 411 73.22 -55.38 33.39
CA LEU T 411 73.22 -56.63 34.14
C LEU T 411 73.30 -56.38 35.64
N LYS T 412 74.03 -55.36 36.07
CA LYS T 412 74.11 -55.05 37.50
C LYS T 412 72.76 -54.65 38.06
N ILE T 413 72.03 -53.79 37.35
CA ILE T 413 70.69 -53.40 37.79
C ILE T 413 69.76 -54.61 37.75
N MET T 414 69.94 -55.48 36.76
CA MET T 414 69.12 -56.68 36.68
C MET T 414 69.34 -57.58 37.90
N THR T 415 70.59 -57.74 38.32
CA THR T 415 70.87 -58.55 39.51
C THR T 415 70.34 -57.89 40.77
N ALA T 416 70.49 -56.57 40.89
CA ALA T 416 69.99 -55.87 42.07
C ALA T 416 68.47 -55.98 42.16
N LEU T 417 67.79 -55.88 41.01
CA LEU T 417 66.34 -56.02 40.99
C LEU T 417 65.92 -57.40 41.44
N SER T 418 66.72 -58.42 41.17
CA SER T 418 66.40 -59.76 41.65
C SER T 418 66.40 -59.81 43.18
N LYS T 419 67.40 -59.20 43.81
CA LYS T 419 67.44 -59.16 45.27
C LYS T 419 66.28 -58.35 45.83
N ILE T 420 65.95 -57.23 45.19
CA ILE T 420 64.83 -56.41 45.67
C ILE T 420 63.53 -57.19 45.57
N LEU T 421 63.31 -57.88 44.44
CA LEU T 421 62.09 -58.65 44.28
C LEU T 421 62.04 -59.81 45.25
N GLN T 422 63.17 -60.44 45.53
CA GLN T 422 63.21 -61.50 46.53
C GLN T 422 62.83 -60.95 47.91
N LYS T 423 63.35 -59.78 48.27
CA LYS T 423 63.01 -59.18 49.56
C LYS T 423 61.52 -58.84 49.64
N LEU T 424 60.96 -58.27 48.57
CA LEU T 424 59.54 -57.98 48.56
C LEU T 424 58.67 -59.24 48.52
N ASN T 425 59.22 -60.36 48.04
CA ASN T 425 58.42 -61.58 47.93
C ASN T 425 57.97 -62.08 49.30
N ASP T 426 58.76 -61.84 50.34
CA ASP T 426 58.37 -62.29 51.68
C ASP T 426 57.08 -61.60 52.13
N ASP T 427 56.98 -60.29 51.93
CA ASP T 427 55.78 -59.52 52.24
C ASP T 427 55.44 -58.65 51.05
N PRO T 428 54.68 -59.16 50.09
CA PRO T 428 54.30 -58.36 48.93
C PRO T 428 53.50 -57.14 49.35
N PRO T 429 53.74 -56.00 48.74
CA PRO T 429 53.00 -54.78 49.07
C PRO T 429 51.74 -54.65 48.21
N THR T 430 50.95 -53.63 48.53
CA THR T 430 49.71 -53.41 47.79
C THR T 430 49.98 -53.02 46.35
N LEU T 431 50.84 -52.03 46.14
CA LEU T 431 51.21 -51.58 44.80
C LEU T 431 52.72 -51.54 44.68
N LEU T 432 53.23 -52.02 43.55
CA LEU T 432 54.65 -51.93 43.23
C LEU T 432 54.76 -51.07 41.98
N ILE T 433 55.16 -49.82 42.16
CA ILE T 433 55.20 -48.85 41.08
C ILE T 433 56.59 -48.87 40.44
N TRP T 434 56.61 -49.04 39.13
CA TRP T 434 57.86 -49.08 38.37
C TRP T 434 58.03 -47.78 37.59
N GLN T 435 59.22 -47.19 37.70
CA GLN T 435 59.46 -45.88 37.12
C GLN T 435 60.00 -46.01 35.69
N GLY T 436 60.22 -44.88 35.04
CA GLY T 436 60.42 -44.84 33.61
C GLY T 436 61.82 -45.17 33.17
N SER T 437 62.03 -45.04 31.86
CA SER T 437 63.30 -45.33 31.19
C SER T 437 63.77 -46.75 31.51
N PHE T 438 62.96 -47.72 31.06
CA PHE T 438 63.23 -49.12 31.32
C PHE T 438 64.43 -49.66 30.55
N THR T 439 64.96 -48.91 29.58
CA THR T 439 66.09 -49.35 28.79
C THR T 439 67.19 -48.31 28.83
N SER T 440 68.43 -48.78 28.69
CA SER T 440 69.58 -47.89 28.83
C SER T 440 69.62 -46.85 27.71
N VAL T 441 69.36 -47.26 26.47
CA VAL T 441 69.50 -46.37 25.33
C VAL T 441 68.12 -46.01 24.79
N PRO T 442 67.92 -44.79 24.30
CA PRO T 442 66.62 -44.45 23.71
C PRO T 442 66.32 -45.34 22.51
N VAL T 443 65.04 -45.65 22.34
CA VAL T 443 64.60 -46.51 21.26
C VAL T 443 64.31 -45.65 20.03
N PHE T 444 64.79 -46.09 18.88
CA PHE T 444 64.55 -45.39 17.62
C PHE T 444 64.73 -46.37 16.48
N ALA T 445 64.22 -45.99 15.31
CA ALA T 445 64.38 -46.81 14.12
C ALA T 445 65.85 -46.97 13.79
N SER T 446 66.39 -48.18 13.96
CA SER T 446 67.80 -48.45 13.75
C SER T 446 68.00 -49.20 12.45
N MET T 447 68.89 -48.71 11.60
CA MET T 447 69.20 -49.37 10.33
C MET T 447 70.38 -50.31 10.58
N SER T 448 70.08 -51.59 10.70
CA SER T 448 71.08 -52.61 10.94
C SER T 448 70.46 -53.98 10.68
N SER T 449 71.31 -54.94 10.34
CA SER T 449 70.89 -56.31 10.08
C SER T 449 71.05 -57.22 11.28
N ARG T 450 71.47 -56.70 12.42
CA ARG T 450 71.70 -57.51 13.61
C ARG T 450 70.43 -57.55 14.45
N ASN T 451 70.55 -58.08 15.67
CA ASN T 451 69.46 -58.06 16.62
C ASN T 451 69.40 -56.76 17.42
N ILE T 452 70.05 -55.70 16.93
CA ILE T 452 69.91 -54.39 17.56
C ILE T 452 68.43 -54.03 17.65
N SER T 453 67.78 -53.88 16.49
CA SER T 453 66.34 -53.93 16.34
C SER T 453 65.62 -53.31 17.53
N SER T 454 65.88 -52.03 17.80
CA SER T 454 65.53 -51.40 19.06
C SER T 454 64.10 -51.70 19.51
N SER T 455 63.21 -52.03 18.57
CA SER T 455 61.88 -52.48 18.97
C SER T 455 61.95 -53.86 19.62
N THR T 456 62.43 -54.87 18.89
CA THR T 456 62.41 -56.23 19.42
C THR T 456 63.32 -56.39 20.62
N GLN T 457 64.41 -55.61 20.70
CA GLN T 457 65.27 -55.70 21.87
C GLN T 457 64.53 -55.25 23.13
N PHE T 458 63.62 -54.30 22.99
CA PHE T 458 62.73 -53.96 24.09
C PHE T 458 61.86 -55.14 24.49
N LYS T 459 61.35 -55.86 23.49
CA LYS T 459 60.56 -57.06 23.76
C LYS T 459 61.40 -58.11 24.48
N ASN T 460 62.66 -58.27 24.06
CA ASN T 460 63.55 -59.22 24.73
C ASN T 460 63.84 -58.79 26.17
N ASN T 461 64.02 -57.49 26.40
CA ASN T 461 64.24 -57.01 27.77
C ASN T 461 63.04 -57.29 28.66
N PHE T 462 61.83 -57.05 28.14
CA PHE T 462 60.64 -57.33 28.94
C PHE T 462 60.45 -58.84 29.13
N ASP T 463 60.81 -59.65 28.15
CA ASP T 463 60.77 -61.10 28.34
C ASP T 463 61.76 -61.53 29.42
N ALA T 464 62.95 -60.95 29.44
CA ALA T 464 63.92 -61.25 30.48
C ALA T 464 63.40 -60.81 31.85
N LEU T 465 62.72 -59.66 31.91
CA LEU T 465 62.06 -59.25 33.15
C LEU T 465 61.02 -60.28 33.57
N ALA T 466 60.29 -60.85 32.62
CA ALA T 466 59.29 -61.86 32.95
C ALA T 466 59.95 -63.08 33.60
N THR T 467 61.14 -63.47 33.15
CA THR T 467 61.83 -64.61 33.75
C THR T 467 62.20 -64.33 35.20
N LEU T 468 62.72 -63.14 35.49
CA LEU T 468 63.11 -62.76 36.84
C LEU T 468 61.93 -62.34 37.69
N LEU T 469 60.74 -62.25 37.11
CA LEU T 469 59.55 -61.84 37.84
C LEU T 469 58.55 -62.96 38.06
N SER T 470 58.47 -63.94 37.16
CA SER T 470 57.59 -65.08 37.33
C SER T 470 58.16 -66.11 38.30
N ARG T 471 59.42 -65.97 38.69
CA ARG T 471 60.05 -66.94 39.59
C ARG T 471 59.51 -66.84 41.01
N PHE T 472 58.85 -65.75 41.36
CA PHE T 472 58.38 -65.51 42.72
C PHE T 472 56.87 -65.65 42.75
N ASP T 473 56.40 -66.81 43.22
CA ASP T 473 54.97 -67.07 43.25
C ASP T 473 54.26 -66.22 44.30
N ASN T 474 54.89 -66.03 45.46
CA ASN T 474 54.26 -65.21 46.50
C ASN T 474 54.07 -63.79 46.03
N LEU T 475 55.08 -63.22 45.38
CA LEU T 475 54.93 -61.93 44.73
C LEU T 475 54.04 -62.08 43.50
N THR T 476 53.77 -60.96 42.83
CA THR T 476 52.97 -60.93 41.60
C THR T 476 51.55 -61.42 41.85
N GLU T 477 51.19 -61.63 43.11
CA GLU T 477 49.85 -62.07 43.50
C GLU T 477 49.31 -61.12 44.56
N ASN T 478 48.07 -60.68 44.37
CA ASN T 478 47.43 -59.70 45.25
C ASN T 478 48.27 -58.44 45.35
N THR T 479 48.87 -58.04 44.21
CA THR T 479 49.74 -56.88 44.17
C THR T 479 49.58 -56.24 42.79
N THR T 480 48.87 -55.11 42.75
CA THR T 480 48.79 -54.34 41.51
C THR T 480 50.16 -53.80 41.15
N MET T 481 50.57 -53.99 39.90
CA MET T 481 51.88 -53.58 39.43
C MET T 481 51.70 -52.47 38.39
N ILE T 482 51.89 -51.23 38.81
CA ILE T 482 51.72 -50.09 37.93
C ILE T 482 53.06 -49.74 37.31
N PHE T 483 53.09 -49.58 36.00
CA PHE T 483 54.30 -49.22 35.26
C PHE T 483 54.15 -47.80 34.70
N ILE T 484 55.18 -46.99 34.89
CA ILE T 484 55.20 -45.60 34.44
C ILE T 484 56.31 -45.45 33.40
N PRO T 485 56.02 -44.90 32.23
CA PRO T 485 57.05 -44.75 31.20
C PRO T 485 57.98 -43.59 31.51
N GLY T 486 59.09 -43.56 30.79
CA GLY T 486 60.08 -42.52 30.96
C GLY T 486 60.54 -41.93 29.65
N PRO T 487 61.66 -41.19 29.69
CA PRO T 487 62.14 -40.52 28.46
C PRO T 487 62.63 -41.47 27.39
N ASN T 488 62.97 -42.72 27.74
CA ASN T 488 63.54 -43.65 26.77
C ASN T 488 62.65 -44.86 26.57
N ASP T 489 61.36 -44.65 26.45
CA ASP T 489 60.40 -45.74 26.28
C ASP T 489 59.82 -45.71 24.88
N LEU T 490 59.23 -46.84 24.49
CA LEU T 490 58.68 -46.98 23.15
C LEU T 490 57.53 -46.01 22.94
N TRP T 491 57.35 -45.60 21.67
CA TRP T 491 56.28 -44.73 21.21
C TRP T 491 56.43 -43.30 21.70
N GLY T 492 57.42 -43.01 22.55
CA GLY T 492 57.68 -41.65 22.98
C GLY T 492 59.11 -41.25 22.68
N SER T 493 60.00 -42.23 22.59
CA SER T 493 61.39 -41.99 22.25
C SER T 493 61.68 -42.15 20.77
N MET T 494 60.66 -42.51 19.98
CA MET T 494 60.86 -42.66 18.54
C MET T 494 61.25 -41.32 17.91
N VAL T 495 60.61 -40.24 18.35
CA VAL T 495 60.84 -38.92 17.77
C VAL T 495 61.73 -38.06 18.66
N SER T 496 61.52 -38.10 19.98
CA SER T 496 62.30 -37.29 20.90
C SER T 496 63.71 -37.80 21.07
N LEU T 497 63.99 -39.07 20.73
CA LEU T 497 65.32 -39.65 20.86
C LEU T 497 65.85 -39.55 22.28
N GLY T 498 64.98 -39.77 23.26
CA GLY T 498 65.38 -39.73 24.65
C GLY T 498 65.36 -38.36 25.29
N ALA T 499 64.80 -37.35 24.63
CA ALA T 499 64.65 -36.03 25.20
C ALA T 499 63.27 -35.88 25.82
N SER T 500 63.03 -34.73 26.43
CA SER T 500 61.74 -34.45 27.07
C SER T 500 60.77 -33.97 26.01
N GLY T 501 60.11 -34.92 25.34
CA GLY T 501 59.17 -34.59 24.29
C GLY T 501 57.79 -34.26 24.81
N THR T 502 56.76 -34.79 24.16
CA THR T 502 55.39 -34.57 24.61
C THR T 502 55.21 -35.10 26.02
N LEU T 503 54.58 -34.29 26.87
CA LEU T 503 54.53 -34.62 28.29
C LEU T 503 53.51 -35.70 28.63
N PRO T 504 52.23 -35.60 28.22
CA PRO T 504 51.28 -36.66 28.60
C PRO T 504 51.58 -37.96 27.88
N GLN T 505 52.63 -38.64 28.33
CA GLN T 505 53.10 -39.84 27.63
C GLN T 505 52.05 -40.93 27.65
N ASP T 506 51.83 -41.53 26.50
CA ASP T 506 50.95 -42.69 26.42
C ASP T 506 51.61 -43.88 27.12
N PRO T 507 50.81 -44.81 27.64
CA PRO T 507 51.39 -45.96 28.35
C PRO T 507 52.27 -46.79 27.43
N ILE T 508 53.06 -47.67 28.05
CA ILE T 508 53.89 -48.59 27.28
C ILE T 508 53.00 -49.42 26.37
N PRO T 509 53.33 -49.58 25.09
CA PRO T 509 52.45 -50.30 24.18
C PRO T 509 52.23 -51.74 24.63
N SER T 510 51.00 -52.22 24.45
CA SER T 510 50.66 -53.57 24.90
C SER T 510 51.38 -54.64 24.10
N ALA T 511 51.89 -54.30 22.90
CA ALA T 511 52.59 -55.29 22.10
C ALA T 511 53.89 -55.73 22.74
N PHE T 512 54.41 -54.98 23.71
CA PHE T 512 55.67 -55.30 24.36
C PHE T 512 55.48 -55.86 25.75
N THR T 513 54.23 -56.12 26.15
CA THR T 513 53.91 -56.53 27.50
C THR T 513 53.17 -57.87 27.54
N LYS T 514 53.39 -58.72 26.53
CA LYS T 514 52.69 -59.99 26.49
C LYS T 514 53.08 -60.89 27.65
N LYS T 515 54.39 -61.09 27.84
CA LYS T 515 54.85 -62.01 28.87
C LYS T 515 54.63 -61.42 30.27
N ILE T 516 54.89 -60.13 30.44
CA ILE T 516 54.73 -59.51 31.75
C ILE T 516 53.27 -59.54 32.19
N ASN T 517 52.36 -59.20 31.29
CA ASN T 517 50.94 -59.23 31.63
C ASN T 517 50.44 -60.66 31.78
N LYS T 518 51.01 -61.61 31.04
CA LYS T 518 50.61 -63.00 31.18
C LYS T 518 51.05 -63.56 32.53
N VAL T 519 52.22 -63.15 33.02
CA VAL T 519 52.74 -63.68 34.27
C VAL T 519 51.88 -63.26 35.45
N CYS T 520 51.56 -61.98 35.53
CA CYS T 520 50.77 -61.47 36.64
C CYS T 520 49.28 -61.51 36.29
N LYS T 521 48.45 -61.03 37.21
CA LYS T 521 47.02 -60.92 37.00
C LYS T 521 46.47 -59.52 37.16
N ASN T 522 47.19 -58.62 37.84
CA ASN T 522 46.77 -57.23 38.02
C ASN T 522 47.97 -56.34 37.75
N VAL T 523 48.16 -55.97 36.48
CA VAL T 523 49.22 -55.06 36.06
C VAL T 523 48.59 -53.95 35.25
N VAL T 524 48.92 -52.71 35.59
CA VAL T 524 48.38 -51.53 34.92
C VAL T 524 49.52 -50.78 34.25
N TRP T 525 49.36 -50.50 32.96
CA TRP T 525 50.29 -49.67 32.21
C TRP T 525 49.65 -48.30 32.04
N SER T 526 50.21 -47.29 32.70
CA SER T 526 49.56 -46.00 32.81
C SER T 526 50.45 -44.90 32.25
N SER T 527 49.88 -43.71 32.18
CA SER T 527 50.58 -42.54 31.63
C SER T 527 51.65 -42.06 32.60
N ASN T 528 52.55 -41.22 32.09
CA ASN T 528 53.56 -40.63 32.96
C ASN T 528 52.94 -39.77 34.06
N PRO T 529 52.03 -38.83 33.77
CA PRO T 529 51.34 -38.14 34.88
C PRO T 529 50.04 -38.84 35.28
N THR T 530 50.18 -40.03 35.86
CA THR T 530 49.01 -40.84 36.19
C THR T 530 48.42 -40.41 37.54
N ARG T 531 47.19 -40.86 37.79
CA ARG T 531 46.47 -40.55 39.01
C ARG T 531 45.99 -41.83 39.67
N ILE T 532 46.05 -41.86 41.00
CA ILE T 532 45.64 -43.00 41.80
C ILE T 532 44.46 -42.58 42.66
N ALA T 533 43.43 -43.42 42.72
CA ALA T 533 42.24 -43.14 43.50
C ALA T 533 42.06 -44.20 44.58
N TYR T 534 43.13 -44.48 45.32
CA TYR T 534 43.11 -45.56 46.30
C TYR T 534 42.02 -45.36 47.35
N LEU T 535 41.81 -44.12 47.77
CA LEU T 535 40.85 -43.80 48.82
C LEU T 535 40.27 -42.43 48.51
N SER T 536 39.69 -41.78 49.52
CA SER T 536 39.26 -40.40 49.36
C SER T 536 40.41 -39.48 48.98
N GLN T 537 41.64 -39.88 49.27
CA GLN T 537 42.81 -39.13 48.83
C GLN T 537 43.20 -39.54 47.41
N GLU T 538 43.88 -38.63 46.73
CA GLU T 538 44.37 -38.86 45.38
C GLU T 538 45.90 -38.84 45.37
N ILE T 539 46.49 -39.76 44.62
CA ILE T 539 47.93 -39.87 44.50
C ILE T 539 48.32 -39.68 43.04
N VAL T 540 49.27 -38.79 42.79
CA VAL T 540 49.73 -38.47 41.44
C VAL T 540 51.17 -38.90 41.31
N ILE T 541 51.47 -39.68 40.27
CA ILE T 541 52.82 -40.13 39.98
C ILE T 541 53.30 -39.38 38.74
N PHE T 542 54.52 -38.84 38.81
CA PHE T 542 55.08 -38.06 37.72
C PHE T 542 56.57 -38.34 37.64
N ARG T 543 57.03 -38.86 36.51
CA ARG T 543 58.44 -39.14 36.26
C ARG T 543 58.96 -38.10 35.28
N ASP T 544 59.84 -37.23 35.77
CA ASP T 544 60.37 -36.15 34.95
C ASP T 544 61.55 -35.52 35.70
N ASP T 545 62.53 -35.05 34.92
CA ASP T 545 63.70 -34.39 35.49
C ASP T 545 63.42 -32.90 35.66
N LEU T 546 62.54 -32.60 36.62
CA LEU T 546 62.11 -31.22 36.83
C LEU T 546 63.25 -30.34 37.32
N SER T 547 64.11 -30.87 38.19
CA SER T 547 65.16 -30.04 38.78
C SER T 547 66.14 -29.55 37.72
N GLY T 548 66.52 -30.42 36.79
CA GLY T 548 67.47 -30.01 35.77
C GLY T 548 66.93 -28.92 34.88
N ARG T 549 65.69 -29.06 34.41
CA ARG T 549 65.08 -28.04 33.58
C ARG T 549 64.89 -26.74 34.35
N PHE T 550 64.45 -26.84 35.61
CA PHE T 550 64.26 -25.65 36.42
C PHE T 550 65.56 -24.89 36.59
N LYS T 551 66.65 -25.59 36.88
CA LYS T 551 67.94 -24.92 37.04
C LYS T 551 68.43 -24.35 35.71
N ARG T 552 68.23 -25.08 34.62
CA ARG T 552 68.73 -24.62 33.33
C ARG T 552 68.01 -23.38 32.85
N HIS T 553 66.70 -23.32 33.03
CA HIS T 553 65.89 -22.25 32.45
C HIS T 553 65.49 -21.19 33.48
N ARG T 554 66.05 -21.23 34.68
CA ARG T 554 65.79 -20.18 35.65
C ARG T 554 66.49 -18.89 35.21
N LEU T 555 65.76 -17.79 35.22
CA LEU T 555 66.29 -16.52 34.76
C LEU T 555 66.96 -15.77 35.89
N GLU T 556 68.08 -15.11 35.57
CA GLU T 556 68.89 -14.45 36.57
C GLU T 556 68.37 -13.05 36.86
N PHE T 557 68.48 -12.63 38.12
CA PHE T 557 68.03 -11.32 38.54
C PHE T 557 69.21 -10.38 38.71
N PRO T 558 69.30 -9.30 37.95
CA PRO T 558 70.40 -8.34 38.16
C PRO T 558 70.33 -7.65 39.51
N PHE T 559 69.17 -7.63 40.16
CA PHE T 559 68.93 -6.94 41.43
C PHE T 559 69.63 -5.59 41.53
N GLN T 594 71.08 -26.59 52.01
CA GLN T 594 71.36 -26.23 50.63
C GLN T 594 70.56 -27.11 49.67
N LYS T 595 70.89 -28.40 49.64
CA LYS T 595 70.17 -29.33 48.78
C LYS T 595 68.71 -29.44 49.19
N VAL T 596 68.45 -29.53 50.50
CA VAL T 596 67.08 -29.54 50.97
C VAL T 596 66.38 -28.24 50.62
N GLN T 597 67.11 -27.13 50.63
CA GLN T 597 66.53 -25.86 50.21
C GLN T 597 66.13 -25.91 48.75
N GLU T 598 66.95 -26.51 47.90
CA GLU T 598 66.59 -26.61 46.49
C GLU T 598 65.38 -27.52 46.28
N THR T 599 65.30 -28.62 47.03
CA THR T 599 64.13 -29.48 46.94
C THR T 599 62.87 -28.74 47.38
N ARG T 600 62.98 -27.95 48.46
CA ARG T 600 61.85 -27.15 48.89
C ARG T 600 61.46 -26.12 47.84
N LYS T 601 62.45 -25.51 47.20
CA LYS T 601 62.16 -24.57 46.11
C LYS T 601 61.40 -25.25 44.99
N LEU T 602 61.84 -26.45 44.60
CA LEU T 602 61.17 -27.18 43.53
C LEU T 602 59.72 -27.48 43.91
N VAL T 603 59.50 -28.02 45.11
CA VAL T 603 58.15 -28.38 45.53
C VAL T 603 57.27 -27.15 45.62
N LYS T 604 57.79 -26.07 46.20
CA LYS T 604 57.02 -24.84 46.32
C LYS T 604 56.67 -24.28 44.96
N THR T 605 57.61 -24.29 44.02
CA THR T 605 57.32 -23.79 42.68
C THR T 605 56.23 -24.61 42.02
N ILE T 606 56.34 -25.94 42.10
CA ILE T 606 55.35 -26.80 41.44
C ILE T 606 53.97 -26.59 42.05
N LEU T 607 53.89 -26.53 43.38
CA LEU T 607 52.59 -26.44 44.04
C LEU T 607 51.98 -25.05 43.92
N ASP T 608 52.80 -24.00 44.06
CA ASP T 608 52.30 -22.63 43.90
C ASP T 608 51.84 -22.39 42.48
N GLN T 609 52.58 -22.90 41.49
CA GLN T 609 52.12 -22.79 40.11
C GLN T 609 50.82 -23.54 39.90
N GLY T 610 50.64 -24.65 40.62
CA GLY T 610 49.47 -25.47 40.42
C GLY T 610 49.49 -26.31 39.18
N HIS T 611 50.63 -26.39 38.49
CA HIS T 611 50.76 -27.15 37.26
C HIS T 611 51.95 -28.09 37.37
N LEU T 612 51.80 -29.28 36.81
CA LEU T 612 52.89 -30.26 36.86
C LEU T 612 54.13 -29.76 36.14
N SER T 613 53.94 -29.11 34.98
CA SER T 613 55.04 -28.54 34.21
C SER T 613 54.68 -27.09 33.86
N PRO T 614 55.07 -26.14 34.70
CA PRO T 614 54.86 -24.72 34.37
C PRO T 614 55.92 -24.22 33.39
N PHE T 615 55.82 -24.69 32.15
CA PHE T 615 56.79 -24.36 31.11
C PHE T 615 56.06 -23.98 29.84
N LEU T 616 56.76 -23.24 28.99
CA LEU T 616 56.19 -22.80 27.73
C LEU T 616 56.02 -23.97 26.78
N ASP T 617 55.14 -23.78 25.80
CA ASP T 617 54.90 -24.82 24.80
C ASP T 617 56.13 -25.09 23.95
N SER T 618 57.07 -24.14 23.89
CA SER T 618 58.30 -24.34 23.14
C SER T 618 59.37 -25.05 23.95
N LEU T 619 59.10 -25.38 25.21
CA LEU T 619 60.04 -26.09 26.05
C LEU T 619 59.55 -27.46 26.50
N ARG T 620 58.25 -27.68 26.55
CA ARG T 620 57.69 -28.99 26.92
C ARG T 620 56.36 -29.13 26.22
N PRO T 621 56.35 -29.66 25.01
CA PRO T 621 55.09 -29.78 24.26
C PRO T 621 54.09 -30.63 25.01
N ILE T 622 52.83 -30.21 24.95
CA ILE T 622 51.75 -30.84 25.70
C ILE T 622 50.58 -31.06 24.75
N SER T 623 49.99 -32.26 24.80
CA SER T 623 48.76 -32.49 24.08
C SER T 623 47.71 -31.49 24.53
N TRP T 624 47.09 -30.82 23.56
CA TRP T 624 46.27 -29.66 23.87
C TRP T 624 45.06 -30.05 24.70
N ASP T 625 44.39 -31.14 24.35
CA ASP T 625 43.22 -31.57 25.12
C ASP T 625 43.62 -32.21 26.45
N LEU T 626 44.75 -32.89 26.49
CA LEU T 626 45.21 -33.55 27.71
C LEU T 626 46.11 -32.63 28.54
N ASP T 627 45.61 -31.44 28.85
CA ASP T 627 46.33 -30.53 29.73
C ASP T 627 45.80 -30.53 31.15
N HIS T 628 44.53 -30.86 31.35
CA HIS T 628 43.99 -30.97 32.70
C HIS T 628 44.66 -32.08 33.49
N THR T 629 45.24 -33.07 32.80
CA THR T 629 45.95 -34.14 33.49
C THR T 629 47.22 -33.63 34.16
N LEU T 630 47.68 -32.43 33.80
CA LEU T 630 48.85 -31.84 34.41
C LEU T 630 48.51 -30.78 35.44
N THR T 631 47.31 -30.23 35.40
CA THR T 631 46.92 -29.16 36.31
C THR T 631 46.65 -29.73 37.70
N LEU T 632 47.24 -29.11 38.71
CA LEU T 632 47.02 -29.49 40.11
C LEU T 632 45.90 -28.66 40.73
N CYS T 633 44.74 -28.64 40.05
CA CYS T 633 43.61 -27.88 40.56
C CYS T 633 43.14 -28.38 41.93
N PRO T 634 43.00 -29.68 42.19
CA PRO T 634 42.65 -30.12 43.54
C PRO T 634 43.84 -30.23 44.48
N ILE T 635 45.08 -30.11 43.97
CA ILE T 635 46.28 -30.27 44.77
C ILE T 635 46.24 -31.62 45.49
N PRO T 636 46.52 -32.72 44.78
CA PRO T 636 46.38 -34.05 45.39
C PRO T 636 47.25 -34.20 46.63
N SER T 637 46.75 -35.02 47.57
CA SER T 637 47.40 -35.16 48.87
C SER T 637 48.80 -35.75 48.73
N THR T 638 48.96 -36.76 47.90
CA THR T 638 50.25 -37.44 47.74
C THR T 638 50.70 -37.33 46.29
N MET T 639 51.94 -36.93 46.09
CA MET T 639 52.50 -36.80 44.75
C MET T 639 53.87 -37.46 44.71
N VAL T 640 54.06 -38.36 43.76
CA VAL T 640 55.35 -39.03 43.55
C VAL T 640 56.07 -38.22 42.48
N LEU T 641 56.80 -37.19 42.89
CA LEU T 641 57.58 -36.36 41.98
C LEU T 641 58.91 -37.05 41.70
N CYS T 642 58.85 -38.09 40.88
CA CYS T 642 60.04 -38.85 40.55
C CYS T 642 61.02 -37.99 39.78
N ASP T 643 62.30 -38.24 40.00
CA ASP T 643 63.36 -37.43 39.40
C ASP T 643 64.63 -38.25 39.38
N THR T 644 65.56 -37.81 38.52
CA THR T 644 66.88 -38.41 38.44
C THR T 644 68.02 -37.43 38.69
N THR T 645 67.75 -36.13 38.63
CA THR T 645 68.77 -35.11 38.86
C THR T 645 68.58 -34.39 40.19
N SER T 646 67.68 -34.86 41.04
CA SER T 646 67.45 -34.25 42.34
C SER T 646 67.69 -35.28 43.44
N ALA T 647 68.25 -34.83 44.55
CA ALA T 647 68.50 -35.72 45.68
C ALA T 647 67.19 -36.26 46.23
N GLN T 648 67.23 -37.52 46.67
CA GLN T 648 66.04 -38.14 47.23
C GLN T 648 65.53 -37.35 48.43
N PHE T 649 64.21 -37.11 48.46
CA PHE T 649 63.64 -36.32 49.54
C PHE T 649 62.20 -36.72 49.75
N ASP T 650 61.66 -36.30 50.89
CA ASP T 650 60.25 -36.47 51.23
C ASP T 650 59.82 -35.25 52.03
N LEU T 651 59.03 -34.38 51.41
CA LEU T 651 58.61 -33.13 52.01
C LEU T 651 57.10 -33.00 51.94
N THR T 652 56.54 -32.25 52.89
CA THR T 652 55.12 -31.94 52.91
C THR T 652 54.94 -30.43 52.87
N TYR T 653 53.93 -29.99 52.13
CA TYR T 653 53.70 -28.56 51.92
C TYR T 653 52.24 -28.35 51.56
N ASN T 654 51.58 -27.46 52.29
CA ASN T 654 50.19 -27.08 52.02
C ASN T 654 49.26 -28.29 52.00
N GLY T 655 49.53 -29.25 52.89
CA GLY T 655 48.71 -30.44 52.97
C GLY T 655 49.00 -31.49 51.93
N CYS T 656 50.07 -31.33 51.15
CA CYS T 656 50.44 -32.29 50.11
C CYS T 656 51.76 -32.93 50.47
N LYS T 657 51.83 -34.25 50.35
CA LYS T 657 53.05 -34.99 50.63
C LYS T 657 53.76 -35.28 49.30
N VAL T 658 54.98 -34.80 49.17
CA VAL T 658 55.76 -34.93 47.95
C VAL T 658 56.95 -35.83 48.24
N ILE T 659 57.07 -36.92 47.48
CA ILE T 659 58.12 -37.91 47.67
C ILE T 659 58.84 -38.13 46.35
N ASN T 660 60.17 -38.13 46.40
CA ASN T 660 61.01 -38.33 45.22
C ASN T 660 61.95 -39.50 45.47
N PRO T 661 61.66 -40.69 44.95
CA PRO T 661 62.56 -41.83 45.16
C PRO T 661 63.95 -41.64 44.57
N GLY T 662 64.11 -40.75 43.60
CA GLY T 662 65.40 -40.55 43.00
C GLY T 662 65.80 -41.67 42.07
N SER T 663 67.06 -41.65 41.66
CA SER T 663 67.58 -42.69 40.78
C SER T 663 67.59 -44.03 41.49
N PHE T 664 67.44 -45.10 40.71
CA PHE T 664 67.49 -46.44 41.28
C PHE T 664 68.85 -46.74 41.88
N ILE T 665 69.92 -46.36 41.18
CA ILE T 665 71.29 -46.60 41.64
C ILE T 665 71.94 -45.24 41.84
N HIS T 666 72.13 -44.84 43.10
CA HIS T 666 72.76 -43.55 43.38
C HIS T 666 74.27 -43.65 43.28
N ASN T 667 74.89 -44.43 44.15
CA ASN T 667 76.31 -44.74 44.04
C ASN T 667 76.55 -46.24 43.86
N ARG T 668 76.12 -47.06 44.82
CA ARG T 668 76.23 -48.50 44.68
C ARG T 668 75.01 -49.23 45.25
N ARG T 669 73.95 -48.52 45.61
CA ARG T 669 72.81 -49.11 46.30
C ARG T 669 71.55 -48.96 45.46
N ALA T 670 70.71 -49.99 45.47
CA ALA T 670 69.45 -49.99 44.74
C ALA T 670 68.37 -49.41 45.65
N ARG T 671 68.33 -48.08 45.72
CA ARG T 671 67.39 -47.39 46.58
C ARG T 671 65.96 -47.56 46.06
N TYR T 672 65.02 -47.64 47.00
CA TYR T 672 63.60 -47.61 46.67
C TYR T 672 62.83 -47.14 47.89
N MET T 673 61.58 -46.75 47.66
CA MET T 673 60.77 -46.05 48.64
C MET T 673 59.56 -46.89 49.04
N GLU T 674 59.14 -46.76 50.29
CA GLU T 674 57.94 -47.39 50.81
C GLU T 674 56.99 -46.32 51.34
N TYR T 675 55.71 -46.46 51.02
CA TYR T 675 54.70 -45.48 51.40
C TYR T 675 53.56 -46.20 52.12
N VAL T 676 53.16 -45.66 53.26
CA VAL T 676 52.05 -46.21 54.03
C VAL T 676 50.91 -45.19 54.04
N PRO T 677 49.87 -45.39 53.22
CA PRO T 677 48.80 -44.37 53.14
C PRO T 677 48.08 -44.14 54.46
N SER T 678 47.90 -45.18 55.27
CA SER T 678 47.14 -45.02 56.51
C SER T 678 47.85 -44.09 57.49
N SER T 679 49.16 -44.27 57.66
CA SER T 679 49.92 -43.42 58.56
C SER T 679 50.51 -42.20 57.87
N LYS T 680 50.43 -42.13 56.55
CA LYS T 680 51.02 -41.03 55.78
C LYS T 680 52.51 -40.87 56.09
N LYS T 681 53.20 -42.00 56.23
CA LYS T 681 54.60 -42.02 56.58
C LYS T 681 55.38 -42.78 55.50
N THR T 682 56.55 -42.25 55.17
CA THR T 682 57.40 -42.83 54.14
C THR T 682 58.73 -43.26 54.75
N ILE T 683 59.37 -44.22 54.10
CA ILE T 683 60.69 -44.70 54.52
C ILE T 683 61.40 -45.26 53.30
N GLN T 684 62.70 -44.97 53.21
CA GLN T 684 63.53 -45.48 52.13
C GLN T 684 64.20 -46.78 52.55
N GLU T 685 64.45 -47.64 51.57
CA GLU T 685 65.06 -48.95 51.82
C GLU T 685 66.24 -49.13 50.87
N GLU T 686 67.41 -48.65 51.28
CA GLU T 686 68.62 -48.81 50.50
C GLU T 686 69.14 -50.23 50.64
N ILE T 687 69.44 -50.87 49.52
CA ILE T 687 69.97 -52.22 49.49
C ILE T 687 71.30 -52.20 48.74
N TYR T 688 72.34 -52.71 49.37
CA TYR T 688 73.65 -52.73 48.74
C TYR T 688 73.66 -53.72 47.59
N ILE T 689 74.50 -53.44 46.60
CA ILE T 689 74.62 -54.31 45.43
C ILE T 689 75.39 -55.57 45.79
ZN ZN U . -39.32 21.29 -15.15
PB ADP V . 31.77 5.35 -37.28
O1B ADP V . 32.18 4.17 -36.44
O2B ADP V . 32.92 6.08 -37.91
O3B ADP V . 30.73 6.25 -36.66
PA ADP V . 30.17 5.64 -39.52
O1A ADP V . 28.73 5.62 -39.12
O2A ADP V . 30.90 6.95 -39.62
O3A ADP V . 31.00 4.69 -38.53
O5' ADP V . 30.30 4.91 -40.95
C5' ADP V . 30.45 5.73 -42.11
C4' ADP V . 30.19 4.92 -43.36
O4' ADP V . 31.05 3.79 -43.44
C3' ADP V . 28.78 4.39 -43.39
O3' ADP V . 28.04 5.08 -44.40
C2' ADP V . 28.89 2.93 -43.75
O2' ADP V . 28.09 2.65 -44.90
C1' ADP V . 30.36 2.73 -44.08
N9 ADP V . 30.83 1.43 -43.58
C8 ADP V . 31.72 1.24 -42.58
N7 ADP V . 31.95 -0.08 -42.38
C5 ADP V . 31.20 -0.76 -43.26
C6 ADP V . 30.98 -2.17 -43.57
N6 ADP V . 31.61 -3.15 -42.89
N1 ADP V . 30.12 -2.46 -44.57
C2 ADP V . 29.48 -1.49 -45.25
N3 ADP V . 29.63 -0.19 -45.01
C4 ADP V . 30.47 0.24 -44.05
MG MG W . 30.16 7.52 -35.10
PB ADP X . 32.16 18.09 15.72
O1B ADP X . 32.36 16.93 14.80
O2B ADP X . 30.88 18.85 15.50
O3B ADP X . 33.38 18.97 15.86
PA ADP X . 30.60 16.71 17.54
O1A ADP X . 30.07 16.09 16.27
O2A ADP X . 29.76 17.67 18.32
O3A ADP X . 31.99 17.44 17.17
O5' ADP X . 31.05 15.52 18.50
C5' ADP X . 30.47 14.24 18.30
C4' ADP X . 30.68 13.36 19.53
O4' ADP X . 32.02 13.47 20.00
C3' ADP X . 29.78 13.82 20.66
O3' ADP X . 28.78 12.83 20.89
C2' ADP X . 30.67 13.93 21.87
O2' ADP X . 30.16 13.11 22.92
C1' ADP X . 32.03 13.42 21.43
N9 ADP X . 33.09 14.29 21.95
C8 ADP X . 33.94 15.01 21.21
N7 ADP X . 34.81 15.70 21.99
C5 ADP X . 34.52 15.39 23.27
C6 ADP X . 35.06 15.77 24.59
N6 ADP X . 36.10 16.63 24.69
N1 ADP X . 34.47 15.24 25.68
C2 ADP X . 33.44 14.38 25.57
N3 ADP X . 32.90 14.01 24.41
C4 ADP X . 33.39 14.46 23.24
MG MG Y . 29.99 19.77 13.95
ZN ZN Z . -35.02 52.69 -40.51
ZN ZN AA . -37.69 32.11 9.01
PG AGS BA . 29.02 -1.04 -8.00
S1G AGS BA . 30.51 -0.12 -7.14
O2G AGS BA . 29.11 -0.82 -9.53
O3G AGS BA . 27.69 -0.47 -7.45
PB AGS BA . 27.76 -3.18 -7.05
O1B AGS BA . 27.21 -2.26 -6.05
O2B AGS BA . 28.14 -4.56 -6.51
O3B AGS BA . 29.06 -2.55 -7.66
PA AGS BA . 25.60 -4.55 -7.91
O1A AGS BA . 25.82 -5.15 -6.60
O2A AGS BA . 24.24 -3.89 -8.11
O3A AGS BA . 26.69 -3.43 -8.17
O5' AGS BA . 25.86 -5.66 -8.98
C5' AGS BA . 26.55 -6.85 -8.61
C4' AGS BA . 25.93 -7.99 -9.36
O4' AGS BA . 26.70 -9.19 -9.11
C3' AGS BA . 24.51 -8.34 -8.96
O3' AGS BA . 23.82 -8.95 -10.04
C2' AGS BA . 24.71 -9.31 -7.80
O2' AGS BA . 23.63 -10.21 -7.68
C1' AGS BA . 25.97 -10.06 -8.25
N9 AGS BA . 26.85 -10.45 -7.16
C8 AGS BA . 28.07 -9.91 -6.85
N7 AGS BA . 28.65 -10.46 -5.82
C5 AGS BA . 27.75 -11.42 -5.41
C6 AGS BA . 27.77 -12.36 -4.36
N6 AGS BA . 28.77 -12.47 -3.49
N1 AGS BA . 26.71 -13.18 -4.23
C2 AGS BA . 25.71 -13.07 -5.10
N3 AGS BA . 25.57 -12.23 -6.12
C4 AGS BA . 26.63 -11.43 -6.22
MG MG CA . 25.81 0.03 -7.19
ZN ZN DA . -37.89 29.55 -34.02
MG MG EA . 38.05 35.04 -42.97
PG AGS FA . 41.63 35.04 -42.82
S1G AGS FA . 42.32 36.72 -42.13
O2G AGS FA . 40.20 34.80 -42.26
O3G AGS FA . 42.56 33.88 -42.36
PB AGS FA . 40.54 36.06 -45.03
O1B AGS FA . 39.19 35.88 -44.43
O2B AGS FA . 41.08 37.48 -44.81
O3B AGS FA . 41.57 35.08 -44.37
PA AGS FA . 39.73 36.94 -47.47
O1A AGS FA . 39.10 37.96 -46.60
O2A AGS FA . 38.77 36.18 -48.39
O3A AGS FA . 40.49 35.87 -46.60
O5' AGS FA . 40.86 37.67 -48.29
C5' AGS FA . 41.32 38.98 -47.90
C4' AGS FA . 41.29 39.90 -49.09
O4' AGS FA . 42.18 39.39 -50.11
C3' AGS FA . 39.92 40.06 -49.75
O3' AGS FA . 39.64 41.42 -50.00
C2' AGS FA . 40.04 39.25 -51.03
O2' AGS FA . 39.25 39.81 -52.09
C1' AGS FA . 41.51 39.37 -51.35
N9 AGS FA . 42.05 38.27 -52.14
C8 AGS FA . 42.99 37.35 -51.74
N7 AGS FA . 43.28 36.46 -52.66
C5 AGS FA . 42.48 36.82 -53.73
C6 AGS FA . 42.32 36.28 -55.03
N6 AGS FA . 42.99 35.21 -55.47
N1 AGS FA . 41.44 36.88 -55.85
C2 AGS FA . 40.77 37.95 -55.42
N3 AGS FA . 40.84 38.56 -54.22
C4 AGS FA . 41.72 37.94 -53.42
ZN ZN GA . -32.47 68.26 -16.19
MG MG HA . 35.80 48.72 7.78
PG AGS IA . 37.94 45.92 7.55
S1G AGS IA . 38.15 47.21 6.10
O2G AGS IA . 38.75 44.63 7.22
O3G AGS IA . 36.43 45.56 7.69
PB AGS IA . 38.92 48.03 8.95
O1B AGS IA . 40.24 48.20 8.30
O2B AGS IA . 37.81 48.87 8.32
O3B AGS IA . 38.45 46.53 8.88
PA AGS IA . 37.83 49.36 11.07
O1A AGS IA . 37.73 50.66 10.38
O2A AGS IA . 36.57 48.52 11.01
O3A AGS IA . 39.00 48.47 10.46
O5' AGS IA . 38.28 49.62 12.56
C5' AGS IA . 37.34 50.10 13.53
C4' AGS IA . 37.78 49.68 14.91
O4' AGS IA . 39.19 49.91 15.06
C3' AGS IA . 37.10 50.43 16.06
O3' AGS IA . 37.01 49.60 17.21
C2' AGS IA . 38.06 51.59 16.28
O2' AGS IA . 37.97 52.09 17.61
C1' AGS IA . 39.42 50.92 16.04
N9 AGS IA . 40.47 51.81 15.54
C8 AGS IA . 41.33 51.54 14.51
N7 AGS IA . 42.19 52.50 14.26
C5 AGS IA . 41.86 53.47 15.19
C6 AGS IA . 42.39 54.75 15.45
N6 AGS IA . 43.40 55.29 14.78
N1 AGS IA . 41.82 55.47 16.45
C2 AGS IA . 40.81 54.94 17.13
N3 AGS IA . 40.23 53.76 16.98
C4 AGS IA . 40.80 53.06 15.98
ZN ZN JA . 70.45 -52.19 -1.74
ZN ZN KA . 45.19 -11.65 11.07
#